data_7TFC
#
_entry.id   7TFC
#
_cell.length_a   1.00
_cell.length_b   1.00
_cell.length_c   1.00
_cell.angle_alpha   90.00
_cell.angle_beta   90.00
_cell.angle_gamma   90.00
#
_symmetry.space_group_name_H-M   'P 1'
#
loop_
_entity.id
_entity.type
_entity.pdbx_description
1 polymer 'Glutamine synthetase'
2 polymer 'GlnR C-tail peptide'
3 non-polymer 'MAGNESIUM ION'
4 non-polymer GLUTAMINE
#
loop_
_entity_poly.entity_id
_entity_poly.type
_entity_poly.pdbx_seq_one_letter_code
_entity_poly.pdbx_strand_id
1 'polypeptide(L)'
;MGSSHHHHHHSSGLVPRGSHMAKYTREDIEKLVKEENVKYIRLQFTDILGTIKNVEIPVSQLGKALDNKVMFDGSSIEGF
VRIEESDMYLYPDLNTFVIFPWTAEKGKVARFICDIYNPDGTPFEGDPRNNLKRILKEMEDLGFSDFNLGPEPEFFLFKL
DEKGEPTLELNDKGGYFDLAPTDLGENCRRDIVLELEEMGFEIEASHHEVAPGQHEIDFKYAGAVRSCDDIQTFKLVVKT
IARKHGLHATFMPKPLFGVNGSGMHCNLSLFKNGVNAFFDENADLQLSETAKHFIAGIVKHATSFTAVTNPTVNSYKRLV
PGYEAPCYVAWSAQNRSPLIRIPASRGISTRVEVRSVDPAANPYLALSVLLAAGLDGIKNKLEAPAPIDRNIYVMSKEER
MENGIVDLPATLAEALEEFKSNEVMVKALGEHLFEHFIEAKEIEWDMFRTQVHPWEREQYMSQY
;
A,B,C,F,G,H,I,N,O,P,Q,R,S,T
2 'polypeptide(L)' TFRQGDMSRF D,E,J,K,L,M,U,V,W,X,Y,Z,a,b
#
# COMPACT_ATOMS: atom_id res chain seq x y z
N ALA A 22 -39.10 -37.60 48.09
CA ALA A 22 -38.26 -37.71 46.90
C ALA A 22 -38.94 -37.07 45.70
N LYS A 23 -38.13 -36.56 44.77
CA LYS A 23 -38.63 -35.92 43.56
C LYS A 23 -38.61 -36.84 42.35
N TYR A 24 -37.58 -37.67 42.21
CA TYR A 24 -37.48 -38.62 41.11
C TYR A 24 -37.26 -40.02 41.66
N THR A 25 -37.85 -41.00 40.99
CA THR A 25 -37.56 -42.41 41.22
C THR A 25 -36.86 -42.97 40.00
N ARG A 26 -36.42 -44.23 40.11
CA ARG A 26 -35.66 -44.84 39.01
C ARG A 26 -36.50 -44.92 37.74
N GLU A 27 -37.72 -45.43 37.85
CA GLU A 27 -38.56 -45.61 36.68
C GLU A 27 -38.84 -44.27 36.00
N ASP A 28 -39.02 -43.21 36.79
CA ASP A 28 -39.16 -41.88 36.22
C ASP A 28 -37.92 -41.49 35.44
N ILE A 29 -36.73 -41.84 35.95
CA ILE A 29 -35.50 -41.49 35.26
C ILE A 29 -35.41 -42.21 33.91
N GLU A 30 -35.66 -43.52 33.90
CA GLU A 30 -35.62 -44.25 32.63
C GLU A 30 -36.67 -43.72 31.65
N LYS A 31 -37.88 -43.46 32.13
CA LYS A 31 -38.93 -42.96 31.25
C LYS A 31 -38.56 -41.60 30.68
N LEU A 32 -38.05 -40.71 31.52
CA LEU A 32 -37.69 -39.37 31.05
C LEU A 32 -36.59 -39.41 30.02
N VAL A 33 -35.53 -40.21 30.28
CA VAL A 33 -34.47 -40.31 29.29
C VAL A 33 -34.99 -40.97 28.02
N LYS A 34 -35.97 -41.86 28.16
CA LYS A 34 -36.55 -42.52 26.99
C LYS A 34 -37.22 -41.52 26.06
N GLU A 35 -38.12 -40.68 26.60
CA GLU A 35 -38.73 -39.71 25.69
C GLU A 35 -37.75 -38.62 25.25
N GLU A 36 -36.97 -38.06 26.17
CA GLU A 36 -36.10 -36.95 25.80
C GLU A 36 -34.92 -37.37 24.94
N ASN A 37 -34.68 -38.68 24.78
CA ASN A 37 -33.63 -39.19 23.90
C ASN A 37 -32.27 -38.63 24.30
N VAL A 38 -31.86 -38.95 25.51
CA VAL A 38 -30.55 -38.56 26.02
C VAL A 38 -29.56 -39.66 25.65
N LYS A 39 -28.35 -39.27 25.25
CA LYS A 39 -27.30 -40.21 24.90
C LYS A 39 -26.07 -40.10 25.76
N TYR A 40 -25.87 -38.98 26.44
CA TYR A 40 -24.68 -38.74 27.25
C TYR A 40 -25.13 -38.38 28.67
N ILE A 41 -24.51 -39.01 29.66
CA ILE A 41 -24.83 -38.76 31.06
C ILE A 41 -23.55 -38.41 31.79
N ARG A 42 -23.54 -37.26 32.45
CA ARG A 42 -22.40 -36.80 33.24
C ARG A 42 -22.65 -37.12 34.71
N LEU A 43 -21.75 -37.92 35.30
CA LEU A 43 -21.82 -38.26 36.71
C LEU A 43 -20.87 -37.32 37.45
N GLN A 44 -21.35 -36.11 37.70
CA GLN A 44 -20.49 -35.04 38.18
C GLN A 44 -20.32 -35.08 39.69
N PHE A 45 -19.20 -34.52 40.16
CA PHE A 45 -18.87 -34.46 41.57
C PHE A 45 -17.92 -33.29 41.78
N THR A 46 -17.60 -33.02 43.05
CA THR A 46 -16.81 -31.85 43.42
C THR A 46 -15.55 -32.31 44.15
N ASP A 47 -14.41 -31.74 43.77
CA ASP A 47 -13.13 -32.09 44.36
C ASP A 47 -12.81 -31.15 45.52
N ILE A 48 -11.56 -31.18 46.00
CA ILE A 48 -11.15 -30.34 47.12
C ILE A 48 -11.23 -28.87 46.74
N LEU A 49 -10.74 -28.51 45.55
CA LEU A 49 -10.65 -27.12 45.15
C LEU A 49 -11.99 -26.52 44.74
N GLY A 50 -13.04 -27.34 44.64
CA GLY A 50 -14.36 -26.85 44.30
C GLY A 50 -14.70 -26.88 42.82
N THR A 51 -13.74 -27.19 41.95
CA THR A 51 -14.05 -27.29 40.54
C THR A 51 -14.86 -28.55 40.27
N ILE A 52 -15.76 -28.45 39.29
CA ILE A 52 -16.69 -29.54 38.99
C ILE A 52 -15.96 -30.58 38.13
N LYS A 53 -15.96 -31.82 38.61
CA LYS A 53 -15.39 -32.95 37.88
C LYS A 53 -16.49 -33.94 37.55
N ASN A 54 -16.25 -34.76 36.53
CA ASN A 54 -17.21 -35.79 36.18
C ASN A 54 -16.52 -36.92 35.43
N VAL A 55 -17.19 -38.06 35.40
CA VAL A 55 -16.89 -39.14 34.47
C VAL A 55 -18.14 -39.36 33.62
N GLU A 56 -17.95 -39.49 32.32
CA GLU A 56 -19.04 -39.53 31.37
C GLU A 56 -19.28 -40.94 30.86
N ILE A 57 -20.54 -41.31 30.74
CA ILE A 57 -20.93 -42.65 30.27
C ILE A 57 -21.96 -42.51 29.17
N PRO A 58 -22.06 -43.46 28.25
CA PRO A 58 -23.19 -43.47 27.32
C PRO A 58 -24.48 -43.85 28.03
N VAL A 59 -25.60 -43.55 27.38
CA VAL A 59 -26.90 -43.86 27.94
C VAL A 59 -27.09 -45.35 28.13
N SER A 60 -26.35 -46.18 27.37
CA SER A 60 -26.42 -47.63 27.54
C SER A 60 -25.90 -48.09 28.89
N GLN A 61 -25.12 -47.25 29.59
CA GLN A 61 -24.58 -47.57 30.89
C GLN A 61 -25.40 -46.98 32.03
N LEU A 62 -26.59 -46.47 31.73
CA LEU A 62 -27.43 -45.88 32.77
C LEU A 62 -27.84 -46.93 33.82
N GLY A 63 -28.14 -48.14 33.37
CA GLY A 63 -28.49 -49.20 34.31
C GLY A 63 -27.35 -49.52 35.25
N LYS A 64 -26.13 -49.57 34.73
CA LYS A 64 -24.97 -49.81 35.59
C LYS A 64 -24.73 -48.63 36.53
N ALA A 65 -24.97 -47.41 36.06
CA ALA A 65 -24.78 -46.23 36.90
C ALA A 65 -25.76 -46.23 38.06
N LEU A 66 -27.04 -46.49 37.79
CA LEU A 66 -28.05 -46.49 38.82
C LEU A 66 -27.90 -47.65 39.80
N ASP A 67 -27.08 -48.64 39.47
CA ASP A 67 -26.80 -49.76 40.37
C ASP A 67 -25.61 -49.49 41.28
N ASN A 68 -25.05 -48.27 41.25
CA ASN A 68 -23.88 -47.91 42.05
C ASN A 68 -22.71 -48.85 41.76
N LYS A 69 -22.40 -49.02 40.48
CA LYS A 69 -21.37 -49.93 40.03
C LYS A 69 -20.28 -49.29 39.19
N VAL A 70 -20.41 -48.02 38.82
CA VAL A 70 -19.41 -47.35 38.00
C VAL A 70 -18.21 -46.99 38.86
N MET A 71 -17.02 -47.39 38.43
CA MET A 71 -15.77 -47.08 39.10
C MET A 71 -15.04 -45.96 38.38
N PHE A 72 -14.17 -45.29 39.14
CA PHE A 72 -13.33 -44.22 38.62
C PHE A 72 -12.17 -44.02 39.57
N ASP A 73 -11.25 -43.15 39.17
CA ASP A 73 -10.08 -42.85 40.00
C ASP A 73 -10.48 -41.83 41.05
N GLY A 74 -10.59 -42.29 42.31
CA GLY A 74 -10.99 -41.41 43.39
C GLY A 74 -9.94 -40.42 43.82
N SER A 75 -8.70 -40.57 43.35
CA SER A 75 -7.65 -39.61 43.67
C SER A 75 -7.86 -38.27 42.98
N SER A 76 -8.71 -38.23 41.94
CA SER A 76 -8.98 -36.98 41.25
C SER A 76 -9.64 -35.95 42.15
N ILE A 77 -10.24 -36.39 43.27
CA ILE A 77 -10.79 -35.45 44.24
C ILE A 77 -9.69 -34.63 44.88
N GLU A 78 -8.51 -35.23 45.10
CA GLU A 78 -7.42 -34.52 45.74
C GLU A 78 -6.87 -33.37 44.90
N GLY A 79 -7.21 -33.32 43.62
CA GLY A 79 -6.71 -32.25 42.76
C GLY A 79 -5.30 -32.49 42.27
N PHE A 80 -4.48 -31.44 42.26
CA PHE A 80 -3.12 -31.55 41.74
C PHE A 80 -2.15 -32.17 42.72
N VAL A 81 -2.57 -32.44 43.96
CA VAL A 81 -1.72 -33.08 44.95
C VAL A 81 -1.95 -34.59 45.02
N ARG A 82 -2.69 -35.14 44.07
CA ARG A 82 -2.91 -36.59 44.04
C ARG A 82 -1.61 -37.31 43.75
N ILE A 83 -1.46 -38.50 44.31
CA ILE A 83 -0.27 -39.31 44.19
C ILE A 83 -0.57 -40.68 43.60
N GLU A 84 -1.44 -41.45 44.25
CA GLU A 84 -1.70 -42.83 43.89
C GLU A 84 -3.13 -43.00 43.42
N GLU A 85 -3.31 -43.79 42.36
CA GLU A 85 -4.64 -44.12 41.87
C GLU A 85 -5.39 -44.95 42.90
N SER A 86 -6.67 -44.63 43.08
CA SER A 86 -7.54 -45.34 44.03
C SER A 86 -8.91 -45.52 43.42
N ASP A 87 -9.40 -46.76 43.42
CA ASP A 87 -10.71 -47.05 42.85
C ASP A 87 -11.82 -46.64 43.82
N MET A 88 -12.85 -45.99 43.28
CA MET A 88 -13.96 -45.52 44.08
C MET A 88 -15.25 -45.73 43.30
N TYR A 89 -16.36 -45.84 44.03
CA TYR A 89 -17.67 -45.95 43.42
C TYR A 89 -18.32 -44.57 43.27
N LEU A 90 -19.39 -44.52 42.50
CA LEU A 90 -19.97 -43.28 42.01
C LEU A 90 -21.49 -43.25 42.21
N TYR A 91 -21.93 -43.56 43.44
CA TYR A 91 -23.34 -43.58 43.81
C TYR A 91 -24.04 -42.27 43.42
N PRO A 92 -24.93 -42.29 42.43
CA PRO A 92 -25.60 -41.06 42.02
C PRO A 92 -26.81 -40.75 42.89
N ASP A 93 -27.18 -39.47 42.87
CA ASP A 93 -28.35 -38.98 43.58
C ASP A 93 -29.47 -38.74 42.57
N LEU A 94 -30.61 -39.41 42.77
CA LEU A 94 -31.68 -39.34 41.79
C LEU A 94 -32.34 -37.98 41.75
N ASN A 95 -32.46 -37.31 42.90
CA ASN A 95 -33.13 -36.02 42.95
C ASN A 95 -32.38 -34.91 42.23
N THR A 96 -31.12 -35.11 41.90
CA THR A 96 -30.30 -34.10 41.23
C THR A 96 -30.35 -34.24 39.71
N PHE A 97 -31.18 -35.14 39.18
CA PHE A 97 -31.26 -35.32 37.74
C PHE A 97 -31.72 -34.05 37.06
N VAL A 98 -30.93 -33.58 36.08
CA VAL A 98 -31.22 -32.37 35.34
C VAL A 98 -30.88 -32.60 33.88
N ILE A 99 -31.76 -32.15 32.98
CA ILE A 99 -31.53 -32.23 31.54
C ILE A 99 -30.99 -30.89 31.07
N PHE A 100 -29.80 -30.89 30.50
CA PHE A 100 -29.20 -29.65 30.04
C PHE A 100 -29.95 -29.13 28.81
N PRO A 101 -30.23 -27.83 28.75
CA PRO A 101 -30.98 -27.29 27.60
C PRO A 101 -30.18 -27.24 26.31
N TRP A 102 -28.87 -27.38 26.38
CA TRP A 102 -28.01 -27.31 25.19
C TRP A 102 -27.86 -28.72 24.63
N THR A 103 -28.59 -29.00 23.55
CA THR A 103 -28.54 -30.33 22.94
C THR A 103 -27.18 -30.60 22.33
N ALA A 104 -26.70 -31.83 22.50
CA ALA A 104 -25.41 -32.24 21.95
C ALA A 104 -25.61 -33.00 20.64
N GLU A 105 -26.02 -32.25 19.62
CA GLU A 105 -26.23 -32.79 18.28
C GLU A 105 -27.11 -34.03 18.30
N LYS A 106 -26.49 -35.21 18.17
CA LYS A 106 -27.21 -36.49 18.17
C LYS A 106 -27.44 -36.91 19.61
N GLY A 107 -28.50 -36.41 20.21
CA GLY A 107 -28.87 -36.77 21.57
C GLY A 107 -28.65 -35.62 22.55
N LYS A 108 -29.35 -35.71 23.68
CA LYS A 108 -29.25 -34.72 24.74
C LYS A 108 -28.30 -35.20 25.82
N VAL A 109 -28.00 -34.29 26.75
CA VAL A 109 -27.08 -34.55 27.85
C VAL A 109 -27.82 -34.35 29.16
N ALA A 110 -27.71 -35.33 30.05
CA ALA A 110 -28.26 -35.25 31.40
C ALA A 110 -27.13 -35.43 32.41
N ARG A 111 -27.37 -34.96 33.63
CA ARG A 111 -26.35 -34.99 34.67
C ARG A 111 -26.91 -35.58 35.95
N PHE A 112 -26.03 -36.22 36.71
CA PHE A 112 -26.29 -36.63 38.09
C PHE A 112 -25.17 -36.10 38.97
N ILE A 113 -25.54 -35.68 40.18
CA ILE A 113 -24.57 -35.33 41.20
C ILE A 113 -24.42 -36.55 42.11
N CYS A 114 -23.21 -37.07 42.21
CA CYS A 114 -22.98 -38.38 42.81
C CYS A 114 -22.12 -38.28 44.06
N ASP A 115 -22.34 -39.20 44.98
CA ASP A 115 -21.49 -39.37 46.14
C ASP A 115 -20.37 -40.36 45.83
N ILE A 116 -19.28 -40.26 46.58
CA ILE A 116 -18.11 -41.11 46.39
C ILE A 116 -18.09 -42.14 47.51
N TYR A 117 -17.97 -43.41 47.14
CA TYR A 117 -18.00 -44.51 48.09
C TYR A 117 -16.78 -45.39 47.91
N ASN A 118 -16.28 -45.92 49.03
CA ASN A 118 -15.18 -46.87 48.99
C ASN A 118 -15.66 -48.18 48.36
N PRO A 119 -14.72 -49.00 47.87
CA PRO A 119 -15.13 -50.28 47.25
C PRO A 119 -15.85 -51.22 48.21
N ASP A 120 -15.71 -51.04 49.52
CA ASP A 120 -16.38 -51.90 50.49
C ASP A 120 -17.76 -51.39 50.87
N GLY A 121 -18.24 -50.33 50.22
CA GLY A 121 -19.54 -49.77 50.52
C GLY A 121 -19.55 -48.62 51.51
N THR A 122 -18.44 -48.38 52.19
CA THR A 122 -18.34 -47.24 53.10
C THR A 122 -18.19 -45.94 52.30
N PRO A 123 -18.92 -44.89 52.70
CA PRO A 123 -18.73 -43.60 52.02
C PRO A 123 -17.30 -43.09 52.16
N PHE A 124 -16.80 -42.49 51.09
CA PHE A 124 -15.41 -42.04 51.06
C PHE A 124 -15.25 -40.81 51.95
N GLU A 125 -14.28 -40.87 52.86
CA GLU A 125 -14.02 -39.78 53.79
C GLU A 125 -13.41 -38.57 53.11
N GLY A 126 -12.91 -38.71 51.89
CA GLY A 126 -12.31 -37.62 51.15
C GLY A 126 -13.26 -36.88 50.22
N ASP A 127 -14.57 -37.13 50.33
CA ASP A 127 -15.54 -36.46 49.48
C ASP A 127 -16.15 -35.30 50.23
N PRO A 128 -16.01 -34.06 49.72
CA PRO A 128 -16.61 -32.92 50.45
C PRO A 128 -18.11 -33.04 50.67
N ARG A 129 -18.84 -33.59 49.69
CA ARG A 129 -20.28 -33.78 49.87
C ARG A 129 -20.58 -34.79 50.97
N ASN A 130 -19.84 -35.89 51.01
CA ASN A 130 -19.99 -36.85 52.09
C ASN A 130 -19.61 -36.24 53.43
N ASN A 131 -18.60 -35.38 53.46
CA ASN A 131 -18.23 -34.70 54.69
C ASN A 131 -19.36 -33.79 55.17
N LEU A 132 -19.98 -33.06 54.24
CA LEU A 132 -21.12 -32.22 54.62
C LEU A 132 -22.27 -33.06 55.14
N LYS A 133 -22.51 -34.22 54.52
CA LYS A 133 -23.55 -35.12 55.02
C LYS A 133 -23.22 -35.63 56.42
N ARG A 134 -21.93 -35.91 56.68
CA ARG A 134 -21.51 -36.33 58.01
C ARG A 134 -21.75 -35.23 59.04
N ILE A 135 -21.42 -33.99 58.69
CA ILE A 135 -21.66 -32.87 59.60
C ILE A 135 -23.16 -32.68 59.83
N LEU A 136 -23.97 -32.90 58.80
CA LEU A 136 -25.42 -32.80 58.97
C LEU A 136 -25.94 -33.92 59.87
N LYS A 137 -25.36 -35.11 59.77
CA LYS A 137 -25.72 -36.19 60.68
C LYS A 137 -25.36 -35.82 62.11
N GLU A 138 -24.19 -35.21 62.32
CA GLU A 138 -23.83 -34.73 63.64
C GLU A 138 -24.82 -33.68 64.14
N MET A 139 -25.28 -32.81 63.25
CA MET A 139 -26.29 -31.82 63.63
C MET A 139 -27.59 -32.50 64.04
N GLU A 140 -28.02 -33.51 63.28
CA GLU A 140 -29.23 -34.25 63.64
C GLU A 140 -29.06 -34.97 64.98
N ASP A 141 -27.84 -35.37 65.31
CA ASP A 141 -27.58 -35.96 66.62
C ASP A 141 -27.77 -34.97 67.76
N LEU A 142 -27.79 -33.67 67.45
CA LEU A 142 -28.02 -32.63 68.45
C LEU A 142 -29.49 -32.28 68.62
N GLY A 143 -30.38 -32.93 67.87
CA GLY A 143 -31.80 -32.70 67.99
C GLY A 143 -32.40 -31.85 66.89
N PHE A 144 -31.58 -31.24 66.04
CA PHE A 144 -32.10 -30.40 64.96
C PHE A 144 -32.42 -31.23 63.74
N SER A 145 -33.28 -30.67 62.88
CA SER A 145 -33.79 -31.39 61.71
C SER A 145 -33.19 -30.91 60.41
N ASP A 146 -33.23 -29.60 60.15
CA ASP A 146 -32.76 -29.04 58.88
C ASP A 146 -31.78 -27.91 59.13
N PHE A 147 -30.90 -27.69 58.15
CA PHE A 147 -29.96 -26.58 58.14
C PHE A 147 -30.09 -25.91 56.78
N ASN A 148 -30.82 -24.79 56.73
CA ASN A 148 -31.11 -24.11 55.48
C ASN A 148 -30.05 -23.08 55.16
N LEU A 149 -29.69 -22.99 53.89
CA LEU A 149 -28.72 -22.02 53.40
C LEU A 149 -29.35 -21.17 52.31
N GLY A 150 -29.27 -19.86 52.45
CA GLY A 150 -29.64 -18.96 51.38
C GLY A 150 -28.43 -18.18 50.91
N PRO A 151 -27.96 -18.51 49.71
CA PRO A 151 -26.74 -17.88 49.19
C PRO A 151 -27.04 -16.63 48.38
N GLU A 152 -26.05 -15.76 48.33
CA GLU A 152 -26.09 -14.53 47.53
C GLU A 152 -24.85 -14.47 46.66
N PRO A 153 -24.72 -15.38 45.68
CA PRO A 153 -23.53 -15.35 44.83
C PRO A 153 -23.56 -14.16 43.89
N GLU A 154 -22.42 -13.48 43.79
CA GLU A 154 -22.29 -12.31 42.95
C GLU A 154 -21.01 -12.40 42.14
N PHE A 155 -21.06 -11.89 40.91
CA PHE A 155 -20.01 -12.17 39.94
C PHE A 155 -19.79 -10.93 39.06
N PHE A 156 -18.74 -11.00 38.25
CA PHE A 156 -18.40 -9.96 37.29
C PHE A 156 -18.57 -10.50 35.88
N LEU A 157 -18.89 -9.60 34.96
CA LEU A 157 -19.02 -9.93 33.54
C LEU A 157 -17.98 -9.13 32.76
N PHE A 158 -17.09 -9.83 32.07
CA PHE A 158 -16.02 -9.22 31.30
C PHE A 158 -16.22 -9.53 29.83
N LYS A 159 -15.99 -8.53 28.98
CA LYS A 159 -16.11 -8.72 27.54
C LYS A 159 -14.99 -9.60 27.01
N LEU A 160 -15.32 -10.41 26.01
CA LEU A 160 -14.33 -11.22 25.31
C LEU A 160 -13.77 -10.46 24.12
N ASP A 161 -12.57 -10.83 23.70
CA ASP A 161 -11.94 -10.23 22.54
C ASP A 161 -12.18 -11.09 21.30
N GLU A 162 -11.48 -10.78 20.22
CA GLU A 162 -11.66 -11.53 18.97
C GLU A 162 -11.24 -12.99 19.15
N LYS A 163 -10.15 -13.23 19.87
CA LYS A 163 -9.65 -14.59 20.10
C LYS A 163 -10.46 -15.35 21.14
N GLY A 164 -11.54 -14.76 21.66
CA GLY A 164 -12.37 -15.44 22.64
C GLY A 164 -11.73 -15.69 23.98
N GLU A 165 -10.97 -14.72 24.49
CA GLU A 165 -10.40 -14.81 25.83
C GLU A 165 -10.76 -13.57 26.62
N PRO A 166 -10.88 -13.68 27.94
CA PRO A 166 -11.37 -12.54 28.73
C PRO A 166 -10.42 -11.35 28.66
N THR A 167 -11.01 -10.15 28.71
CA THR A 167 -10.30 -8.90 28.81
C THR A 167 -10.63 -8.25 30.16
N LEU A 168 -10.12 -7.04 30.37
CA LEU A 168 -10.36 -6.30 31.60
C LEU A 168 -11.45 -5.25 31.46
N GLU A 169 -12.20 -5.26 30.36
CA GLU A 169 -13.29 -4.32 30.15
C GLU A 169 -14.59 -4.91 30.68
N LEU A 170 -15.30 -4.12 31.48
CA LEU A 170 -16.57 -4.57 32.05
C LEU A 170 -17.69 -4.38 31.05
N ASN A 171 -18.77 -5.15 31.25
CA ASN A 171 -19.87 -5.15 30.29
C ASN A 171 -20.71 -3.88 30.40
N ASP A 172 -20.78 -3.26 31.57
CA ASP A 172 -21.55 -2.04 31.73
C ASP A 172 -20.98 -1.22 32.87
N LYS A 173 -21.21 0.09 32.80
CA LYS A 173 -20.84 1.00 33.89
C LYS A 173 -22.04 1.26 34.80
N GLY A 174 -22.58 0.18 35.36
CA GLY A 174 -23.76 0.26 36.19
C GLY A 174 -23.43 0.55 37.65
N GLY A 175 -24.49 0.66 38.44
CA GLY A 175 -24.35 0.96 39.85
C GLY A 175 -25.23 0.09 40.73
N TYR A 176 -25.29 0.43 42.02
CA TYR A 176 -26.05 -0.36 42.99
C TYR A 176 -27.54 -0.27 42.68
N PHE A 177 -28.16 -1.42 42.40
CA PHE A 177 -29.58 -1.54 42.13
C PHE A 177 -30.03 -0.72 40.93
N ASP A 178 -29.10 -0.33 40.07
CA ASP A 178 -29.42 0.53 38.94
C ASP A 178 -30.17 -0.24 37.86
N LEU A 179 -30.97 0.51 37.09
CA LEU A 179 -31.56 0.00 35.86
C LEU A 179 -30.59 0.25 34.69
N ALA A 180 -29.39 -0.30 34.84
CA ALA A 180 -28.30 -0.03 33.90
C ALA A 180 -28.44 -0.82 32.59
N PRO A 181 -28.59 -2.16 32.62
CA PRO A 181 -28.70 -2.89 31.35
C PRO A 181 -29.90 -2.49 30.51
N THR A 182 -31.00 -2.11 31.15
CA THR A 182 -32.24 -1.68 30.47
C THR A 182 -32.77 -2.74 29.51
N ASP A 183 -33.66 -2.31 28.61
CA ASP A 183 -34.22 -3.15 27.58
C ASP A 183 -33.33 -3.09 26.34
N LEU A 184 -33.85 -3.52 25.19
CA LEU A 184 -33.13 -3.46 23.93
C LEU A 184 -31.93 -4.39 23.92
N GLY A 185 -32.15 -5.67 24.16
CA GLY A 185 -31.07 -6.63 24.10
C GLY A 185 -30.14 -6.54 25.30
N GLU A 186 -29.02 -7.23 25.18
CA GLU A 186 -28.01 -7.36 26.24
C GLU A 186 -28.74 -7.91 27.47
N ASN A 187 -28.54 -7.32 28.65
CA ASN A 187 -29.17 -7.78 29.88
C ASN A 187 -28.93 -9.27 30.10
N CYS A 188 -27.64 -9.62 30.22
CA CYS A 188 -27.27 -11.01 30.44
C CYS A 188 -27.82 -11.53 31.76
N ARG A 189 -27.95 -10.65 32.76
CA ARG A 189 -28.50 -11.07 34.04
C ARG A 189 -29.94 -11.53 33.90
N ARG A 190 -30.75 -10.82 33.13
CA ARG A 190 -32.13 -11.22 32.91
C ARG A 190 -32.22 -12.58 32.22
N ASP A 191 -31.39 -12.77 31.19
CA ASP A 191 -31.39 -14.04 30.47
C ASP A 191 -30.96 -15.18 31.38
N ILE A 192 -29.94 -14.95 32.21
CA ILE A 192 -29.49 -15.97 33.15
C ILE A 192 -30.60 -16.32 34.12
N VAL A 193 -31.29 -15.32 34.65
CA VAL A 193 -32.36 -15.56 35.62
C VAL A 193 -33.48 -16.38 34.99
N LEU A 194 -33.90 -15.98 33.79
CA LEU A 194 -34.98 -16.71 33.11
C LEU A 194 -34.58 -18.14 32.79
N GLU A 195 -33.36 -18.32 32.27
CA GLU A 195 -32.90 -19.65 31.91
C GLU A 195 -32.81 -20.54 33.15
N LEU A 196 -32.29 -20.00 34.26
CA LEU A 196 -32.26 -20.75 35.51
C LEU A 196 -33.66 -21.11 35.98
N GLU A 197 -34.62 -20.20 35.79
CA GLU A 197 -36.01 -20.49 36.12
C GLU A 197 -36.52 -21.68 35.31
N GLU A 198 -36.17 -21.73 34.02
CA GLU A 198 -36.62 -22.85 33.20
C GLU A 198 -35.93 -24.17 33.57
N MET A 199 -34.85 -24.14 34.33
CA MET A 199 -34.18 -25.37 34.74
C MET A 199 -34.63 -25.87 36.11
N GLY A 200 -35.59 -25.20 36.75
CA GLY A 200 -36.07 -25.61 38.05
C GLY A 200 -35.46 -24.89 39.23
N PHE A 201 -34.61 -23.88 38.99
CA PHE A 201 -34.09 -23.09 40.08
C PHE A 201 -35.18 -22.18 40.65
N GLU A 202 -35.01 -21.82 41.91
CA GLU A 202 -35.93 -20.92 42.61
C GLU A 202 -35.19 -19.61 42.87
N ILE A 203 -35.30 -18.69 41.93
CA ILE A 203 -34.62 -17.40 42.01
C ILE A 203 -35.49 -16.44 42.81
N GLU A 204 -34.91 -15.82 43.84
CA GLU A 204 -35.65 -14.86 44.65
C GLU A 204 -35.69 -13.48 43.99
N ALA A 205 -34.52 -12.88 43.78
CA ALA A 205 -34.43 -11.54 43.20
C ALA A 205 -33.04 -11.34 42.61
N SER A 206 -32.92 -10.33 41.77
CA SER A 206 -31.65 -9.99 41.14
C SER A 206 -31.53 -8.49 41.01
N HIS A 207 -30.29 -8.01 40.95
CA HIS A 207 -30.02 -6.58 40.84
C HIS A 207 -28.59 -6.37 40.38
N HIS A 208 -28.32 -5.16 39.90
CA HIS A 208 -26.96 -4.77 39.60
C HIS A 208 -26.23 -4.42 40.89
N GLU A 209 -24.98 -4.88 40.98
CA GLU A 209 -24.20 -4.71 42.20
C GLU A 209 -23.51 -3.34 42.21
N VAL A 210 -22.77 -3.07 43.29
CA VAL A 210 -22.16 -1.76 43.47
C VAL A 210 -21.14 -1.47 42.37
N ALA A 211 -20.25 -2.41 42.11
CA ALA A 211 -19.19 -2.20 41.14
C ALA A 211 -19.74 -2.29 39.72
N PRO A 212 -19.13 -1.56 38.77
CA PRO A 212 -19.52 -1.71 37.37
C PRO A 212 -19.28 -3.13 36.89
N GLY A 213 -20.20 -3.62 36.06
CA GLY A 213 -20.09 -4.96 35.55
C GLY A 213 -20.24 -6.06 36.58
N GLN A 214 -20.81 -5.73 37.74
CA GLN A 214 -21.02 -6.69 38.82
C GLN A 214 -22.51 -6.93 39.02
N HIS A 215 -22.90 -8.20 39.14
CA HIS A 215 -24.28 -8.60 39.24
C HIS A 215 -24.45 -9.62 40.35
N GLU A 216 -25.67 -9.68 40.89
CA GLU A 216 -25.99 -10.63 41.95
C GLU A 216 -27.34 -11.26 41.68
N ILE A 217 -27.43 -12.57 41.90
CA ILE A 217 -28.66 -13.33 41.77
C ILE A 217 -28.84 -14.14 43.06
N ASP A 218 -30.00 -14.00 43.69
CA ASP A 218 -30.28 -14.64 44.97
C ASP A 218 -31.27 -15.79 44.78
N PHE A 219 -30.93 -16.94 45.35
CA PHE A 219 -31.83 -18.09 45.32
C PHE A 219 -32.71 -18.09 46.57
N LYS A 220 -33.82 -18.81 46.47
CA LYS A 220 -34.61 -19.11 47.65
C LYS A 220 -33.85 -20.10 48.53
N TYR A 221 -34.00 -19.96 49.84
CA TYR A 221 -33.29 -20.83 50.77
C TYR A 221 -33.78 -22.27 50.63
N ALA A 222 -32.87 -23.21 50.82
CA ALA A 222 -33.16 -24.62 50.71
C ALA A 222 -32.20 -25.38 51.63
N GLY A 223 -32.25 -26.71 51.57
CA GLY A 223 -31.36 -27.52 52.38
C GLY A 223 -29.91 -27.32 51.99
N ALA A 224 -29.02 -27.67 52.92
CA ALA A 224 -27.60 -27.38 52.75
C ALA A 224 -27.04 -28.10 51.53
N VAL A 225 -27.28 -29.41 51.42
CA VAL A 225 -26.77 -30.17 50.28
C VAL A 225 -27.38 -29.65 48.98
N ARG A 226 -28.70 -29.42 48.98
CA ARG A 226 -29.35 -28.89 47.79
C ARG A 226 -28.83 -27.51 47.46
N SER A 227 -28.59 -26.67 48.47
CA SER A 227 -28.07 -25.34 48.21
C SER A 227 -26.68 -25.38 47.59
N CYS A 228 -25.80 -26.26 48.11
CA CYS A 228 -24.46 -26.36 47.53
C CYS A 228 -24.51 -26.90 46.10
N ASP A 229 -25.36 -27.90 45.85
CA ASP A 229 -25.52 -28.39 44.49
C ASP A 229 -26.02 -27.30 43.56
N ASP A 230 -26.98 -26.50 44.05
CA ASP A 230 -27.47 -25.38 43.25
C ASP A 230 -26.40 -24.34 43.02
N ILE A 231 -25.51 -24.14 43.98
CA ILE A 231 -24.41 -23.18 43.79
C ILE A 231 -23.48 -23.65 42.68
N GLN A 232 -23.11 -24.93 42.69
CA GLN A 232 -22.24 -25.45 41.64
C GLN A 232 -22.93 -25.38 40.27
N THR A 233 -24.20 -25.79 40.20
CA THR A 233 -24.93 -25.72 38.95
C THR A 233 -25.08 -24.28 38.47
N PHE A 234 -25.28 -23.36 39.41
CA PHE A 234 -25.40 -21.95 39.08
C PHE A 234 -24.12 -21.41 38.48
N LYS A 235 -22.97 -21.77 39.06
CA LYS A 235 -21.70 -21.35 38.49
C LYS A 235 -21.54 -21.88 37.07
N LEU A 236 -21.83 -23.17 36.87
CA LEU A 236 -21.71 -23.76 35.54
C LEU A 236 -22.61 -23.05 34.53
N VAL A 237 -23.88 -22.85 34.90
CA VAL A 237 -24.85 -22.26 33.99
C VAL A 237 -24.51 -20.82 33.69
N VAL A 238 -24.08 -20.06 34.70
CA VAL A 238 -23.72 -18.66 34.48
C VAL A 238 -22.54 -18.57 33.54
N LYS A 239 -21.52 -19.40 33.74
CA LYS A 239 -20.37 -19.37 32.84
C LYS A 239 -20.79 -19.71 31.42
N THR A 240 -21.62 -20.73 31.24
CA THR A 240 -22.05 -21.13 29.91
C THR A 240 -22.85 -20.02 29.23
N ILE A 241 -23.82 -19.44 29.93
CA ILE A 241 -24.68 -18.43 29.33
C ILE A 241 -23.88 -17.17 29.01
N ALA A 242 -22.96 -16.78 29.90
CA ALA A 242 -22.10 -15.64 29.60
C ALA A 242 -21.24 -15.90 28.39
N ARG A 243 -20.74 -17.14 28.24
CA ARG A 243 -20.00 -17.49 27.03
C ARG A 243 -20.89 -17.37 25.79
N LYS A 244 -22.18 -17.69 25.93
CA LYS A 244 -23.12 -17.56 24.78
C LYS A 244 -23.22 -16.10 24.35
N HIS A 245 -23.30 -15.18 25.32
CA HIS A 245 -23.46 -13.76 25.03
C HIS A 245 -22.15 -13.07 24.68
N GLY A 246 -21.09 -13.82 24.43
CA GLY A 246 -19.79 -13.21 24.17
C GLY A 246 -19.23 -12.48 25.38
N LEU A 247 -19.39 -13.04 26.57
CA LEU A 247 -18.92 -12.43 27.80
C LEU A 247 -18.20 -13.48 28.64
N HIS A 248 -17.37 -13.01 29.57
CA HIS A 248 -16.68 -13.88 30.51
C HIS A 248 -17.25 -13.62 31.90
N ALA A 249 -17.74 -14.67 32.53
CA ALA A 249 -18.25 -14.59 33.91
C ALA A 249 -17.23 -15.22 34.85
N THR A 250 -16.84 -14.46 35.86
CA THR A 250 -15.86 -14.93 36.83
C THR A 250 -16.39 -14.72 38.24
N PHE A 251 -16.15 -15.72 39.09
CA PHE A 251 -16.46 -15.63 40.51
C PHE A 251 -15.21 -15.34 41.33
N MET A 252 -14.21 -14.73 40.71
CA MET A 252 -12.99 -14.35 41.41
C MET A 252 -13.32 -13.34 42.51
N PRO A 253 -12.80 -13.52 43.73
CA PRO A 253 -13.18 -12.62 44.82
C PRO A 253 -12.85 -11.16 44.56
N LYS A 254 -11.74 -10.86 43.90
CA LYS A 254 -11.32 -9.48 43.67
C LYS A 254 -10.57 -9.40 42.35
N PRO A 255 -11.29 -9.35 41.23
CA PRO A 255 -10.61 -9.25 39.93
C PRO A 255 -9.87 -7.95 39.72
N LEU A 256 -10.33 -6.84 40.30
CA LEU A 256 -9.76 -5.53 40.05
C LEU A 256 -9.49 -4.81 41.36
N PHE A 257 -8.44 -3.99 41.36
CA PHE A 257 -8.07 -3.18 42.50
C PHE A 257 -8.85 -1.88 42.52
N GLY A 258 -9.17 -1.40 43.72
CA GLY A 258 -9.91 -0.17 43.87
C GLY A 258 -11.38 -0.27 43.54
N VAL A 259 -11.90 -1.48 43.37
CA VAL A 259 -13.28 -1.72 43.00
C VAL A 259 -13.84 -2.79 43.94
N ASN A 260 -15.14 -2.71 44.22
CA ASN A 260 -15.79 -3.64 45.12
C ASN A 260 -15.56 -5.08 44.67
N GLY A 261 -15.28 -5.95 45.64
CA GLY A 261 -15.10 -7.36 45.36
C GLY A 261 -16.40 -8.12 45.28
N SER A 262 -16.27 -9.43 45.17
CA SER A 262 -17.42 -10.32 45.02
C SER A 262 -17.52 -11.23 46.25
N GLY A 263 -18.68 -11.23 46.90
CA GLY A 263 -18.94 -12.07 48.04
C GLY A 263 -20.04 -13.08 47.76
N MET A 264 -20.15 -14.05 48.67
CA MET A 264 -21.17 -15.10 48.59
C MET A 264 -21.78 -15.25 49.99
N HIS A 265 -22.28 -14.12 50.50
CA HIS A 265 -22.97 -14.07 51.79
C HIS A 265 -23.88 -15.28 51.98
N CYS A 266 -23.75 -15.94 53.13
CA CYS A 266 -24.46 -17.17 53.42
C CYS A 266 -25.46 -16.90 54.53
N ASN A 267 -26.75 -16.99 54.20
CA ASN A 267 -27.82 -16.83 55.18
C ASN A 267 -28.13 -18.21 55.76
N LEU A 268 -27.81 -18.41 57.03
CA LEU A 268 -27.95 -19.69 57.70
C LEU A 268 -29.13 -19.64 58.65
N SER A 269 -29.97 -20.68 58.59
CA SER A 269 -31.11 -20.82 59.49
C SER A 269 -31.18 -22.27 59.95
N LEU A 270 -31.30 -22.46 61.26
CA LEU A 270 -31.36 -23.79 61.87
C LEU A 270 -32.80 -24.09 62.28
N PHE A 271 -33.28 -25.28 61.91
CA PHE A 271 -34.64 -25.68 62.18
C PHE A 271 -34.68 -26.84 63.15
N LYS A 272 -35.67 -26.81 64.05
CA LYS A 272 -35.88 -27.88 65.01
C LYS A 272 -37.35 -28.27 64.98
N ASN A 273 -37.62 -29.53 64.65
CA ASN A 273 -38.98 -30.05 64.55
C ASN A 273 -39.81 -29.27 63.52
N GLY A 274 -39.15 -28.80 62.45
CA GLY A 274 -39.84 -28.09 61.39
C GLY A 274 -40.09 -26.62 61.65
N VAL A 275 -39.64 -26.08 62.77
CA VAL A 275 -39.81 -24.66 63.07
C VAL A 275 -38.43 -24.04 63.24
N ASN A 276 -38.36 -22.72 63.00
CA ASN A 276 -37.10 -22.01 63.10
C ASN A 276 -36.64 -21.97 64.54
N ALA A 277 -35.42 -22.45 64.80
CA ALA A 277 -34.87 -22.49 66.15
C ALA A 277 -34.17 -21.20 66.54
N PHE A 278 -34.00 -20.25 65.61
CA PHE A 278 -33.35 -18.99 65.91
C PHE A 278 -34.32 -17.92 66.39
N PHE A 279 -35.62 -18.16 66.34
CA PHE A 279 -36.63 -17.15 66.61
C PHE A 279 -37.22 -17.34 68.01
N ASP A 280 -37.37 -16.23 68.74
CA ASP A 280 -38.00 -16.23 70.04
C ASP A 280 -38.66 -14.87 70.24
N GLU A 281 -39.99 -14.84 70.20
CA GLU A 281 -40.71 -13.58 70.20
C GLU A 281 -40.55 -12.82 71.51
N ASN A 282 -40.31 -13.52 72.62
CA ASN A 282 -40.28 -12.90 73.93
C ASN A 282 -38.88 -12.48 74.36
N ALA A 283 -37.86 -12.71 73.54
CA ALA A 283 -36.48 -12.34 73.88
C ALA A 283 -36.08 -11.07 73.15
N ASP A 284 -35.00 -10.45 73.63
CA ASP A 284 -34.51 -9.25 73.00
C ASP A 284 -33.99 -9.54 71.59
N LEU A 285 -34.17 -8.57 70.70
CA LEU A 285 -33.88 -8.71 69.27
C LEU A 285 -34.67 -9.83 68.62
N GLN A 286 -35.65 -10.39 69.32
CA GLN A 286 -36.44 -11.53 68.84
C GLN A 286 -35.54 -12.71 68.46
N LEU A 287 -34.50 -12.94 69.26
CA LEU A 287 -33.50 -13.97 69.00
C LEU A 287 -33.51 -14.99 70.12
N SER A 288 -33.54 -16.26 69.76
CA SER A 288 -33.53 -17.34 70.75
C SER A 288 -32.13 -17.54 71.32
N GLU A 289 -32.07 -18.30 72.42
CA GLU A 289 -30.78 -18.64 73.01
C GLU A 289 -29.95 -19.50 72.07
N THR A 290 -30.60 -20.37 71.29
CA THR A 290 -29.88 -21.15 70.30
C THR A 290 -29.21 -20.27 69.28
N ALA A 291 -29.89 -19.19 68.85
CA ALA A 291 -29.29 -18.26 67.91
C ALA A 291 -28.06 -17.58 68.50
N LYS A 292 -28.13 -17.19 69.77
CA LYS A 292 -26.98 -16.56 70.41
C LYS A 292 -25.82 -17.54 70.55
N HIS A 293 -26.10 -18.80 70.87
CA HIS A 293 -25.05 -19.80 70.93
C HIS A 293 -24.42 -20.02 69.56
N PHE A 294 -25.24 -20.06 68.51
CA PHE A 294 -24.73 -20.20 67.15
C PHE A 294 -23.82 -19.02 66.79
N ILE A 295 -24.25 -17.80 67.13
CA ILE A 295 -23.45 -16.62 66.84
C ILE A 295 -22.13 -16.68 67.59
N ALA A 296 -22.17 -17.11 68.86
CA ALA A 296 -20.94 -17.24 69.64
C ALA A 296 -20.00 -18.25 69.01
N GLY A 297 -20.55 -19.39 68.55
CA GLY A 297 -19.71 -20.39 67.91
C GLY A 297 -19.08 -19.88 66.63
N ILE A 298 -19.85 -19.15 65.82
CA ILE A 298 -19.29 -18.58 64.60
C ILE A 298 -18.21 -17.55 64.92
N VAL A 299 -18.42 -16.74 65.96
CA VAL A 299 -17.44 -15.73 66.34
C VAL A 299 -16.16 -16.38 66.82
N LYS A 300 -16.27 -17.43 67.64
CA LYS A 300 -15.09 -18.04 68.23
C LYS A 300 -14.14 -18.60 67.19
N HIS A 301 -14.68 -19.28 66.17
CA HIS A 301 -13.88 -19.95 65.16
C HIS A 301 -13.73 -19.14 63.88
N ALA A 302 -14.12 -17.87 63.90
CA ALA A 302 -14.15 -17.09 62.67
C ALA A 302 -12.77 -16.98 62.03
N THR A 303 -11.74 -16.72 62.83
CA THR A 303 -10.39 -16.65 62.31
C THR A 303 -9.84 -18.00 61.89
N SER A 304 -10.49 -19.10 62.25
CA SER A 304 -9.98 -20.43 61.96
C SER A 304 -10.53 -21.00 60.66
N PHE A 305 -11.79 -20.77 60.35
CA PHE A 305 -12.36 -21.29 59.12
C PHE A 305 -12.24 -20.32 57.95
N THR A 306 -11.58 -19.17 58.15
CA THR A 306 -11.37 -18.23 57.07
C THR A 306 -10.57 -18.85 55.93
N ALA A 307 -9.64 -19.76 56.26
CA ALA A 307 -8.88 -20.44 55.22
C ALA A 307 -9.78 -21.29 54.33
N VAL A 308 -10.88 -21.81 54.87
CA VAL A 308 -11.79 -22.62 54.08
C VAL A 308 -12.78 -21.75 53.32
N THR A 309 -13.36 -20.75 53.99
CA THR A 309 -14.31 -19.87 53.33
C THR A 309 -13.63 -18.89 52.37
N ASN A 310 -12.33 -18.64 52.56
CA ASN A 310 -11.56 -17.78 51.66
C ASN A 310 -10.30 -18.55 51.29
N PRO A 311 -10.41 -19.51 50.37
CA PRO A 311 -9.31 -20.46 50.12
C PRO A 311 -8.26 -20.02 49.11
N THR A 312 -8.40 -18.86 48.48
CA THR A 312 -7.46 -18.42 47.46
C THR A 312 -6.61 -17.27 47.97
N VAL A 313 -5.51 -17.02 47.26
CA VAL A 313 -4.67 -15.87 47.57
C VAL A 313 -5.42 -14.58 47.29
N ASN A 314 -6.14 -14.52 46.18
CA ASN A 314 -6.91 -13.33 45.83
C ASN A 314 -8.05 -13.07 46.79
N SER A 315 -8.45 -14.07 47.58
CA SER A 315 -9.56 -13.89 48.51
C SER A 315 -9.26 -12.80 49.54
N TYR A 316 -8.00 -12.62 49.90
CA TYR A 316 -7.62 -11.70 50.95
C TYR A 316 -7.31 -10.30 50.43
N LYS A 317 -7.33 -10.10 49.11
CA LYS A 317 -7.34 -8.75 48.57
C LYS A 317 -8.73 -8.13 48.61
N ARG A 318 -9.78 -8.95 48.69
CA ARG A 318 -11.12 -8.43 48.92
C ARG A 318 -11.31 -8.03 50.37
N LEU A 319 -10.72 -8.78 51.30
CA LEU A 319 -10.85 -8.52 52.73
C LEU A 319 -9.97 -7.34 53.14
N VAL A 320 -10.29 -6.18 52.55
CA VAL A 320 -9.58 -4.93 52.86
C VAL A 320 -10.64 -3.89 53.21
N PRO A 321 -10.33 -2.94 54.08
CA PRO A 321 -11.34 -1.97 54.51
C PRO A 321 -11.77 -1.05 53.38
N GLY A 322 -13.03 -0.61 53.45
CA GLY A 322 -13.56 0.39 52.56
C GLY A 322 -14.36 -0.11 51.37
N TYR A 323 -14.67 -1.40 51.30
CA TYR A 323 -15.40 -1.98 50.17
C TYR A 323 -16.55 -2.87 50.63
N GLU A 324 -17.09 -2.60 51.82
CA GLU A 324 -18.19 -3.32 52.45
C GLU A 324 -17.81 -4.76 52.80
N ALA A 325 -16.60 -5.20 52.48
CA ALA A 325 -16.16 -6.53 52.86
C ALA A 325 -15.78 -6.58 54.33
N PRO A 326 -16.09 -7.68 55.01
CA PRO A 326 -15.72 -7.80 56.43
C PRO A 326 -14.21 -7.87 56.59
N CYS A 327 -13.73 -7.30 57.69
CA CYS A 327 -12.33 -7.36 58.05
C CYS A 327 -12.09 -7.68 59.52
N TYR A 328 -13.13 -7.68 60.35
CA TYR A 328 -12.99 -7.90 61.78
C TYR A 328 -14.11 -8.82 62.25
N VAL A 329 -13.86 -9.52 63.35
CA VAL A 329 -14.79 -10.52 63.87
C VAL A 329 -15.75 -9.82 64.81
N ALA A 330 -16.95 -9.54 64.31
CA ALA A 330 -18.01 -8.94 65.12
C ALA A 330 -19.35 -9.22 64.44
N TRP A 331 -20.41 -9.10 65.23
CA TRP A 331 -21.77 -9.30 64.72
C TRP A 331 -22.63 -8.09 65.08
N SER A 332 -23.59 -7.81 64.21
CA SER A 332 -24.41 -6.61 64.36
C SER A 332 -25.71 -6.80 63.58
N ALA A 333 -26.68 -5.95 63.89
CA ALA A 333 -27.91 -5.87 63.12
C ALA A 333 -27.88 -4.79 62.06
N GLN A 334 -27.06 -3.74 62.24
CA GLN A 334 -26.92 -2.68 61.25
C GLN A 334 -25.54 -2.06 61.46
N ASN A 335 -24.61 -2.35 60.56
CA ASN A 335 -23.26 -1.82 60.66
C ASN A 335 -22.62 -1.84 59.28
N ARG A 336 -21.53 -1.09 59.15
CA ARG A 336 -20.76 -1.05 57.91
C ARG A 336 -19.83 -2.26 57.88
N SER A 337 -20.14 -3.20 56.99
CA SER A 337 -19.35 -4.41 56.79
C SER A 337 -19.12 -5.20 58.08
N PRO A 338 -20.17 -5.76 58.68
CA PRO A 338 -19.97 -6.67 59.80
C PRO A 338 -19.71 -8.09 59.31
N LEU A 339 -18.99 -8.85 60.13
CA LEU A 339 -18.74 -10.25 59.79
C LEU A 339 -20.04 -11.05 59.79
N ILE A 340 -20.87 -10.83 60.81
CA ILE A 340 -22.16 -11.49 60.93
C ILE A 340 -23.24 -10.43 60.97
N ARG A 341 -24.22 -10.54 60.08
CA ARG A 341 -25.34 -9.62 60.02
C ARG A 341 -26.64 -10.40 60.20
N ILE A 342 -27.55 -9.84 60.98
CA ILE A 342 -28.85 -10.44 61.25
C ILE A 342 -29.91 -9.61 60.53
N PRO A 343 -30.56 -10.14 59.50
CA PRO A 343 -31.58 -9.36 58.79
C PRO A 343 -32.76 -9.01 59.68
N ALA A 344 -33.45 -7.94 59.31
CA ALA A 344 -34.56 -7.44 60.12
C ALA A 344 -35.73 -8.42 60.16
N SER A 345 -35.91 -9.22 59.11
CA SER A 345 -37.03 -10.16 59.07
C SER A 345 -36.89 -11.19 60.17
N ARG A 346 -38.02 -11.56 60.76
CA ARG A 346 -38.06 -12.49 61.88
C ARG A 346 -39.09 -13.58 61.60
N GLY A 347 -39.31 -14.43 62.60
CA GLY A 347 -40.27 -15.50 62.47
C GLY A 347 -39.66 -16.70 61.79
N ILE A 348 -40.32 -17.19 60.74
CA ILE A 348 -39.79 -18.32 59.98
C ILE A 348 -38.51 -17.93 59.26
N SER A 349 -38.37 -16.66 58.88
CA SER A 349 -37.23 -16.19 58.10
C SER A 349 -36.10 -15.66 58.97
N THR A 350 -36.08 -16.00 60.26
CA THR A 350 -34.97 -15.59 61.12
C THR A 350 -33.71 -16.33 60.72
N ARG A 351 -32.64 -15.59 60.45
CA ARG A 351 -31.41 -16.20 59.97
C ARG A 351 -30.22 -15.34 60.38
N VAL A 352 -29.05 -15.94 60.31
CA VAL A 352 -27.78 -15.26 60.55
C VAL A 352 -26.96 -15.31 59.28
N GLU A 353 -26.47 -14.15 58.84
CA GLU A 353 -25.76 -14.03 57.58
C GLU A 353 -24.26 -13.90 57.86
N VAL A 354 -23.47 -14.78 57.24
CA VAL A 354 -22.01 -14.73 57.31
C VAL A 354 -21.53 -14.14 56.00
N ARG A 355 -20.89 -12.98 56.07
CA ARG A 355 -20.54 -12.21 54.87
C ARG A 355 -19.07 -12.38 54.46
N SER A 356 -18.30 -13.18 55.18
CA SER A 356 -16.89 -13.37 54.81
C SER A 356 -16.74 -14.31 53.62
N VAL A 357 -17.68 -15.22 53.42
CA VAL A 357 -17.56 -16.22 52.36
C VAL A 357 -17.54 -15.55 51.00
N ASP A 358 -16.71 -16.07 50.10
CA ASP A 358 -16.61 -15.60 48.73
C ASP A 358 -16.98 -16.73 47.77
N PRO A 359 -17.37 -16.40 46.53
CA PRO A 359 -17.81 -17.46 45.61
C PRO A 359 -16.73 -18.46 45.23
N ALA A 360 -15.46 -18.15 45.44
CA ALA A 360 -14.41 -19.10 45.13
C ALA A 360 -14.33 -20.26 46.13
N ALA A 361 -14.97 -20.13 47.28
CA ALA A 361 -14.92 -21.19 48.28
C ALA A 361 -15.68 -22.43 47.82
N ASN A 362 -15.22 -23.58 48.29
CA ASN A 362 -15.96 -24.82 48.06
C ASN A 362 -17.23 -24.78 48.90
N PRO A 363 -18.42 -24.86 48.28
CA PRO A 363 -19.65 -24.74 49.07
C PRO A 363 -19.79 -25.79 50.14
N TYR A 364 -19.44 -27.04 49.84
CA TYR A 364 -19.59 -28.12 50.82
C TYR A 364 -18.66 -27.92 52.01
N LEU A 365 -17.39 -27.59 51.75
CA LEU A 365 -16.44 -27.40 52.83
C LEU A 365 -16.78 -26.17 53.67
N ALA A 366 -17.17 -25.07 53.02
CA ALA A 366 -17.54 -23.86 53.75
C ALA A 366 -18.77 -24.10 54.61
N LEU A 367 -19.77 -24.78 54.07
CA LEU A 367 -20.95 -25.10 54.86
C LEU A 367 -20.60 -26.03 56.01
N SER A 368 -19.71 -26.98 55.77
CA SER A 368 -19.30 -27.90 56.84
C SER A 368 -18.64 -27.16 57.98
N VAL A 369 -17.70 -26.26 57.67
CA VAL A 369 -17.00 -25.57 58.74
C VAL A 369 -17.93 -24.59 59.46
N LEU A 370 -18.80 -23.91 58.73
CA LEU A 370 -19.75 -23.00 59.37
C LEU A 370 -20.69 -23.76 60.30
N LEU A 371 -21.22 -24.89 59.83
CA LEU A 371 -22.12 -25.69 60.66
C LEU A 371 -21.39 -26.26 61.87
N ALA A 372 -20.13 -26.69 61.69
CA ALA A 372 -19.38 -27.22 62.82
C ALA A 372 -19.13 -26.15 63.86
N ALA A 373 -18.78 -24.93 63.43
CA ALA A 373 -18.58 -23.85 64.39
C ALA A 373 -19.88 -23.52 65.11
N GLY A 374 -21.00 -23.47 64.37
CA GLY A 374 -22.27 -23.17 65.01
C GLY A 374 -22.68 -24.23 66.02
N LEU A 375 -22.46 -25.51 65.68
CA LEU A 375 -22.77 -26.59 66.61
C LEU A 375 -21.84 -26.58 67.82
N ASP A 376 -20.58 -26.21 67.62
CA ASP A 376 -19.66 -26.06 68.74
C ASP A 376 -20.14 -24.98 69.69
N GLY A 377 -20.65 -23.87 69.15
CA GLY A 377 -21.23 -22.84 69.99
C GLY A 377 -22.46 -23.34 70.73
N ILE A 378 -23.31 -24.11 70.06
CA ILE A 378 -24.53 -24.61 70.69
C ILE A 378 -24.19 -25.67 71.73
N LYS A 379 -23.30 -26.60 71.40
CA LYS A 379 -23.01 -27.71 72.30
C LYS A 379 -22.41 -27.24 73.62
N ASN A 380 -21.50 -26.28 73.59
CA ASN A 380 -20.86 -25.77 74.79
C ASN A 380 -21.57 -24.57 75.39
N LYS A 381 -22.65 -24.11 74.76
CA LYS A 381 -23.44 -22.97 75.24
C LYS A 381 -22.56 -21.74 75.47
N LEU A 382 -21.74 -21.44 74.48
CA LEU A 382 -20.88 -20.26 74.55
C LEU A 382 -21.72 -18.99 74.58
N GLU A 383 -21.18 -17.97 75.23
CA GLU A 383 -21.86 -16.69 75.37
C GLU A 383 -21.45 -15.76 74.25
N ALA A 384 -22.44 -15.28 73.48
CA ALA A 384 -22.15 -14.39 72.37
C ALA A 384 -21.69 -13.02 72.91
N PRO A 385 -20.75 -12.38 72.24
CA PRO A 385 -20.33 -11.03 72.67
C PRO A 385 -21.40 -10.00 72.34
N ALA A 386 -21.20 -8.81 72.89
CA ALA A 386 -22.14 -7.73 72.67
C ALA A 386 -22.11 -7.29 71.21
N PRO A 387 -23.27 -7.06 70.60
CA PRO A 387 -23.29 -6.56 69.22
C PRO A 387 -22.69 -5.15 69.14
N ILE A 388 -22.07 -4.86 68.02
CA ILE A 388 -21.36 -3.60 67.82
C ILE A 388 -22.16 -2.74 66.85
N ASP A 389 -22.44 -1.49 67.25
CA ASP A 389 -23.20 -0.56 66.41
C ASP A 389 -22.58 0.83 66.42
N ARG A 390 -21.25 0.92 66.39
CA ARG A 390 -20.57 2.20 66.55
C ARG A 390 -19.38 2.35 65.61
N ASN A 391 -19.37 1.60 64.49
CA ASN A 391 -18.45 1.81 63.38
C ASN A 391 -16.98 1.64 63.83
N ILE A 392 -16.64 0.39 64.13
CA ILE A 392 -15.31 -0.04 64.53
C ILE A 392 -14.21 0.54 63.65
N TYR A 393 -14.54 0.89 62.40
CA TYR A 393 -13.55 1.51 61.52
C TYR A 393 -13.09 2.86 62.04
N VAL A 394 -13.84 3.48 62.95
CA VAL A 394 -13.45 4.79 63.47
C VAL A 394 -12.14 4.70 64.25
N MET A 395 -12.06 3.76 65.19
CA MET A 395 -10.89 3.68 66.04
C MET A 395 -9.79 2.84 65.38
N SER A 396 -8.61 2.89 65.98
CA SER A 396 -7.46 2.17 65.48
C SER A 396 -7.52 0.70 65.88
N LYS A 397 -6.59 -0.08 65.34
CA LYS A 397 -6.52 -1.50 65.66
C LYS A 397 -6.25 -1.73 67.14
N GLU A 398 -5.29 -0.99 67.70
CA GLU A 398 -5.05 -1.08 69.14
C GLU A 398 -6.21 -0.50 69.93
N GLU A 399 -6.89 0.51 69.38
CA GLU A 399 -8.02 1.13 70.06
C GLU A 399 -9.25 0.23 70.08
N ARG A 400 -9.24 -0.88 69.36
CA ARG A 400 -10.33 -1.85 69.38
C ARG A 400 -9.91 -3.24 69.80
N MET A 401 -8.60 -3.51 69.92
CA MET A 401 -8.15 -4.83 70.34
C MET A 401 -8.49 -5.11 71.80
N GLU A 402 -8.61 -4.07 72.63
CA GLU A 402 -8.98 -4.27 74.02
C GLU A 402 -10.40 -4.82 74.15
N ASN A 403 -11.24 -4.58 73.15
CA ASN A 403 -12.57 -5.17 73.11
C ASN A 403 -12.46 -6.59 72.54
N GLY A 404 -13.60 -7.20 72.22
CA GLY A 404 -13.59 -8.51 71.61
C GLY A 404 -13.37 -8.53 70.12
N ILE A 405 -13.14 -7.37 69.52
CA ILE A 405 -13.00 -7.25 68.07
C ILE A 405 -11.57 -7.66 67.69
N VAL A 406 -11.43 -8.76 66.97
CA VAL A 406 -10.15 -9.22 66.48
C VAL A 406 -10.15 -9.14 64.96
N ASP A 407 -8.96 -9.16 64.38
CA ASP A 407 -8.80 -9.02 62.94
C ASP A 407 -8.81 -10.37 62.26
N LEU A 408 -9.41 -10.42 61.07
CA LEU A 408 -9.33 -11.61 60.23
C LEU A 408 -7.90 -11.75 59.68
N PRO A 409 -7.50 -12.97 59.31
CA PRO A 409 -6.17 -13.15 58.74
C PRO A 409 -5.99 -12.31 57.48
N ALA A 410 -4.80 -11.74 57.33
CA ALA A 410 -4.52 -10.82 56.24
C ALA A 410 -4.02 -11.50 54.98
N THR A 411 -3.49 -12.71 55.09
CA THR A 411 -2.99 -13.46 53.95
C THR A 411 -3.47 -14.90 54.04
N LEU A 412 -3.31 -15.63 52.93
CA LEU A 412 -3.68 -17.03 52.92
C LEU A 412 -2.80 -17.85 53.86
N ALA A 413 -1.51 -17.50 53.95
CA ALA A 413 -0.61 -18.21 54.85
C ALA A 413 -1.02 -18.03 56.31
N GLU A 414 -1.39 -16.80 56.69
CA GLU A 414 -1.83 -16.55 58.06
C GLU A 414 -3.09 -17.33 58.38
N ALA A 415 -4.03 -17.37 57.43
CA ALA A 415 -5.26 -18.14 57.64
C ALA A 415 -4.96 -19.63 57.74
N LEU A 416 -4.01 -20.12 56.94
CA LEU A 416 -3.61 -21.52 57.04
C LEU A 416 -3.01 -21.82 58.41
N GLU A 417 -2.18 -20.92 58.91
CA GLU A 417 -1.61 -21.10 60.25
C GLU A 417 -2.70 -21.12 61.31
N GLU A 418 -3.67 -20.22 61.20
CA GLU A 418 -4.78 -20.18 62.16
C GLU A 418 -5.62 -21.45 62.08
N PHE A 419 -5.86 -21.96 60.87
CA PHE A 419 -6.72 -23.11 60.67
C PHE A 419 -6.08 -24.38 61.22
N LYS A 420 -4.76 -24.51 61.08
CA LYS A 420 -4.07 -25.71 61.56
C LYS A 420 -4.16 -25.85 63.06
N SER A 421 -4.11 -24.73 63.79
CA SER A 421 -4.07 -24.77 65.24
C SER A 421 -5.43 -25.01 65.88
N ASN A 422 -6.52 -24.88 65.12
CA ASN A 422 -7.86 -25.07 65.67
C ASN A 422 -8.23 -26.55 65.59
N GLU A 423 -8.37 -27.18 66.76
CA GLU A 423 -8.65 -28.60 66.81
C GLU A 423 -10.06 -28.90 66.30
N VAL A 424 -11.04 -28.07 66.72
CA VAL A 424 -12.43 -28.32 66.34
C VAL A 424 -12.60 -28.22 64.83
N MET A 425 -11.98 -27.21 64.21
CA MET A 425 -12.12 -27.03 62.76
C MET A 425 -11.46 -28.16 61.98
N VAL A 426 -10.48 -28.85 62.59
CA VAL A 426 -9.83 -29.95 61.90
C VAL A 426 -10.81 -31.11 61.69
N LYS A 427 -11.53 -31.48 62.75
CA LYS A 427 -12.54 -32.53 62.63
C LYS A 427 -13.74 -32.12 61.79
N ALA A 428 -13.89 -30.83 61.49
CA ALA A 428 -15.01 -30.39 60.68
C ALA A 428 -14.97 -30.99 59.27
N LEU A 429 -13.79 -31.35 58.79
CA LEU A 429 -13.65 -31.95 57.48
C LEU A 429 -12.82 -33.24 57.45
N GLY A 430 -12.35 -33.71 58.59
CA GLY A 430 -11.65 -34.99 58.65
C GLY A 430 -10.20 -34.89 58.26
N GLU A 431 -9.45 -35.95 58.60
CA GLU A 431 -8.00 -35.93 58.42
C GLU A 431 -7.60 -35.94 56.95
N HIS A 432 -8.29 -36.73 56.13
CA HIS A 432 -7.94 -36.81 54.70
C HIS A 432 -8.08 -35.45 54.03
N LEU A 433 -9.27 -34.85 54.18
CA LEU A 433 -9.50 -33.53 53.59
C LEU A 433 -8.56 -32.50 54.20
N PHE A 434 -8.31 -32.59 55.51
CA PHE A 434 -7.43 -31.61 56.16
C PHE A 434 -6.03 -31.65 55.55
N GLU A 435 -5.42 -32.84 55.51
CA GLU A 435 -4.07 -32.93 54.98
C GLU A 435 -4.00 -32.51 53.52
N HIS A 436 -4.96 -32.96 52.69
CA HIS A 436 -4.86 -32.64 51.28
C HIS A 436 -5.11 -31.15 51.03
N PHE A 437 -6.07 -30.56 51.74
CA PHE A 437 -6.33 -29.13 51.60
C PHE A 437 -5.13 -28.31 52.05
N ILE A 438 -4.51 -28.69 53.18
CA ILE A 438 -3.36 -27.95 53.67
C ILE A 438 -2.20 -28.05 52.70
N GLU A 439 -1.95 -29.25 52.16
CA GLU A 439 -0.87 -29.41 51.19
C GLU A 439 -1.10 -28.56 49.96
N ALA A 440 -2.32 -28.62 49.39
CA ALA A 440 -2.61 -27.85 48.19
C ALA A 440 -2.49 -26.35 48.44
N LYS A 441 -3.01 -25.87 49.56
CA LYS A 441 -2.96 -24.45 49.84
C LYS A 441 -1.54 -23.98 50.15
N GLU A 442 -0.75 -24.81 50.82
CA GLU A 442 0.65 -24.45 51.06
C GLU A 442 1.42 -24.36 49.75
N ILE A 443 1.19 -25.30 48.83
CA ILE A 443 1.83 -25.20 47.52
C ILE A 443 1.39 -23.94 46.79
N GLU A 444 0.09 -23.63 46.86
CA GLU A 444 -0.43 -22.43 46.21
C GLU A 444 0.21 -21.17 46.77
N TRP A 445 0.34 -21.09 48.09
CA TRP A 445 0.96 -19.91 48.69
C TRP A 445 2.44 -19.83 48.35
N ASP A 446 3.15 -20.96 48.36
CA ASP A 446 4.57 -20.95 48.04
C ASP A 446 4.80 -20.49 46.60
N MET A 447 3.93 -20.89 45.68
CA MET A 447 4.05 -20.42 44.30
C MET A 447 3.86 -18.91 44.21
N PHE A 448 2.94 -18.36 45.02
CA PHE A 448 2.64 -16.94 44.93
C PHE A 448 3.74 -16.09 45.57
N ARG A 449 4.27 -16.51 46.72
CA ARG A 449 5.19 -15.67 47.47
C ARG A 449 6.55 -15.54 46.80
N THR A 450 6.93 -16.48 45.94
CA THR A 450 8.22 -16.41 45.26
C THR A 450 8.16 -15.71 43.92
N GLN A 451 6.97 -15.34 43.45
CA GLN A 451 6.86 -14.66 42.16
C GLN A 451 7.32 -13.21 42.28
N VAL A 452 7.76 -12.66 41.15
CA VAL A 452 8.13 -11.26 41.05
C VAL A 452 7.07 -10.59 40.18
N HIS A 453 6.21 -9.82 40.81
CA HIS A 453 5.07 -9.22 40.11
C HIS A 453 5.49 -7.94 39.39
N PRO A 454 4.77 -7.56 38.34
CA PRO A 454 5.11 -6.32 37.63
C PRO A 454 5.06 -5.08 38.50
N TRP A 455 4.27 -5.10 39.58
CA TRP A 455 4.25 -3.97 40.50
C TRP A 455 5.63 -3.73 41.10
N GLU A 456 6.33 -4.81 41.45
CA GLU A 456 7.67 -4.67 42.02
C GLU A 456 8.63 -4.03 41.03
N ARG A 457 8.56 -4.43 39.76
CA ARG A 457 9.42 -3.81 38.75
C ARG A 457 9.05 -2.35 38.54
N GLU A 458 7.75 -2.03 38.56
CA GLU A 458 7.35 -0.64 38.41
C GLU A 458 7.81 0.21 39.59
N GLN A 459 7.95 -0.40 40.77
CA GLN A 459 8.34 0.36 41.95
C GLN A 459 9.85 0.44 42.17
N TYR A 460 10.61 -0.56 41.70
CA TYR A 460 12.02 -0.69 42.08
C TYR A 460 13.00 -0.78 40.93
N MET A 461 12.57 -1.10 39.71
CA MET A 461 13.52 -1.29 38.61
C MET A 461 14.27 -0.02 38.29
N SER A 462 13.58 1.12 38.28
CA SER A 462 14.23 2.40 38.02
C SER A 462 14.63 3.15 39.28
N GLN A 463 13.89 2.98 40.37
CA GLN A 463 14.26 3.65 41.62
C GLN A 463 15.58 3.14 42.16
N TYR A 464 15.81 1.83 42.07
CA TYR A 464 17.06 1.23 42.53
C TYR A 464 17.86 0.66 41.37
N ALA B 22 -36.88 -27.95 -55.67
CA ALA B 22 -36.91 -26.83 -54.74
C ALA B 22 -37.20 -27.31 -53.32
N LYS B 23 -36.69 -26.57 -52.34
CA LYS B 23 -36.87 -26.88 -50.94
C LYS B 23 -37.90 -25.99 -50.24
N TYR B 24 -37.96 -24.72 -50.61
CA TYR B 24 -38.92 -23.78 -50.04
C TYR B 24 -39.64 -23.06 -51.17
N THR B 25 -40.94 -22.83 -50.96
CA THR B 25 -41.73 -21.96 -51.82
C THR B 25 -42.10 -20.69 -51.04
N ARG B 26 -42.74 -19.76 -51.73
CA ARG B 26 -43.10 -18.49 -51.10
C ARG B 26 -44.04 -18.71 -49.92
N GLU B 27 -45.08 -19.53 -50.12
CA GLU B 27 -46.04 -19.78 -49.05
C GLU B 27 -45.37 -20.42 -47.85
N ASP B 28 -44.42 -21.32 -48.09
CA ASP B 28 -43.66 -21.90 -46.99
C ASP B 28 -42.87 -20.84 -46.24
N ILE B 29 -42.29 -19.88 -46.96
CA ILE B 29 -41.52 -18.83 -46.30
C ILE B 29 -42.42 -17.97 -45.42
N GLU B 30 -43.56 -17.53 -45.97
CA GLU B 30 -44.50 -16.75 -45.18
C GLU B 30 -44.99 -17.52 -43.96
N LYS B 31 -45.33 -18.79 -44.13
CA LYS B 31 -45.79 -19.59 -42.99
C LYS B 31 -44.69 -19.72 -41.94
N LEU B 32 -43.47 -20.02 -42.37
CA LEU B 32 -42.38 -20.22 -41.42
C LEU B 32 -42.11 -18.95 -40.63
N VAL B 33 -42.06 -17.80 -41.31
CA VAL B 33 -41.87 -16.57 -40.56
C VAL B 33 -43.07 -16.28 -39.66
N LYS B 34 -44.27 -16.70 -40.07
CA LYS B 34 -45.45 -16.44 -39.26
C LYS B 34 -45.39 -17.14 -37.91
N GLU B 35 -45.16 -18.46 -37.89
CA GLU B 35 -45.04 -19.10 -36.57
C GLU B 35 -43.72 -18.76 -35.87
N GLU B 36 -42.58 -18.80 -36.58
CA GLU B 36 -41.33 -18.55 -35.89
C GLU B 36 -41.19 -17.11 -35.41
N ASN B 37 -42.05 -16.19 -35.84
CA ASN B 37 -42.07 -14.82 -35.35
C ASN B 37 -40.71 -14.15 -35.58
N VAL B 38 -40.33 -14.06 -36.83
CA VAL B 38 -39.11 -13.37 -37.21
C VAL B 38 -39.45 -11.90 -37.48
N LYS B 39 -38.60 -11.01 -36.99
CA LYS B 39 -38.79 -9.58 -37.17
C LYS B 39 -37.72 -8.93 -38.01
N TYR B 40 -36.56 -9.57 -38.17
CA TYR B 40 -35.45 -9.03 -38.93
C TYR B 40 -35.04 -10.02 -39.99
N ILE B 41 -34.79 -9.53 -41.20
CA ILE B 41 -34.39 -10.36 -42.33
C ILE B 41 -33.14 -9.76 -42.94
N ARG B 42 -32.07 -10.56 -43.02
CA ARG B 42 -30.81 -10.14 -43.63
C ARG B 42 -30.76 -10.67 -45.05
N LEU B 43 -30.66 -9.76 -46.01
CA LEU B 43 -30.52 -10.11 -47.43
C LEU B 43 -29.03 -10.05 -47.75
N GLN B 44 -28.34 -11.17 -47.52
CA GLN B 44 -26.89 -11.18 -47.55
C GLN B 44 -26.35 -11.54 -48.93
N PHE B 45 -25.13 -11.10 -49.20
CA PHE B 45 -24.46 -11.32 -50.47
C PHE B 45 -22.96 -11.23 -50.23
N THR B 46 -22.19 -11.56 -51.27
CA THR B 46 -20.74 -11.64 -51.17
C THR B 46 -20.11 -10.65 -52.14
N ASP B 47 -19.12 -9.91 -51.65
CA ASP B 47 -18.43 -8.90 -52.45
C ASP B 47 -17.20 -9.51 -53.12
N ILE B 48 -16.33 -8.63 -53.66
CA ILE B 48 -15.13 -9.10 -54.35
C ILE B 48 -14.20 -9.83 -53.38
N LEU B 49 -13.99 -9.26 -52.19
CA LEU B 49 -13.01 -9.80 -51.27
C LEU B 49 -13.51 -11.02 -50.50
N GLY B 50 -14.78 -11.39 -50.66
CA GLY B 50 -15.32 -12.56 -50.01
C GLY B 50 -15.97 -12.32 -48.67
N THR B 51 -15.87 -11.11 -48.12
CA THR B 51 -16.54 -10.83 -46.87
C THR B 51 -18.05 -10.73 -47.09
N ILE B 52 -18.81 -11.18 -46.09
CA ILE B 52 -20.25 -11.27 -46.20
C ILE B 52 -20.85 -9.89 -45.95
N LYS B 53 -21.64 -9.42 -46.91
CA LYS B 53 -22.35 -8.14 -46.81
C LYS B 53 -23.84 -8.38 -46.86
N ASN B 54 -24.60 -7.46 -46.29
CA ASN B 54 -26.06 -7.55 -46.35
C ASN B 54 -26.69 -6.17 -46.25
N VAL B 55 -27.95 -6.10 -46.67
CA VAL B 55 -28.84 -5.00 -46.35
C VAL B 55 -30.01 -5.59 -45.58
N GLU B 56 -30.39 -4.93 -44.49
CA GLU B 56 -31.36 -5.47 -43.56
C GLU B 56 -32.70 -4.77 -43.71
N ILE B 57 -33.77 -5.55 -43.63
CA ILE B 57 -35.13 -5.03 -43.76
C ILE B 57 -35.97 -5.55 -42.61
N PRO B 58 -37.02 -4.84 -42.19
CA PRO B 58 -37.98 -5.42 -41.25
C PRO B 58 -38.83 -6.48 -41.92
N VAL B 59 -39.46 -7.31 -41.11
CA VAL B 59 -40.31 -8.38 -41.63
C VAL B 59 -41.47 -7.82 -42.43
N SER B 60 -41.88 -6.58 -42.18
CA SER B 60 -42.95 -5.97 -42.95
C SER B 60 -42.56 -5.76 -44.41
N GLN B 61 -41.28 -5.79 -44.74
CA GLN B 61 -40.80 -5.64 -46.10
C GLN B 61 -40.51 -6.97 -46.78
N LEU B 62 -40.94 -8.08 -46.18
CA LEU B 62 -40.71 -9.39 -46.77
C LEU B 62 -41.40 -9.52 -48.11
N GLY B 63 -42.63 -9.01 -48.23
CA GLY B 63 -43.32 -9.06 -49.50
C GLY B 63 -42.60 -8.31 -50.59
N LYS B 64 -42.06 -7.13 -50.27
CA LYS B 64 -41.28 -6.38 -51.25
C LYS B 64 -39.99 -7.11 -51.60
N ALA B 65 -39.36 -7.75 -50.61
CA ALA B 65 -38.12 -8.49 -50.86
C ALA B 65 -38.36 -9.66 -51.81
N LEU B 66 -39.42 -10.44 -51.55
CA LEU B 66 -39.72 -11.59 -52.39
C LEU B 66 -40.20 -11.20 -53.78
N ASP B 67 -40.54 -9.94 -54.00
CA ASP B 67 -40.93 -9.45 -55.31
C ASP B 67 -39.74 -8.94 -56.12
N ASN B 68 -38.52 -9.09 -55.61
CA ASN B 68 -37.31 -8.61 -56.28
C ASN B 68 -37.38 -7.11 -56.54
N LYS B 69 -37.70 -6.35 -55.49
CA LYS B 69 -37.89 -4.92 -55.60
C LYS B 69 -37.02 -4.09 -54.67
N VAL B 70 -36.28 -4.72 -53.78
CA VAL B 70 -35.42 -3.98 -52.85
C VAL B 70 -34.18 -3.49 -53.57
N MET B 71 -33.91 -2.20 -53.48
CA MET B 71 -32.73 -1.58 -54.05
C MET B 71 -31.66 -1.34 -52.98
N PHE B 72 -30.42 -1.27 -53.44
CA PHE B 72 -29.28 -0.99 -52.58
C PHE B 72 -28.14 -0.49 -53.44
N ASP B 73 -27.08 -0.02 -52.79
CA ASP B 73 -25.90 0.47 -53.49
C ASP B 73 -25.08 -0.74 -53.94
N GLY B 74 -25.11 -1.03 -55.24
CA GLY B 74 -24.38 -2.16 -55.78
C GLY B 74 -22.88 -1.97 -55.84
N SER B 75 -22.39 -0.75 -55.65
CA SER B 75 -20.96 -0.51 -55.63
C SER B 75 -20.29 -1.12 -54.40
N SER B 76 -21.05 -1.47 -53.37
CA SER B 76 -20.48 -2.09 -52.19
C SER B 76 -19.84 -3.44 -52.50
N ILE B 77 -20.19 -4.06 -53.63
CA ILE B 77 -19.55 -5.30 -54.03
C ILE B 77 -18.09 -5.07 -54.35
N GLU B 78 -17.74 -3.91 -54.90
CA GLU B 78 -16.37 -3.60 -55.26
C GLU B 78 -15.46 -3.46 -54.05
N GLY B 79 -16.01 -3.32 -52.85
CA GLY B 79 -15.19 -3.17 -51.66
C GLY B 79 -14.65 -1.76 -51.49
N PHE B 80 -13.38 -1.65 -51.10
CA PHE B 80 -12.78 -0.36 -50.82
C PHE B 80 -12.36 0.40 -52.08
N VAL B 81 -12.47 -0.22 -53.26
CA VAL B 81 -12.13 0.46 -54.50
C VAL B 81 -13.37 1.00 -55.22
N ARG B 82 -14.51 1.05 -54.55
CA ARG B 82 -15.72 1.59 -55.15
C ARG B 82 -15.58 3.08 -55.40
N ILE B 83 -16.18 3.53 -56.50
CA ILE B 83 -16.11 4.93 -56.93
C ILE B 83 -17.48 5.61 -56.83
N GLU B 84 -18.46 5.11 -57.59
CA GLU B 84 -19.74 5.78 -57.75
C GLU B 84 -20.88 4.89 -57.27
N GLU B 85 -21.90 5.51 -56.69
CA GLU B 85 -23.09 4.79 -56.29
C GLU B 85 -23.82 4.24 -57.51
N SER B 86 -24.34 3.02 -57.37
CA SER B 86 -25.05 2.37 -58.47
C SER B 86 -26.17 1.53 -57.88
N ASP B 87 -27.40 1.79 -58.33
CA ASP B 87 -28.57 1.08 -57.81
C ASP B 87 -28.70 -0.29 -58.47
N MET B 88 -28.89 -1.32 -57.66
CA MET B 88 -29.12 -2.67 -58.14
C MET B 88 -30.20 -3.33 -57.29
N TYR B 89 -30.83 -4.36 -57.86
CA TYR B 89 -31.84 -5.12 -57.16
C TYR B 89 -31.21 -6.28 -56.39
N LEU B 90 -32.03 -6.91 -55.55
CA LEU B 90 -31.56 -7.85 -54.53
C LEU B 90 -32.37 -9.14 -54.57
N TYR B 91 -32.51 -9.73 -55.76
CA TYR B 91 -33.26 -10.97 -55.98
C TYR B 91 -32.83 -12.06 -55.00
N PRO B 92 -33.68 -12.42 -54.05
CA PRO B 92 -33.30 -13.46 -53.08
C PRO B 92 -33.53 -14.86 -53.61
N ASP B 93 -32.82 -15.80 -53.00
CA ASP B 93 -32.95 -17.23 -53.30
C ASP B 93 -33.72 -17.89 -52.18
N LEU B 94 -34.85 -18.52 -52.52
CA LEU B 94 -35.73 -19.09 -51.49
C LEU B 94 -35.10 -20.30 -50.81
N ASN B 95 -34.32 -21.09 -51.54
CA ASN B 95 -33.76 -22.31 -50.97
C ASN B 95 -32.70 -22.03 -49.91
N THR B 96 -32.19 -20.80 -49.83
CA THR B 96 -31.17 -20.43 -48.86
C THR B 96 -31.75 -19.92 -47.55
N PHE B 97 -33.07 -19.94 -47.40
CA PHE B 97 -33.71 -19.44 -46.19
C PHE B 97 -33.25 -20.22 -44.98
N VAL B 98 -32.80 -19.50 -43.95
CA VAL B 98 -32.30 -20.10 -42.72
C VAL B 98 -32.68 -19.20 -41.55
N ILE B 99 -33.16 -19.82 -40.47
CA ILE B 99 -33.45 -19.11 -39.23
C ILE B 99 -32.23 -19.23 -38.32
N PHE B 100 -31.67 -18.09 -37.93
CA PHE B 100 -30.52 -18.10 -37.04
C PHE B 100 -30.95 -18.53 -35.63
N PRO B 101 -30.19 -19.43 -34.99
CA PRO B 101 -30.59 -19.91 -33.67
C PRO B 101 -30.45 -18.87 -32.56
N TRP B 102 -29.74 -17.77 -32.80
CA TRP B 102 -29.54 -16.74 -31.79
C TRP B 102 -30.66 -15.72 -31.93
N THR B 103 -31.61 -15.77 -31.02
CA THR B 103 -32.76 -14.87 -31.06
C THR B 103 -32.33 -13.44 -30.75
N ALA B 104 -32.91 -12.49 -31.48
CA ALA B 104 -32.62 -11.07 -31.28
C ALA B 104 -33.71 -10.44 -30.40
N GLU B 105 -33.78 -10.95 -29.17
CA GLU B 105 -34.72 -10.44 -28.17
C GLU B 105 -36.15 -10.42 -28.71
N LYS B 106 -36.61 -9.24 -29.11
CA LYS B 106 -37.96 -9.06 -29.65
C LYS B 106 -37.99 -9.52 -31.09
N GLY B 107 -38.07 -10.83 -31.28
CA GLY B 107 -38.16 -11.41 -32.60
C GLY B 107 -36.89 -12.15 -33.00
N LYS B 108 -37.04 -13.02 -34.00
CA LYS B 108 -35.93 -13.81 -34.53
C LYS B 108 -35.39 -13.18 -35.80
N VAL B 109 -34.25 -13.71 -36.25
CA VAL B 109 -33.56 -13.22 -37.44
C VAL B 109 -33.48 -14.36 -38.45
N ALA B 110 -33.85 -14.06 -39.69
CA ALA B 110 -33.73 -14.99 -40.79
C ALA B 110 -32.88 -14.34 -41.89
N ARG B 111 -32.31 -15.17 -42.76
CA ARG B 111 -31.40 -14.69 -43.79
C ARG B 111 -31.80 -15.26 -45.14
N PHE B 112 -31.52 -14.48 -46.19
CA PHE B 112 -31.58 -14.91 -47.57
C PHE B 112 -30.25 -14.61 -48.24
N ILE B 113 -29.80 -15.51 -49.09
CA ILE B 113 -28.65 -15.27 -49.95
C ILE B 113 -29.20 -14.83 -51.30
N CYS B 114 -28.83 -13.64 -51.74
CA CYS B 114 -29.48 -13.00 -52.87
C CYS B 114 -28.50 -12.78 -54.02
N ASP B 115 -29.04 -12.81 -55.23
CA ASP B 115 -28.30 -12.42 -56.42
C ASP B 115 -28.45 -10.93 -56.66
N ILE B 116 -27.51 -10.37 -57.43
CA ILE B 116 -27.50 -8.95 -57.74
C ILE B 116 -27.92 -8.77 -59.19
N TYR B 117 -28.91 -7.92 -59.41
CA TYR B 117 -29.47 -7.70 -60.74
C TYR B 117 -29.44 -6.22 -61.07
N ASN B 118 -29.17 -5.92 -62.34
CA ASN B 118 -29.23 -4.56 -62.83
C ASN B 118 -30.67 -4.06 -62.82
N PRO B 119 -30.89 -2.74 -62.82
CA PRO B 119 -32.27 -2.22 -62.79
C PRO B 119 -33.11 -2.62 -64.00
N ASP B 120 -32.49 -3.05 -65.10
CA ASP B 120 -33.23 -3.48 -66.28
C ASP B 120 -33.56 -4.96 -66.27
N GLY B 121 -33.28 -5.66 -65.17
CA GLY B 121 -33.55 -7.08 -65.06
C GLY B 121 -32.41 -7.99 -65.44
N THR B 122 -31.35 -7.45 -66.03
CA THR B 122 -30.17 -8.25 -66.36
C THR B 122 -29.36 -8.54 -65.10
N PRO B 123 -28.89 -9.77 -64.92
CA PRO B 123 -28.02 -10.06 -63.77
C PRO B 123 -26.75 -9.23 -63.81
N PHE B 124 -26.32 -8.77 -62.64
CA PHE B 124 -25.15 -7.90 -62.56
C PHE B 124 -23.89 -8.69 -62.86
N GLU B 125 -23.08 -8.18 -63.79
CA GLU B 125 -21.85 -8.84 -64.17
C GLU B 125 -20.78 -8.76 -63.10
N GLY B 126 -20.95 -7.87 -62.12
CA GLY B 126 -20.01 -7.71 -61.03
C GLY B 126 -20.32 -8.53 -59.80
N ASP B 127 -21.26 -9.46 -59.87
CA ASP B 127 -21.61 -10.29 -58.73
C ASP B 127 -20.87 -11.62 -58.83
N PRO B 128 -20.04 -11.97 -57.85
CA PRO B 128 -19.32 -13.26 -57.94
C PRO B 128 -20.24 -14.46 -58.04
N ARG B 129 -21.37 -14.44 -57.33
CA ARG B 129 -22.32 -15.56 -57.43
C ARG B 129 -22.91 -15.66 -58.82
N ASN B 130 -23.28 -14.52 -59.42
CA ASN B 130 -23.77 -14.52 -60.79
C ASN B 130 -22.68 -14.97 -61.76
N ASN B 131 -21.42 -14.61 -61.49
CA ASN B 131 -20.33 -15.08 -62.33
C ASN B 131 -20.19 -16.60 -62.25
N LEU B 132 -20.31 -17.16 -61.05
CA LEU B 132 -20.26 -18.61 -60.90
C LEU B 132 -21.42 -19.26 -61.64
N LYS B 133 -22.61 -18.66 -61.57
CA LYS B 133 -23.75 -19.20 -62.31
C LYS B 133 -23.51 -19.14 -63.82
N ARG B 134 -22.87 -18.07 -64.29
CA ARG B 134 -22.53 -17.97 -65.71
C ARG B 134 -21.55 -19.06 -66.12
N ILE B 135 -20.54 -19.32 -65.29
CA ILE B 135 -19.58 -20.38 -65.60
C ILE B 135 -20.27 -21.73 -65.58
N LEU B 136 -21.24 -21.93 -64.67
CA LEU B 136 -21.98 -23.18 -64.65
C LEU B 136 -22.86 -23.32 -65.89
N LYS B 137 -23.41 -22.22 -66.38
CA LYS B 137 -24.15 -22.26 -67.64
C LYS B 137 -23.23 -22.64 -68.79
N GLU B 138 -22.01 -22.09 -68.81
CA GLU B 138 -21.03 -22.49 -69.81
C GLU B 138 -20.71 -23.98 -69.72
N MET B 139 -20.62 -24.50 -68.48
CA MET B 139 -20.40 -25.93 -68.29
C MET B 139 -21.56 -26.74 -68.85
N GLU B 140 -22.79 -26.31 -68.59
CA GLU B 140 -23.96 -27.00 -69.12
C GLU B 140 -23.99 -26.96 -70.63
N ASP B 141 -23.46 -25.90 -71.23
CA ASP B 141 -23.35 -25.84 -72.69
C ASP B 141 -22.37 -26.87 -73.25
N LEU B 142 -21.53 -27.44 -72.40
CA LEU B 142 -20.59 -28.47 -72.82
C LEU B 142 -21.15 -29.88 -72.67
N GLY B 143 -22.39 -30.02 -72.20
CA GLY B 143 -23.03 -31.31 -72.05
C GLY B 143 -23.07 -31.85 -70.64
N PHE B 144 -22.35 -31.24 -69.71
CA PHE B 144 -22.33 -31.71 -68.33
C PHE B 144 -23.52 -31.15 -67.56
N SER B 145 -23.89 -31.85 -66.49
CA SER B 145 -25.09 -31.53 -65.72
C SER B 145 -24.78 -30.86 -64.39
N ASP B 146 -23.88 -31.42 -63.59
CA ASP B 146 -23.59 -30.89 -62.26
C ASP B 146 -22.10 -30.78 -62.05
N PHE B 147 -21.71 -29.86 -61.16
CA PHE B 147 -20.32 -29.69 -60.73
C PHE B 147 -20.33 -29.70 -59.21
N ASN B 148 -19.90 -30.80 -58.62
CA ASN B 148 -19.95 -30.97 -57.17
C ASN B 148 -18.63 -30.53 -56.54
N LEU B 149 -18.74 -29.97 -55.33
CA LEU B 149 -17.58 -29.52 -54.58
C LEU B 149 -17.67 -30.05 -53.16
N GLY B 150 -16.57 -30.62 -52.67
CA GLY B 150 -16.44 -30.98 -51.29
C GLY B 150 -15.28 -30.26 -50.65
N PRO B 151 -15.58 -29.32 -49.76
CA PRO B 151 -14.52 -28.52 -49.14
C PRO B 151 -13.98 -29.12 -47.86
N GLU B 152 -12.73 -28.79 -47.57
CA GLU B 152 -12.06 -29.19 -46.33
C GLU B 152 -11.46 -27.95 -45.68
N PRO B 153 -12.30 -27.07 -45.12
CA PRO B 153 -11.79 -25.82 -44.55
C PRO B 153 -11.14 -26.06 -43.20
N GLU B 154 -9.91 -25.58 -43.04
CA GLU B 154 -9.19 -25.63 -41.79
C GLU B 154 -9.15 -24.25 -41.15
N PHE B 155 -9.14 -24.22 -39.82
CA PHE B 155 -9.14 -22.95 -39.10
C PHE B 155 -8.41 -23.13 -37.78
N PHE B 156 -7.99 -22.00 -37.22
CA PHE B 156 -7.30 -21.96 -35.94
C PHE B 156 -8.21 -21.35 -34.89
N LEU B 157 -8.04 -21.77 -33.64
CA LEU B 157 -8.77 -21.24 -32.51
C LEU B 157 -7.79 -20.56 -31.57
N PHE B 158 -7.98 -19.26 -31.35
CA PHE B 158 -7.11 -18.47 -30.49
C PHE B 158 -7.90 -17.97 -29.29
N LYS B 159 -7.27 -17.99 -28.12
CA LYS B 159 -7.92 -17.52 -26.90
C LYS B 159 -8.05 -16.00 -26.91
N LEU B 160 -9.14 -15.52 -26.33
CA LEU B 160 -9.35 -14.09 -26.16
C LEU B 160 -8.84 -13.65 -24.80
N ASP B 161 -8.44 -12.38 -24.71
CA ASP B 161 -7.97 -11.80 -23.47
C ASP B 161 -9.13 -11.15 -22.72
N GLU B 162 -8.81 -10.37 -21.68
CA GLU B 162 -9.86 -9.73 -20.89
C GLU B 162 -10.67 -8.74 -21.72
N LYS B 163 -10.00 -7.97 -22.57
CA LYS B 163 -10.67 -6.97 -23.39
C LYS B 163 -11.37 -7.57 -24.61
N GLY B 164 -11.40 -8.90 -24.73
CA GLY B 164 -12.08 -9.55 -25.82
C GLY B 164 -11.48 -9.33 -27.19
N GLU B 165 -10.16 -9.40 -27.31
CA GLU B 165 -9.51 -9.35 -28.60
C GLU B 165 -8.54 -10.54 -28.72
N PRO B 166 -8.31 -11.02 -29.94
CA PRO B 166 -7.52 -12.25 -30.09
C PRO B 166 -6.09 -12.09 -29.60
N THR B 167 -5.56 -13.16 -29.03
CA THR B 167 -4.17 -13.28 -28.64
C THR B 167 -3.49 -14.31 -29.53
N LEU B 168 -2.23 -14.61 -29.22
CA LEU B 168 -1.44 -15.59 -29.97
C LEU B 168 -1.36 -16.94 -29.29
N GLU B 169 -2.18 -17.17 -28.26
CA GLU B 169 -2.18 -18.44 -27.55
C GLU B 169 -3.25 -19.36 -28.13
N LEU B 170 -2.84 -20.58 -28.49
CA LEU B 170 -3.76 -21.54 -29.07
C LEU B 170 -4.60 -22.21 -27.97
N ASN B 171 -5.74 -22.76 -28.38
CA ASN B 171 -6.68 -23.31 -27.42
C ASN B 171 -6.20 -24.65 -26.85
N ASP B 172 -5.42 -25.41 -27.62
CA ASP B 172 -4.93 -26.70 -27.15
C ASP B 172 -3.63 -27.05 -27.87
N LYS B 173 -2.85 -27.91 -27.23
CA LYS B 173 -1.64 -28.46 -27.83
C LYS B 173 -1.91 -29.82 -28.46
N GLY B 174 -2.86 -29.83 -29.39
CA GLY B 174 -3.30 -31.05 -30.03
C GLY B 174 -2.42 -31.46 -31.20
N GLY B 175 -2.76 -32.61 -31.77
CA GLY B 175 -2.02 -33.13 -32.90
C GLY B 175 -2.92 -33.69 -33.99
N TYR B 176 -2.32 -34.32 -35.00
CA TYR B 176 -3.07 -34.85 -36.12
C TYR B 176 -3.99 -35.98 -35.67
N PHE B 177 -5.30 -35.79 -35.87
CA PHE B 177 -6.33 -36.77 -35.54
C PHE B 177 -6.33 -37.15 -34.07
N ASP B 178 -5.76 -36.31 -33.21
CA ASP B 178 -5.64 -36.62 -31.80
C ASP B 178 -6.98 -36.50 -31.08
N LEU B 179 -7.12 -37.25 -30.00
CA LEU B 179 -8.22 -37.05 -29.05
C LEU B 179 -7.82 -36.00 -28.01
N ALA B 180 -7.46 -34.82 -28.52
CA ALA B 180 -6.90 -33.77 -27.68
C ALA B 180 -7.95 -33.03 -26.86
N PRO B 181 -9.02 -32.50 -27.45
CA PRO B 181 -10.01 -31.78 -26.63
C PRO B 181 -10.68 -32.66 -25.58
N THR B 182 -10.84 -33.95 -25.86
CA THR B 182 -11.45 -34.90 -24.95
C THR B 182 -12.85 -34.49 -24.51
N ASP B 183 -13.34 -35.12 -23.44
CA ASP B 183 -14.63 -34.81 -22.83
C ASP B 183 -14.42 -33.70 -21.79
N LEU B 184 -15.40 -33.52 -20.91
CA LEU B 184 -15.32 -32.56 -19.81
C LEU B 184 -15.30 -31.12 -20.32
N GLY B 185 -16.32 -30.74 -21.09
CA GLY B 185 -16.44 -29.36 -21.50
C GLY B 185 -15.48 -29.01 -22.63
N GLU B 186 -15.43 -27.71 -22.91
CA GLU B 186 -14.65 -27.15 -24.02
C GLU B 186 -15.05 -27.89 -25.29
N ASN B 187 -14.11 -28.41 -26.08
CA ASN B 187 -14.40 -29.11 -27.32
C ASN B 187 -15.27 -28.25 -28.24
N CYS B 188 -14.72 -27.09 -28.63
CA CYS B 188 -15.46 -26.18 -29.49
C CYS B 188 -15.77 -26.81 -30.84
N ARG B 189 -14.89 -27.71 -31.31
CA ARG B 189 -15.16 -28.39 -32.58
C ARG B 189 -16.42 -29.23 -32.50
N ARG B 190 -16.60 -29.97 -31.40
CA ARG B 190 -17.81 -30.77 -31.23
C ARG B 190 -19.06 -29.90 -31.22
N ASP B 191 -19.02 -28.79 -30.48
CA ASP B 191 -20.17 -27.91 -30.40
C ASP B 191 -20.48 -27.30 -31.76
N ILE B 192 -19.44 -26.90 -32.50
CA ILE B 192 -19.65 -26.34 -33.84
C ILE B 192 -20.28 -27.38 -34.74
N VAL B 193 -19.80 -28.62 -34.70
CA VAL B 193 -20.34 -29.66 -35.57
C VAL B 193 -21.81 -29.92 -35.24
N LEU B 194 -22.13 -30.06 -33.96
CA LEU B 194 -23.50 -30.33 -33.57
C LEU B 194 -24.42 -29.17 -33.94
N GLU B 195 -23.96 -27.93 -33.71
CA GLU B 195 -24.78 -26.76 -34.01
C GLU B 195 -25.03 -26.65 -35.51
N LEU B 196 -23.99 -26.91 -36.32
CA LEU B 196 -24.14 -26.91 -37.76
C LEU B 196 -25.11 -27.99 -38.20
N GLU B 197 -25.05 -29.17 -37.57
CA GLU B 197 -26.02 -30.22 -37.87
C GLU B 197 -27.44 -29.75 -37.57
N GLU B 198 -27.62 -28.97 -36.50
CA GLU B 198 -28.94 -28.48 -36.15
C GLU B 198 -29.47 -27.45 -37.13
N MET B 199 -28.60 -26.81 -37.93
CA MET B 199 -29.04 -25.82 -38.89
C MET B 199 -29.23 -26.40 -40.30
N GLY B 200 -29.09 -27.71 -40.48
CA GLY B 200 -29.29 -28.32 -41.77
C GLY B 200 -28.04 -28.58 -42.57
N PHE B 201 -26.86 -28.35 -41.99
CA PHE B 201 -25.62 -28.70 -42.69
C PHE B 201 -25.44 -30.21 -42.72
N GLU B 202 -24.70 -30.68 -43.72
CA GLU B 202 -24.39 -32.10 -43.88
C GLU B 202 -22.90 -32.27 -43.60
N ILE B 203 -22.57 -32.47 -42.34
CA ILE B 203 -21.17 -32.62 -41.91
C ILE B 203 -20.74 -34.06 -42.11
N GLU B 204 -19.63 -34.25 -42.83
CA GLU B 204 -19.12 -35.60 -43.08
C GLU B 204 -18.32 -36.11 -41.88
N ALA B 205 -17.24 -35.41 -41.54
CA ALA B 205 -16.39 -35.81 -40.42
C ALA B 205 -15.59 -34.60 -39.96
N SER B 206 -15.05 -34.70 -38.75
CA SER B 206 -14.22 -33.65 -38.18
C SER B 206 -13.09 -34.28 -37.38
N HIS B 207 -11.97 -33.56 -37.30
CA HIS B 207 -10.80 -34.06 -36.58
C HIS B 207 -9.89 -32.90 -36.24
N HIS B 208 -8.96 -33.16 -35.33
CA HIS B 208 -7.93 -32.18 -35.00
C HIS B 208 -6.84 -32.20 -36.06
N GLU B 209 -6.39 -31.02 -36.47
CA GLU B 209 -5.44 -30.89 -37.56
C GLU B 209 -4.01 -31.06 -37.03
N VAL B 210 -3.04 -30.95 -37.94
CA VAL B 210 -1.65 -31.21 -37.58
C VAL B 210 -1.16 -30.19 -36.56
N ALA B 211 -1.40 -28.91 -36.81
CA ALA B 211 -0.89 -27.87 -35.94
C ALA B 211 -1.69 -27.79 -34.65
N PRO B 212 -1.07 -27.37 -33.55
CA PRO B 212 -1.82 -27.15 -32.32
C PRO B 212 -2.89 -26.07 -32.51
N GLY B 213 -4.04 -26.29 -31.91
CA GLY B 213 -5.13 -25.33 -32.03
C GLY B 213 -5.73 -25.23 -33.41
N GLN B 214 -5.48 -26.20 -34.28
CA GLN B 214 -6.00 -26.21 -35.64
C GLN B 214 -7.00 -27.34 -35.80
N HIS B 215 -8.13 -27.03 -36.45
CA HIS B 215 -9.24 -27.97 -36.56
C HIS B 215 -9.76 -27.98 -38.00
N GLU B 216 -10.39 -29.08 -38.37
CA GLU B 216 -10.98 -29.24 -39.69
C GLU B 216 -12.35 -29.87 -39.58
N ILE B 217 -13.30 -29.33 -40.34
CA ILE B 217 -14.65 -29.88 -40.44
C ILE B 217 -14.97 -30.05 -41.93
N ASP B 218 -15.37 -31.26 -42.32
CA ASP B 218 -15.62 -31.59 -43.72
C ASP B 218 -17.11 -31.72 -43.96
N PHE B 219 -17.60 -31.08 -45.02
CA PHE B 219 -18.99 -31.18 -45.42
C PHE B 219 -19.17 -32.27 -46.46
N LYS B 220 -20.41 -32.73 -46.59
CA LYS B 220 -20.76 -33.60 -47.71
C LYS B 220 -20.74 -32.81 -49.01
N TYR B 221 -20.33 -33.46 -50.09
CA TYR B 221 -20.26 -32.79 -51.38
C TYR B 221 -21.66 -32.40 -51.84
N ALA B 222 -21.76 -31.24 -52.48
CA ALA B 222 -23.02 -30.72 -52.98
C ALA B 222 -22.73 -29.88 -54.22
N GLY B 223 -23.76 -29.21 -54.73
CA GLY B 223 -23.60 -28.35 -55.89
C GLY B 223 -22.69 -27.17 -55.60
N ALA B 224 -22.14 -26.62 -56.68
CA ALA B 224 -21.13 -25.57 -56.54
C ALA B 224 -21.68 -24.35 -55.80
N VAL B 225 -22.84 -23.85 -56.25
CA VAL B 225 -23.43 -22.68 -55.61
C VAL B 225 -23.80 -23.01 -54.16
N ARG B 226 -24.42 -24.17 -53.94
CA ARG B 226 -24.78 -24.58 -52.60
C ARG B 226 -23.54 -24.75 -51.72
N SER B 227 -22.47 -25.33 -52.28
CA SER B 227 -21.24 -25.51 -51.52
C SER B 227 -20.63 -24.16 -51.12
N CYS B 228 -20.62 -23.20 -52.04
CA CYS B 228 -20.05 -21.88 -51.71
C CYS B 228 -20.90 -21.16 -50.66
N ASP B 229 -22.22 -21.24 -50.79
CA ASP B 229 -23.09 -20.66 -49.77
C ASP B 229 -22.86 -21.32 -48.42
N ASP B 230 -22.69 -22.64 -48.41
CA ASP B 230 -22.40 -23.35 -47.18
C ASP B 230 -21.05 -22.94 -46.60
N ILE B 231 -20.07 -22.68 -47.46
CA ILE B 231 -18.76 -22.24 -46.98
C ILE B 231 -18.89 -20.88 -46.29
N GLN B 232 -19.60 -19.95 -46.90
CA GLN B 232 -19.78 -18.63 -46.29
C GLN B 232 -20.53 -18.73 -44.96
N THR B 233 -21.62 -19.49 -44.95
CA THR B 233 -22.39 -19.66 -43.72
C THR B 233 -21.55 -20.37 -42.66
N PHE B 234 -20.72 -21.32 -43.08
CA PHE B 234 -19.85 -22.03 -42.15
C PHE B 234 -18.85 -21.10 -41.50
N LYS B 235 -18.24 -20.21 -42.29
CA LYS B 235 -17.33 -19.23 -41.71
C LYS B 235 -18.05 -18.36 -40.69
N LEU B 236 -19.22 -17.86 -41.05
CA LEU B 236 -19.97 -17.00 -40.12
C LEU B 236 -20.31 -17.74 -38.84
N VAL B 237 -20.83 -18.95 -38.95
CA VAL B 237 -21.27 -19.72 -37.78
C VAL B 237 -20.09 -20.11 -36.91
N VAL B 238 -18.96 -20.50 -37.53
CA VAL B 238 -17.79 -20.86 -36.76
C VAL B 238 -17.27 -19.66 -35.98
N LYS B 239 -17.21 -18.49 -36.62
CA LYS B 239 -16.77 -17.29 -35.91
C LYS B 239 -17.69 -16.98 -34.73
N THR B 240 -19.01 -17.06 -34.96
CA THR B 240 -19.96 -16.76 -33.89
C THR B 240 -19.82 -17.73 -32.73
N ILE B 241 -19.76 -19.04 -33.02
CA ILE B 241 -19.71 -20.02 -31.96
C ILE B 241 -18.40 -19.94 -31.20
N ALA B 242 -17.29 -19.69 -31.91
CA ALA B 242 -16.02 -19.48 -31.22
C ALA B 242 -16.09 -18.26 -30.32
N ARG B 243 -16.77 -17.21 -30.77
CA ARG B 243 -16.96 -16.04 -29.91
C ARG B 243 -17.78 -16.40 -28.67
N LYS B 244 -18.71 -17.35 -28.81
CA LYS B 244 -19.44 -17.83 -27.62
C LYS B 244 -18.49 -18.43 -26.59
N HIS B 245 -17.55 -19.26 -27.02
CA HIS B 245 -16.69 -20.00 -26.10
C HIS B 245 -15.49 -19.19 -25.62
N GLY B 246 -15.51 -17.87 -25.80
CA GLY B 246 -14.36 -17.07 -25.46
C GLY B 246 -13.13 -17.40 -26.28
N LEU B 247 -13.32 -17.62 -27.58
CA LEU B 247 -12.24 -17.99 -28.49
C LEU B 247 -12.34 -17.16 -29.75
N HIS B 248 -11.23 -17.07 -30.47
CA HIS B 248 -11.18 -16.40 -31.77
C HIS B 248 -10.91 -17.44 -32.85
N ALA B 249 -11.82 -17.52 -33.81
CA ALA B 249 -11.66 -18.41 -34.95
C ALA B 249 -11.22 -17.60 -36.15
N THR B 250 -10.11 -18.00 -36.77
CA THR B 250 -9.58 -17.31 -37.93
C THR B 250 -9.33 -18.29 -39.06
N PHE B 251 -9.68 -17.88 -40.28
CA PHE B 251 -9.37 -18.63 -41.48
C PHE B 251 -8.16 -18.07 -42.21
N MET B 252 -7.27 -17.39 -41.48
CA MET B 252 -6.06 -16.85 -42.05
C MET B 252 -5.19 -17.98 -42.58
N PRO B 253 -4.65 -17.87 -43.80
CA PRO B 253 -3.88 -19.00 -44.37
C PRO B 253 -2.69 -19.41 -43.53
N LYS B 254 -1.99 -18.47 -42.91
CA LYS B 254 -0.80 -18.78 -42.11
C LYS B 254 -0.67 -17.77 -40.98
N PRO B 255 -1.40 -17.99 -39.88
CA PRO B 255 -1.31 -17.05 -38.75
C PRO B 255 0.06 -17.06 -38.07
N LEU B 256 0.77 -18.19 -38.07
CA LEU B 256 2.03 -18.30 -37.33
C LEU B 256 3.11 -18.90 -38.21
N PHE B 257 4.35 -18.46 -37.96
CA PHE B 257 5.52 -18.97 -38.66
C PHE B 257 6.01 -20.25 -38.02
N GLY B 258 6.52 -21.16 -38.84
CA GLY B 258 7.03 -22.42 -38.35
C GLY B 258 5.97 -23.43 -37.97
N VAL B 259 4.71 -23.15 -38.30
CA VAL B 259 3.58 -24.00 -37.94
C VAL B 259 2.73 -24.21 -39.18
N ASN B 260 2.10 -25.37 -39.26
CA ASN B 260 1.29 -25.72 -40.43
C ASN B 260 0.23 -24.66 -40.70
N GLY B 261 0.05 -24.32 -41.97
CA GLY B 261 -0.96 -23.37 -42.37
C GLY B 261 -2.33 -24.00 -42.50
N SER B 262 -3.28 -23.17 -42.92
CA SER B 262 -4.67 -23.58 -43.07
C SER B 262 -5.04 -23.59 -44.54
N GLY B 263 -5.53 -24.73 -45.03
CA GLY B 263 -5.96 -24.87 -46.40
C GLY B 263 -7.45 -25.16 -46.49
N MET B 264 -7.96 -25.07 -47.71
CA MET B 264 -9.38 -25.33 -47.99
C MET B 264 -9.44 -26.24 -49.23
N HIS B 265 -8.73 -27.36 -49.14
CA HIS B 265 -8.70 -28.38 -50.20
C HIS B 265 -10.09 -28.58 -50.81
N CYS B 266 -10.15 -28.50 -52.13
CA CYS B 266 -11.42 -28.55 -52.86
C CYS B 266 -11.49 -29.85 -53.65
N ASN B 267 -12.44 -30.71 -53.29
CA ASN B 267 -12.68 -31.95 -54.01
C ASN B 267 -13.72 -31.69 -55.09
N LEU B 268 -13.31 -31.78 -56.35
CA LEU B 268 -14.15 -31.45 -57.49
C LEU B 268 -14.54 -32.72 -58.23
N SER B 269 -15.82 -32.85 -58.56
CA SER B 269 -16.32 -33.97 -59.34
C SER B 269 -17.30 -33.45 -60.38
N LEU B 270 -17.15 -33.90 -61.61
CA LEU B 270 -17.98 -33.48 -62.72
C LEU B 270 -18.96 -34.58 -63.08
N PHE B 271 -20.23 -34.23 -63.24
CA PHE B 271 -21.29 -35.19 -63.51
C PHE B 271 -21.90 -34.93 -64.88
N LYS B 272 -22.19 -36.01 -65.60
CA LYS B 272 -22.84 -35.95 -66.89
C LYS B 272 -24.00 -36.93 -66.88
N ASN B 273 -25.21 -36.42 -67.15
CA ASN B 273 -26.44 -37.22 -67.15
C ASN B 273 -26.66 -37.91 -65.80
N GLY B 274 -26.24 -37.26 -64.72
CA GLY B 274 -26.44 -37.80 -63.39
C GLY B 274 -25.41 -38.83 -62.95
N VAL B 275 -24.41 -39.13 -63.76
CA VAL B 275 -23.37 -40.08 -63.39
C VAL B 275 -22.03 -39.36 -63.41
N ASN B 276 -21.08 -39.91 -62.64
CA ASN B 276 -19.76 -39.31 -62.53
C ASN B 276 -19.01 -39.46 -63.85
N ALA B 277 -18.54 -38.34 -64.39
CA ALA B 277 -17.83 -38.34 -65.66
C ALA B 277 -16.33 -38.57 -65.50
N PHE B 278 -15.82 -38.59 -64.28
CA PHE B 278 -14.39 -38.81 -64.04
C PHE B 278 -14.03 -40.28 -63.90
N PHE B 279 -15.02 -41.18 -63.84
CA PHE B 279 -14.78 -42.58 -63.53
C PHE B 279 -14.90 -43.42 -64.80
N ASP B 280 -13.92 -44.30 -65.00
CA ASP B 280 -13.93 -45.25 -66.11
C ASP B 280 -13.35 -46.57 -65.59
N GLU B 281 -14.16 -47.62 -65.56
CA GLU B 281 -13.76 -48.87 -64.93
C GLU B 281 -12.59 -49.52 -65.65
N ASN B 282 -12.56 -49.47 -66.97
CA ASN B 282 -11.57 -50.19 -67.77
C ASN B 282 -10.34 -49.36 -68.12
N ALA B 283 -10.25 -48.13 -67.62
CA ALA B 283 -9.15 -47.24 -67.96
C ALA B 283 -8.05 -47.32 -66.90
N ASP B 284 -6.89 -46.79 -67.26
CA ASP B 284 -5.76 -46.76 -66.33
C ASP B 284 -6.10 -45.85 -65.16
N LEU B 285 -5.76 -46.31 -63.96
CA LEU B 285 -6.09 -45.64 -62.70
C LEU B 285 -7.58 -45.48 -62.49
N GLN B 286 -8.40 -46.16 -63.29
CA GLN B 286 -9.85 -46.03 -63.25
C GLN B 286 -10.29 -44.58 -63.47
N LEU B 287 -9.59 -43.89 -64.35
CA LEU B 287 -9.84 -42.48 -64.63
C LEU B 287 -10.27 -42.31 -66.08
N SER B 288 -11.39 -41.62 -66.28
CA SER B 288 -11.89 -41.38 -67.62
C SER B 288 -11.02 -40.36 -68.36
N GLU B 289 -11.21 -40.30 -69.68
CA GLU B 289 -10.50 -39.30 -70.48
C GLU B 289 -10.92 -37.89 -70.11
N THR B 290 -12.19 -37.71 -69.72
CA THR B 290 -12.64 -36.41 -69.24
C THR B 290 -11.87 -35.97 -68.00
N ALA B 291 -11.61 -36.92 -67.09
CA ALA B 291 -10.83 -36.60 -65.90
C ALA B 291 -9.41 -36.18 -66.26
N LYS B 292 -8.79 -36.86 -67.22
CA LYS B 292 -7.45 -36.49 -67.65
C LYS B 292 -7.43 -35.11 -68.29
N HIS B 293 -8.43 -34.80 -69.11
CA HIS B 293 -8.53 -33.48 -69.71
C HIS B 293 -8.73 -32.41 -68.63
N PHE B 294 -9.56 -32.69 -67.63
CA PHE B 294 -9.75 -31.77 -66.52
C PHE B 294 -8.44 -31.51 -65.78
N ILE B 295 -7.69 -32.58 -65.51
CA ILE B 295 -6.42 -32.45 -64.80
C ILE B 295 -5.44 -31.63 -65.64
N ALA B 296 -5.40 -31.87 -66.95
CA ALA B 296 -4.53 -31.10 -67.82
C ALA B 296 -4.90 -29.62 -67.82
N GLY B 297 -6.20 -29.33 -67.86
CA GLY B 297 -6.63 -27.94 -67.81
C GLY B 297 -6.28 -27.26 -66.51
N ILE B 298 -6.42 -27.97 -65.39
CA ILE B 298 -6.06 -27.39 -64.10
C ILE B 298 -4.56 -27.17 -64.03
N VAL B 299 -3.77 -28.12 -64.55
CA VAL B 299 -2.31 -27.98 -64.52
C VAL B 299 -1.87 -26.79 -65.36
N LYS B 300 -2.48 -26.62 -66.54
CA LYS B 300 -2.04 -25.57 -67.47
C LYS B 300 -2.20 -24.18 -66.86
N HIS B 301 -3.33 -23.94 -66.19
CA HIS B 301 -3.67 -22.62 -65.68
C HIS B 301 -3.35 -22.48 -64.19
N ALA B 302 -2.64 -23.45 -63.59
CA ALA B 302 -2.46 -23.45 -62.15
C ALA B 302 -1.74 -22.20 -61.66
N THR B 303 -0.68 -21.79 -62.36
CA THR B 303 0.03 -20.58 -61.96
C THR B 303 -0.77 -19.31 -62.22
N SER B 304 -1.83 -19.38 -63.03
CA SER B 304 -2.60 -18.19 -63.39
C SER B 304 -3.73 -17.89 -62.41
N PHE B 305 -4.44 -18.91 -61.94
CA PHE B 305 -5.54 -18.67 -61.01
C PHE B 305 -5.10 -18.69 -59.56
N THR B 306 -3.79 -18.84 -59.29
CA THR B 306 -3.31 -18.79 -57.92
C THR B 306 -3.63 -17.47 -57.25
N ALA B 307 -3.63 -16.38 -58.01
CA ALA B 307 -4.00 -15.07 -57.46
C ALA B 307 -5.44 -15.07 -56.96
N VAL B 308 -6.31 -15.85 -57.59
CA VAL B 308 -7.71 -15.90 -57.14
C VAL B 308 -7.88 -16.89 -56.00
N THR B 309 -7.27 -18.07 -56.10
CA THR B 309 -7.39 -19.06 -55.04
C THR B 309 -6.55 -18.71 -53.82
N ASN B 310 -5.53 -17.87 -53.97
CA ASN B 310 -4.70 -17.39 -52.87
C ASN B 310 -4.62 -15.88 -52.98
N PRO B 311 -5.67 -15.17 -52.58
CA PRO B 311 -5.78 -13.73 -52.88
C PRO B 311 -5.13 -12.79 -51.87
N THR B 312 -4.53 -13.29 -50.80
CA THR B 312 -3.95 -12.44 -49.78
C THR B 312 -2.43 -12.51 -49.82
N VAL B 313 -1.81 -11.50 -49.20
CA VAL B 313 -0.35 -11.50 -49.05
C VAL B 313 0.09 -12.67 -48.17
N ASN B 314 -0.64 -12.91 -47.08
CA ASN B 314 -0.32 -13.99 -46.17
C ASN B 314 -0.52 -15.37 -46.80
N SER B 315 -1.27 -15.44 -47.90
CA SER B 315 -1.53 -16.73 -48.54
C SER B 315 -0.24 -17.38 -49.03
N TYR B 316 0.77 -16.58 -49.35
CA TYR B 316 2.01 -17.12 -49.93
C TYR B 316 3.07 -17.41 -48.88
N LYS B 317 2.82 -17.06 -47.61
CA LYS B 317 3.62 -17.61 -46.52
C LYS B 317 3.23 -19.04 -46.20
N ARG B 318 2.02 -19.47 -46.56
CA ARG B 318 1.65 -20.87 -46.45
C ARG B 318 2.29 -21.71 -47.54
N LEU B 319 2.39 -21.15 -48.75
CA LEU B 319 2.95 -21.87 -49.90
C LEU B 319 4.48 -21.92 -49.81
N VAL B 320 4.95 -22.55 -48.74
CA VAL B 320 6.38 -22.74 -48.51
C VAL B 320 6.62 -24.23 -48.25
N PRO B 321 7.78 -24.77 -48.61
CA PRO B 321 7.99 -26.21 -48.45
C PRO B 321 8.04 -26.63 -46.99
N GLY B 322 7.64 -27.87 -46.75
CA GLY B 322 7.77 -28.49 -45.45
C GLY B 322 6.55 -28.46 -44.56
N TYR B 323 5.39 -28.04 -45.07
CA TYR B 323 4.19 -27.94 -44.24
C TYR B 323 2.98 -28.53 -44.95
N GLU B 324 3.21 -29.47 -45.88
CA GLU B 324 2.20 -30.19 -46.63
C GLU B 324 1.44 -29.30 -47.61
N ALA B 325 1.71 -28.00 -47.64
CA ALA B 325 1.09 -27.13 -48.62
C ALA B 325 1.76 -27.29 -49.98
N PRO B 326 1.01 -27.21 -51.07
CA PRO B 326 1.62 -27.34 -52.39
C PRO B 326 2.52 -26.17 -52.72
N CYS B 327 3.58 -26.46 -53.47
CA CYS B 327 4.50 -25.43 -53.95
C CYS B 327 4.86 -25.57 -55.42
N TYR B 328 4.46 -26.67 -56.06
CA TYR B 328 4.79 -26.91 -57.46
C TYR B 328 3.57 -27.47 -58.17
N VAL B 329 3.52 -27.29 -59.48
CA VAL B 329 2.38 -27.69 -60.29
C VAL B 329 2.59 -29.14 -60.72
N ALA B 330 1.91 -30.06 -60.05
CA ALA B 330 1.97 -31.48 -60.39
C ALA B 330 0.75 -32.17 -59.80
N TRP B 331 0.45 -33.35 -60.33
CA TRP B 331 -0.67 -34.15 -59.85
C TRP B 331 -0.19 -35.57 -59.54
N SER B 332 -0.82 -36.19 -58.56
CA SER B 332 -0.39 -37.50 -58.09
C SER B 332 -1.53 -38.16 -57.34
N ALA B 333 -1.39 -39.47 -57.14
CA ALA B 333 -2.29 -40.22 -56.28
C ALA B 333 -1.76 -40.39 -54.86
N GLN B 334 -0.44 -40.34 -54.68
CA GLN B 334 0.16 -40.45 -53.36
C GLN B 334 1.51 -39.75 -53.40
N ASN B 335 1.59 -38.57 -52.80
CA ASN B 335 2.83 -37.80 -52.78
C ASN B 335 2.79 -36.82 -51.62
N ARG B 336 3.95 -36.28 -51.29
CA ARG B 336 4.06 -35.28 -50.24
C ARG B 336 3.71 -33.91 -50.81
N SER B 337 2.57 -33.38 -50.39
CA SER B 337 2.10 -32.06 -50.80
C SER B 337 2.01 -31.89 -52.32
N PRO B 338 1.17 -32.66 -53.00
CA PRO B 338 0.94 -32.41 -54.42
C PRO B 338 -0.09 -31.32 -54.64
N LEU B 339 0.01 -30.65 -55.79
CA LEU B 339 -0.98 -29.63 -56.12
C LEU B 339 -2.35 -30.25 -56.35
N ILE B 340 -2.40 -31.33 -57.11
CA ILE B 340 -3.65 -32.05 -57.40
C ILE B 340 -3.49 -33.46 -56.87
N ARG B 341 -4.43 -33.88 -56.02
CA ARG B 341 -4.44 -35.23 -55.46
C ARG B 341 -5.73 -35.92 -55.85
N ILE B 342 -5.63 -37.20 -56.19
CA ILE B 342 -6.78 -38.01 -56.57
C ILE B 342 -7.00 -39.04 -55.47
N PRO B 343 -8.10 -38.95 -54.71
CA PRO B 343 -8.33 -39.92 -53.64
C PRO B 343 -8.53 -41.33 -54.18
N ALA B 344 -8.25 -42.30 -53.32
CA ALA B 344 -8.30 -43.70 -53.72
C ALA B 344 -9.73 -44.15 -54.06
N SER B 345 -10.73 -43.52 -53.45
CA SER B 345 -12.11 -43.91 -53.71
C SER B 345 -12.47 -43.65 -55.17
N ARG B 346 -13.27 -44.55 -55.74
CA ARG B 346 -13.64 -44.46 -57.15
C ARG B 346 -15.16 -44.66 -57.28
N GLY B 347 -15.62 -44.74 -58.52
CA GLY B 347 -17.03 -44.91 -58.79
C GLY B 347 -17.76 -43.57 -58.76
N ILE B 348 -18.84 -43.51 -57.98
CA ILE B 348 -19.58 -42.25 -57.85
C ILE B 348 -18.73 -41.20 -57.13
N SER B 349 -17.76 -41.63 -56.32
CA SER B 349 -16.95 -40.74 -55.51
C SER B 349 -15.63 -40.35 -56.17
N THR B 350 -15.47 -40.65 -57.46
CA THR B 350 -14.27 -40.24 -58.18
C THR B 350 -14.20 -38.72 -58.24
N ARG B 351 -13.11 -38.15 -57.75
CA ARG B 351 -12.98 -36.70 -57.68
C ARG B 351 -11.51 -36.31 -57.79
N VAL B 352 -11.28 -35.04 -58.13
CA VAL B 352 -9.94 -34.46 -58.18
C VAL B 352 -9.88 -33.37 -57.13
N GLU B 353 -8.83 -33.42 -56.30
CA GLU B 353 -8.66 -32.50 -55.18
C GLU B 353 -7.61 -31.47 -55.53
N VAL B 354 -7.96 -30.19 -55.43
CA VAL B 354 -7.02 -29.09 -55.60
C VAL B 354 -6.69 -28.55 -54.21
N ARG B 355 -5.42 -28.69 -53.82
CA ARG B 355 -4.99 -28.42 -52.46
C ARG B 355 -4.36 -27.05 -52.28
N SER B 356 -4.28 -26.24 -53.34
CA SER B 356 -3.69 -24.91 -53.22
C SER B 356 -4.64 -23.89 -52.62
N VAL B 357 -5.95 -24.12 -52.70
CA VAL B 357 -6.93 -23.16 -52.22
C VAL B 357 -6.83 -23.02 -50.71
N ASP B 358 -7.00 -21.80 -50.22
CA ASP B 358 -7.01 -21.49 -48.80
C ASP B 358 -8.35 -20.90 -48.39
N PRO B 359 -8.72 -20.97 -47.12
CA PRO B 359 -10.04 -20.47 -46.70
C PRO B 359 -10.24 -18.97 -46.91
N ALA B 360 -9.17 -18.20 -47.09
CA ALA B 360 -9.31 -16.77 -47.33
C ALA B 360 -9.83 -16.45 -48.73
N ALA B 361 -9.80 -17.41 -49.64
CA ALA B 361 -10.25 -17.17 -51.01
C ALA B 361 -11.76 -16.96 -51.06
N ASN B 362 -12.19 -16.22 -52.07
CA ASN B 362 -13.62 -16.08 -52.34
C ASN B 362 -14.12 -17.40 -52.94
N PRO B 363 -15.06 -18.08 -52.30
CA PRO B 363 -15.49 -19.39 -52.83
C PRO B 363 -16.04 -19.32 -54.24
N TYR B 364 -16.83 -18.30 -54.55
CA TYR B 364 -17.42 -18.20 -55.88
C TYR B 364 -16.37 -17.97 -56.96
N LEU B 365 -15.45 -17.03 -56.71
CA LEU B 365 -14.41 -16.74 -57.68
C LEU B 365 -13.46 -17.93 -57.86
N ALA B 366 -13.07 -18.56 -56.74
CA ALA B 366 -12.18 -19.72 -56.82
C ALA B 366 -12.83 -20.86 -57.58
N LEU B 367 -14.10 -21.14 -57.30
CA LEU B 367 -14.81 -22.18 -58.03
C LEU B 367 -14.93 -21.82 -59.50
N SER B 368 -15.19 -20.54 -59.80
CA SER B 368 -15.30 -20.11 -61.19
C SER B 368 -14.01 -20.34 -61.95
N VAL B 369 -12.87 -19.95 -61.37
CA VAL B 369 -11.60 -20.10 -62.09
C VAL B 369 -11.22 -21.57 -62.21
N LEU B 370 -11.47 -22.36 -61.17
CA LEU B 370 -11.17 -23.80 -61.25
C LEU B 370 -12.01 -24.46 -62.33
N LEU B 371 -13.31 -24.16 -62.36
CA LEU B 371 -14.19 -24.74 -63.37
C LEU B 371 -13.81 -24.28 -64.76
N ALA B 372 -13.44 -23.00 -64.92
CA ALA B 372 -13.02 -22.50 -66.22
C ALA B 372 -11.76 -23.20 -66.70
N ALA B 373 -10.78 -23.40 -65.82
CA ALA B 373 -9.58 -24.12 -66.21
C ALA B 373 -9.89 -25.55 -66.60
N GLY B 374 -10.74 -26.23 -65.81
CA GLY B 374 -11.09 -27.60 -66.14
C GLY B 374 -11.83 -27.72 -67.46
N LEU B 375 -12.75 -26.79 -67.73
CA LEU B 375 -13.47 -26.80 -68.99
C LEU B 375 -12.54 -26.48 -70.16
N ASP B 376 -11.57 -25.59 -69.95
CA ASP B 376 -10.58 -25.32 -70.99
C ASP B 376 -9.78 -26.57 -71.31
N GLY B 377 -9.41 -27.34 -70.29
CA GLY B 377 -8.76 -28.61 -70.54
C GLY B 377 -9.65 -29.59 -71.28
N ILE B 378 -10.93 -29.63 -70.94
CA ILE B 378 -11.86 -30.55 -71.59
C ILE B 378 -12.13 -30.11 -73.02
N LYS B 379 -12.37 -28.81 -73.23
CA LYS B 379 -12.75 -28.32 -74.55
C LYS B 379 -11.66 -28.54 -75.58
N ASN B 380 -10.41 -28.29 -75.22
CA ASN B 380 -9.29 -28.43 -76.15
C ASN B 380 -8.65 -29.81 -76.10
N LYS B 381 -9.15 -30.72 -75.26
CA LYS B 381 -8.62 -32.07 -75.12
C LYS B 381 -7.11 -32.05 -74.86
N LEU B 382 -6.70 -31.22 -73.90
CA LEU B 382 -5.30 -31.15 -73.54
C LEU B 382 -4.84 -32.47 -72.91
N GLU B 383 -3.56 -32.78 -73.11
CA GLU B 383 -2.98 -34.03 -72.62
C GLU B 383 -2.38 -33.79 -71.24
N ALA B 384 -2.82 -34.59 -70.26
CA ALA B 384 -2.31 -34.44 -68.91
C ALA B 384 -0.86 -34.93 -68.83
N PRO B 385 -0.03 -34.29 -68.02
CA PRO B 385 1.34 -34.77 -67.84
C PRO B 385 1.37 -36.04 -67.00
N ALA B 386 2.52 -36.69 -66.99
CA ALA B 386 2.69 -37.91 -66.22
C ALA B 386 2.58 -37.61 -64.73
N PRO B 387 1.91 -38.46 -63.96
CA PRO B 387 1.83 -38.24 -62.51
C PRO B 387 3.20 -38.40 -61.86
N ILE B 388 3.38 -37.68 -60.76
CA ILE B 388 4.67 -37.62 -60.06
C ILE B 388 4.58 -38.45 -58.79
N ASP B 389 5.48 -39.41 -58.64
CA ASP B 389 5.51 -40.28 -57.46
C ASP B 389 6.91 -40.42 -56.88
N ARG B 390 7.79 -39.44 -57.11
CA ARG B 390 9.22 -39.64 -56.83
C ARG B 390 9.76 -38.54 -55.91
N ASN B 391 8.88 -37.75 -55.29
CA ASN B 391 9.25 -36.74 -54.29
C ASN B 391 10.16 -35.66 -54.89
N ILE B 392 9.54 -34.84 -55.73
CA ILE B 392 10.17 -33.67 -56.35
C ILE B 392 10.95 -32.81 -55.37
N TYR B 393 10.58 -32.86 -54.08
CA TYR B 393 11.34 -32.12 -53.07
C TYR B 393 12.78 -32.61 -52.96
N VAL B 394 13.07 -33.83 -53.45
CA VAL B 394 14.43 -34.35 -53.38
C VAL B 394 15.36 -33.55 -54.29
N MET B 395 14.95 -33.31 -55.53
CA MET B 395 15.82 -32.64 -56.48
C MET B 395 15.69 -31.13 -56.37
N SER B 396 16.64 -30.43 -56.99
CA SER B 396 16.69 -28.97 -56.95
C SER B 396 15.69 -28.38 -57.95
N LYS B 397 15.50 -27.06 -57.85
CA LYS B 397 14.59 -26.37 -58.76
C LYS B 397 15.04 -26.50 -60.21
N GLU B 398 16.33 -26.32 -60.47
CA GLU B 398 16.86 -26.55 -61.80
C GLU B 398 16.81 -28.04 -62.17
N GLU B 399 16.94 -28.91 -61.18
CA GLU B 399 16.89 -30.35 -61.40
C GLU B 399 15.48 -30.85 -61.71
N ARG B 400 14.47 -30.01 -61.57
CA ARG B 400 13.10 -30.37 -61.92
C ARG B 400 12.46 -29.44 -62.94
N MET B 401 13.12 -28.32 -63.28
CA MET B 401 12.55 -27.42 -64.28
C MET B 401 12.55 -28.04 -65.67
N GLU B 402 13.52 -28.91 -65.95
CA GLU B 402 13.54 -29.59 -67.25
C GLU B 402 12.34 -30.51 -67.44
N ASN B 403 11.73 -30.97 -66.36
CA ASN B 403 10.49 -31.72 -66.45
C ASN B 403 9.31 -30.75 -66.58
N GLY B 404 8.10 -31.26 -66.43
CA GLY B 404 6.93 -30.41 -66.48
C GLY B 404 6.61 -29.69 -65.19
N ILE B 405 7.45 -29.83 -64.18
CA ILE B 405 7.17 -29.26 -62.86
C ILE B 405 7.60 -27.79 -62.85
N VAL B 406 6.64 -26.90 -62.62
CA VAL B 406 6.90 -25.48 -62.49
C VAL B 406 6.48 -25.03 -61.09
N ASP B 407 7.06 -23.91 -60.66
CA ASP B 407 6.81 -23.39 -59.33
C ASP B 407 5.59 -22.49 -59.32
N LEU B 408 4.84 -22.53 -58.22
CA LEU B 408 3.77 -21.58 -58.00
C LEU B 408 4.35 -20.20 -57.72
N PRO B 409 3.58 -19.14 -57.96
CA PRO B 409 4.08 -17.80 -57.66
C PRO B 409 4.46 -17.66 -56.20
N ALA B 410 5.57 -16.96 -55.95
CA ALA B 410 6.12 -16.84 -54.60
C ALA B 410 5.50 -15.70 -53.81
N THR B 411 4.98 -14.68 -54.49
CA THR B 411 4.37 -13.53 -53.83
C THR B 411 3.05 -13.22 -54.50
N LEU B 412 2.26 -12.35 -53.85
CA LEU B 412 0.99 -11.93 -54.43
C LEU B 412 1.19 -11.13 -55.70
N ALA B 413 2.25 -10.31 -55.75
CA ALA B 413 2.53 -9.52 -56.95
C ALA B 413 2.85 -10.43 -58.14
N GLU B 414 3.65 -11.47 -57.92
CA GLU B 414 3.97 -12.39 -59.00
C GLU B 414 2.73 -13.11 -59.51
N ALA B 415 1.86 -13.52 -58.59
CA ALA B 415 0.61 -14.18 -58.98
C ALA B 415 -0.30 -13.23 -59.76
N LEU B 416 -0.33 -11.96 -59.34
CA LEU B 416 -1.10 -10.96 -60.09
C LEU B 416 -0.55 -10.79 -61.49
N GLU B 417 0.77 -10.76 -61.62
CA GLU B 417 1.39 -10.65 -62.95
C GLU B 417 1.04 -11.85 -63.82
N GLU B 418 1.08 -13.05 -63.24
CA GLU B 418 0.72 -14.24 -63.99
C GLU B 418 -0.74 -14.25 -64.38
N PHE B 419 -1.61 -13.77 -63.48
CA PHE B 419 -3.05 -13.81 -63.72
C PHE B 419 -3.46 -12.84 -64.83
N LYS B 420 -2.81 -11.67 -64.89
CA LYS B 420 -3.17 -10.69 -65.90
C LYS B 420 -2.84 -11.19 -67.30
N SER B 421 -1.76 -11.96 -67.44
CA SER B 421 -1.32 -12.40 -68.76
C SER B 421 -2.20 -13.51 -69.32
N ASN B 422 -2.87 -14.27 -68.47
CA ASN B 422 -3.66 -15.42 -68.92
C ASN B 422 -5.00 -14.94 -69.46
N GLU B 423 -5.23 -15.17 -70.75
CA GLU B 423 -6.46 -14.69 -71.38
C GLU B 423 -7.66 -15.49 -70.91
N VAL B 424 -7.51 -16.81 -70.79
CA VAL B 424 -8.64 -17.67 -70.43
C VAL B 424 -9.17 -17.31 -69.05
N MET B 425 -8.27 -17.10 -68.08
CA MET B 425 -8.70 -16.77 -66.73
C MET B 425 -9.31 -15.38 -66.64
N VAL B 426 -9.04 -14.50 -67.61
CA VAL B 426 -9.64 -13.17 -67.58
C VAL B 426 -11.13 -13.26 -67.84
N LYS B 427 -11.54 -14.04 -68.83
CA LYS B 427 -12.98 -14.24 -69.07
C LYS B 427 -13.63 -15.11 -68.02
N ALA B 428 -12.84 -15.78 -67.18
CA ALA B 428 -13.42 -16.62 -66.14
C ALA B 428 -14.23 -15.82 -65.13
N LEU B 429 -13.93 -14.53 -64.95
CA LEU B 429 -14.69 -13.68 -64.06
C LEU B 429 -15.20 -12.41 -64.70
N GLY B 430 -14.95 -12.17 -65.98
CA GLY B 430 -15.46 -11.01 -66.66
C GLY B 430 -14.62 -9.76 -66.40
N GLU B 431 -14.83 -8.76 -67.25
CA GLU B 431 -14.00 -7.56 -67.22
C GLU B 431 -14.21 -6.76 -65.93
N HIS B 432 -15.46 -6.63 -65.47
CA HIS B 432 -15.73 -5.85 -64.27
C HIS B 432 -15.01 -6.43 -63.06
N LEU B 433 -15.23 -7.72 -62.81
CA LEU B 433 -14.57 -8.38 -61.69
C LEU B 433 -13.07 -8.37 -61.86
N PHE B 434 -12.59 -8.57 -63.09
CA PHE B 434 -11.14 -8.59 -63.33
C PHE B 434 -10.50 -7.27 -62.95
N GLU B 435 -11.02 -6.16 -63.49
CA GLU B 435 -10.42 -4.86 -63.18
C GLU B 435 -10.51 -4.52 -61.71
N HIS B 436 -11.67 -4.76 -61.09
CA HIS B 436 -11.79 -4.37 -59.68
C HIS B 436 -10.93 -5.23 -58.78
N PHE B 437 -10.87 -6.55 -59.05
CA PHE B 437 -10.00 -7.43 -58.28
C PHE B 437 -8.54 -7.05 -58.44
N ILE B 438 -8.12 -6.76 -59.67
CA ILE B 438 -6.73 -6.39 -59.91
C ILE B 438 -6.38 -5.09 -59.19
N GLU B 439 -7.28 -4.10 -59.26
CA GLU B 439 -7.03 -2.84 -58.57
C GLU B 439 -6.91 -3.05 -57.06
N ALA B 440 -7.85 -3.79 -56.48
CA ALA B 440 -7.82 -4.02 -55.03
C ALA B 440 -6.56 -4.76 -54.61
N LYS B 441 -6.18 -5.80 -55.36
CA LYS B 441 -5.00 -6.58 -54.99
C LYS B 441 -3.72 -5.80 -55.21
N GLU B 442 -3.65 -4.96 -56.24
CA GLU B 442 -2.47 -4.13 -56.43
C GLU B 442 -2.32 -3.12 -55.30
N ILE B 443 -3.43 -2.53 -54.86
CA ILE B 443 -3.37 -1.63 -53.71
C ILE B 443 -2.92 -2.39 -52.46
N GLU B 444 -3.45 -3.60 -52.27
CA GLU B 444 -3.07 -4.41 -51.12
C GLU B 444 -1.57 -4.70 -51.12
N TRP B 445 -1.03 -5.08 -52.28
CA TRP B 445 0.40 -5.36 -52.37
C TRP B 445 1.23 -4.10 -52.15
N ASP B 446 0.79 -2.97 -52.71
CA ASP B 446 1.54 -1.73 -52.55
C ASP B 446 1.61 -1.30 -51.09
N MET B 447 0.50 -1.49 -50.34
CA MET B 447 0.53 -1.17 -48.93
C MET B 447 1.50 -2.06 -48.17
N PHE B 448 1.59 -3.34 -48.55
CA PHE B 448 2.43 -4.28 -47.83
C PHE B 448 3.91 -4.05 -48.12
N ARG B 449 4.27 -3.80 -49.38
CA ARG B 449 5.67 -3.77 -49.77
C ARG B 449 6.40 -2.54 -49.25
N THR B 450 5.68 -1.46 -48.96
CA THR B 450 6.31 -0.24 -48.46
C THR B 450 6.39 -0.20 -46.94
N GLN B 451 5.83 -1.18 -46.24
CA GLN B 451 5.86 -1.20 -44.79
C GLN B 451 7.24 -1.61 -44.30
N VAL B 452 7.59 -1.14 -43.10
CA VAL B 452 8.82 -1.52 -42.42
C VAL B 452 8.41 -2.42 -41.26
N HIS B 453 8.63 -3.71 -41.41
CA HIS B 453 8.19 -4.68 -40.42
C HIS B 453 9.17 -4.75 -39.25
N PRO B 454 8.69 -5.16 -38.07
CA PRO B 454 9.60 -5.27 -36.92
C PRO B 454 10.76 -6.23 -37.13
N TRP B 455 10.60 -7.22 -38.01
CA TRP B 455 11.70 -8.13 -38.33
C TRP B 455 12.88 -7.36 -38.90
N GLU B 456 12.62 -6.38 -39.77
CA GLU B 456 13.68 -5.59 -40.36
C GLU B 456 14.45 -4.82 -39.29
N ARG B 457 13.74 -4.25 -38.32
CA ARG B 457 14.43 -3.54 -37.23
C ARG B 457 15.24 -4.50 -36.37
N GLU B 458 14.69 -5.69 -36.10
CA GLU B 458 15.45 -6.67 -35.32
C GLU B 458 16.70 -7.12 -36.06
N GLN B 459 16.67 -7.12 -37.39
CA GLN B 459 17.81 -7.58 -38.17
C GLN B 459 18.83 -6.49 -38.47
N TYR B 460 18.41 -5.23 -38.56
CA TYR B 460 19.28 -4.18 -39.10
C TYR B 460 19.48 -2.98 -38.19
N MET B 461 18.60 -2.74 -37.21
CA MET B 461 18.71 -1.52 -36.40
C MET B 461 20.02 -1.49 -35.62
N SER B 462 20.42 -2.62 -35.05
CA SER B 462 21.66 -2.68 -34.30
C SER B 462 22.85 -3.12 -35.15
N GLN B 463 22.61 -3.96 -36.15
CA GLN B 463 23.70 -4.38 -37.04
C GLN B 463 24.26 -3.21 -37.82
N TYR B 464 23.40 -2.34 -38.31
CA TYR B 464 23.84 -1.19 -39.10
C TYR B 464 23.53 0.11 -38.39
N ALA C 22 -20.93 -62.81 -29.58
CA ALA C 22 -20.99 -61.35 -29.73
C ALA C 22 -21.80 -60.72 -28.62
N LYS C 23 -21.57 -59.43 -28.38
CA LYS C 23 -22.27 -58.68 -27.34
C LYS C 23 -23.26 -57.68 -27.90
N TYR C 24 -22.93 -57.03 -29.02
CA TYR C 24 -23.82 -56.07 -29.65
C TYR C 24 -23.97 -56.41 -31.13
N THR C 25 -25.17 -56.16 -31.65
CA THR C 25 -25.43 -56.23 -33.09
C THR C 25 -25.76 -54.82 -33.60
N ARG C 26 -25.93 -54.71 -34.91
CA ARG C 26 -26.23 -53.42 -35.51
C ARG C 26 -27.55 -52.86 -35.00
N GLU C 27 -28.57 -53.71 -34.91
CA GLU C 27 -29.87 -53.26 -34.42
C GLU C 27 -29.77 -52.80 -32.97
N ASP C 28 -29.02 -53.53 -32.15
CA ASP C 28 -28.82 -53.12 -30.75
C ASP C 28 -28.13 -51.76 -30.67
N ILE C 29 -27.12 -51.54 -31.52
CA ILE C 29 -26.41 -50.26 -31.51
C ILE C 29 -27.36 -49.13 -31.91
N GLU C 30 -28.14 -49.33 -32.97
CA GLU C 30 -29.06 -48.29 -33.42
C GLU C 30 -30.10 -47.99 -32.36
N LYS C 31 -30.66 -49.03 -31.74
CA LYS C 31 -31.65 -48.82 -30.69
C LYS C 31 -31.02 -48.09 -29.49
N LEU C 32 -29.83 -48.50 -29.09
CA LEU C 32 -29.19 -47.88 -27.93
C LEU C 32 -28.94 -46.40 -28.18
N VAL C 33 -28.44 -46.05 -29.37
CA VAL C 33 -28.24 -44.64 -29.66
C VAL C 33 -29.58 -43.92 -29.77
N LYS C 34 -30.63 -44.62 -30.21
CA LYS C 34 -31.94 -43.99 -30.34
C LYS C 34 -32.48 -43.53 -28.99
N GLU C 35 -32.54 -44.43 -28.01
CA GLU C 35 -33.01 -43.96 -26.70
C GLU C 35 -31.98 -43.08 -26.00
N GLU C 36 -30.69 -43.45 -26.00
CA GLU C 36 -29.71 -42.65 -25.28
C GLU C 36 -29.50 -41.28 -25.89
N ASN C 37 -29.97 -41.02 -27.10
CA ASN C 37 -29.88 -39.72 -27.75
C ASN C 37 -28.43 -39.26 -27.83
N VAL C 38 -27.63 -40.04 -28.55
CA VAL C 38 -26.24 -39.69 -28.81
C VAL C 38 -26.17 -38.90 -30.10
N LYS C 39 -25.35 -37.86 -30.10
CA LYS C 39 -25.16 -37.01 -31.28
C LYS C 39 -23.75 -37.05 -31.83
N TYR C 40 -22.77 -37.47 -31.05
CA TYR C 40 -21.38 -37.50 -31.45
C TYR C 40 -20.83 -38.91 -31.27
N ILE C 41 -20.13 -39.40 -32.29
CA ILE C 41 -19.54 -40.73 -32.27
C ILE C 41 -18.06 -40.61 -32.59
N ARG C 42 -17.22 -41.12 -31.69
CA ARG C 42 -15.78 -41.13 -31.88
C ARG C 42 -15.37 -42.50 -32.40
N LEU C 43 -14.75 -42.54 -33.58
CA LEU C 43 -14.23 -43.77 -34.17
C LEU C 43 -12.74 -43.80 -33.86
N GLN C 44 -12.40 -44.32 -32.68
CA GLN C 44 -11.06 -44.20 -32.14
C GLN C 44 -10.18 -45.37 -32.55
N PHE C 45 -8.87 -45.10 -32.61
CA PHE C 45 -7.87 -46.08 -32.96
C PHE C 45 -6.56 -45.69 -32.28
N THR C 46 -5.55 -46.55 -32.45
CA THR C 46 -4.28 -46.39 -31.77
C THR C 46 -3.16 -46.25 -32.80
N ASP C 47 -2.28 -45.27 -32.60
CA ASP C 47 -1.17 -45.03 -33.51
C ASP C 47 0.07 -45.80 -33.05
N ILE C 48 1.22 -45.48 -33.64
CA ILE C 48 2.45 -46.20 -33.34
C ILE C 48 2.85 -45.98 -31.88
N LEU C 49 2.79 -44.73 -31.42
CA LEU C 49 3.27 -44.37 -30.10
C LEU C 49 2.30 -44.77 -28.98
N GLY C 50 1.13 -45.28 -29.32
CA GLY C 50 0.16 -45.68 -28.33
C GLY C 50 -0.86 -44.61 -27.96
N THR C 51 -0.71 -43.39 -28.47
CA THR C 51 -1.69 -42.35 -28.19
C THR C 51 -2.99 -42.65 -28.91
N ILE C 52 -4.09 -42.28 -28.27
CA ILE C 52 -5.42 -42.57 -28.81
C ILE C 52 -5.79 -41.50 -29.82
N LYS C 53 -6.13 -41.93 -31.04
CA LYS C 53 -6.56 -41.04 -32.11
C LYS C 53 -7.97 -41.41 -32.54
N ASN C 54 -8.67 -40.45 -33.13
CA ASN C 54 -10.00 -40.73 -33.65
C ASN C 54 -10.32 -39.76 -34.79
N VAL C 55 -11.33 -40.14 -35.57
CA VAL C 55 -12.05 -39.22 -36.44
C VAL C 55 -13.50 -39.22 -35.97
N GLU C 56 -14.08 -38.03 -35.86
CA GLU C 56 -15.38 -37.85 -35.25
C GLU C 56 -16.44 -37.58 -36.32
N ILE C 57 -17.60 -38.19 -36.14
CA ILE C 57 -18.71 -38.05 -37.09
C ILE C 57 -19.98 -37.69 -36.32
N PRO C 58 -20.93 -37.01 -36.93
CA PRO C 58 -22.24 -36.85 -36.30
C PRO C 58 -23.02 -38.17 -36.35
N VAL C 59 -24.04 -38.25 -35.49
CA VAL C 59 -24.85 -39.46 -35.41
C VAL C 59 -25.55 -39.75 -36.73
N SER C 60 -25.75 -38.74 -37.57
CA SER C 60 -26.36 -38.96 -38.89
C SER C 60 -25.48 -39.79 -39.80
N GLN C 61 -24.19 -39.92 -39.49
CA GLN C 61 -23.26 -40.71 -40.28
C GLN C 61 -23.04 -42.11 -39.68
N LEU C 62 -23.85 -42.50 -38.70
CA LEU C 62 -23.69 -43.82 -38.08
C LEU C 62 -23.92 -44.93 -39.10
N GLY C 63 -24.90 -44.77 -39.98
CA GLY C 63 -25.14 -45.78 -41.00
C GLY C 63 -23.95 -45.96 -41.92
N LYS C 64 -23.34 -44.85 -42.34
CA LYS C 64 -22.15 -44.93 -43.17
C LYS C 64 -20.98 -45.54 -42.41
N ALA C 65 -20.85 -45.23 -41.12
CA ALA C 65 -19.77 -45.79 -40.32
C ALA C 65 -19.90 -47.30 -40.19
N LEU C 66 -21.12 -47.78 -39.89
CA LEU C 66 -21.34 -49.21 -39.73
C LEU C 66 -21.24 -49.97 -41.04
N ASP C 67 -21.23 -49.28 -42.17
CA ASP C 67 -21.05 -49.91 -43.47
C ASP C 67 -19.58 -50.01 -43.88
N ASN C 68 -18.67 -49.63 -42.98
CA ASN C 68 -17.22 -49.65 -43.26
C ASN C 68 -16.90 -48.78 -44.48
N LYS C 69 -17.40 -47.54 -44.45
CA LYS C 69 -17.26 -46.63 -45.58
C LYS C 69 -16.60 -45.30 -45.24
N VAL C 70 -16.37 -45.01 -43.96
CA VAL C 70 -15.76 -43.75 -43.57
C VAL C 70 -14.26 -43.80 -43.88
N MET C 71 -13.79 -42.83 -44.64
CA MET C 71 -12.39 -42.72 -45.01
C MET C 71 -11.69 -41.67 -44.16
N PHE C 72 -10.37 -41.80 -44.06
CA PHE C 72 -9.56 -40.86 -43.29
C PHE C 72 -8.11 -41.03 -43.73
N ASP C 73 -7.26 -40.13 -43.23
CA ASP C 73 -5.84 -40.16 -43.54
C ASP C 73 -5.17 -41.23 -42.69
N GLY C 74 -4.81 -42.36 -43.31
CA GLY C 74 -4.19 -43.45 -42.59
C GLY C 74 -2.76 -43.19 -42.17
N SER C 75 -2.12 -42.16 -42.72
CA SER C 75 -0.77 -41.82 -42.31
C SER C 75 -0.69 -41.30 -40.89
N SER C 76 -1.82 -40.90 -40.30
CA SER C 76 -1.82 -40.42 -38.92
C SER C 76 -1.41 -41.50 -37.93
N ILE C 77 -1.47 -42.78 -38.34
CA ILE C 77 -0.99 -43.85 -37.48
C ILE C 77 0.52 -43.74 -37.27
N GLU C 78 1.25 -43.30 -38.30
CA GLU C 78 2.70 -43.21 -38.21
C GLU C 78 3.17 -42.17 -37.20
N GLY C 79 2.28 -41.28 -36.76
CA GLY C 79 2.68 -40.26 -35.80
C GLY C 79 3.39 -39.09 -36.44
N PHE C 80 4.49 -38.65 -35.82
CA PHE C 80 5.23 -37.49 -36.30
C PHE C 80 6.18 -37.81 -37.44
N VAL C 81 6.32 -39.09 -37.83
CA VAL C 81 7.17 -39.46 -38.95
C VAL C 81 6.39 -39.65 -40.24
N ARG C 82 5.10 -39.31 -40.25
CA ARG C 82 4.30 -39.43 -41.45
C ARG C 82 4.81 -38.50 -42.54
N ILE C 83 4.72 -38.95 -43.79
CA ILE C 83 5.20 -38.21 -44.93
C ILE C 83 4.09 -37.90 -45.92
N GLU C 84 3.41 -38.93 -46.42
CA GLU C 84 2.44 -38.80 -47.49
C GLU C 84 1.04 -39.19 -47.00
N GLU C 85 0.04 -38.43 -47.41
CA GLU C 85 -1.33 -38.76 -47.09
C GLU C 85 -1.75 -40.06 -47.77
N SER C 86 -2.47 -40.91 -47.03
CA SER C 86 -2.93 -42.17 -47.56
C SER C 86 -4.35 -42.43 -47.07
N ASP C 87 -5.24 -42.80 -47.99
CA ASP C 87 -6.63 -43.05 -47.64
C ASP C 87 -6.78 -44.45 -47.08
N MET C 88 -7.50 -44.56 -45.96
CA MET C 88 -7.74 -45.82 -45.29
C MET C 88 -9.19 -45.88 -44.83
N TYR C 89 -9.71 -47.09 -44.69
CA TYR C 89 -11.05 -47.29 -44.17
C TYR C 89 -11.01 -47.50 -42.66
N LEU C 90 -12.20 -47.42 -42.04
CA LEU C 90 -12.32 -47.30 -40.60
C LEU C 90 -13.33 -48.31 -40.04
N TYR C 91 -13.17 -49.58 -40.42
CA TYR C 91 -14.03 -50.68 -39.98
C TYR C 91 -14.18 -50.69 -38.47
N PRO C 92 -15.35 -50.37 -37.93
CA PRO C 92 -15.52 -50.35 -36.47
C PRO C 92 -15.86 -51.73 -35.92
N ASP C 93 -15.58 -51.89 -34.63
CA ASP C 93 -15.88 -53.11 -33.90
C ASP C 93 -17.12 -52.87 -33.04
N LEU C 94 -18.16 -53.68 -33.25
CA LEU C 94 -19.43 -53.46 -32.57
C LEU C 94 -19.34 -53.76 -31.08
N ASN C 95 -18.53 -54.74 -30.69
CA ASN C 95 -18.45 -55.14 -29.29
C ASN C 95 -17.78 -54.08 -28.41
N THR C 96 -17.10 -53.11 -29.01
CA THR C 96 -16.40 -52.07 -28.26
C THR C 96 -17.27 -50.85 -28.03
N PHE C 97 -18.55 -50.89 -28.40
CA PHE C 97 -19.43 -49.74 -28.23
C PHE C 97 -19.58 -49.39 -26.76
N VAL C 98 -19.30 -48.13 -26.44
CA VAL C 98 -19.38 -47.62 -25.07
C VAL C 98 -19.96 -46.22 -25.10
N ILE C 99 -20.88 -45.94 -24.18
CA ILE C 99 -21.43 -44.61 -24.00
C ILE C 99 -20.65 -43.91 -22.90
N PHE C 100 -20.06 -42.76 -23.22
CA PHE C 100 -19.29 -42.03 -22.23
C PHE C 100 -20.24 -41.39 -21.21
N PRO C 101 -19.95 -41.49 -19.92
CA PRO C 101 -20.87 -40.93 -18.92
C PRO C 101 -20.90 -39.42 -18.89
N TRP C 102 -19.93 -38.74 -19.49
CA TRP C 102 -19.86 -37.28 -19.50
C TRP C 102 -20.65 -36.78 -20.70
N THR C 103 -21.87 -36.30 -20.44
CA THR C 103 -22.73 -35.81 -21.52
C THR C 103 -22.17 -34.54 -22.12
N ALA C 104 -22.25 -34.44 -23.45
CA ALA C 104 -21.75 -33.28 -24.18
C ALA C 104 -22.92 -32.35 -24.53
N GLU C 105 -23.40 -31.65 -23.49
CA GLU C 105 -24.47 -30.66 -23.65
C GLU C 105 -25.65 -31.22 -24.42
N LYS C 106 -25.77 -30.83 -25.68
CA LYS C 106 -26.86 -31.29 -26.55
C LYS C 106 -26.48 -32.63 -27.15
N GLY C 107 -26.75 -33.70 -26.42
CA GLY C 107 -26.50 -35.04 -26.90
C GLY C 107 -25.34 -35.70 -26.16
N LYS C 108 -25.32 -37.03 -26.22
CA LYS C 108 -24.29 -37.83 -25.59
C LYS C 108 -23.22 -38.22 -26.61
N VAL C 109 -22.12 -38.77 -26.10
CA VAL C 109 -20.99 -39.18 -26.92
C VAL C 109 -20.79 -40.68 -26.75
N ALA C 110 -20.67 -41.38 -27.86
CA ALA C 110 -20.37 -42.80 -27.88
C ALA C 110 -19.11 -43.03 -28.69
N ARG C 111 -18.47 -44.18 -28.48
CA ARG C 111 -17.20 -44.48 -29.12
C ARG C 111 -17.21 -45.88 -29.71
N PHE C 112 -16.44 -46.05 -30.77
CA PHE C 112 -16.11 -47.35 -31.35
C PHE C 112 -14.61 -47.46 -31.48
N ILE C 113 -14.07 -48.63 -31.21
CA ILE C 113 -12.67 -48.94 -31.50
C ILE C 113 -12.65 -49.65 -32.84
N CYS C 114 -11.90 -49.09 -33.79
CA CYS C 114 -12.00 -49.50 -35.18
C CYS C 114 -10.68 -50.07 -35.68
N ASP C 115 -10.79 -50.99 -36.63
CA ASP C 115 -9.64 -51.49 -37.36
C ASP C 115 -9.40 -50.66 -38.61
N ILE C 116 -8.16 -50.65 -39.08
CA ILE C 116 -7.76 -49.87 -40.24
C ILE C 116 -7.63 -50.81 -41.44
N TYR C 117 -8.29 -50.47 -42.53
CA TYR C 117 -8.32 -51.31 -43.72
C TYR C 117 -7.89 -50.52 -44.94
N ASN C 118 -7.18 -51.19 -45.85
CA ASN C 118 -6.80 -50.58 -47.10
C ASN C 118 -8.04 -50.37 -47.97
N PRO C 119 -7.96 -49.46 -48.95
CA PRO C 119 -9.12 -49.22 -49.82
C PRO C 119 -9.58 -50.45 -50.60
N ASP C 120 -8.73 -51.46 -50.77
CA ASP C 120 -9.09 -52.67 -51.50
C ASP C 120 -9.68 -53.75 -50.61
N GLY C 121 -9.92 -53.45 -49.34
CA GLY C 121 -10.48 -54.41 -48.41
C GLY C 121 -9.48 -55.19 -47.59
N THR C 122 -8.20 -55.12 -47.92
CA THR C 122 -7.16 -55.78 -47.14
C THR C 122 -6.91 -55.00 -45.85
N PRO C 123 -6.79 -55.69 -44.72
CA PRO C 123 -6.45 -54.98 -43.47
C PRO C 123 -5.10 -54.28 -43.59
N PHE C 124 -5.01 -53.11 -42.99
CA PHE C 124 -3.81 -52.30 -43.08
C PHE C 124 -2.68 -52.94 -42.28
N GLU C 125 -1.53 -53.11 -42.91
CA GLU C 125 -0.39 -53.71 -42.24
C GLU C 125 0.25 -52.77 -41.22
N GLY C 126 -0.06 -51.48 -41.29
CA GLY C 126 0.47 -50.50 -40.36
C GLY C 126 -0.39 -50.24 -39.14
N ASP C 127 -1.44 -51.03 -38.92
CA ASP C 127 -2.30 -50.85 -37.76
C ASP C 127 -1.84 -51.78 -36.64
N PRO C 128 -1.47 -51.26 -35.47
CA PRO C 128 -1.03 -52.15 -34.39
C PRO C 128 -2.07 -53.17 -33.97
N ARG C 129 -3.35 -52.78 -33.95
CA ARG C 129 -4.40 -53.73 -33.59
C ARG C 129 -4.50 -54.85 -34.63
N ASN C 130 -4.41 -54.50 -35.92
CA ASN C 130 -4.43 -55.53 -36.96
C ASN C 130 -3.19 -56.41 -36.87
N ASN C 131 -2.06 -55.85 -36.48
CA ASN C 131 -0.86 -56.65 -36.27
C ASN C 131 -1.04 -57.64 -35.13
N LEU C 132 -1.67 -57.19 -34.03
CA LEU C 132 -1.96 -58.10 -32.93
C LEU C 132 -2.91 -59.20 -33.37
N LYS C 133 -3.92 -58.85 -34.18
CA LYS C 133 -4.82 -59.88 -34.70
C LYS C 133 -4.08 -60.87 -35.60
N ARG C 134 -3.12 -60.39 -36.38
CA ARG C 134 -2.30 -61.27 -37.21
C ARG C 134 -1.48 -62.23 -36.35
N ILE C 135 -0.88 -61.72 -35.28
CA ILE C 135 -0.11 -62.58 -34.38
C ILE C 135 -1.03 -63.59 -33.69
N LEU C 136 -2.25 -63.19 -33.36
CA LEU C 136 -3.21 -64.12 -32.77
C LEU C 136 -3.62 -65.19 -33.77
N LYS C 137 -3.75 -64.83 -35.05
CA LYS C 137 -4.00 -65.82 -36.08
C LYS C 137 -2.85 -66.81 -36.20
N GLU C 138 -1.62 -66.30 -36.12
CA GLU C 138 -0.45 -67.18 -36.11
C GLU C 138 -0.49 -68.12 -34.91
N MET C 139 -0.91 -67.62 -33.76
CA MET C 139 -1.06 -68.46 -32.58
C MET C 139 -2.11 -69.55 -32.81
N GLU C 140 -3.25 -69.18 -33.40
CA GLU C 140 -4.28 -70.16 -33.70
C GLU C 140 -3.78 -71.20 -34.69
N ASP C 141 -2.86 -70.83 -35.58
CA ASP C 141 -2.28 -71.79 -36.50
C ASP C 141 -1.41 -72.82 -35.78
N LEU C 142 -1.01 -72.54 -34.54
CA LEU C 142 -0.22 -73.46 -33.74
C LEU C 142 -1.08 -74.41 -32.91
N GLY C 143 -2.40 -74.29 -32.98
CA GLY C 143 -3.31 -75.15 -32.26
C GLY C 143 -3.93 -74.55 -31.02
N PHE C 144 -3.44 -73.40 -30.57
CA PHE C 144 -3.99 -72.77 -29.38
C PHE C 144 -5.23 -71.95 -29.75
N SER C 145 -6.07 -71.72 -28.74
CA SER C 145 -7.36 -71.07 -28.93
C SER C 145 -7.41 -69.64 -28.42
N ASP C 146 -6.94 -69.38 -27.21
CA ASP C 146 -7.01 -68.07 -26.61
C ASP C 146 -5.68 -67.67 -26.00
N PHE C 147 -5.45 -66.36 -25.92
CA PHE C 147 -4.28 -65.79 -25.26
C PHE C 147 -4.79 -64.70 -24.32
N ASN C 148 -4.81 -65.00 -23.02
CA ASN C 148 -5.38 -64.11 -22.03
C ASN C 148 -4.30 -63.22 -21.41
N LEU C 149 -4.67 -61.97 -21.13
CA LEU C 149 -3.76 -61.01 -20.53
C LEU C 149 -4.42 -60.41 -19.30
N GLY C 150 -3.70 -60.41 -18.18
CA GLY C 150 -4.10 -59.68 -17.01
C GLY C 150 -3.11 -58.59 -16.67
N PRO C 151 -3.51 -57.34 -16.88
CA PRO C 151 -2.59 -56.22 -16.66
C PRO C 151 -2.67 -55.67 -15.24
N GLU C 152 -1.56 -55.09 -14.81
CA GLU C 152 -1.45 -54.42 -13.51
C GLU C 152 -0.86 -53.04 -13.71
N PRO C 153 -1.62 -52.12 -14.32
CA PRO C 153 -1.08 -50.79 -14.60
C PRO C 153 -0.96 -49.96 -13.33
N GLU C 154 0.18 -49.31 -13.17
CA GLU C 154 0.43 -48.39 -12.06
C GLU C 154 0.54 -46.96 -12.59
N PHE C 155 0.09 -46.01 -11.78
CA PHE C 155 0.11 -44.62 -12.19
C PHE C 155 0.31 -43.74 -10.96
N PHE C 156 0.75 -42.51 -11.21
CA PHE C 156 0.96 -41.51 -10.17
C PHE C 156 -0.11 -40.44 -10.28
N LEU C 157 -0.44 -39.84 -9.13
CA LEU C 157 -1.39 -38.74 -9.07
C LEU C 157 -0.67 -37.50 -8.57
N PHE C 158 -0.65 -36.45 -9.38
CA PHE C 158 0.01 -35.20 -9.05
C PHE C 158 -1.02 -34.09 -8.94
N LYS C 159 -0.85 -33.21 -7.95
CA LYS C 159 -1.76 -32.10 -7.77
C LYS C 159 -1.58 -31.05 -8.86
N LEU C 160 -2.68 -30.43 -9.26
CA LEU C 160 -2.65 -29.33 -10.21
C LEU C 160 -2.54 -28.01 -9.47
N ASP C 161 -1.96 -27.02 -10.14
CA ASP C 161 -1.82 -25.69 -9.58
C ASP C 161 -3.01 -24.83 -10.01
N GLU C 162 -2.91 -23.51 -9.77
CA GLU C 162 -4.01 -22.61 -10.10
C GLU C 162 -4.27 -22.58 -11.61
N LYS C 163 -3.20 -22.57 -12.41
CA LYS C 163 -3.33 -22.51 -13.86
C LYS C 163 -3.70 -23.86 -14.49
N GLY C 164 -3.98 -24.87 -13.67
CA GLY C 164 -4.39 -26.17 -14.18
C GLY C 164 -3.34 -26.92 -14.95
N GLU C 165 -2.10 -26.93 -14.47
CA GLU C 165 -1.03 -27.72 -15.05
C GLU C 165 -0.36 -28.54 -13.96
N PRO C 166 0.17 -29.71 -14.30
CA PRO C 166 0.71 -30.60 -13.27
C PRO C 166 1.90 -29.98 -12.53
N THR C 167 1.98 -30.29 -11.23
CA THR C 167 3.11 -29.95 -10.39
C THR C 167 3.82 -31.22 -9.98
N LEU C 168 4.82 -31.09 -9.11
CA LEU C 168 5.61 -32.22 -8.65
C LEU C 168 5.20 -32.69 -7.26
N GLU C 169 4.07 -32.21 -6.75
CA GLU C 169 3.58 -32.61 -5.43
C GLU C 169 2.61 -33.78 -5.56
N LEU C 170 2.86 -34.84 -4.79
CA LEU C 170 2.01 -36.02 -4.83
C LEU C 170 0.75 -35.79 -4.00
N ASN C 171 -0.30 -36.57 -4.31
CA ASN C 171 -1.59 -36.37 -3.69
C ASN C 171 -1.63 -36.89 -2.26
N ASP C 172 -0.80 -37.88 -1.92
CA ASP C 172 -0.79 -38.41 -0.56
C ASP C 172 0.58 -38.99 -0.25
N LYS C 173 0.89 -39.06 1.04
CA LYS C 173 2.10 -39.73 1.52
C LYS C 173 1.79 -41.17 1.95
N GLY C 174 1.23 -41.93 1.00
CA GLY C 174 0.82 -43.29 1.27
C GLY C 174 1.94 -44.30 1.12
N GLY C 175 1.60 -45.56 1.39
CA GLY C 175 2.56 -46.64 1.31
C GLY C 175 1.98 -47.90 0.70
N TYR C 176 2.76 -48.98 0.72
CA TYR C 176 2.34 -50.23 0.10
C TYR C 176 1.14 -50.81 0.82
N PHE C 177 0.03 -50.97 0.09
CA PHE C 177 -1.21 -51.54 0.60
C PHE C 177 -1.77 -50.78 1.80
N ASP C 178 -1.37 -49.52 1.95
CA ASP C 178 -1.83 -48.73 3.10
C ASP C 178 -3.26 -48.28 2.90
N LEU C 179 -3.96 -48.11 4.02
CA LEU C 179 -5.26 -47.45 4.04
C LEU C 179 -5.07 -45.95 4.23
N ALA C 180 -4.28 -45.37 3.34
CA ALA C 180 -3.85 -43.98 3.45
C ALA C 180 -4.93 -42.98 3.04
N PRO C 181 -5.54 -43.10 1.85
CA PRO C 181 -6.57 -42.10 1.49
C PRO C 181 -7.76 -42.10 2.43
N THR C 182 -8.10 -43.25 3.02
CA THR C 182 -9.20 -43.36 3.98
C THR C 182 -10.53 -42.91 3.41
N ASP C 183 -11.49 -42.70 4.29
CA ASP C 183 -12.81 -42.18 3.93
C ASP C 183 -12.75 -40.65 3.94
N LEU C 184 -13.91 -40.00 3.97
CA LEU C 184 -14.01 -38.55 4.09
C LEU C 184 -13.46 -37.84 2.86
N GLY C 185 -14.01 -38.14 1.69
CA GLY C 185 -13.63 -37.45 0.49
C GLY C 185 -12.30 -37.93 -0.06
N GLU C 186 -11.83 -37.22 -1.08
CA GLU C 186 -10.61 -37.56 -1.83
C GLU C 186 -10.77 -39.01 -2.30
N ASN C 187 -9.79 -39.88 -2.09
CA ASN C 187 -9.83 -41.27 -2.54
C ASN C 187 -10.20 -41.35 -4.01
N CYS C 188 -9.35 -40.73 -4.84
CA CYS C 188 -9.57 -40.76 -6.28
C CYS C 188 -9.52 -42.19 -6.82
N ARG C 189 -8.74 -43.06 -6.17
CA ARG C 189 -8.68 -44.46 -6.60
C ARG C 189 -10.04 -45.14 -6.45
N ARG C 190 -10.71 -44.91 -5.33
CA ARG C 190 -12.03 -45.50 -5.12
C ARG C 190 -13.03 -45.02 -6.16
N ASP C 191 -13.03 -43.70 -6.42
CA ASP C 191 -13.95 -43.14 -7.40
C ASP C 191 -13.67 -43.70 -8.79
N ILE C 192 -12.39 -43.81 -9.15
CA ILE C 192 -12.03 -44.37 -10.44
C ILE C 192 -12.51 -45.81 -10.55
N VAL C 193 -12.33 -46.60 -9.49
CA VAL C 193 -12.73 -48.00 -9.54
C VAL C 193 -14.25 -48.12 -9.71
N LEU C 194 -15.00 -47.35 -8.91
CA LEU C 194 -16.46 -47.41 -9.03
C LEU C 194 -16.93 -46.94 -10.39
N GLU C 195 -16.36 -45.86 -10.91
CA GLU C 195 -16.77 -45.32 -12.19
C GLU C 195 -16.46 -46.32 -13.30
N LEU C 196 -15.29 -46.95 -13.25
CA LEU C 196 -14.94 -47.98 -14.22
C LEU C 196 -15.90 -49.16 -14.13
N GLU C 197 -16.28 -49.55 -12.92
CA GLU C 197 -17.28 -50.60 -12.75
C GLU C 197 -18.59 -50.21 -13.42
N GLU C 198 -18.95 -48.93 -13.37
CA GLU C 198 -20.19 -48.47 -13.98
C GLU C 198 -20.17 -48.56 -15.51
N MET C 199 -19.00 -48.54 -16.13
CA MET C 199 -18.90 -48.61 -17.59
C MET C 199 -18.72 -50.03 -18.12
N GLY C 200 -18.75 -51.04 -17.25
CA GLY C 200 -18.61 -52.41 -17.68
C GLY C 200 -17.24 -53.01 -17.52
N PHE C 201 -16.30 -52.32 -16.90
CA PHE C 201 -15.01 -52.91 -16.61
C PHE C 201 -15.13 -53.95 -15.50
N GLU C 202 -14.23 -54.92 -15.52
CA GLU C 202 -14.18 -55.98 -14.51
C GLU C 202 -12.92 -55.75 -13.67
N ILE C 203 -13.07 -54.94 -12.63
CA ILE C 203 -11.95 -54.61 -11.75
C ILE C 203 -11.76 -55.73 -10.74
N GLU C 204 -10.54 -56.24 -10.64
CA GLU C 204 -10.25 -57.32 -9.70
C GLU C 204 -10.01 -56.77 -8.29
N ALA C 205 -8.98 -55.94 -8.14
CA ALA C 205 -8.64 -55.37 -6.84
C ALA C 205 -7.83 -54.10 -7.04
N SER C 206 -7.74 -53.30 -5.99
CA SER C 206 -6.98 -52.05 -6.02
C SER C 206 -6.30 -51.85 -4.69
N HIS C 207 -5.18 -51.13 -4.73
CA HIS C 207 -4.41 -50.86 -3.51
C HIS C 207 -3.48 -49.68 -3.77
N HIS C 208 -2.99 -49.10 -2.67
CA HIS C 208 -1.97 -48.07 -2.76
C HIS C 208 -0.62 -48.73 -3.02
N GLU C 209 0.16 -48.12 -3.92
CA GLU C 209 1.43 -48.69 -4.33
C GLU C 209 2.54 -48.27 -3.36
N VAL C 210 3.75 -48.76 -3.62
CA VAL C 210 4.87 -48.53 -2.69
C VAL C 210 5.18 -47.04 -2.59
N ALA C 211 5.30 -46.37 -3.73
CA ALA C 211 5.67 -44.98 -3.74
C ALA C 211 4.52 -44.10 -3.27
N PRO C 212 4.82 -42.96 -2.65
CA PRO C 212 3.76 -42.01 -2.30
C PRO C 212 3.06 -41.51 -3.55
N GLY C 213 1.74 -41.35 -3.45
CA GLY C 213 0.96 -40.87 -4.59
C GLY C 213 0.89 -41.83 -5.75
N GLN C 214 1.22 -43.10 -5.54
CA GLN C 214 1.20 -44.12 -6.58
C GLN C 214 0.09 -45.13 -6.28
N HIS C 215 -0.67 -45.48 -7.31
CA HIS C 215 -1.84 -46.34 -7.14
C HIS C 215 -1.85 -47.41 -8.24
N GLU C 216 -2.50 -48.53 -7.93
CA GLU C 216 -2.61 -49.63 -8.87
C GLU C 216 -4.05 -50.14 -8.89
N ILE C 217 -4.56 -50.41 -10.09
CA ILE C 217 -5.87 -51.02 -10.29
C ILE C 217 -5.70 -52.21 -11.22
N ASP C 218 -6.18 -53.37 -10.80
CA ASP C 218 -6.01 -54.61 -11.54
C ASP C 218 -7.34 -55.03 -12.15
N PHE C 219 -7.31 -55.40 -13.43
CA PHE C 219 -8.49 -55.88 -14.12
C PHE C 219 -8.52 -57.40 -14.11
N LYS C 220 -9.70 -57.95 -14.35
CA LYS C 220 -9.82 -59.37 -14.60
C LYS C 220 -9.22 -59.73 -15.95
N TYR C 221 -8.61 -60.91 -16.02
CA TYR C 221 -7.99 -61.35 -17.27
C TYR C 221 -9.05 -61.54 -18.35
N ALA C 222 -8.68 -61.20 -19.58
CA ALA C 222 -9.57 -61.32 -20.72
C ALA C 222 -8.73 -61.57 -21.97
N GLY C 223 -9.39 -61.58 -23.13
CA GLY C 223 -8.67 -61.77 -24.37
C GLY C 223 -7.70 -60.64 -24.65
N ALA C 224 -6.71 -60.95 -25.50
CA ALA C 224 -5.62 -60.01 -25.73
C ALA C 224 -6.12 -58.69 -26.33
N VAL C 225 -6.92 -58.78 -27.39
CA VAL C 225 -7.45 -57.57 -28.02
C VAL C 225 -8.34 -56.81 -27.03
N ARG C 226 -9.22 -57.54 -26.34
CA ARG C 226 -10.10 -56.91 -25.36
C ARG C 226 -9.28 -56.29 -24.23
N SER C 227 -8.22 -56.98 -23.79
CA SER C 227 -7.39 -56.44 -22.72
C SER C 227 -6.69 -55.16 -23.15
N CYS C 228 -6.16 -55.12 -24.38
CA CYS C 228 -5.50 -53.91 -24.86
C CYS C 228 -6.48 -52.76 -25.02
N ASP C 229 -7.68 -53.04 -25.54
CA ASP C 229 -8.70 -52.01 -25.62
C ASP C 229 -9.07 -51.49 -24.24
N ASP C 230 -9.18 -52.40 -23.26
CA ASP C 230 -9.47 -51.99 -21.90
C ASP C 230 -8.35 -51.16 -21.31
N ILE C 231 -7.10 -51.47 -21.68
CA ILE C 231 -5.97 -50.68 -21.19
C ILE C 231 -6.04 -49.25 -21.72
N GLN C 232 -6.32 -49.11 -23.01
CA GLN C 232 -6.43 -47.77 -23.60
C GLN C 232 -7.58 -46.99 -22.97
N THR C 233 -8.75 -47.62 -22.86
CA THR C 233 -9.89 -46.96 -22.25
C THR C 233 -9.62 -46.63 -20.79
N PHE C 234 -8.89 -47.50 -20.09
CA PHE C 234 -8.53 -47.26 -18.70
C PHE C 234 -7.65 -46.02 -18.57
N LYS C 235 -6.65 -45.90 -19.44
CA LYS C 235 -5.81 -44.71 -19.42
C LYS C 235 -6.64 -43.45 -19.64
N LEU C 236 -7.52 -43.47 -20.65
CA LEU C 236 -8.35 -42.31 -20.94
C LEU C 236 -9.24 -41.95 -19.75
N VAL C 237 -9.91 -42.95 -19.18
CA VAL C 237 -10.86 -42.71 -18.09
C VAL C 237 -10.13 -42.23 -16.84
N VAL C 238 -8.97 -42.82 -16.54
CA VAL C 238 -8.21 -42.40 -15.37
C VAL C 238 -7.77 -40.96 -15.51
N LYS C 239 -7.26 -40.59 -16.69
CA LYS C 239 -6.86 -39.20 -16.90
C LYS C 239 -8.05 -38.25 -16.73
N THR C 240 -9.19 -38.60 -17.31
CA THR C 240 -10.37 -37.74 -17.22
C THR C 240 -10.83 -37.58 -15.77
N ILE C 241 -10.92 -38.69 -15.04
CA ILE C 241 -11.44 -38.62 -13.67
C ILE C 241 -10.46 -37.89 -12.76
N ALA C 242 -9.16 -38.11 -12.95
CA ALA C 242 -8.17 -37.35 -12.18
C ALA C 242 -8.27 -35.87 -12.48
N ARG C 243 -8.51 -35.52 -13.75
CA ARG C 243 -8.72 -34.12 -14.09
C ARG C 243 -9.95 -33.56 -13.38
N LYS C 244 -10.99 -34.38 -13.22
CA LYS C 244 -12.22 -33.94 -12.50
C LYS C 244 -11.88 -33.60 -11.05
N HIS C 245 -11.06 -34.43 -10.40
CA HIS C 245 -10.72 -34.23 -8.99
C HIS C 245 -9.62 -33.19 -8.79
N GLY C 246 -9.27 -32.42 -9.81
CA GLY C 246 -8.17 -31.48 -9.69
C GLY C 246 -6.83 -32.14 -9.48
N LEU C 247 -6.58 -33.23 -10.20
CA LEU C 247 -5.33 -33.99 -10.08
C LEU C 247 -4.83 -34.32 -11.49
N HIS C 248 -3.54 -34.62 -11.57
CA HIS C 248 -2.93 -35.05 -12.81
C HIS C 248 -2.54 -36.52 -12.67
N ALA C 249 -3.02 -37.35 -13.59
CA ALA C 249 -2.68 -38.76 -13.64
C ALA C 249 -1.70 -39.00 -14.78
N THR C 250 -0.57 -39.60 -14.46
CA THR C 250 0.46 -39.88 -15.46
C THR C 250 0.86 -41.35 -15.39
N PHE C 251 1.05 -41.95 -16.56
CA PHE C 251 1.58 -43.30 -16.67
C PHE C 251 3.05 -43.30 -17.05
N MET C 252 3.76 -42.24 -16.70
CA MET C 252 5.18 -42.15 -16.94
C MET C 252 5.91 -43.28 -16.20
N PRO C 253 6.85 -43.96 -16.85
CA PRO C 253 7.56 -45.06 -16.16
C PRO C 253 8.29 -44.62 -14.91
N LYS C 254 8.85 -43.41 -14.87
CA LYS C 254 9.60 -42.93 -13.72
C LYS C 254 9.54 -41.41 -13.69
N PRO C 255 8.49 -40.83 -13.11
CA PRO C 255 8.40 -39.37 -13.05
C PRO C 255 9.39 -38.75 -12.08
N LEU C 256 9.84 -39.46 -11.06
CA LEU C 256 10.72 -38.91 -10.03
C LEU C 256 11.89 -39.84 -9.78
N PHE C 257 13.03 -39.24 -9.44
CA PHE C 257 14.24 -39.98 -9.11
C PHE C 257 14.24 -40.37 -7.64
N GLY C 258 14.82 -41.54 -7.35
CA GLY C 258 14.87 -42.03 -5.99
C GLY C 258 13.57 -42.56 -5.45
N VAL C 259 12.56 -42.71 -6.31
CA VAL C 259 11.23 -43.16 -5.91
C VAL C 259 10.83 -44.29 -6.86
N ASN C 260 10.04 -45.23 -6.34
CA ASN C 260 9.62 -46.38 -7.13
C ASN C 260 8.95 -45.94 -8.42
N GLY C 261 9.26 -46.63 -9.51
CA GLY C 261 8.66 -46.35 -10.79
C GLY C 261 7.31 -47.02 -10.95
N SER C 262 6.75 -46.88 -12.16
CA SER C 262 5.45 -47.42 -12.49
C SER C 262 5.61 -48.52 -13.53
N GLY C 263 5.07 -49.70 -13.21
CA GLY C 263 5.11 -50.84 -14.11
C GLY C 263 3.71 -51.21 -14.59
N MET C 264 3.70 -52.08 -15.60
CA MET C 264 2.46 -52.60 -16.19
C MET C 264 2.61 -54.11 -16.35
N HIS C 265 2.99 -54.78 -15.26
CA HIS C 265 3.18 -56.23 -15.22
C HIS C 265 2.06 -56.94 -15.99
N CYS C 266 2.46 -57.81 -16.91
CA CYS C 266 1.54 -58.49 -17.80
C CYS C 266 1.47 -59.97 -17.43
N ASN C 267 0.29 -60.41 -17.01
CA ASN C 267 0.06 -61.82 -16.69
C ASN C 267 -0.48 -62.52 -17.92
N LEU C 268 0.32 -63.43 -18.48
CA LEU C 268 -0.01 -64.09 -19.74
C LEU C 268 -0.38 -65.54 -19.48
N SER C 269 -1.49 -65.98 -20.06
CA SER C 269 -1.93 -67.37 -19.97
C SER C 269 -2.37 -67.83 -21.35
N LEU C 270 -1.91 -69.01 -21.75
CA LEU C 270 -2.21 -69.58 -23.05
C LEU C 270 -3.20 -70.73 -22.88
N PHE C 271 -4.24 -70.74 -23.70
CA PHE C 271 -5.30 -71.74 -23.62
C PHE C 271 -5.32 -72.60 -24.87
N LYS C 272 -5.67 -73.87 -24.68
CA LYS C 272 -5.79 -74.82 -25.77
C LYS C 272 -7.07 -75.64 -25.56
N ASN C 273 -7.99 -75.55 -26.51
CA ASN C 273 -9.29 -76.21 -26.42
C ASN C 273 -10.04 -75.79 -25.15
N GLY C 274 -9.89 -74.52 -24.77
CA GLY C 274 -10.61 -73.97 -23.64
C GLY C 274 -10.02 -74.29 -22.28
N VAL C 275 -8.88 -74.96 -22.22
CA VAL C 275 -8.24 -75.28 -20.95
C VAL C 275 -6.86 -74.64 -20.93
N ASN C 276 -6.37 -74.37 -19.71
CA ASN C 276 -5.07 -73.74 -19.55
C ASN C 276 -3.97 -74.69 -20.00
N ALA C 277 -3.13 -74.23 -20.92
CA ALA C 277 -2.06 -75.05 -21.46
C ALA C 277 -0.77 -74.96 -20.66
N PHE C 278 -0.70 -74.07 -19.67
CA PHE C 278 0.49 -73.92 -18.84
C PHE C 278 0.48 -74.84 -17.61
N PHE C 279 -0.63 -75.51 -17.35
CA PHE C 279 -0.80 -76.27 -16.11
C PHE C 279 -0.62 -77.76 -16.35
N ASP C 280 0.13 -78.40 -15.46
CA ASP C 280 0.34 -79.85 -15.51
C ASP C 280 0.57 -80.32 -14.08
N GLU C 281 -0.45 -80.97 -13.50
CA GLU C 281 -0.40 -81.30 -12.08
C GLU C 281 0.70 -82.31 -11.76
N ASN C 282 1.13 -83.11 -12.72
CA ASN C 282 2.09 -84.17 -12.47
C ASN C 282 3.53 -83.75 -12.72
N ALA C 283 3.77 -82.51 -13.13
CA ALA C 283 5.12 -82.03 -13.41
C ALA C 283 5.62 -81.15 -12.28
N ASP C 284 6.93 -80.93 -12.25
CA ASP C 284 7.52 -80.07 -11.24
C ASP C 284 7.01 -78.64 -11.37
N LEU C 285 6.84 -77.98 -10.23
CA LEU C 285 6.22 -76.66 -10.14
C LEU C 285 4.80 -76.62 -10.72
N GLN C 286 4.24 -77.78 -11.04
CA GLN C 286 2.93 -77.89 -11.69
C GLN C 286 2.89 -77.07 -12.98
N LEU C 287 3.98 -77.14 -13.75
CA LEU C 287 4.13 -76.40 -15.00
C LEU C 287 4.25 -77.37 -16.16
N SER C 288 3.48 -77.15 -17.21
CA SER C 288 3.53 -77.99 -18.39
C SER C 288 4.77 -77.69 -19.22
N GLU C 289 5.06 -78.60 -20.16
CA GLU C 289 6.18 -78.38 -21.07
C GLU C 289 5.94 -77.17 -21.96
N THR C 290 4.68 -76.91 -22.32
CA THR C 290 4.35 -75.72 -23.09
C THR C 290 4.72 -74.45 -22.33
N ALA C 291 4.47 -74.44 -21.02
CA ALA C 291 4.84 -73.29 -20.21
C ALA C 291 6.34 -73.09 -20.19
N LYS C 292 7.11 -74.18 -20.08
CA LYS C 292 8.57 -74.07 -20.09
C LYS C 292 9.07 -73.55 -21.43
N HIS C 293 8.48 -74.03 -22.53
CA HIS C 293 8.86 -73.53 -23.84
C HIS C 293 8.53 -72.04 -23.99
N PHE C 294 7.37 -71.63 -23.47
CA PHE C 294 6.99 -70.22 -23.49
C PHE C 294 7.98 -69.37 -22.70
N ILE C 295 8.38 -69.84 -21.52
CA ILE C 295 9.36 -69.13 -20.70
C ILE C 295 10.69 -69.03 -21.42
N ALA C 296 11.12 -70.13 -22.06
CA ALA C 296 12.37 -70.10 -22.80
C ALA C 296 12.31 -69.11 -23.95
N GLY C 297 11.19 -69.06 -24.67
CA GLY C 297 11.05 -68.11 -25.75
C GLY C 297 11.09 -66.67 -25.27
N ILE C 298 10.43 -66.39 -24.15
CA ILE C 298 10.46 -65.03 -23.60
C ILE C 298 11.87 -64.67 -23.14
N VAL C 299 12.58 -65.63 -22.54
CA VAL C 299 13.93 -65.38 -22.06
C VAL C 299 14.87 -65.09 -23.23
N LYS C 300 14.73 -65.86 -24.32
CA LYS C 300 15.64 -65.72 -25.44
C LYS C 300 15.56 -64.33 -26.07
N HIS C 301 14.36 -63.80 -26.23
CA HIS C 301 14.14 -62.54 -26.92
C HIS C 301 13.95 -61.37 -25.97
N ALA C 302 14.22 -61.55 -24.67
CA ALA C 302 13.90 -60.52 -23.70
C ALA C 302 14.65 -59.22 -23.98
N THR C 303 15.94 -59.32 -24.29
CA THR C 303 16.73 -58.13 -24.60
C THR C 303 16.32 -57.50 -25.93
N SER C 304 15.56 -58.21 -26.76
CA SER C 304 15.22 -57.71 -28.09
C SER C 304 13.91 -56.93 -28.11
N PHE C 305 12.88 -57.40 -27.41
CA PHE C 305 11.60 -56.70 -27.40
C PHE C 305 11.52 -55.63 -26.32
N THR C 306 12.60 -55.39 -25.57
CA THR C 306 12.60 -54.33 -24.57
C THR C 306 12.35 -52.97 -25.20
N ALA C 307 12.84 -52.77 -26.43
CA ALA C 307 12.58 -51.52 -27.12
C ALA C 307 11.09 -51.28 -27.35
N VAL C 308 10.32 -52.34 -27.51
CA VAL C 308 8.88 -52.21 -27.70
C VAL C 308 8.14 -52.13 -26.37
N THR C 309 8.50 -52.98 -25.41
CA THR C 309 7.85 -52.95 -24.11
C THR C 309 8.28 -51.74 -23.28
N ASN C 310 9.45 -51.16 -23.57
CA ASN C 310 9.93 -49.95 -22.90
C ASN C 310 10.34 -48.96 -23.98
N PRO C 311 9.38 -48.29 -24.61
CA PRO C 311 9.66 -47.51 -25.82
C PRO C 311 10.12 -46.07 -25.59
N THR C 312 10.19 -45.59 -24.36
CA THR C 312 10.55 -44.20 -24.09
C THR C 312 11.95 -44.13 -23.50
N VAL C 313 12.51 -42.92 -23.54
CA VAL C 313 13.79 -42.68 -22.88
C VAL C 313 13.66 -42.83 -21.37
N ASN C 314 12.58 -42.29 -20.81
CA ASN C 314 12.35 -42.38 -19.38
C ASN C 314 12.11 -43.80 -18.91
N SER C 315 11.78 -44.72 -19.82
CA SER C 315 11.52 -46.10 -19.44
C SER C 315 12.74 -46.75 -18.79
N TYR C 316 13.93 -46.36 -19.21
CA TYR C 316 15.15 -47.00 -18.75
C TYR C 316 15.73 -46.36 -17.49
N LYS C 317 15.17 -45.23 -17.05
CA LYS C 317 15.44 -44.76 -15.70
C LYS C 317 14.69 -45.55 -14.64
N ARG C 318 13.61 -46.21 -15.02
CA ARG C 318 12.94 -47.14 -14.11
C ARG C 318 13.71 -48.45 -13.99
N LEU C 319 14.30 -48.91 -15.09
CA LEU C 319 15.04 -50.17 -15.11
C LEU C 319 16.42 -50.00 -14.46
N VAL C 320 16.38 -49.64 -13.18
CA VAL C 320 17.60 -49.48 -12.37
C VAL C 320 17.43 -50.31 -11.10
N PRO C 321 18.51 -50.83 -10.52
CA PRO C 321 18.37 -51.70 -9.36
C PRO C 321 17.86 -50.95 -8.13
N GLY C 322 17.14 -51.68 -7.28
CA GLY C 322 16.72 -51.17 -5.99
C GLY C 322 15.30 -50.66 -5.90
N TYR C 323 14.49 -50.82 -6.95
CA TYR C 323 13.13 -50.31 -6.95
C TYR C 323 12.13 -51.35 -7.45
N GLU C 324 12.46 -52.63 -7.30
CA GLU C 324 11.63 -53.78 -7.65
C GLU C 324 11.44 -53.93 -9.16
N ALA C 325 11.96 -53.01 -9.96
CA ALA C 325 11.88 -53.16 -11.40
C ALA C 325 12.93 -54.16 -11.88
N PRO C 326 12.61 -54.96 -12.90
CA PRO C 326 13.59 -55.93 -13.40
C PRO C 326 14.78 -55.25 -14.06
N CYS C 327 15.94 -55.89 -13.94
CA CYS C 327 17.15 -55.41 -14.58
C CYS C 327 17.94 -56.50 -15.28
N TYR C 328 17.59 -57.77 -15.09
CA TYR C 328 18.30 -58.89 -15.70
C TYR C 328 17.29 -59.89 -16.22
N VAL C 329 17.74 -60.72 -17.16
CA VAL C 329 16.88 -61.70 -17.82
C VAL C 329 16.94 -62.99 -17.02
N ALA C 330 15.91 -63.23 -16.22
CA ALA C 330 15.79 -64.46 -15.43
C ALA C 330 14.34 -64.66 -15.05
N TRP C 331 13.99 -65.89 -14.71
CA TRP C 331 12.66 -66.24 -14.28
C TRP C 331 12.71 -66.96 -12.94
N SER C 332 11.68 -66.75 -12.14
CA SER C 332 11.66 -67.31 -10.79
C SER C 332 10.23 -67.35 -10.29
N ALA C 333 10.02 -68.11 -9.21
CA ALA C 333 8.74 -68.11 -8.51
C ALA C 333 8.74 -67.20 -7.30
N GLN C 334 9.91 -66.90 -6.72
CA GLN C 334 9.99 -66.00 -5.57
C GLN C 334 11.39 -65.40 -5.58
N ASN C 335 11.48 -64.12 -5.97
CA ASN C 335 12.76 -63.44 -6.04
C ASN C 335 12.52 -61.94 -6.00
N ARG C 336 13.59 -61.19 -5.73
CA ARG C 336 13.53 -59.74 -5.71
C ARG C 336 13.65 -59.23 -7.15
N SER C 337 12.55 -58.70 -7.68
CA SER C 337 12.50 -58.12 -9.01
C SER C 337 13.00 -59.06 -10.11
N PRO C 338 12.32 -60.19 -10.33
CA PRO C 338 12.66 -61.03 -11.48
C PRO C 338 11.98 -60.53 -12.75
N LEU C 339 12.61 -60.84 -13.89
CA LEU C 339 12.02 -60.47 -15.17
C LEU C 339 10.70 -61.21 -15.38
N ILE C 340 10.69 -62.52 -15.12
CA ILE C 340 9.50 -63.35 -15.26
C ILE C 340 9.19 -63.95 -13.91
N ARG C 341 7.96 -63.74 -13.45
CA ARG C 341 7.50 -64.29 -12.18
C ARG C 341 6.29 -65.17 -12.41
N ILE C 342 6.28 -66.34 -11.78
CA ILE C 342 5.18 -67.29 -11.90
C ILE C 342 4.40 -67.27 -10.59
N PRO C 343 3.16 -66.80 -10.58
CA PRO C 343 2.40 -66.73 -9.33
C PRO C 343 2.11 -68.12 -8.76
N ALA C 344 1.83 -68.14 -7.46
CA ALA C 344 1.62 -69.40 -6.76
C ALA C 344 0.35 -70.11 -7.22
N SER C 345 -0.66 -69.35 -7.62
CA SER C 345 -1.92 -69.96 -8.05
C SER C 345 -1.71 -70.83 -9.28
N ARG C 346 -2.38 -71.96 -9.32
CA ARG C 346 -2.23 -72.95 -10.38
C ARG C 346 -3.60 -73.35 -10.90
N GLY C 347 -3.61 -74.33 -11.80
CA GLY C 347 -4.85 -74.81 -12.38
C GLY C 347 -5.28 -73.94 -13.54
N ILE C 348 -6.52 -73.43 -13.47
CA ILE C 348 -7.01 -72.54 -14.50
C ILE C 348 -6.25 -71.22 -14.49
N SER C 349 -5.84 -70.75 -13.31
CA SER C 349 -5.19 -69.46 -13.16
C SER C 349 -3.68 -69.52 -13.33
N THR C 350 -3.15 -70.60 -13.90
CA THR C 350 -1.72 -70.68 -14.16
C THR C 350 -1.34 -69.67 -15.22
N ARG C 351 -0.31 -68.87 -14.94
CA ARG C 351 0.09 -67.79 -15.83
C ARG C 351 1.56 -67.46 -15.61
N VAL C 352 2.12 -66.72 -16.56
CA VAL C 352 3.48 -66.20 -16.46
C VAL C 352 3.41 -64.69 -16.52
N GLU C 353 4.09 -64.03 -15.58
CA GLU C 353 4.05 -62.58 -15.45
C GLU C 353 5.34 -61.99 -15.98
N VAL C 354 5.24 -61.08 -16.94
CA VAL C 354 6.37 -60.33 -17.45
C VAL C 354 6.32 -58.94 -16.81
N ARG C 355 7.33 -58.62 -16.00
CA ARG C 355 7.32 -57.41 -15.19
C ARG C 355 8.11 -56.27 -15.79
N SER C 356 8.72 -56.46 -16.97
CA SER C 356 9.49 -55.39 -17.58
C SER C 356 8.60 -54.33 -18.23
N VAL C 357 7.40 -54.71 -18.65
CA VAL C 357 6.52 -53.79 -19.37
C VAL C 357 6.14 -52.62 -18.48
N ASP C 358 6.07 -51.44 -19.06
CA ASP C 358 5.64 -50.23 -18.39
C ASP C 358 4.38 -49.67 -19.06
N PRO C 359 3.60 -48.84 -18.35
CA PRO C 359 2.34 -48.36 -18.94
C PRO C 359 2.52 -47.47 -20.15
N ALA C 360 3.72 -46.96 -20.40
CA ALA C 360 3.94 -46.13 -21.59
C ALA C 360 3.99 -46.95 -22.87
N ALA C 361 4.16 -48.27 -22.78
CA ALA C 361 4.25 -49.10 -23.98
C ALA C 361 2.92 -49.16 -24.71
N ASN C 362 2.99 -49.35 -26.02
CA ASN C 362 1.80 -49.60 -26.81
C ASN C 362 1.28 -50.99 -26.48
N PRO C 363 0.05 -51.13 -25.97
CA PRO C 363 -0.42 -52.46 -25.55
C PRO C 363 -0.43 -53.48 -26.68
N TYR C 364 -0.88 -53.08 -27.87
CA TYR C 364 -0.96 -54.01 -28.99
C TYR C 364 0.42 -54.48 -29.41
N LEU C 365 1.37 -53.55 -29.54
CA LEU C 365 2.72 -53.93 -29.97
C LEU C 365 3.42 -54.77 -28.91
N ALA C 366 3.28 -54.41 -27.63
CA ALA C 366 3.90 -55.19 -26.57
C ALA C 366 3.33 -56.59 -26.51
N LEU C 367 2.01 -56.72 -26.62
CA LEU C 367 1.39 -58.04 -26.63
C LEU C 367 1.83 -58.84 -27.86
N SER C 368 1.97 -58.16 -29.00
CA SER C 368 2.41 -58.84 -30.21
C SER C 368 3.82 -59.42 -30.04
N VAL C 369 4.75 -58.62 -29.51
CA VAL C 369 6.12 -59.10 -29.39
C VAL C 369 6.21 -60.18 -28.32
N LEU C 370 5.48 -60.02 -27.21
CA LEU C 370 5.50 -61.06 -26.18
C LEU C 370 4.94 -62.38 -26.71
N LEU C 371 3.82 -62.31 -27.42
CA LEU C 371 3.23 -63.52 -27.98
C LEU C 371 4.15 -64.15 -29.03
N ALA C 372 4.80 -63.31 -29.85
CA ALA C 372 5.71 -63.84 -30.86
C ALA C 372 6.90 -64.55 -30.21
N ALA C 373 7.47 -63.96 -29.16
CA ALA C 373 8.56 -64.62 -28.46
C ALA C 373 8.11 -65.93 -27.83
N GLY C 374 6.93 -65.92 -27.19
CA GLY C 374 6.44 -67.14 -26.59
C GLY C 374 6.18 -68.25 -27.61
N LEU C 375 5.62 -67.88 -28.76
CA LEU C 375 5.38 -68.87 -29.81
C LEU C 375 6.68 -69.37 -30.41
N ASP C 376 7.68 -68.48 -30.51
CA ASP C 376 9.00 -68.91 -30.99
C ASP C 376 9.60 -69.94 -30.03
N GLY C 377 9.44 -69.74 -28.72
CA GLY C 377 9.87 -70.74 -27.78
C GLY C 377 9.11 -72.05 -27.92
N ILE C 378 7.81 -71.97 -28.14
CA ILE C 378 7.00 -73.19 -28.28
C ILE C 378 7.30 -73.90 -29.59
N LYS C 379 7.42 -73.15 -30.68
CA LYS C 379 7.60 -73.76 -32.00
C LYS C 379 8.91 -74.52 -32.09
N ASN C 380 10.00 -73.96 -31.55
CA ASN C 380 11.30 -74.59 -31.61
C ASN C 380 11.62 -75.46 -30.39
N LYS C 381 10.70 -75.54 -29.43
CA LYS C 381 10.87 -76.35 -28.23
C LYS C 381 12.18 -76.01 -27.51
N LEU C 382 12.40 -74.71 -27.31
CA LEU C 382 13.58 -74.25 -26.60
C LEU C 382 13.53 -74.70 -25.14
N GLU C 383 14.71 -74.90 -24.56
CA GLU C 383 14.83 -75.37 -23.18
C GLU C 383 14.97 -74.17 -22.26
N ALA C 384 14.07 -74.08 -21.27
CA ALA C 384 14.10 -72.97 -20.34
C ALA C 384 15.30 -73.10 -19.40
N PRO C 385 15.92 -71.99 -19.01
CA PRO C 385 17.02 -72.05 -18.06
C PRO C 385 16.51 -72.33 -16.65
N ALA C 386 17.45 -72.64 -15.77
CA ALA C 386 17.11 -72.93 -14.38
C ALA C 386 16.61 -71.67 -13.69
N PRO C 387 15.58 -71.77 -12.85
CA PRO C 387 15.10 -70.59 -12.12
C PRO C 387 16.13 -70.09 -11.13
N ILE C 388 16.08 -68.79 -10.85
CA ILE C 388 17.02 -68.13 -9.96
C ILE C 388 16.30 -67.81 -8.65
N ASP C 389 16.81 -68.34 -7.54
CA ASP C 389 16.21 -68.11 -6.23
C ASP C 389 17.25 -67.79 -5.18
N ARG C 390 18.27 -67.00 -5.56
CA ARG C 390 19.41 -66.75 -4.61
C ARG C 390 19.77 -65.26 -4.58
N ASN C 391 19.02 -64.40 -5.29
CA ASN C 391 19.23 -62.94 -5.26
C ASN C 391 20.47 -62.53 -6.07
N ILE C 392 20.31 -62.64 -7.40
CA ILE C 392 21.31 -62.24 -8.39
C ILE C 392 21.97 -60.91 -8.06
N TYR C 393 21.23 -60.01 -7.41
CA TYR C 393 21.80 -58.71 -7.04
C TYR C 393 23.00 -58.83 -6.12
N VAL C 394 23.16 -59.97 -5.45
CA VAL C 394 24.25 -60.13 -4.48
C VAL C 394 25.60 -60.06 -5.17
N MET C 395 25.77 -60.82 -6.25
CA MET C 395 27.07 -60.90 -6.89
C MET C 395 27.18 -59.91 -8.05
N SER C 396 28.42 -59.71 -8.51
CA SER C 396 28.72 -58.70 -9.51
C SER C 396 28.25 -59.14 -10.90
N LYS C 397 28.30 -58.19 -11.84
CA LYS C 397 27.91 -58.48 -13.22
C LYS C 397 28.83 -59.52 -13.84
N GLU C 398 30.14 -59.41 -13.59
CA GLU C 398 31.05 -60.45 -14.05
C GLU C 398 30.82 -61.76 -13.30
N GLU C 399 30.33 -61.69 -12.07
CA GLU C 399 30.04 -62.87 -11.28
C GLU C 399 28.72 -63.52 -11.66
N ARG C 400 27.95 -62.93 -12.57
CA ARG C 400 26.70 -63.51 -13.05
C ARG C 400 26.67 -63.68 -14.56
N MET C 401 27.63 -63.13 -15.30
CA MET C 401 27.64 -63.29 -16.75
C MET C 401 27.98 -64.72 -17.16
N GLU C 402 28.79 -65.43 -16.35
CA GLU C 402 29.10 -66.81 -16.66
C GLU C 402 27.87 -67.70 -16.59
N ASN C 403 26.85 -67.31 -15.83
CA ASN C 403 25.58 -68.01 -15.83
C ASN C 403 24.75 -67.53 -17.02
N GLY C 404 23.47 -67.89 -17.03
CA GLY C 404 22.58 -67.44 -18.09
C GLY C 404 22.01 -66.05 -17.90
N ILE C 405 22.42 -65.35 -16.85
CA ILE C 405 21.85 -64.06 -16.51
C ILE C 405 22.53 -62.98 -17.36
N VAL C 406 21.75 -62.34 -18.22
CA VAL C 406 22.23 -61.21 -19.02
C VAL C 406 21.47 -59.97 -18.62
N ASP C 407 22.07 -58.82 -18.88
CA ASP C 407 21.50 -57.53 -18.49
C ASP C 407 20.56 -57.01 -19.57
N LEU C 408 19.48 -56.36 -19.14
CA LEU C 408 18.61 -55.66 -20.05
C LEU C 408 19.34 -54.43 -20.60
N PRO C 409 18.92 -53.93 -21.77
CA PRO C 409 19.55 -52.73 -22.31
C PRO C 409 19.43 -51.55 -21.35
N ALA C 410 20.50 -50.76 -21.28
CA ALA C 410 20.57 -49.67 -20.32
C ALA C 410 19.96 -48.38 -20.83
N THR C 411 19.91 -48.18 -22.16
CA THR C 411 19.35 -46.98 -22.75
C THR C 411 18.41 -47.38 -23.89
N LEU C 412 17.66 -46.39 -24.37
CA LEU C 412 16.76 -46.63 -25.49
C LEU C 412 17.54 -46.93 -26.77
N ALA C 413 18.69 -46.28 -26.96
CA ALA C 413 19.51 -46.55 -28.14
C ALA C 413 20.03 -47.97 -28.14
N GLU C 414 20.49 -48.46 -26.99
CA GLU C 414 20.96 -49.83 -26.90
C GLU C 414 19.85 -50.82 -27.17
N ALA C 415 18.65 -50.56 -26.66
CA ALA C 415 17.50 -51.42 -26.92
C ALA C 415 17.13 -51.40 -28.39
N LEU C 416 17.21 -50.23 -29.04
CA LEU C 416 16.96 -50.15 -30.47
C LEU C 416 17.97 -50.97 -31.25
N GLU C 417 19.25 -50.91 -30.85
CA GLU C 417 20.27 -51.70 -31.52
C GLU C 417 20.01 -53.19 -31.36
N GLU C 418 19.62 -53.61 -30.15
CA GLU C 418 19.32 -55.03 -29.92
C GLU C 418 18.09 -55.46 -30.70
N PHE C 419 17.08 -54.59 -30.79
CA PHE C 419 15.83 -54.94 -31.46
C PHE C 419 16.02 -55.07 -32.96
N LYS C 420 16.86 -54.22 -33.54
CA LYS C 420 17.08 -54.27 -34.99
C LYS C 420 17.71 -55.59 -35.41
N SER C 421 18.62 -56.12 -34.59
CA SER C 421 19.37 -57.31 -34.97
C SER C 421 18.59 -58.60 -34.76
N ASN C 422 17.46 -58.55 -34.06
CA ASN C 422 16.68 -59.77 -33.82
C ASN C 422 15.72 -59.99 -34.97
N GLU C 423 15.94 -61.08 -35.72
CA GLU C 423 15.16 -61.34 -36.92
C GLU C 423 13.72 -61.69 -36.57
N VAL C 424 13.53 -62.54 -35.56
CA VAL C 424 12.19 -63.00 -35.19
C VAL C 424 11.32 -61.83 -34.74
N MET C 425 11.89 -60.93 -33.93
CA MET C 425 11.13 -59.79 -33.46
C MET C 425 10.76 -58.84 -34.60
N VAL C 426 11.50 -58.87 -35.70
CA VAL C 426 11.19 -58.00 -36.83
C VAL C 426 9.84 -58.38 -37.45
N LYS C 427 9.62 -59.68 -37.69
CA LYS C 427 8.32 -60.10 -38.21
C LYS C 427 7.19 -59.95 -37.19
N ALA C 428 7.52 -59.77 -35.90
CA ALA C 428 6.46 -59.67 -34.89
C ALA C 428 5.55 -58.49 -35.14
N LEU C 429 6.03 -57.46 -35.81
CA LEU C 429 5.22 -56.30 -36.13
C LEU C 429 5.22 -55.94 -37.62
N GLY C 430 5.97 -56.65 -38.44
CA GLY C 430 5.97 -56.40 -39.86
C GLY C 430 6.88 -55.25 -40.25
N GLU C 431 7.17 -55.17 -41.56
CA GLU C 431 8.15 -54.21 -42.05
C GLU C 431 7.68 -52.77 -41.88
N HIS C 432 6.41 -52.49 -42.15
CA HIS C 432 5.91 -51.11 -42.04
C HIS C 432 6.04 -50.60 -40.62
N LEU C 433 5.49 -51.35 -39.67
CA LEU C 433 5.57 -50.95 -38.27
C LEU C 433 7.02 -50.88 -37.82
N PHE C 434 7.84 -51.85 -38.24
CA PHE C 434 9.24 -51.88 -37.81
C PHE C 434 9.97 -50.62 -38.25
N GLU C 435 9.90 -50.29 -39.54
CA GLU C 435 10.62 -49.11 -40.03
C GLU C 435 10.09 -47.83 -39.39
N HIS C 436 8.78 -47.66 -39.28
CA HIS C 436 8.27 -46.41 -38.73
C HIS C 436 8.60 -46.29 -37.24
N PHE C 437 8.48 -47.39 -36.49
CA PHE C 437 8.85 -47.37 -35.08
C PHE C 437 10.32 -47.06 -34.90
N ILE C 438 11.18 -47.67 -35.72
CA ILE C 438 12.63 -47.43 -35.59
C ILE C 438 12.95 -45.98 -35.90
N GLU C 439 12.35 -45.42 -36.96
CA GLU C 439 12.59 -44.03 -37.29
C GLU C 439 12.15 -43.10 -36.16
N ALA C 440 10.95 -43.32 -35.63
CA ALA C 440 10.44 -42.46 -34.57
C ALA C 440 11.31 -42.56 -33.32
N LYS C 441 11.71 -43.77 -32.94
CA LYS C 441 12.51 -43.92 -31.73
C LYS C 441 13.93 -43.40 -31.91
N GLU C 442 14.50 -43.54 -33.10
CA GLU C 442 15.81 -42.95 -33.35
C GLU C 442 15.76 -41.44 -33.27
N ILE C 443 14.71 -40.83 -33.81
CA ILE C 443 14.56 -39.37 -33.68
C ILE C 443 14.40 -39.00 -32.20
N GLU C 444 13.62 -39.79 -31.46
CA GLU C 444 13.43 -39.53 -30.03
C GLU C 444 14.76 -39.56 -29.28
N TRP C 445 15.58 -40.58 -29.56
CA TRP C 445 16.86 -40.68 -28.86
C TRP C 445 17.81 -39.56 -29.28
N ASP C 446 17.83 -39.21 -30.56
CA ASP C 446 18.72 -38.15 -31.02
C ASP C 446 18.35 -36.82 -30.39
N MET C 447 17.06 -36.54 -30.24
CA MET C 447 16.65 -35.30 -29.57
C MET C 447 17.11 -35.29 -28.12
N PHE C 448 17.07 -36.42 -27.45
CA PHE C 448 17.42 -36.48 -26.03
C PHE C 448 18.93 -36.36 -25.82
N ARG C 449 19.72 -37.03 -26.65
CA ARG C 449 21.16 -37.11 -26.41
C ARG C 449 21.89 -35.80 -26.65
N THR C 450 21.32 -34.90 -27.46
CA THR C 450 21.97 -33.63 -27.74
C THR C 450 21.55 -32.52 -26.80
N GLN C 451 20.61 -32.78 -25.90
CA GLN C 451 20.17 -31.77 -24.95
C GLN C 451 21.19 -31.56 -23.85
N VAL C 452 21.18 -30.36 -23.27
CA VAL C 452 22.02 -30.03 -22.13
C VAL C 452 21.08 -29.88 -20.94
N HIS C 453 21.08 -30.87 -20.07
CA HIS C 453 20.14 -30.90 -18.95
C HIS C 453 20.64 -30.03 -17.80
N PRO C 454 19.74 -29.54 -16.96
CA PRO C 454 20.16 -28.71 -15.81
C PRO C 454 21.12 -29.43 -14.87
N TRP C 455 21.06 -30.77 -14.82
CA TRP C 455 22.00 -31.50 -13.98
C TRP C 455 23.44 -31.25 -14.43
N GLU C 456 23.67 -31.19 -15.74
CA GLU C 456 25.01 -30.93 -16.25
C GLU C 456 25.51 -29.55 -15.82
N ARG C 457 24.64 -28.54 -15.89
CA ARG C 457 25.04 -27.21 -15.45
C ARG C 457 25.30 -27.17 -13.94
N GLU C 458 24.47 -27.87 -13.16
CA GLU C 458 24.71 -27.91 -11.72
C GLU C 458 26.01 -28.64 -11.40
N GLN C 459 26.44 -29.56 -12.25
CA GLN C 459 27.63 -30.35 -11.99
C GLN C 459 28.91 -29.71 -12.53
N TYR C 460 28.82 -28.90 -13.59
CA TYR C 460 30.02 -28.45 -14.30
C TYR C 460 30.13 -26.95 -14.50
N MET C 461 29.05 -26.17 -14.39
CA MET C 461 29.13 -24.75 -14.69
C MET C 461 30.07 -24.03 -13.73
N SER C 462 30.02 -24.36 -12.45
CA SER C 462 30.89 -23.74 -11.47
C SER C 462 32.18 -24.52 -11.23
N GLN C 463 32.12 -25.85 -11.37
CA GLN C 463 33.33 -26.66 -11.19
C GLN C 463 34.36 -26.36 -12.28
N TYR C 464 33.91 -26.20 -13.51
CA TYR C 464 34.81 -25.89 -14.63
C TYR C 464 34.55 -24.50 -15.18
N THR D 1 15.54 -30.58 -43.64
CA THR D 1 14.16 -30.12 -43.61
C THR D 1 13.23 -31.16 -44.23
N PHE D 2 12.29 -30.68 -45.05
CA PHE D 2 11.35 -31.50 -45.81
C PHE D 2 10.29 -32.10 -44.88
N ARG D 3 10.48 -31.96 -43.58
CA ARG D 3 9.50 -32.44 -42.60
C ARG D 3 9.67 -31.59 -41.34
N GLN D 4 8.83 -30.58 -41.19
CA GLN D 4 8.89 -29.67 -40.06
C GLN D 4 7.60 -29.59 -39.27
N GLY D 5 6.45 -29.59 -39.96
CA GLY D 5 5.18 -29.55 -39.24
C GLY D 5 4.92 -30.82 -38.44
N ASP D 6 5.32 -31.96 -38.98
CA ASP D 6 5.09 -33.23 -38.29
C ASP D 6 6.02 -33.38 -37.08
N MET D 7 7.28 -32.99 -37.23
CA MET D 7 8.27 -33.14 -36.16
C MET D 7 8.31 -31.95 -35.21
N SER D 8 7.39 -31.00 -35.36
CA SER D 8 7.40 -29.81 -34.52
C SER D 8 7.14 -30.13 -33.04
N ARG D 9 6.62 -31.32 -32.75
CA ARG D 9 6.30 -31.70 -31.34
C ARG D 9 7.59 -31.87 -30.53
N PHE D 10 8.71 -32.22 -31.19
CA PHE D 10 9.98 -32.38 -30.51
C PHE D 10 10.69 -31.05 -30.32
N THR E 1 22.85 -50.57 -0.90
CA THR E 1 21.64 -50.35 -1.67
C THR E 1 20.74 -51.60 -1.66
N PHE E 2 20.24 -51.95 -2.84
CA PHE E 2 19.44 -53.16 -3.08
C PHE E 2 18.05 -53.01 -2.47
N ARG E 3 17.83 -51.94 -1.70
CA ARG E 3 16.51 -51.66 -1.13
C ARG E 3 16.43 -50.15 -0.92
N GLN E 4 15.80 -49.45 -1.85
CA GLN E 4 15.66 -48.01 -1.76
C GLN E 4 14.21 -47.54 -1.77
N GLY E 5 13.36 -48.15 -2.60
CA GLY E 5 11.97 -47.75 -2.63
C GLY E 5 11.23 -48.11 -1.35
N ASP E 6 11.50 -49.29 -0.81
CA ASP E 6 10.83 -49.71 0.42
C ASP E 6 11.30 -48.91 1.63
N MET E 7 12.60 -48.62 1.69
CA MET E 7 13.19 -47.92 2.82
C MET E 7 13.22 -46.40 2.65
N SER E 8 12.59 -45.90 1.59
CA SER E 8 12.59 -44.46 1.34
C SER E 8 11.83 -43.66 2.40
N ARG E 9 11.00 -44.34 3.19
CA ARG E 9 10.22 -43.62 4.21
C ARG E 9 11.11 -43.04 5.30
N PHE E 10 12.33 -43.57 5.46
CA PHE E 10 13.24 -43.07 6.48
C PHE E 10 14.14 -41.98 5.92
N ALA F 22 67.30 -21.89 -15.86
CA ALA F 22 66.37 -21.57 -14.77
C ALA F 22 66.05 -20.08 -14.74
N LYS F 23 64.89 -19.75 -14.20
CA LYS F 23 64.43 -18.37 -14.09
C LYS F 23 64.56 -17.79 -12.69
N TYR F 24 64.31 -18.60 -11.65
CA TYR F 24 64.44 -18.18 -10.27
C TYR F 24 65.33 -19.16 -9.52
N THR F 25 66.19 -18.62 -8.67
CA THR F 25 66.93 -19.40 -7.69
C THR F 25 66.36 -19.13 -6.30
N ARG F 26 66.85 -19.88 -5.32
CA ARG F 26 66.32 -19.77 -3.96
C ARG F 26 66.52 -18.37 -3.41
N GLU F 27 67.75 -17.85 -3.50
CA GLU F 27 68.05 -16.53 -2.94
C GLU F 27 67.18 -15.46 -3.57
N ASP F 28 66.91 -15.59 -4.88
CA ASP F 28 65.98 -14.68 -5.54
C ASP F 28 64.59 -14.77 -4.92
N ILE F 29 64.16 -15.99 -4.57
CA ILE F 29 62.84 -16.15 -3.97
C ILE F 29 62.76 -15.46 -2.61
N GLU F 30 63.76 -15.70 -1.76
CA GLU F 30 63.75 -15.04 -0.46
C GLU F 30 63.83 -13.52 -0.60
N LYS F 31 64.67 -13.03 -1.50
CA LYS F 31 64.79 -11.59 -1.69
C LYS F 31 63.46 -11.00 -2.17
N LEU F 32 62.83 -11.65 -3.16
CA LEU F 32 61.60 -11.13 -3.72
C LEU F 32 60.49 -11.09 -2.67
N VAL F 33 60.35 -12.16 -1.89
CA VAL F 33 59.34 -12.13 -0.83
C VAL F 33 59.71 -11.10 0.22
N LYS F 34 61.00 -10.85 0.44
CA LYS F 34 61.42 -9.86 1.42
C LYS F 34 60.96 -8.46 1.04
N GLU F 35 61.26 -8.01 -0.19
CA GLU F 35 60.77 -6.68 -0.55
C GLU F 35 59.25 -6.66 -0.73
N GLU F 36 58.68 -7.68 -1.39
CA GLU F 36 57.26 -7.63 -1.68
C GLU F 36 56.39 -7.83 -0.45
N ASN F 37 56.97 -8.25 0.67
CA ASN F 37 56.24 -8.41 1.93
C ASN F 37 55.07 -9.39 1.75
N VAL F 38 55.40 -10.61 1.41
CA VAL F 38 54.41 -11.68 1.28
C VAL F 38 54.30 -12.38 2.62
N LYS F 39 53.07 -12.71 3.00
CA LYS F 39 52.80 -13.40 4.25
C LYS F 39 52.14 -14.75 4.06
N TYR F 40 51.53 -15.01 2.92
CA TYR F 40 50.79 -16.24 2.65
C TYR F 40 51.33 -16.86 1.37
N ILE F 41 51.63 -18.15 1.42
CA ILE F 41 52.16 -18.87 0.27
C ILE F 41 51.29 -20.08 0.01
N ARG F 42 50.80 -20.21 -1.22
CA ARG F 42 49.99 -21.35 -1.64
C ARG F 42 50.88 -22.34 -2.40
N LEU F 43 50.94 -23.57 -1.90
CA LEU F 43 51.69 -24.63 -2.57
C LEU F 43 50.68 -25.47 -3.37
N GLN F 44 50.36 -24.97 -4.55
CA GLN F 44 49.25 -25.51 -5.32
C GLN F 44 49.66 -26.70 -6.17
N PHE F 45 48.70 -27.60 -6.39
CA PHE F 45 48.89 -28.78 -7.20
C PHE F 45 47.56 -29.13 -7.86
N THR F 46 47.58 -30.14 -8.71
CA THR F 46 46.43 -30.53 -9.52
C THR F 46 46.06 -31.98 -9.22
N ASP F 47 44.78 -32.23 -9.00
CA ASP F 47 44.29 -33.56 -8.68
C ASP F 47 43.87 -34.29 -9.96
N ILE F 48 43.19 -35.42 -9.82
CA ILE F 48 42.81 -36.23 -11.01
C ILE F 48 41.76 -35.46 -11.85
N LEU F 49 40.78 -34.83 -11.20
CA LEU F 49 39.71 -34.17 -11.94
C LEU F 49 40.14 -32.85 -12.55
N GLY F 50 41.33 -32.35 -12.23
CA GLY F 50 41.84 -31.13 -12.81
C GLY F 50 41.61 -29.89 -11.98
N THR F 51 40.82 -29.96 -10.91
CA THR F 51 40.63 -28.80 -10.06
C THR F 51 41.91 -28.49 -9.29
N ILE F 52 42.16 -27.21 -9.08
CA ILE F 52 43.40 -26.76 -8.46
C ILE F 52 43.26 -26.90 -6.94
N LYS F 53 44.20 -27.61 -6.32
CA LYS F 53 44.26 -27.79 -4.88
C LYS F 53 45.54 -27.18 -4.34
N ASN F 54 45.54 -26.90 -3.04
CA ASN F 54 46.76 -26.42 -2.40
C ASN F 54 46.71 -26.70 -0.90
N VAL F 55 47.89 -26.63 -0.29
CA VAL F 55 48.03 -26.49 1.14
C VAL F 55 48.76 -25.17 1.40
N GLU F 56 48.26 -24.40 2.35
CA GLU F 56 48.73 -23.03 2.56
C GLU F 56 49.59 -22.96 3.82
N ILE F 57 50.67 -22.19 3.73
CA ILE F 57 51.61 -22.04 4.84
C ILE F 57 51.89 -20.55 5.05
N PRO F 58 52.23 -20.13 6.27
CA PRO F 58 52.71 -18.76 6.46
C PRO F 58 54.11 -18.60 5.87
N VAL F 59 54.48 -17.33 5.65
CA VAL F 59 55.79 -17.03 5.08
C VAL F 59 56.91 -17.52 5.98
N SER F 60 56.65 -17.69 7.28
CA SER F 60 57.67 -18.21 8.18
C SER F 60 58.04 -19.66 7.88
N GLN F 61 57.21 -20.36 7.11
CA GLN F 61 57.47 -21.75 6.74
C GLN F 61 58.08 -21.87 5.33
N LEU F 62 58.50 -20.75 4.75
CA LEU F 62 59.07 -20.78 3.40
C LEU F 62 60.35 -21.60 3.37
N GLY F 63 61.18 -21.48 4.40
CA GLY F 63 62.40 -22.27 4.47
C GLY F 63 62.13 -23.76 4.49
N LYS F 64 61.14 -24.18 5.28
CA LYS F 64 60.76 -25.58 5.30
C LYS F 64 60.17 -26.03 3.97
N ALA F 65 59.40 -25.16 3.31
CA ALA F 65 58.82 -25.50 2.03
C ALA F 65 59.88 -25.71 0.97
N LEU F 66 60.87 -24.80 0.90
CA LEU F 66 61.93 -24.91 -0.09
C LEU F 66 62.87 -26.06 0.20
N ASP F 67 62.82 -26.66 1.39
CA ASP F 67 63.61 -27.82 1.72
C ASP F 67 62.91 -29.13 1.38
N ASN F 68 61.75 -29.06 0.74
CA ASN F 68 60.97 -30.26 0.38
C ASN F 68 60.62 -31.08 1.62
N LYS F 69 60.10 -30.38 2.63
CA LYS F 69 59.80 -31.01 3.91
C LYS F 69 58.33 -30.88 4.33
N VAL F 70 57.52 -30.12 3.60
CA VAL F 70 56.12 -29.96 3.96
C VAL F 70 55.35 -31.22 3.60
N MET F 71 54.63 -31.78 4.57
CA MET F 71 53.83 -32.97 4.37
C MET F 71 52.35 -32.60 4.27
N PHE F 72 51.59 -33.47 3.63
CA PHE F 72 50.16 -33.27 3.45
C PHE F 72 49.52 -34.61 3.08
N ASP F 73 48.20 -34.62 3.05
CA ASP F 73 47.44 -35.82 2.71
C ASP F 73 47.43 -35.97 1.19
N GLY F 74 48.21 -36.92 0.68
CA GLY F 74 48.30 -37.14 -0.76
C GLY F 74 47.07 -37.79 -1.36
N SER F 75 46.16 -38.33 -0.54
CA SER F 75 44.94 -38.92 -1.05
C SER F 75 44.00 -37.87 -1.63
N SER F 76 44.21 -36.59 -1.32
CA SER F 76 43.37 -35.53 -1.87
C SER F 76 43.51 -35.43 -3.39
N ILE F 77 44.56 -35.99 -3.96
CA ILE F 77 44.70 -36.03 -5.41
C ILE F 77 43.62 -36.91 -6.03
N GLU F 78 43.23 -37.99 -5.34
CA GLU F 78 42.24 -38.91 -5.87
C GLU F 78 40.86 -38.28 -5.99
N GLY F 79 40.62 -37.15 -5.32
CA GLY F 79 39.32 -36.51 -5.38
C GLY F 79 38.31 -37.13 -4.43
N PHE F 80 37.09 -37.35 -4.91
CA PHE F 80 36.03 -37.88 -4.08
C PHE F 80 36.06 -39.39 -3.94
N VAL F 81 37.00 -40.07 -4.59
CA VAL F 81 37.13 -41.52 -4.47
C VAL F 81 38.27 -41.92 -3.53
N ARG F 82 38.80 -40.97 -2.76
CA ARG F 82 39.88 -41.27 -1.83
C ARG F 82 39.39 -42.19 -0.72
N ILE F 83 40.24 -43.11 -0.30
CA ILE F 83 39.92 -44.08 0.73
C ILE F 83 40.66 -43.79 2.03
N GLU F 84 41.99 -43.81 2.00
CA GLU F 84 42.81 -43.74 3.19
C GLU F 84 43.77 -42.57 3.12
N GLU F 85 44.05 -41.99 4.27
CA GLU F 85 45.04 -40.91 4.35
C GLU F 85 46.43 -41.43 4.02
N SER F 86 47.18 -40.63 3.26
CA SER F 86 48.54 -41.00 2.88
C SER F 86 49.41 -39.75 2.93
N ASP F 87 50.59 -39.89 3.53
CA ASP F 87 51.51 -38.76 3.69
C ASP F 87 52.45 -38.68 2.50
N MET F 88 52.52 -37.51 1.88
CA MET F 88 53.43 -37.25 0.78
C MET F 88 54.06 -35.87 0.94
N TYR F 89 55.20 -35.68 0.30
CA TYR F 89 55.90 -34.41 0.34
C TYR F 89 55.44 -33.50 -0.80
N LEU F 90 55.87 -32.25 -0.75
CA LEU F 90 55.31 -31.17 -1.56
C LEU F 90 56.42 -30.37 -2.23
N TYR F 91 57.34 -31.07 -2.91
CA TYR F 91 58.48 -30.47 -3.61
C TYR F 91 58.02 -29.34 -4.53
N PRO F 92 58.33 -28.08 -4.22
CA PRO F 92 57.90 -26.98 -5.07
C PRO F 92 58.84 -26.75 -6.24
N ASP F 93 58.30 -26.08 -7.26
CA ASP F 93 59.07 -25.70 -8.45
C ASP F 93 59.37 -24.20 -8.36
N LEU F 94 60.65 -23.86 -8.38
CA LEU F 94 61.05 -22.46 -8.20
C LEU F 94 60.63 -21.59 -9.38
N ASN F 95 60.68 -22.15 -10.60
CA ASN F 95 60.38 -21.36 -11.79
C ASN F 95 58.92 -20.97 -11.87
N THR F 96 58.04 -21.62 -11.11
CA THR F 96 56.62 -21.32 -11.13
C THR F 96 56.21 -20.25 -10.13
N PHE F 97 57.17 -19.64 -9.44
CA PHE F 97 56.86 -18.61 -8.46
C PHE F 97 56.16 -17.43 -9.12
N VAL F 98 54.97 -17.10 -8.62
CA VAL F 98 54.17 -16.01 -9.13
C VAL F 98 53.58 -15.25 -7.95
N ILE F 99 53.61 -13.92 -8.03
CA ILE F 99 53.03 -13.07 -7.00
C ILE F 99 51.65 -12.62 -7.48
N PHE F 100 50.62 -12.95 -6.71
CA PHE F 100 49.26 -12.60 -7.10
C PHE F 100 49.05 -11.10 -6.97
N PRO F 101 48.44 -10.46 -7.98
CA PRO F 101 48.28 -9.00 -7.94
C PRO F 101 47.24 -8.53 -6.92
N TRP F 102 46.38 -9.42 -6.44
CA TRP F 102 45.32 -9.04 -5.50
C TRP F 102 45.89 -9.14 -4.09
N THR F 103 46.23 -7.98 -3.52
CA THR F 103 46.82 -7.94 -2.19
C THR F 103 45.80 -8.42 -1.15
N ALA F 104 46.25 -9.29 -0.25
CA ALA F 104 45.39 -9.85 0.78
C ALA F 104 45.62 -9.13 2.11
N GLU F 105 45.10 -7.91 2.18
CA GLU F 105 45.14 -7.09 3.38
C GLU F 105 46.56 -6.97 3.93
N LYS F 106 46.83 -7.69 5.02
CA LYS F 106 48.14 -7.66 5.68
C LYS F 106 49.08 -8.62 4.97
N GLY F 107 49.67 -8.16 3.88
CA GLY F 107 50.63 -8.95 3.14
C GLY F 107 50.08 -9.46 1.81
N LYS F 108 51.00 -9.84 0.93
CA LYS F 108 50.66 -10.37 -0.38
C LYS F 108 50.65 -11.89 -0.36
N VAL F 109 50.16 -12.47 -1.45
CA VAL F 109 50.07 -13.92 -1.60
C VAL F 109 50.91 -14.34 -2.80
N ALA F 110 51.73 -15.36 -2.61
CA ALA F 110 52.53 -15.94 -3.69
C ALA F 110 52.19 -17.43 -3.80
N ARG F 111 52.47 -17.99 -4.96
CA ARG F 111 52.13 -19.38 -5.23
C ARG F 111 53.34 -20.14 -5.76
N PHE F 112 53.37 -21.43 -5.45
CA PHE F 112 54.29 -22.38 -6.04
C PHE F 112 53.49 -23.55 -6.58
N ILE F 113 53.85 -24.00 -7.78
CA ILE F 113 53.31 -25.24 -8.33
C ILE F 113 54.27 -26.36 -7.96
N CYS F 114 53.79 -27.37 -7.26
CA CYS F 114 54.63 -28.34 -6.61
C CYS F 114 54.40 -29.74 -7.16
N ASP F 115 55.44 -30.56 -7.11
CA ASP F 115 55.34 -31.98 -7.42
C ASP F 115 55.09 -32.76 -6.14
N ILE F 116 54.50 -33.96 -6.31
CA ILE F 116 54.15 -34.83 -5.19
C ILE F 116 55.15 -35.96 -5.14
N TYR F 117 55.75 -36.17 -3.96
CA TYR F 117 56.77 -37.17 -3.76
C TYR F 117 56.40 -38.08 -2.60
N ASN F 118 56.73 -39.36 -2.74
CA ASN F 118 56.54 -40.31 -1.67
C ASN F 118 57.48 -40.01 -0.51
N PRO F 119 57.18 -40.47 0.70
CA PRO F 119 58.06 -40.18 1.85
C PRO F 119 59.47 -40.71 1.69
N ASP F 120 59.71 -41.68 0.81
CA ASP F 120 61.05 -42.21 0.59
C ASP F 120 61.82 -41.45 -0.47
N GLY F 121 61.27 -40.35 -0.99
CA GLY F 121 61.93 -39.56 -2.00
C GLY F 121 61.57 -39.93 -3.43
N THR F 122 60.87 -41.03 -3.64
CA THR F 122 60.43 -41.41 -4.97
C THR F 122 59.24 -40.55 -5.38
N PRO F 123 59.21 -40.02 -6.60
CA PRO F 123 58.05 -39.23 -7.03
C PRO F 123 56.78 -40.06 -7.01
N PHE F 124 55.68 -39.44 -6.60
CA PHE F 124 54.43 -40.15 -6.47
C PHE F 124 53.86 -40.48 -7.84
N GLU F 125 53.57 -41.77 -8.05
CA GLU F 125 53.01 -42.22 -9.32
C GLU F 125 51.58 -41.75 -9.53
N GLY F 126 50.91 -41.27 -8.50
CA GLY F 126 49.56 -40.77 -8.59
C GLY F 126 49.44 -39.29 -8.89
N ASP F 127 50.54 -38.61 -9.19
CA ASP F 127 50.52 -37.18 -9.48
C ASP F 127 50.46 -36.98 -10.98
N PRO F 128 49.42 -36.31 -11.50
CA PRO F 128 49.34 -36.10 -12.96
C PRO F 128 50.54 -35.36 -13.53
N ARG F 129 51.07 -34.37 -12.81
CA ARG F 129 52.23 -33.64 -13.28
C ARG F 129 53.46 -34.55 -13.34
N ASN F 130 53.65 -35.39 -12.32
CA ASN F 130 54.74 -36.35 -12.36
C ASN F 130 54.54 -37.37 -13.47
N ASN F 131 53.29 -37.73 -13.77
CA ASN F 131 53.03 -38.63 -14.89
C ASN F 131 53.41 -37.97 -16.21
N LEU F 132 53.08 -36.69 -16.38
CA LEU F 132 53.49 -35.98 -17.58
C LEU F 132 55.00 -35.91 -17.70
N LYS F 133 55.68 -35.67 -16.57
CA LYS F 133 57.15 -35.67 -16.59
C LYS F 133 57.71 -37.03 -16.97
N ARG F 134 57.06 -38.11 -16.49
CA ARG F 134 57.49 -39.45 -16.87
C ARG F 134 57.31 -39.70 -18.37
N ILE F 135 56.18 -39.25 -18.92
CA ILE F 135 55.97 -39.41 -20.36
C ILE F 135 56.98 -38.58 -21.15
N LEU F 136 57.33 -37.39 -20.65
CA LEU F 136 58.35 -36.58 -21.31
C LEU F 136 59.72 -37.25 -21.24
N LYS F 137 60.02 -37.91 -20.12
CA LYS F 137 61.26 -38.68 -20.04
C LYS F 137 61.26 -39.82 -21.04
N GLU F 138 60.12 -40.49 -21.20
CA GLU F 138 60.01 -41.53 -22.23
C GLU F 138 60.24 -40.95 -23.61
N MET F 139 59.71 -39.75 -23.86
CA MET F 139 59.93 -39.09 -25.16
C MET F 139 61.42 -38.77 -25.36
N GLU F 140 62.08 -38.28 -24.32
CA GLU F 140 63.52 -38.01 -24.42
C GLU F 140 64.30 -39.30 -24.67
N ASP F 141 63.81 -40.43 -24.16
CA ASP F 141 64.45 -41.71 -24.45
C ASP F 141 64.35 -42.10 -25.91
N LEU F 142 63.47 -41.47 -26.67
CA LEU F 142 63.32 -41.74 -28.10
C LEU F 142 64.18 -40.82 -28.97
N GLY F 143 64.96 -39.93 -28.36
CA GLY F 143 65.83 -39.04 -29.09
C GLY F 143 65.34 -37.61 -29.24
N PHE F 144 64.09 -37.34 -28.91
CA PHE F 144 63.56 -35.99 -29.02
C PHE F 144 63.91 -35.18 -27.77
N SER F 145 63.88 -33.86 -27.93
CA SER F 145 64.31 -32.94 -26.88
C SER F 145 63.16 -32.21 -26.22
N ASP F 146 62.25 -31.63 -27.00
CA ASP F 146 61.16 -30.84 -26.46
C ASP F 146 59.84 -31.25 -27.09
N PHE F 147 58.76 -31.01 -26.35
CA PHE F 147 57.39 -31.22 -26.82
C PHE F 147 56.62 -29.94 -26.49
N ASN F 148 56.37 -29.13 -27.51
CA ASN F 148 55.73 -27.83 -27.32
C ASN F 148 54.23 -27.95 -27.51
N LEU F 149 53.49 -27.14 -26.74
CA LEU F 149 52.04 -27.10 -26.81
C LEU F 149 51.58 -25.66 -26.93
N GLY F 150 50.68 -25.41 -27.87
CA GLY F 150 50.00 -24.14 -27.96
C GLY F 150 48.51 -24.32 -27.83
N PRO F 151 47.94 -23.86 -26.72
CA PRO F 151 46.51 -24.06 -26.48
C PRO F 151 45.67 -22.90 -26.97
N GLU F 152 44.41 -23.22 -27.28
CA GLU F 152 43.41 -22.24 -27.69
C GLU F 152 42.17 -22.43 -26.83
N PRO F 153 42.23 -22.07 -25.55
CA PRO F 153 41.09 -22.28 -24.66
C PRO F 153 39.97 -21.30 -24.94
N GLU F 154 38.76 -21.81 -25.06
CA GLU F 154 37.56 -21.00 -25.24
C GLU F 154 36.72 -21.06 -23.97
N PHE F 155 36.06 -19.94 -23.66
CA PHE F 155 35.24 -19.87 -22.47
C PHE F 155 34.05 -18.96 -22.72
N PHE F 156 33.03 -19.11 -21.88
CA PHE F 156 31.82 -18.30 -21.95
C PHE F 156 31.78 -17.35 -20.75
N LEU F 157 31.13 -16.21 -20.95
CA LEU F 157 30.94 -15.22 -19.90
C LEU F 157 29.45 -15.05 -19.65
N PHE F 158 29.02 -15.34 -18.43
CA PHE F 158 27.62 -15.25 -18.04
C PHE F 158 27.46 -14.16 -16.97
N LYS F 159 26.37 -13.41 -17.07
CA LYS F 159 26.11 -12.36 -16.10
C LYS F 159 25.68 -12.95 -14.76
N LEU F 160 26.10 -12.31 -13.68
CA LEU F 160 25.67 -12.70 -12.35
C LEU F 160 24.40 -11.96 -11.97
N ASP F 161 23.65 -12.53 -11.02
CA ASP F 161 22.42 -11.92 -10.53
C ASP F 161 22.72 -11.13 -9.25
N GLU F 162 21.66 -10.68 -8.58
CA GLU F 162 21.84 -9.92 -7.35
C GLU F 162 22.51 -10.75 -6.26
N LYS F 163 22.13 -12.03 -6.15
CA LYS F 163 22.70 -12.93 -5.15
C LYS F 163 24.10 -13.41 -5.51
N GLY F 164 24.68 -12.93 -6.61
CA GLY F 164 26.01 -13.31 -7.00
C GLY F 164 26.17 -14.76 -7.42
N GLU F 165 25.22 -15.28 -8.19
CA GLU F 165 25.33 -16.61 -8.75
C GLU F 165 25.08 -16.56 -10.24
N PRO F 166 25.67 -17.48 -11.01
CA PRO F 166 25.57 -17.40 -12.47
C PRO F 166 24.14 -17.54 -12.96
N THR F 167 23.82 -16.82 -14.03
CA THR F 167 22.56 -16.93 -14.75
C THR F 167 22.84 -17.49 -16.15
N LEU F 168 21.80 -17.55 -16.97
CA LEU F 168 21.91 -18.06 -18.33
C LEU F 168 21.97 -16.96 -19.38
N GLU F 169 22.18 -15.72 -18.97
CA GLU F 169 22.27 -14.60 -19.90
C GLU F 169 23.73 -14.34 -20.26
N LEU F 170 24.01 -14.23 -21.55
CA LEU F 170 25.35 -13.99 -22.02
C LEU F 170 25.70 -12.50 -21.93
N ASN F 171 27.00 -12.21 -21.87
CA ASN F 171 27.44 -10.84 -21.66
C ASN F 171 27.30 -9.97 -22.90
N ASP F 172 27.32 -10.57 -24.10
CA ASP F 172 27.16 -9.79 -25.32
C ASP F 172 26.63 -10.68 -26.42
N LYS F 173 26.01 -10.05 -27.42
CA LYS F 173 25.54 -10.73 -28.61
C LYS F 173 26.56 -10.60 -29.75
N GLY F 174 27.79 -11.06 -29.46
CA GLY F 174 28.88 -10.93 -30.40
C GLY F 174 28.93 -12.07 -31.40
N GLY F 175 29.89 -11.97 -32.32
CA GLY F 175 30.07 -12.98 -33.34
C GLY F 175 31.53 -13.34 -33.58
N TYR F 176 31.79 -14.12 -34.62
CA TYR F 176 33.13 -14.58 -34.92
C TYR F 176 34.03 -13.40 -35.30
N PHE F 177 35.09 -13.20 -34.53
CA PHE F 177 36.09 -12.15 -34.76
C PHE F 177 35.47 -10.76 -34.78
N ASP F 178 34.29 -10.60 -34.18
CA ASP F 178 33.60 -9.31 -34.21
C ASP F 178 34.27 -8.32 -33.26
N LEU F 179 34.14 -7.04 -33.60
CA LEU F 179 34.49 -5.96 -32.68
C LEU F 179 33.26 -5.58 -31.85
N ALA F 180 32.73 -6.59 -31.16
CA ALA F 180 31.46 -6.47 -30.45
C ALA F 180 31.60 -5.71 -29.12
N PRO F 181 32.51 -6.08 -28.22
CA PRO F 181 32.60 -5.35 -26.94
C PRO F 181 32.93 -3.87 -27.12
N THR F 182 33.71 -3.53 -28.15
CA THR F 182 34.09 -2.15 -28.45
C THR F 182 34.79 -1.46 -27.28
N ASP F 183 34.84 -0.14 -27.34
CA ASP F 183 35.43 0.69 -26.29
C ASP F 183 34.33 1.06 -25.29
N LEU F 184 34.59 2.06 -24.45
CA LEU F 184 33.63 2.55 -23.46
C LEU F 184 33.31 1.50 -22.41
N GLY F 185 34.35 1.04 -21.72
CA GLY F 185 34.14 0.11 -20.62
C GLY F 185 33.85 -1.31 -21.10
N GLU F 186 33.44 -2.14 -20.13
CA GLU F 186 33.19 -3.57 -20.33
C GLU F 186 34.47 -4.17 -20.93
N ASN F 187 34.38 -4.95 -22.00
CA ASN F 187 35.55 -5.59 -22.63
C ASN F 187 36.36 -6.35 -21.60
N CYS F 188 35.71 -7.36 -20.99
CA CYS F 188 36.39 -8.19 -20.00
C CYS F 188 37.55 -8.96 -20.62
N ARG F 189 37.43 -9.32 -21.90
CA ARG F 189 38.52 -10.02 -22.57
C ARG F 189 39.77 -9.17 -22.64
N ARG F 190 39.62 -7.88 -22.95
CA ARG F 190 40.76 -6.97 -23.00
C ARG F 190 41.43 -6.86 -21.63
N ASP F 191 40.62 -6.70 -20.57
CA ASP F 191 41.19 -6.61 -19.23
C ASP F 191 41.90 -7.89 -18.84
N ILE F 192 41.32 -9.04 -19.17
CA ILE F 192 41.96 -10.32 -18.88
C ILE F 192 43.30 -10.42 -19.59
N VAL F 193 43.34 -10.04 -20.88
CA VAL F 193 44.57 -10.14 -21.65
C VAL F 193 45.65 -9.23 -21.07
N LEU F 194 45.28 -7.98 -20.75
CA LEU F 194 46.26 -7.05 -20.19
C LEU F 194 46.77 -7.53 -18.84
N GLU F 195 45.86 -8.02 -17.99
CA GLU F 195 46.25 -8.48 -16.66
C GLU F 195 47.17 -9.70 -16.78
N LEU F 196 46.85 -10.62 -17.67
CA LEU F 196 47.71 -11.78 -17.90
C LEU F 196 49.09 -11.35 -18.40
N GLU F 197 49.13 -10.36 -19.28
CA GLU F 197 50.41 -9.82 -19.73
C GLU F 197 51.20 -9.27 -18.56
N GLU F 198 50.52 -8.59 -17.63
CA GLU F 198 51.20 -8.05 -16.45
C GLU F 198 51.73 -9.14 -15.52
N MET F 199 51.19 -10.36 -15.59
CA MET F 199 51.63 -11.44 -14.72
C MET F 199 52.71 -12.31 -15.34
N GLY F 200 53.19 -11.99 -16.53
CA GLY F 200 54.23 -12.75 -17.17
C GLY F 200 53.77 -13.73 -18.23
N PHE F 201 52.47 -13.77 -18.53
CA PHE F 201 51.99 -14.62 -19.60
C PHE F 201 52.40 -14.05 -20.96
N GLU F 202 52.47 -14.93 -21.95
CA GLU F 202 52.80 -14.55 -23.32
C GLU F 202 51.55 -14.79 -24.17
N ILE F 203 50.69 -13.77 -24.24
CA ILE F 203 49.45 -13.87 -25.00
C ILE F 203 49.74 -13.60 -26.46
N GLU F 204 49.29 -14.51 -27.33
CA GLU F 204 49.51 -14.35 -28.76
C GLU F 204 48.47 -13.44 -29.38
N ALA F 205 47.20 -13.83 -29.30
CA ALA F 205 46.11 -13.04 -29.88
C ALA F 205 44.81 -13.41 -29.19
N SER F 206 43.80 -12.55 -29.37
CA SER F 206 42.48 -12.78 -28.79
C SER F 206 41.42 -12.32 -29.77
N HIS F 207 40.24 -12.91 -29.65
CA HIS F 207 39.13 -12.56 -30.52
C HIS F 207 37.83 -13.06 -29.90
N HIS F 208 36.72 -12.50 -30.37
CA HIS F 208 35.40 -12.99 -29.99
C HIS F 208 35.11 -14.26 -30.77
N GLU F 209 34.56 -15.26 -30.07
CA GLU F 209 34.32 -16.56 -30.67
C GLU F 209 32.98 -16.55 -31.41
N VAL F 210 32.64 -17.69 -32.02
CA VAL F 210 31.46 -17.78 -32.86
C VAL F 210 30.19 -17.53 -32.04
N ALA F 211 30.06 -18.20 -30.91
CA ALA F 211 28.84 -18.09 -30.12
C ALA F 211 28.81 -16.76 -29.37
N PRO F 212 27.61 -16.23 -29.13
CA PRO F 212 27.51 -15.02 -28.31
C PRO F 212 28.04 -15.26 -26.90
N GLY F 213 28.73 -14.26 -26.36
CA GLY F 213 29.31 -14.39 -25.04
C GLY F 213 30.43 -15.38 -24.93
N GLN F 214 31.03 -15.78 -26.06
CA GLN F 214 32.12 -16.73 -26.08
C GLN F 214 33.39 -16.05 -26.54
N HIS F 215 34.49 -16.31 -25.85
CA HIS F 215 35.76 -15.63 -26.08
C HIS F 215 36.90 -16.64 -26.11
N GLU F 216 37.97 -16.27 -26.81
CA GLU F 216 39.16 -17.11 -26.92
C GLU F 216 40.40 -16.26 -26.73
N ILE F 217 41.34 -16.76 -25.94
CA ILE F 217 42.65 -16.13 -25.75
C ILE F 217 43.72 -17.19 -26.01
N ASP F 218 44.65 -16.88 -26.92
CA ASP F 218 45.68 -17.81 -27.33
C ASP F 218 47.01 -17.42 -26.73
N PHE F 219 47.72 -18.40 -26.17
CA PHE F 219 49.06 -18.17 -25.62
C PHE F 219 50.12 -18.52 -26.65
N LYS F 220 51.33 -18.01 -26.43
CA LYS F 220 52.47 -18.47 -27.19
C LYS F 220 52.82 -19.90 -26.80
N TYR F 221 53.27 -20.68 -27.77
CA TYR F 221 53.64 -22.06 -27.50
C TYR F 221 54.84 -22.13 -26.56
N ALA F 222 54.83 -23.10 -25.66
CA ALA F 222 55.89 -23.29 -24.69
C ALA F 222 56.01 -24.78 -24.39
N GLY F 223 56.85 -25.12 -23.42
CA GLY F 223 57.00 -26.51 -23.03
C GLY F 223 55.73 -27.08 -22.45
N ALA F 224 55.64 -28.41 -22.49
CA ALA F 224 54.41 -29.09 -22.09
C ALA F 224 54.04 -28.81 -20.63
N VAL F 225 55.01 -28.97 -19.73
CA VAL F 225 54.75 -28.71 -18.32
C VAL F 225 54.40 -27.24 -18.10
N ARG F 226 55.18 -26.35 -18.72
CA ARG F 226 54.90 -24.92 -18.59
C ARG F 226 53.55 -24.58 -19.20
N SER F 227 53.20 -25.20 -20.32
CA SER F 227 51.91 -24.93 -20.96
C SER F 227 50.75 -25.37 -20.06
N CYS F 228 50.86 -26.55 -19.45
CA CYS F 228 49.80 -27.02 -18.56
C CYS F 228 49.68 -26.14 -17.31
N ASP F 229 50.82 -25.74 -16.74
CA ASP F 229 50.79 -24.83 -15.61
C ASP F 229 50.14 -23.50 -15.98
N ASP F 230 50.47 -22.99 -17.17
CA ASP F 230 49.87 -21.76 -17.65
C ASP F 230 48.37 -21.93 -17.89
N ILE F 231 47.94 -23.12 -18.34
CA ILE F 231 46.51 -23.35 -18.55
C ILE F 231 45.77 -23.30 -17.22
N GLN F 232 46.33 -23.95 -16.19
CA GLN F 232 45.70 -23.92 -14.87
C GLN F 232 45.64 -22.49 -14.32
N THR F 233 46.76 -21.78 -14.39
CA THR F 233 46.80 -20.40 -13.92
C THR F 233 45.85 -19.52 -14.72
N PHE F 234 45.73 -19.78 -16.02
CA PHE F 234 44.82 -19.02 -16.87
C PHE F 234 43.38 -19.23 -16.45
N LYS F 235 43.00 -20.47 -16.16
CA LYS F 235 41.64 -20.72 -15.68
C LYS F 235 41.38 -19.97 -14.38
N LEU F 236 42.33 -20.05 -13.44
CA LEU F 236 42.16 -19.36 -12.16
C LEU F 236 42.01 -17.85 -12.36
N VAL F 237 42.90 -17.26 -13.16
CA VAL F 237 42.91 -15.81 -13.35
C VAL F 237 41.67 -15.35 -14.08
N VAL F 238 41.24 -16.10 -15.10
CA VAL F 238 40.03 -15.73 -15.85
C VAL F 238 38.82 -15.76 -14.94
N LYS F 239 38.69 -16.81 -14.12
CA LYS F 239 37.57 -16.87 -13.20
C LYS F 239 37.59 -15.70 -12.23
N THR F 240 38.76 -15.38 -11.67
CA THR F 240 38.86 -14.29 -10.71
C THR F 240 38.50 -12.95 -11.35
N ILE F 241 39.05 -12.67 -12.53
CA ILE F 241 38.82 -11.38 -13.17
C ILE F 241 37.37 -11.24 -13.61
N ALA F 242 36.78 -12.33 -14.12
CA ALA F 242 35.36 -12.30 -14.48
C ALA F 242 34.51 -12.04 -13.24
N ARG F 243 34.87 -12.65 -12.11
CA ARG F 243 34.16 -12.37 -10.87
C ARG F 243 34.29 -10.91 -10.47
N LYS F 244 35.45 -10.30 -10.75
CA LYS F 244 35.61 -8.87 -10.46
C LYS F 244 34.65 -8.02 -11.27
N HIS F 245 34.46 -8.34 -12.55
CA HIS F 245 33.59 -7.58 -13.42
C HIS F 245 32.11 -7.92 -13.28
N GLY F 246 31.74 -8.64 -12.22
CA GLY F 246 30.36 -9.08 -12.07
C GLY F 246 29.93 -10.05 -13.15
N LEU F 247 30.79 -10.98 -13.52
CA LEU F 247 30.51 -11.95 -14.56
C LEU F 247 30.94 -13.33 -14.09
N HIS F 248 30.38 -14.36 -14.72
CA HIS F 248 30.75 -15.74 -14.45
C HIS F 248 31.47 -16.30 -15.67
N ALA F 249 32.68 -16.80 -15.47
CA ALA F 249 33.46 -17.42 -16.53
C ALA F 249 33.44 -18.93 -16.32
N THR F 250 33.04 -19.66 -17.36
CA THR F 250 32.97 -21.11 -17.29
C THR F 250 33.71 -21.71 -18.48
N PHE F 251 34.44 -22.80 -18.22
CA PHE F 251 35.07 -23.58 -19.26
C PHE F 251 34.27 -24.85 -19.55
N MET F 252 32.97 -24.81 -19.29
CA MET F 252 32.09 -25.94 -19.56
C MET F 252 32.10 -26.23 -21.06
N PRO F 253 32.25 -27.50 -21.48
CA PRO F 253 32.35 -27.78 -22.92
C PRO F 253 31.13 -27.35 -23.72
N LYS F 254 29.94 -27.47 -23.16
CA LYS F 254 28.70 -27.10 -23.87
C LYS F 254 27.67 -26.62 -22.86
N PRO F 255 27.75 -25.35 -22.46
CA PRO F 255 26.77 -24.85 -21.48
C PRO F 255 25.36 -24.70 -22.03
N LEU F 256 25.21 -24.49 -23.34
CA LEU F 256 23.90 -24.25 -23.94
C LEU F 256 23.70 -25.13 -25.17
N PHE F 257 22.45 -25.55 -25.36
CA PHE F 257 22.08 -26.34 -26.53
C PHE F 257 21.81 -25.43 -27.73
N GLY F 258 22.14 -25.92 -28.91
CA GLY F 258 21.94 -25.15 -30.13
C GLY F 258 22.94 -24.03 -30.33
N VAL F 259 24.01 -23.99 -29.54
CA VAL F 259 25.01 -22.94 -29.60
C VAL F 259 26.38 -23.60 -29.60
N ASN F 260 27.34 -22.95 -30.27
CA ASN F 260 28.68 -23.52 -30.39
C ASN F 260 29.27 -23.83 -29.02
N GLY F 261 29.95 -24.97 -28.93
CA GLY F 261 30.60 -25.36 -27.71
C GLY F 261 31.97 -24.73 -27.54
N SER F 262 32.61 -25.04 -26.43
CA SER F 262 33.92 -24.51 -26.08
C SER F 262 34.96 -25.61 -26.22
N GLY F 263 35.98 -25.36 -27.05
CA GLY F 263 37.07 -26.29 -27.24
C GLY F 263 38.38 -25.74 -26.70
N MET F 264 39.37 -26.62 -26.65
CA MET F 264 40.72 -26.29 -26.20
C MET F 264 41.74 -26.89 -27.17
N HIS F 265 41.54 -26.58 -28.46
CA HIS F 265 42.43 -27.05 -29.52
C HIS F 265 43.89 -26.98 -29.11
N CYS F 266 44.59 -28.10 -29.25
CA CYS F 266 45.96 -28.25 -28.80
C CYS F 266 46.89 -28.33 -30.01
N ASN F 267 47.80 -27.38 -30.13
CA ASN F 267 48.79 -27.36 -31.20
C ASN F 267 50.07 -28.02 -30.68
N LEU F 268 50.41 -29.18 -31.23
CA LEU F 268 51.53 -29.98 -30.77
C LEU F 268 52.66 -29.92 -31.77
N SER F 269 53.87 -29.67 -31.28
CA SER F 269 55.06 -29.65 -32.12
C SER F 269 56.18 -30.39 -31.39
N LEU F 270 56.85 -31.30 -32.10
CA LEU F 270 57.92 -32.11 -31.54
C LEU F 270 59.26 -31.60 -32.05
N PHE F 271 60.21 -31.45 -31.14
CA PHE F 271 61.52 -30.91 -31.47
C PHE F 271 62.60 -31.96 -31.23
N LYS F 272 63.57 -31.98 -32.15
CA LYS F 272 64.73 -32.87 -32.03
C LYS F 272 65.99 -32.03 -32.24
N ASN F 273 66.87 -32.04 -31.24
CA ASN F 273 68.11 -31.25 -31.26
C ASN F 273 67.83 -29.77 -31.46
N GLY F 274 66.72 -29.28 -30.92
CA GLY F 274 66.38 -27.88 -30.99
C GLY F 274 65.72 -27.42 -32.27
N VAL F 275 65.46 -28.34 -33.21
CA VAL F 275 64.80 -27.99 -34.47
C VAL F 275 63.49 -28.76 -34.57
N ASN F 276 62.56 -28.22 -35.34
CA ASN F 276 61.26 -28.85 -35.51
C ASN F 276 61.41 -30.16 -36.27
N ALA F 277 60.90 -31.25 -35.69
CA ALA F 277 61.00 -32.56 -36.30
C ALA F 277 59.81 -32.88 -37.22
N PHE F 278 58.81 -32.02 -37.27
CA PHE F 278 57.64 -32.24 -38.13
C PHE F 278 57.82 -31.64 -39.52
N PHE F 279 58.88 -30.88 -39.76
CA PHE F 279 59.05 -30.11 -40.99
C PHE F 279 60.05 -30.79 -41.90
N ASP F 280 59.70 -30.91 -43.18
CA ASP F 280 60.59 -31.45 -44.20
C ASP F 280 60.26 -30.76 -45.50
N GLU F 281 61.14 -29.87 -45.95
CA GLU F 281 60.84 -29.03 -47.11
C GLU F 281 60.76 -29.81 -48.42
N ASN F 282 61.34 -31.00 -48.48
CA ASN F 282 61.39 -31.77 -49.72
C ASN F 282 60.29 -32.83 -49.82
N ALA F 283 59.39 -32.91 -48.85
CA ALA F 283 58.32 -33.89 -48.86
C ALA F 283 56.98 -33.22 -49.15
N ASP F 284 56.00 -34.04 -49.52
CA ASP F 284 54.66 -33.51 -49.79
C ASP F 284 54.06 -32.92 -48.52
N LEU F 285 53.26 -31.86 -48.71
CA LEU F 285 52.69 -31.06 -47.64
C LEU F 285 53.75 -30.46 -46.72
N GLN F 286 55.03 -30.53 -47.11
CA GLN F 286 56.15 -30.03 -46.32
C GLN F 286 56.17 -30.67 -44.93
N LEU F 287 55.85 -31.96 -44.88
CA LEU F 287 55.73 -32.70 -43.63
C LEU F 287 56.75 -33.83 -43.60
N SER F 288 57.41 -34.00 -42.46
CA SER F 288 58.40 -35.05 -42.30
C SER F 288 57.72 -36.40 -42.05
N GLU F 289 58.51 -37.47 -42.16
CA GLU F 289 58.01 -38.80 -41.84
C GLU F 289 57.65 -38.93 -40.37
N THR F 290 58.39 -38.24 -39.50
CA THR F 290 58.06 -38.25 -38.08
C THR F 290 56.67 -37.65 -37.85
N ALA F 291 56.33 -36.59 -38.58
CA ALA F 291 55.01 -35.99 -38.46
C ALA F 291 53.92 -36.97 -38.89
N LYS F 292 54.16 -37.71 -39.98
CA LYS F 292 53.19 -38.69 -40.44
C LYS F 292 53.02 -39.82 -39.42
N HIS F 293 54.11 -40.27 -38.82
CA HIS F 293 54.02 -41.29 -37.78
C HIS F 293 53.25 -40.77 -36.57
N PHE F 294 53.50 -39.52 -36.18
CA PHE F 294 52.77 -38.91 -35.08
C PHE F 294 51.27 -38.85 -35.37
N ILE F 295 50.92 -38.44 -36.60
CA ILE F 295 49.51 -38.36 -36.98
C ILE F 295 48.88 -39.74 -36.97
N ALA F 296 49.60 -40.75 -37.47
CA ALA F 296 49.09 -42.12 -37.44
C ALA F 296 48.86 -42.60 -36.02
N GLY F 297 49.80 -42.30 -35.13
CA GLY F 297 49.63 -42.69 -33.73
C GLY F 297 48.44 -42.03 -33.08
N ILE F 298 48.23 -40.73 -33.36
CA ILE F 298 47.08 -40.04 -32.80
C ILE F 298 45.78 -40.62 -33.37
N VAL F 299 45.78 -40.93 -34.68
CA VAL F 299 44.57 -41.47 -35.31
C VAL F 299 44.23 -42.84 -34.73
N LYS F 300 45.25 -43.68 -34.51
CA LYS F 300 45.00 -45.04 -34.03
C LYS F 300 44.33 -45.05 -32.67
N HIS F 301 44.78 -44.19 -31.75
CA HIS F 301 44.29 -44.18 -30.38
C HIS F 301 43.25 -43.11 -30.12
N ALA F 302 42.74 -42.46 -31.17
CA ALA F 302 41.86 -41.30 -30.98
C ALA F 302 40.61 -41.67 -30.20
N THR F 303 39.99 -42.80 -30.54
CA THR F 303 38.80 -43.24 -29.82
C THR F 303 39.11 -43.69 -28.39
N SER F 304 40.38 -43.97 -28.09
CA SER F 304 40.74 -44.49 -26.79
C SER F 304 41.02 -43.40 -25.76
N PHE F 305 41.72 -42.33 -26.14
CA PHE F 305 42.02 -41.27 -25.19
C PHE F 305 40.94 -40.20 -25.13
N THR F 306 39.83 -40.38 -25.85
CA THR F 306 38.74 -39.42 -25.77
C THR F 306 38.19 -39.30 -24.36
N ALA F 307 38.19 -40.41 -23.61
CA ALA F 307 37.74 -40.37 -22.22
C ALA F 307 38.60 -39.43 -21.38
N VAL F 308 39.90 -39.33 -21.69
CA VAL F 308 40.77 -38.45 -20.95
C VAL F 308 40.66 -37.02 -21.45
N THR F 309 40.69 -36.82 -22.77
CA THR F 309 40.58 -35.48 -23.34
C THR F 309 39.18 -34.91 -23.22
N ASN F 310 38.16 -35.76 -23.07
CA ASN F 310 36.78 -35.33 -22.87
C ASN F 310 36.24 -36.08 -21.66
N PRO F 311 36.59 -35.64 -20.45
CA PRO F 311 36.32 -36.45 -19.25
C PRO F 311 34.97 -36.25 -18.60
N THR F 312 34.14 -35.33 -19.09
CA THR F 312 32.87 -35.04 -18.46
C THR F 312 31.72 -35.58 -19.30
N VAL F 313 30.56 -35.71 -18.66
CA VAL F 313 29.34 -36.09 -19.38
C VAL F 313 28.97 -35.03 -20.40
N ASN F 314 29.07 -33.76 -20.01
CA ASN F 314 28.73 -32.67 -20.92
C ASN F 314 29.69 -32.56 -22.09
N SER F 315 30.88 -33.15 -21.99
CA SER F 315 31.86 -33.04 -23.08
C SER F 315 31.33 -33.65 -24.37
N TYR F 316 30.45 -34.64 -24.27
CA TYR F 316 29.97 -35.35 -25.44
C TYR F 316 28.70 -34.74 -26.03
N LYS F 317 28.11 -33.75 -25.36
CA LYS F 317 27.10 -32.91 -25.99
C LYS F 317 27.73 -31.89 -26.93
N ARG F 318 29.00 -31.56 -26.73
CA ARG F 318 29.71 -30.72 -27.69
C ARG F 318 30.09 -31.51 -28.94
N LEU F 319 30.44 -32.79 -28.78
CA LEU F 319 30.84 -33.63 -29.90
C LEU F 319 29.62 -34.09 -30.70
N VAL F 320 28.92 -33.10 -31.24
CA VAL F 320 27.76 -33.34 -32.11
C VAL F 320 27.97 -32.57 -33.39
N PRO F 321 27.43 -33.04 -34.53
CA PRO F 321 27.70 -32.36 -35.79
C PRO F 321 27.04 -30.99 -35.87
N GLY F 322 27.66 -30.11 -36.66
CA GLY F 322 27.09 -28.82 -36.97
C GLY F 322 27.60 -27.65 -36.16
N TYR F 323 28.61 -27.85 -35.31
CA TYR F 323 29.12 -26.78 -34.46
C TYR F 323 30.64 -26.72 -34.48
N GLU F 324 31.26 -27.18 -35.57
CA GLU F 324 32.69 -27.15 -35.82
C GLU F 324 33.47 -28.08 -34.89
N ALA F 325 32.81 -28.74 -33.94
CA ALA F 325 33.50 -29.71 -33.10
C ALA F 325 33.71 -31.01 -33.86
N PRO F 326 34.82 -31.70 -33.65
CA PRO F 326 35.05 -32.96 -34.35
C PRO F 326 34.10 -34.05 -33.89
N CYS F 327 33.77 -34.95 -34.83
CA CYS F 327 32.94 -36.10 -34.53
C CYS F 327 33.48 -37.39 -35.13
N TYR F 328 34.46 -37.33 -36.02
CA TYR F 328 35.02 -38.51 -36.66
C TYR F 328 36.54 -38.43 -36.60
N VAL F 329 37.18 -39.60 -36.71
CA VAL F 329 38.63 -39.70 -36.60
C VAL F 329 39.20 -39.53 -38.01
N ALA F 330 39.72 -38.34 -38.29
CA ALA F 330 40.36 -38.07 -39.57
C ALA F 330 41.25 -36.84 -39.41
N TRP F 331 42.18 -36.69 -40.34
CA TRP F 331 43.10 -35.56 -40.35
C TRP F 331 43.07 -34.90 -41.72
N SER F 332 43.26 -33.58 -41.72
CA SER F 332 43.14 -32.80 -42.96
C SER F 332 43.89 -31.49 -42.79
N ALA F 333 44.13 -30.83 -43.91
CA ALA F 333 44.68 -29.48 -43.92
C ALA F 333 43.61 -28.41 -44.01
N GLN F 334 42.45 -28.73 -44.59
CA GLN F 334 41.35 -27.78 -44.69
C GLN F 334 40.06 -28.58 -44.81
N ASN F 335 39.26 -28.59 -43.75
CA ASN F 335 38.01 -29.34 -43.74
C ASN F 335 37.11 -28.77 -42.66
N ARG F 336 35.82 -29.13 -42.73
CA ARG F 336 34.85 -28.72 -41.73
C ARG F 336 34.97 -29.66 -40.54
N SER F 337 35.46 -29.12 -39.42
CA SER F 337 35.59 -29.84 -38.15
C SER F 337 36.37 -31.15 -38.28
N PRO F 338 37.65 -31.11 -38.65
CA PRO F 338 38.46 -32.32 -38.62
C PRO F 338 39.00 -32.58 -37.22
N LEU F 339 39.23 -33.86 -36.93
CA LEU F 339 39.83 -34.22 -35.65
C LEU F 339 41.24 -33.66 -35.52
N ILE F 340 42.04 -33.81 -36.57
CA ILE F 340 43.40 -33.31 -36.60
C ILE F 340 43.53 -32.33 -37.76
N ARG F 341 43.99 -31.12 -37.48
CA ARG F 341 44.19 -30.10 -38.49
C ARG F 341 45.65 -29.66 -38.48
N ILE F 342 46.20 -29.47 -39.68
CA ILE F 342 47.59 -29.04 -39.84
C ILE F 342 47.58 -27.61 -40.38
N PRO F 343 48.01 -26.63 -39.59
CA PRO F 343 48.00 -25.24 -40.07
C PRO F 343 48.92 -25.03 -41.25
N ALA F 344 48.63 -23.99 -42.02
CA ALA F 344 49.37 -23.71 -43.24
C ALA F 344 50.82 -23.33 -42.96
N SER F 345 51.09 -22.71 -41.81
CA SER F 345 52.44 -22.29 -41.49
C SER F 345 53.36 -23.51 -41.36
N ARG F 346 54.59 -23.35 -41.84
CA ARG F 346 55.57 -24.43 -41.84
C ARG F 346 56.88 -23.92 -41.27
N GLY F 347 57.92 -24.74 -41.40
CA GLY F 347 59.23 -24.41 -40.87
C GLY F 347 59.32 -24.67 -39.37
N ILE F 348 59.70 -23.64 -38.62
CA ILE F 348 59.77 -23.78 -37.16
C ILE F 348 58.37 -23.96 -36.57
N SER F 349 57.37 -23.34 -37.17
CA SER F 349 56.01 -23.35 -36.64
C SER F 349 55.18 -24.52 -37.15
N THR F 350 55.81 -25.55 -37.70
CA THR F 350 55.07 -26.73 -38.13
C THR F 350 54.52 -27.47 -36.92
N ARG F 351 53.22 -27.76 -36.94
CA ARG F 351 52.56 -28.37 -35.79
C ARG F 351 51.33 -29.13 -36.25
N VAL F 352 50.84 -30.00 -35.37
CA VAL F 352 49.61 -30.74 -35.58
C VAL F 352 48.62 -30.33 -34.50
N GLU F 353 47.40 -29.97 -34.91
CA GLU F 353 46.39 -29.47 -33.99
C GLU F 353 45.35 -30.56 -33.73
N VAL F 354 45.15 -30.89 -32.46
CA VAL F 354 44.11 -31.81 -32.03
C VAL F 354 42.96 -30.99 -31.48
N ARG F 355 41.80 -31.08 -32.12
CA ARG F 355 40.69 -30.19 -31.84
C ARG F 355 39.61 -30.83 -30.97
N SER F 356 39.77 -32.09 -30.59
CA SER F 356 38.76 -32.75 -29.76
C SER F 356 38.86 -32.36 -28.29
N VAL F 357 40.02 -31.84 -27.85
CA VAL F 357 40.21 -31.52 -26.45
C VAL F 357 39.30 -30.35 -26.06
N ASP F 358 38.67 -30.47 -24.90
CA ASP F 358 37.84 -29.43 -24.33
C ASP F 358 38.51 -28.85 -23.08
N PRO F 359 38.19 -27.61 -22.71
CA PRO F 359 38.88 -26.99 -21.57
C PRO F 359 38.64 -27.69 -20.24
N ALA F 360 37.62 -28.54 -20.13
CA ALA F 360 37.37 -29.26 -18.89
C ALA F 360 38.37 -30.39 -18.64
N ALA F 361 39.14 -30.77 -19.66
CA ALA F 361 40.09 -31.86 -19.50
C ALA F 361 41.24 -31.44 -18.58
N ASN F 362 41.81 -32.44 -17.90
CA ASN F 362 43.01 -32.21 -17.12
C ASN F 362 44.18 -32.01 -18.08
N PRO F 363 44.85 -30.86 -18.05
CA PRO F 363 45.91 -30.61 -19.05
C PRO F 363 47.03 -31.63 -19.01
N TYR F 364 47.46 -32.04 -17.81
CA TYR F 364 48.57 -32.96 -17.70
C TYR F 364 48.19 -34.34 -18.27
N LEU F 365 47.01 -34.84 -17.90
CA LEU F 365 46.59 -36.16 -18.39
C LEU F 365 46.34 -36.14 -19.89
N ALA F 366 45.71 -35.07 -20.40
CA ALA F 366 45.47 -34.98 -21.84
C ALA F 366 46.78 -34.91 -22.61
N LEU F 367 47.73 -34.10 -22.13
CA LEU F 367 49.02 -34.04 -22.80
C LEU F 367 49.74 -35.37 -22.72
N SER F 368 49.63 -36.06 -21.59
CA SER F 368 50.27 -37.36 -21.44
C SER F 368 49.74 -38.37 -22.46
N VAL F 369 48.41 -38.45 -22.59
CA VAL F 369 47.84 -39.44 -23.50
C VAL F 369 48.12 -39.06 -24.95
N LEU F 370 48.07 -37.76 -25.28
CA LEU F 370 48.38 -37.33 -26.64
C LEU F 370 49.83 -37.66 -27.00
N LEU F 371 50.76 -37.34 -26.09
CA LEU F 371 52.17 -37.63 -26.35
C LEU F 371 52.41 -39.13 -26.44
N ALA F 372 51.74 -39.91 -25.59
CA ALA F 372 51.90 -41.37 -25.64
C ALA F 372 51.42 -41.92 -26.97
N ALA F 373 50.27 -41.45 -27.45
CA ALA F 373 49.78 -41.90 -28.75
C ALA F 373 50.74 -41.52 -29.87
N GLY F 374 51.22 -40.27 -29.83
CA GLY F 374 52.16 -39.84 -30.86
C GLY F 374 53.45 -40.64 -30.87
N LEU F 375 53.98 -40.94 -29.68
CA LEU F 375 55.20 -41.73 -29.60
C LEU F 375 54.94 -43.17 -30.02
N ASP F 376 53.76 -43.70 -29.71
CA ASP F 376 53.41 -45.04 -30.18
C ASP F 376 53.39 -45.08 -31.71
N GLY F 377 52.86 -44.03 -32.34
CA GLY F 377 52.92 -43.96 -33.78
C GLY F 377 54.35 -43.86 -34.30
N ILE F 378 55.19 -43.09 -33.61
CA ILE F 378 56.58 -42.94 -34.04
C ILE F 378 57.37 -44.22 -33.81
N LYS F 379 57.19 -44.85 -32.65
CA LYS F 379 57.99 -46.02 -32.30
C LYS F 379 57.71 -47.19 -33.25
N ASN F 380 56.46 -47.41 -33.62
CA ASN F 380 56.09 -48.53 -34.48
C ASN F 380 56.05 -48.16 -35.95
N LYS F 381 56.35 -46.90 -36.29
CA LYS F 381 56.37 -46.42 -37.68
C LYS F 381 55.05 -46.73 -38.39
N LEU F 382 53.95 -46.40 -37.71
CA LEU F 382 52.63 -46.61 -38.28
C LEU F 382 52.42 -45.71 -39.49
N GLU F 383 51.60 -46.19 -40.43
CA GLU F 383 51.33 -45.47 -41.67
C GLU F 383 50.08 -44.62 -41.50
N ALA F 384 50.21 -43.32 -41.73
CA ALA F 384 49.08 -42.42 -41.60
C ALA F 384 48.09 -42.64 -42.74
N PRO F 385 46.79 -42.51 -42.48
CA PRO F 385 45.81 -42.65 -43.57
C PRO F 385 45.80 -41.41 -44.45
N ALA F 386 45.07 -41.53 -45.56
CA ALA F 386 44.96 -40.41 -46.49
C ALA F 386 44.16 -39.28 -45.87
N PRO F 387 44.56 -38.02 -46.10
CA PRO F 387 43.79 -36.90 -45.58
C PRO F 387 42.41 -36.82 -46.23
N ILE F 388 41.46 -36.27 -45.49
CA ILE F 388 40.07 -36.18 -45.90
C ILE F 388 39.79 -34.74 -46.33
N ASP F 389 39.37 -34.57 -47.58
CA ASP F 389 39.02 -33.25 -48.11
C ASP F 389 37.74 -33.29 -48.93
N ARG F 390 36.74 -34.06 -48.48
CA ARG F 390 35.57 -34.34 -49.29
C ARG F 390 34.27 -34.06 -48.54
N ASN F 391 34.36 -33.46 -47.35
CA ASN F 391 33.19 -33.13 -46.52
C ASN F 391 32.41 -34.40 -46.16
N ILE F 392 33.07 -35.23 -45.35
CA ILE F 392 32.50 -36.51 -44.90
C ILE F 392 31.12 -36.36 -44.28
N TYR F 393 30.75 -35.14 -43.87
CA TYR F 393 29.40 -34.91 -43.35
C TYR F 393 28.34 -35.20 -44.41
N VAL F 394 28.68 -35.04 -45.69
CA VAL F 394 27.73 -35.35 -46.76
C VAL F 394 27.45 -36.84 -46.81
N MET F 395 28.51 -37.66 -46.80
CA MET F 395 28.33 -39.11 -46.91
C MET F 395 27.78 -39.66 -45.60
N SER F 396 27.06 -40.78 -45.73
CA SER F 396 26.42 -41.41 -44.58
C SER F 396 27.44 -42.10 -43.70
N LYS F 397 27.01 -42.43 -42.48
CA LYS F 397 27.89 -43.14 -41.54
C LYS F 397 28.29 -44.50 -42.11
N GLU F 398 27.34 -45.24 -42.65
CA GLU F 398 27.68 -46.48 -43.33
C GLU F 398 28.43 -46.21 -44.63
N GLU F 399 28.14 -45.08 -45.29
CA GLU F 399 28.84 -44.72 -46.51
C GLU F 399 30.28 -44.30 -46.26
N ARG F 400 30.69 -44.10 -45.01
CA ARG F 400 32.07 -43.78 -44.68
C ARG F 400 32.73 -44.79 -43.75
N MET F 401 31.98 -45.75 -43.21
CA MET F 401 32.58 -46.76 -42.34
C MET F 401 33.51 -47.67 -43.11
N GLU F 402 33.23 -47.94 -44.39
CA GLU F 402 34.11 -48.78 -45.18
C GLU F 402 35.48 -48.14 -45.40
N ASN F 403 35.59 -46.82 -45.25
CA ASN F 403 36.87 -46.14 -45.29
C ASN F 403 37.54 -46.28 -43.92
N GLY F 404 38.61 -45.53 -43.70
CA GLY F 404 39.29 -45.52 -42.43
C GLY F 404 38.72 -44.56 -41.40
N ILE F 405 37.52 -44.04 -41.65
CA ILE F 405 36.93 -43.01 -40.80
C ILE F 405 35.96 -43.68 -39.83
N VAL F 406 36.24 -43.54 -38.54
CA VAL F 406 35.39 -44.08 -37.49
C VAL F 406 34.89 -42.92 -36.63
N ASP F 407 33.80 -43.19 -35.92
CA ASP F 407 33.16 -42.17 -35.08
C ASP F 407 33.79 -42.14 -33.70
N LEU F 408 33.82 -40.95 -33.12
CA LEU F 408 34.23 -40.80 -31.74
C LEU F 408 33.13 -41.37 -30.82
N PRO F 409 33.49 -41.75 -29.60
CA PRO F 409 32.46 -42.27 -28.67
C PRO F 409 31.36 -41.24 -28.45
N ALA F 410 30.12 -41.73 -28.39
CA ALA F 410 28.96 -40.86 -28.30
C ALA F 410 28.64 -40.43 -26.87
N THR F 411 29.05 -41.21 -25.88
CA THR F 411 28.78 -40.90 -24.47
C THR F 411 30.05 -41.14 -23.66
N LEU F 412 30.02 -40.67 -22.42
CA LEU F 412 31.16 -40.88 -21.53
C LEU F 412 31.35 -42.36 -21.21
N ALA F 413 30.25 -43.11 -21.09
CA ALA F 413 30.37 -44.54 -20.81
C ALA F 413 31.04 -45.28 -21.96
N GLU F 414 30.67 -44.95 -23.20
CA GLU F 414 31.30 -45.58 -24.36
C GLU F 414 32.78 -45.25 -24.43
N ALA F 415 33.14 -43.99 -24.15
CA ALA F 415 34.55 -43.61 -24.14
C ALA F 415 35.31 -44.32 -23.03
N LEU F 416 34.68 -44.50 -21.87
CA LEU F 416 35.32 -45.26 -20.79
C LEU F 416 35.54 -46.71 -21.20
N GLU F 417 34.56 -47.31 -21.88
CA GLU F 417 34.72 -48.68 -22.36
C GLU F 417 35.86 -48.78 -23.36
N GLU F 418 35.95 -47.80 -24.28
CA GLU F 418 37.03 -47.81 -25.26
C GLU F 418 38.39 -47.60 -24.59
N PHE F 419 38.45 -46.73 -23.58
CA PHE F 419 39.72 -46.41 -22.93
C PHE F 419 40.24 -47.60 -22.12
N LYS F 420 39.34 -48.36 -21.51
CA LYS F 420 39.76 -49.51 -20.71
C LYS F 420 40.41 -50.57 -21.58
N SER F 421 39.91 -50.77 -22.81
CA SER F 421 40.41 -51.83 -23.66
C SER F 421 41.78 -51.52 -24.26
N ASN F 422 42.13 -50.25 -24.41
CA ASN F 422 43.39 -49.88 -25.04
C ASN F 422 44.54 -50.08 -24.06
N GLU F 423 45.47 -50.95 -24.43
CA GLU F 423 46.58 -51.28 -23.54
C GLU F 423 47.59 -50.14 -23.48
N VAL F 424 47.88 -49.53 -24.64
CA VAL F 424 48.89 -48.47 -24.68
C VAL F 424 48.44 -47.27 -23.83
N MET F 425 47.17 -46.88 -23.95
CA MET F 425 46.68 -45.75 -23.19
C MET F 425 46.65 -46.01 -21.69
N VAL F 426 46.61 -47.27 -21.27
CA VAL F 426 46.64 -47.58 -19.84
C VAL F 426 47.99 -47.21 -19.24
N LYS F 427 49.08 -47.62 -19.90
CA LYS F 427 50.42 -47.25 -19.44
C LYS F 427 50.70 -45.77 -19.62
N ALA F 428 49.90 -45.07 -20.44
CA ALA F 428 50.11 -43.64 -20.65
C ALA F 428 49.98 -42.84 -19.37
N LEU F 429 49.25 -43.35 -18.37
CA LEU F 429 49.10 -42.66 -17.11
C LEU F 429 49.27 -43.54 -15.88
N GLY F 430 49.61 -44.81 -16.04
CA GLY F 430 49.93 -45.66 -14.91
C GLY F 430 48.70 -46.28 -14.26
N GLU F 431 48.96 -47.33 -13.47
CA GLU F 431 47.86 -48.12 -12.89
C GLU F 431 47.09 -47.31 -11.84
N HIS F 432 47.79 -46.53 -11.02
CA HIS F 432 47.12 -45.76 -9.98
C HIS F 432 46.14 -44.76 -10.58
N LEU F 433 46.64 -43.94 -11.50
CA LEU F 433 45.75 -42.96 -12.17
C LEU F 433 44.64 -43.70 -12.92
N PHE F 434 44.98 -44.82 -13.58
CA PHE F 434 43.97 -45.54 -14.35
C PHE F 434 42.81 -45.98 -13.47
N GLU F 435 43.11 -46.68 -12.38
CA GLU F 435 42.04 -47.16 -11.51
C GLU F 435 41.24 -46.01 -10.91
N HIS F 436 41.92 -44.97 -10.42
CA HIS F 436 41.17 -43.91 -9.76
C HIS F 436 40.34 -43.11 -10.75
N PHE F 437 40.89 -42.83 -11.93
CA PHE F 437 40.13 -42.12 -12.95
C PHE F 437 38.93 -42.93 -13.41
N ILE F 438 39.12 -44.25 -13.62
CA ILE F 438 38.01 -45.08 -14.06
C ILE F 438 36.92 -45.14 -13.00
N GLU F 439 37.31 -45.28 -11.72
CA GLU F 439 36.31 -45.32 -10.66
C GLU F 439 35.53 -44.02 -10.58
N ALA F 440 36.24 -42.88 -10.62
CA ALA F 440 35.57 -41.59 -10.52
C ALA F 440 34.62 -41.37 -11.70
N LYS F 441 35.08 -41.70 -12.91
CA LYS F 441 34.24 -41.47 -14.08
C LYS F 441 33.06 -42.42 -14.13
N GLU F 442 33.23 -43.67 -13.66
CA GLU F 442 32.12 -44.59 -13.60
C GLU F 442 31.07 -44.12 -12.61
N ILE F 443 31.51 -43.61 -11.45
CA ILE F 443 30.55 -43.03 -10.50
C ILE F 443 29.84 -41.84 -11.11
N GLU F 444 30.58 -40.98 -11.82
CA GLU F 444 29.99 -39.81 -12.46
C GLU F 444 28.92 -40.22 -13.47
N TRP F 445 29.22 -41.22 -14.30
CA TRP F 445 28.26 -41.67 -15.29
C TRP F 445 27.05 -42.31 -14.64
N ASP F 446 27.26 -43.12 -13.60
CA ASP F 446 26.15 -43.77 -12.92
C ASP F 446 25.22 -42.74 -12.28
N MET F 447 25.78 -41.66 -11.75
CA MET F 447 24.94 -40.60 -11.20
C MET F 447 24.08 -39.95 -12.28
N PHE F 448 24.65 -39.76 -13.47
CA PHE F 448 23.94 -39.07 -14.54
C PHE F 448 22.85 -39.94 -15.15
N ARG F 449 23.14 -41.23 -15.36
CA ARG F 449 22.22 -42.08 -16.10
C ARG F 449 20.96 -42.42 -15.33
N THR F 450 20.99 -42.35 -14.00
CA THR F 450 19.82 -42.66 -13.19
C THR F 450 18.96 -41.44 -12.90
N GLN F 451 19.40 -40.25 -13.29
CA GLN F 451 18.61 -39.04 -13.03
C GLN F 451 17.43 -38.96 -13.98
N VAL F 452 16.40 -38.24 -13.54
CA VAL F 452 15.22 -37.95 -14.35
C VAL F 452 15.26 -36.46 -14.65
N HIS F 453 15.58 -36.11 -15.89
CA HIS F 453 15.78 -34.73 -16.27
C HIS F 453 14.43 -34.06 -16.60
N PRO F 454 14.35 -32.74 -16.45
CA PRO F 454 13.09 -32.05 -16.78
C PRO F 454 12.65 -32.23 -18.21
N TRP F 455 13.58 -32.50 -19.14
CA TRP F 455 13.20 -32.78 -20.51
C TRP F 455 12.29 -34.00 -20.60
N GLU F 456 12.59 -35.03 -19.81
CA GLU F 456 11.77 -36.24 -19.81
C GLU F 456 10.35 -35.94 -19.32
N ARG F 457 10.22 -35.11 -18.29
CA ARG F 457 8.89 -34.74 -17.81
C ARG F 457 8.15 -33.89 -18.84
N GLU F 458 8.85 -32.97 -19.49
CA GLU F 458 8.22 -32.19 -20.55
C GLU F 458 7.79 -33.05 -21.73
N GLN F 459 8.46 -34.19 -21.94
CA GLN F 459 8.16 -35.04 -23.09
C GLN F 459 7.14 -36.13 -22.78
N TYR F 460 7.03 -36.58 -21.53
CA TYR F 460 6.25 -37.77 -21.22
C TYR F 460 5.21 -37.59 -20.12
N MET F 461 5.32 -36.58 -19.26
CA MET F 461 4.40 -36.47 -18.12
C MET F 461 2.97 -36.27 -18.60
N SER F 462 2.76 -35.45 -19.62
CA SER F 462 1.42 -35.21 -20.13
C SER F 462 1.07 -36.15 -21.28
N GLN F 463 2.04 -36.52 -22.11
CA GLN F 463 1.77 -37.43 -23.23
C GLN F 463 1.35 -38.80 -22.74
N TYR F 464 1.99 -39.30 -21.68
CA TYR F 464 1.65 -40.60 -21.12
C TYR F 464 1.04 -40.46 -19.73
N ALA G 22 53.70 8.89 -47.78
CA ALA G 22 53.37 8.17 -46.56
C ALA G 22 53.23 9.11 -45.37
N LYS G 23 52.34 8.76 -44.44
CA LYS G 23 52.10 9.57 -43.25
C LYS G 23 52.82 9.03 -42.02
N TYR G 24 52.93 7.71 -41.89
CA TYR G 24 53.62 7.08 -40.78
C TYR G 24 54.61 6.06 -41.29
N THR G 25 55.72 5.91 -40.57
CA THR G 25 56.68 4.84 -40.79
C THR G 25 56.73 3.96 -39.55
N ARG G 26 57.49 2.87 -39.65
CA ARG G 26 57.57 1.92 -38.54
C ARG G 26 58.16 2.58 -37.29
N GLU G 27 59.23 3.36 -37.47
CA GLU G 27 59.84 4.04 -36.34
C GLU G 27 58.87 5.03 -35.69
N ASP G 28 58.11 5.76 -36.52
CA ASP G 28 57.12 6.68 -35.98
C ASP G 28 56.05 5.94 -35.19
N ILE G 29 55.59 4.80 -35.69
CA ILE G 29 54.58 4.02 -34.98
C ILE G 29 55.12 3.54 -33.64
N GLU G 30 56.34 2.98 -33.64
CA GLU G 30 56.92 2.50 -32.39
C GLU G 30 57.12 3.62 -31.39
N LYS G 31 57.61 4.77 -31.86
CA LYS G 31 57.79 5.91 -30.97
C LYS G 31 56.44 6.35 -30.40
N LEU G 32 55.43 6.52 -31.26
CA LEU G 32 54.15 7.01 -30.80
C LEU G 32 53.54 6.09 -29.76
N VAL G 33 53.60 4.77 -30.00
CA VAL G 33 53.07 3.86 -28.98
C VAL G 33 53.92 3.93 -27.71
N LYS G 34 55.22 4.20 -27.84
CA LYS G 34 56.07 4.30 -26.65
C LYS G 34 55.64 5.43 -25.73
N GLU G 35 55.52 6.66 -26.27
CA GLU G 35 55.05 7.75 -25.41
C GLU G 35 53.59 7.60 -25.02
N GLU G 36 52.70 7.32 -25.98
CA GLU G 36 51.28 7.28 -25.66
C GLU G 36 50.91 6.10 -24.76
N ASN G 37 51.82 5.14 -24.56
CA ASN G 37 51.59 4.02 -23.65
C ASN G 37 50.33 3.25 -24.04
N VAL G 38 50.35 2.71 -25.25
CA VAL G 38 49.27 1.86 -25.73
C VAL G 38 49.60 0.42 -25.37
N LYS G 39 48.60 -0.31 -24.87
CA LYS G 39 48.77 -1.69 -24.48
C LYS G 39 47.97 -2.66 -25.33
N TYR G 40 46.94 -2.20 -26.03
CA TYR G 40 46.07 -3.06 -26.82
C TYR G 40 46.05 -2.53 -28.25
N ILE G 41 46.16 -3.43 -29.22
CA ILE G 41 46.16 -3.06 -30.63
C ILE G 41 45.12 -3.91 -31.35
N ARG G 42 44.19 -3.24 -32.03
CA ARG G 42 43.16 -3.91 -32.82
C ARG G 42 43.58 -3.91 -34.28
N LEU G 43 43.71 -5.09 -34.85
CA LEU G 43 44.04 -5.25 -36.28
C LEU G 43 42.72 -5.48 -37.00
N GLN G 44 42.04 -4.40 -37.34
CA GLN G 44 40.67 -4.47 -37.83
C GLN G 44 40.61 -4.64 -39.34
N PHE G 45 39.51 -5.23 -39.80
CA PHE G 45 39.27 -5.48 -41.21
C PHE G 45 37.76 -5.56 -41.43
N THR G 46 37.37 -5.70 -42.69
CA THR G 46 35.96 -5.67 -43.09
C THR G 46 35.60 -6.96 -43.79
N ASP G 47 34.45 -7.54 -43.42
CA ASP G 47 33.98 -8.79 -43.99
C ASP G 47 33.05 -8.50 -45.17
N ILE G 48 32.35 -9.54 -45.63
CA ILE G 48 31.43 -9.39 -46.76
C ILE G 48 30.30 -8.43 -46.42
N LEU G 49 29.69 -8.61 -45.25
CA LEU G 49 28.51 -7.82 -44.89
C LEU G 49 28.84 -6.40 -44.49
N GLY G 50 30.12 -6.06 -44.36
CA GLY G 50 30.53 -4.72 -44.03
C GLY G 50 30.73 -4.44 -42.55
N THR G 51 30.37 -5.38 -41.68
CA THR G 51 30.61 -5.18 -40.25
C THR G 51 32.11 -5.25 -39.97
N ILE G 52 32.54 -4.43 -39.01
CA ILE G 52 33.96 -4.31 -38.70
C ILE G 52 34.39 -5.47 -37.82
N LYS G 53 35.40 -6.22 -38.27
CA LYS G 53 35.97 -7.33 -37.52
C LYS G 53 37.41 -7.00 -37.18
N ASN G 54 37.93 -7.69 -36.15
CA ASN G 54 39.32 -7.50 -35.79
C ASN G 54 39.83 -8.71 -35.03
N VAL G 55 41.15 -8.84 -35.00
CA VAL G 55 41.85 -9.71 -34.07
C VAL G 55 42.76 -8.83 -33.22
N GLU G 56 42.76 -9.07 -31.92
CA GLU G 56 43.41 -8.19 -30.96
C GLU G 56 44.68 -8.82 -30.41
N ILE G 57 45.74 -8.03 -30.31
CA ILE G 57 47.02 -8.48 -29.81
C ILE G 57 47.50 -7.53 -28.72
N PRO G 58 48.32 -7.98 -27.79
CA PRO G 58 48.97 -7.04 -26.86
C PRO G 58 50.05 -6.24 -27.57
N VAL G 59 50.46 -5.15 -26.94
CA VAL G 59 51.50 -4.29 -27.52
C VAL G 59 52.81 -5.04 -27.70
N SER G 60 53.04 -6.10 -26.91
CA SER G 60 54.26 -6.88 -27.06
C SER G 60 54.33 -7.61 -28.39
N GLN G 61 53.20 -7.76 -29.09
CA GLN G 61 53.15 -8.41 -30.39
C GLN G 61 53.17 -7.41 -31.54
N LEU G 62 53.47 -6.14 -31.26
CA LEU G 62 53.48 -5.13 -32.31
C LEU G 62 54.56 -5.43 -33.34
N GLY G 63 55.73 -5.88 -32.89
CA GLY G 63 56.79 -6.22 -33.83
C GLY G 63 56.40 -7.35 -34.76
N LYS G 64 55.72 -8.38 -34.23
CA LYS G 64 55.24 -9.46 -35.08
C LYS G 64 54.15 -8.98 -36.03
N ALA G 65 53.28 -8.08 -35.57
CA ALA G 65 52.23 -7.55 -36.43
C ALA G 65 52.81 -6.77 -37.59
N LEU G 66 53.79 -5.90 -37.31
CA LEU G 66 54.42 -5.10 -38.36
C LEU G 66 55.27 -5.93 -39.30
N ASP G 67 55.58 -7.17 -38.96
CA ASP G 67 56.33 -8.06 -39.83
C ASP G 67 55.41 -8.88 -40.74
N ASN G 68 54.10 -8.62 -40.71
CA ASN G 68 53.13 -9.35 -41.50
C ASN G 68 53.17 -10.84 -41.19
N LYS G 69 53.13 -11.16 -39.89
CA LYS G 69 53.25 -12.54 -39.43
C LYS G 69 52.08 -13.00 -38.58
N VAL G 70 51.18 -12.12 -38.18
CA VAL G 70 50.04 -12.53 -37.37
C VAL G 70 49.05 -13.30 -38.24
N MET G 71 48.67 -14.48 -37.79
CA MET G 71 47.74 -15.34 -38.51
C MET G 71 46.38 -15.35 -37.82
N PHE G 72 45.35 -15.63 -38.61
CA PHE G 72 43.98 -15.68 -38.10
C PHE G 72 43.14 -16.50 -39.05
N ASP G 73 41.91 -16.77 -38.65
CA ASP G 73 40.97 -17.53 -39.47
C ASP G 73 40.38 -16.59 -40.52
N GLY G 74 40.81 -16.75 -41.78
CA GLY G 74 40.33 -15.90 -42.84
C GLY G 74 38.91 -16.17 -43.28
N SER G 75 38.31 -17.26 -42.82
CA SER G 75 36.92 -17.56 -43.14
C SER G 75 35.94 -16.63 -42.45
N SER G 76 36.39 -15.89 -41.42
CA SER G 76 35.51 -14.95 -40.75
C SER G 76 35.06 -13.82 -41.67
N ILE G 77 35.75 -13.61 -42.79
CA ILE G 77 35.32 -12.64 -43.77
C ILE G 77 34.00 -13.07 -44.41
N GLU G 78 33.80 -14.37 -44.60
CA GLU G 78 32.58 -14.86 -45.23
C GLU G 78 31.34 -14.61 -44.39
N GLY G 79 31.50 -14.31 -43.11
CA GLY G 79 30.34 -14.06 -42.27
C GLY G 79 29.74 -15.35 -41.77
N PHE G 80 28.41 -15.46 -41.87
CA PHE G 80 27.70 -16.62 -41.35
C PHE G 80 27.65 -17.78 -42.34
N VAL G 81 28.23 -17.63 -43.54
CA VAL G 81 28.25 -18.70 -44.53
C VAL G 81 29.59 -19.41 -44.57
N ARG G 82 30.48 -19.12 -43.63
CA ARG G 82 31.77 -19.80 -43.59
C ARG G 82 31.58 -21.28 -43.27
N ILE G 83 32.40 -22.12 -43.91
CA ILE G 83 32.25 -23.56 -43.75
C ILE G 83 33.52 -24.19 -43.21
N GLU G 84 34.67 -23.60 -43.52
CA GLU G 84 35.95 -24.21 -43.19
C GLU G 84 36.94 -23.16 -42.73
N GLU G 85 37.70 -23.51 -41.69
CA GLU G 85 38.77 -22.64 -41.22
C GLU G 85 39.88 -22.54 -42.26
N SER G 86 40.40 -21.33 -42.45
CA SER G 86 41.46 -21.08 -43.41
C SER G 86 42.43 -20.05 -42.84
N ASP G 87 43.71 -20.41 -42.78
CA ASP G 87 44.72 -19.50 -42.24
C ASP G 87 45.02 -18.39 -43.23
N MET G 88 45.08 -17.15 -42.73
CA MET G 88 45.38 -15.99 -43.55
C MET G 88 46.28 -15.04 -42.75
N TYR G 89 47.03 -14.23 -43.49
CA TYR G 89 47.89 -13.23 -42.87
C TYR G 89 47.16 -11.89 -42.77
N LEU G 90 47.74 -10.99 -41.97
CA LEU G 90 47.05 -9.77 -41.52
C LEU G 90 47.92 -8.54 -41.73
N TYR G 91 48.44 -8.38 -42.95
CA TYR G 91 49.30 -7.26 -43.34
C TYR G 91 48.66 -5.93 -42.96
N PRO G 92 49.20 -5.21 -41.98
CA PRO G 92 48.61 -3.93 -41.59
C PRO G 92 49.06 -2.79 -42.47
N ASP G 93 48.26 -1.73 -42.47
CA ASP G 93 48.55 -0.51 -43.20
C ASP G 93 49.00 0.56 -42.20
N LEU G 94 50.21 1.08 -42.40
CA LEU G 94 50.77 2.02 -41.43
C LEU G 94 50.04 3.36 -41.43
N ASN G 95 49.58 3.81 -42.59
CA ASN G 95 48.93 5.11 -42.68
C ASN G 95 47.59 5.15 -41.96
N THR G 96 47.01 4.00 -41.65
CA THR G 96 45.71 3.94 -40.98
C THR G 96 45.84 3.93 -39.46
N PHE G 97 47.04 4.08 -38.92
CA PHE G 97 47.23 4.05 -37.47
C PHE G 97 46.47 5.18 -36.81
N VAL G 98 45.61 4.83 -35.87
CA VAL G 98 44.81 5.79 -35.12
C VAL G 98 44.76 5.34 -33.66
N ILE G 99 44.92 6.29 -32.75
CA ILE G 99 44.83 6.02 -31.31
C ILE G 99 43.45 6.45 -30.84
N PHE G 100 42.71 5.53 -30.26
CA PHE G 100 41.35 5.83 -29.83
C PHE G 100 41.36 6.75 -28.62
N PRO G 101 40.49 7.77 -28.58
CA PRO G 101 40.51 8.70 -27.44
C PRO G 101 40.00 8.09 -26.15
N TRP G 102 39.29 6.96 -26.20
CA TRP G 102 38.73 6.33 -25.02
C TRP G 102 39.78 5.39 -24.44
N THR G 103 40.42 5.82 -23.36
CA THR G 103 41.47 5.02 -22.74
C THR G 103 40.89 3.77 -22.10
N ALA G 104 41.59 2.65 -22.26
CA ALA G 104 41.16 1.37 -21.70
C ALA G 104 41.91 1.11 -20.39
N GLU G 105 41.54 1.89 -19.37
CA GLU G 105 42.10 1.76 -18.03
C GLU G 105 43.62 1.76 -18.06
N LYS G 106 44.22 0.57 -17.92
CA LYS G 106 45.66 0.41 -17.93
C LYS G 106 46.16 0.34 -19.37
N GLY G 107 46.37 1.50 -19.98
CA GLY G 107 46.89 1.59 -21.32
C GLY G 107 45.84 2.05 -22.32
N LYS G 108 46.33 2.56 -23.45
CA LYS G 108 45.47 3.04 -24.52
C LYS G 108 45.28 1.95 -25.57
N VAL G 109 44.37 2.22 -26.51
CA VAL G 109 44.06 1.30 -27.59
C VAL G 109 44.34 2.00 -28.92
N ALA G 110 45.04 1.31 -29.81
CA ALA G 110 45.31 1.79 -31.15
C ALA G 110 44.83 0.75 -32.15
N ARG G 111 44.59 1.20 -33.38
CA ARG G 111 44.04 0.34 -34.41
C ARG G 111 44.84 0.43 -35.70
N PHE G 112 44.87 -0.67 -36.43
CA PHE G 112 45.38 -0.72 -37.78
C PHE G 112 44.31 -1.35 -38.68
N ILE G 113 44.14 -0.78 -39.87
CA ILE G 113 43.31 -1.40 -40.90
C ILE G 113 44.22 -2.23 -41.78
N CYS G 114 43.93 -3.53 -41.87
CA CYS G 114 44.86 -4.48 -42.45
C CYS G 114 44.28 -5.14 -43.69
N ASP G 115 45.17 -5.52 -44.59
CA ASP G 115 44.81 -6.33 -45.75
C ASP G 115 44.97 -7.81 -45.42
N ILE G 116 44.23 -8.64 -46.14
CA ILE G 116 44.25 -10.08 -45.93
C ILE G 116 45.08 -10.72 -47.03
N TYR G 117 46.04 -11.55 -46.63
CA TYR G 117 46.95 -12.19 -47.57
C TYR G 117 46.94 -13.69 -47.36
N ASN G 118 47.09 -14.42 -48.47
CA ASN G 118 47.22 -15.87 -48.42
C ASN G 118 48.55 -16.24 -47.78
N PRO G 119 48.67 -17.48 -47.27
CA PRO G 119 49.94 -17.89 -46.65
C PRO G 119 51.13 -17.87 -47.60
N ASP G 120 50.92 -17.87 -48.91
CA ASP G 120 52.00 -17.84 -49.88
C ASP G 120 52.38 -16.42 -50.29
N GLY G 121 51.81 -15.41 -49.64
CA GLY G 121 52.11 -14.02 -49.95
C GLY G 121 51.19 -13.38 -50.98
N THR G 122 50.35 -14.15 -51.64
CA THR G 122 49.39 -13.60 -52.57
C THR G 122 48.24 -12.93 -51.81
N PRO G 123 47.81 -11.73 -52.20
CA PRO G 123 46.66 -11.11 -51.53
C PRO G 123 45.41 -11.97 -51.66
N PHE G 124 44.63 -12.03 -50.58
CA PHE G 124 43.45 -12.87 -50.56
C PHE G 124 42.37 -12.30 -51.46
N GLU G 125 41.86 -13.13 -52.37
CA GLU G 125 40.83 -12.68 -53.30
C GLU G 125 39.48 -12.48 -52.64
N GLY G 126 39.30 -12.96 -51.42
CA GLY G 126 38.06 -12.79 -50.69
C GLY G 126 38.01 -11.59 -49.78
N ASP G 127 38.97 -10.68 -49.88
CA ASP G 127 38.99 -9.49 -49.04
C ASP G 127 38.41 -8.32 -49.81
N PRO G 128 37.34 -7.69 -49.33
CA PRO G 128 36.76 -6.55 -50.07
C PRO G 128 37.75 -5.41 -50.31
N ARG G 129 38.60 -5.12 -49.33
CA ARG G 129 39.60 -4.06 -49.51
C ARG G 129 40.59 -4.43 -50.60
N ASN G 130 41.06 -5.68 -50.62
CA ASN G 130 41.95 -6.12 -51.68
C ASN G 130 41.25 -6.11 -53.03
N ASN G 131 39.95 -6.43 -53.06
CA ASN G 131 39.20 -6.34 -54.30
C ASN G 131 39.12 -4.90 -54.80
N LEU G 132 38.90 -3.96 -53.89
CA LEU G 132 38.88 -2.55 -54.29
C LEU G 132 40.24 -2.12 -54.81
N LYS G 133 41.32 -2.58 -54.17
CA LYS G 133 42.65 -2.29 -54.67
C LYS G 133 42.88 -2.87 -56.06
N ARG G 134 42.35 -4.08 -56.30
CA ARG G 134 42.46 -4.69 -57.62
C ARG G 134 41.72 -3.86 -58.67
N ILE G 135 40.52 -3.39 -58.33
CA ILE G 135 39.76 -2.56 -59.26
C ILE G 135 40.49 -1.24 -59.52
N LEU G 136 41.13 -0.69 -58.49
CA LEU G 136 41.91 0.53 -58.66
C LEU G 136 43.12 0.29 -59.55
N LYS G 137 43.75 -0.87 -59.43
CA LYS G 137 44.84 -1.23 -60.34
C LYS G 137 44.33 -1.33 -61.77
N GLU G 138 43.15 -1.92 -61.96
CA GLU G 138 42.55 -1.95 -63.29
C GLU G 138 42.30 -0.55 -63.82
N MET G 139 41.85 0.36 -62.95
CA MET G 139 41.64 1.74 -63.34
C MET G 139 42.96 2.39 -63.76
N GLU G 140 44.02 2.16 -62.99
CA GLU G 140 45.34 2.71 -63.37
C GLU G 140 45.82 2.12 -64.68
N ASP G 141 45.43 0.90 -65.00
CA ASP G 141 45.77 0.32 -66.30
C ASP G 141 45.08 1.03 -67.46
N LEU G 142 44.05 1.83 -67.17
CA LEU G 142 43.34 2.58 -68.19
C LEU G 142 43.90 3.98 -68.39
N GLY G 143 44.96 4.35 -67.66
CA GLY G 143 45.58 5.65 -67.80
C GLY G 143 45.24 6.64 -66.72
N PHE G 144 44.25 6.36 -65.88
CA PHE G 144 43.86 7.28 -64.83
C PHE G 144 44.72 7.08 -63.59
N SER G 145 44.75 8.10 -62.74
CA SER G 145 45.64 8.13 -61.58
C SER G 145 44.91 7.97 -60.25
N ASP G 146 43.84 8.73 -60.02
CA ASP G 146 43.14 8.70 -58.75
C ASP G 146 41.63 8.57 -58.98
N PHE G 147 40.96 8.03 -57.98
CA PHE G 147 39.50 7.92 -57.95
C PHE G 147 39.04 8.45 -56.60
N ASN G 148 38.50 9.66 -56.59
CA ASN G 148 38.12 10.31 -55.35
C ASN G 148 36.65 10.08 -55.03
N LEU G 149 36.35 9.94 -53.75
CA LEU G 149 35.00 9.71 -53.27
C LEU G 149 34.66 10.71 -52.17
N GLY G 150 33.53 11.38 -52.32
CA GLY G 150 33.00 12.21 -51.26
C GLY G 150 31.66 11.67 -50.78
N PRO G 151 31.65 11.12 -49.57
CA PRO G 151 30.44 10.49 -49.05
C PRO G 151 29.57 11.47 -48.27
N GLU G 152 28.26 11.20 -48.29
CA GLU G 152 27.27 11.96 -47.55
C GLU G 152 26.42 11.00 -46.73
N PRO G 153 26.99 10.41 -45.68
CA PRO G 153 26.22 9.43 -44.90
C PRO G 153 25.19 10.12 -44.01
N GLU G 154 23.99 9.57 -44.01
CA GLU G 154 22.91 10.03 -43.14
C GLU G 154 22.58 8.96 -42.12
N PHE G 155 22.20 9.40 -40.92
CA PHE G 155 21.90 8.47 -39.85
C PHE G 155 20.82 9.05 -38.96
N PHE G 156 20.17 8.18 -38.20
CA PHE G 156 19.13 8.54 -37.26
C PHE G 156 19.63 8.38 -35.83
N LEU G 157 19.09 9.21 -34.94
CA LEU G 157 19.42 9.15 -33.52
C LEU G 157 18.16 8.79 -32.75
N PHE G 158 18.20 7.65 -32.05
CA PHE G 158 17.07 7.15 -31.28
C PHE G 158 17.43 7.15 -29.80
N LYS G 159 16.47 7.53 -28.96
CA LYS G 159 16.70 7.54 -27.52
C LYS G 159 16.74 6.13 -26.97
N LEU G 160 17.58 5.93 -25.96
CA LEU G 160 17.66 4.67 -25.24
C LEU G 160 16.73 4.69 -24.04
N ASP G 161 16.30 3.51 -23.61
CA ASP G 161 15.44 3.36 -22.46
C ASP G 161 16.28 3.06 -21.22
N GLU G 162 15.61 2.69 -20.12
CA GLU G 162 16.32 2.41 -18.88
C GLU G 162 17.27 1.23 -19.03
N LYS G 163 16.84 0.18 -19.72
CA LYS G 163 17.66 -1.01 -19.91
C LYS G 163 18.73 -0.83 -20.99
N GLY G 164 18.87 0.37 -21.54
CA GLY G 164 19.89 0.65 -22.53
C GLY G 164 19.74 -0.06 -23.85
N GLU G 165 18.52 -0.12 -24.38
CA GLU G 165 18.28 -0.64 -25.72
C GLU G 165 17.50 0.37 -26.53
N PRO G 166 17.67 0.38 -27.85
CA PRO G 166 17.04 1.43 -28.66
C PRO G 166 15.52 1.37 -28.60
N THR G 167 14.90 2.55 -28.64
CA THR G 167 13.47 2.71 -28.75
C THR G 167 13.14 3.35 -30.10
N LEU G 168 11.87 3.67 -30.31
CA LEU G 168 11.41 4.27 -31.55
C LEU G 168 11.19 5.76 -31.44
N GLU G 169 11.66 6.40 -30.37
CA GLU G 169 11.51 7.83 -30.19
C GLU G 169 12.75 8.55 -30.69
N LEU G 170 12.53 9.55 -31.54
CA LEU G 170 13.63 10.31 -32.11
C LEU G 170 14.13 11.37 -31.11
N ASN G 171 15.38 11.78 -31.29
CA ASN G 171 15.99 12.70 -30.34
C ASN G 171 15.48 14.13 -30.48
N ASP G 172 15.01 14.51 -31.68
CA ASP G 172 14.47 15.85 -31.86
C ASP G 172 13.49 15.85 -33.02
N LYS G 173 12.57 16.82 -33.00
CA LYS G 173 11.65 17.04 -34.11
C LYS G 173 12.18 18.14 -35.03
N GLY G 174 13.38 17.92 -35.55
CA GLY G 174 14.04 18.89 -36.41
C GLY G 174 13.60 18.78 -37.86
N GLY G 175 14.13 19.70 -38.67
CA GLY G 175 13.82 19.72 -40.08
C GLY G 175 15.02 19.92 -40.96
N TYR G 176 14.79 20.15 -42.26
CA TYR G 176 15.88 20.30 -43.20
C TYR G 176 16.68 21.57 -42.92
N PHE G 177 17.97 21.39 -42.64
CA PHE G 177 18.90 22.49 -42.37
C PHE G 177 18.47 23.36 -41.19
N ASP G 178 17.62 22.83 -40.31
CA ASP G 178 17.12 23.61 -39.20
C ASP G 178 18.18 23.77 -38.12
N LEU G 179 18.08 24.88 -37.38
CA LEU G 179 18.87 25.08 -36.16
C LEU G 179 18.07 24.54 -34.98
N ALA G 180 17.73 23.25 -35.07
CA ALA G 180 16.85 22.61 -34.12
C ALA G 180 17.55 22.25 -32.81
N PRO G 181 18.69 21.56 -32.82
CA PRO G 181 19.33 21.21 -31.53
C PRO G 181 19.73 22.43 -30.71
N THR G 182 20.10 23.53 -31.37
CA THR G 182 20.49 24.78 -30.71
C THR G 182 21.64 24.58 -29.73
N ASP G 183 21.79 25.53 -28.82
CA ASP G 183 22.80 25.50 -27.79
C ASP G 183 22.23 24.81 -26.54
N LEU G 184 22.87 24.98 -25.40
CA LEU G 184 22.41 24.44 -24.13
C LEU G 184 22.45 22.91 -24.11
N GLY G 185 23.63 22.35 -24.36
CA GLY G 185 23.79 20.91 -24.23
C GLY G 185 23.20 20.15 -25.41
N GLU G 186 23.17 18.83 -25.24
CA GLU G 186 22.74 17.88 -26.27
C GLU G 186 23.55 18.17 -27.53
N ASN G 187 22.92 18.32 -28.69
CA ASN G 187 23.63 18.56 -29.96
C ASN G 187 24.69 17.50 -30.20
N CYS G 188 24.24 16.25 -30.32
CA CYS G 188 25.15 15.13 -30.55
C CYS G 188 25.89 15.28 -31.87
N ARG G 189 25.26 15.92 -32.87
CA ARG G 189 25.93 16.14 -34.14
C ARG G 189 27.16 17.02 -33.98
N ARG G 190 27.04 18.11 -33.20
CA ARG G 190 28.17 19.00 -32.97
C ARG G 190 29.31 18.27 -32.26
N ASP G 191 28.98 17.49 -31.24
CA ASP G 191 30.00 16.77 -30.50
C ASP G 191 30.68 15.73 -31.38
N ILE G 192 29.91 15.03 -32.22
CA ILE G 192 30.48 14.05 -33.14
C ILE G 192 31.43 14.73 -34.10
N VAL G 193 31.03 15.89 -34.64
CA VAL G 193 31.87 16.59 -35.61
C VAL G 193 33.17 17.04 -34.96
N LEU G 194 33.08 17.64 -33.77
CA LEU G 194 34.28 18.10 -33.08
C LEU G 194 35.20 16.93 -32.74
N GLU G 195 34.63 15.82 -32.26
CA GLU G 195 35.45 14.67 -31.89
C GLU G 195 36.14 14.10 -33.12
N LEU G 196 35.40 13.99 -34.23
CA LEU G 196 36.00 13.51 -35.48
C LEU G 196 37.12 14.42 -35.94
N GLU G 197 36.93 15.74 -35.81
CA GLU G 197 37.99 16.69 -36.13
C GLU G 197 39.23 16.44 -35.27
N GLU G 198 39.02 16.16 -33.99
CA GLU G 198 40.14 15.86 -33.11
C GLU G 198 40.80 14.52 -33.45
N MET G 199 40.14 13.66 -34.21
CA MET G 199 40.68 12.36 -34.57
C MET G 199 41.38 12.35 -35.91
N GLY G 200 41.51 13.49 -36.58
CA GLY G 200 42.16 13.57 -37.87
C GLY G 200 41.24 13.52 -39.06
N PHE G 201 39.92 13.49 -38.85
CA PHE G 201 38.98 13.53 -39.97
C PHE G 201 38.92 14.93 -40.54
N GLU G 202 38.53 15.01 -41.82
CA GLU G 202 38.35 16.28 -42.52
C GLU G 202 36.85 16.42 -42.80
N ILE G 203 36.15 17.06 -41.89
CA ILE G 203 34.71 17.26 -42.01
C ILE G 203 34.44 18.51 -42.83
N GLU G 204 33.61 18.38 -43.86
CA GLU G 204 33.27 19.52 -44.71
C GLU G 204 32.18 20.37 -44.07
N ALA G 205 31.00 19.79 -43.87
CA ALA G 205 29.87 20.52 -43.30
C ALA G 205 28.89 19.52 -42.70
N SER G 206 27.99 20.04 -41.87
CA SER G 206 26.97 19.22 -41.23
C SER G 206 25.67 20.00 -41.14
N HIS G 207 24.57 19.28 -41.09
CA HIS G 207 23.25 19.90 -41.00
C HIS G 207 22.24 18.86 -40.53
N HIS G 208 21.09 19.36 -40.07
CA HIS G 208 19.97 18.49 -39.75
C HIS G 208 19.27 18.08 -41.04
N GLU G 209 18.90 16.81 -41.11
CA GLU G 209 18.32 16.24 -42.33
C GLU G 209 16.81 16.49 -42.35
N VAL G 210 16.16 16.04 -43.43
CA VAL G 210 14.74 16.32 -43.62
C VAL G 210 13.91 15.67 -42.52
N ALA G 211 14.19 14.40 -42.23
CA ALA G 211 13.39 13.68 -41.26
C ALA G 211 13.73 14.11 -39.85
N PRO G 212 12.77 14.05 -38.92
CA PRO G 212 13.09 14.32 -37.51
C PRO G 212 14.10 13.31 -36.99
N GLY G 213 15.02 13.79 -36.15
CA GLY G 213 16.04 12.92 -35.60
C GLY G 213 17.02 12.38 -36.59
N GLN G 214 17.11 12.97 -37.78
CA GLN G 214 18.02 12.53 -38.82
C GLN G 214 19.09 13.59 -39.05
N HIS G 215 20.34 13.15 -39.18
CA HIS G 215 21.47 14.05 -39.29
C HIS G 215 22.40 13.58 -40.39
N GLU G 216 23.18 14.53 -40.94
CA GLU G 216 24.14 14.24 -41.99
C GLU G 216 25.45 14.96 -41.69
N ILE G 217 26.56 14.25 -41.88
CA ILE G 217 27.90 14.81 -41.76
C ILE G 217 28.66 14.46 -43.02
N ASP G 218 29.23 15.46 -43.68
CA ASP G 218 29.92 15.30 -44.95
C ASP G 218 31.43 15.43 -44.75
N PHE G 219 32.17 14.48 -45.30
CA PHE G 219 33.63 14.54 -45.25
C PHE G 219 34.18 15.21 -46.51
N LYS G 220 35.42 15.68 -46.41
CA LYS G 220 36.13 16.13 -47.60
C LYS G 220 36.48 14.92 -48.45
N TYR G 221 36.45 15.11 -49.77
CA TYR G 221 36.76 14.02 -50.69
C TYR G 221 38.21 13.59 -50.54
N ALA G 222 38.44 12.29 -50.72
CA ALA G 222 39.77 11.71 -50.60
C ALA G 222 39.84 10.48 -51.49
N GLY G 223 40.93 9.73 -51.39
CA GLY G 223 41.08 8.53 -52.17
C GLY G 223 40.06 7.47 -51.79
N ALA G 224 39.83 6.54 -52.73
CA ALA G 224 38.77 5.56 -52.56
C ALA G 224 39.00 4.69 -51.33
N VAL G 225 40.21 4.13 -51.19
CA VAL G 225 40.51 3.29 -50.04
C VAL G 225 40.43 4.10 -48.76
N ARG G 226 41.02 5.30 -48.77
CA ARG G 226 40.96 6.16 -47.61
C ARG G 226 39.53 6.57 -47.28
N SER G 227 38.72 6.83 -48.31
CA SER G 227 37.33 7.20 -48.08
C SER G 227 36.55 6.05 -47.45
N CYS G 228 36.75 4.82 -47.92
CA CYS G 228 36.06 3.68 -47.34
C CYS G 228 36.49 3.43 -45.90
N ASP G 229 37.81 3.53 -45.64
CA ASP G 229 38.30 3.40 -44.27
C ASP G 229 37.69 4.47 -43.37
N ASP G 230 37.60 5.71 -43.88
CA ASP G 230 36.99 6.78 -43.12
C ASP G 230 35.51 6.51 -42.88
N ILE G 231 34.83 5.91 -43.84
CA ILE G 231 33.41 5.58 -43.66
C ILE G 231 33.24 4.56 -42.52
N GLN G 232 34.07 3.52 -42.53
CA GLN G 232 33.98 2.51 -41.47
C GLN G 232 34.30 3.13 -40.10
N THR G 233 35.38 3.90 -40.03
CA THR G 233 35.74 4.55 -38.76
C THR G 233 34.66 5.52 -38.32
N PHE G 234 34.05 6.22 -39.27
CA PHE G 234 32.97 7.15 -38.97
C PHE G 234 31.78 6.44 -38.37
N LYS G 235 31.39 5.30 -38.94
CA LYS G 235 30.29 4.53 -38.37
C LYS G 235 30.62 4.11 -36.94
N LEU G 236 31.83 3.58 -36.72
CA LEU G 236 32.23 3.17 -35.37
C LEU G 236 32.17 4.33 -34.40
N VAL G 237 32.77 5.46 -34.77
CA VAL G 237 32.86 6.62 -33.88
C VAL G 237 31.47 7.19 -33.60
N VAL G 238 30.61 7.27 -34.61
CA VAL G 238 29.27 7.81 -34.41
C VAL G 238 28.49 6.91 -33.46
N LYS G 239 28.57 5.60 -33.65
CA LYS G 239 27.87 4.70 -32.74
C LYS G 239 28.37 4.85 -31.32
N THR G 240 29.69 4.92 -31.14
CA THR G 240 30.25 5.04 -29.79
C THR G 240 29.82 6.36 -29.13
N ILE G 241 29.92 7.46 -29.85
CA ILE G 241 29.60 8.77 -29.27
C ILE G 241 28.11 8.87 -28.96
N ALA G 242 27.26 8.35 -29.85
CA ALA G 242 25.83 8.34 -29.58
C ALA G 242 25.52 7.50 -28.35
N ARG G 243 26.20 6.36 -28.20
CA ARG G 243 26.03 5.57 -26.99
C ARG G 243 26.46 6.34 -25.75
N LYS G 244 27.50 7.19 -25.88
CA LYS G 244 27.92 7.99 -24.75
C LYS G 244 26.83 8.97 -24.32
N HIS G 245 26.15 9.59 -25.28
CA HIS G 245 25.11 10.56 -24.97
C HIS G 245 23.77 9.92 -24.62
N GLY G 246 23.74 8.61 -24.37
CA GLY G 246 22.47 7.94 -24.12
C GLY G 246 21.57 7.91 -25.33
N LEU G 247 22.12 7.69 -26.52
CA LEU G 247 21.37 7.68 -27.76
C LEU G 247 21.80 6.46 -28.58
N HIS G 248 20.95 6.08 -29.52
CA HIS G 248 21.25 5.00 -30.45
C HIS G 248 21.37 5.58 -31.85
N ALA G 249 22.50 5.34 -32.49
CA ALA G 249 22.75 5.78 -33.86
C ALA G 249 22.67 4.57 -34.78
N THR G 250 21.84 4.68 -35.81
CA THR G 250 21.66 3.59 -36.76
C THR G 250 21.83 4.12 -38.18
N PHE G 251 22.50 3.32 -39.00
CA PHE G 251 22.64 3.59 -40.42
C PHE G 251 21.71 2.72 -41.26
N MET G 252 20.68 2.17 -40.64
CA MET G 252 19.70 1.38 -41.36
C MET G 252 18.97 2.26 -42.36
N PRO G 253 18.75 1.78 -43.61
CA PRO G 253 18.23 2.67 -44.65
C PRO G 253 16.89 3.30 -44.32
N LYS G 254 15.89 2.51 -43.93
CA LYS G 254 14.53 3.02 -43.66
C LYS G 254 14.06 2.48 -42.32
N PRO G 255 14.48 3.12 -41.22
CA PRO G 255 14.01 2.67 -39.90
C PRO G 255 12.51 2.83 -39.69
N LEU G 256 11.89 3.83 -40.31
CA LEU G 256 10.48 4.13 -40.07
C LEU G 256 9.73 4.29 -41.39
N PHE G 257 8.46 3.89 -41.38
CA PHE G 257 7.60 4.06 -42.54
C PHE G 257 7.01 5.46 -42.57
N GLY G 258 6.82 5.99 -43.78
CA GLY G 258 6.27 7.31 -43.95
C GLY G 258 7.21 8.44 -43.63
N VAL G 259 8.50 8.14 -43.45
CA VAL G 259 9.51 9.10 -43.06
C VAL G 259 10.70 8.93 -43.99
N ASN G 260 11.40 10.03 -44.27
CA ASN G 260 12.54 9.99 -45.18
C ASN G 260 13.57 8.96 -44.72
N GLY G 261 14.11 8.21 -45.68
CA GLY G 261 15.13 7.24 -45.39
C GLY G 261 16.51 7.86 -45.31
N SER G 262 17.51 7.00 -45.11
CA SER G 262 18.90 7.41 -44.98
C SER G 262 19.68 6.95 -46.20
N GLY G 263 20.37 7.90 -46.85
CA GLY G 263 21.20 7.59 -48.00
C GLY G 263 22.66 7.89 -47.71
N MET G 264 23.51 7.41 -48.62
CA MET G 264 24.96 7.63 -48.53
C MET G 264 25.44 8.06 -49.93
N HIS G 265 24.80 9.12 -50.45
CA HIS G 265 25.16 9.69 -51.74
C HIS G 265 26.66 9.75 -51.93
N CYS G 266 27.13 9.22 -53.06
CA CYS G 266 28.56 9.06 -53.33
C CYS G 266 28.96 10.00 -54.46
N ASN G 267 29.79 10.99 -54.15
CA ASN G 267 30.32 11.91 -55.13
C ASN G 267 31.63 11.34 -55.68
N LEU G 268 31.62 10.96 -56.95
CA LEU G 268 32.76 10.30 -57.57
C LEU G 268 33.42 11.25 -58.56
N SER G 269 34.75 11.32 -58.51
CA SER G 269 35.54 12.13 -59.43
C SER G 269 36.75 11.33 -59.87
N LEU G 270 37.02 11.33 -61.17
CA LEU G 270 38.12 10.60 -61.76
C LEU G 270 39.22 11.57 -62.18
N PHE G 271 40.45 11.26 -61.81
CA PHE G 271 41.59 12.13 -62.09
C PHE G 271 42.57 11.45 -63.04
N LYS G 272 43.11 12.25 -63.97
CA LYS G 272 44.12 11.78 -64.90
C LYS G 272 45.29 12.75 -64.87
N ASN G 273 46.48 12.25 -64.54
CA ASN G 273 47.68 13.07 -64.43
C ASN G 273 47.51 14.20 -63.42
N GLY G 274 46.75 13.95 -62.36
CA GLY G 274 46.56 14.92 -61.30
C GLY G 274 45.52 15.98 -61.57
N VAL G 275 44.82 15.92 -62.70
CA VAL G 275 43.78 16.89 -63.03
C VAL G 275 42.46 16.14 -63.19
N ASN G 276 41.37 16.87 -62.96
CA ASN G 276 40.04 16.29 -63.05
C ASN G 276 39.73 15.92 -64.49
N ALA G 277 39.41 14.65 -64.73
CA ALA G 277 39.12 14.17 -66.07
C ALA G 277 37.66 14.35 -66.47
N PHE G 278 36.80 14.77 -65.55
CA PHE G 278 35.39 14.98 -65.84
C PHE G 278 35.09 16.39 -66.34
N PHE G 279 36.06 17.30 -66.30
CA PHE G 279 35.82 18.70 -66.60
C PHE G 279 36.35 19.05 -67.99
N ASP G 280 35.53 19.78 -68.75
CA ASP G 280 35.93 20.28 -70.06
C ASP G 280 35.29 21.65 -70.24
N GLU G 281 36.12 22.69 -70.35
CA GLU G 281 35.60 24.06 -70.37
C GLU G 281 34.75 24.34 -71.60
N ASN G 282 35.14 23.82 -72.76
CA ASN G 282 34.48 24.16 -74.02
C ASN G 282 33.38 23.18 -74.41
N ALA G 283 33.08 22.20 -73.57
CA ALA G 283 32.08 21.18 -73.87
C ALA G 283 30.72 21.55 -73.29
N ASP G 284 29.69 20.86 -73.76
CA ASP G 284 28.34 21.08 -73.28
C ASP G 284 28.24 20.68 -71.81
N LEU G 285 27.55 21.51 -71.02
CA LEU G 285 27.42 21.34 -69.58
C LEU G 285 28.77 21.32 -68.87
N GLN G 286 29.82 21.76 -69.56
CA GLN G 286 31.18 21.76 -69.02
C GLN G 286 31.61 20.37 -68.58
N LEU G 287 31.20 19.36 -69.34
CA LEU G 287 31.45 17.96 -69.02
C LEU G 287 32.29 17.33 -70.13
N SER G 288 33.36 16.65 -69.75
CA SER G 288 34.23 16.00 -70.71
C SER G 288 33.56 14.75 -71.28
N GLU G 289 34.13 14.23 -72.37
CA GLU G 289 33.65 12.98 -72.94
C GLU G 289 33.86 11.82 -71.99
N THR G 290 34.94 11.85 -71.20
CA THR G 290 35.16 10.82 -70.20
C THR G 290 34.03 10.79 -69.19
N ALA G 291 33.55 11.97 -68.77
CA ALA G 291 32.44 12.02 -67.83
C ALA G 291 31.17 11.43 -68.44
N LYS G 292 30.91 11.71 -69.72
CA LYS G 292 29.74 11.15 -70.38
C LYS G 292 29.84 9.63 -70.48
N HIS G 293 31.04 9.13 -70.80
CA HIS G 293 31.22 7.67 -70.85
C HIS G 293 31.03 7.05 -69.47
N PHE G 294 31.53 7.71 -68.43
CA PHE G 294 31.34 7.24 -67.06
C PHE G 294 29.86 7.18 -66.71
N ILE G 295 29.12 8.22 -67.06
CA ILE G 295 27.68 8.27 -66.77
C ILE G 295 26.97 7.17 -67.53
N ALA G 296 27.34 6.94 -68.79
CA ALA G 296 26.73 5.88 -69.57
C ALA G 296 27.00 4.51 -68.96
N GLY G 297 28.23 4.29 -68.50
CA GLY G 297 28.55 3.03 -67.85
C GLY G 297 27.78 2.81 -66.57
N ILE G 298 27.61 3.86 -65.77
CA ILE G 298 26.83 3.73 -64.55
C ILE G 298 25.37 3.46 -64.87
N VAL G 299 24.84 4.13 -65.89
CA VAL G 299 23.45 3.94 -66.28
C VAL G 299 23.20 2.52 -66.77
N LYS G 300 24.15 1.98 -67.55
CA LYS G 300 23.96 0.65 -68.13
C LYS G 300 23.85 -0.42 -67.05
N HIS G 301 24.68 -0.34 -66.02
CA HIS G 301 24.75 -1.38 -64.99
C HIS G 301 24.01 -0.99 -63.71
N ALA G 302 23.20 0.08 -63.74
CA ALA G 302 22.59 0.58 -62.52
C ALA G 302 21.68 -0.46 -61.87
N THR G 303 20.86 -1.14 -62.67
CA THR G 303 19.99 -2.18 -62.13
C THR G 303 20.76 -3.42 -61.69
N SER G 304 22.03 -3.56 -62.07
CA SER G 304 22.80 -4.75 -61.76
C SER G 304 23.56 -4.65 -60.44
N PHE G 305 24.17 -3.50 -60.16
CA PHE G 305 24.92 -3.35 -58.91
C PHE G 305 24.06 -2.86 -57.76
N THR G 306 22.75 -2.71 -57.97
CA THR G 306 21.87 -2.30 -56.88
C THR G 306 21.90 -3.30 -55.73
N ALA G 307 22.08 -4.59 -56.05
CA ALA G 307 22.18 -5.59 -54.99
C ALA G 307 23.38 -5.36 -54.09
N VAL G 308 24.45 -4.78 -54.62
CA VAL G 308 25.63 -4.49 -53.82
C VAL G 308 25.50 -3.14 -53.11
N THR G 309 25.04 -2.11 -53.81
CA THR G 309 24.88 -0.80 -53.19
C THR G 309 23.69 -0.75 -52.25
N ASN G 310 22.72 -1.65 -52.41
CA ASN G 310 21.57 -1.76 -51.51
C ASN G 310 21.45 -3.22 -51.12
N PRO G 311 22.27 -3.68 -50.18
CA PRO G 311 22.39 -5.12 -49.91
C PRO G 311 21.42 -5.70 -48.90
N THR G 312 20.55 -4.90 -48.30
CA THR G 312 19.64 -5.40 -47.26
C THR G 312 18.21 -5.44 -47.79
N VAL G 313 17.36 -6.18 -47.07
CA VAL G 313 15.94 -6.19 -47.38
C VAL G 313 15.34 -4.81 -47.13
N ASN G 314 15.72 -4.17 -46.02
CA ASN G 314 15.20 -2.85 -45.69
C ASN G 314 15.64 -1.77 -46.67
N SER G 315 16.70 -2.03 -47.45
CA SER G 315 17.19 -1.04 -48.39
C SER G 315 16.14 -0.68 -49.44
N TYR G 316 15.26 -1.60 -49.78
CA TYR G 316 14.29 -1.39 -50.84
C TYR G 316 12.97 -0.81 -50.34
N LYS G 317 12.81 -0.69 -49.03
CA LYS G 317 11.74 0.16 -48.50
C LYS G 317 12.09 1.63 -48.59
N ARG G 318 13.37 1.97 -48.67
CA ARG G 318 13.76 3.35 -48.93
C ARG G 318 13.54 3.72 -50.39
N LEU G 319 13.78 2.78 -51.30
CA LEU G 319 13.64 3.02 -52.73
C LEU G 319 12.16 3.02 -53.13
N VAL G 320 11.41 3.95 -52.54
CA VAL G 320 10.00 4.13 -52.84
C VAL G 320 9.78 5.60 -53.20
N PRO G 321 8.82 5.92 -54.06
CA PRO G 321 8.64 7.30 -54.49
C PRO G 321 8.16 8.20 -53.36
N GLY G 322 8.56 9.47 -53.45
CA GLY G 322 8.06 10.50 -52.56
C GLY G 322 8.94 10.86 -51.39
N TYR G 323 10.17 10.34 -51.33
CA TYR G 323 11.05 10.61 -50.20
C TYR G 323 12.46 10.97 -50.66
N GLU G 324 12.59 11.52 -51.87
CA GLU G 324 13.83 11.99 -52.47
C GLU G 324 14.79 10.86 -52.80
N ALA G 325 14.47 9.62 -52.46
CA ALA G 325 15.32 8.50 -52.84
C ALA G 325 15.09 8.15 -54.31
N PRO G 326 16.13 7.75 -55.04
CA PRO G 326 15.94 7.40 -56.45
C PRO G 326 15.13 6.11 -56.61
N CYS G 327 14.37 6.06 -57.70
CA CYS G 327 13.60 4.87 -58.03
C CYS G 327 13.71 4.47 -59.50
N TYR G 328 14.31 5.31 -60.34
CA TYR G 328 14.45 5.03 -61.76
C TYR G 328 15.86 5.38 -62.20
N VAL G 329 16.30 4.75 -63.29
CA VAL G 329 17.66 4.92 -63.79
C VAL G 329 17.66 6.12 -64.74
N ALA G 330 18.15 7.25 -64.25
CA ALA G 330 18.28 8.46 -65.06
C ALA G 330 19.31 9.37 -64.42
N TRP G 331 19.81 10.31 -65.22
CA TRP G 331 20.78 11.29 -64.73
C TRP G 331 20.31 12.69 -65.12
N SER G 332 20.64 13.66 -64.27
CA SER G 332 20.18 15.03 -64.46
C SER G 332 21.05 15.96 -63.66
N ALA G 333 20.91 17.26 -63.95
CA ALA G 333 21.55 18.30 -63.16
C ALA G 333 20.63 18.91 -62.11
N GLN G 334 19.32 18.84 -62.31
CA GLN G 334 18.36 19.35 -61.34
C GLN G 334 17.05 18.62 -61.54
N ASN G 335 16.71 17.73 -60.61
CA ASN G 335 15.49 16.94 -60.72
C ASN G 335 15.11 16.43 -59.33
N ARG G 336 13.88 15.96 -59.21
CA ARG G 336 13.40 15.36 -57.97
C ARG G 336 13.85 13.91 -57.90
N SER G 337 14.80 13.64 -57.02
CA SER G 337 15.32 12.30 -56.80
C SER G 337 15.85 11.62 -58.07
N PRO G 338 16.89 12.16 -58.69
CA PRO G 338 17.52 11.45 -59.81
C PRO G 338 18.51 10.42 -59.29
N LEU G 339 18.70 9.37 -60.10
CA LEU G 339 19.69 8.35 -59.76
C LEU G 339 21.10 8.94 -59.76
N ILE G 340 21.44 9.68 -60.79
CA ILE G 340 22.74 10.33 -60.92
C ILE G 340 22.52 11.84 -60.99
N ARG G 341 23.18 12.57 -60.10
CA ARG G 341 23.09 14.02 -60.08
C ARG G 341 24.49 14.62 -60.26
N ILE G 342 24.57 15.67 -61.06
CA ILE G 342 25.83 16.36 -61.32
C ILE G 342 25.76 17.72 -60.63
N PRO G 343 26.57 17.95 -59.59
CA PRO G 343 26.52 19.24 -58.89
C PRO G 343 26.93 20.38 -59.80
N ALA G 344 26.48 21.59 -59.43
CA ALA G 344 26.72 22.77 -60.26
C ALA G 344 28.20 23.14 -60.31
N SER G 345 28.95 22.84 -59.24
CA SER G 345 30.36 23.19 -59.21
C SER G 345 31.13 22.45 -60.31
N ARG G 346 32.08 23.16 -60.92
CA ARG G 346 32.87 22.62 -62.02
C ARG G 346 34.35 22.83 -61.73
N GLY G 347 35.17 22.55 -62.74
CA GLY G 347 36.61 22.70 -62.60
C GLY G 347 37.21 21.50 -61.90
N ILE G 348 37.98 21.78 -60.84
CA ILE G 348 38.58 20.69 -60.06
C ILE G 348 37.51 19.88 -59.35
N SER G 349 36.44 20.51 -58.90
CA SER G 349 35.39 19.85 -58.12
C SER G 349 34.30 19.24 -58.99
N THR G 350 34.58 18.99 -60.28
CA THR G 350 33.61 18.31 -61.13
C THR G 350 33.48 16.86 -60.69
N ARG G 351 32.24 16.41 -60.49
CA ARG G 351 32.00 15.07 -59.97
C ARG G 351 30.62 14.60 -60.39
N VAL G 352 30.41 13.29 -60.28
CA VAL G 352 29.12 12.66 -60.53
C VAL G 352 28.66 12.01 -59.23
N GLU G 353 27.42 12.30 -58.84
CA GLU G 353 26.87 11.80 -57.58
C GLU G 353 25.91 10.66 -57.85
N VAL G 354 26.14 9.52 -57.21
CA VAL G 354 25.25 8.37 -57.26
C VAL G 354 24.47 8.33 -55.96
N ARG G 355 23.16 8.52 -56.05
CA ARG G 355 22.32 8.71 -54.87
C ARG G 355 21.59 7.44 -54.45
N SER G 356 21.79 6.32 -55.15
CA SER G 356 21.13 5.08 -54.76
C SER G 356 21.78 4.41 -53.56
N VAL G 357 23.08 4.66 -53.35
CA VAL G 357 23.80 3.98 -52.27
C VAL G 357 23.22 4.38 -50.92
N ASP G 358 23.14 3.40 -50.03
CA ASP G 358 22.68 3.59 -48.66
C ASP G 358 23.80 3.29 -47.69
N PRO G 359 23.74 3.83 -46.46
CA PRO G 359 24.85 3.62 -45.52
C PRO G 359 25.05 2.18 -45.09
N ALA G 360 24.08 1.29 -45.33
CA ALA G 360 24.24 -0.11 -44.97
C ALA G 360 25.13 -0.88 -45.94
N ALA G 361 25.46 -0.31 -47.10
CA ALA G 361 26.27 -1.00 -48.08
C ALA G 361 27.71 -1.13 -47.61
N ASN G 362 28.38 -2.17 -48.08
CA ASN G 362 29.81 -2.32 -47.85
C ASN G 362 30.54 -1.29 -48.69
N PRO G 363 31.29 -0.36 -48.09
CA PRO G 363 31.93 0.69 -48.89
C PRO G 363 32.87 0.17 -49.95
N TYR G 364 33.66 -0.86 -49.64
CA TYR G 364 34.63 -1.36 -50.60
C TYR G 364 33.93 -2.02 -51.78
N LEU G 365 32.94 -2.87 -51.53
CA LEU G 365 32.21 -3.53 -52.62
C LEU G 365 31.43 -2.53 -53.46
N ALA G 366 30.77 -1.56 -52.81
CA ALA G 366 30.02 -0.57 -53.55
C ALA G 366 30.93 0.28 -54.42
N LEU G 367 32.07 0.71 -53.88
CA LEU G 367 33.01 1.48 -54.67
C LEU G 367 33.57 0.64 -55.82
N SER G 368 33.82 -0.64 -55.57
CA SER G 368 34.33 -1.53 -56.61
C SER G 368 33.35 -1.64 -57.76
N VAL G 369 32.07 -1.87 -57.46
CA VAL G 369 31.09 -2.05 -58.54
C VAL G 369 30.85 -0.73 -59.26
N LEU G 370 30.82 0.38 -58.53
CA LEU G 370 30.64 1.68 -59.19
C LEU G 370 31.80 1.99 -60.11
N LEU G 371 33.03 1.78 -59.65
CA LEU G 371 34.20 2.04 -60.48
C LEU G 371 34.24 1.10 -61.67
N ALA G 372 33.87 -0.17 -61.48
CA ALA G 372 33.85 -1.12 -62.58
C ALA G 372 32.84 -0.71 -63.64
N ALA G 373 31.65 -0.29 -63.23
CA ALA G 373 30.66 0.19 -64.20
C ALA G 373 31.16 1.43 -64.94
N GLY G 374 31.74 2.37 -64.21
CA GLY G 374 32.25 3.57 -64.85
C GLY G 374 33.35 3.28 -65.86
N LEU G 375 34.27 2.36 -65.50
CA LEU G 375 35.33 1.99 -66.42
C LEU G 375 34.80 1.21 -67.61
N ASP G 376 33.77 0.38 -67.41
CA ASP G 376 33.13 -0.30 -68.53
C ASP G 376 32.54 0.71 -69.50
N GLY G 377 31.93 1.77 -68.97
CA GLY G 377 31.45 2.84 -69.85
C GLY G 377 32.57 3.54 -70.59
N ILE G 378 33.69 3.79 -69.89
CA ILE G 378 34.82 4.46 -70.52
C ILE G 378 35.50 3.55 -71.54
N LYS G 379 35.71 2.29 -71.19
CA LYS G 379 36.44 1.38 -72.06
C LYS G 379 35.72 1.15 -73.38
N ASN G 380 34.40 0.98 -73.36
CA ASN G 380 33.62 0.73 -74.56
C ASN G 380 33.08 2.00 -75.20
N LYS G 381 33.35 3.16 -74.61
CA LYS G 381 32.90 4.46 -75.13
C LYS G 381 31.38 4.46 -75.36
N LEU G 382 30.66 4.00 -74.35
CA LEU G 382 29.19 3.99 -74.41
C LEU G 382 28.65 5.41 -74.46
N GLU G 383 27.50 5.56 -75.11
CA GLU G 383 26.87 6.86 -75.28
C GLU G 383 25.87 7.09 -74.16
N ALA G 384 26.02 8.20 -73.45
CA ALA G 384 25.11 8.51 -72.35
C ALA G 384 23.75 8.93 -72.89
N PRO G 385 22.66 8.58 -72.20
CA PRO G 385 21.33 9.03 -72.63
C PRO G 385 21.12 10.50 -72.30
N ALA G 386 20.04 11.04 -72.84
CA ALA G 386 19.71 12.44 -72.61
C ALA G 386 19.29 12.65 -71.16
N PRO G 387 19.70 13.76 -70.54
CA PRO G 387 19.27 14.04 -69.16
C PRO G 387 17.78 14.30 -69.08
N ILE G 388 17.21 14.01 -67.91
CA ILE G 388 15.79 14.17 -67.66
C ILE G 388 15.58 15.39 -66.77
N ASP G 389 14.78 16.35 -67.25
CA ASP G 389 14.53 17.57 -66.50
C ASP G 389 13.05 17.95 -66.51
N ARG G 390 12.17 16.93 -66.48
CA ARG G 390 10.72 17.18 -66.63
C ARG G 390 9.90 16.45 -65.56
N ASN G 391 10.56 15.79 -64.59
CA ASN G 391 9.88 15.11 -63.48
C ASN G 391 9.17 13.83 -63.93
N ILE G 392 10.00 12.82 -64.22
CA ILE G 392 9.58 11.48 -64.61
C ILE G 392 8.43 10.94 -63.75
N TYR G 393 8.34 11.41 -62.51
CA TYR G 393 7.26 10.97 -61.63
C TYR G 393 5.90 11.36 -62.18
N VAL G 394 5.84 12.33 -63.09
CA VAL G 394 4.56 12.81 -63.60
C VAL G 394 3.87 11.73 -64.42
N MET G 395 4.58 11.11 -65.36
CA MET G 395 3.94 10.16 -66.25
C MET G 395 3.90 8.78 -65.62
N SER G 396 3.11 7.90 -66.23
CA SER G 396 2.98 6.53 -65.76
C SER G 396 4.25 5.73 -66.09
N LYS G 397 4.35 4.55 -65.46
CA LYS G 397 5.48 3.68 -65.73
C LYS G 397 5.53 3.24 -67.19
N GLU G 398 4.37 2.90 -67.76
CA GLU G 398 4.31 2.59 -69.17
C GLU G 398 4.59 3.82 -70.03
N GLU G 399 4.19 5.00 -69.55
CA GLU G 399 4.44 6.24 -70.28
C GLU G 399 5.92 6.63 -70.30
N ARG G 400 6.76 5.96 -69.51
CA ARG G 400 8.19 6.21 -69.51
C ARG G 400 9.02 5.00 -69.87
N MET G 401 8.41 3.82 -69.99
CA MET G 401 9.16 2.62 -70.36
C MET G 401 9.68 2.71 -71.79
N GLU G 402 8.91 3.34 -72.68
CA GLU G 402 9.35 3.49 -74.06
C GLU G 402 10.58 4.38 -74.17
N ASN G 403 10.83 5.23 -73.18
CA ASN G 403 12.07 6.00 -73.13
C ASN G 403 13.17 5.12 -72.54
N GLY G 404 14.30 5.73 -72.19
CA GLY G 404 15.39 5.02 -71.57
C GLY G 404 15.26 4.84 -70.07
N ILE G 405 14.15 5.26 -69.49
CA ILE G 405 13.96 5.22 -68.04
C ILE G 405 13.48 3.84 -67.64
N VAL G 406 14.29 3.11 -66.90
CA VAL G 406 13.92 1.81 -66.36
C VAL G 406 13.88 1.90 -64.84
N ASP G 407 13.10 1.02 -64.24
CA ASP G 407 12.92 1.01 -62.80
C ASP G 407 14.01 0.21 -62.11
N LEU G 408 14.41 0.68 -60.93
CA LEU G 408 15.31 -0.09 -60.09
C LEU G 408 14.58 -1.31 -59.54
N PRO G 409 15.32 -2.35 -59.15
CA PRO G 409 14.67 -3.54 -58.57
C PRO G 409 13.88 -3.18 -57.33
N ALA G 410 12.70 -3.79 -57.20
CA ALA G 410 11.78 -3.46 -56.12
C ALA G 410 12.05 -4.23 -54.84
N THR G 411 12.70 -5.40 -54.92
CA THR G 411 13.01 -6.21 -53.76
C THR G 411 14.46 -6.65 -53.84
N LEU G 412 14.96 -7.20 -52.73
CA LEU G 412 16.32 -7.73 -52.71
C LEU G 412 16.46 -8.93 -53.63
N ALA G 413 15.42 -9.76 -53.72
CA ALA G 413 15.47 -10.93 -54.60
C ALA G 413 15.59 -10.53 -56.06
N GLU G 414 14.83 -9.51 -56.48
CA GLU G 414 14.91 -9.04 -57.85
C GLU G 414 16.28 -8.47 -58.17
N ALA G 415 16.86 -7.72 -57.22
CA ALA G 415 18.20 -7.18 -57.42
C ALA G 415 19.24 -8.29 -57.47
N LEU G 416 19.06 -9.34 -56.67
CA LEU G 416 19.96 -10.49 -56.74
C LEU G 416 19.87 -11.17 -58.09
N GLU G 417 18.65 -11.31 -58.62
CA GLU G 417 18.47 -11.91 -59.93
C GLU G 417 19.14 -11.07 -61.01
N GLU G 418 18.99 -9.75 -60.94
CA GLU G 418 19.63 -8.86 -61.92
C GLU G 418 21.15 -8.93 -61.80
N PHE G 419 21.67 -8.97 -60.58
CA PHE G 419 23.11 -8.95 -60.37
C PHE G 419 23.77 -10.23 -60.88
N LYS G 420 23.09 -11.37 -60.73
CA LYS G 420 23.65 -12.64 -61.20
C LYS G 420 23.80 -12.66 -62.71
N SER G 421 22.87 -12.02 -63.43
CA SER G 421 22.88 -12.09 -64.88
C SER G 421 23.97 -11.21 -65.49
N ASN G 422 24.36 -10.12 -64.82
CA ASN G 422 25.31 -9.19 -65.38
C ASN G 422 26.72 -9.77 -65.32
N GLU G 423 27.35 -9.90 -66.49
CA GLU G 423 28.68 -10.52 -66.55
C GLU G 423 29.75 -9.57 -66.02
N VAL G 424 29.66 -8.29 -66.37
CA VAL G 424 30.69 -7.33 -65.97
C VAL G 424 30.71 -7.16 -64.46
N MET G 425 29.54 -7.06 -63.84
CA MET G 425 29.47 -6.89 -62.39
C MET G 425 29.99 -8.10 -61.64
N VAL G 426 29.99 -9.28 -62.25
CA VAL G 426 30.52 -10.47 -61.58
C VAL G 426 32.02 -10.36 -61.40
N LYS G 427 32.74 -9.97 -62.46
CA LYS G 427 34.18 -9.76 -62.33
C LYS G 427 34.52 -8.53 -61.50
N ALA G 428 33.55 -7.65 -61.26
CA ALA G 428 33.81 -6.46 -60.45
C ALA G 428 34.24 -6.82 -59.03
N LEU G 429 33.90 -8.01 -58.54
CA LEU G 429 34.32 -8.41 -57.20
C LEU G 429 34.82 -9.85 -57.12
N GLY G 430 34.99 -10.54 -58.24
CA GLY G 430 35.61 -11.84 -58.23
C GLY G 430 34.64 -12.96 -57.85
N GLU G 431 35.06 -14.19 -58.19
CA GLU G 431 34.18 -15.35 -58.02
C GLU G 431 33.96 -15.67 -56.54
N HIS G 432 35.01 -15.58 -55.72
CA HIS G 432 34.87 -15.91 -54.31
C HIS G 432 33.85 -15.00 -53.63
N LEU G 433 34.04 -13.69 -53.77
CA LEU G 433 33.11 -12.74 -53.20
C LEU G 433 31.73 -12.89 -53.80
N PHE G 434 31.66 -13.17 -55.11
CA PHE G 434 30.37 -13.30 -55.77
C PHE G 434 29.56 -14.45 -55.17
N GLU G 435 30.16 -15.65 -55.10
CA GLU G 435 29.43 -16.78 -54.56
C GLU G 435 29.06 -16.57 -53.11
N HIS G 436 29.98 -16.07 -52.28
CA HIS G 436 29.66 -15.93 -50.87
C HIS G 436 28.60 -14.86 -50.63
N PHE G 437 28.69 -13.73 -51.34
CA PHE G 437 27.70 -12.69 -51.22
C PHE G 437 26.33 -13.18 -51.68
N ILE G 438 26.29 -13.90 -52.80
CA ILE G 438 25.01 -14.39 -53.31
C ILE G 438 24.39 -15.38 -52.33
N GLU G 439 25.20 -16.28 -51.77
CA GLU G 439 24.68 -17.24 -50.81
C GLU G 439 24.12 -16.53 -49.58
N ALA G 440 24.89 -15.58 -49.03
CA ALA G 440 24.43 -14.89 -47.83
C ALA G 440 23.16 -14.10 -48.09
N LYS G 441 23.08 -13.41 -49.23
CA LYS G 441 21.89 -12.61 -49.52
C LYS G 441 20.68 -13.47 -49.84
N GLU G 442 20.90 -14.62 -50.48
CA GLU G 442 19.79 -15.54 -50.72
C GLU G 442 19.24 -16.09 -49.42
N ILE G 443 20.13 -16.45 -48.48
CA ILE G 443 19.67 -16.88 -47.17
C ILE G 443 18.90 -15.76 -46.48
N GLU G 444 19.42 -14.54 -46.56
CA GLU G 444 18.75 -13.39 -45.93
C GLU G 444 17.35 -13.20 -46.50
N TRP G 445 17.21 -13.27 -47.82
CA TRP G 445 15.89 -13.10 -48.42
C TRP G 445 14.96 -14.24 -48.07
N ASP G 446 15.47 -15.47 -48.05
CA ASP G 446 14.63 -16.62 -47.72
C ASP G 446 14.10 -16.52 -46.30
N MET G 447 14.94 -16.05 -45.37
CA MET G 447 14.46 -15.86 -43.99
C MET G 447 13.36 -14.81 -43.92
N PHE G 448 13.46 -13.76 -44.74
CA PHE G 448 12.48 -12.69 -44.68
C PHE G 448 11.16 -13.09 -45.32
N ARG G 449 11.21 -13.80 -46.44
CA ARG G 449 9.99 -14.06 -47.20
C ARG G 449 9.08 -15.08 -46.52
N THR G 450 9.62 -15.93 -45.65
CA THR G 450 8.81 -16.93 -44.97
C THR G 450 8.26 -16.45 -43.63
N GLN G 451 8.64 -15.26 -43.18
CA GLN G 451 8.15 -14.75 -41.91
C GLN G 451 6.71 -14.27 -42.04
N VAL G 452 6.01 -14.29 -40.91
CA VAL G 452 4.64 -13.78 -40.82
C VAL G 452 4.71 -12.51 -39.98
N HIS G 453 4.62 -11.36 -40.63
CA HIS G 453 4.79 -10.08 -39.96
C HIS G 453 3.50 -9.66 -39.25
N PRO G 454 3.62 -8.84 -38.21
CA PRO G 454 2.40 -8.38 -37.50
C PRO G 454 1.43 -7.62 -38.39
N TRP G 455 1.91 -7.01 -39.47
CA TRP G 455 1.01 -6.33 -40.40
C TRP G 455 0.01 -7.31 -41.00
N GLU G 456 0.47 -8.53 -41.33
CA GLU G 456 -0.41 -9.53 -41.89
C GLU G 456 -1.50 -9.93 -40.89
N ARG G 457 -1.15 -10.07 -39.62
CA ARG G 457 -2.14 -10.41 -38.61
C ARG G 457 -3.11 -9.25 -38.39
N GLU G 458 -2.63 -8.02 -38.46
CA GLU G 458 -3.52 -6.87 -38.35
C GLU G 458 -4.48 -6.80 -39.53
N GLN G 459 -4.05 -7.23 -40.70
CA GLN G 459 -4.88 -7.13 -41.90
C GLN G 459 -5.82 -8.31 -42.09
N TYR G 460 -5.47 -9.50 -41.62
CA TYR G 460 -6.18 -10.71 -42.00
C TYR G 460 -6.71 -11.54 -40.84
N MET G 461 -6.19 -11.39 -39.62
CA MET G 461 -6.61 -12.28 -38.53
C MET G 461 -8.08 -12.11 -38.21
N SER G 462 -8.57 -10.87 -38.19
CA SER G 462 -9.97 -10.60 -37.91
C SER G 462 -10.81 -10.55 -39.17
N GLN G 463 -10.25 -10.07 -40.28
CA GLN G 463 -11.01 -10.01 -41.54
C GLN G 463 -11.37 -11.41 -42.03
N TYR G 464 -10.45 -12.35 -41.92
CA TYR G 464 -10.69 -13.71 -42.37
C TYR G 464 -10.71 -14.68 -41.19
N ALA H 22 32.46 49.75 -41.58
CA ALA H 22 32.44 48.34 -41.21
C ALA H 22 32.86 48.17 -39.75
N LYS H 23 32.41 47.07 -39.14
CA LYS H 23 32.73 46.76 -37.74
C LYS H 23 33.78 45.68 -37.60
N TYR H 24 33.78 44.67 -38.46
CA TYR H 24 34.77 43.62 -38.45
C TYR H 24 35.38 43.45 -39.83
N THR H 25 36.67 43.17 -39.86
CA THR H 25 37.36 42.75 -41.07
C THR H 25 37.76 41.29 -40.92
N ARG H 26 38.33 40.73 -42.00
CA ARG H 26 38.70 39.32 -41.98
C ARG H 26 39.73 39.02 -40.91
N GLU H 27 40.81 39.80 -40.85
CA GLU H 27 41.87 39.56 -39.89
C GLU H 27 41.35 39.64 -38.46
N ASP H 28 40.43 40.58 -38.21
CA ASP H 28 39.78 40.64 -36.90
C ASP H 28 39.04 39.35 -36.61
N ILE H 29 38.37 38.78 -37.61
CA ILE H 29 37.63 37.53 -37.40
C ILE H 29 38.57 36.40 -37.02
N GLU H 30 39.66 36.24 -37.79
CA GLU H 30 40.62 35.18 -37.46
C GLU H 30 41.24 35.39 -36.09
N LYS H 31 41.60 36.62 -35.75
CA LYS H 31 42.19 36.87 -34.44
C LYS H 31 41.20 36.57 -33.33
N LEU H 32 39.95 37.02 -33.49
CA LEU H 32 38.95 36.78 -32.45
C LEU H 32 38.72 35.29 -32.24
N VAL H 33 38.60 34.53 -33.32
CA VAL H 33 38.42 33.09 -33.14
C VAL H 33 39.69 32.46 -32.57
N LYS H 34 40.85 33.03 -32.87
CA LYS H 34 42.10 32.46 -32.37
C LYS H 34 42.19 32.52 -30.84
N GLU H 35 42.02 33.72 -30.27
CA GLU H 35 42.01 33.76 -28.79
C GLU H 35 40.76 33.13 -28.19
N GLU H 36 39.56 33.40 -28.74
CA GLU H 36 38.36 32.87 -28.11
C GLU H 36 38.23 31.36 -28.23
N ASN H 37 39.05 30.72 -29.09
CA ASN H 37 39.06 29.27 -29.22
C ASN H 37 37.68 28.74 -29.60
N VAL H 38 37.21 29.18 -30.75
CA VAL H 38 35.95 28.69 -31.30
C VAL H 38 36.25 27.49 -32.18
N LYS H 39 35.40 26.47 -32.09
CA LYS H 39 35.56 25.25 -32.88
C LYS H 39 34.40 24.99 -33.81
N TYR H 40 33.26 25.64 -33.60
CA TYR H 40 32.05 25.38 -34.38
C TYR H 40 31.51 26.73 -34.86
N ILE H 41 31.18 26.79 -36.15
CA ILE H 41 30.69 28.02 -36.77
C ILE H 41 29.36 27.72 -37.46
N ARG H 42 28.33 28.49 -37.11
CA ARG H 42 27.01 28.35 -37.72
C ARG H 42 26.83 29.43 -38.77
N LEU H 43 26.63 29.00 -40.02
CA LEU H 43 26.37 29.93 -41.12
C LEU H 43 24.86 29.99 -41.31
N GLN H 44 24.22 30.87 -40.53
CA GLN H 44 22.77 30.87 -40.43
C GLN H 44 22.13 31.78 -41.47
N PHE H 45 20.89 31.42 -41.85
CA PHE H 45 20.12 32.17 -42.83
C PHE H 45 18.64 31.97 -42.49
N THR H 46 17.77 32.65 -43.24
CA THR H 46 16.35 32.66 -42.99
C THR H 46 15.60 32.14 -44.21
N ASP H 47 14.63 31.26 -43.99
CA ASP H 47 13.85 30.68 -45.07
C ASP H 47 12.58 31.51 -45.29
N ILE H 48 11.64 30.95 -46.07
CA ILE H 48 10.40 31.66 -46.37
C ILE H 48 9.57 31.85 -45.12
N LEU H 49 9.44 30.81 -44.31
CA LEU H 49 8.58 30.85 -43.12
C LEU H 49 9.17 31.67 -41.98
N GLY H 50 10.42 32.09 -42.10
CA GLY H 50 11.03 32.91 -41.08
C GLY H 50 11.82 32.15 -40.02
N THR H 51 11.74 30.82 -40.01
CA THR H 51 12.53 30.05 -39.06
C THR H 51 14.01 30.11 -39.44
N ILE H 52 14.86 30.09 -38.42
CA ILE H 52 16.30 30.25 -38.63
C ILE H 52 16.88 28.91 -39.06
N LYS H 53 17.54 28.89 -40.21
CA LYS H 53 18.22 27.73 -40.73
C LYS H 53 19.71 27.98 -40.78
N ASN H 54 20.50 26.91 -40.76
CA ASN H 54 21.94 27.06 -40.83
C ASN H 54 22.58 25.79 -41.36
N VAL H 55 23.82 25.94 -41.82
CA VAL H 55 24.71 24.82 -42.09
C VAL H 55 25.97 25.05 -41.25
N GLU H 56 26.44 23.98 -40.62
CA GLU H 56 27.51 24.07 -39.63
C GLU H 56 28.81 23.52 -40.20
N ILE H 57 29.89 24.22 -39.93
CA ILE H 57 31.22 23.82 -40.39
C ILE H 57 32.18 23.83 -39.22
N PRO H 58 33.25 23.03 -39.25
CA PRO H 58 34.30 23.16 -38.24
C PRO H 58 35.11 24.43 -38.47
N VAL H 59 35.83 24.84 -37.43
CA VAL H 59 36.65 26.04 -37.51
C VAL H 59 37.73 25.92 -38.58
N SER H 60 38.12 24.69 -38.92
CA SER H 60 39.10 24.48 -39.98
C SER H 60 38.58 24.91 -41.34
N GLN H 61 37.27 25.07 -41.50
CA GLN H 61 36.67 25.50 -42.75
C GLN H 61 36.35 26.99 -42.77
N LEU H 62 36.86 27.74 -41.79
CA LEU H 62 36.59 29.18 -41.74
C LEU H 62 37.17 29.89 -42.96
N GLY H 63 38.36 29.48 -43.40
CA GLY H 63 38.94 30.09 -44.59
C GLY H 63 38.10 29.87 -45.83
N LYS H 64 37.58 28.66 -45.99
CA LYS H 64 36.69 28.39 -47.12
C LYS H 64 35.39 29.18 -47.00
N ALA H 65 34.86 29.31 -45.77
CA ALA H 65 33.62 30.06 -45.58
C ALA H 65 33.80 31.52 -45.95
N LEU H 66 34.90 32.14 -45.48
CA LEU H 66 35.14 33.55 -45.77
C LEU H 66 35.49 33.79 -47.23
N ASP H 67 35.78 32.75 -48.00
CA ASP H 67 36.05 32.87 -49.42
C ASP H 67 34.79 32.73 -50.27
N ASN H 68 33.63 32.64 -49.64
CA ASN H 68 32.35 32.48 -50.33
C ASN H 68 32.36 31.23 -51.21
N LYS H 69 32.76 30.10 -50.62
CA LYS H 69 32.92 28.86 -51.34
C LYS H 69 32.12 27.70 -50.77
N VAL H 70 31.44 27.87 -49.65
CA VAL H 70 30.68 26.79 -49.05
C VAL H 70 29.36 26.64 -49.78
N MET H 71 29.06 25.42 -50.22
CA MET H 71 27.82 25.10 -50.92
C MET H 71 26.86 24.39 -49.99
N PHE H 72 25.57 24.52 -50.30
CA PHE H 72 24.51 23.87 -49.55
C PHE H 72 23.29 23.77 -50.43
N ASP H 73 22.28 23.03 -49.96
CA ASP H 73 21.04 22.86 -50.70
C ASP H 73 20.20 24.12 -50.53
N GLY H 74 20.13 24.94 -51.59
CA GLY H 74 19.39 26.18 -51.53
C GLY H 74 17.88 26.02 -51.49
N SER H 75 17.37 24.82 -51.82
CA SER H 75 15.94 24.59 -51.76
C SER H 75 15.41 24.58 -50.33
N SER H 76 16.28 24.45 -49.33
CA SER H 76 15.83 24.48 -47.94
C SER H 76 15.20 25.81 -47.56
N ILE H 77 15.45 26.87 -48.34
CA ILE H 77 14.79 28.14 -48.12
C ILE H 77 13.30 28.04 -48.38
N GLU H 78 12.90 27.21 -49.35
CA GLU H 78 11.49 27.07 -49.69
C GLU H 78 10.68 26.42 -48.58
N GLY H 79 11.33 25.81 -47.59
CA GLY H 79 10.60 25.15 -46.52
C GLY H 79 10.09 23.78 -46.90
N PHE H 80 8.84 23.50 -46.55
CA PHE H 80 8.26 22.18 -46.81
C PHE H 80 7.71 22.03 -48.22
N VAL H 81 7.79 23.08 -49.05
CA VAL H 81 7.32 23.00 -50.43
C VAL H 81 8.48 22.82 -51.41
N ARG H 82 9.69 22.55 -50.92
CA ARG H 82 10.82 22.30 -51.81
C ARG H 82 10.60 21.03 -52.61
N ILE H 83 11.01 21.05 -53.88
CA ILE H 83 10.75 19.92 -54.76
C ILE H 83 12.05 19.34 -55.30
N GLU H 84 13.07 20.18 -55.47
CA GLU H 84 14.30 19.77 -56.14
C GLU H 84 15.51 20.34 -55.43
N GLU H 85 16.56 19.53 -55.33
CA GLU H 85 17.82 20.00 -54.77
C GLU H 85 18.46 21.03 -55.71
N SER H 86 19.04 22.07 -55.11
CA SER H 86 19.67 23.14 -55.88
C SER H 86 20.88 23.66 -55.12
N ASP H 87 22.03 23.70 -55.78
CA ASP H 87 23.25 24.15 -55.15
C ASP H 87 23.29 25.67 -55.07
N MET H 88 23.66 26.19 -53.91
CA MET H 88 23.75 27.63 -53.68
C MET H 88 24.99 27.93 -52.85
N TYR H 89 25.50 29.16 -52.98
CA TYR H 89 26.63 29.59 -52.18
C TYR H 89 26.13 30.31 -50.92
N LEU H 90 27.06 30.52 -49.99
CA LEU H 90 26.73 30.92 -48.61
C LEU H 90 27.59 32.11 -48.18
N TYR H 91 27.62 33.16 -49.01
CA TYR H 91 28.37 34.38 -48.74
C TYR H 91 28.05 34.93 -47.35
N PRO H 92 28.98 34.88 -46.40
CA PRO H 92 28.70 35.38 -45.06
C PRO H 92 28.91 36.88 -44.95
N ASP H 93 28.29 37.46 -43.93
CA ASP H 93 28.42 38.88 -43.62
C ASP H 93 29.33 39.02 -42.40
N LEU H 94 30.41 39.78 -42.55
CA LEU H 94 31.40 39.89 -41.48
C LEU H 94 30.88 40.68 -40.29
N ASN H 95 30.05 41.69 -40.53
CA ASN H 95 29.56 42.54 -39.44
C ASN H 95 28.61 41.80 -38.52
N THR H 96 28.07 40.67 -38.93
CA THR H 96 27.13 39.90 -38.12
C THR H 96 27.82 38.88 -37.23
N PHE H 97 29.14 38.86 -37.19
CA PHE H 97 29.86 37.89 -36.37
C PHE H 97 29.51 38.09 -34.89
N VAL H 98 29.05 37.01 -34.27
CA VAL H 98 28.67 37.02 -32.86
C VAL H 98 29.11 35.71 -32.24
N ILE H 99 29.73 35.78 -31.06
CA ILE H 99 30.16 34.61 -30.31
C ILE H 99 29.11 34.30 -29.26
N PHE H 100 28.56 33.10 -29.31
CA PHE H 100 27.49 32.74 -28.39
C PHE H 100 28.04 32.57 -26.98
N PRO H 101 27.36 33.11 -25.97
CA PRO H 101 27.88 33.02 -24.58
C PRO H 101 27.82 31.63 -24.00
N TRP H 102 27.04 30.72 -24.58
CA TRP H 102 26.90 29.35 -24.07
C TRP H 102 28.00 28.50 -24.68
N THR H 103 29.06 28.25 -23.91
CA THR H 103 30.18 27.47 -24.41
C THR H 103 29.76 26.03 -24.67
N ALA H 104 30.18 25.49 -25.81
CA ALA H 104 29.83 24.14 -26.21
C ALA H 104 30.98 23.18 -25.91
N GLU H 105 31.14 22.88 -24.62
CA GLU H 105 32.14 21.94 -24.15
C GLU H 105 33.53 22.25 -24.69
N LYS H 106 33.99 21.45 -25.65
CA LYS H 106 35.31 21.61 -26.25
C LYS H 106 35.24 22.66 -27.34
N GLY H 107 35.33 23.92 -26.94
CA GLY H 107 35.33 25.03 -27.88
C GLY H 107 34.04 25.83 -27.85
N LYS H 108 34.12 27.05 -28.33
CA LYS H 108 32.98 27.96 -28.40
C LYS H 108 32.32 27.88 -29.76
N VAL H 109 31.15 28.51 -29.87
CA VAL H 109 30.37 28.54 -31.10
C VAL H 109 30.19 30.00 -31.51
N ALA H 110 30.46 30.28 -32.77
CA ALA H 110 30.25 31.59 -33.37
C ALA H 110 29.31 31.45 -34.56
N ARG H 111 28.67 32.56 -34.93
CA ARG H 111 27.68 32.54 -35.99
C ARG H 111 27.94 33.66 -36.99
N PHE H 112 27.58 33.38 -38.24
CA PHE H 112 27.53 34.37 -39.31
C PHE H 112 26.15 34.33 -39.93
N ILE H 113 25.63 35.51 -40.26
CA ILE H 113 24.41 35.62 -41.05
C ILE H 113 24.84 35.81 -42.50
N CYS H 114 24.39 34.92 -43.37
CA CYS H 114 24.93 34.81 -44.72
C CYS H 114 23.86 35.10 -45.76
N ASP H 115 24.30 35.64 -46.89
CA ASP H 115 23.45 35.81 -48.06
C ASP H 115 23.57 34.58 -48.96
N ILE H 116 22.52 34.35 -49.75
CA ILE H 116 22.44 33.19 -50.63
C ILE H 116 22.73 33.65 -52.05
N TYR H 117 23.67 32.99 -52.71
CA TYR H 117 24.11 33.36 -54.05
C TYR H 117 24.02 32.16 -54.98
N ASN H 118 23.65 32.44 -56.23
CA ASN H 118 23.63 31.41 -57.26
C ASN H 118 25.07 30.98 -57.58
N PRO H 119 25.24 29.79 -58.16
CA PRO H 119 26.61 29.33 -58.49
C PRO H 119 27.35 30.23 -59.47
N ASP H 120 26.65 31.07 -60.23
CA ASP H 120 27.29 31.97 -61.17
C ASP H 120 27.66 33.31 -60.55
N GLY H 121 27.49 33.47 -59.24
CA GLY H 121 27.79 34.70 -58.55
C GLY H 121 26.65 35.68 -58.43
N THR H 122 25.54 35.43 -59.12
CA THR H 122 24.36 36.28 -58.99
C THR H 122 23.65 35.99 -57.67
N PRO H 123 23.22 37.01 -56.93
CA PRO H 123 22.48 36.75 -55.69
C PRO H 123 21.19 35.99 -55.96
N PHE H 124 20.86 35.08 -55.04
CA PHE H 124 19.70 34.23 -55.22
C PHE H 124 18.42 35.05 -55.04
N GLU H 125 17.51 34.94 -56.01
CA GLU H 125 16.27 35.70 -55.95
C GLU H 125 15.29 35.13 -54.92
N GLY H 126 15.53 33.93 -54.44
CA GLY H 126 14.68 33.30 -53.44
C GLY H 126 15.10 33.51 -52.01
N ASP H 127 16.07 34.41 -51.76
CA ASP H 127 16.52 34.68 -50.41
C ASP H 127 15.80 35.91 -49.88
N PRO H 128 15.06 35.81 -48.78
CA PRO H 128 14.37 37.00 -48.25
C PRO H 128 15.30 38.16 -47.92
N ARG H 129 16.49 37.86 -47.39
CA ARG H 129 17.44 38.93 -47.09
C ARG H 129 17.92 39.62 -48.36
N ASN H 130 18.20 38.84 -49.41
CA ASN H 130 18.56 39.44 -50.70
C ASN H 130 17.41 40.24 -51.28
N ASN H 131 16.16 39.78 -51.07
CA ASN H 131 15.02 40.55 -51.53
C ASN H 131 14.92 41.88 -50.80
N LEU H 132 15.16 41.87 -49.49
CA LEU H 132 15.15 43.12 -48.73
C LEU H 132 16.26 44.06 -49.23
N LYS H 133 17.43 43.50 -49.53
CA LYS H 133 18.51 44.32 -50.07
C LYS H 133 18.14 44.90 -51.43
N ARG H 134 17.43 44.13 -52.25
CA ARG H 134 16.97 44.64 -53.54
C ARG H 134 15.97 45.78 -53.36
N ILE H 135 15.04 45.63 -52.41
CA ILE H 135 14.08 46.71 -52.15
C ILE H 135 14.80 47.94 -51.62
N LEU H 136 15.84 47.75 -50.81
CA LEU H 136 16.61 48.88 -50.33
C LEU H 136 17.37 49.56 -51.47
N LYS H 137 17.86 48.77 -52.44
CA LYS H 137 18.48 49.36 -53.62
C LYS H 137 17.47 50.18 -54.41
N GLU H 138 16.25 49.68 -54.55
CA GLU H 138 15.19 50.44 -55.20
C GLU H 138 14.92 51.74 -54.45
N MET H 139 14.93 51.68 -53.11
CA MET H 139 14.75 52.90 -52.31
C MET H 139 15.87 53.89 -52.56
N GLU H 140 17.12 53.41 -52.60
CA GLU H 140 18.24 54.30 -52.89
C GLU H 140 18.14 54.89 -54.29
N ASP H 141 17.53 54.17 -55.22
CA ASP H 141 17.29 54.72 -56.55
C ASP H 141 16.31 55.88 -56.54
N LEU H 142 15.55 56.03 -55.45
CA LEU H 142 14.60 57.13 -55.31
C LEU H 142 15.21 58.36 -54.64
N GLY H 143 16.49 58.30 -54.26
CA GLY H 143 17.17 59.41 -53.64
C GLY H 143 17.34 59.31 -52.14
N PHE H 144 16.65 58.38 -51.48
CA PHE H 144 16.79 58.23 -50.04
C PHE H 144 18.03 57.42 -49.70
N SER H 145 18.51 57.60 -48.48
CA SER H 145 19.77 57.01 -48.04
C SER H 145 19.57 55.83 -47.10
N ASP H 146 18.74 55.98 -46.08
CA ASP H 146 18.57 54.95 -45.06
C ASP H 146 17.09 54.71 -44.80
N PHE H 147 16.79 53.50 -44.34
CA PHE H 147 15.45 53.11 -43.91
C PHE H 147 15.60 52.45 -42.54
N ASN H 148 15.21 53.17 -41.49
CA ASN H 148 15.41 52.71 -40.13
C ASN H 148 14.15 52.03 -39.60
N LEU H 149 14.34 50.97 -38.83
CA LEU H 149 13.25 50.22 -38.23
C LEU H 149 13.48 50.13 -36.72
N GLY H 150 12.45 50.42 -35.95
CA GLY H 150 12.46 50.16 -34.53
C GLY H 150 11.34 49.22 -34.14
N PRO H 151 11.69 48.00 -33.77
CA PRO H 151 10.67 46.99 -33.45
C PRO H 151 10.30 46.97 -31.98
N GLU H 152 9.06 46.53 -31.73
CA GLU H 152 8.54 46.35 -30.38
C GLU H 152 7.98 44.94 -30.25
N PRO H 153 8.84 43.92 -30.25
CA PRO H 153 8.33 42.54 -30.20
C PRO H 153 7.79 42.20 -28.82
N GLU H 154 6.62 41.57 -28.80
CA GLU H 154 5.99 41.09 -27.58
C GLU H 154 5.97 39.58 -27.58
N PHE H 155 6.12 38.99 -26.40
CA PHE H 155 6.15 37.54 -26.27
C PHE H 155 5.51 37.13 -24.95
N PHE H 156 5.11 35.87 -24.88
CA PHE H 156 4.52 35.28 -23.69
C PHE H 156 5.50 34.29 -23.09
N LEU H 157 5.44 34.15 -21.76
CA LEU H 157 6.27 33.20 -21.02
C LEU H 157 5.35 32.17 -20.38
N PHE H 158 5.54 30.91 -20.74
CA PHE H 158 4.73 29.81 -20.23
C PHE H 158 5.62 28.87 -19.43
N LYS H 159 5.10 28.39 -18.30
CA LYS H 159 5.85 27.47 -17.46
C LYS H 159 5.94 26.10 -18.14
N LEU H 160 7.09 25.46 -17.96
CA LEU H 160 7.29 24.09 -18.43
C LEU H 160 6.88 23.10 -17.34
N ASP H 161 6.47 21.91 -17.76
CA ASP H 161 6.10 20.85 -16.84
C ASP H 161 7.31 19.98 -16.55
N GLU H 162 7.07 18.83 -15.91
CA GLU H 162 8.16 17.94 -15.53
C GLU H 162 8.90 17.40 -16.75
N LYS H 163 8.17 17.04 -17.80
CA LYS H 163 8.77 16.48 -19.01
C LYS H 163 9.33 17.56 -19.94
N GLY H 164 9.34 18.82 -19.50
CA GLY H 164 9.92 19.90 -20.28
C GLY H 164 9.21 20.24 -21.57
N GLU H 165 7.88 20.31 -21.54
CA GLU H 165 7.11 20.81 -22.67
C GLU H 165 6.18 21.91 -22.18
N PRO H 166 5.85 22.88 -23.05
CA PRO H 166 5.08 24.03 -22.59
C PRO H 166 3.68 23.65 -22.09
N THR H 167 3.23 24.39 -21.09
CA THR H 167 1.87 24.29 -20.57
C THR H 167 1.14 25.60 -20.86
N LEU H 168 -0.08 25.72 -20.34
CA LEU H 168 -0.90 26.90 -20.53
C LEU H 168 -0.90 27.83 -19.32
N GLU H 169 0.00 27.60 -18.37
CA GLU H 169 0.09 28.44 -17.18
C GLU H 169 1.12 29.54 -17.41
N LEU H 170 0.70 30.79 -17.18
CA LEU H 170 1.58 31.93 -17.36
C LEU H 170 2.53 32.08 -16.17
N ASN H 171 3.66 32.74 -16.43
CA ASN H 171 4.69 32.86 -15.40
C ASN H 171 4.30 33.84 -14.30
N ASP H 172 3.48 34.85 -14.60
CA ASP H 172 3.07 35.80 -13.59
C ASP H 172 1.72 36.39 -13.96
N LYS H 173 1.02 36.92 -12.95
CA LYS H 173 -0.29 37.60 -13.20
C LYS H 173 -0.05 39.10 -13.19
N GLY H 174 0.86 39.59 -14.02
CA GLY H 174 1.22 40.99 -14.08
C GLY H 174 0.26 41.81 -14.94
N GLY H 175 0.56 43.11 -15.01
CA GLY H 175 -0.26 44.02 -15.78
C GLY H 175 0.54 45.00 -16.60
N TYR H 176 -0.13 46.01 -17.15
CA TYR H 176 0.53 46.99 -18.01
C TYR H 176 1.51 47.83 -17.21
N PHE H 177 2.79 47.76 -17.59
CA PHE H 177 3.87 48.53 -16.96
C PHE H 177 3.99 48.25 -15.48
N ASP H 178 3.51 47.10 -15.02
CA ASP H 178 3.55 46.78 -13.61
C ASP H 178 4.95 46.37 -13.18
N LEU H 179 5.25 46.60 -11.90
CA LEU H 179 6.44 46.06 -11.26
C LEU H 179 6.10 44.69 -10.65
N ALA H 180 5.64 43.79 -11.52
CA ALA H 180 5.12 42.50 -11.10
C ALA H 180 6.22 41.50 -10.75
N PRO H 181 7.21 41.25 -11.61
CA PRO H 181 8.24 40.26 -11.25
C PRO H 181 9.04 40.63 -10.01
N THR H 182 9.23 41.93 -9.76
CA THR H 182 9.94 42.43 -8.59
C THR H 182 11.36 41.87 -8.49
N ASP H 183 11.93 41.94 -7.30
CA ASP H 183 13.25 41.42 -7.00
C ASP H 183 13.13 39.97 -6.52
N LEU H 184 14.17 39.44 -5.89
CA LEU H 184 14.18 38.10 -5.33
C LEU H 184 14.10 37.04 -6.43
N GLY H 185 15.03 37.07 -7.37
CA GLY H 185 15.08 36.06 -8.39
C GLY H 185 13.99 36.24 -9.43
N GLU H 186 13.77 35.18 -10.21
CA GLU H 186 12.83 35.16 -11.33
C GLU H 186 13.19 36.34 -12.25
N ASN H 187 12.23 37.17 -12.66
CA ASN H 187 12.48 38.32 -13.53
C ASN H 187 13.27 37.89 -14.77
N CYS H 188 12.64 37.02 -15.56
CA CYS H 188 13.28 36.54 -16.78
C CYS H 188 13.49 37.68 -17.77
N ARG H 189 12.59 38.68 -17.76
CA ARG H 189 12.77 39.84 -18.63
C ARG H 189 14.05 40.59 -18.31
N ARG H 190 14.34 40.78 -17.02
CA ARG H 190 15.57 41.46 -16.61
C ARG H 190 16.81 40.69 -17.09
N ASP H 191 16.81 39.37 -16.89
CA ASP H 191 17.95 38.57 -17.30
C ASP H 191 18.12 38.60 -18.82
N ILE H 192 17.01 38.53 -19.56
CA ILE H 192 17.09 38.60 -21.02
C ILE H 192 17.68 39.94 -21.46
N VAL H 193 17.22 41.02 -20.85
CA VAL H 193 17.70 42.35 -21.24
C VAL H 193 19.19 42.49 -20.94
N LEU H 194 19.61 42.06 -19.75
CA LEU H 194 21.03 42.17 -19.40
C LEU H 194 21.89 41.31 -20.33
N GLU H 195 21.45 40.07 -20.60
CA GLU H 195 22.21 39.18 -21.45
C GLU H 195 22.33 39.75 -22.86
N LEU H 196 21.23 40.30 -23.38
CA LEU H 196 21.27 40.94 -24.70
C LEU H 196 22.22 42.13 -24.68
N GLU H 197 22.25 42.88 -23.57
CA GLU H 197 23.20 43.98 -23.47
C GLU H 197 24.64 43.49 -23.55
N GLU H 198 24.95 42.39 -22.86
CA GLU H 198 26.29 41.83 -22.96
C GLU H 198 26.56 41.19 -24.32
N MET H 199 25.54 40.96 -25.13
CA MET H 199 25.70 40.34 -26.43
C MET H 199 25.86 41.36 -27.56
N GLY H 200 25.87 42.65 -27.25
CA GLY H 200 26.01 43.67 -28.27
C GLY H 200 24.73 44.32 -28.73
N PHE H 201 23.60 43.98 -28.14
CA PHE H 201 22.34 44.60 -28.51
C PHE H 201 22.22 45.98 -27.88
N GLU H 202 21.35 46.80 -28.46
CA GLU H 202 21.06 48.14 -27.96
C GLU H 202 19.61 48.15 -27.50
N ILE H 203 19.37 47.78 -26.24
CA ILE H 203 18.03 47.71 -25.69
C ILE H 203 17.61 49.11 -25.23
N GLU H 204 16.44 49.55 -25.67
CA GLU H 204 15.95 50.87 -25.31
C GLU H 204 15.23 50.84 -23.96
N ALA H 205 14.17 50.05 -23.86
CA ALA H 205 13.39 49.98 -22.63
C ALA H 205 12.63 48.66 -22.62
N SER H 206 12.14 48.29 -21.44
CA SER H 206 11.37 47.07 -21.25
C SER H 206 10.29 47.30 -20.21
N HIS H 207 9.23 46.51 -20.31
CA HIS H 207 8.11 46.63 -19.37
C HIS H 207 7.24 45.39 -19.48
N HIS H 208 6.42 45.17 -18.45
CA HIS H 208 5.41 44.14 -18.50
C HIS H 208 4.25 44.59 -19.37
N GLU H 209 3.76 43.68 -20.20
CA GLU H 209 2.71 44.01 -21.16
C GLU H 209 1.33 43.90 -20.49
N VAL H 210 0.28 44.19 -21.26
CA VAL H 210 -1.07 44.23 -20.72
C VAL H 210 -1.49 42.87 -20.18
N ALA H 211 -1.29 41.83 -20.97
CA ALA H 211 -1.72 40.50 -20.59
C ALA H 211 -0.81 39.90 -19.53
N PRO H 212 -1.34 39.05 -18.65
CA PRO H 212 -0.47 38.34 -17.71
C PRO H 212 0.53 37.46 -18.44
N GLY H 213 1.74 37.41 -17.92
CA GLY H 213 2.78 36.61 -18.54
C GLY H 213 3.25 37.12 -19.90
N GLN H 214 2.95 38.37 -20.23
CA GLN H 214 3.34 38.96 -21.50
C GLN H 214 4.35 40.07 -21.26
N HIS H 215 5.41 40.09 -22.06
CA HIS H 215 6.51 41.02 -21.87
C HIS H 215 6.91 41.63 -23.21
N GLU H 216 7.53 42.81 -23.13
CA GLU H 216 7.98 43.53 -24.31
C GLU H 216 9.37 44.09 -24.06
N ILE H 217 10.25 43.95 -25.04
CA ILE H 217 11.59 44.54 -25.02
C ILE H 217 11.77 45.32 -26.31
N ASP H 218 12.16 46.59 -26.20
CA ASP H 218 12.30 47.48 -27.34
C ASP H 218 13.77 47.74 -27.61
N PHE H 219 14.17 47.63 -28.88
CA PHE H 219 15.52 47.93 -29.30
C PHE H 219 15.60 49.36 -29.82
N LYS H 220 16.83 49.88 -29.86
CA LYS H 220 17.07 51.13 -30.55
C LYS H 220 16.94 50.94 -32.05
N TYR H 221 16.45 51.97 -32.73
CA TYR H 221 16.28 51.90 -34.17
C TYR H 221 17.63 51.77 -34.88
N ALA H 222 17.65 50.99 -35.96
CA ALA H 222 18.85 50.76 -36.73
C ALA H 222 18.46 50.51 -38.18
N GLY H 223 19.43 50.15 -39.01
CA GLY H 223 19.15 49.86 -40.40
C GLY H 223 18.24 48.64 -40.55
N ALA H 224 17.55 48.60 -41.69
CA ALA H 224 16.53 47.58 -41.91
C ALA H 224 17.12 46.17 -41.84
N VAL H 225 18.23 45.94 -42.55
CA VAL H 225 18.86 44.62 -42.53
C VAL H 225 19.36 44.30 -41.12
N ARG H 226 20.02 45.27 -40.48
CA ARG H 226 20.50 45.07 -39.12
C ARG H 226 19.34 44.84 -38.16
N SER H 227 18.24 45.58 -38.35
CA SER H 227 17.08 45.39 -37.48
C SER H 227 16.49 44.00 -37.63
N CYS H 228 16.37 43.49 -38.86
CA CYS H 228 15.82 42.16 -39.06
C CYS H 228 16.75 41.09 -38.50
N ASP H 229 18.06 41.25 -38.69
CA ASP H 229 19.01 40.31 -38.09
C ASP H 229 18.90 40.32 -36.58
N ASP H 230 18.76 41.52 -35.99
CA ASP H 230 18.59 41.63 -34.55
C ASP H 230 17.29 40.98 -34.09
N ILE H 231 16.24 41.08 -34.89
CA ILE H 231 14.97 40.44 -34.53
C ILE H 231 15.13 38.93 -34.48
N GLN H 232 15.78 38.36 -35.50
CA GLN H 232 15.98 36.91 -35.52
C GLN H 232 16.85 36.46 -34.34
N THR H 233 17.96 37.17 -34.11
CA THR H 233 18.83 36.83 -32.99
C THR H 233 18.11 36.99 -31.66
N PHE H 234 17.25 38.02 -31.56
CA PHE H 234 16.48 38.25 -30.34
C PHE H 234 15.53 37.10 -30.08
N LYS H 235 14.85 36.61 -31.12
CA LYS H 235 13.98 35.45 -30.93
C LYS H 235 14.77 34.25 -30.44
N LEU H 236 15.91 33.97 -31.09
CA LEU H 236 16.74 32.84 -30.67
C LEU H 236 17.18 32.97 -29.22
N VAL H 237 17.69 34.13 -28.85
CA VAL H 237 18.24 34.35 -27.51
C VAL H 237 17.14 34.29 -26.47
N VAL H 238 15.98 34.87 -26.77
CA VAL H 238 14.87 34.84 -25.82
C VAL H 238 14.41 33.41 -25.58
N LYS H 239 14.28 32.63 -26.66
CA LYS H 239 13.88 31.23 -26.48
C LYS H 239 14.90 30.48 -25.65
N THR H 240 16.19 30.66 -25.93
CA THR H 240 17.23 29.95 -25.19
C THR H 240 17.22 30.33 -23.71
N ILE H 241 17.14 31.63 -23.40
CA ILE H 241 17.21 32.07 -22.02
C ILE H 241 15.97 31.63 -21.26
N ALA H 242 14.79 31.72 -21.90
CA ALA H 242 13.58 31.23 -21.25
C ALA H 242 13.68 29.73 -20.97
N ARG H 243 14.26 28.97 -21.90
CA ARG H 243 14.49 27.55 -21.65
C ARG H 243 15.42 27.34 -20.47
N LYS H 244 16.39 28.24 -20.28
CA LYS H 244 17.33 28.13 -19.13
C LYS H 244 16.56 28.30 -17.81
N HIS H 245 15.61 29.24 -17.77
CA HIS H 245 14.85 29.51 -16.56
C HIS H 245 13.69 28.56 -16.33
N GLY H 246 13.63 27.45 -17.08
CA GLY H 246 12.49 26.56 -16.98
C GLY H 246 11.19 27.19 -17.45
N LEU H 247 11.25 27.95 -18.53
CA LEU H 247 10.08 28.63 -19.08
C LEU H 247 10.04 28.42 -20.59
N HIS H 248 8.87 28.62 -21.17
CA HIS H 248 8.69 28.56 -22.61
C HIS H 248 8.33 29.94 -23.11
N ALA H 249 9.13 30.45 -24.06
CA ALA H 249 8.87 31.74 -24.68
C ALA H 249 8.32 31.51 -26.07
N THR H 250 7.17 32.12 -26.37
CA THR H 250 6.52 31.98 -27.66
C THR H 250 6.20 33.35 -28.22
N PHE H 251 6.42 33.50 -29.52
CA PHE H 251 6.01 34.70 -30.26
C PHE H 251 4.73 34.48 -31.04
N MET H 252 3.89 33.56 -30.56
CA MET H 252 2.61 33.29 -31.20
C MET H 252 1.73 34.54 -31.15
N PRO H 253 1.09 34.91 -32.26
CA PRO H 253 0.29 36.15 -32.26
C PRO H 253 -0.83 36.16 -31.22
N LYS H 254 -1.46 35.01 -30.97
CA LYS H 254 -2.57 34.92 -30.01
C LYS H 254 -2.61 33.53 -29.42
N PRO H 255 -1.81 33.27 -28.39
CA PRO H 255 -1.82 31.92 -27.79
C PRO H 255 -3.09 31.62 -27.01
N LEU H 256 -3.77 32.63 -26.48
CA LEU H 256 -4.94 32.41 -25.63
C LEU H 256 -6.10 33.28 -26.08
N PHE H 257 -7.31 32.76 -25.92
CA PHE H 257 -8.53 33.47 -26.25
C PHE H 257 -8.94 34.37 -25.09
N GLY H 258 -9.52 35.52 -25.42
CA GLY H 258 -9.96 36.47 -24.41
C GLY H 258 -8.86 37.24 -23.74
N VAL H 259 -7.64 37.17 -24.27
CA VAL H 259 -6.46 37.79 -23.67
C VAL H 259 -5.72 38.53 -24.79
N ASN H 260 -5.07 39.62 -24.42
CA ASN H 260 -4.33 40.43 -25.40
C ASN H 260 -3.33 39.58 -26.16
N GLY H 261 -3.26 39.81 -27.47
CA GLY H 261 -2.31 39.13 -28.32
C GLY H 261 -0.94 39.79 -28.28
N SER H 262 -0.05 39.26 -29.11
CA SER H 262 1.32 39.74 -29.21
C SER H 262 1.54 40.41 -30.56
N GLY H 263 1.99 41.66 -30.54
CA GLY H 263 2.30 42.39 -31.74
C GLY H 263 3.80 42.68 -31.83
N MET H 264 4.20 43.14 -33.02
CA MET H 264 5.58 43.52 -33.30
C MET H 264 5.56 44.87 -34.03
N HIS H 265 4.88 45.84 -33.40
CA HIS H 265 4.78 47.20 -33.92
C HIS H 265 6.10 47.67 -34.50
N CYS H 266 6.06 48.17 -35.73
CA CYS H 266 7.25 48.54 -36.49
C CYS H 266 7.27 50.05 -36.67
N ASN H 267 8.27 50.70 -36.07
CA ASN H 267 8.47 52.13 -36.22
C ASN H 267 9.41 52.37 -37.40
N LEU H 268 8.89 52.97 -38.46
CA LEU H 268 9.63 53.18 -39.70
C LEU H 268 9.98 54.65 -39.87
N SER H 269 11.24 54.92 -40.18
CA SER H 269 11.71 56.27 -40.45
C SER H 269 12.57 56.26 -41.69
N LEU H 270 12.31 57.19 -42.61
CA LEU H 270 13.04 57.29 -43.87
C LEU H 270 13.99 58.48 -43.80
N PHE H 271 15.24 58.25 -44.18
CA PHE H 271 16.27 59.28 -44.13
C PHE H 271 16.73 59.65 -45.53
N LYS H 272 16.98 60.94 -45.74
CA LYS H 272 17.51 61.45 -47.00
C LYS H 272 18.69 62.34 -46.69
N ASN H 273 19.85 61.99 -47.26
CA ASN H 273 21.09 62.73 -47.02
C ASN H 273 21.45 62.80 -45.55
N GLY H 274 21.11 61.76 -44.80
CA GLY H 274 21.45 61.68 -43.38
C GLY H 274 20.50 62.39 -42.45
N VAL H 275 19.44 63.02 -42.97
CA VAL H 275 18.46 63.71 -42.14
C VAL H 275 17.11 63.03 -42.32
N ASN H 276 16.26 63.15 -41.31
CA ASN H 276 14.94 62.54 -41.36
C ASN H 276 14.08 63.22 -42.42
N ALA H 277 13.53 62.42 -43.33
CA ALA H 277 12.72 62.94 -44.41
C ALA H 277 11.24 63.05 -44.06
N PHE H 278 10.83 62.57 -42.88
CA PHE H 278 9.44 62.64 -42.46
C PHE H 278 9.12 63.91 -41.67
N PHE H 279 10.12 64.72 -41.33
CA PHE H 279 9.95 65.85 -40.44
C PHE H 279 9.93 67.16 -41.24
N ASP H 280 8.97 68.02 -40.92
CA ASP H 280 8.89 69.35 -41.53
C ASP H 280 8.28 70.29 -40.48
N GLU H 281 9.13 71.13 -39.87
CA GLU H 281 8.69 71.94 -38.74
C GLU H 281 7.61 72.94 -39.11
N ASN H 282 7.49 73.31 -40.39
CA ASN H 282 6.57 74.34 -40.82
C ASN H 282 5.24 73.79 -41.34
N ALA H 283 5.04 72.49 -41.28
CA ALA H 283 3.83 71.86 -41.80
C ALA H 283 2.92 71.43 -40.66
N ASP H 284 1.65 71.17 -41.01
CA ASP H 284 0.69 70.69 -40.02
C ASP H 284 1.12 69.33 -39.49
N LEU H 285 0.99 69.16 -38.17
CA LEU H 285 1.46 68.00 -37.44
C LEU H 285 2.97 67.80 -37.56
N GLN H 286 3.69 68.80 -38.08
CA GLN H 286 5.13 68.73 -38.29
C GLN H 286 5.51 67.51 -39.13
N LEU H 287 4.73 67.24 -40.17
CA LEU H 287 4.93 66.10 -41.05
C LEU H 287 5.22 66.60 -42.46
N SER H 288 6.28 66.07 -43.07
CA SER H 288 6.64 66.46 -44.42
C SER H 288 5.69 65.83 -45.43
N GLU H 289 5.75 66.33 -46.67
CA GLU H 289 4.96 65.74 -47.74
C GLU H 289 5.39 64.31 -48.04
N THR H 290 6.68 64.01 -47.87
CA THR H 290 7.15 62.64 -48.03
C THR H 290 6.49 61.71 -47.03
N ALA H 291 6.33 62.17 -45.78
CA ALA H 291 5.65 61.36 -44.78
C ALA H 291 4.21 61.09 -45.15
N LYS H 292 3.51 62.11 -45.67
CA LYS H 292 2.12 61.93 -46.09
C LYS H 292 2.03 60.95 -47.26
N HIS H 293 2.95 61.04 -48.22
CA HIS H 293 2.95 60.10 -49.33
C HIS H 293 3.23 58.68 -48.84
N PHE H 294 4.16 58.54 -47.89
CA PHE H 294 4.45 57.23 -47.30
C PHE H 294 3.21 56.65 -46.62
N ILE H 295 2.51 57.48 -45.85
CA ILE H 295 1.30 57.03 -45.17
C ILE H 295 0.24 56.62 -46.18
N ALA H 296 0.08 57.40 -47.25
CA ALA H 296 -0.88 57.06 -48.29
C ALA H 296 -0.54 55.73 -48.94
N GLY H 297 0.74 55.51 -49.22
CA GLY H 297 1.16 54.25 -49.82
C GLY H 297 0.89 53.06 -48.90
N ILE H 298 1.16 53.22 -47.61
CA ILE H 298 0.89 52.13 -46.67
C ILE H 298 -0.61 51.88 -46.56
N VAL H 299 -1.41 52.94 -46.56
CA VAL H 299 -2.86 52.79 -46.46
C VAL H 299 -3.41 52.08 -47.69
N LYS H 300 -2.91 52.44 -48.87
CA LYS H 300 -3.45 51.87 -50.10
C LYS H 300 -3.25 50.35 -50.15
N HIS H 301 -2.09 49.87 -49.75
CA HIS H 301 -1.74 48.46 -49.86
C HIS H 301 -1.91 47.69 -48.56
N ALA H 302 -2.55 48.31 -47.55
CA ALA H 302 -2.61 47.68 -46.23
C ALA H 302 -3.31 46.33 -46.26
N THR H 303 -4.43 46.25 -46.96
CA THR H 303 -5.15 44.98 -47.08
C THR H 303 -4.40 43.95 -47.91
N SER H 304 -3.39 44.38 -48.69
CA SER H 304 -2.68 43.47 -49.58
C SER H 304 -1.47 42.81 -48.93
N PHE H 305 -0.69 43.55 -48.15
CA PHE H 305 0.48 42.96 -47.51
C PHE H 305 0.17 42.35 -46.15
N THR H 306 -1.09 42.35 -45.74
CA THR H 306 -1.46 41.71 -44.47
C THR H 306 -1.11 40.23 -44.47
N ALA H 307 -1.20 39.58 -45.64
CA ALA H 307 -0.83 38.17 -45.73
C ALA H 307 0.64 37.96 -45.38
N VAL H 308 1.50 38.93 -45.68
CA VAL H 308 2.92 38.81 -45.36
C VAL H 308 3.21 39.23 -43.93
N THR H 309 2.63 40.33 -43.48
CA THR H 309 2.86 40.78 -42.11
C THR H 309 2.12 39.94 -41.08
N ASN H 310 1.08 39.22 -41.49
CA ASN H 310 0.34 38.30 -40.64
C ASN H 310 0.21 36.98 -41.37
N PRO H 311 1.28 36.19 -41.41
CA PRO H 311 1.33 35.02 -42.31
C PRO H 311 0.75 33.72 -41.75
N THR H 312 0.30 33.70 -40.50
CA THR H 312 -0.20 32.46 -39.91
C THR H 312 -1.72 32.52 -39.78
N VAL H 313 -2.31 31.33 -39.58
CA VAL H 313 -3.73 31.24 -39.31
C VAL H 313 -4.07 31.93 -38.00
N ASN H 314 -3.25 31.69 -36.97
CA ASN H 314 -3.48 32.29 -35.66
C ASN H 314 -3.31 33.80 -35.67
N SER H 315 -2.68 34.35 -36.71
CA SER H 315 -2.45 35.79 -36.76
C SER H 315 -3.76 36.57 -36.80
N TYR H 316 -4.82 35.98 -37.34
CA TYR H 316 -6.08 36.67 -37.51
C TYR H 316 -7.04 36.48 -36.35
N LYS H 317 -6.69 35.64 -35.37
CA LYS H 317 -7.38 35.64 -34.10
C LYS H 317 -6.94 36.80 -33.22
N ARG H 318 -5.77 37.37 -33.48
CA ARG H 318 -5.36 38.59 -32.80
C ARG H 318 -6.06 39.81 -33.37
N LEU H 319 -6.28 39.82 -34.69
CA LEU H 319 -6.93 40.95 -35.36
C LEU H 319 -8.44 40.93 -35.13
N VAL H 320 -8.81 41.02 -33.85
CA VAL H 320 -10.21 41.08 -33.44
C VAL H 320 -10.38 42.31 -32.55
N PRO H 321 -11.55 42.95 -32.55
CA PRO H 321 -11.71 44.17 -31.76
C PRO H 321 -11.64 43.93 -30.27
N GLY H 322 -11.17 44.94 -29.55
CA GLY H 322 -11.19 44.93 -28.10
C GLY H 322 -9.89 44.57 -27.42
N TYR H 323 -8.80 44.40 -28.16
CA TYR H 323 -7.52 44.00 -27.57
C TYR H 323 -6.37 44.85 -28.09
N GLU H 324 -6.67 46.09 -28.50
CA GLU H 324 -5.70 47.08 -28.98
C GLU H 324 -5.06 46.71 -30.31
N ALA H 325 -5.37 45.53 -30.86
CA ALA H 325 -4.84 45.18 -32.16
C ALA H 325 -5.63 45.89 -33.27
N PRO H 326 -4.96 46.28 -34.35
CA PRO H 326 -5.66 46.96 -35.43
C PRO H 326 -6.63 46.02 -36.15
N CYS H 327 -7.73 46.60 -36.61
CA CYS H 327 -8.72 45.86 -37.39
C CYS H 327 -9.19 46.60 -38.63
N TYR H 328 -8.86 47.88 -38.79
CA TYR H 328 -9.31 48.67 -39.93
C TYR H 328 -8.16 49.53 -40.42
N VAL H 329 -8.22 49.91 -41.69
CA VAL H 329 -7.15 50.65 -42.34
C VAL H 329 -7.39 52.14 -42.08
N ALA H 330 -6.63 52.69 -41.14
CA ALA H 330 -6.70 54.11 -40.83
C ALA H 330 -5.41 54.52 -40.13
N TRP H 331 -5.14 55.82 -40.15
CA TRP H 331 -3.97 56.36 -39.48
C TRP H 331 -4.38 57.52 -38.58
N SER H 332 -3.66 57.67 -37.48
CA SER H 332 -4.02 58.65 -36.46
C SER H 332 -2.80 58.97 -35.61
N ALA H 333 -2.91 60.07 -34.86
CA ALA H 333 -1.92 60.42 -33.85
C ALA H 333 -2.30 59.95 -32.46
N GLN H 334 -3.59 59.75 -32.19
CA GLN H 334 -4.05 59.24 -30.90
C GLN H 334 -5.42 58.60 -31.11
N ASN H 335 -5.47 57.27 -31.04
CA ASN H 335 -6.72 56.55 -31.25
C ASN H 335 -6.61 55.18 -30.61
N ARG H 336 -7.77 54.54 -30.43
CA ARG H 336 -7.82 53.18 -29.89
C ARG H 336 -7.53 52.20 -31.03
N SER H 337 -6.36 51.59 -30.98
CA SER H 337 -5.92 50.58 -31.94
C SER H 337 -5.99 51.07 -33.39
N PRO H 338 -5.20 52.07 -33.78
CA PRO H 338 -5.13 52.44 -35.19
C PRO H 338 -4.13 51.57 -35.94
N LEU H 339 -4.35 51.43 -37.25
CA LEU H 339 -3.42 50.68 -38.08
C LEU H 339 -2.07 51.37 -38.13
N ILE H 340 -2.06 52.69 -38.33
CA ILE H 340 -0.85 53.49 -38.39
C ILE H 340 -0.92 54.54 -37.29
N ARG H 341 0.10 54.58 -36.45
CA ARG H 341 0.19 55.56 -35.37
C ARG H 341 1.46 56.39 -35.54
N ILE H 342 1.35 57.69 -35.32
CA ILE H 342 2.48 58.60 -35.42
C ILE H 342 2.82 59.09 -34.01
N PRO H 343 3.97 58.71 -33.46
CA PRO H 343 4.32 59.14 -32.10
C PRO H 343 4.49 60.65 -32.01
N ALA H 344 4.29 61.17 -30.79
CA ALA H 344 4.34 62.61 -30.59
C ALA H 344 5.74 63.19 -30.84
N SER H 345 6.78 62.40 -30.62
CA SER H 345 8.14 62.89 -30.81
C SER H 345 8.38 63.27 -32.26
N ARG H 346 9.12 64.34 -32.48
CA ARG H 346 9.40 64.87 -33.81
C ARG H 346 10.89 65.10 -33.97
N GLY H 347 11.26 65.73 -35.08
CA GLY H 347 12.65 66.01 -35.36
C GLY H 347 13.34 64.79 -35.97
N ILE H 348 14.47 64.40 -35.38
CA ILE H 348 15.18 63.22 -35.85
C ILE H 348 14.37 61.95 -35.58
N SER H 349 13.52 61.97 -34.55
CA SER H 349 12.76 60.80 -34.15
C SER H 349 11.36 60.75 -34.78
N THR H 350 11.15 61.46 -35.88
CA THR H 350 9.87 61.40 -36.56
C THR H 350 9.75 60.06 -37.28
N ARG H 351 8.71 59.30 -36.95
CA ARG H 351 8.55 57.96 -37.49
C ARG H 351 7.08 57.63 -37.64
N VAL H 352 6.81 56.61 -38.45
CA VAL H 352 5.46 56.08 -38.65
C VAL H 352 5.45 54.65 -38.13
N GLU H 353 4.47 54.34 -37.28
CA GLU H 353 4.38 53.03 -36.64
C GLU H 353 3.26 52.22 -37.30
N VAL H 354 3.61 51.04 -37.81
CA VAL H 354 2.64 50.10 -38.34
C VAL H 354 2.41 49.03 -37.27
N ARG H 355 1.18 48.95 -36.77
CA ARG H 355 0.88 48.11 -35.61
C ARG H 355 0.26 46.78 -35.97
N SER H 356 0.04 46.50 -37.26
CA SER H 356 -0.56 45.23 -37.66
C SER H 356 0.44 44.08 -37.65
N VAL H 357 1.74 44.37 -37.73
CA VAL H 357 2.74 43.31 -37.80
C VAL H 357 2.77 42.54 -36.50
N ASP H 358 2.93 41.22 -36.61
CA ASP H 358 3.05 40.33 -35.47
C ASP H 358 4.41 39.66 -35.46
N PRO H 359 4.88 39.19 -34.31
CA PRO H 359 6.23 38.61 -34.25
C PRO H 359 6.39 37.34 -35.08
N ALA H 360 5.31 36.68 -35.49
CA ALA H 360 5.42 35.49 -36.32
C ALA H 360 5.82 35.82 -37.76
N ALA H 361 5.69 37.08 -38.18
CA ALA H 361 6.02 37.44 -39.54
C ALA H 361 7.52 37.32 -39.82
N ASN H 362 7.84 37.07 -41.08
CA ASN H 362 9.24 37.09 -41.50
C ASN H 362 9.71 38.54 -41.53
N PRO H 363 10.72 38.91 -40.76
CA PRO H 363 11.12 40.33 -40.73
C PRO H 363 11.54 40.88 -42.07
N TYR H 364 12.29 40.09 -42.86
CA TYR H 364 12.77 40.58 -44.15
C TYR H 364 11.61 40.79 -45.12
N LEU H 365 10.70 39.82 -45.20
CA LEU H 365 9.57 39.94 -46.12
C LEU H 365 8.63 41.07 -45.69
N ALA H 366 8.35 41.17 -44.40
CA ALA H 366 7.48 42.24 -43.91
C ALA H 366 8.09 43.61 -44.16
N LEU H 367 9.39 43.76 -43.91
CA LEU H 367 10.06 45.02 -44.19
C LEU H 367 10.04 45.32 -45.68
N SER H 368 10.23 44.29 -46.51
CA SER H 368 10.21 44.49 -47.95
C SER H 368 8.86 45.01 -48.42
N VAL H 369 7.77 44.38 -47.96
CA VAL H 369 6.46 44.80 -48.44
C VAL H 369 6.10 46.18 -47.89
N LEU H 370 6.45 46.46 -46.63
CA LEU H 370 6.18 47.77 -46.07
C LEU H 370 6.94 48.86 -46.82
N LEU H 371 8.22 48.63 -47.10
CA LEU H 371 9.01 49.61 -47.84
C LEU H 371 8.50 49.78 -49.25
N ALA H 372 8.08 48.68 -49.90
CA ALA H 372 7.54 48.77 -51.25
C ALA H 372 6.26 49.60 -51.27
N ALA H 373 5.37 49.38 -50.30
CA ALA H 373 4.15 50.18 -50.24
C ALA H 373 4.48 51.65 -49.99
N GLY H 374 5.40 51.93 -49.07
CA GLY H 374 5.75 53.31 -48.80
C GLY H 374 6.36 54.01 -50.00
N LEU H 375 7.24 53.31 -50.73
CA LEU H 375 7.83 53.89 -51.93
C LEU H 375 6.81 54.06 -53.03
N ASP H 376 5.84 53.14 -53.13
CA ASP H 376 4.76 53.30 -54.10
C ASP H 376 3.96 54.56 -53.79
N GLY H 377 3.70 54.82 -52.51
CA GLY H 377 3.05 56.07 -52.15
C GLY H 377 3.88 57.29 -52.51
N ILE H 378 5.19 57.22 -52.27
CA ILE H 378 6.07 58.34 -52.56
C ILE H 378 6.21 58.55 -54.06
N LYS H 379 6.39 57.46 -54.81
CA LYS H 379 6.65 57.58 -56.24
C LYS H 379 5.47 58.20 -56.99
N ASN H 380 4.25 57.81 -56.66
CA ASN H 380 3.06 58.32 -57.33
C ASN H 380 2.44 59.52 -56.64
N LYS H 381 3.03 59.97 -55.52
CA LYS H 381 2.53 61.12 -54.77
C LYS H 381 1.06 60.97 -54.42
N LEU H 382 0.72 59.81 -53.88
CA LEU H 382 -0.65 59.55 -53.46
C LEU H 382 -1.02 60.46 -52.29
N GLU H 383 -2.30 60.82 -52.23
CA GLU H 383 -2.81 61.73 -51.20
C GLU H 383 -3.28 60.91 -50.01
N ALA H 384 -2.72 61.20 -48.84
CA ALA H 384 -3.11 60.48 -47.63
C ALA H 384 -4.53 60.87 -47.23
N PRO H 385 -5.31 59.94 -46.69
CA PRO H 385 -6.65 60.28 -46.21
C PRO H 385 -6.58 61.08 -44.92
N ALA H 386 -7.73 61.63 -44.55
CA ALA H 386 -7.81 62.41 -43.33
C ALA H 386 -7.58 61.52 -42.11
N PRO H 387 -6.81 61.97 -41.12
CA PRO H 387 -6.62 61.17 -39.92
C PRO H 387 -7.92 61.04 -39.13
N ILE H 388 -8.05 59.92 -38.43
CA ILE H 388 -9.28 59.58 -37.71
C ILE H 388 -8.99 59.69 -36.22
N ASP H 389 -9.79 60.48 -35.51
CA ASP H 389 -9.66 60.66 -34.07
C ASP H 389 -11.01 60.63 -33.39
N ARG H 390 -11.90 59.71 -33.81
CA ARG H 390 -13.26 59.76 -33.30
C ARG H 390 -13.79 58.37 -32.95
N ASN H 391 -12.91 57.37 -32.84
CA ASN H 391 -13.24 56.03 -32.36
C ASN H 391 -14.25 55.33 -33.29
N ILE H 392 -13.74 54.96 -34.48
CA ILE H 392 -14.48 54.22 -35.49
C ILE H 392 -15.20 53.00 -34.92
N TYR H 393 -14.72 52.49 -33.79
CA TYR H 393 -15.40 51.37 -33.15
C TYR H 393 -16.81 51.71 -32.69
N VAL H 394 -17.13 53.00 -32.59
CA VAL H 394 -18.45 53.41 -32.13
C VAL H 394 -19.51 53.01 -33.16
N MET H 395 -19.23 53.35 -34.41
CA MET H 395 -20.22 53.12 -35.50
C MET H 395 -20.12 51.70 -36.05
N SER H 396 -21.11 51.32 -36.86
CA SER H 396 -21.13 50.00 -37.48
C SER H 396 -20.25 49.97 -38.71
N LYS H 397 -20.08 48.76 -39.26
CA LYS H 397 -19.27 48.58 -40.47
C LYS H 397 -19.87 49.32 -41.65
N GLU H 398 -21.19 49.25 -41.81
CA GLU H 398 -21.84 50.03 -42.87
C GLU H 398 -21.77 51.51 -42.58
N GLU H 399 -21.74 51.90 -41.30
CA GLU H 399 -21.67 53.30 -40.93
C GLU H 399 -20.26 53.88 -41.12
N ARG H 400 -19.28 53.05 -41.44
CA ARG H 400 -17.92 53.53 -41.72
C ARG H 400 -17.41 53.12 -43.09
N MET H 401 -18.15 52.28 -43.83
CA MET H 401 -17.71 51.90 -45.17
C MET H 401 -17.78 53.08 -46.14
N GLU H 402 -18.75 53.97 -45.96
CA GLU H 402 -18.86 55.15 -46.83
C GLU H 402 -17.65 56.07 -46.69
N ASN H 403 -16.95 56.02 -45.56
CA ASN H 403 -15.71 56.76 -45.39
C ASN H 403 -14.57 55.96 -46.03
N GLY H 404 -13.33 56.37 -45.78
CA GLY H 404 -12.19 55.65 -46.28
C GLY H 404 -11.77 54.46 -45.47
N ILE H 405 -12.52 54.13 -44.42
CA ILE H 405 -12.15 53.05 -43.50
C ILE H 405 -12.59 51.72 -44.09
N VAL H 406 -11.62 50.84 -44.35
CA VAL H 406 -11.91 49.49 -44.82
C VAL H 406 -11.32 48.50 -43.81
N ASP H 407 -11.90 47.30 -43.79
CA ASP H 407 -11.51 46.28 -42.84
C ASP H 407 -10.34 45.46 -43.35
N LEU H 408 -9.49 45.04 -42.43
CA LEU H 408 -8.42 44.10 -42.75
C LEU H 408 -9.03 42.73 -43.02
N PRO H 409 -8.33 41.87 -43.77
CA PRO H 409 -8.85 40.52 -44.02
C PRO H 409 -9.08 39.77 -42.72
N ALA H 410 -10.18 39.03 -42.67
CA ALA H 410 -10.59 38.33 -41.46
C ALA H 410 -9.93 36.97 -41.30
N THR H 411 -9.48 36.36 -42.39
CA THR H 411 -8.85 35.04 -42.35
C THR H 411 -7.59 35.07 -43.22
N LEU H 412 -6.77 34.04 -43.06
CA LEU H 412 -5.57 33.92 -43.87
C LEU H 412 -5.91 33.72 -45.34
N ALA H 413 -6.99 32.99 -45.65
CA ALA H 413 -7.39 32.79 -47.03
C ALA H 413 -7.80 34.10 -47.68
N GLU H 414 -8.55 34.94 -46.96
CA GLU H 414 -8.94 36.24 -47.50
C GLU H 414 -7.73 37.12 -47.77
N ALA H 415 -6.77 37.12 -46.85
CA ALA H 415 -5.54 37.88 -47.05
C ALA H 415 -4.74 37.35 -48.23
N LEU H 416 -4.72 36.03 -48.40
CA LEU H 416 -4.04 35.46 -49.56
C LEU H 416 -4.70 35.90 -50.86
N GLU H 417 -6.04 35.92 -50.87
CA GLU H 417 -6.77 36.38 -52.05
C GLU H 417 -6.46 37.84 -52.35
N GLU H 418 -6.43 38.68 -51.31
CA GLU H 418 -6.12 40.10 -51.50
C GLU H 418 -4.68 40.30 -51.97
N PHE H 419 -3.76 39.50 -51.45
CA PHE H 419 -2.34 39.66 -51.78
C PHE H 419 -2.07 39.25 -53.22
N LYS H 420 -2.75 38.22 -53.72
CA LYS H 420 -2.54 37.77 -55.09
C LYS H 420 -2.95 38.82 -56.09
N SER H 421 -4.03 39.56 -55.79
CA SER H 421 -4.56 40.52 -56.75
C SER H 421 -3.70 41.76 -56.87
N ASN H 422 -2.95 42.11 -55.83
CA ASN H 422 -2.17 43.34 -55.83
C ASN H 422 -0.90 43.15 -56.65
N GLU H 423 -0.76 43.94 -57.71
CA GLU H 423 0.38 43.79 -58.61
C GLU H 423 1.65 44.33 -57.96
N VAL H 424 1.56 45.47 -57.28
CA VAL H 424 2.73 46.09 -56.68
C VAL H 424 3.33 45.18 -55.61
N MET H 425 2.48 44.58 -54.78
CA MET H 425 2.97 43.69 -53.73
C MET H 425 3.62 42.44 -54.28
N VAL H 426 3.28 42.04 -55.50
CA VAL H 426 3.90 40.85 -56.09
C VAL H 426 5.37 41.10 -56.38
N LYS H 427 5.68 42.23 -57.02
CA LYS H 427 7.08 42.59 -57.26
C LYS H 427 7.83 42.95 -55.99
N ALA H 428 7.13 43.19 -54.87
CA ALA H 428 7.81 43.50 -53.62
C ALA H 428 8.69 42.37 -53.15
N LEU H 429 8.41 41.13 -53.54
CA LEU H 429 9.22 39.99 -53.15
C LEU H 429 9.61 39.08 -54.30
N GLY H 430 9.25 39.40 -55.54
CA GLY H 430 9.69 38.63 -56.68
C GLY H 430 8.84 37.38 -56.91
N GLU H 431 8.98 36.84 -58.12
CA GLU H 431 8.11 35.72 -58.53
C GLU H 431 8.42 34.44 -57.76
N HIS H 432 9.71 34.17 -57.51
CA HIS H 432 10.07 32.93 -56.81
C HIS H 432 9.48 32.92 -55.41
N LEU H 433 9.74 33.97 -54.64
CA LEU H 433 9.21 34.08 -53.30
C LEU H 433 7.68 34.11 -53.33
N PHE H 434 7.11 34.80 -54.31
CA PHE H 434 5.65 34.89 -54.39
C PHE H 434 5.03 33.51 -54.56
N GLU H 435 5.48 32.75 -55.55
CA GLU H 435 4.89 31.42 -55.79
C GLU H 435 5.10 30.50 -54.60
N HIS H 436 6.32 30.47 -54.04
CA HIS H 436 6.56 29.53 -52.94
C HIS H 436 5.77 29.93 -51.68
N PHE H 437 5.71 31.22 -51.37
CA PHE H 437 4.94 31.68 -50.23
C PHE H 437 3.45 31.37 -50.41
N ILE H 438 2.93 31.61 -51.61
CA ILE H 438 1.51 31.35 -51.87
C ILE H 438 1.21 29.86 -51.74
N GLU H 439 2.07 29.01 -52.29
CA GLU H 439 1.87 27.58 -52.18
C GLU H 439 1.88 27.12 -50.73
N ALA H 440 2.89 27.57 -49.96
CA ALA H 440 2.99 27.15 -48.56
C ALA H 440 1.79 27.63 -47.76
N LYS H 441 1.36 28.88 -47.95
CA LYS H 441 0.25 29.41 -47.18
C LYS H 441 -1.07 28.77 -47.59
N GLU H 442 -1.25 28.45 -48.87
CA GLU H 442 -2.45 27.77 -49.30
C GLU H 442 -2.52 26.37 -48.69
N ILE H 443 -1.40 25.66 -48.64
CA ILE H 443 -1.38 24.35 -47.98
C ILE H 443 -1.70 24.50 -46.50
N GLU H 444 -1.12 25.53 -45.86
CA GLU H 444 -1.38 25.77 -44.44
C GLU H 444 -2.86 26.02 -44.18
N TRP H 445 -3.49 26.86 -45.01
CA TRP H 445 -4.91 27.14 -44.82
C TRP H 445 -5.76 25.90 -45.09
N ASP H 446 -5.41 25.13 -46.13
CA ASP H 446 -6.19 23.93 -46.44
C ASP H 446 -6.13 22.92 -45.31
N MET H 447 -4.97 22.77 -44.68
CA MET H 447 -4.87 21.86 -43.54
C MET H 447 -5.74 22.33 -42.39
N PHE H 448 -5.83 23.64 -42.17
CA PHE H 448 -6.60 24.17 -41.04
C PHE H 448 -8.09 24.05 -41.27
N ARG H 449 -8.56 24.37 -42.49
CA ARG H 449 -9.99 24.46 -42.73
C ARG H 449 -10.69 23.11 -42.72
N THR H 450 -9.97 22.02 -42.96
CA THR H 450 -10.56 20.69 -42.96
C THR H 450 -10.51 20.00 -41.62
N GLN H 451 -9.87 20.60 -40.62
CA GLN H 451 -9.79 19.99 -39.30
C GLN H 451 -11.11 20.12 -38.56
N VAL H 452 -11.35 19.18 -37.66
CA VAL H 452 -12.51 19.22 -36.77
C VAL H 452 -11.99 19.54 -35.38
N HIS H 453 -12.20 20.77 -34.94
CA HIS H 453 -11.66 21.23 -33.68
C HIS H 453 -12.52 20.78 -32.51
N PRO H 454 -11.93 20.66 -31.31
CA PRO H 454 -12.73 20.26 -30.14
C PRO H 454 -13.88 21.20 -29.84
N TRP H 455 -13.78 22.47 -30.22
CA TRP H 455 -14.89 23.41 -30.03
C TRP H 455 -16.14 22.94 -30.77
N GLU H 456 -15.95 22.41 -31.99
CA GLU H 456 -17.09 21.91 -32.75
C GLU H 456 -17.76 20.74 -32.05
N ARG H 457 -16.97 19.83 -31.48
CA ARG H 457 -17.57 18.72 -30.74
C ARG H 457 -18.28 19.21 -29.48
N GLU H 458 -17.68 20.17 -28.76
CA GLU H 458 -18.34 20.73 -27.59
C GLU H 458 -19.63 21.46 -27.96
N GLN H 459 -19.74 21.95 -29.18
CA GLN H 459 -20.92 22.70 -29.59
C GLN H 459 -21.99 21.85 -30.25
N TYR H 460 -21.64 20.73 -30.88
CA TYR H 460 -22.58 20.00 -31.71
C TYR H 460 -22.69 18.51 -31.41
N MET H 461 -21.74 17.90 -30.69
CA MET H 461 -21.79 16.46 -30.47
C MET H 461 -23.03 16.06 -29.69
N SER H 462 -23.38 16.83 -28.66
CA SER H 462 -24.55 16.51 -27.84
C SER H 462 -25.80 17.25 -28.31
N GLN H 463 -25.64 18.45 -28.86
CA GLN H 463 -26.80 19.20 -29.35
C GLN H 463 -27.46 18.49 -30.52
N TYR H 464 -26.65 17.93 -31.43
CA TYR H 464 -27.18 17.23 -32.59
C TYR H 464 -26.85 15.75 -32.54
N ALA I 22 44.04 14.36 55.92
CA ALA I 22 43.08 14.87 54.95
C ALA I 22 43.62 14.75 53.53
N LYS I 23 42.74 14.96 52.55
CA LYS I 23 43.10 14.89 51.14
C LYS I 23 42.96 16.23 50.43
N TYR I 24 41.97 17.03 50.80
CA TYR I 24 41.76 18.34 50.21
C TYR I 24 41.58 19.38 51.30
N THR I 25 42.01 20.60 51.01
CA THR I 25 41.75 21.77 51.84
C THR I 25 40.94 22.78 51.04
N ARG I 26 40.54 23.87 51.71
CA ARG I 26 39.74 24.89 51.04
C ARG I 26 40.50 25.52 49.88
N GLU I 27 41.78 25.82 50.09
CA GLU I 27 42.58 26.41 49.01
C GLU I 27 42.71 25.45 47.84
N ASP I 28 42.89 24.16 48.13
CA ASP I 28 42.96 23.17 47.06
C ASP I 28 41.67 23.12 46.25
N ILE I 29 40.52 23.16 46.94
CA ILE I 29 39.24 23.14 46.23
C ILE I 29 39.08 24.37 45.36
N GLU I 30 39.41 25.55 45.92
CA GLU I 30 39.28 26.78 45.15
C GLU I 30 40.18 26.78 43.92
N LYS I 31 41.43 26.34 44.09
CA LYS I 31 42.35 26.28 42.95
C LYS I 31 41.86 25.27 41.91
N LEU I 32 41.41 24.10 42.37
CA LEU I 32 40.96 23.07 41.43
C LEU I 32 39.77 23.56 40.61
N VAL I 33 38.80 24.20 41.26
CA VAL I 33 37.68 24.73 40.49
C VAL I 33 38.16 25.87 39.60
N LYS I 34 39.19 26.62 40.01
CA LYS I 34 39.67 27.73 39.20
C LYS I 34 40.21 27.25 37.85
N GLU I 35 41.16 26.30 37.86
CA GLU I 35 41.63 25.78 36.56
C GLU I 35 40.58 24.93 35.86
N GLU I 36 39.94 23.98 36.55
CA GLU I 36 39.00 23.11 35.84
C GLU I 36 37.77 23.83 35.35
N ASN I 37 37.53 25.07 35.79
CA ASN I 37 36.43 25.88 35.29
C ASN I 37 35.08 25.18 35.51
N VAL I 38 34.77 24.94 36.76
CA VAL I 38 33.49 24.36 37.14
C VAL I 38 32.52 25.50 37.40
N LYS I 39 31.29 25.35 36.91
CA LYS I 39 30.25 26.35 37.08
C LYS I 39 29.09 25.88 37.93
N TYR I 40 28.92 24.56 38.08
CA TYR I 40 27.79 23.99 38.79
C TYR I 40 28.33 23.05 39.87
N ILE I 41 27.82 23.20 41.09
CA ILE I 41 28.24 22.38 42.21
C ILE I 41 27.01 21.73 42.84
N ARG I 42 27.05 20.41 42.95
CA ARG I 42 25.97 19.64 43.56
C ARG I 42 26.36 19.31 44.99
N LEU I 43 25.56 19.77 45.95
CA LEU I 43 25.75 19.46 47.36
C LEU I 43 24.84 18.29 47.69
N GLN I 44 25.33 17.08 47.44
CA GLN I 44 24.50 15.89 47.48
C GLN I 44 24.46 15.27 48.87
N PHE I 45 23.36 14.57 49.16
CA PHE I 45 23.15 13.88 50.42
C PHE I 45 22.21 12.72 50.19
N THR I 46 21.99 11.93 51.23
CA THR I 46 21.21 10.70 51.15
C THR I 46 20.04 10.78 52.11
N ASP I 47 18.86 10.40 51.63
CA ASP I 47 17.64 10.44 52.43
C ASP I 47 17.40 9.09 53.09
N ILE I 48 16.20 8.89 53.64
CA ILE I 48 15.86 7.65 54.33
C ILE I 48 15.93 6.46 53.37
N LEU I 49 15.34 6.61 52.18
CA LEU I 49 15.21 5.50 51.25
C LEU I 49 16.49 5.19 50.50
N GLY I 50 17.54 6.00 50.65
CA GLY I 50 18.81 5.73 50.01
C GLY I 50 19.01 6.40 48.67
N THR I 51 17.97 7.01 48.10
CA THR I 51 18.15 7.73 46.85
C THR I 51 18.96 8.99 47.08
N ILE I 52 19.77 9.35 46.07
CA ILE I 52 20.68 10.47 46.20
C ILE I 52 19.93 11.77 45.93
N LYS I 53 19.97 12.70 46.88
CA LYS I 53 19.36 14.00 46.75
C LYS I 53 20.44 15.07 46.79
N ASN I 54 20.13 16.24 46.22
CA ASN I 54 21.08 17.35 46.27
C ASN I 54 20.33 18.65 46.12
N VAL I 55 21.01 19.73 46.53
CA VAL I 55 20.63 21.09 46.19
C VAL I 55 21.81 21.69 45.42
N GLU I 56 21.50 22.37 44.32
CA GLU I 56 22.53 22.82 43.38
C GLU I 56 22.73 24.33 43.51
N ILE I 57 23.99 24.75 43.46
CA ILE I 57 24.35 26.16 43.57
C ILE I 57 25.29 26.52 42.43
N PRO I 58 25.32 27.78 42.00
CA PRO I 58 26.35 28.21 41.05
C PRO I 58 27.71 28.28 41.75
N VAL I 59 28.77 28.28 40.93
CA VAL I 59 30.12 28.34 41.47
C VAL I 59 30.36 29.62 42.26
N SER I 60 29.60 30.68 41.96
CA SER I 60 29.73 31.91 42.72
C SER I 60 29.30 31.76 44.18
N GLN I 61 28.59 30.68 44.52
CA GLN I 61 28.16 30.40 45.87
C GLN I 61 29.07 29.41 46.58
N LEU I 62 30.23 29.10 46.00
CA LEU I 62 31.14 28.14 46.62
C LEU I 62 31.65 28.65 47.95
N GLY I 63 31.93 29.95 48.05
CA GLY I 63 32.37 30.50 49.32
C GLY I 63 31.34 30.36 50.41
N LYS I 64 30.06 30.61 50.08
CA LYS I 64 29.00 30.41 51.05
C LYS I 64 28.83 28.94 51.40
N ALA I 65 29.01 28.05 50.42
CA ALA I 65 28.88 26.62 50.69
C ALA I 65 29.96 26.14 51.64
N LEU I 66 31.20 26.55 51.41
CA LEU I 66 32.31 26.14 52.26
C LEU I 66 32.26 26.78 53.64
N ASP I 67 31.43 27.80 53.83
CA ASP I 67 31.24 28.43 55.12
C ASP I 67 30.14 27.76 55.95
N ASN I 68 29.57 26.66 55.45
CA ASN I 68 28.47 25.96 56.12
C ASN I 68 27.29 26.89 56.35
N LYS I 69 26.88 27.59 55.29
CA LYS I 69 25.83 28.59 55.37
C LYS I 69 24.67 28.34 54.42
N VAL I 70 24.76 27.37 53.52
CA VAL I 70 23.68 27.09 52.59
C VAL I 70 22.56 26.37 53.32
N MET I 71 21.34 26.91 53.22
CA MET I 71 20.17 26.33 53.85
C MET I 71 19.30 25.63 52.82
N PHE I 72 18.51 24.68 53.30
CA PHE I 72 17.61 23.92 52.45
C PHE I 72 16.52 23.30 53.32
N ASP I 73 15.55 22.67 52.67
CA ASP I 73 14.45 22.01 53.37
C ASP I 73 14.93 20.64 53.83
N GLY I 74 15.15 20.49 55.14
CA GLY I 74 15.63 19.23 55.68
C GLY I 74 14.59 18.14 55.74
N SER I 75 13.32 18.46 55.49
CA SER I 75 12.28 17.43 55.46
C SER I 75 12.40 16.52 54.24
N SER I 76 13.16 16.93 53.23
CA SER I 76 13.34 16.09 52.05
C SER I 76 14.04 14.78 52.39
N ILE I 77 14.74 14.72 53.52
CA ILE I 77 15.36 13.47 53.95
C ILE I 77 14.31 12.43 54.27
N GLU I 78 13.17 12.86 54.82
CA GLU I 78 12.12 11.92 55.20
C GLU I 78 11.49 11.23 53.99
N GLY I 79 11.65 11.79 52.80
CA GLY I 79 11.08 11.18 51.61
C GLY I 79 9.63 11.55 51.39
N PHE I 80 8.81 10.59 50.98
CA PHE I 80 7.41 10.86 50.69
C PHE I 80 6.55 10.99 51.95
N VAL I 81 7.10 10.72 53.13
CA VAL I 81 6.35 10.85 54.38
C VAL I 81 6.62 12.19 55.06
N ARG I 82 7.29 13.12 54.37
CA ARG I 82 7.53 14.44 54.93
C ARG I 82 6.23 15.20 55.11
N ILE I 83 6.18 16.02 56.16
CA ILE I 83 4.98 16.77 56.52
C ILE I 83 5.25 18.28 56.54
N GLU I 84 6.20 18.72 57.36
CA GLU I 84 6.44 20.14 57.59
C GLU I 84 7.83 20.52 57.10
N GLU I 85 7.92 21.70 56.50
CA GLU I 85 9.21 22.23 56.07
C GLU I 85 10.09 22.54 57.27
N SER I 86 11.38 22.24 57.14
CA SER I 86 12.35 22.48 58.21
C SER I 86 13.66 22.93 57.59
N ASP I 87 14.22 24.02 58.12
CA ASP I 87 15.46 24.58 57.62
C ASP I 87 16.65 23.93 58.31
N MET I 88 17.60 23.44 57.50
CA MET I 88 18.83 22.83 58.01
C MET I 88 19.99 23.29 57.15
N TYR I 89 21.19 23.18 57.73
CA TYR I 89 22.41 23.57 57.02
C TYR I 89 23.01 22.37 56.29
N LEU I 90 23.97 22.66 55.43
CA LEU I 90 24.48 21.72 54.43
C LEU I 90 26.00 21.63 54.47
N TYR I 91 26.55 21.40 55.68
CA TYR I 91 27.98 21.27 55.90
C TYR I 91 28.61 20.28 54.93
N PRO I 92 29.42 20.73 53.99
CA PRO I 92 30.04 19.81 53.03
C PRO I 92 31.31 19.18 53.57
N ASP I 93 31.67 18.05 52.96
CA ASP I 93 32.90 17.33 53.28
C ASP I 93 33.90 17.57 52.16
N LEU I 94 35.07 18.12 52.51
CA LEU I 94 36.05 18.49 51.50
C LEU I 94 36.66 17.27 50.82
N ASN I 95 36.86 16.18 51.57
CA ASN I 95 37.50 15.00 51.02
C ASN I 95 36.65 14.31 49.94
N THR I 96 35.36 14.60 49.89
CA THR I 96 34.46 13.97 48.93
C THR I 96 34.40 14.74 47.60
N PHE I 97 35.20 15.79 47.45
CA PHE I 97 35.16 16.59 46.23
C PHE I 97 35.56 15.74 45.02
N VAL I 98 34.72 15.77 43.99
CA VAL I 98 34.93 14.99 42.77
C VAL I 98 34.44 15.80 41.58
N ILE I 99 35.22 15.81 40.51
CA ILE I 99 34.82 16.40 39.24
C ILE I 99 34.21 15.32 38.38
N PHE I 100 32.97 15.54 37.94
CA PHE I 100 32.30 14.57 37.08
C PHE I 100 32.93 14.61 35.69
N PRO I 101 33.23 13.46 35.08
CA PRO I 101 33.89 13.46 33.78
C PRO I 101 33.00 13.95 32.64
N TRP I 102 31.69 14.00 32.84
CA TRP I 102 30.76 14.43 31.80
C TRP I 102 30.62 15.94 31.88
N THR I 103 31.27 16.65 30.96
CA THR I 103 31.21 18.10 30.96
C THR I 103 29.81 18.58 30.62
N ALA I 104 29.33 19.58 31.37
CA ALA I 104 28.00 20.12 31.18
C ALA I 104 28.06 21.42 30.39
N GLU I 105 28.30 21.27 29.08
CA GLU I 105 28.34 22.38 28.15
C GLU I 105 29.24 23.52 28.63
N LYS I 106 28.63 24.61 29.07
CA LYS I 106 29.37 25.79 29.54
C LYS I 106 29.79 25.57 30.99
N GLY I 107 30.87 24.84 31.18
CA GLY I 107 31.41 24.60 32.50
C GLY I 107 31.27 23.15 32.94
N LYS I 108 32.07 22.78 33.93
CA LYS I 108 32.05 21.43 34.49
C LYS I 108 31.20 21.39 35.75
N VAL I 109 30.95 20.17 36.23
CA VAL I 109 30.13 19.93 37.41
C VAL I 109 30.98 19.20 38.45
N ALA I 110 30.96 19.71 39.67
CA ALA I 110 31.63 19.08 40.80
C ALA I 110 30.59 18.80 41.88
N ARG I 111 30.92 17.86 42.77
CA ARG I 111 30.00 17.44 43.80
C ARG I 111 30.67 17.43 45.17
N PHE I 112 29.88 17.71 46.20
CA PHE I 112 30.26 17.52 47.59
C PHE I 112 29.23 16.63 48.26
N ILE I 113 29.69 15.71 49.08
CA ILE I 113 28.81 14.93 49.94
C ILE I 113 28.78 15.64 51.29
N CYS I 114 27.59 16.06 51.72
CA CYS I 114 27.44 16.98 52.82
C CYS I 114 26.69 16.34 53.98
N ASP I 115 27.02 16.79 55.18
CA ASP I 115 26.27 16.44 56.38
C ASP I 115 25.16 17.45 56.63
N ILE I 116 24.13 17.00 57.33
CA ILE I 116 22.96 17.84 57.63
C ILE I 116 23.05 18.30 59.07
N TYR I 117 22.92 19.61 59.29
CA TYR I 117 23.08 20.20 60.60
C TYR I 117 21.86 21.06 60.93
N ASN I 118 21.47 21.03 62.20
CA ASN I 118 20.40 21.88 62.68
C ASN I 118 20.82 23.34 62.66
N PRO I 119 19.87 24.28 62.64
CA PRO I 119 20.24 25.70 62.62
C PRO I 119 21.04 26.15 63.84
N ASP I 120 21.00 25.42 64.95
CA ASP I 120 21.76 25.78 66.14
C ASP I 120 23.16 25.21 66.14
N GLY I 121 23.56 24.54 65.06
CA GLY I 121 24.90 24.00 64.94
C GLY I 121 25.04 22.53 65.30
N THR I 122 24.02 21.93 65.92
CA THR I 122 24.09 20.51 66.23
C THR I 122 23.81 19.67 64.99
N PRO I 123 24.44 18.51 64.88
CA PRO I 123 24.14 17.62 63.75
C PRO I 123 22.69 17.15 63.78
N PHE I 124 22.10 17.01 62.60
CA PHE I 124 20.71 16.60 62.51
C PHE I 124 20.59 15.11 62.80
N GLU I 125 19.69 14.76 63.72
CA GLU I 125 19.51 13.37 64.10
C GLU I 125 18.82 12.55 63.02
N GLY I 126 18.19 13.20 62.05
CA GLY I 126 17.52 12.52 60.96
C GLY I 126 18.37 12.27 59.74
N ASP I 127 19.68 12.52 59.81
CA ASP I 127 20.57 12.30 58.68
C ASP I 127 21.22 10.93 58.81
N PRO I 128 21.02 10.02 57.84
CA PRO I 128 21.65 8.70 57.96
C PRO I 128 23.16 8.73 58.09
N ARG I 129 23.83 9.64 57.37
CA ARG I 129 25.27 9.75 57.47
C ARG I 129 25.70 10.21 58.86
N ASN I 130 24.97 11.18 59.43
CA ASN I 130 25.26 11.60 60.80
C ASN I 130 24.99 10.49 61.79
N ASN I 131 23.96 9.67 61.54
CA ASN I 131 23.69 8.53 62.41
C ASN I 131 24.83 7.52 62.34
N LEU I 132 25.36 7.27 61.14
CA LEU I 132 26.50 6.38 61.01
C LEU I 132 27.71 6.92 61.74
N LYS I 133 27.94 8.24 61.65
CA LYS I 133 29.03 8.85 62.39
C LYS I 133 28.83 8.72 63.89
N ARG I 134 27.58 8.84 64.36
CA ARG I 134 27.29 8.64 65.78
C ARG I 134 27.60 7.22 66.22
N ILE I 135 27.21 6.23 65.39
CA ILE I 135 27.51 4.84 65.73
C ILE I 135 29.02 4.59 65.73
N LEU I 136 29.74 5.24 64.80
CA LEU I 136 31.19 5.11 64.79
C LEU I 136 31.82 5.74 66.02
N LYS I 137 31.25 6.86 66.49
CA LYS I 137 31.71 7.45 67.75
C LYS I 137 31.47 6.50 68.92
N GLU I 138 30.31 5.84 68.94
CA GLU I 138 30.06 4.84 69.97
C GLU I 138 31.07 3.70 69.89
N MET I 139 31.43 3.29 68.67
CA MET I 139 32.45 2.26 68.50
C MET I 139 33.79 2.73 69.04
N GLU I 140 34.17 3.97 68.76
CA GLU I 140 35.42 4.52 69.29
C GLU I 140 35.38 4.59 70.81
N ASP I 141 34.20 4.78 71.40
CA ASP I 141 34.08 4.76 72.85
C ASP I 141 34.35 3.38 73.43
N LEU I 142 34.31 2.33 72.62
CA LEU I 142 34.62 0.98 73.05
C LEU I 142 36.10 0.65 72.93
N GLY I 143 36.91 1.57 72.44
CA GLY I 143 38.35 1.37 72.29
C GLY I 143 38.82 1.06 70.89
N PHE I 144 37.91 0.75 69.98
CA PHE I 144 38.30 0.45 68.60
C PHE I 144 38.52 1.74 67.83
N SER I 145 39.31 1.64 66.75
CA SER I 145 39.74 2.80 65.99
C SER I 145 39.04 2.91 64.63
N ASP I 146 38.98 1.83 63.86
CA ASP I 146 38.42 1.87 62.52
C ASP I 146 37.45 0.73 62.32
N PHE I 147 36.48 0.94 61.42
CA PHE I 147 35.53 -0.07 61.00
C PHE I 147 35.56 -0.10 59.47
N ASN I 148 36.20 -1.11 58.91
CA ASN I 148 36.38 -1.20 57.47
C ASN I 148 35.29 -2.02 56.83
N LEU I 149 34.86 -1.61 55.63
CA LEU I 149 33.84 -2.30 54.88
C LEU I 149 34.33 -2.57 53.46
N GLY I 150 34.14 -3.79 53.00
CA GLY I 150 34.37 -4.13 51.62
C GLY I 150 33.11 -4.65 50.97
N PRO I 151 32.53 -3.86 50.06
CA PRO I 151 31.26 -4.24 49.45
C PRO I 151 31.45 -5.04 48.16
N GLU I 152 30.45 -5.86 47.87
CA GLU I 152 30.40 -6.65 46.63
C GLU I 152 29.04 -6.42 45.97
N PRO I 153 28.82 -5.23 45.42
CA PRO I 153 27.50 -4.93 44.83
C PRO I 153 27.34 -5.64 43.49
N GLU I 154 26.21 -6.32 43.33
CA GLU I 154 25.83 -6.98 42.09
C GLU I 154 24.70 -6.22 41.44
N PHE I 155 24.70 -6.20 40.10
CA PHE I 155 23.68 -5.47 39.36
C PHE I 155 23.41 -6.19 38.05
N PHE I 156 22.24 -5.88 37.47
CA PHE I 156 21.82 -6.44 36.20
C PHE I 156 21.86 -5.36 35.13
N LEU I 157 22.10 -5.79 33.89
CA LEU I 157 22.11 -4.91 32.74
C LEU I 157 20.99 -5.32 31.80
N PHE I 158 20.05 -4.41 31.56
CA PHE I 158 18.91 -4.64 30.69
C PHE I 158 18.98 -3.74 29.47
N LYS I 159 18.65 -4.30 28.31
CA LYS I 159 18.65 -3.51 27.08
C LYS I 159 17.50 -2.53 27.07
N LEU I 160 17.75 -1.36 26.49
CA LEU I 160 16.72 -0.35 26.31
C LEU I 160 16.04 -0.53 24.95
N ASP I 161 14.81 -0.06 24.85
CA ASP I 161 14.05 -0.12 23.61
C ASP I 161 14.22 1.18 22.84
N GLU I 162 13.43 1.35 21.78
CA GLU I 162 13.53 2.56 20.97
C GLU I 162 13.17 3.81 21.78
N LYS I 163 12.14 3.71 22.61
CA LYS I 163 11.68 4.83 23.43
C LYS I 163 12.59 5.09 24.63
N GLY I 164 13.69 4.36 24.76
CA GLY I 164 14.63 4.58 25.85
C GLY I 164 14.11 4.23 27.22
N GLU I 165 13.40 3.11 27.34
CA GLU I 165 12.96 2.62 28.64
C GLU I 165 13.36 1.16 28.79
N PRO I 166 13.58 0.71 30.03
CA PRO I 166 14.10 -0.65 30.23
C PRO I 166 13.14 -1.71 29.74
N THR I 167 13.71 -2.81 29.24
CA THR I 167 12.99 -4.01 28.85
C THR I 167 13.44 -5.15 29.76
N LEU I 168 12.94 -6.36 29.47
CA LEU I 168 13.27 -7.54 30.25
C LEU I 168 14.32 -8.42 29.56
N GLU I 169 14.99 -7.91 28.53
CA GLU I 169 16.02 -8.65 27.83
C GLU I 169 17.38 -8.32 28.43
N LEU I 170 18.13 -9.36 28.78
CA LEU I 170 19.46 -9.20 29.35
C LEU I 170 20.48 -8.92 28.26
N ASN I 171 21.59 -8.29 28.66
CA ASN I 171 22.59 -7.87 27.68
C ASN I 171 23.43 -9.03 27.17
N ASP I 172 23.58 -10.10 27.95
CA ASP I 172 24.36 -11.25 27.50
C ASP I 172 23.86 -12.51 28.21
N LYS I 173 24.13 -13.65 27.58
CA LYS I 173 23.84 -14.95 28.19
C LYS I 173 25.11 -15.51 28.85
N GLY I 174 25.65 -14.74 29.78
CA GLY I 174 26.89 -15.10 30.43
C GLY I 174 26.69 -16.03 31.60
N GLY I 175 27.82 -16.44 32.18
CA GLY I 175 27.82 -17.34 33.31
C GLY I 175 28.77 -16.92 34.42
N TYR I 176 28.90 -17.75 35.45
CA TYR I 176 29.75 -17.44 36.58
C TYR I 176 31.21 -17.37 36.16
N PHE I 177 31.82 -16.20 36.35
CA PHE I 177 33.23 -15.94 36.04
C PHE I 177 33.56 -16.19 34.57
N ASP I 178 32.55 -16.19 33.71
CA ASP I 178 32.77 -16.48 32.30
C ASP I 178 33.43 -15.30 31.59
N LEU I 179 34.16 -15.62 30.53
CA LEU I 179 34.67 -14.61 29.60
C LEU I 179 33.64 -14.38 28.49
N ALA I 180 32.43 -14.02 28.92
CA ALA I 180 31.29 -13.92 28.01
C ALA I 180 31.31 -12.64 27.18
N PRO I 181 31.45 -11.44 27.77
CA PRO I 181 31.45 -10.23 26.93
C PRO I 181 32.58 -10.20 25.91
N THR I 182 33.74 -10.77 26.24
CA THR I 182 34.90 -10.83 25.36
C THR I 182 35.36 -9.46 24.89
N ASP I 183 36.16 -9.44 23.84
CA ASP I 183 36.65 -8.22 23.20
C ASP I 183 35.64 -7.78 22.15
N LEU I 184 36.06 -6.89 21.24
CA LEU I 184 35.23 -6.42 20.13
C LEU I 184 34.04 -5.62 20.62
N GLY I 185 34.32 -4.54 21.35
CA GLY I 185 33.27 -3.65 21.79
C GLY I 185 32.43 -4.23 22.92
N GLU I 186 31.32 -3.56 23.18
CA GLU I 186 30.40 -3.88 24.27
C GLU I 186 31.23 -3.92 25.56
N ASN I 187 31.12 -4.97 26.39
CA ASN I 187 31.86 -5.07 27.64
C ASN I 187 31.66 -3.82 28.49
N CYS I 188 30.40 -3.57 28.86
CA CYS I 188 30.08 -2.42 29.68
C CYS I 188 30.74 -2.51 31.05
N ARG I 189 30.96 -3.72 31.56
CA ARG I 189 31.64 -3.88 32.83
C ARG I 189 33.06 -3.36 32.77
N ARG I 190 33.78 -3.66 31.69
CA ARG I 190 35.14 -3.16 31.52
C ARG I 190 35.18 -1.65 31.48
N ASP I 191 34.26 -1.04 30.71
CA ASP I 191 34.23 0.42 30.62
C ASP I 191 33.89 1.04 31.96
N ILE I 192 32.96 0.44 32.70
CA ILE I 192 32.61 0.95 34.03
C ILE I 192 33.82 0.88 34.95
N VAL I 193 34.54 -0.24 34.93
CA VAL I 193 35.70 -0.40 35.81
C VAL I 193 36.77 0.63 35.48
N LEU I 194 37.08 0.79 34.20
CA LEU I 194 38.11 1.76 33.81
C LEU I 194 37.69 3.18 34.17
N GLU I 195 36.43 3.53 33.91
CA GLU I 195 35.96 4.88 34.20
C GLU I 195 36.00 5.15 35.70
N LEU I 196 35.59 4.17 36.51
CA LEU I 196 35.67 4.31 37.95
C LEU I 196 37.11 4.48 38.41
N GLU I 197 38.03 3.73 37.79
CA GLU I 197 39.45 3.90 38.10
C GLU I 197 39.90 5.33 37.79
N GLU I 198 39.37 5.92 36.71
CA GLU I 198 39.76 7.27 36.35
C GLU I 198 39.23 8.32 37.33
N MET I 199 38.20 8.00 38.12
CA MET I 199 37.64 8.94 39.09
C MET I 199 38.23 8.78 40.48
N GLY I 200 39.20 7.90 40.67
CA GLY I 200 39.82 7.72 41.97
C GLY I 200 39.30 6.55 42.76
N PHE I 201 38.42 5.73 42.21
CA PHE I 201 37.98 4.52 42.89
C PHE I 201 39.09 3.49 42.91
N GLU I 202 39.05 2.61 43.91
CA GLU I 202 40.01 1.53 44.06
C GLU I 202 39.26 0.21 43.82
N ILE I 203 39.31 -0.27 42.59
CA ILE I 203 38.60 -1.49 42.20
C ILE I 203 39.53 -2.68 42.40
N GLU I 204 39.04 -3.69 43.11
CA GLU I 204 39.83 -4.90 43.35
C GLU I 204 39.75 -5.84 42.15
N ALA I 205 38.55 -6.33 41.84
CA ALA I 205 38.37 -7.28 40.75
C ALA I 205 36.93 -7.21 40.25
N SER I 206 36.71 -7.77 39.06
CA SER I 206 35.39 -7.81 38.47
C SER I 206 35.22 -9.13 37.72
N HIS I 207 33.96 -9.55 37.59
CA HIS I 207 33.65 -10.80 36.92
C HIS I 207 32.18 -10.83 36.55
N HIS I 208 31.83 -11.74 35.65
CA HIS I 208 30.43 -12.00 35.34
C HIS I 208 29.81 -12.87 36.43
N GLU I 209 28.59 -12.53 36.82
CA GLU I 209 27.92 -13.20 37.91
C GLU I 209 27.20 -14.45 37.40
N VAL I 210 26.56 -15.18 38.31
CA VAL I 210 25.94 -16.46 37.97
C VAL I 210 24.83 -16.27 36.94
N ALA I 211 23.93 -15.31 37.19
CA ALA I 211 22.80 -15.11 36.32
C ALA I 211 23.23 -14.44 35.01
N PRO I 212 22.53 -14.71 33.92
CA PRO I 212 22.83 -13.99 32.67
C PRO I 212 22.58 -12.50 32.84
N GLY I 213 23.43 -11.70 32.22
CA GLY I 213 23.30 -10.26 32.32
C GLY I 213 23.55 -9.69 33.70
N GLN I 214 24.19 -10.44 34.58
CA GLN I 214 24.48 -10.00 35.94
C GLN I 214 25.98 -9.85 36.12
N HIS I 215 26.39 -8.74 36.76
CA HIS I 215 27.79 -8.40 36.87
C HIS I 215 28.09 -7.96 38.30
N GLU I 216 29.35 -8.11 38.70
CA GLU I 216 29.80 -7.71 40.02
C GLU I 216 31.13 -6.98 39.91
N ILE I 217 31.27 -5.89 40.66
CA ILE I 217 32.51 -5.13 40.76
C ILE I 217 32.81 -4.94 42.23
N ASP I 218 34.03 -5.32 42.64
CA ASP I 218 34.44 -5.27 44.04
C ASP I 218 35.43 -4.15 44.25
N PHE I 219 35.21 -3.35 45.28
CA PHE I 219 36.13 -2.28 45.67
C PHE I 219 37.08 -2.76 46.76
N LYS I 220 38.19 -2.06 46.89
CA LYS I 220 39.06 -2.26 48.03
C LYS I 220 38.38 -1.77 49.30
N TYR I 221 38.65 -2.45 50.41
CA TYR I 221 38.07 -2.07 51.68
C TYR I 221 38.56 -0.70 52.11
N ALA I 222 37.68 0.05 52.79
CA ALA I 222 38.01 1.38 53.27
C ALA I 222 37.13 1.67 54.48
N GLY I 223 37.22 2.91 54.99
CA GLY I 223 36.40 3.29 56.12
C GLY I 223 34.92 3.25 55.79
N ALA I 224 34.12 3.11 56.85
CA ALA I 224 32.68 2.89 56.69
C ALA I 224 32.03 4.07 55.96
N VAL I 225 32.32 5.29 56.39
CA VAL I 225 31.73 6.46 55.74
C VAL I 225 32.20 6.56 54.29
N ARG I 226 33.51 6.37 54.08
CA ARG I 226 34.04 6.42 52.73
C ARG I 226 33.46 5.29 51.88
N SER I 227 33.29 4.10 52.47
CA SER I 227 32.72 2.98 51.72
C SER I 227 31.29 3.27 51.30
N CYS I 228 30.48 3.83 52.20
CA CYS I 228 29.10 4.15 51.84
C CYS I 228 29.03 5.25 50.79
N ASP I 229 29.87 6.27 50.91
CA ASP I 229 29.93 7.31 49.89
C ASP I 229 30.32 6.72 48.54
N ASP I 230 31.30 5.81 48.55
CA ASP I 230 31.71 5.15 47.32
C ASP I 230 30.59 4.29 46.75
N ILE I 231 29.79 3.67 47.61
CA ILE I 231 28.67 2.87 47.14
C ILE I 231 27.65 3.74 46.42
N GLN I 232 27.31 4.88 47.01
CA GLN I 232 26.36 5.79 46.38
C GLN I 232 26.90 6.32 45.04
N THR I 233 28.17 6.75 45.04
CA THR I 233 28.76 7.24 43.80
C THR I 233 28.85 6.13 42.76
N PHE I 234 29.11 4.90 43.20
CA PHE I 234 29.18 3.76 42.30
C PHE I 234 27.84 3.51 41.65
N LYS I 235 26.75 3.56 42.42
CA LYS I 235 25.42 3.40 41.83
C LYS I 235 25.16 4.47 40.79
N LEU I 236 25.45 5.74 41.13
CA LEU I 236 25.23 6.82 40.19
C LEU I 236 26.02 6.63 38.90
N VAL I 237 27.32 6.32 39.05
CA VAL I 237 28.20 6.20 37.89
C VAL I 237 27.80 5.00 37.04
N VAL I 238 27.46 3.88 37.67
CA VAL I 238 27.05 2.70 36.92
C VAL I 238 25.78 2.97 36.11
N LYS I 239 24.80 3.63 36.74
CA LYS I 239 23.59 3.97 36.00
C LYS I 239 23.90 4.88 34.83
N THR I 240 24.73 5.90 35.05
CA THR I 240 25.05 6.83 33.96
C THR I 240 25.77 6.13 32.81
N ILE I 241 26.77 5.31 33.12
CA ILE I 241 27.55 4.67 32.08
C ILE I 241 26.72 3.63 31.33
N ALA I 242 25.84 2.92 32.06
CA ALA I 242 24.93 2.01 31.38
C ALA I 242 23.99 2.76 30.44
N ARG I 243 23.54 3.94 30.86
CA ARG I 243 22.73 4.77 29.98
C ARG I 243 23.52 5.21 28.75
N LYS I 244 24.84 5.41 28.90
CA LYS I 244 25.68 5.69 27.74
C LYS I 244 25.62 4.56 26.71
N HIS I 245 25.73 3.32 27.18
CA HIS I 245 25.81 2.17 26.28
C HIS I 245 24.45 1.68 25.80
N GLY I 246 23.40 2.47 25.98
CA GLY I 246 22.07 2.01 25.61
C GLY I 246 21.62 0.83 26.45
N LEU I 247 21.91 0.86 27.74
CA LEU I 247 21.58 -0.22 28.66
C LEU I 247 20.95 0.36 29.92
N HIS I 248 20.21 -0.49 30.63
CA HIS I 248 19.62 -0.11 31.91
C HIS I 248 20.29 -0.93 33.01
N ALA I 249 20.87 -0.24 33.98
CA ALA I 249 21.49 -0.88 35.13
C ALA I 249 20.59 -0.73 36.34
N THR I 250 20.26 -1.84 36.98
CA THR I 250 19.39 -1.84 38.14
C THR I 250 20.03 -2.61 39.28
N PHE I 251 19.90 -2.08 40.48
CA PHE I 251 20.32 -2.76 41.70
C PHE I 251 19.14 -3.39 42.42
N MET I 252 18.05 -3.64 41.71
CA MET I 252 16.89 -4.30 42.29
C MET I 252 17.27 -5.71 42.74
N PRO I 253 16.85 -6.13 43.94
CA PRO I 253 17.31 -7.43 44.45
C PRO I 253 16.96 -8.62 43.55
N LYS I 254 15.71 -8.75 43.12
CA LYS I 254 15.27 -9.86 42.28
C LYS I 254 14.44 -9.32 41.13
N PRO I 255 15.09 -8.84 40.06
CA PRO I 255 14.32 -8.38 38.89
C PRO I 255 13.53 -9.49 38.21
N LEU I 256 14.00 -10.73 38.25
CA LEU I 256 13.38 -11.83 37.54
C LEU I 256 13.20 -13.03 38.45
N PHE I 257 12.12 -13.78 38.21
CA PHE I 257 11.85 -15.00 38.94
C PHE I 257 12.61 -16.18 38.32
N GLY I 258 13.02 -17.12 39.16
CA GLY I 258 13.76 -18.27 38.69
C GLY I 258 15.18 -18.01 38.33
N VAL I 259 15.71 -16.83 38.66
CA VAL I 259 17.05 -16.42 38.31
C VAL I 259 17.72 -15.86 39.57
N ASN I 260 19.04 -16.03 39.66
CA ASN I 260 19.78 -15.57 40.83
C ASN I 260 19.54 -14.09 41.06
N GLY I 261 19.34 -13.73 42.33
CA GLY I 261 19.16 -12.34 42.70
C GLY I 261 20.48 -11.60 42.84
N SER I 262 20.37 -10.34 43.21
CA SER I 262 21.52 -9.45 43.36
C SER I 262 21.76 -9.18 44.84
N GLY I 263 22.97 -9.47 45.31
CA GLY I 263 23.37 -9.21 46.67
C GLY I 263 24.42 -8.12 46.76
N MET I 264 24.64 -7.65 47.98
CA MET I 264 25.65 -6.62 48.28
C MET I 264 26.43 -7.05 49.51
N HIS I 265 26.93 -8.28 49.48
CA HIS I 265 27.72 -8.87 50.56
C HIS I 265 28.69 -7.85 51.16
N CYS I 266 28.65 -7.73 52.48
CA CYS I 266 29.42 -6.73 53.21
C CYS I 266 30.51 -7.41 54.01
N ASN I 267 31.77 -7.14 53.65
CA ASN I 267 32.92 -7.67 54.37
C ASN I 267 33.31 -6.68 55.44
N LEU I 268 33.13 -7.06 56.71
CA LEU I 268 33.35 -6.17 57.84
C LEU I 268 34.61 -6.58 58.60
N SER I 269 35.46 -5.62 58.90
CA SER I 269 36.66 -5.85 59.69
C SER I 269 36.81 -4.73 60.70
N LEU I 270 37.06 -5.09 61.95
CA LEU I 270 37.18 -4.14 63.04
C LEU I 270 38.66 -4.01 63.43
N PHE I 271 39.13 -2.77 63.55
CA PHE I 271 40.51 -2.48 63.85
C PHE I 271 40.65 -1.84 65.22
N LYS I 272 41.70 -2.24 65.95
CA LYS I 272 42.01 -1.66 67.25
C LYS I 272 43.48 -1.28 67.25
N ASN I 273 43.77 0.00 67.48
CA ASN I 273 45.13 0.53 67.48
C ASN I 273 45.83 0.27 66.15
N GLY I 274 45.08 0.30 65.06
CA GLY I 274 45.65 0.12 63.73
C GLY I 274 45.89 -1.30 63.31
N VAL I 275 45.55 -2.29 64.14
CA VAL I 275 45.72 -3.69 63.79
C VAL I 275 44.36 -4.37 63.80
N ASN I 276 44.26 -5.45 63.03
CA ASN I 276 42.99 -6.18 62.94
C ASN I 276 42.67 -6.85 64.26
N ALA I 277 41.47 -6.57 64.78
CA ALA I 277 41.04 -7.13 66.06
C ALA I 277 40.35 -8.48 65.92
N PHE I 278 40.10 -8.94 64.71
CA PHE I 278 39.43 -10.22 64.49
C PHE I 278 40.42 -11.39 64.39
N PHE I 279 41.71 -11.13 64.37
CA PHE I 279 42.72 -12.14 64.08
C PHE I 279 43.44 -12.55 65.36
N ASP I 280 43.58 -13.86 65.56
CA ASP I 280 44.34 -14.41 66.69
C ASP I 280 45.02 -15.67 66.20
N GLU I 281 46.34 -15.64 66.10
CA GLU I 281 47.08 -16.73 65.48
C GLU I 281 47.14 -18.00 66.33
N ASN I 282 46.91 -17.90 67.64
CA ASN I 282 46.94 -19.09 68.49
C ASN I 282 45.54 -19.60 68.84
N ALA I 283 44.49 -19.03 68.26
CA ALA I 283 43.13 -19.46 68.53
C ALA I 283 42.61 -20.32 67.38
N ASP I 284 41.58 -21.12 67.68
CA ASP I 284 40.99 -21.97 66.65
C ASP I 284 40.34 -21.12 65.57
N LEU I 285 40.38 -21.64 64.34
CA LEU I 285 39.96 -20.92 63.14
C LEU I 285 40.70 -19.60 62.95
N GLN I 286 41.78 -19.38 63.71
CA GLN I 286 42.55 -18.14 63.65
C GLN I 286 41.68 -16.92 63.93
N LEU I 287 40.71 -17.07 64.82
CA LEU I 287 39.74 -16.04 65.12
C LEU I 287 39.86 -15.60 66.58
N SER I 288 39.90 -14.29 66.80
CA SER I 288 40.01 -13.75 68.14
C SER I 288 38.66 -13.83 68.86
N GLU I 289 38.70 -13.63 70.18
CA GLU I 289 37.46 -13.59 70.96
C GLU I 289 36.58 -12.43 70.57
N THR I 290 37.18 -11.30 70.17
CA THR I 290 36.40 -10.16 69.70
C THR I 290 35.61 -10.54 68.45
N ALA I 291 36.22 -11.31 67.54
CA ALA I 291 35.52 -11.74 66.34
C ALA I 291 34.34 -12.64 66.70
N LYS I 292 34.52 -13.55 67.67
CA LYS I 292 33.42 -14.42 68.08
C LYS I 292 32.30 -13.62 68.71
N HIS I 293 32.63 -12.60 69.52
CA HIS I 293 31.61 -11.75 70.10
C HIS I 293 30.86 -10.97 69.02
N PHE I 294 31.59 -10.48 68.02
CA PHE I 294 30.97 -9.78 66.90
C PHE I 294 30.01 -10.68 66.15
N ILE I 295 30.43 -11.93 65.88
CA ILE I 295 29.57 -12.89 65.19
C ILE I 295 28.33 -13.19 66.01
N ALA I 296 28.50 -13.36 67.32
CA ALA I 296 27.36 -13.60 68.20
C ALA I 296 26.39 -12.44 68.17
N GLY I 297 26.91 -11.22 68.21
CA GLY I 297 26.04 -10.05 68.15
C GLY I 297 25.28 -9.95 66.85
N ILE I 298 25.94 -10.25 65.73
CA ILE I 298 25.25 -10.23 64.44
C ILE I 298 24.19 -11.33 64.39
N VAL I 299 24.50 -12.50 64.92
CA VAL I 299 23.55 -13.61 64.89
C VAL I 299 22.33 -13.29 65.73
N LYS I 300 22.53 -12.67 66.91
CA LYS I 300 21.42 -12.39 67.80
C LYS I 300 20.40 -11.45 67.18
N HIS I 301 20.86 -10.42 66.49
CA HIS I 301 19.99 -9.38 65.94
C HIS I 301 19.71 -9.56 64.46
N ALA I 302 20.07 -10.72 63.88
CA ALA I 302 19.97 -10.88 62.43
C ALA I 302 18.54 -10.72 61.95
N THR I 303 17.58 -11.34 62.65
CA THR I 303 16.17 -11.20 62.26
C THR I 303 15.63 -9.81 62.49
N SER I 304 16.33 -8.97 63.27
CA SER I 304 15.82 -7.66 63.62
C SER I 304 16.26 -6.57 62.63
N PHE I 305 17.50 -6.62 62.16
CA PHE I 305 17.97 -5.61 61.21
C PHE I 305 17.73 -6.01 59.76
N THR I 306 17.07 -7.13 59.52
CA THR I 306 16.74 -7.52 58.15
C THR I 306 15.85 -6.48 57.47
N ALA I 307 14.98 -5.83 58.24
CA ALA I 307 14.13 -4.78 57.68
C ALA I 307 14.97 -3.63 57.13
N VAL I 308 16.10 -3.33 57.74
CA VAL I 308 16.96 -2.25 57.27
C VAL I 308 17.88 -2.73 56.15
N THR I 309 18.48 -3.91 56.30
CA THR I 309 19.37 -4.42 55.26
C THR I 309 18.61 -4.90 54.04
N ASN I 310 17.33 -5.24 54.18
CA ASN I 310 16.47 -5.63 53.07
C ASN I 310 15.19 -4.81 53.16
N PRO I 311 15.24 -3.55 52.74
CA PRO I 311 14.14 -2.61 53.01
C PRO I 311 13.01 -2.62 52.01
N THR I 312 13.07 -3.40 50.93
CA THR I 312 12.04 -3.38 49.91
C THR I 312 11.21 -4.66 49.96
N VAL I 313 10.04 -4.58 49.33
CA VAL I 313 9.19 -5.76 49.19
C VAL I 313 9.89 -6.81 48.34
N ASN I 314 10.52 -6.39 47.24
CA ASN I 314 11.21 -7.31 46.35
C ASN I 314 12.42 -7.96 47.00
N SER I 315 12.94 -7.36 48.08
CA SER I 315 14.13 -7.92 48.72
C SER I 315 13.89 -9.33 49.24
N TYR I 316 12.66 -9.65 49.62
CA TYR I 316 12.35 -10.94 50.21
C TYR I 316 11.97 -11.99 49.19
N LYS I 317 11.82 -11.63 47.93
CA LYS I 317 11.79 -12.61 46.85
C LYS I 317 13.18 -13.15 46.53
N ARG I 318 14.23 -12.42 46.90
CA ARG I 318 15.59 -12.94 46.78
C ARG I 318 15.89 -13.93 47.90
N LEU I 319 15.38 -13.67 49.10
CA LEU I 319 15.62 -14.53 50.26
C LEU I 319 14.77 -15.79 50.19
N VAL I 320 15.01 -16.55 49.12
CA VAL I 320 14.32 -17.83 48.90
C VAL I 320 15.40 -18.89 48.65
N PRO I 321 15.18 -20.14 49.02
CA PRO I 321 16.23 -21.15 48.88
C PRO I 321 16.52 -21.47 47.42
N GLY I 322 17.77 -21.87 47.16
CA GLY I 322 18.17 -22.36 45.87
C GLY I 322 18.89 -21.38 44.97
N TYR I 323 19.21 -20.18 45.46
CA TYR I 323 19.86 -19.17 44.63
C TYR I 323 21.04 -18.53 45.35
N GLU I 324 21.65 -19.25 46.29
CA GLU I 324 22.83 -18.84 47.06
C GLU I 324 22.54 -17.68 48.01
N ALA I 325 21.33 -17.14 48.03
CA ALA I 325 20.99 -16.11 48.98
C ALA I 325 20.71 -16.72 50.35
N PRO I 326 21.09 -16.05 51.43
CA PRO I 326 20.84 -16.59 52.77
C PRO I 326 19.36 -16.66 53.08
N CYS I 327 18.99 -17.67 53.86
CA CYS I 327 17.63 -17.84 54.33
C CYS I 327 17.52 -18.18 55.81
N TYR I 328 18.63 -18.48 56.47
CA TYR I 328 18.63 -18.86 57.87
C TYR I 328 19.78 -18.16 58.58
N VAL I 329 19.63 -18.00 59.90
CA VAL I 329 20.61 -17.29 60.71
C VAL I 329 21.65 -18.31 61.17
N ALA I 330 22.79 -18.32 60.49
CA ALA I 330 23.90 -19.18 60.86
C ALA I 330 25.18 -18.62 60.26
N TRP I 331 26.31 -19.05 60.81
CA TRP I 331 27.61 -18.62 60.34
C TRP I 331 28.48 -19.84 60.05
N SER I 332 29.35 -19.72 59.06
CA SER I 332 30.15 -20.84 58.61
C SER I 332 31.37 -20.32 57.85
N ALA I 333 32.34 -21.21 57.67
CA ALA I 333 33.50 -20.93 56.82
C ALA I 333 33.35 -21.52 55.43
N GLN I 334 32.53 -22.56 55.27
CA GLN I 334 32.31 -23.18 53.96
C GLN I 334 30.93 -23.84 54.00
N ASN I 335 29.96 -23.21 53.34
CA ASN I 335 28.60 -23.73 53.32
C ASN I 335 27.87 -23.14 52.13
N ARG I 336 26.71 -23.71 51.83
CA ARG I 336 25.85 -23.23 50.75
C ARG I 336 24.94 -22.14 51.31
N SER I 337 25.19 -20.90 50.89
CA SER I 337 24.39 -19.75 51.29
C SER I 337 24.28 -19.57 52.80
N PRO I 338 25.39 -19.31 53.49
CA PRO I 338 25.29 -18.96 54.91
C PRO I 338 25.02 -17.48 55.10
N LEU I 339 24.39 -17.15 56.23
CA LEU I 339 24.15 -15.76 56.55
C LEU I 339 25.47 -15.01 56.76
N ILE I 340 26.38 -15.60 57.53
CA ILE I 340 27.69 -15.03 57.80
C ILE I 340 28.75 -16.00 57.29
N ARG I 341 29.64 -15.50 56.45
CA ARG I 341 30.74 -16.30 55.92
C ARG I 341 32.07 -15.65 56.30
N ILE I 342 33.03 -16.48 56.68
CA ILE I 342 34.36 -16.01 57.07
C ILE I 342 35.34 -16.45 55.99
N PRO I 343 35.92 -15.53 55.23
CA PRO I 343 36.85 -15.93 54.16
C PRO I 343 38.10 -16.60 54.72
N ALA I 344 38.75 -17.38 53.85
CA ALA I 344 39.91 -18.15 54.26
C ALA I 344 41.09 -17.25 54.62
N SER I 345 41.19 -16.08 53.99
CA SER I 345 42.31 -15.18 54.25
C SER I 345 42.29 -14.71 55.71
N ARG I 346 43.47 -14.57 56.29
CA ARG I 346 43.61 -14.19 57.68
C ARG I 346 44.65 -13.07 57.81
N GLY I 347 45.00 -12.76 59.04
CA GLY I 347 45.97 -11.71 59.31
C GLY I 347 45.31 -10.34 59.25
N ILE I 348 45.89 -9.45 58.44
CA ILE I 348 45.32 -8.11 58.29
C ILE I 348 43.97 -8.19 57.57
N SER I 349 43.76 -9.22 56.74
CA SER I 349 42.57 -9.35 55.93
C SER I 349 41.48 -10.18 56.60
N THR I 350 41.60 -10.45 57.90
CA THR I 350 40.56 -11.18 58.60
C THR I 350 39.28 -10.34 58.66
N ARG I 351 38.17 -10.93 58.22
CA ARG I 351 36.91 -10.20 58.13
C ARG I 351 35.74 -11.17 58.25
N VAL I 352 34.57 -10.59 58.53
CA VAL I 352 33.32 -11.35 58.57
C VAL I 352 32.41 -10.79 57.48
N GLU I 353 31.86 -11.67 56.66
CA GLU I 353 31.04 -11.28 55.52
C GLU I 353 29.57 -11.53 55.86
N VAL I 354 28.74 -10.49 55.73
CA VAL I 354 27.30 -10.60 55.88
C VAL I 354 26.68 -10.59 54.50
N ARG I 355 26.04 -11.70 54.13
CA ARG I 355 25.57 -11.90 52.77
C ARG I 355 24.08 -11.61 52.59
N SER I 356 23.38 -11.20 53.65
CA SER I 356 21.95 -10.90 53.54
C SER I 356 21.70 -9.55 52.88
N VAL I 357 22.66 -8.61 52.99
CA VAL I 357 22.45 -7.26 52.48
C VAL I 357 22.28 -7.28 50.96
N ASP I 358 21.35 -6.47 50.47
CA ASP I 358 21.10 -6.31 49.05
C ASP I 358 21.44 -4.87 48.64
N PRO I 359 21.73 -4.65 47.35
CA PRO I 359 22.15 -3.29 46.92
C PRO I 359 21.05 -2.23 47.08
N ALA I 360 19.80 -2.63 47.29
CA ALA I 360 18.74 -1.64 47.48
C ALA I 360 18.75 -1.01 48.87
N ALA I 361 19.51 -1.57 49.81
CA ALA I 361 19.53 -1.03 51.16
C ALA I 361 20.26 0.31 51.21
N ASN I 362 19.91 1.12 52.19
CA ASN I 362 20.63 2.35 52.46
C ASN I 362 21.98 1.99 53.08
N PRO I 363 23.10 2.34 52.44
CA PRO I 363 24.41 1.92 52.98
C PRO I 363 24.67 2.42 54.39
N TYR I 364 24.32 3.67 54.68
CA TYR I 364 24.58 4.24 56.00
C TYR I 364 23.76 3.52 57.07
N LEU I 365 22.46 3.32 56.81
CA LEU I 365 21.61 2.66 57.79
C LEU I 365 22.00 1.21 58.00
N ALA I 366 22.29 0.49 56.90
CA ALA I 366 22.71 -0.90 57.03
C ALA I 366 24.01 -1.02 57.79
N LEU I 367 24.98 -0.16 57.50
CA LEU I 367 26.24 -0.18 58.24
C LEU I 367 26.00 0.16 59.71
N SER I 368 25.10 1.11 59.99
CA SER I 368 24.81 1.47 61.36
C SER I 368 24.23 0.30 62.13
N VAL I 369 23.25 -0.40 61.55
CA VAL I 369 22.63 -1.50 62.28
C VAL I 369 23.60 -2.67 62.43
N LEU I 370 24.39 -2.96 61.40
CA LEU I 370 25.38 -4.04 61.50
C LEU I 370 26.41 -3.74 62.59
N LEU I 371 26.93 -2.51 62.59
CA LEU I 371 27.91 -2.13 63.61
C LEU I 371 27.29 -2.13 65.00
N ALA I 372 26.05 -1.69 65.13
CA ALA I 372 25.39 -1.70 66.44
C ALA I 372 25.22 -3.13 66.95
N ALA I 373 24.80 -4.05 66.07
CA ALA I 373 24.68 -5.45 66.49
C ALA I 373 26.03 -6.03 66.88
N GLY I 374 27.07 -5.74 66.09
CA GLY I 374 28.39 -6.25 66.42
C GLY I 374 28.91 -5.72 67.74
N LEU I 375 28.72 -4.43 68.00
CA LEU I 375 29.14 -3.85 69.26
C LEU I 375 28.31 -4.37 70.44
N ASP I 376 27.02 -4.65 70.20
CA ASP I 376 26.20 -5.27 71.23
C ASP I 376 26.75 -6.65 71.60
N GLY I 377 27.17 -7.41 70.59
CA GLY I 377 27.83 -8.68 70.87
C GLY I 377 29.12 -8.53 71.65
N ILE I 378 29.91 -7.51 71.29
CA ILE I 378 31.19 -7.29 71.95
C ILE I 378 30.97 -6.79 73.38
N LYS I 379 30.06 -5.84 73.56
CA LYS I 379 29.87 -5.22 74.87
C LYS I 379 29.37 -6.22 75.90
N ASN I 380 28.45 -7.11 75.53
CA ASN I 380 27.88 -8.08 76.45
C ASN I 380 28.62 -9.41 76.45
N LYS I 381 29.68 -9.55 75.64
CA LYS I 381 30.48 -10.77 75.56
C LYS I 381 29.60 -11.99 75.29
N LEU I 382 28.71 -11.85 74.31
CA LEU I 382 27.83 -12.95 73.93
C LEU I 382 28.65 -14.10 73.33
N GLU I 383 28.12 -15.31 73.50
CA GLU I 383 28.80 -16.51 73.02
C GLU I 383 28.26 -16.88 71.64
N ALA I 384 29.17 -17.01 70.67
CA ALA I 384 28.76 -17.36 69.32
C ALA I 384 28.32 -18.82 69.27
N PRO I 385 27.32 -19.14 68.45
CA PRO I 385 26.91 -20.54 68.30
C PRO I 385 27.91 -21.32 67.47
N ALA I 386 27.73 -22.63 67.46
CA ALA I 386 28.62 -23.50 66.69
C ALA I 386 28.43 -23.27 65.20
N PRO I 387 29.52 -23.24 64.42
CA PRO I 387 29.38 -23.07 62.97
C PRO I 387 28.67 -24.25 62.34
N ILE I 388 27.98 -23.96 61.24
CA ILE I 388 27.19 -24.96 60.51
C ILE I 388 27.96 -25.40 59.28
N ASP I 389 28.28 -26.69 59.20
CA ASP I 389 29.04 -27.21 58.07
C ASP I 389 28.45 -28.52 57.55
N ARG I 390 27.12 -28.65 57.55
CA ARG I 390 26.51 -29.91 57.13
C ARG I 390 25.25 -29.73 56.30
N ASN I 391 25.07 -28.57 55.64
CA ASN I 391 24.00 -28.35 54.66
C ASN I 391 22.61 -28.50 55.29
N ILE I 392 22.29 -27.53 56.13
CA ILE I 392 21.02 -27.47 56.85
C ILE I 392 19.81 -27.51 55.91
N TYR I 393 20.04 -27.29 54.61
CA TYR I 393 18.93 -27.21 53.67
C TYR I 393 18.16 -28.53 53.59
N VAL I 394 18.86 -29.66 53.69
CA VAL I 394 18.17 -30.95 53.63
C VAL I 394 17.27 -31.15 54.85
N MET I 395 17.72 -30.65 56.01
CA MET I 395 16.91 -30.75 57.22
C MET I 395 15.63 -29.94 57.08
N SER I 396 14.55 -30.46 57.65
CA SER I 396 13.29 -29.75 57.64
C SER I 396 13.34 -28.55 58.59
N LYS I 397 12.35 -27.67 58.45
CA LYS I 397 12.28 -26.49 59.31
C LYS I 397 12.15 -26.90 60.77
N GLU I 398 11.26 -27.86 61.05
CA GLU I 398 11.16 -28.40 62.40
C GLU I 398 12.39 -29.23 62.76
N GLU I 399 13.01 -29.86 61.77
CA GLU I 399 14.20 -30.67 62.01
C GLU I 399 15.43 -29.82 62.33
N ARG I 400 15.36 -28.50 62.14
CA ARG I 400 16.46 -27.61 62.48
C ARG I 400 16.07 -26.52 63.46
N MET I 401 14.78 -26.38 63.80
CA MET I 401 14.37 -25.38 64.77
C MET I 401 14.90 -25.69 66.16
N GLU I 402 15.02 -26.98 66.51
CA GLU I 402 15.56 -27.35 67.82
C GLU I 402 17.00 -26.91 67.99
N ASN I 403 17.74 -26.72 66.89
CA ASN I 403 19.09 -26.17 66.96
C ASN I 403 18.99 -24.65 67.07
N GLY I 404 20.11 -23.97 66.90
CA GLY I 404 20.12 -22.52 66.92
C GLY I 404 19.72 -21.86 65.62
N ILE I 405 19.33 -22.64 64.63
CA ILE I 405 19.01 -22.11 63.30
C ILE I 405 17.58 -21.58 63.31
N VAL I 406 17.43 -20.30 62.99
CA VAL I 406 16.13 -19.66 62.85
C VAL I 406 16.02 -19.07 61.46
N ASP I 407 14.78 -18.92 61.00
CA ASP I 407 14.52 -18.42 59.66
C ASP I 407 14.50 -16.89 59.64
N LEU I 408 15.01 -16.33 58.55
CA LEU I 408 14.87 -14.90 58.33
C LEU I 408 13.40 -14.57 58.04
N PRO I 409 12.98 -13.32 58.26
CA PRO I 409 11.60 -12.95 57.94
C PRO I 409 11.29 -13.19 56.48
N ALA I 410 10.07 -13.68 56.22
CA ALA I 410 9.67 -14.06 54.88
C ALA I 410 9.10 -12.91 54.06
N THR I 411 8.59 -11.88 54.72
CA THR I 411 8.02 -10.72 54.05
C THR I 411 8.54 -9.44 54.70
N LEU I 412 8.31 -8.32 54.02
CA LEU I 412 8.70 -7.04 54.58
C LEU I 412 7.93 -6.72 55.85
N ALA I 413 6.64 -7.09 55.89
CA ALA I 413 5.83 -6.83 57.08
C ALA I 413 6.36 -7.60 58.28
N GLU I 414 6.73 -8.87 58.09
CA GLU I 414 7.29 -9.66 59.19
C GLU I 414 8.59 -9.06 59.70
N ALA I 415 9.45 -8.61 58.77
CA ALA I 415 10.71 -7.98 59.18
C ALA I 415 10.46 -6.68 59.91
N LEU I 416 9.46 -5.91 59.49
CA LEU I 416 9.10 -4.69 60.20
C LEU I 416 8.62 -5.01 61.61
N GLU I 417 7.82 -6.07 61.76
CA GLU I 417 7.35 -6.47 63.08
C GLU I 417 8.53 -6.88 63.97
N GLU I 418 9.48 -7.63 63.41
CA GLU I 418 10.64 -8.05 64.19
C GLU I 418 11.52 -6.85 64.56
N PHE I 419 11.65 -5.89 63.64
CA PHE I 419 12.52 -4.74 63.88
C PHE I 419 11.96 -3.83 64.95
N LYS I 420 10.63 -3.68 65.00
CA LYS I 420 10.02 -2.80 66.00
C LYS I 420 10.26 -3.32 67.40
N SER I 421 10.24 -4.65 67.58
CA SER I 421 10.35 -5.22 68.91
C SER I 421 11.75 -5.14 69.49
N ASN I 422 12.77 -5.07 68.63
CA ASN I 422 14.16 -5.08 69.10
C ASN I 422 14.54 -3.70 69.63
N GLU I 423 14.92 -3.66 70.91
CA GLU I 423 15.24 -2.38 71.54
C GLU I 423 16.60 -1.86 71.06
N VAL I 424 17.59 -2.76 70.96
CA VAL I 424 18.94 -2.34 70.56
C VAL I 424 18.92 -1.79 69.14
N MET I 425 18.23 -2.48 68.23
CA MET I 425 18.16 -2.01 66.85
C MET I 425 17.44 -0.68 66.71
N VAL I 426 16.54 -0.36 67.65
CA VAL I 426 15.85 0.93 67.59
C VAL I 426 16.81 2.08 67.86
N LYS I 427 17.64 1.93 68.91
CA LYS I 427 18.64 2.94 69.21
C LYS I 427 19.74 3.02 68.16
N ALA I 428 19.87 2.01 67.29
CA ALA I 428 20.91 2.02 66.27
C ALA I 428 20.75 3.17 65.28
N LEU I 429 19.53 3.69 65.11
CA LEU I 429 19.29 4.80 64.20
C LEU I 429 18.50 5.95 64.80
N GLY I 430 18.14 5.88 66.08
CA GLY I 430 17.48 6.98 66.73
C GLY I 430 15.98 7.04 66.44
N GLU I 431 15.29 7.83 67.26
CA GLU I 431 13.82 7.86 67.20
C GLU I 431 13.32 8.48 65.89
N HIS I 432 13.97 9.56 65.42
CA HIS I 432 13.51 10.21 64.20
C HIS I 432 13.57 9.26 63.01
N LEU I 433 14.74 8.67 62.79
CA LEU I 433 14.91 7.72 61.69
C LEU I 433 14.00 6.52 61.88
N PHE I 434 13.86 6.04 63.11
CA PHE I 434 13.02 4.87 63.37
C PHE I 434 11.58 5.13 62.96
N GLU I 435 10.99 6.20 63.47
CA GLU I 435 9.59 6.49 63.16
C GLU I 435 9.39 6.73 61.66
N HIS I 436 10.27 7.52 61.04
CA HIS I 436 10.05 7.82 59.63
C HIS I 436 10.25 6.60 58.74
N PHE I 437 11.27 5.77 59.04
CA PHE I 437 11.48 4.55 58.29
C PHE I 437 10.31 3.59 58.46
N ILE I 438 9.80 3.44 59.69
CA ILE I 438 8.69 2.53 59.93
C ILE I 438 7.45 3.01 59.20
N GLU I 439 7.17 4.32 59.24
CA GLU I 439 6.01 4.84 58.54
C GLU I 439 6.11 4.61 57.03
N ALA I 440 7.27 4.92 56.46
CA ALA I 440 7.45 4.75 55.02
C ALA I 440 7.31 3.29 54.61
N LYS I 441 7.93 2.38 55.38
CA LYS I 441 7.87 0.97 55.02
C LYS I 441 6.48 0.39 55.23
N GLU I 442 5.76 0.85 56.26
CA GLU I 442 4.39 0.39 56.44
C GLU I 442 3.50 0.84 55.30
N ILE I 443 3.67 2.08 54.84
CA ILE I 443 2.91 2.54 53.67
C ILE I 443 3.27 1.71 52.46
N GLU I 444 4.56 1.43 52.27
CA GLU I 444 5.01 0.62 51.13
C GLU I 444 4.38 -0.77 51.16
N TRP I 445 4.36 -1.41 52.33
CA TRP I 445 3.76 -2.73 52.43
C TRP I 445 2.25 -2.68 52.21
N ASP I 446 1.58 -1.67 52.76
CA ASP I 446 0.13 -1.56 52.59
C ASP I 446 -0.24 -1.37 51.12
N MET I 447 0.57 -0.60 50.38
CA MET I 447 0.31 -0.44 48.96
C MET I 447 0.46 -1.77 48.21
N PHE I 448 1.44 -2.58 48.61
CA PHE I 448 1.70 -3.83 47.91
C PHE I 448 0.64 -4.88 48.22
N ARG I 449 0.21 -4.99 49.49
CA ARG I 449 -0.65 -6.08 49.89
C ARG I 449 -2.06 -5.96 49.36
N THR I 450 -2.51 -4.75 49.01
CA THR I 450 -3.85 -4.56 48.49
C THR I 450 -3.93 -4.63 46.97
N GLN I 451 -2.80 -4.73 46.28
CA GLN I 451 -2.80 -4.81 44.84
C GLN I 451 -3.26 -6.18 44.37
N VAL I 452 -3.83 -6.21 43.17
CA VAL I 452 -4.25 -7.44 42.51
C VAL I 452 -3.28 -7.66 41.35
N HIS I 453 -2.36 -8.59 41.52
CA HIS I 453 -1.32 -8.80 40.53
C HIS I 453 -1.83 -9.65 39.38
N PRO I 454 -1.21 -9.53 38.20
CA PRO I 454 -1.65 -10.34 37.05
C PRO I 454 -1.54 -11.85 37.30
N TRP I 455 -0.65 -12.28 38.20
CA TRP I 455 -0.57 -13.69 38.53
C TRP I 455 -1.88 -14.20 39.10
N GLU I 456 -2.53 -13.40 39.95
CA GLU I 456 -3.81 -13.80 40.53
C GLU I 456 -4.87 -13.98 39.46
N ARG I 457 -4.91 -13.08 38.48
CA ARG I 457 -5.87 -13.22 37.39
C ARG I 457 -5.56 -14.45 36.53
N GLU I 458 -4.27 -14.72 36.30
CA GLU I 458 -3.91 -15.91 35.55
C GLU I 458 -4.30 -17.19 36.29
N GLN I 459 -4.29 -17.14 37.62
CA GLN I 459 -4.58 -18.33 38.41
C GLN I 459 -6.06 -18.51 38.73
N TYR I 460 -6.86 -17.44 38.76
CA TYR I 460 -8.22 -17.52 39.28
C TYR I 460 -9.30 -16.98 38.36
N MET I 461 -8.97 -16.14 37.37
CA MET I 461 -10.02 -15.53 36.57
C MET I 461 -10.80 -16.57 35.77
N SER I 462 -10.11 -17.56 35.22
CA SER I 462 -10.79 -18.61 34.46
C SER I 462 -11.12 -19.83 35.30
N GLN I 463 -10.30 -20.14 36.31
CA GLN I 463 -10.58 -21.28 37.17
C GLN I 463 -11.85 -21.06 37.99
N TYR I 464 -12.04 -19.84 38.49
CA TYR I 464 -13.24 -19.52 39.26
C TYR I 464 -14.11 -18.51 38.52
N THR J 1 20.84 -29.26 -42.07
CA THR J 1 21.74 -28.95 -40.98
C THR J 1 23.17 -28.73 -41.48
N PHE J 2 24.13 -29.28 -40.75
CA PHE J 2 25.55 -29.26 -41.11
C PHE J 2 26.14 -27.87 -40.90
N ARG J 3 25.28 -26.89 -40.62
CA ARG J 3 25.74 -25.53 -40.33
C ARG J 3 24.69 -24.88 -39.42
N GLN J 4 24.93 -24.92 -38.12
CA GLN J 4 23.99 -24.38 -37.14
C GLN J 4 24.59 -23.27 -36.29
N GLY J 5 25.86 -23.41 -35.88
CA GLY J 5 26.48 -22.36 -35.09
C GLY J 5 26.68 -21.07 -35.87
N ASP J 6 27.06 -21.19 -37.14
CA ASP J 6 27.29 -20.01 -37.96
C ASP J 6 25.99 -19.31 -38.31
N MET J 7 24.95 -20.07 -38.67
CA MET J 7 23.68 -19.52 -39.09
C MET J 7 22.72 -19.28 -37.93
N SER J 8 23.18 -19.43 -36.69
CA SER J 8 22.32 -19.20 -35.53
C SER J 8 21.89 -17.74 -35.41
N ARG J 9 22.58 -16.82 -36.08
CA ARG J 9 22.22 -15.41 -35.99
C ARG J 9 20.86 -15.13 -36.60
N PHE J 10 20.40 -15.99 -37.51
CA PHE J 10 19.11 -15.80 -38.16
C PHE J 10 17.99 -16.48 -37.38
N THR K 1 0.37 12.20 -53.80
CA THR K 1 1.68 11.89 -53.23
C THR K 1 2.77 12.75 -53.86
N PHE K 2 3.91 12.11 -54.14
CA PHE K 2 5.05 12.71 -54.83
C PHE K 2 5.77 13.69 -53.91
N ARG K 3 5.19 13.97 -52.74
CA ARG K 3 5.83 14.83 -51.74
C ARG K 3 5.30 14.41 -50.38
N GLN K 4 6.05 13.56 -49.68
CA GLN K 4 5.66 13.07 -48.37
C GLN K 4 6.68 13.39 -47.29
N GLY K 5 7.97 13.28 -47.58
CA GLY K 5 8.97 13.62 -46.59
C GLY K 5 9.00 15.09 -46.25
N ASP K 6 8.85 15.94 -47.27
CA ASP K 6 8.89 17.39 -47.03
C ASP K 6 7.63 17.87 -46.32
N MET K 7 6.47 17.35 -46.72
CA MET K 7 5.19 17.79 -46.18
C MET K 7 4.75 17.01 -44.95
N SER K 8 5.62 16.14 -44.41
CA SER K 8 5.27 15.36 -43.23
C SER K 8 5.07 16.22 -41.99
N ARG K 9 5.52 17.47 -42.01
CA ARG K 9 5.37 18.34 -40.84
C ARG K 9 3.91 18.67 -40.54
N PHE K 10 3.02 18.50 -41.50
CA PHE K 10 1.61 18.79 -41.29
C PHE K 10 0.84 17.54 -40.86
N THR L 1 -18.75 45.78 -25.07
CA THR L 1 -17.37 45.38 -25.33
C THR L 1 -16.46 46.61 -25.44
N PHE L 2 -15.61 46.61 -26.47
CA PHE L 2 -14.72 47.71 -26.82
C PHE L 2 -13.58 47.83 -25.81
N ARG L 3 -13.65 47.05 -24.72
CA ARG L 3 -12.57 47.02 -23.74
C ARG L 3 -12.65 45.66 -23.04
N GLN L 4 -11.80 44.73 -23.48
CA GLN L 4 -11.78 43.38 -22.92
C GLN L 4 -10.44 43.03 -22.31
N GLY L 5 -9.33 43.33 -22.99
CA GLY L 5 -8.03 43.02 -22.44
C GLY L 5 -7.69 43.85 -21.21
N ASP L 6 -8.10 45.12 -21.21
CA ASP L 6 -7.81 45.97 -20.05
C ASP L 6 -8.65 45.56 -18.84
N MET L 7 -9.91 45.21 -19.06
CA MET L 7 -10.82 44.85 -17.98
C MET L 7 -10.82 43.35 -17.69
N SER L 8 -9.91 42.59 -18.31
CA SER L 8 -9.87 41.15 -18.06
C SER L 8 -9.49 40.82 -16.63
N ARG L 9 -8.91 41.77 -15.88
CA ARG L 9 -8.53 41.51 -14.51
C ARG L 9 -9.74 41.29 -13.61
N PHE L 10 -10.89 41.85 -13.97
CA PHE L 10 -12.10 41.69 -13.18
C PHE L 10 -12.83 40.40 -13.56
N THR M 1 14.99 -29.34 44.10
CA THR M 1 15.48 -27.98 44.11
C THR M 1 16.89 -27.90 44.70
N PHE M 2 17.12 -26.86 45.51
CA PHE M 2 18.36 -26.63 46.25
C PHE M 2 19.48 -26.21 45.31
N ARG M 3 19.24 -26.28 44.00
CA ARG M 3 20.20 -25.81 43.01
C ARG M 3 19.40 -25.39 41.77
N GLN M 4 19.12 -24.10 41.65
CA GLN M 4 18.35 -23.57 40.54
C GLN M 4 19.09 -22.51 39.75
N GLY M 5 19.81 -21.60 40.42
CA GLY M 5 20.57 -20.60 39.71
C GLY M 5 21.72 -21.18 38.91
N ASP M 6 22.44 -22.15 39.50
CA ASP M 6 23.57 -22.75 38.81
C ASP M 6 23.11 -23.63 37.64
N MET M 7 22.01 -24.36 37.82
CA MET M 7 21.52 -25.30 36.83
C MET M 7 20.55 -24.65 35.83
N SER M 8 20.36 -23.34 35.91
CA SER M 8 19.40 -22.67 35.03
C SER M 8 19.83 -22.70 33.57
N ARG M 9 21.10 -23.01 33.29
CA ARG M 9 21.57 -23.04 31.91
C ARG M 9 20.91 -24.15 31.09
N PHE M 10 20.41 -25.20 31.74
CA PHE M 10 19.77 -26.30 31.04
C PHE M 10 18.29 -26.03 30.80
N ALA N 22 -59.58 3.48 41.18
CA ALA N 22 -58.45 2.63 40.81
C ALA N 22 -58.56 2.18 39.35
N LYS N 23 -57.42 1.89 38.75
CA LYS N 23 -57.35 1.45 37.36
C LYS N 23 -57.10 -0.04 37.23
N TYR N 24 -56.27 -0.62 38.09
CA TYR N 24 -55.99 -2.05 38.09
C TYR N 24 -56.23 -2.62 39.47
N THR N 25 -56.79 -3.83 39.50
CA THR N 25 -56.87 -4.63 40.71
C THR N 25 -55.92 -5.82 40.59
N ARG N 26 -55.79 -6.57 41.68
CA ARG N 26 -54.84 -7.68 41.70
C ARG N 26 -55.19 -8.72 40.64
N GLU N 27 -56.45 -9.16 40.61
CA GLU N 27 -56.87 -10.20 39.68
C GLU N 27 -56.64 -9.76 38.24
N ASP N 28 -56.85 -8.47 37.95
CA ASP N 28 -56.53 -7.94 36.63
C ASP N 28 -55.04 -8.09 36.34
N ILE N 29 -54.19 -7.86 37.34
CA ILE N 29 -52.75 -7.97 37.14
C ILE N 29 -52.37 -9.41 36.81
N GLU N 30 -52.86 -10.37 37.59
CA GLU N 30 -52.54 -11.77 37.30
C GLU N 30 -53.08 -12.18 35.94
N LYS N 31 -54.30 -11.77 35.60
CA LYS N 31 -54.87 -12.15 34.30
C LYS N 31 -54.05 -11.55 33.17
N LEU N 32 -53.69 -10.27 33.28
CA LEU N 32 -52.93 -9.60 32.23
C LEU N 32 -51.57 -10.26 32.03
N VAL N 33 -50.86 -10.55 33.11
CA VAL N 33 -49.58 -11.22 32.95
C VAL N 33 -49.78 -12.63 32.41
N LYS N 34 -50.92 -13.26 32.71
CA LYS N 34 -51.17 -14.60 32.22
C LYS N 34 -51.30 -14.62 30.70
N GLU N 35 -52.15 -13.75 30.13
CA GLU N 35 -52.23 -13.75 28.67
C GLU N 35 -50.96 -13.19 28.04
N GLU N 36 -50.41 -12.10 28.58
CA GLU N 36 -49.27 -11.46 27.93
C GLU N 36 -47.98 -12.26 28.06
N ASN N 37 -47.96 -13.28 28.92
CA ASN N 37 -46.80 -14.16 29.09
C ASN N 37 -45.56 -13.34 29.47
N VAL N 38 -45.64 -12.71 30.63
CA VAL N 38 -44.53 -11.95 31.17
C VAL N 38 -43.74 -12.87 32.08
N LYS N 39 -42.41 -12.77 32.01
CA LYS N 39 -41.52 -13.56 32.83
C LYS N 39 -40.64 -12.75 33.75
N TYR N 40 -40.46 -11.46 33.49
CA TYR N 40 -39.57 -10.60 34.25
C TYR N 40 -40.35 -9.38 34.70
N ILE N 41 -40.26 -9.05 35.99
CA ILE N 41 -40.97 -7.92 36.56
C ILE N 41 -39.96 -7.03 37.28
N ARG N 42 -39.96 -5.74 36.91
CA ARG N 42 -39.08 -4.76 37.53
C ARG N 42 -39.88 -3.97 38.57
N LEU N 43 -39.41 -4.00 39.82
CA LEU N 43 -40.02 -3.23 40.90
C LEU N 43 -39.20 -1.96 41.08
N GLN N 44 -39.50 -0.97 40.24
CA GLN N 44 -38.66 0.21 40.12
C GLN N 44 -39.01 1.27 41.15
N PHE N 45 -38.01 2.05 41.54
CA PHE N 45 -38.15 3.14 42.49
C PHE N 45 -37.13 4.20 42.15
N THR N 46 -37.19 5.31 42.87
CA THR N 46 -36.37 6.49 42.60
C THR N 46 -35.53 6.82 43.83
N ASP N 47 -34.24 7.05 43.61
CA ASP N 47 -33.32 7.38 44.70
C ASP N 47 -33.22 8.88 44.89
N ILE N 48 -32.23 9.33 45.66
CA ILE N 48 -32.08 10.75 45.96
C ILE N 48 -31.75 11.53 44.69
N LEU N 49 -30.81 11.03 43.89
CA LEU N 49 -30.34 11.76 42.73
C LEU N 49 -31.32 11.71 41.57
N GLY N 50 -32.39 10.94 41.66
CA GLY N 50 -33.40 10.88 40.63
C GLY N 50 -33.21 9.79 39.61
N THR N 51 -32.10 9.06 39.64
CA THR N 51 -31.92 7.95 38.71
C THR N 51 -32.83 6.80 39.11
N ILE N 52 -33.34 6.09 38.10
CA ILE N 52 -34.31 5.03 38.32
C ILE N 52 -33.59 3.76 38.74
N LYS N 53 -33.99 3.21 39.89
CA LYS N 53 -33.44 1.96 40.40
C LYS N 53 -34.55 0.92 40.47
N ASN N 54 -34.15 -0.35 40.51
CA ASN N 54 -35.12 -1.41 40.68
C ASN N 54 -34.45 -2.65 41.25
N VAL N 55 -35.28 -3.55 41.78
CA VAL N 55 -34.89 -4.92 42.04
C VAL N 55 -35.80 -5.80 41.19
N GLU N 56 -35.22 -6.81 40.54
CA GLU N 56 -35.92 -7.61 39.55
C GLU N 56 -36.23 -8.99 40.10
N ILE N 57 -37.43 -9.47 39.80
CA ILE N 57 -37.89 -10.78 40.26
C ILE N 57 -38.45 -11.56 39.08
N PRO N 58 -38.42 -12.88 39.12
CA PRO N 58 -39.16 -13.67 38.11
C PRO N 58 -40.65 -13.57 38.35
N VAL N 59 -41.42 -13.91 37.31
CA VAL N 59 -42.87 -13.86 37.40
C VAL N 59 -43.40 -14.81 38.47
N SER N 60 -42.64 -15.84 38.83
CA SER N 60 -43.06 -16.75 39.89
C SER N 60 -43.09 -16.07 41.25
N GLN N 61 -42.45 -14.92 41.40
CA GLN N 61 -42.45 -14.17 42.64
C GLN N 61 -43.48 -13.03 42.65
N LEU N 62 -44.37 -13.01 41.67
CA LEU N 62 -45.38 -11.95 41.60
C LEU N 62 -46.30 -11.98 42.81
N GLY N 63 -46.68 -13.18 43.25
CA GLY N 63 -47.53 -13.29 44.42
C GLY N 63 -46.87 -12.73 45.67
N LYS N 64 -45.59 -13.01 45.85
CA LYS N 64 -44.86 -12.45 46.98
C LYS N 64 -44.71 -10.93 46.86
N ALA N 65 -44.51 -10.44 45.63
CA ALA N 65 -44.38 -9.01 45.42
C ALA N 65 -45.67 -8.27 45.76
N LEU N 66 -46.81 -8.80 45.29
CA LEU N 66 -48.10 -8.17 45.57
C LEU N 66 -48.51 -8.28 47.01
N ASP N 67 -47.85 -9.12 47.80
CA ASP N 67 -48.12 -9.24 49.23
C ASP N 67 -47.27 -8.28 50.06
N ASN N 68 -46.50 -7.41 49.43
CA ASN N 68 -45.61 -6.46 50.12
C ASN N 68 -44.62 -7.20 51.01
N LYS N 69 -43.95 -8.20 50.44
CA LYS N 69 -43.03 -9.04 51.18
C LYS N 69 -41.61 -9.05 50.62
N VAL N 70 -41.37 -8.46 49.45
CA VAL N 70 -40.04 -8.46 48.88
C VAL N 70 -39.15 -7.48 49.64
N MET N 71 -38.00 -7.95 50.07
CA MET N 71 -37.01 -7.13 50.77
C MET N 71 -35.85 -6.78 49.86
N PHE N 72 -35.18 -5.68 50.19
CA PHE N 72 -34.04 -5.20 49.43
C PHE N 72 -33.24 -4.25 50.31
N ASP N 73 -32.07 -3.85 49.82
CA ASP N 73 -31.21 -2.93 50.54
C ASP N 73 -31.74 -1.52 50.33
N GLY N 74 -32.37 -0.95 51.36
CA GLY N 74 -32.92 0.39 51.25
C GLY N 74 -31.89 1.49 51.24
N SER N 75 -30.64 1.19 51.57
CA SER N 75 -29.58 2.20 51.52
C SER N 75 -29.25 2.61 50.10
N SER N 76 -29.68 1.83 49.11
CA SER N 76 -29.42 2.19 47.72
C SER N 76 -30.14 3.48 47.32
N ILE N 77 -31.14 3.90 48.09
CA ILE N 77 -31.80 5.18 47.84
C ILE N 77 -30.83 6.33 48.07
N GLU N 78 -29.94 6.20 49.06
CA GLU N 78 -29.01 7.27 49.39
C GLU N 78 -28.00 7.53 48.28
N GLY N 79 -27.85 6.61 47.33
CA GLY N 79 -26.89 6.80 46.26
C GLY N 79 -25.47 6.45 46.66
N PHE N 80 -24.52 7.32 46.29
CA PHE N 80 -23.11 7.07 46.57
C PHE N 80 -22.69 7.49 47.97
N VAL N 81 -23.61 8.00 48.80
CA VAL N 81 -23.29 8.36 50.17
C VAL N 81 -23.81 7.32 51.17
N ARG N 82 -24.23 6.15 50.69
CA ARG N 82 -24.76 5.13 51.58
C ARG N 82 -23.65 4.58 52.47
N ILE N 83 -24.01 4.27 53.71
CA ILE N 83 -23.07 3.77 54.71
C ILE N 83 -23.32 2.30 55.03
N GLU N 84 -24.51 1.98 55.54
CA GLU N 84 -24.80 0.65 56.06
C GLU N 84 -26.00 0.05 55.34
N GLU N 85 -25.97 -1.27 55.19
CA GLU N 85 -27.10 -1.98 54.61
C GLU N 85 -28.31 -1.88 55.52
N SER N 86 -29.49 -1.70 54.91
CA SER N 86 -30.73 -1.59 55.65
C SER N 86 -31.83 -2.31 54.88
N ASP N 87 -32.62 -3.12 55.59
CA ASP N 87 -33.68 -3.91 54.96
C ASP N 87 -34.99 -3.13 54.97
N MET N 88 -35.61 -3.01 53.80
CA MET N 88 -36.89 -2.35 53.65
C MET N 88 -37.76 -3.16 52.69
N TYR N 89 -39.07 -2.95 52.79
CA TYR N 89 -40.02 -3.62 51.92
C TYR N 89 -40.27 -2.78 50.66
N LEU N 90 -40.97 -3.38 49.71
CA LEU N 90 -41.09 -2.86 48.35
C LEU N 90 -42.53 -2.84 47.89
N TYR N 91 -43.41 -2.24 48.71
CA TYR N 91 -44.84 -2.13 48.43
C TYR N 91 -45.09 -1.57 47.03
N PRO N 92 -45.59 -2.37 46.10
CA PRO N 92 -45.83 -1.87 44.75
C PRO N 92 -47.16 -1.16 44.61
N ASP N 93 -47.26 -0.33 43.57
CA ASP N 93 -48.48 0.39 43.24
C ASP N 93 -49.12 -0.29 42.03
N LEU N 94 -50.36 -0.74 42.20
CA LEU N 94 -51.03 -1.50 41.14
C LEU N 94 -51.34 -0.63 39.93
N ASN N 95 -51.69 0.65 40.16
CA ASN N 95 -52.09 1.52 39.07
C ASN N 95 -50.92 1.86 38.15
N THR N 96 -49.68 1.64 38.58
CA THR N 96 -48.51 1.94 37.77
C THR N 96 -48.07 0.78 36.89
N PHE N 97 -48.83 -0.31 36.87
CA PHE N 97 -48.47 -1.46 36.06
C PHE N 97 -48.41 -1.08 34.58
N VAL N 98 -47.26 -1.33 33.95
CA VAL N 98 -47.04 -1.03 32.55
C VAL N 98 -46.28 -2.19 31.92
N ILE N 99 -46.70 -2.59 30.72
CA ILE N 99 -46.04 -3.65 29.98
C ILE N 99 -45.12 -3.00 28.95
N PHE N 100 -43.83 -3.29 29.04
CA PHE N 100 -42.87 -2.70 28.13
C PHE N 100 -43.04 -3.27 26.73
N PRO N 101 -43.05 -2.43 25.69
CA PRO N 101 -43.28 -2.94 24.34
C PRO N 101 -42.12 -3.71 23.76
N TRP N 102 -40.93 -3.60 24.35
CA TRP N 102 -39.74 -4.30 23.84
C TRP N 102 -39.70 -5.68 24.46
N THR N 103 -40.10 -6.69 23.68
CA THR N 103 -40.13 -8.06 24.18
C THR N 103 -38.72 -8.55 24.48
N ALA N 104 -38.55 -9.18 25.64
CA ALA N 104 -37.25 -9.69 26.06
C ALA N 104 -37.14 -11.18 25.81
N GLU N 105 -36.97 -11.52 24.52
CA GLU N 105 -36.78 -12.90 24.08
C GLU N 105 -37.86 -13.82 24.63
N LYS N 106 -37.51 -14.62 25.63
CA LYS N 106 -38.42 -15.58 26.24
C LYS N 106 -39.26 -14.87 27.30
N GLY N 107 -40.30 -14.18 26.85
CA GLY N 107 -41.22 -13.52 27.74
C GLY N 107 -41.09 -12.00 27.68
N LYS N 108 -42.13 -11.33 28.16
CA LYS N 108 -42.18 -9.87 28.22
C LYS N 108 -41.76 -9.37 29.58
N VAL N 109 -41.58 -8.06 29.67
CA VAL N 109 -41.16 -7.39 30.90
C VAL N 109 -42.23 -6.40 31.31
N ALA N 110 -42.62 -6.43 32.58
CA ALA N 110 -43.57 -5.49 33.15
C ALA N 110 -42.91 -4.79 34.33
N ARG N 111 -43.44 -3.61 34.68
CA ARG N 111 -42.85 -2.80 35.72
C ARG N 111 -43.92 -2.39 36.73
N PHE N 112 -43.47 -2.24 37.98
CA PHE N 112 -44.25 -1.62 39.04
C PHE N 112 -43.43 -0.51 39.66
N ILE N 113 -44.07 0.63 39.93
CA ILE N 113 -43.46 1.69 40.70
C ILE N 113 -43.87 1.49 42.15
N CYS N 114 -42.90 1.34 43.04
CA CYS N 114 -43.15 0.88 44.39
C CYS N 114 -42.75 1.92 45.42
N ASP N 115 -43.43 1.87 46.56
CA ASP N 115 -43.07 2.67 47.72
C ASP N 115 -42.16 1.87 48.63
N ILE N 116 -41.38 2.59 49.44
CA ILE N 116 -40.41 1.99 50.35
C ILE N 116 -40.97 2.05 51.76
N TYR N 117 -40.99 0.91 52.44
CA TYR N 117 -41.56 0.80 53.77
C TYR N 117 -40.54 0.18 54.72
N ASN N 118 -40.54 0.66 55.96
CA ASN N 118 -39.71 0.08 56.98
C ASN N 118 -40.20 -1.33 57.34
N PRO N 119 -39.35 -2.17 57.92
CA PRO N 119 -39.77 -3.54 58.26
C PRO N 119 -40.94 -3.60 59.23
N ASP N 120 -41.22 -2.54 59.98
CA ASP N 120 -42.34 -2.52 60.92
C ASP N 120 -43.63 -2.04 60.27
N GLY N 121 -43.64 -1.81 58.96
CA GLY N 121 -44.81 -1.36 58.26
C GLY N 121 -44.93 0.15 58.12
N THR N 122 -44.09 0.91 58.80
CA THR N 122 -44.10 2.36 58.66
C THR N 122 -43.42 2.75 57.34
N PRO N 123 -44.00 3.67 56.57
CA PRO N 123 -43.35 4.09 55.33
C PRO N 123 -41.99 4.72 55.61
N PHE N 124 -41.03 4.43 54.74
CA PHE N 124 -39.67 4.91 54.92
C PHE N 124 -39.60 6.41 54.71
N GLU N 125 -39.04 7.13 55.70
CA GLU N 125 -38.91 8.58 55.60
C GLU N 125 -37.87 9.01 54.59
N GLY N 126 -37.02 8.10 54.14
CA GLY N 126 -36.00 8.40 53.15
C GLY N 126 -36.40 8.17 51.71
N ASP N 127 -37.68 7.89 51.46
CA ASP N 127 -38.16 7.65 50.10
C ASP N 127 -38.72 8.94 49.53
N PRO N 128 -38.19 9.46 48.42
CA PRO N 128 -38.73 10.71 47.87
C PRO N 128 -40.21 10.64 47.51
N ARG N 129 -40.67 9.50 46.99
CA ARG N 129 -42.09 9.36 46.67
C ARG N 129 -42.94 9.38 47.93
N ASN N 130 -42.49 8.71 49.00
CA ASN N 130 -43.21 8.78 50.26
C ASN N 130 -43.18 10.19 50.83
N ASN N 131 -42.08 10.92 50.63
CA ASN N 131 -42.02 12.31 51.07
C ASN N 131 -43.03 13.16 50.32
N LEU N 132 -43.16 12.95 49.01
CA LEU N 132 -44.16 13.68 48.24
C LEU N 132 -45.56 13.35 48.72
N LYS N 133 -45.82 12.07 49.02
CA LYS N 133 -47.12 11.68 49.56
C LYS N 133 -47.38 12.34 50.91
N ARG N 134 -46.34 12.46 51.74
CA ARG N 134 -46.49 13.15 53.02
C ARG N 134 -46.83 14.63 52.82
N ILE N 135 -46.16 15.28 51.87
CA ILE N 135 -46.47 16.69 51.60
C ILE N 135 -47.89 16.83 51.06
N LEU N 136 -48.33 15.87 50.24
CA LEU N 136 -49.70 15.91 49.73
C LEU N 136 -50.71 15.71 50.85
N LYS N 137 -50.38 14.85 51.82
CA LYS N 137 -51.24 14.70 53.00
C LYS N 137 -51.30 16.00 53.79
N GLU N 138 -50.16 16.68 53.93
CA GLU N 138 -50.17 17.99 54.58
C GLU N 138 -51.05 18.98 53.84
N MET N 139 -51.00 18.95 52.50
CA MET N 139 -51.87 19.80 51.70
C MET N 139 -53.33 19.47 51.92
N GLU N 140 -53.68 18.18 51.97
CA GLU N 140 -55.06 17.79 52.24
C GLU N 140 -55.50 18.24 53.63
N ASP N 141 -54.56 18.31 54.58
CA ASP N 141 -54.89 18.84 55.89
C ASP N 141 -55.24 20.32 55.87
N LEU N 142 -54.92 21.03 54.79
CA LEU N 142 -55.25 22.43 54.64
C LEU N 142 -56.58 22.66 53.94
N GLY N 143 -57.29 21.59 53.57
CA GLY N 143 -58.58 21.70 52.94
C GLY N 143 -58.59 21.47 51.43
N PHE N 144 -57.43 21.42 50.80
CA PHE N 144 -57.37 21.20 49.36
C PHE N 144 -57.43 19.70 49.05
N SER N 145 -57.83 19.39 47.83
CA SER N 145 -58.07 18.01 47.41
C SER N 145 -57.00 17.48 46.47
N ASP N 146 -56.64 18.23 45.43
CA ASP N 146 -55.69 17.77 44.43
C ASP N 146 -54.64 18.83 44.16
N PHE N 147 -53.47 18.37 43.71
CA PHE N 147 -52.38 19.24 43.27
C PHE N 147 -51.92 18.72 41.92
N ASN N 148 -52.31 19.42 40.86
CA ASN N 148 -52.02 18.97 39.50
C ASN N 148 -50.73 19.60 38.99
N LEU N 149 -50.01 18.83 38.18
CA LEU N 149 -48.76 19.27 37.58
C LEU N 149 -48.79 19.00 36.09
N GLY N 150 -48.42 20.00 35.30
CA GLY N 150 -48.20 19.82 33.89
C GLY N 150 -46.78 20.18 33.52
N PRO N 151 -45.98 19.18 33.16
CA PRO N 151 -44.57 19.42 32.86
C PRO N 151 -44.33 19.69 31.39
N GLU N 152 -43.24 20.42 31.13
CA GLU N 152 -42.78 20.72 29.78
C GLU N 152 -41.30 20.37 29.68
N PRO N 153 -40.98 19.07 29.67
CA PRO N 153 -39.57 18.67 29.65
C PRO N 153 -38.95 18.87 28.28
N GLU N 154 -37.78 19.49 28.25
CA GLU N 154 -37.01 19.69 27.04
C GLU N 154 -35.77 18.81 27.07
N PHE N 155 -35.37 18.33 25.89
CA PHE N 155 -34.22 17.45 25.80
C PHE N 155 -33.52 17.68 24.47
N PHE N 156 -32.25 17.26 24.43
CA PHE N 156 -31.42 17.37 23.23
C PHE N 156 -31.20 15.98 22.64
N LEU N 157 -31.01 15.93 21.33
CA LEU N 157 -30.72 14.69 20.62
C LEU N 157 -29.35 14.83 19.97
N PHE N 158 -28.43 13.94 20.34
CA PHE N 158 -27.07 13.94 19.83
C PHE N 158 -26.83 12.65 19.05
N LYS N 159 -26.11 12.78 17.94
CA LYS N 159 -25.80 11.61 17.12
C LYS N 159 -24.75 10.74 17.81
N LEU N 160 -24.89 9.43 17.64
CA LEU N 160 -23.91 8.47 18.14
C LEU N 160 -22.84 8.22 17.08
N ASP N 161 -21.67 7.79 17.53
CA ASP N 161 -20.58 7.47 16.64
C ASP N 161 -20.57 5.96 16.35
N GLU N 162 -19.50 5.49 15.71
CA GLU N 162 -19.40 4.07 15.37
C GLU N 162 -19.36 3.21 16.63
N LYS N 163 -18.65 3.65 17.65
CA LYS N 163 -18.53 2.90 18.90
C LYS N 163 -19.77 3.03 19.79
N GLY N 164 -20.81 3.69 19.32
CA GLY N 164 -22.04 3.81 20.07
C GLY N 164 -21.95 4.65 21.33
N GLU N 165 -21.25 5.78 21.27
CA GLU N 165 -21.19 6.71 22.38
C GLU N 165 -21.53 8.11 21.88
N PRO N 166 -22.10 8.95 22.75
CA PRO N 166 -22.59 10.26 22.28
C PRO N 166 -21.46 11.14 21.76
N THR N 167 -21.76 11.92 20.74
CA THR N 167 -20.90 12.96 20.20
C THR N 167 -21.51 14.32 20.49
N LEU N 168 -20.89 15.37 19.95
CA LEU N 168 -21.35 16.73 20.16
C LEU N 168 -22.11 17.27 18.95
N GLU N 169 -22.47 16.42 18.00
CA GLU N 169 -23.21 16.85 16.82
C GLU N 169 -24.70 16.68 17.05
N LEU N 170 -25.47 17.73 16.75
CA LEU N 170 -26.90 17.70 16.92
C LEU N 170 -27.58 17.00 15.74
N ASN N 171 -28.79 16.50 15.98
CA ASN N 171 -29.48 15.71 14.97
C ASN N 171 -30.05 16.57 13.84
N ASP N 172 -30.36 17.83 14.11
CA ASP N 172 -30.89 18.71 13.07
C ASP N 172 -30.59 20.15 13.42
N LYS N 173 -30.57 20.99 12.38
CA LYS N 173 -30.42 22.44 12.55
C LYS N 173 -31.80 23.12 12.54
N GLY N 174 -32.65 22.69 13.47
CA GLY N 174 -34.00 23.19 13.55
C GLY N 174 -34.12 24.47 14.36
N GLY N 175 -35.34 25.00 14.41
CA GLY N 175 -35.60 26.22 15.14
C GLY N 175 -36.89 26.15 15.96
N TYR N 176 -37.29 27.29 16.51
CA TYR N 176 -38.47 27.35 17.36
C TYR N 176 -39.73 27.04 16.55
N PHE N 177 -40.43 25.98 16.95
CA PHE N 177 -41.69 25.56 16.32
C PHE N 177 -41.53 25.26 14.84
N ASP N 178 -40.30 24.99 14.39
CA ASP N 178 -40.06 24.75 12.98
C ASP N 178 -40.57 23.38 12.56
N LEU N 179 -40.92 23.27 11.28
CA LEU N 179 -41.18 21.97 10.65
C LEU N 179 -39.88 21.43 10.04
N ALA N 180 -38.88 21.31 10.91
CA ALA N 180 -37.52 20.96 10.50
C ALA N 180 -37.36 19.48 10.18
N PRO N 181 -37.73 18.55 11.07
CA PRO N 181 -37.53 17.12 10.73
C PRO N 181 -38.30 16.68 9.50
N THR N 182 -39.46 17.27 9.22
CA THR N 182 -40.28 16.97 8.05
C THR N 182 -40.65 15.50 7.98
N ASP N 183 -41.05 15.06 6.78
CA ASP N 183 -41.40 13.69 6.50
C ASP N 183 -40.16 12.92 6.03
N LEU N 184 -40.36 11.75 5.42
CA LEU N 184 -39.27 10.94 4.89
C LEU N 184 -38.36 10.42 5.99
N GLY N 185 -38.93 9.69 6.95
CA GLY N 185 -38.14 9.08 7.98
C GLY N 185 -37.65 10.09 9.01
N GLU N 186 -36.68 9.63 9.80
CA GLU N 186 -36.11 10.40 10.92
C GLU N 186 -37.27 10.80 11.82
N ASN N 187 -37.38 12.07 12.23
CA ASN N 187 -38.46 12.55 13.10
C ASN N 187 -38.58 11.67 14.34
N CYS N 188 -37.50 11.67 15.13
CA CYS N 188 -37.51 10.90 16.37
C CYS N 188 -38.55 11.41 17.35
N ARG N 189 -38.85 12.71 17.31
CA ARG N 189 -39.89 13.26 18.18
C ARG N 189 -41.25 12.67 17.86
N ARG N 190 -41.57 12.53 16.58
CA ARG N 190 -42.84 11.93 16.17
C ARG N 190 -42.94 10.49 16.65
N ASP N 191 -41.88 9.71 16.47
CA ASP N 191 -41.90 8.32 16.90
C ASP N 191 -42.03 8.21 18.41
N ILE N 192 -41.33 9.07 19.15
CA ILE N 192 -41.44 9.08 20.60
C ILE N 192 -42.87 9.38 21.02
N VAL N 193 -43.49 10.39 20.39
CA VAL N 193 -44.85 10.78 20.77
C VAL N 193 -45.83 9.65 20.49
N LEU N 194 -45.72 9.03 19.31
CA LEU N 194 -46.63 7.94 18.97
C LEU N 194 -46.43 6.76 19.91
N GLU N 195 -45.19 6.41 20.21
CA GLU N 195 -44.90 5.28 21.08
C GLU N 195 -45.44 5.55 22.48
N LEU N 196 -45.24 6.76 22.98
CA LEU N 196 -45.76 7.14 24.29
C LEU N 196 -47.28 7.06 24.31
N GLU N 197 -47.92 7.49 23.22
CA GLU N 197 -49.37 7.36 23.12
C GLU N 197 -49.79 5.90 23.19
N GLU N 198 -49.03 5.01 22.55
CA GLU N 198 -49.35 3.59 22.59
C GLU N 198 -49.16 2.99 23.98
N MET N 199 -48.38 3.62 24.85
CA MET N 199 -48.14 3.10 26.19
C MET N 199 -49.09 3.66 27.24
N GLY N 200 -50.05 4.49 26.84
CA GLY N 200 -51.01 5.06 27.76
C GLY N 200 -50.72 6.46 28.23
N PHE N 201 -49.68 7.11 27.71
CA PHE N 201 -49.42 8.50 28.04
C PHE N 201 -50.46 9.40 27.37
N GLU N 202 -50.65 10.58 27.95
CA GLU N 202 -51.56 11.60 27.43
C GLU N 202 -50.71 12.78 26.97
N ILE N 203 -50.27 12.74 25.72
CA ILE N 203 -49.43 13.79 25.17
C ILE N 203 -50.30 14.93 24.67
N GLU N 204 -49.99 16.15 25.11
CA GLU N 204 -50.76 17.32 24.69
C GLU N 204 -50.30 17.81 23.32
N ALA N 205 -49.04 18.22 23.21
CA ALA N 205 -48.50 18.74 21.97
C ALA N 205 -46.99 18.62 21.99
N SER N 206 -46.39 18.74 20.81
CA SER N 206 -44.94 18.67 20.65
C SER N 206 -44.48 19.69 19.62
N HIS N 207 -43.24 20.11 19.75
CA HIS N 207 -42.66 21.08 18.81
C HIS N 207 -41.15 21.05 18.93
N HIS N 208 -40.50 21.57 17.89
CA HIS N 208 -39.06 21.76 17.93
C HIS N 208 -38.73 22.99 18.79
N GLU N 209 -37.72 22.85 19.64
CA GLU N 209 -37.38 23.90 20.58
C GLU N 209 -36.47 24.93 19.90
N VAL N 210 -36.09 25.97 20.65
CA VAL N 210 -35.33 27.08 20.08
C VAL N 210 -33.98 26.60 19.58
N ALA N 211 -33.25 25.86 20.39
CA ALA N 211 -31.92 25.44 20.03
C ALA N 211 -31.96 24.32 18.99
N PRO N 212 -30.96 24.24 18.12
CA PRO N 212 -30.89 23.11 17.19
C PRO N 212 -30.77 21.78 17.94
N GLY N 213 -31.45 20.77 17.43
CA GLY N 213 -31.43 19.46 18.06
C GLY N 213 -32.12 19.41 19.41
N GLN N 214 -32.96 20.39 19.71
CA GLN N 214 -33.68 20.45 20.98
C GLN N 214 -35.17 20.27 20.73
N HIS N 215 -35.81 19.44 21.54
CA HIS N 215 -37.20 19.08 21.35
C HIS N 215 -37.95 19.14 22.68
N GLU N 216 -39.26 19.35 22.59
CA GLU N 216 -40.12 19.41 23.76
C GLU N 216 -41.39 18.62 23.51
N ILE N 217 -41.79 17.83 24.50
CA ILE N 217 -43.04 17.08 24.47
C ILE N 217 -43.79 17.39 25.76
N ASP N 218 -45.05 17.84 25.62
CA ASP N 218 -45.86 18.26 26.75
C ASP N 218 -46.93 17.22 27.04
N PHE N 219 -47.06 16.84 28.31
CA PHE N 219 -48.09 15.92 28.73
C PHE N 219 -49.34 16.68 29.21
N LYS N 220 -50.46 15.97 29.25
CA LYS N 220 -51.64 16.50 29.91
C LYS N 220 -51.42 16.54 31.42
N TYR N 221 -51.97 17.56 32.06
CA TYR N 221 -51.81 17.70 33.50
C TYR N 221 -52.51 16.55 34.22
N ALA N 222 -51.89 16.09 35.30
CA ALA N 222 -52.43 14.99 36.10
C ALA N 222 -52.01 15.21 37.55
N GLY N 223 -52.29 14.22 38.40
CA GLY N 223 -51.91 14.32 39.80
C GLY N 223 -50.40 14.35 39.97
N ALA N 224 -49.97 14.86 41.11
CA ALA N 224 -48.55 15.08 41.35
C ALA N 224 -47.76 13.77 41.30
N VAL N 225 -48.23 12.76 42.02
CA VAL N 225 -47.54 11.47 42.02
C VAL N 225 -47.55 10.86 40.63
N ARG N 226 -48.71 10.89 39.97
CA ARG N 226 -48.81 10.36 38.62
C ARG N 226 -47.94 11.15 37.66
N SER N 227 -47.88 12.47 37.82
CA SER N 227 -47.05 13.30 36.95
C SER N 227 -45.56 12.97 37.12
N CYS N 228 -45.11 12.79 38.36
CA CYS N 228 -43.71 12.45 38.59
C CYS N 228 -43.38 11.06 38.05
N ASP N 229 -44.27 10.09 38.25
CA ASP N 229 -44.07 8.77 37.69
C ASP N 229 -44.00 8.82 36.17
N ASP N 230 -44.88 9.62 35.55
CA ASP N 230 -44.86 9.79 34.11
C ASP N 230 -43.58 10.47 33.65
N ILE N 231 -43.04 11.41 34.44
CA ILE N 231 -41.79 12.07 34.07
C ILE N 231 -40.65 11.05 34.05
N GLN N 232 -40.58 10.20 35.09
CA GLN N 232 -39.53 9.18 35.13
C GLN N 232 -39.67 8.22 33.96
N THR N 233 -40.89 7.72 33.72
CA THR N 233 -41.12 6.80 32.61
C THR N 233 -40.81 7.48 31.28
N PHE N 234 -41.12 8.77 31.16
CA PHE N 234 -40.85 9.51 29.94
C PHE N 234 -39.35 9.60 29.69
N LYS N 235 -38.57 9.88 30.72
CA LYS N 235 -37.12 9.91 30.56
C LYS N 235 -36.60 8.55 30.09
N LEU N 236 -37.07 7.47 30.73
CA LEU N 236 -36.63 6.13 30.35
C LEU N 236 -36.98 5.83 28.89
N VAL N 237 -38.23 6.10 28.51
CA VAL N 237 -38.71 5.76 27.17
C VAL N 237 -38.01 6.60 26.11
N VAL N 238 -37.81 7.89 26.40
CA VAL N 238 -37.12 8.76 25.43
C VAL N 238 -35.69 8.29 25.22
N LYS N 239 -34.99 7.95 26.31
CA LYS N 239 -33.63 7.45 26.14
C LYS N 239 -33.60 6.17 25.33
N THR N 240 -34.52 5.24 25.62
CA THR N 240 -34.54 3.97 24.90
C THR N 240 -34.83 4.18 23.41
N ILE N 241 -35.84 4.99 23.09
CA ILE N 241 -36.23 5.18 21.71
C ILE N 241 -35.14 5.92 20.93
N ALA N 242 -34.51 6.92 21.57
CA ALA N 242 -33.40 7.61 20.92
C ALA N 242 -32.25 6.65 20.66
N ARG N 243 -31.98 5.75 21.60
CA ARG N 243 -30.96 4.73 21.38
C ARG N 243 -31.33 3.83 20.21
N LYS N 244 -32.63 3.55 20.03
CA LYS N 244 -33.05 2.75 18.88
C LYS N 244 -32.73 3.44 17.57
N HIS N 245 -32.96 4.76 17.49
CA HIS N 245 -32.73 5.51 16.26
C HIS N 245 -31.27 5.90 16.06
N GLY N 246 -30.35 5.31 16.81
CA GLY N 246 -28.95 5.69 16.72
C GLY N 246 -28.70 7.12 17.17
N LEU N 247 -29.35 7.54 18.25
CA LEU N 247 -29.23 8.89 18.77
C LEU N 247 -29.05 8.83 20.28
N HIS N 248 -28.52 9.90 20.85
CA HIS N 248 -28.37 10.04 22.28
C HIS N 248 -29.31 11.14 22.77
N ALA N 249 -30.18 10.80 23.72
CA ALA N 249 -31.09 11.75 24.32
C ALA N 249 -30.59 12.10 25.72
N THR N 250 -30.42 13.39 25.98
CA THR N 250 -29.94 13.85 27.27
C THR N 250 -30.87 14.92 27.81
N PHE N 251 -31.13 14.86 29.12
CA PHE N 251 -31.86 15.91 29.82
C PHE N 251 -30.91 16.82 30.59
N MET N 252 -29.68 16.93 30.13
CA MET N 252 -28.69 17.81 30.74
C MET N 252 -29.18 19.25 30.66
N PRO N 253 -29.13 20.02 31.75
CA PRO N 253 -29.67 21.39 31.71
C PRO N 253 -29.01 22.29 30.68
N LYS N 254 -27.71 22.16 30.47
CA LYS N 254 -26.99 23.00 29.51
C LYS N 254 -25.82 22.21 28.93
N PRO N 255 -26.09 21.38 27.91
CA PRO N 255 -24.99 20.60 27.32
C PRO N 255 -23.99 21.43 26.53
N LEU N 256 -24.41 22.57 25.98
CA LEU N 256 -23.54 23.38 25.14
C LEU N 256 -23.58 24.85 25.56
N PHE N 257 -22.43 25.51 25.43
CA PHE N 257 -22.33 26.93 25.73
C PHE N 257 -22.78 27.75 24.53
N GLY N 258 -23.39 28.91 24.82
CA GLY N 258 -23.88 29.78 23.77
C GLY N 258 -25.14 29.30 23.09
N VAL N 259 -25.79 28.29 23.63
CA VAL N 259 -26.99 27.69 23.05
C VAL N 259 -28.03 27.56 24.16
N ASN N 260 -29.30 27.66 23.79
CA ASN N 260 -30.38 27.60 24.76
C ASN N 260 -30.31 26.33 25.58
N GLY N 261 -30.56 26.45 26.88
CA GLY N 261 -30.57 25.31 27.78
C GLY N 261 -31.89 24.58 27.74
N SER N 262 -31.95 23.51 28.54
CA SER N 262 -33.14 22.66 28.64
C SER N 262 -33.81 22.88 29.97
N GLY N 263 -35.09 23.27 29.94
CA GLY N 263 -35.88 23.46 31.14
C GLY N 263 -36.99 22.42 31.26
N MET N 264 -37.61 22.41 32.43
CA MET N 264 -38.73 21.52 32.75
C MET N 264 -39.83 22.33 33.44
N HIS N 265 -40.22 23.43 32.79
CA HIS N 265 -41.28 24.31 33.29
C HIS N 265 -42.43 23.51 33.88
N CYS N 266 -42.81 23.84 35.11
CA CYS N 266 -43.81 23.11 35.87
C CYS N 266 -45.06 23.98 36.01
N ASN N 267 -46.18 23.50 35.47
CA ASN N 267 -47.46 24.19 35.57
C ASN N 267 -48.22 23.59 36.76
N LEU N 268 -48.41 24.40 37.80
CA LEU N 268 -49.01 23.96 39.05
C LEU N 268 -50.40 24.53 39.18
N SER N 269 -51.36 23.67 39.53
CA SER N 269 -52.73 24.08 39.77
C SER N 269 -53.25 23.39 41.01
N LEU N 270 -53.86 24.15 41.92
CA LEU N 270 -54.37 23.64 43.18
C LEU N 270 -55.89 23.56 43.10
N PHE N 271 -56.44 22.43 43.53
CA PHE N 271 -57.87 22.18 43.46
C PHE N 271 -58.46 22.05 44.86
N LYS N 272 -59.65 22.61 45.04
CA LYS N 272 -60.40 22.50 46.29
C LYS N 272 -61.81 22.04 45.96
N ASN N 273 -62.21 20.91 46.54
CA ASN N 273 -63.53 20.32 46.29
C ASN N 273 -63.77 20.06 44.81
N GLY N 274 -62.71 19.71 44.08
CA GLY N 274 -62.83 19.37 42.68
C GLY N 274 -62.85 20.54 41.73
N VAL N 275 -62.71 21.78 42.23
CA VAL N 275 -62.69 22.96 41.37
C VAL N 275 -61.37 23.68 41.56
N ASN N 276 -60.98 24.44 40.54
CA ASN N 276 -59.72 25.16 40.58
C ASN N 276 -59.78 26.26 41.63
N ALA N 277 -58.81 26.26 42.56
CA ALA N 277 -58.77 27.24 43.62
C ALA N 277 -57.99 28.49 43.25
N PHE N 278 -57.34 28.52 42.09
CA PHE N 278 -56.58 29.68 41.65
C PHE N 278 -57.41 30.67 40.86
N PHE N 279 -58.65 30.33 40.51
CA PHE N 279 -59.47 31.12 39.60
C PHE N 279 -60.52 31.91 40.38
N ASP N 280 -60.64 33.19 40.05
CA ASP N 280 -61.68 34.05 40.64
C ASP N 280 -62.06 35.07 39.58
N GLU N 281 -63.25 34.92 39.01
CA GLU N 281 -63.66 35.75 37.88
C GLU N 281 -63.85 37.21 38.24
N ASN N 282 -64.06 37.53 39.51
CA ASN N 282 -64.36 38.89 39.93
C ASN N 282 -63.15 39.65 40.45
N ALA N 283 -61.97 39.05 40.40
CA ALA N 283 -60.75 39.69 40.88
C ALA N 283 -59.86 40.09 39.71
N ASP N 284 -58.90 40.97 39.99
CA ASP N 284 -57.97 41.39 38.95
C ASP N 284 -57.11 40.22 38.49
N LEU N 285 -56.76 40.23 37.20
CA LEU N 285 -56.07 39.15 36.52
C LEU N 285 -56.83 37.83 36.59
N GLN N 286 -58.09 37.86 37.04
CA GLN N 286 -58.92 36.66 37.19
C GLN N 286 -58.24 35.64 38.10
N LEU N 287 -57.60 36.13 39.15
CA LEU N 287 -56.82 35.29 40.06
C LEU N 287 -57.40 35.38 41.46
N SER N 288 -57.51 34.24 42.14
CA SER N 288 -58.04 34.19 43.48
C SER N 288 -56.97 34.62 44.50
N GLU N 289 -57.43 34.87 45.73
CA GLU N 289 -56.50 35.19 46.81
C GLU N 289 -55.59 34.01 47.13
N THR N 290 -56.11 32.79 46.99
CA THR N 290 -55.28 31.61 47.21
C THR N 290 -54.13 31.57 46.21
N ALA N 291 -54.39 31.95 44.96
CA ALA N 291 -53.34 32.00 43.95
C ALA N 291 -52.27 33.03 44.33
N LYS N 292 -52.69 34.19 44.82
CA LYS N 292 -51.73 35.20 45.23
C LYS N 292 -50.89 34.73 46.41
N HIS N 293 -51.51 34.06 47.37
CA HIS N 293 -50.77 33.50 48.49
C HIS N 293 -49.77 32.45 48.02
N PHE N 294 -50.18 31.59 47.08
CA PHE N 294 -49.29 30.59 46.52
C PHE N 294 -48.09 31.24 45.83
N ILE N 295 -48.35 32.29 45.05
CA ILE N 295 -47.27 32.99 44.36
C ILE N 295 -46.33 33.64 45.36
N ALA N 296 -46.88 34.24 46.42
CA ALA N 296 -46.04 34.83 47.47
C ALA N 296 -45.17 33.78 48.14
N GLY N 297 -45.75 32.61 48.44
CA GLY N 297 -44.97 31.55 49.04
C GLY N 297 -43.86 31.06 48.16
N ILE N 298 -44.13 30.92 46.85
CA ILE N 298 -43.08 30.49 45.93
C ILE N 298 -41.99 31.56 45.83
N VAL N 299 -42.39 32.84 45.80
CA VAL N 299 -41.42 33.92 45.69
C VAL N 299 -40.53 33.97 46.93
N LYS N 300 -41.11 33.79 48.11
CA LYS N 300 -40.34 33.90 49.35
C LYS N 300 -39.23 32.87 49.43
N HIS N 301 -39.52 31.62 49.03
CA HIS N 301 -38.59 30.52 49.16
C HIS N 301 -37.85 30.20 47.87
N ALA N 302 -37.97 31.05 46.86
CA ALA N 302 -37.43 30.72 45.54
C ALA N 302 -35.92 30.49 45.57
N THR N 303 -35.20 31.37 46.28
CA THR N 303 -33.75 31.19 46.39
C THR N 303 -33.38 29.99 47.23
N SER N 304 -34.31 29.46 48.02
CA SER N 304 -34.00 28.37 48.94
C SER N 304 -34.16 27.00 48.32
N PHE N 305 -35.21 26.77 47.53
CA PHE N 305 -35.41 25.47 46.91
C PHE N 305 -34.72 25.33 45.56
N THR N 306 -33.97 26.35 45.14
CA THR N 306 -33.23 26.24 43.88
C THR N 306 -32.25 25.09 43.90
N ALA N 307 -31.66 24.80 45.07
CA ALA N 307 -30.75 23.66 45.19
C ALA N 307 -31.45 22.35 44.87
N VAL N 308 -32.75 22.24 45.19
CA VAL N 308 -33.48 21.03 44.90
C VAL N 308 -33.97 21.01 43.46
N THR N 309 -34.54 22.12 42.99
CA THR N 309 -35.02 22.19 41.61
C THR N 309 -33.89 22.27 40.60
N ASN N 310 -32.70 22.71 41.01
CA ASN N 310 -31.52 22.75 40.16
C ASN N 310 -30.38 22.08 40.91
N PRO N 311 -30.36 20.75 40.93
CA PRO N 311 -29.45 20.03 41.84
C PRO N 311 -28.07 19.74 41.30
N THR N 312 -27.76 20.08 40.04
CA THR N 312 -26.48 19.76 39.46
C THR N 312 -25.63 21.02 39.31
N VAL N 313 -24.33 20.81 39.14
CA VAL N 313 -23.41 21.92 38.87
C VAL N 313 -23.76 22.58 37.54
N ASN N 314 -24.05 21.75 36.52
CA ASN N 314 -24.38 22.28 35.20
C ASN N 314 -25.70 23.03 35.19
N SER N 315 -26.56 22.82 36.19
CA SER N 315 -27.86 23.49 36.21
C SER N 315 -27.72 25.01 36.26
N TYR N 316 -26.63 25.50 36.84
CA TYR N 316 -26.44 26.93 37.02
C TYR N 316 -25.71 27.59 35.86
N LYS N 317 -25.20 26.80 34.91
CA LYS N 317 -24.78 27.35 33.62
C LYS N 317 -25.96 27.68 32.73
N ARG N 318 -27.11 27.03 32.95
CA ARG N 318 -28.33 27.41 32.25
C ARG N 318 -28.91 28.71 32.81
N LEU N 319 -28.81 28.90 34.12
CA LEU N 319 -29.36 30.09 34.77
C LEU N 319 -28.46 31.31 34.53
N VAL N 320 -28.31 31.64 33.25
CA VAL N 320 -27.53 32.80 32.82
C VAL N 320 -28.42 33.65 31.91
N PRO N 321 -28.25 34.96 31.87
CA PRO N 321 -29.14 35.79 31.07
C PRO N 321 -28.95 35.57 29.58
N GLY N 322 -30.04 35.81 28.83
CA GLY N 322 -30.00 35.79 27.38
C GLY N 322 -30.46 34.51 26.72
N TYR N 323 -30.98 33.55 27.47
CA TYR N 323 -31.41 32.28 26.90
C TYR N 323 -32.79 31.87 27.41
N GLU N 324 -33.60 32.84 27.82
CA GLU N 324 -34.98 32.66 28.27
C GLU N 324 -35.07 31.93 29.60
N ALA N 325 -33.95 31.48 30.17
CA ALA N 325 -33.99 30.86 31.48
C ALA N 325 -34.10 31.94 32.56
N PRO N 326 -34.82 31.68 33.65
CA PRO N 326 -34.95 32.69 34.70
C PRO N 326 -33.64 32.92 35.42
N CYS N 327 -33.45 34.15 35.88
CA CYS N 327 -32.28 34.52 36.68
C CYS N 327 -32.64 35.36 37.90
N TYR N 328 -33.86 35.86 38.00
CA TYR N 328 -34.28 36.69 39.11
C TYR N 328 -35.61 36.20 39.64
N VAL N 329 -35.90 36.53 40.88
CA VAL N 329 -37.11 36.08 41.56
C VAL N 329 -38.19 37.13 41.30
N ALA N 330 -39.08 36.83 40.35
CA ALA N 330 -40.20 37.71 40.04
C ALA N 330 -41.26 36.90 39.33
N TRP N 331 -42.49 37.43 39.33
CA TRP N 331 -43.61 36.80 38.65
C TRP N 331 -44.27 37.80 37.73
N SER N 332 -44.81 37.29 36.62
CA SER N 332 -45.38 38.16 35.58
C SER N 332 -46.33 37.35 34.74
N ALA N 333 -47.16 38.07 33.97
CA ALA N 333 -48.01 37.46 32.96
C ALA N 333 -47.39 37.46 31.58
N GLN N 334 -46.49 38.40 31.29
CA GLN N 334 -45.82 38.46 30.00
C GLN N 334 -44.50 39.20 30.21
N ASN N 335 -43.39 38.47 30.17
CA ASN N 335 -42.08 39.06 30.38
C ASN N 335 -41.03 38.14 29.78
N ARG N 336 -39.82 38.68 29.60
CA ARG N 336 -38.69 37.91 29.11
C ARG N 336 -38.09 37.13 30.27
N SER N 337 -38.25 35.81 30.23
CA SER N 337 -37.70 34.88 31.22
C SER N 337 -38.09 35.24 32.65
N PRO N 338 -39.36 35.21 33.01
CA PRO N 338 -39.73 35.37 34.42
C PRO N 338 -39.62 34.06 35.18
N LEU N 339 -39.37 34.19 36.48
CA LEU N 339 -39.31 33.00 37.32
C LEU N 339 -40.67 32.30 37.39
N ILE N 340 -41.74 33.09 37.56
CA ILE N 340 -43.10 32.57 37.61
C ILE N 340 -43.91 33.24 36.52
N ARG N 341 -44.54 32.43 35.67
CA ARG N 341 -45.37 32.93 34.60
C ARG N 341 -46.79 32.38 34.75
N ILE N 342 -47.77 33.23 34.51
CA ILE N 342 -49.18 32.85 34.61
C ILE N 342 -49.76 32.83 33.19
N PRO N 343 -50.12 31.67 32.66
CA PRO N 343 -50.66 31.60 31.30
C PRO N 343 -51.99 32.35 31.19
N ALA N 344 -52.29 32.77 29.96
CA ALA N 344 -53.49 33.56 29.72
C ALA N 344 -54.76 32.78 29.99
N SER N 345 -54.74 31.47 29.79
CA SER N 345 -55.94 30.66 29.99
C SER N 345 -56.37 30.72 31.45
N ARG N 346 -57.69 30.75 31.66
CA ARG N 346 -58.26 30.87 32.99
C ARG N 346 -59.35 29.82 33.17
N GLY N 347 -60.07 29.93 34.26
CA GLY N 347 -61.14 28.97 34.58
C GLY N 347 -60.58 27.70 35.19
N ILE N 348 -60.91 26.56 34.60
CA ILE N 348 -60.40 25.29 35.08
C ILE N 348 -58.89 25.20 34.85
N SER N 349 -58.38 25.81 33.78
CA SER N 349 -56.99 25.70 33.41
C SER N 349 -56.12 26.80 34.02
N THR N 350 -56.61 27.47 35.06
CA THR N 350 -55.79 28.47 35.74
C THR N 350 -54.64 27.79 36.48
N ARG N 351 -53.42 28.27 36.25
CA ARG N 351 -52.25 27.63 36.82
C ARG N 351 -51.12 28.65 36.94
N VAL N 352 -50.13 28.28 37.73
CA VAL N 352 -48.90 29.06 37.89
C VAL N 352 -47.73 28.22 37.40
N GLU N 353 -46.91 28.79 36.53
CA GLU N 353 -45.80 28.08 35.91
C GLU N 353 -44.49 28.51 36.56
N VAL N 354 -43.75 27.53 37.08
CA VAL N 354 -42.41 27.76 37.61
C VAL N 354 -41.42 27.29 36.57
N ARG N 355 -40.60 28.21 36.07
CA ARG N 355 -39.75 27.94 34.91
C ARG N 355 -38.29 27.69 35.29
N SER N 356 -37.94 27.74 36.57
CA SER N 356 -36.57 27.50 36.97
C SER N 356 -36.21 26.02 37.01
N VAL N 357 -37.21 25.13 37.09
CA VAL N 357 -36.94 23.71 37.19
C VAL N 357 -36.31 23.20 35.89
N ASP N 358 -35.28 22.37 36.04
CA ASP N 358 -34.61 21.73 34.92
C ASP N 358 -34.90 20.22 34.94
N PRO N 359 -34.82 19.55 33.80
CA PRO N 359 -35.17 18.12 33.77
C PRO N 359 -34.26 17.23 34.61
N ALA N 360 -33.09 17.71 35.02
CA ALA N 360 -32.21 16.91 35.86
C ALA N 360 -32.69 16.82 37.30
N ALA N 361 -33.65 17.65 37.70
CA ALA N 361 -34.14 17.63 39.07
C ALA N 361 -34.93 16.34 39.35
N ASN N 362 -34.90 15.92 40.61
CA ASN N 362 -35.73 14.81 41.04
C ASN N 362 -37.18 15.28 41.07
N PRO N 363 -38.08 14.68 40.29
CA PRO N 363 -39.47 15.20 40.24
C PRO N 363 -40.16 15.21 41.59
N TYR N 364 -39.98 14.16 42.39
CA TYR N 364 -40.67 14.08 43.67
C TYR N 364 -40.18 15.17 44.62
N LEU N 365 -38.85 15.34 44.72
CA LEU N 365 -38.30 16.35 45.62
C LEU N 365 -38.66 17.76 45.16
N ALA N 366 -38.58 18.02 43.85
CA ALA N 366 -38.93 19.34 43.34
C ALA N 366 -40.40 19.65 43.60
N LEU N 367 -41.28 18.68 43.34
CA LEU N 367 -42.69 18.90 43.61
C LEU N 367 -42.94 19.10 45.09
N SER N 368 -42.22 18.36 45.93
CA SER N 368 -42.38 18.50 47.38
C SER N 368 -42.01 19.91 47.84
N VAL N 369 -40.86 20.41 47.38
CA VAL N 369 -40.43 21.73 47.84
C VAL N 369 -41.33 22.83 47.27
N LEU N 370 -41.77 22.68 46.01
CA LEU N 370 -42.66 23.67 45.42
C LEU N 370 -43.99 23.71 46.18
N LEU N 371 -44.57 22.53 46.45
CA LEU N 371 -45.83 22.48 47.18
C LEU N 371 -45.67 23.00 48.61
N ALA N 372 -44.54 22.70 49.25
CA ALA N 372 -44.31 23.21 50.60
C ALA N 372 -44.22 24.73 50.62
N ALA N 373 -43.52 25.31 49.64
CA ALA N 373 -43.45 26.77 49.56
C ALA N 373 -44.82 27.37 49.31
N GLY N 374 -45.58 26.78 48.38
CA GLY N 374 -46.91 27.29 48.10
C GLY N 374 -47.84 27.23 49.31
N LEU N 375 -47.78 26.11 50.05
CA LEU N 375 -48.61 25.98 51.24
C LEU N 375 -48.15 26.94 52.34
N ASP N 376 -46.85 27.17 52.44
CA ASP N 376 -46.35 28.15 53.40
C ASP N 376 -46.89 29.54 53.07
N GLY N 377 -46.95 29.88 51.78
CA GLY N 377 -47.57 31.14 51.41
C GLY N 377 -49.05 31.18 51.73
N ILE N 378 -49.75 30.06 51.53
CA ILE N 378 -51.18 30.00 51.80
C ILE N 378 -51.45 30.04 53.30
N LYS N 379 -50.67 29.27 54.07
CA LYS N 379 -50.93 29.14 55.50
C LYS N 379 -50.73 30.46 56.24
N ASN N 380 -49.72 31.25 55.86
CA ASN N 380 -49.43 32.51 56.51
C ASN N 380 -50.05 33.70 55.81
N LYS N 381 -50.77 33.48 54.71
CA LYS N 381 -51.41 34.55 53.94
C LYS N 381 -50.41 35.66 53.57
N LEU N 382 -49.27 35.24 53.03
CA LEU N 382 -48.26 36.19 52.62
C LEU N 382 -48.77 37.03 51.45
N GLU N 383 -48.27 38.25 51.36
CA GLU N 383 -48.68 39.19 50.32
C GLU N 383 -47.75 39.09 49.13
N ALA N 384 -48.30 38.78 47.97
CA ALA N 384 -47.49 38.66 46.76
C ALA N 384 -46.98 40.03 46.33
N PRO N 385 -45.77 40.11 45.79
CA PRO N 385 -45.27 41.40 45.28
C PRO N 385 -45.93 41.76 43.97
N ALA N 386 -45.69 43.00 43.55
CA ALA N 386 -46.26 43.48 42.30
C ALA N 386 -45.63 42.75 41.12
N PRO N 387 -46.40 42.41 40.08
CA PRO N 387 -45.82 41.75 38.91
C PRO N 387 -44.87 42.68 38.17
N ILE N 388 -43.88 42.08 37.52
CA ILE N 388 -42.84 42.81 36.81
C ILE N 388 -43.14 42.78 35.33
N ASP N 389 -43.27 43.97 34.71
CA ASP N 389 -43.52 44.06 33.28
C ASP N 389 -42.67 45.13 32.63
N ARG N 390 -41.44 45.35 33.10
CA ARG N 390 -40.63 46.49 32.68
C ARG N 390 -39.27 46.06 32.13
N ASN N 391 -39.07 44.75 31.93
CA ASN N 391 -37.81 44.21 31.42
C ASN N 391 -36.65 44.55 32.35
N ILE N 392 -36.70 43.95 33.54
CA ILE N 392 -35.70 44.12 34.60
C ILE N 392 -34.28 43.88 34.08
N TYR N 393 -34.16 43.19 32.93
CA TYR N 393 -32.83 43.00 32.34
C TYR N 393 -32.19 44.33 31.95
N VAL N 394 -33.01 45.33 31.60
CA VAL N 394 -32.47 46.64 31.25
C VAL N 394 -31.84 47.30 32.46
N MET N 395 -32.55 47.31 33.58
CA MET N 395 -32.05 47.97 34.78
C MET N 395 -30.91 47.15 35.41
N SER N 396 -30.02 47.85 36.09
CA SER N 396 -28.84 47.20 36.66
C SER N 396 -29.22 46.37 37.88
N LYS N 397 -28.29 45.51 38.29
CA LYS N 397 -28.50 44.67 39.47
C LYS N 397 -28.70 45.53 40.72
N GLU N 398 -27.85 46.54 40.90
CA GLU N 398 -28.06 47.50 41.98
C GLU N 398 -29.30 48.35 41.72
N GLU N 399 -29.59 48.63 40.46
CA GLU N 399 -30.78 49.41 40.11
C GLU N 399 -32.07 48.64 40.32
N ARG N 400 -32.01 47.33 40.58
CA ARG N 400 -33.19 46.52 40.85
C ARG N 400 -33.16 45.88 42.22
N MET N 401 -32.04 45.92 42.95
CA MET N 401 -31.99 45.34 44.28
C MET N 401 -32.89 46.07 45.26
N GLU N 402 -33.02 47.40 45.11
CA GLU N 402 -33.90 48.16 45.99
C GLU N 402 -35.36 47.77 45.83
N ASN N 403 -35.73 47.18 44.70
CA ASN N 403 -37.07 46.62 44.53
C ASN N 403 -37.13 45.25 45.17
N GLY N 404 -38.21 44.52 44.92
CA GLY N 404 -38.35 43.18 45.46
C GLY N 404 -37.65 42.10 44.68
N ILE N 405 -36.94 42.45 43.62
CA ILE N 405 -36.31 41.48 42.73
C ILE N 405 -34.94 41.11 43.31
N VAL N 406 -34.74 39.82 43.57
CA VAL N 406 -33.45 39.31 44.03
C VAL N 406 -32.97 38.27 43.02
N ASP N 407 -31.67 38.03 43.05
CA ASP N 407 -31.04 37.10 42.11
C ASP N 407 -31.08 35.68 42.64
N LEU N 408 -31.22 34.73 41.71
CA LEU N 408 -31.09 33.33 42.05
C LEU N 408 -29.63 33.00 42.36
N PRO N 409 -29.38 31.93 43.12
CA PRO N 409 -27.99 31.55 43.40
C PRO N 409 -27.21 31.31 42.13
N ALA N 410 -25.95 31.75 42.12
CA ALA N 410 -25.12 31.68 40.92
C ALA N 410 -24.42 30.34 40.74
N THR N 411 -24.19 29.61 41.83
CA THR N 411 -23.52 28.31 41.78
C THR N 411 -24.27 27.33 42.66
N LEU N 412 -23.90 26.05 42.52
CA LEU N 412 -24.52 25.02 43.34
C LEU N 412 -24.17 25.19 44.82
N ALA N 413 -22.95 25.64 45.10
CA ALA N 413 -22.56 25.86 46.49
C ALA N 413 -23.38 26.97 47.14
N GLU N 414 -23.61 28.06 46.42
CA GLU N 414 -24.43 29.15 46.95
C GLU N 414 -25.85 28.69 47.20
N ALA N 415 -26.41 27.90 46.27
CA ALA N 415 -27.76 27.38 46.45
C ALA N 415 -27.83 26.43 47.64
N LEU N 416 -26.79 25.62 47.84
CA LEU N 416 -26.74 24.75 49.00
C LEU N 416 -26.70 25.55 50.29
N GLU N 417 -25.91 26.63 50.30
CA GLU N 417 -25.87 27.49 51.47
C GLU N 417 -27.23 28.11 51.76
N GLU N 418 -27.92 28.57 50.72
CA GLU N 418 -29.24 29.15 50.90
C GLU N 418 -30.25 28.12 51.37
N PHE N 419 -30.17 26.90 50.84
CA PHE N 419 -31.13 25.85 51.18
C PHE N 419 -30.97 25.41 52.64
N LYS N 420 -29.73 25.37 53.13
CA LYS N 420 -29.50 24.95 54.51
C LYS N 420 -30.13 25.92 55.50
N SER N 421 -30.08 27.21 55.19
CA SER N 421 -30.54 28.21 56.15
C SER N 421 -32.07 28.27 56.23
N ASN N 422 -32.77 27.88 55.18
CA ASN N 422 -34.22 27.99 55.17
C ASN N 422 -34.83 26.87 56.00
N GLU N 423 -35.57 27.26 57.05
CA GLU N 423 -36.10 26.27 57.98
C GLU N 423 -37.28 25.53 57.38
N VAL N 424 -38.15 26.25 56.66
CA VAL N 424 -39.34 25.63 56.09
C VAL N 424 -38.97 24.58 55.05
N MET N 425 -37.99 24.91 54.19
CA MET N 425 -37.57 23.95 53.16
C MET N 425 -36.91 22.71 53.74
N VAL N 426 -36.37 22.80 54.96
CA VAL N 426 -35.78 21.62 55.59
C VAL N 426 -36.86 20.58 55.89
N LYS N 427 -37.98 21.02 56.48
CA LYS N 427 -39.08 20.09 56.73
C LYS N 427 -39.77 19.63 55.45
N ALA N 428 -39.54 20.32 54.33
CA ALA N 428 -40.22 19.96 53.09
C ALA N 428 -39.83 18.56 52.64
N LEU N 429 -38.65 18.08 53.04
CA LEU N 429 -38.22 16.73 52.69
C LEU N 429 -37.70 15.91 53.86
N GLY N 430 -37.72 16.44 55.08
CA GLY N 430 -37.36 15.65 56.24
C GLY N 430 -35.85 15.60 56.48
N GLU N 431 -35.50 15.18 57.70
CA GLU N 431 -34.11 15.22 58.12
C GLU N 431 -33.24 14.20 57.36
N HIS N 432 -33.78 13.01 57.11
CA HIS N 432 -32.99 11.99 56.42
C HIS N 432 -32.63 12.44 55.01
N LEU N 433 -33.64 12.86 54.25
CA LEU N 433 -33.41 13.35 52.89
C LEU N 433 -32.51 14.59 52.94
N PHE N 434 -32.72 15.47 53.91
CA PHE N 434 -31.92 16.69 53.99
C PHE N 434 -30.44 16.37 54.15
N GLU N 435 -30.11 15.56 55.16
CA GLU N 435 -28.70 15.24 55.40
C GLU N 435 -28.08 14.52 54.20
N HIS N 436 -28.79 13.53 53.64
CA HIS N 436 -28.16 12.77 52.56
C HIS N 436 -28.01 13.61 51.30
N PHE N 437 -29.03 14.42 50.97
CA PHE N 437 -28.93 15.31 49.82
C PHE N 437 -27.81 16.32 49.99
N ILE N 438 -27.70 16.92 51.19
CA ILE N 438 -26.65 17.90 51.42
C ILE N 438 -25.28 17.27 51.31
N GLU N 439 -25.11 16.08 51.88
CA GLU N 439 -23.81 15.39 51.79
C GLU N 439 -23.45 15.09 50.34
N ALA N 440 -24.39 14.53 49.58
CA ALA N 440 -24.11 14.19 48.20
C ALA N 440 -23.78 15.42 47.37
N LYS N 441 -24.55 16.50 47.55
CA LYS N 441 -24.31 17.71 46.76
C LYS N 441 -23.02 18.40 47.17
N GLU N 442 -22.66 18.37 48.45
CA GLU N 442 -21.40 18.94 48.88
C GLU N 442 -20.23 18.16 48.28
N ILE N 443 -20.31 16.83 48.26
CA ILE N 443 -19.28 16.04 47.61
C ILE N 443 -19.20 16.38 46.13
N GLU N 444 -20.36 16.51 45.48
CA GLU N 444 -20.39 16.85 44.05
C GLU N 444 -19.72 18.19 43.79
N TRP N 445 -20.01 19.19 44.61
CA TRP N 445 -19.41 20.51 44.42
C TRP N 445 -17.91 20.47 44.70
N ASP N 446 -17.49 19.75 45.74
CA ASP N 446 -16.08 19.67 46.06
C ASP N 446 -15.29 19.01 44.94
N MET N 447 -15.87 17.99 44.31
CA MET N 447 -15.19 17.36 43.17
C MET N 447 -15.04 18.33 42.01
N PHE N 448 -16.04 19.18 41.78
CA PHE N 448 -16.00 20.08 40.64
C PHE N 448 -15.03 21.23 40.87
N ARG N 449 -15.02 21.79 42.09
CA ARG N 449 -14.25 23.01 42.34
C ARG N 449 -12.74 22.77 42.34
N THR N 450 -12.29 21.55 42.60
CA THR N 450 -10.87 21.25 42.62
C THR N 450 -10.32 20.80 41.28
N GLN N 451 -11.19 20.62 40.28
CA GLN N 451 -10.73 20.19 38.97
C GLN N 451 -10.06 21.32 38.22
N VAL N 452 -9.17 20.96 37.30
CA VAL N 452 -8.51 21.91 36.41
C VAL N 452 -9.06 21.65 35.01
N HIS N 453 -9.91 22.55 34.53
CA HIS N 453 -10.60 22.36 33.28
C HIS N 453 -9.72 22.79 32.10
N PRO N 454 -9.95 22.22 30.92
CA PRO N 454 -9.14 22.62 29.75
C PRO N 454 -9.24 24.08 29.41
N TRP N 455 -10.34 24.75 29.79
CA TRP N 455 -10.44 26.19 29.57
C TRP N 455 -9.33 26.94 30.30
N GLU N 456 -9.03 26.51 31.53
CA GLU N 456 -7.97 27.15 32.30
C GLU N 456 -6.61 26.99 31.62
N ARG N 457 -6.33 25.82 31.07
CA ARG N 457 -5.07 25.62 30.35
C ARG N 457 -5.04 26.45 29.08
N GLU N 458 -6.15 26.53 28.35
CA GLU N 458 -6.20 27.38 27.16
C GLU N 458 -6.03 28.85 27.51
N GLN N 459 -6.39 29.25 28.72
CA GLN N 459 -6.32 30.66 29.10
C GLN N 459 -5.01 31.05 29.78
N TYR N 460 -4.32 30.11 30.42
CA TYR N 460 -3.18 30.45 31.27
C TYR N 460 -1.90 29.69 30.98
N MET N 461 -1.96 28.53 30.32
CA MET N 461 -0.75 27.73 30.14
C MET N 461 0.29 28.47 29.31
N SER N 462 -0.13 29.16 28.25
CA SER N 462 0.80 29.91 27.42
C SER N 462 0.94 31.37 27.86
N GLN N 463 -0.14 31.97 28.38
CA GLN N 463 -0.07 33.35 28.81
C GLN N 463 0.86 33.51 30.01
N TYR N 464 0.83 32.56 30.94
CA TYR N 464 1.69 32.60 32.11
C TYR N 464 2.72 31.48 32.08
N ALA O 22 -68.02 25.10 0.98
CA ALA O 22 -67.01 24.39 1.77
C ALA O 22 -66.69 23.04 1.16
N LYS O 23 -65.48 22.56 1.41
CA LYS O 23 -65.02 21.27 0.90
C LYS O 23 -65.04 20.17 1.93
N TYR O 24 -64.74 20.48 3.19
CA TYR O 24 -64.77 19.50 4.27
C TYR O 24 -65.56 20.05 5.44
N THR O 25 -66.19 19.15 6.18
CA THR O 25 -66.84 19.45 7.44
C THR O 25 -66.17 18.65 8.55
N ARG O 26 -66.58 18.90 9.79
CA ARG O 26 -65.99 18.20 10.93
C ARG O 26 -66.23 16.70 10.84
N GLU O 27 -67.45 16.29 10.48
CA GLU O 27 -67.75 14.88 10.37
C GLU O 27 -66.92 14.22 9.26
N ASP O 28 -66.76 14.92 8.14
CA ASP O 28 -65.93 14.40 7.06
C ASP O 28 -64.48 14.22 7.51
N ILE O 29 -63.95 15.19 8.24
CA ILE O 29 -62.56 15.10 8.72
C ILE O 29 -62.42 13.91 9.67
N GLU O 30 -63.35 13.78 10.63
CA GLU O 30 -63.27 12.69 11.58
C GLU O 30 -63.37 11.33 10.88
N LYS O 31 -64.32 11.20 9.95
CA LYS O 31 -64.45 9.95 9.22
C LYS O 31 -63.19 9.64 8.42
N LEU O 32 -62.64 10.66 7.74
CA LEU O 32 -61.46 10.45 6.90
C LEU O 32 -60.26 10.01 7.72
N VAL O 33 -59.99 10.67 8.84
CA VAL O 33 -58.90 10.22 9.68
C VAL O 33 -59.20 8.83 10.22
N LYS O 34 -60.48 8.51 10.42
CA LYS O 34 -60.84 7.19 10.91
C LYS O 34 -60.42 6.09 9.95
N GLU O 35 -60.81 6.19 8.67
CA GLU O 35 -60.42 5.08 7.80
C GLU O 35 -58.94 5.15 7.44
N GLU O 36 -58.42 6.35 7.15
CA GLU O 36 -57.02 6.46 6.75
C GLU O 36 -56.05 6.17 7.88
N ASN O 37 -56.53 6.09 9.12
CA ASN O 37 -55.69 5.73 10.27
C ASN O 37 -54.52 6.68 10.41
N VAL O 38 -54.84 7.94 10.64
CA VAL O 38 -53.82 8.96 10.89
C VAL O 38 -53.58 9.03 12.38
N LYS O 39 -52.30 9.17 12.76
CA LYS O 39 -51.91 9.26 14.16
C LYS O 39 -51.26 10.57 14.52
N TYR O 40 -50.75 11.31 13.54
CA TYR O 40 -50.04 12.57 13.77
C TYR O 40 -50.70 13.65 12.94
N ILE O 41 -50.93 14.80 13.56
CA ILE O 41 -51.57 15.94 12.90
C ILE O 41 -50.69 17.17 13.11
N ARG O 42 -50.28 17.80 12.00
CA ARG O 42 -49.48 19.01 12.04
C ARG O 42 -50.40 20.21 11.85
N LEU O 43 -50.42 21.11 12.84
CA LEU O 43 -51.19 22.33 12.77
C LEU O 43 -50.22 23.43 12.31
N GLN O 44 -50.07 23.56 11.00
CA GLN O 44 -49.00 24.39 10.45
C GLN O 44 -49.47 25.82 10.22
N PHE O 45 -48.50 26.73 10.23
CA PHE O 45 -48.75 28.15 10.03
C PHE O 45 -47.47 28.79 9.48
N THR O 46 -47.56 30.07 9.17
CA THR O 46 -46.47 30.81 8.52
C THR O 46 -46.06 31.99 9.38
N ASP O 47 -44.76 32.17 9.56
CA ASP O 47 -44.22 33.24 10.37
C ASP O 47 -43.90 34.46 9.48
N ILE O 48 -43.17 35.42 10.04
CA ILE O 48 -42.82 36.64 9.30
C ILE O 48 -41.95 36.31 8.10
N LEU O 49 -40.93 35.49 8.30
CA LEU O 49 -39.96 35.21 7.24
C LEU O 49 -40.50 34.26 6.18
N GLY O 50 -41.67 33.68 6.38
CA GLY O 50 -42.27 32.80 5.41
C GLY O 50 -41.97 31.33 5.58
N THR O 51 -41.07 30.97 6.50
CA THR O 51 -40.80 29.56 6.74
C THR O 51 -42.01 28.92 7.43
N ILE O 52 -42.26 27.65 7.08
CA ILE O 52 -43.43 26.95 7.58
C ILE O 52 -43.16 26.45 8.99
N LYS O 53 -44.03 26.83 9.92
CA LYS O 53 -43.94 26.39 11.31
C LYS O 53 -45.17 25.57 11.65
N ASN O 54 -45.06 24.75 12.68
CA ASN O 54 -46.22 23.98 13.13
C ASN O 54 -46.04 23.58 14.59
N VAL O 55 -47.17 23.23 15.21
CA VAL O 55 -47.19 22.50 16.47
C VAL O 55 -47.92 21.19 16.21
N GLU O 56 -47.37 20.10 16.72
CA GLU O 56 -47.84 18.76 16.39
C GLU O 56 -48.59 18.16 17.57
N ILE O 57 -49.70 17.48 17.27
CA ILE O 57 -50.52 16.85 18.29
C ILE O 57 -50.81 15.41 17.87
N PRO O 58 -51.06 14.50 18.80
CA PRO O 58 -51.55 13.17 18.44
C PRO O 58 -52.99 13.24 17.96
N VAL O 59 -53.42 12.19 17.27
CA VAL O 59 -54.77 12.13 16.75
C VAL O 59 -55.81 12.18 17.87
N SER O 60 -55.43 11.78 19.09
CA SER O 60 -56.34 11.86 20.23
C SER O 60 -56.71 13.30 20.59
N GLN O 61 -55.93 14.27 20.13
CA GLN O 61 -56.20 15.68 20.40
C GLN O 61 -56.91 16.36 19.25
N LEU O 62 -57.42 15.59 18.28
CA LEU O 62 -58.10 16.18 17.13
C LEU O 62 -59.37 16.92 17.56
N GLY O 63 -60.11 16.34 18.51
CA GLY O 63 -61.30 17.01 19.00
C GLY O 63 -61.00 18.35 19.64
N LYS O 64 -59.92 18.42 20.43
CA LYS O 64 -59.52 19.68 21.02
C LYS O 64 -59.04 20.67 19.97
N ALA O 65 -58.34 20.18 18.94
CA ALA O 65 -57.88 21.05 17.87
C ALA O 65 -59.04 21.66 17.11
N LEU O 66 -60.04 20.85 16.77
CA LEU O 66 -61.21 21.33 16.04
C LEU O 66 -62.09 22.24 16.88
N ASP O 67 -61.90 22.27 18.19
CA ASP O 67 -62.64 23.16 19.07
C ASP O 67 -61.96 24.51 19.24
N ASN O 68 -60.85 24.75 18.52
CA ASN O 68 -60.08 25.99 18.63
C ASN O 68 -59.60 26.21 20.07
N LYS O 69 -58.98 25.18 20.63
CA LYS O 69 -58.55 25.20 22.02
C LYS O 69 -57.07 24.92 22.20
N VAL O 70 -56.35 24.50 21.16
CA VAL O 70 -54.93 24.23 21.29
C VAL O 70 -54.17 25.54 21.41
N MET O 71 -53.33 25.66 22.43
CA MET O 71 -52.55 26.85 22.68
C MET O 71 -51.08 26.60 22.35
N PHE O 72 -50.39 27.69 22.02
CA PHE O 72 -48.98 27.63 21.67
C PHE O 72 -48.37 29.01 21.88
N ASP O 73 -47.04 29.07 21.75
CA ASP O 73 -46.32 30.32 21.88
C ASP O 73 -46.45 31.10 20.58
N GLY O 74 -47.26 32.15 20.58
CA GLY O 74 -47.45 32.95 19.39
C GLY O 74 -46.29 33.82 18.99
N SER O 75 -45.30 33.97 19.87
CA SER O 75 -44.10 34.73 19.54
C SER O 75 -43.22 34.05 18.50
N SER O 76 -43.44 32.75 18.24
CA SER O 76 -42.66 32.06 17.22
C SER O 76 -42.92 32.62 15.82
N ILE O 77 -44.01 33.37 15.65
CA ILE O 77 -44.26 34.03 14.37
C ILE O 77 -43.22 35.10 14.12
N GLU O 78 -42.76 35.78 15.17
CA GLU O 78 -41.78 36.85 15.00
C GLU O 78 -40.43 36.36 14.51
N GLY O 79 -40.17 35.05 14.59
CA GLY O 79 -38.90 34.53 14.13
C GLY O 79 -37.83 34.70 15.18
N PHE O 80 -36.66 35.18 14.76
CA PHE O 80 -35.52 35.31 15.66
C PHE O 80 -35.53 36.62 16.43
N VAL O 81 -36.53 37.48 16.23
CA VAL O 81 -36.62 38.73 16.97
C VAL O 81 -37.64 38.66 18.11
N ARG O 82 -38.16 37.47 18.41
CA ARG O 82 -39.10 37.31 19.51
C ARG O 82 -38.41 37.59 20.84
N ILE O 83 -39.12 38.24 21.74
CA ILE O 83 -38.54 38.64 23.02
C ILE O 83 -39.30 38.02 24.19
N GLU O 84 -40.60 37.78 24.02
CA GLU O 84 -41.44 37.36 25.12
C GLU O 84 -42.43 36.31 24.67
N GLU O 85 -42.62 35.29 25.50
CA GLU O 85 -43.63 34.27 25.23
C GLU O 85 -45.03 34.86 25.31
N SER O 86 -45.89 34.46 24.38
CA SER O 86 -47.26 34.95 24.33
C SER O 86 -48.18 33.81 23.90
N ASP O 87 -49.20 33.54 24.71
CA ASP O 87 -50.14 32.47 24.41
C ASP O 87 -51.09 32.88 23.30
N MET O 88 -51.28 31.99 22.33
CA MET O 88 -52.18 32.24 21.20
C MET O 88 -52.93 30.95 20.88
N TYR O 89 -54.09 31.11 20.25
CA TYR O 89 -54.89 29.99 19.83
C TYR O 89 -54.58 29.63 18.38
N LEU O 90 -55.03 28.44 17.97
CA LEU O 90 -54.59 27.80 16.73
C LEU O 90 -55.78 27.32 15.91
N TYR O 91 -56.74 28.23 15.67
CA TYR O 91 -57.95 27.95 14.90
C TYR O 91 -57.61 27.32 13.55
N PRO O 92 -57.91 26.05 13.34
CA PRO O 92 -57.58 25.42 12.06
C PRO O 92 -58.63 25.68 11.00
N ASP O 93 -58.20 25.54 9.74
CA ASP O 93 -59.08 25.69 8.58
C ASP O 93 -59.38 24.30 8.03
N LEU O 94 -60.67 23.96 7.97
CA LEU O 94 -61.06 22.61 7.57
C LEU O 94 -60.78 22.35 6.09
N ASN O 95 -60.93 23.36 5.24
CA ASN O 95 -60.75 23.16 3.81
C ASN O 95 -59.30 22.87 3.44
N THR O 96 -58.35 23.16 4.32
CA THR O 96 -56.94 22.94 4.05
C THR O 96 -56.47 21.54 4.46
N PHE O 97 -57.37 20.67 4.91
CA PHE O 97 -57.00 19.33 5.33
C PHE O 97 -56.37 18.56 4.17
N VAL O 98 -55.19 18.01 4.42
CA VAL O 98 -54.46 17.24 3.41
C VAL O 98 -53.77 16.07 4.11
N ILE O 99 -53.84 14.89 3.49
CA ILE O 99 -53.15 13.70 3.98
C ILE O 99 -51.83 13.59 3.22
N PHE O 100 -50.73 13.56 3.97
CA PHE O 100 -49.42 13.45 3.33
C PHE O 100 -49.21 12.04 2.79
N PRO O 101 -48.72 11.90 1.56
CA PRO O 101 -48.54 10.56 0.98
C PRO O 101 -47.43 9.76 1.62
N TRP O 102 -46.53 10.38 2.37
CA TRP O 102 -45.41 9.68 3.01
C TRP O 102 -45.86 9.20 4.38
N THR O 103 -46.16 7.91 4.49
CA THR O 103 -46.64 7.34 5.75
C THR O 103 -45.54 7.36 6.79
N ALA O 104 -45.92 7.71 8.03
CA ALA O 104 -44.98 7.76 9.14
C ALA O 104 -45.07 6.47 9.96
N GLU O 105 -44.58 5.39 9.36
CA GLU O 105 -44.55 4.07 9.99
C GLU O 105 -45.90 3.69 10.57
N LYS O 106 -46.06 3.83 11.89
CA LYS O 106 -47.29 3.48 12.58
C LYS O 106 -48.25 4.66 12.49
N GLY O 107 -48.98 4.75 11.39
CA GLY O 107 -49.97 5.78 11.19
C GLY O 107 -49.54 6.80 10.15
N LYS O 108 -50.54 7.50 9.61
CA LYS O 108 -50.31 8.53 8.61
C LYS O 108 -50.24 9.91 9.27
N VAL O 109 -49.86 10.91 8.47
CA VAL O 109 -49.74 12.28 8.92
C VAL O 109 -50.67 13.15 8.09
N ALA O 110 -51.44 14.00 8.76
CA ALA O 110 -52.32 14.96 8.13
C ALA O 110 -51.98 16.35 8.64
N ARG O 111 -52.35 17.36 7.86
CA ARG O 111 -52.01 18.73 8.18
C ARG O 111 -53.23 19.63 8.10
N PHE O 112 -53.23 20.67 8.93
CA PHE O 112 -54.18 21.77 8.86
C PHE O 112 -53.39 23.08 8.81
N ILE O 113 -53.84 24.00 7.96
CA ILE O 113 -53.32 25.35 7.96
C ILE O 113 -54.23 26.19 8.85
N CYS O 114 -53.65 26.79 9.88
CA CYS O 114 -54.44 27.39 10.95
C CYS O 114 -54.21 28.89 11.03
N ASP O 115 -55.24 29.59 11.50
CA ASP O 115 -55.15 31.01 11.81
C ASP O 115 -54.76 31.19 13.28
N ILE O 116 -54.15 32.32 13.57
CA ILE O 116 -53.68 32.64 14.92
C ILE O 116 -54.65 33.62 15.55
N TYR O 117 -55.12 33.29 16.75
CA TYR O 117 -56.11 34.10 17.45
C TYR O 117 -55.62 34.44 18.84
N ASN O 118 -55.96 35.65 19.29
CA ASN O 118 -55.66 36.06 20.65
C ASN O 118 -56.50 35.26 21.64
N PRO O 119 -56.08 35.19 22.91
CA PRO O 119 -56.86 34.44 23.90
C PRO O 119 -58.27 34.95 24.10
N ASP O 120 -58.58 36.19 23.72
CA ASP O 120 -59.91 36.75 23.87
C ASP O 120 -60.79 36.52 22.65
N GLY O 121 -60.32 35.75 21.67
CA GLY O 121 -61.08 35.46 20.47
C GLY O 121 -60.82 36.42 19.32
N THR O 122 -60.11 37.50 19.54
CA THR O 122 -59.76 38.41 18.46
C THR O 122 -58.64 37.81 17.61
N PRO O 123 -58.74 37.86 16.28
CA PRO O 123 -57.63 37.35 15.45
C PRO O 123 -56.35 38.11 15.72
N PHE O 124 -55.23 37.38 15.73
CA PHE O 124 -53.95 37.97 16.05
C PHE O 124 -53.48 38.88 14.92
N GLU O 125 -53.15 40.12 15.26
CA GLU O 125 -52.71 41.10 14.26
C GLU O 125 -51.32 40.79 13.72
N GLY O 126 -50.56 39.91 14.37
CA GLY O 126 -49.24 39.54 13.93
C GLY O 126 -49.18 38.32 13.05
N ASP O 127 -50.32 37.82 12.56
CA ASP O 127 -50.35 36.66 11.70
C ASP O 127 -50.44 37.10 10.25
N PRO O 128 -49.48 36.74 9.39
CA PRO O 128 -49.56 37.17 7.99
C PRO O 128 -50.84 36.72 7.28
N ARG O 129 -51.32 35.50 7.57
CA ARG O 129 -52.55 35.03 6.96
C ARG O 129 -53.75 35.86 7.40
N ASN O 130 -53.81 36.19 8.70
CA ASN O 130 -54.88 37.05 9.19
C ASN O 130 -54.77 38.45 8.59
N ASN O 131 -53.54 38.93 8.38
CA ASN O 131 -53.37 40.22 7.72
C ASN O 131 -53.87 40.19 6.29
N LEU O 132 -53.59 39.10 5.56
CA LEU O 132 -54.11 38.98 4.20
C LEU O 132 -55.64 38.92 4.20
N LYS O 133 -56.22 38.22 5.17
CA LYS O 133 -57.68 38.20 5.30
C LYS O 133 -58.23 39.59 5.58
N ARG O 134 -57.54 40.37 6.41
CA ARG O 134 -57.95 41.74 6.68
C ARG O 134 -57.91 42.60 5.42
N ILE O 135 -56.85 42.45 4.62
CA ILE O 135 -56.76 43.21 3.37
C ILE O 135 -57.86 42.78 2.41
N LEU O 136 -58.19 41.49 2.40
CA LEU O 136 -59.28 41.00 1.55
C LEU O 136 -60.63 41.55 2.01
N LYS O 137 -60.82 41.67 3.32
CA LYS O 137 -62.03 42.32 3.83
C LYS O 137 -62.09 43.77 3.41
N GLU O 138 -60.95 44.47 3.44
CA GLU O 138 -60.90 45.84 2.94
C GLU O 138 -61.27 45.89 1.46
N MET O 139 -60.79 44.93 0.68
CA MET O 139 -61.15 44.88 -0.74
C MET O 139 -62.64 44.66 -0.93
N GLU O 140 -63.23 43.76 -0.14
CA GLU O 140 -64.68 43.54 -0.20
C GLU O 140 -65.45 44.80 0.19
N ASP O 141 -64.88 45.61 1.07
CA ASP O 141 -65.50 46.88 1.42
C ASP O 141 -65.52 47.86 0.25
N LEU O 142 -64.72 47.61 -0.78
CA LEU O 142 -64.68 48.45 -1.97
C LEU O 142 -65.64 47.98 -3.06
N GLY O 143 -66.39 46.91 -2.82
CA GLY O 143 -67.36 46.42 -3.78
C GLY O 143 -66.91 45.19 -4.56
N PHE O 144 -65.64 44.82 -4.47
CA PHE O 144 -65.15 43.66 -5.21
C PHE O 144 -65.40 42.38 -4.40
N SER O 145 -65.39 41.25 -5.11
CA SER O 145 -65.75 39.97 -4.54
C SER O 145 -64.57 39.03 -4.36
N ASP O 146 -63.74 38.86 -5.38
CA ASP O 146 -62.64 37.92 -5.33
C ASP O 146 -61.35 38.58 -5.84
N PHE O 147 -60.23 38.06 -5.37
CA PHE O 147 -58.90 38.47 -5.82
C PHE O 147 -58.13 37.19 -6.14
N ASN O 148 -57.97 36.91 -7.43
CA ASN O 148 -57.35 35.67 -7.87
C ASN O 148 -55.86 35.87 -8.13
N LEU O 149 -55.08 34.85 -7.82
CA LEU O 149 -53.64 34.87 -8.01
C LEU O 149 -53.20 33.63 -8.78
N GLY O 150 -52.44 33.84 -9.85
CA GLY O 150 -51.79 32.74 -10.54
C GLY O 150 -50.29 32.86 -10.44
N PRO O 151 -49.67 31.97 -9.67
CA PRO O 151 -48.23 32.05 -9.44
C PRO O 151 -47.43 31.25 -10.46
N GLU O 152 -46.21 31.72 -10.71
CA GLU O 152 -45.26 31.06 -11.60
C GLU O 152 -43.94 30.89 -10.86
N PRO O 153 -43.89 30.00 -9.87
CA PRO O 153 -42.65 29.84 -9.09
C PRO O 153 -41.59 29.09 -9.89
N GLU O 154 -40.37 29.61 -9.85
CA GLU O 154 -39.22 28.97 -10.47
C GLU O 154 -38.25 28.50 -9.39
N PHE O 155 -37.58 27.38 -9.65
CA PHE O 155 -36.66 26.82 -8.67
C PHE O 155 -35.52 26.12 -9.40
N PHE O 156 -34.43 25.93 -8.68
CA PHE O 156 -33.25 25.24 -9.18
C PHE O 156 -33.12 23.88 -8.52
N LEU O 157 -32.53 22.93 -9.25
CA LEU O 157 -32.26 21.59 -8.73
C LEU O 157 -30.77 21.37 -8.70
N PHE O 158 -30.23 21.13 -7.51
CA PHE O 158 -28.80 20.90 -7.31
C PHE O 158 -28.57 19.48 -6.82
N LYS O 159 -27.51 18.86 -7.33
CA LYS O 159 -27.18 17.50 -6.93
C LYS O 159 -26.62 17.48 -5.51
N LEU O 160 -26.94 16.42 -4.77
CA LEU O 160 -26.39 16.20 -3.44
C LEU O 160 -25.12 15.36 -3.53
N ASP O 161 -24.24 15.55 -2.56
CA ASP O 161 -23.00 14.79 -2.49
C ASP O 161 -23.20 13.55 -1.62
N GLU O 162 -22.09 12.88 -1.26
CA GLU O 162 -22.19 11.67 -0.46
C GLU O 162 -22.77 11.94 0.91
N LYS O 163 -22.38 13.05 1.54
CA LYS O 163 -22.85 13.40 2.87
C LYS O 163 -24.25 14.00 2.86
N GLY O 164 -24.92 14.05 1.70
CA GLY O 164 -26.27 14.55 1.62
C GLY O 164 -26.43 16.03 1.89
N GLU O 165 -25.53 16.86 1.35
CA GLU O 165 -25.68 18.31 1.43
C GLU O 165 -25.55 18.90 0.04
N PRO O 166 -26.20 20.03 -0.22
CA PRO O 166 -26.24 20.57 -1.58
C PRO O 166 -24.85 20.95 -2.09
N THR O 167 -24.64 20.75 -3.38
CA THR O 167 -23.46 21.18 -4.10
C THR O 167 -23.85 22.26 -5.10
N LEU O 168 -22.89 22.68 -5.92
CA LEU O 168 -23.11 23.72 -6.92
C LEU O 168 -23.28 23.16 -8.32
N GLU O 169 -23.47 21.84 -8.45
CA GLU O 169 -23.65 21.22 -9.77
C GLU O 169 -25.14 21.09 -10.07
N LEU O 170 -25.54 21.56 -11.24
CA LEU O 170 -26.94 21.50 -11.64
C LEU O 170 -27.29 20.11 -12.16
N ASN O 171 -28.59 19.80 -12.11
CA ASN O 171 -29.02 18.45 -12.48
C ASN O 171 -29.00 18.21 -13.98
N ASP O 172 -29.16 19.26 -14.79
CA ASP O 172 -29.13 19.10 -16.24
C ASP O 172 -28.67 20.39 -16.89
N LYS O 173 -28.15 20.26 -18.10
CA LYS O 173 -27.77 21.41 -18.92
C LYS O 173 -28.90 21.75 -19.91
N GLY O 174 -30.08 22.01 -19.36
CA GLY O 174 -31.25 22.27 -20.17
C GLY O 174 -31.37 23.73 -20.58
N GLY O 175 -32.40 24.00 -21.39
CA GLY O 175 -32.65 25.34 -21.86
C GLY O 175 -34.12 25.73 -21.79
N TYR O 176 -34.46 26.88 -22.38
CA TYR O 176 -35.82 27.37 -22.33
C TYR O 176 -36.76 26.46 -23.11
N PHE O 177 -37.75 25.90 -22.40
CA PHE O 177 -38.78 25.04 -22.97
C PHE O 177 -38.19 23.79 -23.63
N ASP O 178 -36.96 23.43 -23.28
CA ASP O 178 -36.31 22.29 -23.91
C ASP O 178 -36.89 20.97 -23.41
N LEU O 179 -36.82 19.95 -24.27
CA LEU O 179 -37.10 18.58 -23.86
C LEU O 179 -35.81 17.92 -23.38
N ALA O 180 -35.20 18.55 -22.38
CA ALA O 180 -33.88 18.16 -21.90
C ALA O 180 -33.92 16.91 -21.01
N PRO O 181 -34.75 16.85 -19.96
CA PRO O 181 -34.75 15.64 -19.12
C PRO O 181 -35.13 14.37 -19.88
N THR O 182 -36.01 14.48 -20.88
CA THR O 182 -36.44 13.36 -21.71
C THR O 182 -37.05 12.24 -20.88
N ASP O 183 -37.11 11.05 -21.47
CA ASP O 183 -37.61 9.85 -20.83
C ASP O 183 -36.45 9.12 -20.15
N LEU O 184 -36.64 7.85 -19.80
CA LEU O 184 -35.60 7.03 -19.19
C LEU O 184 -35.23 7.53 -17.80
N GLY O 185 -36.22 7.61 -16.91
CA GLY O 185 -35.94 7.99 -15.55
C GLY O 185 -35.64 9.48 -15.41
N GLU O 186 -35.13 9.83 -14.23
CA GLU O 186 -34.84 11.21 -13.85
C GLU O 186 -36.13 12.01 -14.02
N ASN O 187 -36.11 13.17 -14.67
CA ASN O 187 -37.28 14.02 -14.87
C ASN O 187 -38.01 14.26 -13.54
N CYS O 188 -37.29 14.90 -12.62
CA CYS O 188 -37.86 15.21 -11.31
C CYS O 188 -39.05 16.16 -11.45
N ARG O 189 -39.04 17.03 -12.46
CA ARG O 189 -40.17 17.92 -12.69
C ARG O 189 -41.45 17.14 -13.00
N ARG O 190 -41.34 16.11 -13.85
CA ARG O 190 -42.50 15.28 -14.16
C ARG O 190 -43.05 14.59 -12.91
N ASP O 191 -42.15 14.02 -12.10
CA ASP O 191 -42.59 13.34 -10.89
C ASP O 191 -43.25 14.31 -9.91
N ILE O 192 -42.67 15.51 -9.78
CA ILE O 192 -43.26 16.52 -8.90
C ILE O 192 -44.65 16.89 -9.38
N VAL O 193 -44.81 17.08 -10.69
CA VAL O 193 -46.11 17.47 -11.24
C VAL O 193 -47.14 16.38 -11.00
N LEU O 194 -46.77 15.13 -11.28
CA LEU O 194 -47.70 14.03 -11.08
C LEU O 194 -48.08 13.87 -9.61
N GLU O 195 -47.10 13.98 -8.72
CA GLU O 195 -47.36 13.83 -7.29
C GLU O 195 -48.27 14.95 -6.81
N LEU O 196 -48.02 16.19 -7.25
CA LEU O 196 -48.88 17.32 -6.89
C LEU O 196 -50.30 17.10 -7.41
N GLU O 197 -50.43 16.58 -8.62
CA GLU O 197 -51.75 16.26 -9.15
C GLU O 197 -52.46 15.23 -8.26
N GLU O 198 -51.72 14.23 -7.79
CA GLU O 198 -52.30 13.24 -6.88
C GLU O 198 -52.66 13.83 -5.53
N MET O 199 -52.12 15.00 -5.18
CA MET O 199 -52.38 15.63 -3.88
C MET O 199 -53.52 16.64 -3.93
N GLY O 200 -54.17 16.80 -5.07
CA GLY O 200 -55.26 17.75 -5.20
C GLY O 200 -54.88 19.09 -5.79
N PHE O 201 -53.62 19.28 -6.19
CA PHE O 201 -53.23 20.51 -6.84
C PHE O 201 -53.77 20.56 -8.26
N GLU O 202 -53.92 21.77 -8.76
CA GLU O 202 -54.36 22.02 -10.13
C GLU O 202 -53.20 22.63 -10.89
N ILE O 203 -52.39 21.79 -11.52
CA ILE O 203 -51.22 22.22 -12.26
C ILE O 203 -51.62 22.59 -13.68
N GLU O 204 -51.24 23.79 -14.11
CA GLU O 204 -51.57 24.24 -15.46
C GLU O 204 -50.60 23.68 -16.49
N ALA O 205 -49.32 24.02 -16.36
CA ALA O 205 -48.30 23.56 -17.30
C ALA O 205 -46.94 23.64 -16.64
N SER O 206 -45.97 22.96 -17.23
CA SER O 206 -44.60 22.95 -16.74
C SER O 206 -43.63 22.95 -17.91
N HIS O 207 -42.43 23.46 -17.67
CA HIS O 207 -41.41 23.52 -18.69
C HIS O 207 -40.06 23.74 -18.03
N HIS O 208 -39.00 23.48 -18.80
CA HIS O 208 -37.66 23.80 -18.37
C HIS O 208 -37.39 25.29 -18.56
N GLU O 209 -36.76 25.90 -17.57
CA GLU O 209 -36.55 27.34 -17.57
C GLU O 209 -35.29 27.68 -18.36
N VAL O 210 -35.00 28.98 -18.46
CA VAL O 210 -33.88 29.45 -19.29
C VAL O 210 -32.56 28.90 -18.75
N ALA O 211 -32.34 29.02 -17.44
CA ALA O 211 -31.08 28.62 -16.86
C ALA O 211 -30.97 27.10 -16.80
N PRO O 212 -29.76 26.56 -16.90
CA PRO O 212 -29.58 25.11 -16.69
C PRO O 212 -30.00 24.71 -15.28
N GLY O 213 -30.64 23.55 -15.18
CA GLY O 213 -31.09 23.08 -13.88
C GLY O 213 -32.19 23.89 -13.26
N GLN O 214 -32.87 24.73 -14.04
CA GLN O 214 -33.95 25.56 -13.54
C GLN O 214 -35.27 25.11 -14.15
N HIS O 215 -36.30 25.04 -13.32
CA HIS O 215 -37.60 24.50 -13.72
C HIS O 215 -38.71 25.40 -13.21
N GLU O 216 -39.86 25.34 -13.88
CA GLU O 216 -41.03 26.12 -13.51
C GLU O 216 -42.27 25.24 -13.59
N ILE O 217 -43.13 25.35 -12.58
CA ILE O 217 -44.43 24.69 -12.56
C ILE O 217 -45.48 25.74 -12.25
N ASP O 218 -46.51 25.82 -13.09
CA ASP O 218 -47.54 26.83 -12.98
C ASP O 218 -48.84 26.20 -12.49
N PHE O 219 -49.46 26.82 -11.49
CA PHE O 219 -50.74 26.36 -10.99
C PHE O 219 -51.87 27.11 -11.67
N LYS O 220 -53.06 26.52 -11.61
CA LYS O 220 -54.26 27.24 -12.02
C LYS O 220 -54.57 28.33 -11.01
N TYR O 221 -55.10 29.45 -11.50
CA TYR O 221 -55.42 30.57 -10.62
C TYR O 221 -56.53 30.20 -9.65
N ALA O 222 -56.44 30.74 -8.44
CA ALA O 222 -57.41 30.48 -7.39
C ALA O 222 -57.47 31.68 -6.47
N GLY O 223 -58.20 31.55 -5.37
CA GLY O 223 -58.29 32.64 -4.41
C GLY O 223 -56.96 32.94 -3.76
N ALA O 224 -56.85 34.16 -3.23
CA ALA O 224 -55.58 34.65 -2.70
C ALA O 224 -55.08 33.78 -1.55
N VAL O 225 -55.95 33.53 -0.56
CA VAL O 225 -55.56 32.69 0.58
C VAL O 225 -55.22 31.28 0.12
N ARG O 226 -56.08 30.72 -0.75
CA ARG O 226 -55.82 29.39 -1.27
C ARG O 226 -54.55 29.35 -2.10
N SER O 227 -54.29 30.40 -2.87
CA SER O 227 -53.07 30.45 -3.67
C SER O 227 -51.83 30.49 -2.79
N CYS O 228 -51.85 31.29 -1.72
CA CYS O 228 -50.71 31.35 -0.83
C CYS O 228 -50.49 30.03 -0.10
N ASP O 229 -51.57 29.40 0.36
CA ASP O 229 -51.47 28.09 0.99
C ASP O 229 -50.88 27.07 0.01
N ASP O 230 -51.33 27.13 -1.25
CA ASP O 230 -50.79 26.23 -2.27
C ASP O 230 -49.32 26.51 -2.53
N ILE O 231 -48.91 27.77 -2.46
CA ILE O 231 -47.50 28.11 -2.66
C ILE O 231 -46.65 27.49 -1.54
N GLN O 232 -47.10 27.63 -0.30
CA GLN O 232 -46.35 27.05 0.82
C GLN O 232 -46.28 25.53 0.70
N THR O 233 -47.42 24.90 0.43
CA THR O 233 -47.45 23.44 0.28
C THR O 233 -46.59 23.00 -0.89
N PHE O 234 -46.59 23.78 -1.97
CA PHE O 234 -45.78 23.47 -3.14
C PHE O 234 -44.30 23.51 -2.81
N LYS O 235 -43.86 24.53 -2.07
CA LYS O 235 -42.46 24.58 -1.65
C LYS O 235 -42.10 23.35 -0.82
N LEU O 236 -42.95 23.00 0.15
CA LEU O 236 -42.68 21.84 1.00
C LEU O 236 -42.58 20.57 0.15
N VAL O 237 -43.56 20.35 -0.73
CA VAL O 237 -43.62 19.13 -1.52
C VAL O 237 -42.44 19.06 -2.48
N VAL O 238 -42.09 20.17 -3.12
CA VAL O 238 -40.97 20.17 -4.05
C VAL O 238 -39.68 19.84 -3.33
N LYS O 239 -39.46 20.44 -2.15
CA LYS O 239 -38.25 20.14 -1.40
C LYS O 239 -38.21 18.66 -1.02
N THR O 240 -39.32 18.12 -0.55
CA THR O 240 -39.35 16.71 -0.14
C THR O 240 -39.08 15.78 -1.32
N ILE O 241 -39.74 16.02 -2.45
CA ILE O 241 -39.60 15.12 -3.60
C ILE O 241 -38.19 15.22 -4.17
N ALA O 242 -37.64 16.43 -4.24
CA ALA O 242 -36.26 16.58 -4.70
C ALA O 242 -35.30 15.85 -3.77
N ARG O 243 -35.55 15.92 -2.46
CA ARG O 243 -34.72 15.15 -1.53
C ARG O 243 -34.85 13.66 -1.77
N LYS O 244 -36.03 13.19 -2.16
CA LYS O 244 -36.20 11.77 -2.48
C LYS O 244 -35.33 11.36 -3.66
N HIS O 245 -35.26 12.20 -4.70
CA HIS O 245 -34.49 11.89 -5.89
C HIS O 245 -33.00 12.17 -5.74
N GLY O 246 -32.53 12.39 -4.52
CA GLY O 246 -31.13 12.74 -4.33
C GLY O 246 -30.77 14.09 -4.93
N LEU O 247 -31.64 15.07 -4.79
CA LEU O 247 -31.44 16.41 -5.35
C LEU O 247 -31.80 17.44 -4.29
N HIS O 248 -31.28 18.65 -4.47
CA HIS O 248 -31.60 19.78 -3.61
C HIS O 248 -32.39 20.80 -4.42
N ALA O 249 -33.58 21.15 -3.93
CA ALA O 249 -34.42 22.16 -4.55
C ALA O 249 -34.37 23.43 -3.72
N THR O 250 -34.05 24.54 -4.36
CA THR O 250 -33.96 25.82 -3.67
C THR O 250 -34.78 26.86 -4.41
N PHE O 251 -35.48 27.69 -3.64
CA PHE O 251 -36.21 28.84 -4.16
C PHE O 251 -35.45 30.14 -3.93
N MET O 252 -34.16 30.06 -3.67
CA MET O 252 -33.35 31.25 -3.50
C MET O 252 -33.32 32.04 -4.80
N PRO O 253 -33.46 33.37 -4.73
CA PRO O 253 -33.63 34.16 -5.98
C PRO O 253 -32.49 34.01 -6.97
N LYS O 254 -31.24 34.21 -6.53
CA LYS O 254 -30.08 34.17 -7.42
C LYS O 254 -29.01 33.27 -6.82
N PRO O 255 -29.15 31.95 -6.98
CA PRO O 255 -28.11 31.05 -6.44
C PRO O 255 -26.75 31.22 -7.10
N LEU O 256 -26.70 31.59 -8.37
CA LEU O 256 -25.45 31.66 -9.11
C LEU O 256 -25.33 32.99 -9.85
N PHE O 257 -24.09 33.45 -9.98
CA PHE O 257 -23.80 34.68 -10.72
C PHE O 257 -23.67 34.38 -12.21
N GLY O 258 -24.10 35.34 -13.02
CA GLY O 258 -24.03 35.17 -14.46
C GLY O 258 -25.06 34.23 -15.04
N VAL O 259 -26.05 33.82 -14.25
CA VAL O 259 -27.06 32.86 -14.65
C VAL O 259 -28.41 33.44 -14.27
N ASN O 260 -29.44 33.10 -15.05
CA ASN O 260 -30.78 33.63 -14.81
C ASN O 260 -31.25 33.29 -13.39
N GLY O 261 -31.88 34.27 -12.75
CA GLY O 261 -32.41 34.08 -11.42
C GLY O 261 -33.78 33.40 -11.44
N SER O 262 -34.34 33.27 -10.24
CA SER O 262 -35.63 32.62 -10.06
C SER O 262 -36.66 33.66 -9.64
N GLY O 263 -37.77 33.73 -10.38
CA GLY O 263 -38.86 34.64 -10.06
C GLY O 263 -40.12 33.88 -9.71
N MET O 264 -41.09 34.63 -9.18
CA MET O 264 -42.40 34.08 -8.81
C MET O 264 -43.47 35.05 -9.34
N HIS O 265 -43.39 35.32 -10.64
CA HIS O 265 -44.34 36.19 -11.33
C HIS O 265 -45.76 35.92 -10.85
N CYS O 266 -46.46 36.99 -10.47
CA CYS O 266 -47.78 36.90 -9.86
C CYS O 266 -48.81 37.48 -10.81
N ASN O 267 -49.70 36.63 -11.31
CA ASN O 267 -50.79 37.05 -12.18
C ASN O 267 -52.00 37.38 -11.30
N LEU O 268 -52.37 38.65 -11.26
CA LEU O 268 -53.43 39.13 -10.39
C LEU O 268 -54.64 39.51 -11.22
N SER O 269 -55.82 39.07 -10.77
CA SER O 269 -57.09 39.40 -11.42
C SER O 269 -58.11 39.74 -10.35
N LEU O 270 -58.84 40.84 -10.55
CA LEU O 270 -59.83 41.33 -9.62
C LEU O 270 -61.23 41.06 -10.17
N PHE O 271 -62.10 40.50 -9.35
CA PHE O 271 -63.45 40.14 -9.76
C PHE O 271 -64.48 40.96 -9.02
N LYS O 272 -65.52 41.37 -9.74
CA LYS O 272 -66.65 42.09 -9.16
C LYS O 272 -67.93 41.41 -9.59
N ASN O 273 -68.73 40.96 -8.61
CA ASN O 273 -69.98 40.25 -8.87
C ASN O 273 -69.75 38.99 -9.71
N GLY O 274 -68.61 38.34 -9.52
CA GLY O 274 -68.31 37.11 -10.22
C GLY O 274 -67.77 37.27 -11.63
N VAL O 275 -67.57 38.49 -12.10
CA VAL O 275 -67.03 38.74 -13.44
C VAL O 275 -65.72 39.50 -13.29
N ASN O 276 -64.87 39.34 -14.31
CA ASN O 276 -63.56 39.99 -14.30
C ASN O 276 -63.73 41.50 -14.42
N ALA O 277 -63.19 42.24 -13.46
CA ALA O 277 -63.31 43.69 -13.44
C ALA O 277 -62.22 44.39 -14.24
N PHE O 278 -61.23 43.66 -14.73
CA PHE O 278 -60.15 44.25 -15.51
C PHE O 278 -60.45 44.31 -17.00
N PHE O 279 -61.53 43.67 -17.45
CA PHE O 279 -61.79 43.47 -18.87
C PHE O 279 -62.89 44.41 -19.34
N ASP O 280 -62.67 45.05 -20.50
CA ASP O 280 -63.65 45.95 -21.10
C ASP O 280 -63.54 45.80 -22.61
N GLU O 281 -64.63 45.37 -23.25
CA GLU O 281 -64.58 45.08 -24.68
C GLU O 281 -64.31 46.33 -25.52
N ASN O 282 -64.93 47.45 -25.17
CA ASN O 282 -64.88 48.64 -26.01
C ASN O 282 -63.78 49.61 -25.63
N ALA O 283 -62.95 49.28 -24.64
CA ALA O 283 -61.90 50.18 -24.18
C ALA O 283 -60.59 49.90 -24.90
N ASP O 284 -59.66 50.85 -24.77
CA ASP O 284 -58.35 50.69 -25.38
C ASP O 284 -57.60 49.54 -24.71
N LEU O 285 -56.93 48.73 -25.54
CA LEU O 285 -56.22 47.53 -25.10
C LEU O 285 -57.15 46.53 -24.41
N GLN O 286 -58.46 46.71 -24.57
CA GLN O 286 -59.46 45.86 -23.93
C GLN O 286 -59.28 45.83 -22.41
N LEU O 287 -58.93 46.98 -21.84
CA LEU O 287 -58.66 47.11 -20.41
C LEU O 287 -59.64 48.10 -19.79
N SER O 288 -60.27 47.69 -18.70
CA SER O 288 -61.22 48.54 -18.02
C SER O 288 -60.51 49.66 -17.27
N GLU O 289 -61.28 50.66 -16.85
CA GLU O 289 -60.72 51.75 -16.04
C GLU O 289 -60.23 51.25 -14.69
N THR O 290 -60.90 50.22 -14.14
CA THR O 290 -60.44 49.63 -12.89
C THR O 290 -59.05 49.03 -13.06
N ALA O 291 -58.79 48.38 -14.19
CA ALA O 291 -57.47 47.82 -14.45
C ALA O 291 -56.41 48.93 -14.53
N LYS O 292 -56.74 50.05 -15.18
CA LYS O 292 -55.79 51.15 -15.27
C LYS O 292 -55.51 51.74 -13.89
N HIS O 293 -56.55 51.88 -13.06
CA HIS O 293 -56.33 52.38 -11.70
C HIS O 293 -55.47 51.41 -10.89
N PHE O 294 -55.71 50.11 -11.06
CA PHE O 294 -54.90 49.10 -10.38
C PHE O 294 -53.44 49.20 -10.80
N ILE O 295 -53.19 49.35 -12.10
CA ILE O 295 -51.83 49.48 -12.60
C ILE O 295 -51.18 50.73 -12.07
N ALA O 296 -51.92 51.85 -12.03
CA ALA O 296 -51.38 53.08 -11.48
C ALA O 296 -51.02 52.93 -10.01
N GLY O 297 -51.88 52.26 -9.24
CA GLY O 297 -51.57 52.03 -7.84
C GLY O 297 -50.35 51.17 -7.63
N ILE O 298 -50.19 50.13 -8.45
CA ILE O 298 -49.00 49.29 -8.34
C ILE O 298 -47.76 50.07 -8.73
N VAL O 299 -47.85 50.90 -9.76
CA VAL O 299 -46.71 51.69 -10.21
C VAL O 299 -46.29 52.69 -9.13
N LYS O 300 -47.27 53.33 -8.48
CA LYS O 300 -46.96 54.36 -7.49
C LYS O 300 -46.16 53.79 -6.33
N HIS O 301 -46.53 52.61 -5.84
CA HIS O 301 -45.93 52.02 -4.65
C HIS O 301 -44.89 50.96 -4.97
N ALA O 302 -44.49 50.83 -6.24
CA ALA O 302 -43.62 49.72 -6.64
C ALA O 302 -42.29 49.74 -5.90
N THR O 303 -41.68 50.92 -5.78
CA THR O 303 -40.42 51.03 -5.07
C THR O 303 -40.57 50.84 -3.56
N SER O 304 -41.80 50.87 -3.04
CA SER O 304 -42.02 50.79 -1.60
C SER O 304 -42.24 49.37 -1.11
N PHE O 305 -43.01 48.55 -1.82
CA PHE O 305 -43.25 47.19 -1.39
C PHE O 305 -42.20 46.21 -1.89
N THR O 306 -41.15 46.71 -2.57
CA THR O 306 -40.07 45.83 -3.01
C THR O 306 -39.40 45.15 -1.83
N ALA O 307 -39.33 45.84 -0.68
CA ALA O 307 -38.75 45.22 0.50
C ALA O 307 -39.54 44.01 0.96
N VAL O 308 -40.84 43.98 0.71
CA VAL O 308 -41.66 42.84 1.08
C VAL O 308 -41.67 41.77 -0.01
N THR O 309 -41.80 42.18 -1.27
CA THR O 309 -41.78 41.20 -2.36
C THR O 309 -40.38 40.66 -2.63
N ASN O 310 -39.34 41.39 -2.23
CA ASN O 310 -37.95 40.93 -2.35
C ASN O 310 -37.30 41.13 -0.99
N PRO O 311 -37.55 40.22 -0.05
CA PRO O 311 -37.16 40.45 1.35
C PRO O 311 -35.76 40.01 1.74
N THR O 312 -34.99 39.42 0.84
CA THR O 312 -33.66 38.93 1.18
C THR O 312 -32.58 39.79 0.56
N VAL O 313 -31.36 39.63 1.07
CA VAL O 313 -30.20 40.30 0.48
C VAL O 313 -29.96 39.77 -0.93
N ASN O 314 -30.05 38.44 -1.10
CA ASN O 314 -29.82 37.83 -2.40
C ASN O 314 -30.88 38.21 -3.42
N SER O 315 -32.04 38.72 -2.98
CA SER O 315 -33.10 39.08 -3.91
C SER O 315 -32.66 40.17 -4.87
N TYR O 316 -31.75 41.04 -4.44
CA TYR O 316 -31.35 42.20 -5.26
C TYR O 316 -30.15 41.90 -6.14
N LYS O 317 -29.55 40.72 -6.03
CA LYS O 317 -28.63 40.25 -7.05
C LYS O 317 -29.36 39.71 -8.27
N ARG O 318 -30.63 39.33 -8.11
CA ARG O 318 -31.45 38.98 -9.26
C ARG O 318 -31.91 40.22 -10.02
N LEU O 319 -32.21 41.30 -9.29
CA LEU O 319 -32.69 42.53 -9.90
C LEU O 319 -31.53 43.30 -10.55
N VAL O 320 -30.89 42.65 -11.52
CA VAL O 320 -29.81 43.25 -12.29
C VAL O 320 -30.14 43.11 -13.77
N PRO O 321 -29.70 44.05 -14.61
CA PRO O 321 -30.09 43.99 -16.02
C PRO O 321 -29.49 42.80 -16.75
N GLY O 322 -30.22 42.33 -17.77
CA GLY O 322 -29.72 41.31 -18.66
C GLY O 322 -30.17 39.89 -18.37
N TYR O 323 -31.09 39.68 -17.43
CA TYR O 323 -31.52 38.33 -17.09
C TYR O 323 -33.03 38.23 -16.99
N GLU O 324 -33.75 39.10 -17.72
CA GLU O 324 -35.21 39.14 -17.81
C GLU O 324 -35.88 39.55 -16.51
N ALA O 325 -35.12 39.77 -15.44
CA ALA O 325 -35.71 40.27 -14.21
C ALA O 325 -35.96 41.78 -14.32
N PRO O 326 -37.05 42.28 -13.75
CA PRO O 326 -37.31 43.72 -13.83
C PRO O 326 -36.30 44.52 -13.02
N CYS O 327 -36.03 45.74 -13.51
CA CYS O 327 -35.15 46.66 -12.81
C CYS O 327 -35.70 48.07 -12.75
N TYR O 328 -36.77 48.38 -13.48
CA TYR O 328 -37.34 49.72 -13.50
C TYR O 328 -38.87 49.60 -13.39
N VAL O 329 -39.48 50.68 -12.91
CA VAL O 329 -40.92 50.71 -12.67
C VAL O 329 -41.60 51.14 -13.97
N ALA O 330 -42.16 50.18 -14.69
CA ALA O 330 -42.91 50.44 -15.91
C ALA O 330 -43.83 49.27 -16.20
N TRP O 331 -44.83 49.51 -17.04
CA TRP O 331 -45.77 48.48 -17.44
C TRP O 331 -45.89 48.47 -18.95
N SER O 332 -46.13 47.27 -19.51
CA SER O 332 -46.15 47.10 -20.95
C SER O 332 -46.89 45.81 -21.28
N ALA O 333 -47.23 45.67 -22.56
CA ALA O 333 -47.79 44.42 -23.08
C ALA O 333 -46.75 43.52 -23.72
N GLN O 334 -45.64 44.08 -24.19
CA GLN O 334 -44.57 43.29 -24.79
C GLN O 334 -43.27 44.09 -24.66
N ASN O 335 -42.38 43.66 -23.78
CA ASN O 335 -41.12 44.36 -23.56
C ASN O 335 -40.13 43.39 -22.92
N ARG O 336 -38.87 43.79 -22.93
CA ARG O 336 -37.81 43.01 -22.28
C ARG O 336 -37.79 43.33 -20.80
N SER O 337 -38.22 42.37 -19.99
CA SER O 337 -38.24 42.50 -18.54
C SER O 337 -38.99 43.74 -18.03
N PRO O 338 -40.29 43.82 -18.27
CA PRO O 338 -41.08 44.90 -17.65
C PRO O 338 -41.49 44.52 -16.23
N LEU O 339 -41.67 45.56 -15.41
CA LEU O 339 -42.14 45.33 -14.05
C LEU O 339 -43.55 44.75 -14.04
N ILE O 340 -44.44 45.32 -14.83
CA ILE O 340 -45.82 44.86 -14.95
C ILE O 340 -46.06 44.46 -16.40
N ARG O 341 -46.51 43.22 -16.60
CA ARG O 341 -46.82 42.72 -17.93
C ARG O 341 -48.28 42.30 -17.99
N ILE O 342 -48.94 42.63 -19.09
CA ILE O 342 -50.35 42.28 -19.29
C ILE O 342 -50.40 41.21 -20.38
N PRO O 343 -50.80 39.97 -20.05
CA PRO O 343 -50.84 38.91 -21.06
C PRO O 343 -51.85 39.21 -22.15
N ALA O 344 -51.64 38.59 -23.30
CA ALA O 344 -52.49 38.85 -24.46
C ALA O 344 -53.92 38.36 -24.26
N SER O 345 -54.10 37.32 -23.46
CA SER O 345 -55.44 36.77 -23.23
C SER O 345 -56.33 37.81 -22.55
N ARG O 346 -57.59 37.84 -22.94
CA ARG O 346 -58.56 38.81 -22.43
C ARG O 346 -59.82 38.07 -22.00
N GLY O 347 -60.85 38.84 -21.67
CA GLY O 347 -62.11 38.27 -21.24
C GLY O 347 -62.06 37.89 -19.78
N ILE O 348 -62.41 36.64 -19.47
CA ILE O 348 -62.36 36.16 -18.10
C ILE O 348 -60.92 36.11 -17.60
N SER O 349 -59.97 35.77 -18.48
CA SER O 349 -58.58 35.59 -18.10
C SER O 349 -57.77 36.88 -18.15
N THR O 350 -58.43 38.04 -18.13
CA THR O 350 -57.70 39.31 -18.08
C THR O 350 -57.02 39.45 -16.72
N ARG O 351 -55.73 39.77 -16.74
CA ARG O 351 -54.96 39.83 -15.51
C ARG O 351 -53.76 40.75 -15.70
N VAL O 352 -53.18 41.16 -14.57
CA VAL O 352 -51.96 41.96 -14.56
C VAL O 352 -50.88 41.15 -13.84
N GLU O 353 -49.72 41.03 -14.47
CA GLU O 353 -48.63 40.23 -13.94
C GLU O 353 -47.56 41.12 -13.35
N VAL O 354 -47.22 40.88 -12.08
CA VAL O 354 -46.14 41.57 -11.40
C VAL O 354 -44.95 40.63 -11.35
N ARG O 355 -43.86 41.00 -12.04
CA ARG O 355 -42.73 40.11 -12.24
C ARG O 355 -41.58 40.36 -11.27
N SER O 356 -41.72 41.33 -10.36
CA SER O 356 -40.65 41.60 -9.41
C SER O 356 -40.59 40.58 -8.29
N VAL O 357 -41.73 39.94 -7.97
CA VAL O 357 -41.78 39.02 -6.84
C VAL O 357 -40.87 37.83 -7.10
N ASP O 358 -40.18 37.39 -6.04
CA ASP O 358 -39.33 36.22 -6.07
C ASP O 358 -39.87 35.14 -5.15
N PRO O 359 -39.50 33.87 -5.37
CA PRO O 359 -40.08 32.80 -4.55
C PRO O 359 -39.70 32.86 -3.08
N ALA O 360 -38.69 33.65 -2.70
CA ALA O 360 -38.32 33.77 -1.30
C ALA O 360 -39.26 34.66 -0.50
N ALA O 361 -40.13 35.42 -1.16
CA ALA O 361 -41.03 36.32 -0.46
C ALA O 361 -42.10 35.54 0.30
N ASN O 362 -42.58 36.14 1.37
CA ASN O 362 -43.72 35.60 2.10
C ASN O 362 -44.97 35.79 1.26
N PRO O 363 -45.66 34.73 0.84
CA PRO O 363 -46.81 34.90 -0.05
C PRO O 363 -47.90 35.78 0.52
N TYR O 364 -48.21 35.64 1.81
CA TYR O 364 -49.28 36.42 2.41
C TYR O 364 -48.93 37.90 2.45
N LEU O 365 -47.73 38.24 2.91
CA LEU O 365 -47.31 39.64 2.98
C LEU O 365 -47.21 40.26 1.59
N ALA O 366 -46.64 39.52 0.63
CA ALA O 366 -46.52 40.05 -0.72
C ALA O 366 -47.89 40.28 -1.35
N LEU O 367 -48.81 39.34 -1.18
CA LEU O 367 -50.15 39.52 -1.70
C LEU O 367 -50.86 40.69 -1.00
N SER O 368 -50.63 40.84 0.31
CA SER O 368 -51.23 41.94 1.04
C SER O 368 -50.77 43.29 0.50
N VAL O 369 -49.45 43.45 0.30
CA VAL O 369 -48.94 44.74 -0.14
C VAL O 369 -49.36 45.00 -1.60
N LEU O 370 -49.36 43.97 -2.44
CA LEU O 370 -49.80 44.16 -3.82
C LEU O 370 -51.27 44.56 -3.89
N LEU O 371 -52.12 43.88 -3.12
CA LEU O 371 -53.54 44.22 -3.11
C LEU O 371 -53.76 45.61 -2.53
N ALA O 372 -53.01 45.98 -1.48
CA ALA O 372 -53.15 47.30 -0.90
C ALA O 372 -52.77 48.38 -1.89
N ALA O 373 -51.68 48.19 -2.62
CA ALA O 373 -51.29 49.16 -3.65
C ALA O 373 -52.34 49.27 -4.74
N GLY O 374 -52.85 48.12 -5.20
CA GLY O 374 -53.88 48.14 -6.23
C GLY O 374 -55.15 48.84 -5.78
N LEU O 375 -55.57 48.59 -4.55
CA LEU O 375 -56.76 49.26 -4.02
C LEU O 375 -56.52 50.74 -3.80
N ASP O 376 -55.31 51.12 -3.40
CA ASP O 376 -54.98 52.54 -3.29
C ASP O 376 -55.09 53.22 -4.65
N GLY O 377 -54.64 52.55 -5.71
CA GLY O 377 -54.84 53.08 -7.04
C GLY O 377 -56.30 53.20 -7.42
N ILE O 378 -57.10 52.19 -7.07
CA ILE O 378 -58.52 52.22 -7.39
C ILE O 378 -59.26 53.26 -6.56
N LYS O 379 -58.96 53.32 -5.27
CA LYS O 379 -59.69 54.22 -4.38
C LYS O 379 -59.48 55.69 -4.75
N ASN O 380 -58.27 56.08 -5.09
CA ASN O 380 -57.96 57.46 -5.44
C ASN O 380 -58.06 57.74 -6.93
N LYS O 381 -58.40 56.73 -7.73
CA LYS O 381 -58.55 56.89 -9.18
C LYS O 381 -57.29 57.49 -9.82
N LEU O 382 -56.14 56.94 -9.43
CA LEU O 382 -54.88 57.41 -9.98
C LEU O 382 -54.79 57.11 -11.48
N GLU O 383 -54.06 57.94 -12.20
CA GLU O 383 -53.92 57.82 -13.64
C GLU O 383 -52.67 57.01 -13.96
N ALA O 384 -52.84 55.94 -14.74
CA ALA O 384 -51.71 55.09 -15.09
C ALA O 384 -50.82 55.80 -16.10
N PRO O 385 -49.50 55.62 -16.03
CA PRO O 385 -48.61 56.21 -17.04
C PRO O 385 -48.70 55.46 -18.36
N ALA O 386 -48.10 56.06 -19.38
CA ALA O 386 -48.11 55.45 -20.70
C ALA O 386 -47.26 54.19 -20.70
N PRO O 387 -47.69 53.14 -21.41
CA PRO O 387 -46.88 51.92 -21.49
C PRO O 387 -45.58 52.16 -22.26
N ILE O 388 -44.58 51.36 -21.92
CA ILE O 388 -43.25 51.49 -22.51
C ILE O 388 -43.03 50.33 -23.47
N ASP O 389 -42.78 50.64 -24.75
CA ASP O 389 -42.58 49.62 -25.76
C ASP O 389 -41.39 49.94 -26.66
N ARG O 390 -40.32 50.49 -26.08
CA ARG O 390 -39.16 50.96 -26.89
C ARG O 390 -37.83 50.43 -26.33
N ASN O 391 -37.86 49.61 -25.27
CA ASN O 391 -36.66 49.00 -24.68
C ASN O 391 -35.83 50.04 -23.91
N ILE O 392 -36.39 50.43 -22.76
CA ILE O 392 -35.79 51.37 -21.81
C ILE O 392 -34.32 51.08 -21.55
N TYR O 393 -33.90 49.82 -21.71
CA TYR O 393 -32.51 49.46 -21.48
C TYR O 393 -31.59 50.19 -22.46
N VAL O 394 -32.10 50.60 -23.62
CA VAL O 394 -31.26 51.25 -24.62
C VAL O 394 -30.74 52.59 -24.13
N MET O 395 -31.64 53.44 -23.61
CA MET O 395 -31.23 54.77 -23.18
C MET O 395 -30.77 54.77 -21.73
N SER O 396 -30.01 55.80 -21.38
CA SER O 396 -29.32 55.85 -20.10
C SER O 396 -30.29 56.12 -18.96
N LYS O 397 -29.79 55.95 -17.73
CA LYS O 397 -30.60 56.22 -16.55
C LYS O 397 -31.01 57.68 -16.49
N GLU O 398 -30.08 58.59 -16.79
CA GLU O 398 -30.44 60.00 -16.89
C GLU O 398 -31.36 60.24 -18.08
N GLU O 399 -31.20 59.48 -19.16
CA GLU O 399 -32.06 59.59 -20.33
C GLU O 399 -33.48 59.07 -20.08
N ARG O 400 -33.72 58.40 -18.96
CA ARG O 400 -35.04 57.92 -18.61
C ARG O 400 -35.58 58.47 -17.31
N MET O 401 -34.76 59.18 -16.53
CA MET O 401 -35.25 59.76 -15.29
C MET O 401 -36.27 60.87 -15.52
N GLU O 402 -36.10 61.64 -16.60
CA GLU O 402 -37.05 62.70 -16.92
C GLU O 402 -38.42 62.14 -17.26
N ASN O 403 -38.50 60.89 -17.69
CA ASN O 403 -39.78 60.22 -17.89
C ASN O 403 -40.29 59.69 -16.56
N GLY O 404 -41.32 58.86 -16.60
CA GLY O 404 -41.85 58.25 -15.40
C GLY O 404 -41.12 57.01 -14.94
N ILE O 405 -40.02 56.65 -15.60
CA ILE O 405 -39.31 55.41 -15.32
C ILE O 405 -38.34 55.66 -14.17
N VAL O 406 -38.61 55.05 -13.02
CA VAL O 406 -37.72 55.12 -11.87
C VAL O 406 -37.14 53.74 -11.62
N ASP O 407 -35.99 53.71 -10.99
CA ASP O 407 -35.28 52.46 -10.72
C ASP O 407 -35.77 51.83 -9.42
N LEU O 408 -35.80 50.50 -9.42
CA LEU O 408 -36.08 49.76 -8.20
C LEU O 408 -34.89 49.89 -7.24
N PRO O 409 -35.12 49.70 -5.95
CA PRO O 409 -34.01 49.78 -5.00
C PRO O 409 -32.94 48.76 -5.33
N ALA O 410 -31.67 49.17 -5.18
CA ALA O 410 -30.55 48.34 -5.57
C ALA O 410 -30.10 47.38 -4.48
N THR O 411 -30.36 47.69 -3.22
CA THR O 411 -30.00 46.83 -2.10
C THR O 411 -31.19 46.67 -1.17
N LEU O 412 -31.07 45.73 -0.24
CA LEU O 412 -32.12 45.53 0.75
C LEU O 412 -32.25 46.73 1.68
N ALA O 413 -31.14 47.38 2.01
CA ALA O 413 -31.21 48.55 2.88
C ALA O 413 -31.97 49.70 2.21
N GLU O 414 -31.72 49.93 0.91
CA GLU O 414 -32.44 50.98 0.20
C GLU O 414 -33.93 50.68 0.14
N ALA O 415 -34.29 49.42 -0.10
CA ALA O 415 -35.69 49.04 -0.12
C ALA O 415 -36.34 49.19 1.25
N LEU O 416 -35.60 48.87 2.32
CA LEU O 416 -36.10 49.09 3.66
C LEU O 416 -36.35 50.58 3.92
N GLU O 417 -35.43 51.42 3.47
CA GLU O 417 -35.60 52.87 3.63
C GLU O 417 -36.82 53.35 2.88
N GLU O 418 -37.02 52.87 1.65
CA GLU O 418 -38.20 53.26 0.88
C GLU O 418 -39.49 52.76 1.52
N PHE O 419 -39.48 51.53 2.03
CA PHE O 419 -40.68 50.94 2.62
C PHE O 419 -41.10 51.68 3.89
N LYS O 420 -40.13 52.10 4.70
CA LYS O 420 -40.44 52.81 5.94
C LYS O 420 -41.14 54.13 5.64
N SER O 421 -40.75 54.80 4.56
CA SER O 421 -41.27 56.13 4.28
C SER O 421 -42.68 56.08 3.71
N ASN O 422 -43.07 54.99 3.05
CA ASN O 422 -44.37 54.94 2.42
C ASN O 422 -45.46 54.77 3.47
N GLU O 423 -46.39 55.72 3.49
CA GLU O 423 -47.43 55.74 4.52
C GLU O 423 -48.46 54.65 4.28
N VAL O 424 -48.89 54.49 3.03
CA VAL O 424 -49.92 53.51 2.70
C VAL O 424 -49.44 52.09 2.96
N MET O 425 -48.20 51.78 2.55
CA MET O 425 -47.68 50.43 2.72
C MET O 425 -47.54 50.03 4.19
N VAL O 426 -47.50 51.00 5.10
CA VAL O 426 -47.36 50.66 6.52
C VAL O 426 -48.59 49.94 7.03
N LYS O 427 -49.79 50.47 6.75
CA LYS O 427 -51.00 49.78 7.16
C LYS O 427 -51.31 48.56 6.29
N ALA O 428 -50.60 48.37 5.19
CA ALA O 428 -50.80 47.19 4.37
C ALA O 428 -50.54 45.90 5.15
N LEU O 429 -49.75 45.98 6.23
CA LEU O 429 -49.52 44.81 7.06
C LEU O 429 -49.55 45.11 8.55
N GLY O 430 -49.95 46.31 8.97
CA GLY O 430 -50.15 46.60 10.36
C GLY O 430 -48.86 46.93 11.10
N GLU O 431 -49.02 47.55 12.27
CA GLU O 431 -47.86 48.05 13.02
C GLU O 431 -47.02 46.90 13.59
N HIS O 432 -47.66 45.85 14.09
CA HIS O 432 -46.92 44.73 14.67
C HIS O 432 -46.01 44.08 13.63
N LEU O 433 -46.59 43.69 12.50
CA LEU O 433 -45.81 43.10 11.42
C LEU O 433 -44.77 44.09 10.91
N PHE O 434 -45.12 45.36 10.82
CA PHE O 434 -44.19 46.36 10.31
C PHE O 434 -42.94 46.45 11.18
N GLU O 435 -43.13 46.63 12.49
CA GLU O 435 -41.97 46.75 13.37
C GLU O 435 -41.14 45.47 13.37
N HIS O 436 -41.79 44.31 13.46
CA HIS O 436 -41.01 43.08 13.55
C HIS O 436 -40.27 42.78 12.24
N PHE O 437 -40.93 43.00 11.11
CA PHE O 437 -40.29 42.80 9.82
C PHE O 437 -39.11 43.76 9.64
N ILE O 438 -39.30 45.03 10.01
CA ILE O 438 -38.23 46.00 9.85
C ILE O 438 -37.04 45.64 10.73
N GLU O 439 -37.30 45.23 11.98
CA GLU O 439 -36.22 44.84 12.87
C GLU O 439 -35.46 43.64 12.31
N ALA O 440 -36.18 42.61 11.87
CA ALA O 440 -35.52 41.42 11.36
C ALA O 440 -34.70 41.73 10.12
N LYS O 441 -35.26 42.53 9.20
CA LYS O 441 -34.53 42.84 7.97
C LYS O 441 -33.34 43.75 8.22
N GLU O 442 -33.46 44.67 9.18
CA GLU O 442 -32.32 45.51 9.53
C GLU O 442 -31.19 44.68 10.12
N ILE O 443 -31.53 43.71 10.99
CA ILE O 443 -30.51 42.82 11.52
C ILE O 443 -29.88 42.02 10.39
N GLU O 444 -30.70 41.52 9.46
CA GLU O 444 -30.18 40.74 8.33
C GLU O 444 -29.22 41.57 7.49
N TRP O 445 -29.56 42.82 7.20
CA TRP O 445 -28.67 43.66 6.41
C TRP O 445 -27.40 44.00 7.17
N ASP O 446 -27.51 44.27 8.47
CA ASP O 446 -26.33 44.60 9.26
C ASP O 446 -25.35 43.43 9.31
N MET O 447 -25.87 42.21 9.41
CA MET O 447 -24.99 41.04 9.39
C MET O 447 -24.28 40.91 8.06
N PHE O 448 -24.95 41.24 6.95
CA PHE O 448 -24.36 41.09 5.64
C PHE O 448 -23.31 42.16 5.36
N ARG O 449 -23.59 43.40 5.75
CA ARG O 449 -22.72 44.51 5.35
C ARG O 449 -21.38 44.50 6.08
N THR O 450 -21.30 43.86 7.25
CA THR O 450 -20.05 43.82 8.00
C THR O 450 -19.19 42.60 7.68
N GLN O 451 -19.69 41.68 6.86
CA GLN O 451 -18.92 40.50 6.51
C GLN O 451 -17.82 40.84 5.51
N VAL O 452 -16.77 40.03 5.53
CA VAL O 452 -15.67 40.14 4.58
C VAL O 452 -15.76 38.93 3.66
N HIS O 453 -16.24 39.14 2.44
CA HIS O 453 -16.48 38.05 1.52
C HIS O 453 -15.19 37.62 0.83
N PRO O 454 -15.13 36.36 0.37
CA PRO O 454 -13.91 35.90 -0.33
C PRO O 454 -13.58 36.70 -1.58
N TRP O 455 -14.59 37.32 -2.20
CA TRP O 455 -14.32 38.17 -3.37
C TRP O 455 -13.40 39.33 -3.00
N GLU O 456 -13.60 39.91 -1.82
CA GLU O 456 -12.75 41.01 -1.38
C GLU O 456 -11.30 40.55 -1.20
N ARG O 457 -11.10 39.35 -0.64
CA ARG O 457 -9.75 38.85 -0.48
C ARG O 457 -9.13 38.52 -1.83
N GLU O 458 -9.91 38.00 -2.77
CA GLU O 458 -9.39 37.74 -4.11
C GLU O 458 -9.01 39.03 -4.81
N GLN O 459 -9.71 40.13 -4.53
CA GLN O 459 -9.46 41.39 -5.22
C GLN O 459 -8.36 42.23 -4.56
N TYR O 460 -8.18 42.13 -3.24
CA TYR O 460 -7.35 43.07 -2.51
C TYR O 460 -6.22 42.47 -1.69
N MET O 461 -6.27 41.18 -1.34
CA MET O 461 -5.25 40.62 -0.45
C MET O 461 -3.87 40.67 -1.09
N SER O 462 -3.77 40.36 -2.39
CA SER O 462 -2.49 40.41 -3.07
C SER O 462 -2.24 41.76 -3.73
N GLN O 463 -3.30 42.44 -4.19
CA GLN O 463 -3.12 43.76 -4.80
C GLN O 463 -2.58 44.77 -3.81
N TYR O 464 -3.08 44.74 -2.58
CA TYR O 464 -2.65 45.69 -1.55
C TYR O 464 -1.93 44.96 -0.42
N ALA P 22 -57.94 11.17 -42.16
CA ALA P 22 -57.40 11.31 -40.82
C ALA P 22 -57.15 9.96 -40.17
N LYS P 23 -56.30 9.93 -39.17
CA LYS P 23 -55.96 8.70 -38.45
C LYS P 23 -56.55 8.67 -37.04
N TYR P 24 -56.57 9.80 -36.34
CA TYR P 24 -57.13 9.87 -35.00
C TYR P 24 -58.14 11.00 -34.94
N THR P 25 -59.23 10.76 -34.22
CA THR P 25 -60.19 11.81 -33.87
C THR P 25 -60.11 12.06 -32.37
N ARG P 26 -60.87 13.07 -31.91
CA ARG P 26 -60.82 13.43 -30.50
C ARG P 26 -61.27 12.27 -29.61
N GLU P 27 -62.40 11.64 -29.94
CA GLU P 27 -62.90 10.54 -29.14
C GLU P 27 -61.90 9.40 -29.07
N ASP P 28 -61.21 9.13 -30.17
CA ASP P 28 -60.16 8.13 -30.17
C ASP P 28 -59.03 8.50 -29.20
N ILE P 29 -58.67 9.79 -29.17
CA ILE P 29 -57.59 10.23 -28.27
C ILE P 29 -58.01 10.04 -26.82
N GLU P 30 -59.22 10.48 -26.47
CA GLU P 30 -59.69 10.31 -25.10
C GLU P 30 -59.77 8.83 -24.71
N LYS P 31 -60.30 7.99 -25.61
CA LYS P 31 -60.40 6.57 -25.30
C LYS P 31 -59.02 5.95 -25.11
N LEU P 32 -58.08 6.27 -26.02
CA LEU P 32 -56.75 5.68 -25.95
C LEU P 32 -56.05 6.08 -24.67
N VAL P 33 -56.12 7.36 -24.28
CA VAL P 33 -55.50 7.75 -23.03
C VAL P 33 -56.23 7.11 -21.86
N LYS P 34 -57.54 6.87 -21.99
CA LYS P 34 -58.30 6.25 -20.90
C LYS P 34 -57.80 4.84 -20.60
N GLU P 35 -57.73 3.97 -21.61
CA GLU P 35 -57.20 2.64 -21.30
C GLU P 35 -55.70 2.66 -21.03
N GLU P 36 -54.91 3.39 -21.82
CA GLU P 36 -53.47 3.35 -21.64
C GLU P 36 -53.01 4.02 -20.35
N ASN P 37 -53.88 4.77 -19.68
CA ASN P 37 -53.57 5.40 -18.40
C ASN P 37 -52.34 6.31 -18.53
N VAL P 38 -52.47 7.30 -19.40
CA VAL P 38 -51.43 8.30 -19.56
C VAL P 38 -51.70 9.44 -18.58
N LYS P 39 -50.63 9.93 -17.96
CA LYS P 39 -50.73 11.01 -16.99
C LYS P 39 -49.99 12.27 -17.40
N TYR P 40 -49.07 12.17 -18.36
CA TYR P 40 -48.22 13.28 -18.75
C TYR P 40 -48.27 13.41 -20.27
N ILE P 41 -48.48 14.63 -20.76
CA ILE P 41 -48.61 14.90 -22.18
C ILE P 41 -47.62 15.97 -22.58
N ARG P 42 -46.79 15.69 -23.57
CA ARG P 42 -45.82 16.63 -24.10
C ARG P 42 -46.36 17.24 -25.38
N LEU P 43 -46.53 18.56 -25.38
CA LEU P 43 -46.97 19.30 -26.56
C LEU P 43 -45.71 19.86 -27.22
N GLN P 44 -45.10 19.04 -28.07
CA GLN P 44 -43.76 19.34 -28.59
C GLN P 44 -43.83 20.13 -29.89
N PHE P 45 -42.79 20.92 -30.12
CA PHE P 45 -42.67 21.75 -31.30
C PHE P 45 -41.18 21.92 -31.61
N THR P 46 -40.88 22.59 -32.71
CA THR P 46 -39.52 22.75 -33.19
C THR P 46 -39.18 24.24 -33.29
N ASP P 47 -38.01 24.61 -32.82
CA ASP P 47 -37.55 25.99 -32.84
C ASP P 47 -36.73 26.26 -34.11
N ILE P 48 -36.06 27.41 -34.15
CA ILE P 48 -35.25 27.77 -35.32
C ILE P 48 -34.10 26.80 -35.51
N LEU P 49 -33.40 26.47 -34.42
CA LEU P 49 -32.21 25.63 -34.52
C LEU P 49 -32.53 24.16 -34.76
N GLY P 50 -33.79 23.77 -34.70
CA GLY P 50 -34.18 22.40 -34.96
C GLY P 50 -34.25 21.51 -33.75
N THR P 51 -33.83 21.98 -32.57
CA THR P 51 -33.96 21.18 -31.36
C THR P 51 -35.43 21.10 -30.95
N ILE P 52 -35.79 19.96 -30.38
CA ILE P 52 -37.18 19.70 -30.02
C ILE P 52 -37.49 20.39 -28.70
N LYS P 53 -38.51 21.25 -28.71
CA LYS P 53 -38.98 21.93 -27.52
C LYS P 53 -40.41 21.48 -27.22
N ASN P 54 -40.80 21.61 -25.95
CA ASN P 54 -42.16 21.24 -25.56
C ASN P 54 -42.59 22.02 -24.32
N VAL P 55 -43.90 22.06 -24.12
CA VAL P 55 -44.48 22.44 -22.84
C VAL P 55 -45.34 21.27 -22.37
N GLU P 56 -45.22 20.94 -21.10
CA GLU P 56 -45.82 19.72 -20.55
C GLU P 56 -47.03 20.05 -19.69
N ILE P 57 -48.09 19.26 -19.84
CA ILE P 57 -49.32 19.46 -19.09
C ILE P 57 -49.73 18.13 -18.47
N PRO P 58 -50.45 18.15 -17.35
CA PRO P 58 -51.04 16.90 -16.84
C PRO P 58 -52.19 16.45 -17.72
N VAL P 59 -52.55 15.17 -17.58
CA VAL P 59 -53.63 14.60 -18.37
C VAL P 59 -54.96 15.30 -18.10
N SER P 60 -55.10 15.94 -16.93
CA SER P 60 -56.31 16.69 -16.63
C SER P 60 -56.48 17.91 -17.52
N GLN P 61 -55.43 18.35 -18.20
CA GLN P 61 -55.48 19.49 -19.09
C GLN P 61 -55.62 19.07 -20.55
N LEU P 62 -55.90 17.80 -20.81
CA LEU P 62 -56.04 17.32 -22.19
C LEU P 62 -57.20 18.01 -22.89
N GLY P 63 -58.31 18.23 -22.18
CA GLY P 63 -59.44 18.92 -22.79
C GLY P 63 -59.10 20.34 -23.19
N LYS P 64 -58.36 21.05 -22.34
CA LYS P 64 -57.92 22.40 -22.70
C LYS P 64 -56.94 22.37 -23.87
N ALA P 65 -56.06 21.37 -23.90
CA ALA P 65 -55.09 21.27 -24.99
C ALA P 65 -55.78 21.04 -26.32
N LEU P 66 -56.75 20.12 -26.35
CA LEU P 66 -57.46 19.81 -27.59
C LEU P 66 -58.39 20.95 -28.03
N ASP P 67 -58.65 21.91 -27.15
CA ASP P 67 -59.44 23.08 -27.49
C ASP P 67 -58.61 24.23 -28.04
N ASN P 68 -57.32 24.01 -28.25
CA ASN P 68 -56.40 25.04 -28.74
C ASN P 68 -56.40 26.26 -27.82
N LYS P 69 -56.23 26.01 -26.53
CA LYS P 69 -56.30 27.05 -25.52
C LYS P 69 -55.06 27.16 -24.64
N VAL P 70 -54.08 26.28 -24.80
CA VAL P 70 -52.89 26.32 -23.97
C VAL P 70 -51.95 27.39 -24.50
N MET P 71 -51.53 28.29 -23.62
CA MET P 71 -50.60 29.37 -23.96
C MET P 71 -49.20 29.04 -23.47
N PHE P 72 -48.21 29.63 -24.14
CA PHE P 72 -46.81 29.47 -23.78
C PHE P 72 -46.03 30.63 -24.36
N ASP P 73 -44.77 30.74 -23.96
CA ASP P 73 -43.90 31.80 -24.45
C ASP P 73 -43.44 31.45 -25.85
N GLY P 74 -43.99 32.13 -26.86
CA GLY P 74 -43.65 31.84 -28.24
C GLY P 74 -42.27 32.28 -28.64
N SER P 75 -41.60 33.12 -27.84
CA SER P 75 -40.24 33.54 -28.15
C SER P 75 -39.23 32.41 -28.01
N SER P 76 -39.60 31.32 -27.34
CA SER P 76 -38.69 30.18 -27.21
C SER P 76 -38.36 29.55 -28.56
N ILE P 77 -39.17 29.82 -29.58
CA ILE P 77 -38.85 29.35 -30.93
C ILE P 77 -37.58 30.03 -31.45
N GLU P 78 -37.37 31.30 -31.09
CA GLU P 78 -36.21 32.03 -31.57
C GLU P 78 -34.90 31.48 -31.03
N GLY P 79 -34.94 30.65 -30.00
CA GLY P 79 -33.72 30.11 -29.44
C GLY P 79 -33.01 31.07 -28.50
N PHE P 80 -31.69 31.19 -28.64
CA PHE P 80 -30.91 32.03 -27.75
C PHE P 80 -30.92 33.50 -28.15
N VAL P 81 -31.60 33.87 -29.23
CA VAL P 81 -31.69 35.26 -29.66
C VAL P 81 -33.03 35.89 -29.30
N ARG P 82 -33.84 35.21 -28.48
CA ARG P 82 -35.11 35.78 -28.05
C ARG P 82 -34.86 37.01 -27.17
N ILE P 83 -35.71 38.02 -27.33
CA ILE P 83 -35.51 39.28 -26.62
C ILE P 83 -36.71 39.61 -25.73
N GLU P 84 -37.90 39.18 -26.14
CA GLU P 84 -39.12 39.59 -25.46
C GLU P 84 -40.10 38.43 -25.36
N GLU P 85 -40.76 38.33 -24.21
CA GLU P 85 -41.80 37.33 -24.03
C GLU P 85 -43.00 37.63 -24.93
N SER P 86 -43.56 36.58 -25.53
CA SER P 86 -44.70 36.72 -26.42
C SER P 86 -45.62 35.54 -26.24
N ASP P 87 -46.91 35.80 -26.02
CA ASP P 87 -47.89 34.73 -25.81
C ASP P 87 -48.30 34.14 -27.15
N MET P 88 -48.34 32.81 -27.21
CA MET P 88 -48.72 32.08 -28.41
C MET P 88 -49.59 30.90 -28.01
N TYR P 89 -50.42 30.44 -28.95
CA TYR P 89 -51.24 29.26 -28.74
C TYR P 89 -50.53 28.02 -29.27
N LEU P 90 -51.05 26.86 -28.90
CA LEU P 90 -50.37 25.58 -29.06
C LEU P 90 -51.28 24.54 -29.70
N TYR P 91 -51.91 24.91 -30.82
CA TYR P 91 -52.81 24.04 -31.58
C TYR P 91 -52.14 22.69 -31.87
N PRO P 92 -52.61 21.61 -31.26
CA PRO P 92 -51.98 20.31 -31.49
C PRO P 92 -52.55 19.61 -32.73
N ASP P 93 -51.75 18.68 -33.26
CA ASP P 93 -52.14 17.86 -34.40
C ASP P 93 -52.53 16.48 -33.89
N LEU P 94 -53.75 16.05 -34.21
CA LEU P 94 -54.25 14.78 -33.68
C LEU P 94 -53.55 13.58 -34.31
N ASN P 95 -53.18 13.68 -35.58
CA ASN P 95 -52.57 12.54 -36.27
C ASN P 95 -51.18 12.21 -35.75
N THR P 96 -50.54 13.13 -35.03
CA THR P 96 -49.20 12.92 -34.50
C THR P 96 -49.20 12.27 -33.13
N PHE P 97 -50.37 11.92 -32.60
CA PHE P 97 -50.44 11.31 -31.28
C PHE P 97 -49.65 10.02 -31.22
N VAL P 98 -48.76 9.91 -30.25
CA VAL P 98 -47.89 8.75 -30.07
C VAL P 98 -47.73 8.49 -28.57
N ILE P 99 -47.81 7.21 -28.18
CA ILE P 99 -47.54 6.79 -26.81
C ILE P 99 -46.09 6.34 -26.72
N PHE P 100 -45.32 6.97 -25.85
CA PHE P 100 -43.92 6.59 -25.69
C PHE P 100 -43.84 5.23 -25.00
N PRO P 101 -43.00 4.32 -25.51
CA PRO P 101 -42.92 2.98 -24.91
C PRO P 101 -42.28 2.95 -23.54
N TRP P 102 -41.56 4.00 -23.15
CA TRP P 102 -40.87 4.04 -21.86
C TRP P 102 -41.85 4.59 -20.82
N THR P 103 -42.43 3.69 -20.03
CA THR P 103 -43.39 4.09 -19.01
C THR P 103 -42.72 4.94 -17.95
N ALA P 104 -43.36 6.05 -17.58
CA ALA P 104 -42.82 6.97 -16.59
C ALA P 104 -43.48 6.73 -15.23
N GLU P 105 -43.07 5.63 -14.60
CA GLU P 105 -43.53 5.27 -13.26
C GLU P 105 -45.05 5.28 -13.15
N LYS P 106 -45.59 6.30 -12.48
CA LYS P 106 -47.03 6.43 -12.27
C LYS P 106 -47.66 7.05 -13.51
N GLY P 107 -47.94 6.22 -14.50
CA GLY P 107 -48.60 6.65 -15.71
C GLY P 107 -47.67 6.70 -16.91
N LYS P 108 -48.27 6.71 -18.09
CA LYS P 108 -47.52 6.77 -19.34
C LYS P 108 -47.41 8.21 -19.84
N VAL P 109 -46.59 8.39 -20.87
CA VAL P 109 -46.37 9.69 -21.48
C VAL P 109 -46.78 9.63 -22.94
N ALA P 110 -47.56 10.60 -23.39
CA ALA P 110 -47.95 10.73 -24.77
C ALA P 110 -47.51 12.10 -25.29
N ARG P 111 -47.39 12.22 -26.60
CA ARG P 111 -46.90 13.44 -27.21
C ARG P 111 -47.81 13.89 -28.34
N PHE P 112 -47.89 15.20 -28.52
CA PHE P 112 -48.52 15.81 -29.68
C PHE P 112 -47.51 16.77 -30.32
N ILE P 113 -47.49 16.80 -31.65
CA ILE P 113 -46.73 17.79 -32.39
C ILE P 113 -47.71 18.91 -32.74
N CYS P 114 -47.40 20.14 -32.30
CA CYS P 114 -48.36 21.22 -32.33
C CYS P 114 -47.87 22.35 -33.23
N ASP P 115 -48.83 23.06 -33.81
CA ASP P 115 -48.57 24.29 -34.55
C ASP P 115 -48.67 25.48 -33.60
N ILE P 116 -47.98 26.55 -33.96
CA ILE P 116 -47.92 27.77 -33.16
C ILE P 116 -48.85 28.80 -33.80
N TYR P 117 -49.74 29.37 -33.00
CA TYR P 117 -50.73 30.32 -33.48
C TYR P 117 -50.69 31.59 -32.67
N ASN P 118 -50.89 32.72 -33.34
CA ASN P 118 -51.00 34.00 -32.67
C ASN P 118 -52.26 34.05 -31.83
N PRO P 119 -52.31 34.94 -30.83
CA PRO P 119 -53.51 35.02 -29.98
C PRO P 119 -54.78 35.38 -30.73
N ASP P 120 -54.68 35.96 -31.93
CA ASP P 120 -55.85 36.32 -32.72
C ASP P 120 -56.31 35.19 -33.63
N GLY P 121 -55.70 34.01 -33.53
CA GLY P 121 -56.05 32.88 -34.36
C GLY P 121 -55.26 32.75 -35.65
N THR P 122 -54.47 33.75 -36.00
CA THR P 122 -53.61 33.67 -37.17
C THR P 122 -52.41 32.78 -36.87
N PRO P 123 -52.03 31.89 -37.78
CA PRO P 123 -50.84 31.06 -37.53
C PRO P 123 -49.59 31.91 -37.40
N PHE P 124 -48.70 31.49 -36.49
CA PHE P 124 -47.51 32.27 -36.21
C PHE P 124 -46.52 32.17 -37.37
N GLU P 125 -46.08 33.32 -37.86
CA GLU P 125 -45.14 33.35 -38.97
C GLU P 125 -43.74 32.89 -38.59
N GLY P 126 -43.43 32.81 -37.30
CA GLY P 126 -42.14 32.37 -36.84
C GLY P 126 -42.04 30.88 -36.54
N ASP P 127 -43.04 30.09 -36.92
CA ASP P 127 -43.01 28.66 -36.68
C ASP P 127 -42.51 27.96 -37.93
N PRO P 128 -41.41 27.20 -37.86
CA PRO P 128 -40.92 26.50 -39.07
C PRO P 128 -41.94 25.56 -39.67
N ARG P 129 -42.71 24.85 -38.84
CA ARG P 129 -43.74 23.95 -39.37
C ARG P 129 -44.83 24.72 -40.11
N ASN P 130 -45.26 25.85 -39.56
CA ASN P 130 -46.23 26.69 -40.26
C ASN P 130 -45.64 27.26 -41.54
N ASN P 131 -44.34 27.58 -41.54
CA ASN P 131 -43.70 28.04 -42.77
C ASN P 131 -43.70 26.95 -43.83
N LEU P 132 -43.43 25.71 -43.43
CA LEU P 132 -43.47 24.60 -44.37
C LEU P 132 -44.89 24.41 -44.92
N LYS P 133 -45.90 24.55 -44.05
CA LYS P 133 -47.28 24.45 -44.50
C LYS P 133 -47.61 25.58 -45.48
N ARG P 134 -47.08 26.78 -45.24
CA ARG P 134 -47.31 27.89 -46.17
C ARG P 134 -46.66 27.61 -47.53
N ILE P 135 -45.44 27.06 -47.52
CA ILE P 135 -44.79 26.72 -48.79
C ILE P 135 -45.56 25.62 -49.50
N LEU P 136 -46.13 24.67 -48.75
CA LEU P 136 -46.95 23.63 -49.37
C LEU P 136 -48.23 24.22 -49.95
N LYS P 137 -48.80 25.22 -49.29
CA LYS P 137 -49.96 25.91 -49.86
C LYS P 137 -49.59 26.61 -51.16
N GLU P 138 -48.41 27.24 -51.20
CA GLU P 138 -47.93 27.85 -52.43
C GLU P 138 -47.76 26.80 -53.53
N MET P 139 -47.26 25.61 -53.15
CA MET P 139 -47.13 24.52 -54.12
C MET P 139 -48.49 24.09 -54.65
N GLU P 140 -49.47 23.96 -53.76
CA GLU P 140 -50.83 23.60 -54.19
C GLU P 140 -51.42 24.67 -55.09
N ASP P 141 -51.02 25.93 -54.91
CA ASP P 141 -51.47 27.00 -55.79
C ASP P 141 -50.89 26.86 -57.20
N LEU P 142 -49.86 26.04 -57.38
CA LEU P 142 -49.27 25.79 -58.68
C LEU P 142 -49.89 24.60 -59.40
N GLY P 143 -50.86 23.93 -58.77
CA GLY P 143 -51.54 22.80 -59.38
C GLY P 143 -51.10 21.44 -58.88
N PHE P 144 -50.00 21.36 -58.15
CA PHE P 144 -49.54 20.09 -57.63
C PHE P 144 -50.28 19.72 -56.35
N SER P 145 -50.31 18.43 -56.05
CA SER P 145 -51.08 17.89 -54.94
C SER P 145 -50.24 17.51 -53.74
N ASP P 146 -49.16 16.76 -53.94
CA ASP P 146 -48.35 16.26 -52.84
C ASP P 146 -46.87 16.51 -53.12
N PHE P 147 -46.10 16.61 -52.04
CA PHE P 147 -44.64 16.73 -52.09
C PHE P 147 -44.08 15.68 -51.13
N ASN P 148 -43.56 14.59 -51.68
CA ASN P 148 -43.10 13.48 -50.87
C ASN P 148 -41.60 13.58 -50.61
N LEU P 149 -41.19 13.20 -49.41
CA LEU P 149 -39.79 13.22 -49.01
C LEU P 149 -39.40 11.85 -48.48
N GLY P 150 -38.27 11.33 -48.95
CA GLY P 150 -37.68 10.14 -48.38
C GLY P 150 -36.29 10.43 -47.87
N PRO P 151 -36.12 10.42 -46.55
CA PRO P 151 -34.82 10.77 -45.96
C PRO P 151 -33.94 9.56 -45.73
N GLU P 152 -32.63 9.82 -45.75
CA GLU P 152 -31.60 8.81 -45.47
C GLU P 152 -30.67 9.35 -44.38
N PRO P 153 -31.15 9.47 -43.15
CA PRO P 153 -30.31 10.05 -42.09
C PRO P 153 -29.22 9.07 -41.66
N GLU P 154 -28.00 9.59 -41.54
CA GLU P 154 -26.87 8.82 -41.06
C GLU P 154 -26.42 9.36 -39.71
N PHE P 155 -25.95 8.46 -38.85
CA PHE P 155 -25.54 8.85 -37.51
C PHE P 155 -24.38 7.98 -37.07
N PHE P 156 -23.65 8.47 -36.07
CA PHE P 156 -22.52 7.76 -35.48
C PHE P 156 -22.89 7.30 -34.08
N LEU P 157 -22.31 6.17 -33.68
CA LEU P 157 -22.50 5.62 -32.34
C LEU P 157 -21.17 5.64 -31.61
N PHE P 158 -21.12 6.36 -30.49
CA PHE P 158 -19.92 6.49 -29.69
C PHE P 158 -20.14 5.87 -28.33
N LYS P 159 -19.14 5.15 -27.83
CA LYS P 159 -19.22 4.53 -26.53
C LYS P 159 -19.19 5.58 -25.42
N LEU P 160 -19.96 5.33 -24.36
CA LEU P 160 -19.94 6.18 -23.18
C LEU P 160 -18.90 5.66 -22.19
N ASP P 161 -18.38 6.56 -21.37
CA ASP P 161 -17.42 6.21 -20.35
C ASP P 161 -18.14 5.92 -19.03
N GLU P 162 -17.37 5.80 -17.94
CA GLU P 162 -17.96 5.47 -16.65
C GLU P 162 -18.92 6.54 -16.17
N LYS P 163 -18.57 7.81 -16.35
CA LYS P 163 -19.41 8.92 -15.93
C LYS P 163 -20.54 9.23 -16.90
N GLY P 164 -20.72 8.41 -17.92
CA GLY P 164 -21.81 8.59 -18.86
C GLY P 164 -21.75 9.82 -19.74
N GLU P 165 -20.58 10.13 -20.29
CA GLU P 165 -20.48 11.18 -21.29
C GLU P 165 -19.77 10.61 -22.52
N PRO P 166 -20.07 11.13 -23.71
CA PRO P 166 -19.53 10.52 -24.94
C PRO P 166 -18.02 10.60 -25.00
N THR P 167 -17.43 9.57 -25.59
CA THR P 167 -16.01 9.51 -25.89
C THR P 167 -15.82 9.51 -27.40
N LEU P 168 -14.57 9.33 -27.85
CA LEU P 168 -14.25 9.31 -29.26
C LEU P 168 -14.04 7.90 -29.80
N GLU P 169 -14.42 6.89 -29.05
CA GLU P 169 -14.28 5.50 -29.49
C GLU P 169 -15.58 5.05 -30.15
N LEU P 170 -15.47 4.53 -31.36
CA LEU P 170 -16.63 4.05 -32.11
C LEU P 170 -17.06 2.68 -31.60
N ASN P 171 -18.34 2.36 -31.84
CA ASN P 171 -18.89 1.12 -31.31
C ASN P 171 -18.42 -0.11 -32.08
N ASP P 172 -18.07 0.04 -33.36
CA ASP P 172 -17.59 -1.09 -34.14
C ASP P 172 -16.69 -0.59 -35.26
N LYS P 173 -15.81 -1.46 -35.73
CA LYS P 173 -14.97 -1.20 -36.89
C LYS P 173 -15.58 -1.79 -38.17
N GLY P 174 -16.81 -1.39 -38.47
CA GLY P 174 -17.53 -1.93 -39.61
C GLY P 174 -17.24 -1.18 -40.90
N GLY P 175 -17.87 -1.65 -41.97
CA GLY P 175 -17.69 -1.06 -43.28
C GLY P 175 -18.99 -0.89 -44.05
N TYR P 176 -18.88 -0.56 -45.33
CA TYR P 176 -20.05 -0.31 -46.16
C TYR P 176 -20.85 -1.59 -46.36
N PHE P 177 -22.11 -1.58 -45.91
CA PHE P 177 -23.03 -2.70 -46.05
C PHE P 177 -22.51 -3.98 -45.40
N ASP P 178 -21.60 -3.85 -44.44
CA ASP P 178 -21.00 -5.01 -43.81
C ASP P 178 -21.96 -5.65 -42.82
N LEU P 179 -21.78 -6.95 -42.61
CA LEU P 179 -22.43 -7.67 -41.52
C LEU P 179 -21.54 -7.62 -40.27
N ALA P 180 -21.22 -6.39 -39.86
CA ALA P 180 -20.25 -6.15 -38.81
C ALA P 180 -20.83 -6.40 -37.41
N PRO P 181 -21.96 -5.80 -37.03
CA PRO P 181 -22.48 -6.06 -35.67
C PRO P 181 -22.82 -7.51 -35.43
N THR P 182 -23.24 -8.24 -36.48
CA THR P 182 -23.59 -9.65 -36.40
C THR P 182 -24.69 -9.92 -35.37
N ASP P 183 -24.83 -11.18 -34.97
CA ASP P 183 -25.78 -11.60 -33.97
C ASP P 183 -25.13 -11.50 -32.59
N LEU P 184 -25.71 -12.17 -31.59
CA LEU P 184 -25.15 -12.24 -30.25
C LEU P 184 -25.12 -10.89 -29.56
N GLY P 185 -26.28 -10.28 -29.36
CA GLY P 185 -26.35 -9.05 -28.62
C GLY P 185 -25.82 -7.88 -29.43
N GLU P 186 -25.66 -6.75 -28.73
CA GLU P 186 -25.24 -5.48 -29.33
C GLU P 186 -26.20 -5.19 -30.48
N ASN P 187 -25.72 -4.86 -31.67
CA ASN P 187 -26.56 -4.57 -32.83
C ASN P 187 -27.63 -3.53 -32.47
N CYS P 188 -27.14 -2.35 -32.06
CA CYS P 188 -28.05 -1.27 -31.69
C CYS P 188 -28.90 -0.83 -32.86
N ARG P 189 -28.38 -0.94 -34.08
CA ARG P 189 -29.16 -0.59 -35.27
C ARG P 189 -30.39 -1.49 -35.39
N ARG P 190 -30.21 -2.80 -35.16
CA ARG P 190 -31.34 -3.73 -35.23
C ARG P 190 -32.40 -3.39 -34.19
N ASP P 191 -31.97 -3.11 -32.96
CA ASP P 191 -32.92 -2.77 -31.90
C ASP P 191 -33.65 -1.48 -32.22
N ILE P 192 -32.93 -0.48 -32.75
CA ILE P 192 -33.56 0.78 -33.12
C ILE P 192 -34.61 0.55 -34.20
N VAL P 193 -34.27 -0.25 -35.21
CA VAL P 193 -35.20 -0.49 -36.31
C VAL P 193 -36.45 -1.21 -35.81
N LEU P 194 -36.26 -2.25 -34.98
CA LEU P 194 -37.41 -2.98 -34.47
C LEU P 194 -38.29 -2.09 -33.59
N GLU P 195 -37.66 -1.29 -32.72
CA GLU P 195 -38.41 -0.43 -31.82
C GLU P 195 -39.20 0.61 -32.62
N LEU P 196 -38.57 1.19 -33.64
CA LEU P 196 -39.28 2.13 -34.51
C LEU P 196 -40.44 1.44 -35.22
N GLU P 197 -40.26 0.18 -35.63
CA GLU P 197 -41.35 -0.56 -36.23
C GLU P 197 -42.53 -0.71 -35.27
N GLU P 198 -42.24 -1.01 -34.00
CA GLU P 198 -43.32 -1.10 -33.02
C GLU P 198 -43.90 0.26 -32.66
N MET P 199 -43.23 1.34 -33.03
CA MET P 199 -43.71 2.69 -32.72
C MET P 199 -44.55 3.30 -33.84
N GLY P 200 -44.79 2.57 -34.92
CA GLY P 200 -45.57 3.06 -36.03
C GLY P 200 -44.79 3.63 -37.18
N PHE P 201 -43.46 3.53 -37.16
CA PHE P 201 -42.66 3.98 -38.28
C PHE P 201 -42.69 2.97 -39.42
N GLU P 202 -42.36 3.44 -40.61
CA GLU P 202 -42.28 2.61 -41.81
C GLU P 202 -40.82 2.59 -42.26
N ILE P 203 -40.05 1.65 -41.72
CA ILE P 203 -38.63 1.55 -42.03
C ILE P 203 -38.47 0.77 -43.34
N GLU P 204 -37.72 1.33 -44.28
CA GLU P 204 -37.51 0.68 -45.57
C GLU P 204 -36.36 -0.32 -45.50
N ALA P 205 -35.16 0.15 -45.15
CA ALA P 205 -33.98 -0.71 -45.09
C ALA P 205 -32.95 -0.06 -44.19
N SER P 206 -31.97 -0.86 -43.77
CA SER P 206 -30.89 -0.38 -42.91
C SER P 206 -29.60 -1.11 -43.29
N HIS P 207 -28.48 -0.46 -43.00
CA HIS P 207 -27.18 -1.03 -43.31
C HIS P 207 -26.11 -0.27 -42.53
N HIS P 208 -24.93 -0.90 -42.42
CA HIS P 208 -23.77 -0.22 -41.88
C HIS P 208 -23.20 0.73 -42.93
N GLU P 209 -22.83 1.92 -42.49
CA GLU P 209 -22.35 2.96 -43.40
C GLU P 209 -20.85 2.77 -43.66
N VAL P 210 -20.29 3.65 -44.49
CA VAL P 210 -18.89 3.51 -44.92
C VAL P 210 -17.96 3.61 -43.73
N ALA P 211 -18.14 4.63 -42.91
CA ALA P 211 -17.25 4.87 -41.78
C ALA P 211 -17.50 3.88 -40.65
N PRO P 212 -16.47 3.53 -39.88
CA PRO P 212 -16.69 2.69 -38.70
C PRO P 212 -17.61 3.39 -37.70
N GLY P 213 -18.49 2.61 -37.09
CA GLY P 213 -19.42 3.16 -36.13
C GLY P 213 -20.48 4.05 -36.71
N GLN P 214 -20.67 4.02 -38.03
CA GLN P 214 -21.65 4.85 -38.72
C GLN P 214 -22.76 3.97 -39.28
N HIS P 215 -24.01 4.40 -39.09
CA HIS P 215 -25.16 3.60 -39.46
C HIS P 215 -26.19 4.48 -40.17
N GLU P 216 -27.02 3.83 -40.99
CA GLU P 216 -28.06 4.51 -41.73
C GLU P 216 -29.35 3.71 -41.67
N ILE P 217 -30.45 4.40 -41.44
CA ILE P 217 -31.79 3.81 -41.46
C ILE P 217 -32.66 4.65 -42.38
N ASP P 218 -33.30 4.00 -43.35
CA ASP P 218 -34.10 4.67 -44.36
C ASP P 218 -35.58 4.43 -44.10
N PHE P 219 -36.38 5.50 -44.15
CA PHE P 219 -37.82 5.40 -44.01
C PHE P 219 -38.48 5.35 -45.37
N LYS P 220 -39.72 4.86 -45.39
CA LYS P 220 -40.54 4.98 -46.58
C LYS P 220 -40.94 6.43 -46.81
N TYR P 221 -41.05 6.81 -48.08
CA TYR P 221 -41.41 8.18 -48.41
C TYR P 221 -42.82 8.49 -47.96
N ALA P 222 -43.04 9.72 -47.50
CA ALA P 222 -44.33 10.17 -47.03
C ALA P 222 -44.46 11.67 -47.30
N GLY P 223 -45.53 12.27 -46.80
CA GLY P 223 -45.71 13.70 -46.97
C GLY P 223 -44.64 14.50 -46.26
N ALA P 224 -44.45 15.73 -46.75
CA ALA P 224 -43.34 16.56 -46.26
C ALA P 224 -43.46 16.82 -44.76
N VAL P 225 -44.64 17.24 -44.30
CA VAL P 225 -44.84 17.50 -42.88
C VAL P 225 -44.66 16.21 -42.07
N ARG P 226 -45.28 15.12 -42.55
CA ARG P 226 -45.13 13.85 -41.87
C ARG P 226 -43.69 13.38 -41.87
N SER P 227 -42.98 13.58 -42.98
CA SER P 227 -41.58 13.19 -43.06
C SER P 227 -40.73 13.97 -42.06
N CYS P 228 -40.95 15.29 -41.94
CA CYS P 228 -40.18 16.08 -41.00
C CYS P 228 -40.49 15.69 -39.56
N ASP P 229 -41.76 15.45 -39.26
CA ASP P 229 -42.13 14.98 -37.92
C ASP P 229 -41.47 13.65 -37.62
N ASP P 230 -41.45 12.74 -38.61
CA ASP P 230 -40.79 11.46 -38.43
C ASP P 230 -39.29 11.63 -38.23
N ILE P 231 -38.69 12.60 -38.91
CA ILE P 231 -37.25 12.84 -38.72
C ILE P 231 -36.96 13.28 -37.29
N GLN P 232 -37.77 14.21 -36.77
CA GLN P 232 -37.56 14.68 -35.41
C GLN P 232 -37.76 13.54 -34.40
N THR P 233 -38.85 12.79 -34.57
CA THR P 233 -39.11 11.66 -33.68
C THR P 233 -38.01 10.60 -33.79
N PHE P 234 -37.50 10.40 -35.00
CA PHE P 234 -36.42 9.44 -35.21
C PHE P 234 -35.16 9.85 -34.47
N LYS P 235 -34.82 11.14 -34.52
CA LYS P 235 -33.66 11.61 -33.78
C LYS P 235 -33.85 11.39 -32.28
N LEU P 236 -35.03 11.74 -31.76
CA LEU P 236 -35.29 11.54 -30.34
C LEU P 236 -35.18 10.07 -29.95
N VAL P 237 -35.81 9.20 -30.72
CA VAL P 237 -35.85 7.77 -30.39
C VAL P 237 -34.47 7.16 -30.51
N VAL P 238 -33.70 7.53 -31.54
CA VAL P 238 -32.36 7.00 -31.70
C VAL P 238 -31.48 7.41 -30.54
N LYS P 239 -31.55 8.68 -30.13
CA LYS P 239 -30.75 9.12 -28.99
C LYS P 239 -31.13 8.36 -27.74
N THR P 240 -32.43 8.19 -27.49
CA THR P 240 -32.88 7.49 -26.28
C THR P 240 -32.42 6.03 -26.28
N ILE P 241 -32.60 5.33 -27.40
CA ILE P 241 -32.26 3.92 -27.45
C ILE P 241 -30.75 3.72 -27.35
N ALA P 242 -29.97 4.59 -28.01
CA ALA P 242 -28.52 4.51 -27.88
C ALA P 242 -28.10 4.75 -26.43
N ARG P 243 -28.76 5.69 -25.75
CA ARG P 243 -28.48 5.89 -24.34
C ARG P 243 -28.81 4.65 -23.52
N LYS P 244 -29.84 3.90 -23.92
CA LYS P 244 -30.20 2.64 -23.21
C LYS P 244 -29.07 1.63 -23.34
N HIS P 245 -28.46 1.52 -24.53
CA HIS P 245 -27.41 0.54 -24.77
C HIS P 245 -26.04 1.00 -24.29
N GLY P 246 -25.97 2.06 -23.51
CA GLY P 246 -24.67 2.60 -23.10
C GLY P 246 -23.88 3.16 -24.26
N LEU P 247 -24.54 3.84 -25.18
CA LEU P 247 -23.91 4.41 -26.36
C LEU P 247 -24.38 5.85 -26.53
N HIS P 248 -23.60 6.63 -27.28
CA HIS P 248 -23.97 7.99 -27.63
C HIS P 248 -24.23 8.05 -29.13
N ALA P 249 -25.42 8.51 -29.51
CA ALA P 249 -25.78 8.70 -30.91
C ALA P 249 -25.75 10.17 -31.23
N THR P 250 -25.01 10.54 -32.28
CA THR P 250 -24.89 11.92 -32.69
C THR P 250 -25.17 12.04 -34.18
N PHE P 251 -25.90 13.10 -34.55
CA PHE P 251 -26.15 13.45 -35.94
C PHE P 251 -25.24 14.57 -36.40
N MET P 252 -24.07 14.69 -35.78
CA MET P 252 -23.10 15.71 -36.16
C MET P 252 -22.65 15.48 -37.60
N PRO P 253 -22.59 16.52 -38.44
CA PRO P 253 -22.22 16.30 -39.85
C PRO P 253 -20.85 15.68 -40.03
N LYS P 254 -19.87 16.02 -39.18
CA LYS P 254 -18.51 15.49 -39.29
C LYS P 254 -17.87 15.46 -37.92
N PRO P 255 -18.13 14.41 -37.15
CA PRO P 255 -17.53 14.33 -35.80
C PRO P 255 -16.03 14.09 -35.83
N LEU P 256 -15.50 13.45 -36.86
CA LEU P 256 -14.08 13.08 -36.91
C LEU P 256 -13.46 13.50 -38.23
N PHE P 257 -12.18 13.88 -38.17
CA PHE P 257 -11.43 14.25 -39.35
C PHE P 257 -10.86 13.01 -40.04
N GLY P 258 -10.81 13.06 -41.37
CA GLY P 258 -10.29 11.95 -42.14
C GLY P 258 -11.23 10.78 -42.26
N VAL P 259 -12.48 10.95 -41.86
CA VAL P 259 -13.47 9.87 -41.85
C VAL P 259 -14.74 10.41 -42.49
N ASN P 260 -15.49 9.52 -43.15
CA ASN P 260 -16.72 9.92 -43.82
C ASN P 260 -17.66 10.63 -42.85
N GLY P 261 -18.28 11.70 -43.35
CA GLY P 261 -19.26 12.43 -42.56
C GLY P 261 -20.63 11.80 -42.63
N SER P 262 -21.59 12.49 -42.01
CA SER P 262 -22.97 12.03 -41.95
C SER P 262 -23.85 12.95 -42.80
N GLY P 263 -24.58 12.37 -43.73
CA GLY P 263 -25.51 13.10 -44.56
C GLY P 263 -26.95 12.70 -44.29
N MET P 264 -27.87 13.48 -44.84
CA MET P 264 -29.30 13.23 -44.72
C MET P 264 -29.92 13.43 -46.11
N HIS P 265 -29.36 12.72 -47.09
CA HIS P 265 -29.84 12.74 -48.47
C HIS P 265 -31.36 12.72 -48.53
N CYS P 266 -31.92 13.68 -49.28
CA CYS P 266 -33.36 13.90 -49.33
C CYS P 266 -33.86 13.52 -50.73
N ASN P 267 -34.70 12.49 -50.79
CA ASN P 267 -35.32 12.07 -52.04
C ASN P 267 -36.66 12.79 -52.18
N LEU P 268 -36.76 13.67 -53.16
CA LEU P 268 -37.93 14.51 -53.36
C LEU P 268 -38.71 14.05 -54.59
N SER P 269 -40.02 13.91 -54.43
CA SER P 269 -40.90 13.54 -55.53
C SER P 269 -42.14 14.43 -55.48
N LEU P 270 -42.49 15.00 -56.63
CA LEU P 270 -43.64 15.89 -56.74
C LEU P 270 -44.78 15.17 -57.44
N PHE P 271 -45.96 15.24 -56.86
CA PHE P 271 -47.14 14.55 -57.38
C PHE P 271 -48.18 15.56 -57.86
N LYS P 272 -48.83 15.23 -58.97
CA LYS P 272 -49.90 16.05 -59.52
C LYS P 272 -51.09 15.13 -59.82
N ASN P 273 -52.23 15.44 -59.20
CA ASN P 273 -53.45 14.65 -59.33
C ASN P 273 -53.23 13.20 -58.93
N GLY P 274 -52.38 12.98 -57.94
CA GLY P 274 -52.12 11.64 -57.42
C GLY P 274 -51.12 10.82 -58.20
N VAL P 275 -50.54 11.35 -59.27
CA VAL P 275 -49.55 10.64 -60.05
C VAL P 275 -48.23 11.40 -60.00
N ASN P 276 -47.13 10.68 -60.20
CA ASN P 276 -45.82 11.29 -60.15
C ASN P 276 -45.64 12.24 -61.33
N ALA P 277 -45.27 13.49 -61.04
CA ALA P 277 -45.09 14.51 -62.05
C ALA P 277 -43.68 14.55 -62.62
N PHE P 278 -42.76 13.77 -62.08
CA PHE P 278 -41.39 13.75 -62.56
C PHE P 278 -41.14 12.69 -63.63
N PHE P 279 -42.13 11.84 -63.90
CA PHE P 279 -41.95 10.69 -64.78
C PHE P 279 -42.59 10.95 -66.14
N ASP P 280 -41.86 10.63 -67.21
CA ASP P 280 -42.38 10.73 -68.57
C ASP P 280 -41.70 9.64 -69.39
N GLU P 281 -42.45 8.57 -69.69
CA GLU P 281 -41.86 7.39 -70.32
C GLU P 281 -41.32 7.67 -71.71
N ASN P 282 -41.79 8.72 -72.38
CA ASN P 282 -41.41 8.99 -73.76
C ASN P 282 -40.29 10.01 -73.88
N ALA P 283 -39.73 10.47 -72.77
CA ALA P 283 -38.68 11.49 -72.79
C ALA P 283 -37.33 10.86 -72.47
N ASP P 284 -36.27 11.61 -72.79
CA ASP P 284 -34.92 11.16 -72.50
C ASP P 284 -34.73 11.03 -70.99
N LEU P 285 -34.07 9.94 -70.59
CA LEU P 285 -33.90 9.56 -69.19
C LEU P 285 -35.22 9.32 -68.47
N GLN P 286 -36.33 9.26 -69.23
CA GLN P 286 -37.67 9.07 -68.67
C GLN P 286 -37.99 10.15 -67.63
N LEU P 287 -37.61 11.39 -67.93
CA LEU P 287 -37.81 12.52 -67.03
C LEU P 287 -38.73 13.53 -67.70
N SER P 288 -39.75 13.97 -66.97
CA SER P 288 -40.68 14.95 -67.50
C SER P 288 -40.05 16.33 -67.52
N GLU P 289 -40.70 17.25 -68.23
CA GLU P 289 -40.25 18.63 -68.26
C GLU P 289 -40.34 19.28 -66.88
N THR P 290 -41.34 18.88 -66.09
CA THR P 290 -41.45 19.37 -64.72
C THR P 290 -40.23 18.97 -63.90
N ALA P 291 -39.75 17.74 -64.08
CA ALA P 291 -38.55 17.31 -63.37
C ALA P 291 -37.34 18.13 -63.76
N LYS P 292 -37.19 18.43 -65.06
CA LYS P 292 -36.07 19.25 -65.51
C LYS P 292 -36.15 20.67 -64.94
N HIS P 293 -37.36 21.24 -64.91
CA HIS P 293 -37.52 22.57 -64.32
C HIS P 293 -37.19 22.55 -62.82
N PHE P 294 -37.62 21.49 -62.13
CA PHE P 294 -37.30 21.34 -60.71
C PHE P 294 -35.79 21.26 -60.49
N ILE P 295 -35.11 20.47 -61.33
CA ILE P 295 -33.66 20.35 -61.21
C ILE P 295 -32.98 21.69 -61.48
N ALA P 296 -33.46 22.41 -62.49
CA ALA P 296 -32.90 23.73 -62.79
C ALA P 296 -33.09 24.68 -61.62
N GLY P 297 -34.27 24.67 -61.00
CA GLY P 297 -34.51 25.52 -59.86
C GLY P 297 -33.61 25.19 -58.68
N ILE P 298 -33.41 23.90 -58.42
CA ILE P 298 -32.52 23.51 -57.32
C ILE P 298 -31.08 23.91 -57.63
N VAL P 299 -30.66 23.76 -58.89
CA VAL P 299 -29.30 24.11 -59.27
C VAL P 299 -29.08 25.62 -59.13
N LYS P 300 -30.07 26.42 -59.53
CA LYS P 300 -29.89 27.86 -59.51
C LYS P 300 -29.67 28.38 -58.09
N HIS P 301 -30.42 27.87 -57.13
CA HIS P 301 -30.38 28.37 -55.76
C HIS P 301 -29.54 27.51 -54.83
N ALA P 302 -28.76 26.57 -55.38
CA ALA P 302 -28.05 25.61 -54.54
C ALA P 302 -27.07 26.30 -53.60
N THR P 303 -26.31 27.27 -54.11
CA THR P 303 -25.37 28.00 -53.26
C THR P 303 -26.07 28.91 -52.25
N SER P 304 -27.36 29.17 -52.42
CA SER P 304 -28.07 30.09 -51.54
C SER P 304 -28.71 29.40 -50.34
N PHE P 305 -29.35 28.25 -50.53
CA PHE P 305 -29.99 27.56 -49.43
C PHE P 305 -29.03 26.64 -48.68
N THR P 306 -27.76 26.60 -49.07
CA THR P 306 -26.78 25.79 -48.34
C THR P 306 -26.68 26.22 -46.89
N ALA P 307 -26.86 27.51 -46.61
CA ALA P 307 -26.84 27.98 -45.22
C ALA P 307 -27.95 27.35 -44.40
N VAL P 308 -29.09 27.04 -45.02
CA VAL P 308 -30.20 26.41 -44.30
C VAL P 308 -30.03 24.90 -44.24
N THR P 309 -29.65 24.27 -45.34
CA THR P 309 -29.46 22.83 -45.34
C THR P 309 -28.19 22.40 -44.62
N ASN P 310 -27.22 23.30 -44.46
CA ASN P 310 -26.00 23.05 -43.72
C ASN P 310 -25.80 24.21 -42.75
N PRO P 311 -26.54 24.22 -41.64
CA PRO P 311 -26.61 25.42 -40.79
C PRO P 311 -25.53 25.53 -39.71
N THR P 312 -24.65 24.54 -39.57
CA THR P 312 -23.65 24.58 -38.51
C THR P 312 -22.27 24.86 -39.10
N VAL P 313 -21.36 25.25 -38.21
CA VAL P 313 -19.97 25.44 -38.61
C VAL P 313 -19.36 24.11 -39.04
N ASN P 314 -19.64 23.04 -38.27
CA ASN P 314 -19.10 21.72 -38.59
C ASN P 314 -19.67 21.16 -39.89
N SER P 315 -20.78 21.72 -40.39
CA SER P 315 -21.39 21.20 -41.61
C SER P 315 -20.46 21.32 -42.81
N TYR P 316 -19.56 22.31 -42.79
CA TYR P 316 -18.70 22.57 -43.93
C TYR P 316 -17.35 21.86 -43.84
N LYS P 317 -17.07 21.19 -42.73
CA LYS P 317 -15.98 20.23 -42.71
C LYS P 317 -16.35 18.91 -43.37
N ARG P 318 -17.65 18.62 -43.50
CA ARG P 318 -18.09 17.48 -44.28
C ARG P 318 -18.01 17.77 -45.78
N LEU P 319 -18.31 19.00 -46.18
CA LEU P 319 -18.30 19.39 -47.58
C LEU P 319 -16.87 19.60 -48.08
N VAL P 320 -16.10 18.52 -48.00
CA VAL P 320 -14.72 18.51 -48.49
C VAL P 320 -14.56 17.34 -49.44
N PRO P 321 -13.70 17.43 -50.46
CA PRO P 321 -13.59 16.34 -51.43
C PRO P 321 -13.03 15.07 -50.82
N GLY P 322 -13.45 13.94 -51.39
CA GLY P 322 -12.89 12.65 -51.05
C GLY P 322 -13.68 11.80 -50.08
N TYR P 323 -14.88 12.23 -49.70
CA TYR P 323 -15.69 11.50 -48.73
C TYR P 323 -17.14 11.35 -49.18
N GLU P 324 -17.36 11.38 -50.50
CA GLU P 324 -18.66 11.19 -51.14
C GLU P 324 -19.63 12.34 -50.86
N ALA P 325 -19.24 13.33 -50.06
CA ALA P 325 -20.10 14.48 -49.85
C ALA P 325 -20.03 15.43 -51.04
N PRO P 326 -21.12 16.08 -51.39
CA PRO P 326 -21.11 17.01 -52.52
C PRO P 326 -20.26 18.24 -52.23
N CYS P 327 -19.61 18.75 -53.27
CA CYS P 327 -18.84 19.97 -53.17
C CYS P 327 -19.08 20.95 -54.31
N TYR P 328 -19.79 20.56 -55.35
CA TYR P 328 -20.05 21.43 -56.49
C TYR P 328 -21.50 21.29 -56.92
N VAL P 329 -22.00 22.32 -57.58
CA VAL P 329 -23.40 22.36 -58.00
C VAL P 329 -23.50 21.67 -59.36
N ALA P 330 -23.95 20.43 -59.35
CA ALA P 330 -24.16 19.68 -60.59
C ALA P 330 -25.15 18.55 -60.30
N TRP P 331 -25.74 18.03 -61.37
CA TRP P 331 -26.68 16.93 -61.27
C TRP P 331 -26.28 15.83 -62.24
N SER P 332 -26.57 14.59 -61.86
CA SER P 332 -26.12 13.44 -62.63
C SER P 332 -26.97 12.23 -62.26
N ALA P 333 -26.88 11.20 -63.10
CA ALA P 333 -27.48 9.90 -62.80
C ALA P 333 -26.49 8.91 -62.21
N GLN P 334 -25.20 9.10 -62.45
CA GLN P 334 -24.17 8.24 -61.87
C GLN P 334 -22.86 9.02 -61.86
N ASN P 335 -22.42 9.45 -60.68
CA ASN P 335 -21.20 10.21 -60.55
C ASN P 335 -20.69 10.09 -59.13
N ARG P 336 -19.43 10.47 -58.93
CA ARG P 336 -18.82 10.47 -57.61
C ARG P 336 -19.23 11.75 -56.89
N SER P 337 -20.08 11.61 -55.89
CA SER P 337 -20.56 12.69 -55.05
C SER P 337 -21.17 13.84 -55.85
N PRO P 338 -22.28 13.64 -56.55
CA PRO P 338 -22.97 14.76 -57.18
C PRO P 338 -23.90 15.45 -56.20
N LEU P 339 -24.15 16.73 -56.47
CA LEU P 339 -25.09 17.48 -55.64
C LEU P 339 -26.50 16.92 -55.76
N ILE P 340 -26.93 16.65 -56.98
CA ILE P 340 -28.24 16.08 -57.26
C ILE P 340 -28.06 14.76 -57.98
N ARG P 341 -28.66 13.71 -57.44
CA ARG P 341 -28.60 12.38 -58.04
C ARG P 341 -30.01 11.90 -58.33
N ILE P 342 -30.19 11.27 -59.48
CA ILE P 342 -31.48 10.74 -59.91
C ILE P 342 -31.37 9.21 -59.88
N PRO P 343 -32.09 8.53 -58.98
CA PRO P 343 -32.00 7.07 -58.93
C PRO P 343 -32.52 6.42 -60.20
N ALA P 344 -32.05 5.20 -60.45
CA ALA P 344 -32.41 4.50 -61.68
C ALA P 344 -33.89 4.14 -61.73
N SER P 345 -34.51 3.94 -60.57
CA SER P 345 -35.92 3.56 -60.54
C SER P 345 -36.78 4.67 -61.13
N ARG P 346 -37.81 4.27 -61.88
CA ARG P 346 -38.70 5.20 -62.55
C ARG P 346 -40.15 4.86 -62.23
N GLY P 347 -41.07 5.51 -62.92
CA GLY P 347 -42.48 5.29 -62.69
C GLY P 347 -42.98 6.10 -61.51
N ILE P 348 -43.67 5.44 -60.58
CA ILE P 348 -44.16 6.12 -59.40
C ILE P 348 -43.00 6.47 -58.46
N SER P 349 -41.84 5.85 -58.66
CA SER P 349 -40.69 6.05 -57.79
C SER P 349 -39.68 7.04 -58.36
N THR P 350 -40.05 7.78 -59.40
CA THR P 350 -39.16 8.79 -59.97
C THR P 350 -38.98 9.92 -58.96
N ARG P 351 -37.74 10.18 -58.57
CA ARG P 351 -37.44 11.16 -57.54
C ARG P 351 -36.11 11.82 -57.83
N VAL P 352 -35.90 12.99 -57.21
CA VAL P 352 -34.64 13.71 -57.27
C VAL P 352 -34.04 13.74 -55.88
N GLU P 353 -32.77 13.36 -55.76
CA GLU P 353 -32.10 13.26 -54.48
C GLU P 353 -31.13 14.43 -54.32
N VAL P 354 -31.30 15.20 -53.25
CA VAL P 354 -30.39 16.27 -52.89
C VAL P 354 -29.50 15.75 -51.77
N ARG P 355 -28.20 15.66 -52.03
CA ARG P 355 -27.27 14.99 -51.13
C ARG P 355 -26.49 15.97 -50.25
N SER P 356 -26.71 17.27 -50.40
CA SER P 356 -25.97 18.24 -49.58
C SER P 356 -26.53 18.33 -48.16
N VAL P 357 -27.80 17.97 -47.97
CA VAL P 357 -28.42 18.12 -46.66
C VAL P 357 -27.74 17.21 -45.64
N ASP P 358 -27.57 17.72 -44.43
CA ASP P 358 -27.00 16.98 -43.33
C ASP P 358 -28.04 16.83 -42.21
N PRO P 359 -27.88 15.83 -41.33
CA PRO P 359 -28.89 15.61 -40.29
C PRO P 359 -29.02 16.76 -39.30
N ALA P 360 -28.02 17.64 -39.21
CA ALA P 360 -28.12 18.78 -38.29
C ALA P 360 -29.09 19.84 -38.76
N ALA P 361 -29.48 19.82 -40.03
CA ALA P 361 -30.38 20.83 -40.56
C ALA P 361 -31.78 20.71 -39.95
N ASN P 362 -32.47 21.84 -39.89
CA ASN P 362 -33.88 21.83 -39.49
C ASN P 362 -34.70 21.22 -40.62
N PRO P 363 -35.41 20.12 -40.40
CA PRO P 363 -36.13 19.48 -41.50
C PRO P 363 -37.16 20.39 -42.16
N TYR P 364 -37.90 21.16 -41.36
CA TYR P 364 -38.95 22.02 -41.92
C TYR P 364 -38.34 23.14 -42.77
N LEU P 365 -37.30 23.80 -42.26
CA LEU P 365 -36.68 24.89 -43.01
C LEU P 365 -35.99 24.37 -44.27
N ALA P 366 -35.29 23.25 -44.17
CA ALA P 366 -34.63 22.67 -45.33
C ALA P 366 -35.64 22.26 -46.39
N LEU P 367 -36.73 21.62 -45.98
CA LEU P 367 -37.77 21.26 -46.93
C LEU P 367 -38.40 22.49 -47.55
N SER P 368 -38.60 23.55 -46.75
CA SER P 368 -39.18 24.78 -47.27
C SER P 368 -38.30 25.39 -48.35
N VAL P 369 -36.99 25.49 -48.09
CA VAL P 369 -36.12 26.13 -49.07
C VAL P 369 -35.97 25.26 -50.32
N LEU P 370 -35.89 23.93 -50.14
CA LEU P 370 -35.80 23.04 -51.29
C LEU P 370 -37.04 23.13 -52.16
N LEU P 371 -38.22 23.11 -51.53
CA LEU P 371 -39.47 23.23 -52.28
C LEU P 371 -39.59 24.58 -52.95
N ALA P 372 -39.16 25.65 -52.28
CA ALA P 372 -39.21 26.97 -52.88
C ALA P 372 -38.31 27.06 -54.11
N ALA P 373 -37.10 26.50 -54.02
CA ALA P 373 -36.22 26.50 -55.18
C ALA P 373 -36.81 25.68 -56.32
N GLY P 374 -37.36 24.51 -56.01
CA GLY P 374 -37.95 23.69 -57.05
C GLY P 374 -39.13 24.35 -57.73
N LEU P 375 -39.99 25.01 -56.95
CA LEU P 375 -41.12 25.73 -57.52
C LEU P 375 -40.68 26.94 -58.32
N ASP P 376 -39.61 27.61 -57.87
CA ASP P 376 -39.05 28.71 -58.65
C ASP P 376 -38.57 28.22 -60.01
N GLY P 377 -37.94 27.05 -60.05
CA GLY P 377 -37.56 26.47 -61.32
C GLY P 377 -38.76 26.13 -62.18
N ILE P 378 -39.81 25.59 -61.57
CA ILE P 378 -41.01 25.22 -62.32
C ILE P 378 -41.76 26.46 -62.81
N LYS P 379 -41.90 27.47 -61.94
CA LYS P 379 -42.70 28.64 -62.29
C LYS P 379 -42.11 29.41 -63.45
N ASN P 380 -40.79 29.58 -63.48
CA ASN P 380 -40.13 30.33 -64.54
C ASN P 380 -39.65 29.46 -65.69
N LYS P 381 -39.87 28.14 -65.62
CA LYS P 381 -39.47 27.21 -66.66
C LYS P 381 -37.98 27.34 -67.00
N LEU P 382 -37.17 27.36 -65.95
CA LEU P 382 -35.72 27.44 -66.15
C LEU P 382 -35.21 26.17 -66.83
N GLU P 383 -34.15 26.34 -67.61
CA GLU P 383 -33.56 25.24 -68.38
C GLU P 383 -32.47 24.58 -67.55
N ALA P 384 -32.59 23.28 -67.32
CA ALA P 384 -31.60 22.55 -66.55
C ALA P 384 -30.30 22.45 -67.33
N PRO P 385 -29.16 22.50 -66.66
CA PRO P 385 -27.88 22.32 -67.35
C PRO P 385 -27.66 20.86 -67.73
N ALA P 386 -26.66 20.65 -68.57
CA ALA P 386 -26.33 19.30 -68.99
C ALA P 386 -25.81 18.48 -67.80
N PRO P 387 -26.20 17.22 -67.69
CA PRO P 387 -25.70 16.40 -66.59
C PRO P 387 -24.20 16.13 -66.74
N ILE P 388 -23.56 15.92 -65.59
CA ILE P 388 -22.11 15.71 -65.54
C ILE P 388 -21.84 14.22 -65.28
N ASP P 389 -21.07 13.61 -66.19
CA ASP P 389 -20.73 12.19 -66.05
C ASP P 389 -19.26 11.94 -66.38
N ARG P 390 -18.36 12.83 -65.96
CA ARG P 390 -16.97 12.76 -66.39
C ARG P 390 -16.01 12.99 -65.23
N ASN P 391 -16.51 12.93 -63.99
CA ASN P 391 -15.71 13.08 -62.77
C ASN P 391 -15.07 14.48 -62.69
N ILE P 392 -15.95 15.46 -62.46
CA ILE P 392 -15.55 16.86 -62.30
C ILE P 392 -14.33 17.04 -61.41
N TYR P 393 -14.11 16.10 -60.48
CA TYR P 393 -12.93 16.18 -59.61
C TYR P 393 -11.63 16.06 -60.38
N VAL P 394 -11.67 15.57 -61.62
CA VAL P 394 -10.45 15.39 -62.40
C VAL P 394 -9.82 16.74 -62.73
N MET P 395 -10.62 17.68 -63.23
CA MET P 395 -10.06 18.95 -63.66
C MET P 395 -10.01 19.93 -62.49
N SER P 396 -9.25 21.01 -62.70
CA SER P 396 -9.04 22.02 -61.66
C SER P 396 -10.26 22.93 -61.53
N LYS P 397 -10.21 23.79 -60.51
CA LYS P 397 -11.31 24.73 -60.29
C LYS P 397 -11.44 25.69 -61.46
N GLU P 398 -10.32 26.22 -61.95
CA GLU P 398 -10.36 27.07 -63.14
C GLU P 398 -10.73 26.26 -64.38
N GLU P 399 -10.40 24.97 -64.39
CA GLU P 399 -10.70 24.11 -65.52
C GLU P 399 -12.16 23.67 -65.56
N ARG P 400 -12.94 23.98 -64.52
CA ARG P 400 -14.36 23.69 -64.49
C ARG P 400 -15.24 24.92 -64.25
N MET P 401 -14.64 26.06 -63.93
CA MET P 401 -15.43 27.27 -63.73
C MET P 401 -16.05 27.77 -65.03
N GLU P 402 -15.36 27.57 -66.16
CA GLU P 402 -15.91 27.98 -67.45
C GLU P 402 -17.18 27.22 -67.80
N ASN P 403 -17.37 26.03 -67.24
CA ASN P 403 -18.62 25.30 -67.39
C ASN P 403 -19.64 25.84 -66.39
N GLY P 404 -20.76 25.14 -66.23
CA GLY P 404 -21.77 25.53 -65.27
C GLY P 404 -21.48 25.10 -63.85
N ILE P 405 -20.33 24.49 -63.60
CA ILE P 405 -20.01 23.94 -62.29
C ILE P 405 -19.48 25.04 -61.39
N VAL P 406 -20.21 25.34 -60.32
CA VAL P 406 -19.77 26.30 -59.31
C VAL P 406 -19.63 25.57 -57.98
N ASP P 407 -18.80 26.11 -57.12
CA ASP P 407 -18.50 25.50 -55.84
C ASP P 407 -19.51 25.92 -54.77
N LEU P 408 -19.81 25.00 -53.86
CA LEU P 408 -20.61 25.32 -52.70
C LEU P 408 -19.80 26.21 -51.75
N PRO P 409 -20.47 26.99 -50.90
CA PRO P 409 -19.74 27.83 -49.94
C PRO P 409 -18.83 26.98 -49.05
N ALA P 410 -17.63 27.50 -48.79
CA ALA P 410 -16.63 26.76 -48.03
C ALA P 410 -16.78 26.91 -46.53
N THR P 411 -17.42 27.98 -46.06
CA THR P 411 -17.61 28.23 -44.64
C THR P 411 -19.06 28.66 -44.39
N LEU P 412 -19.45 28.65 -43.12
CA LEU P 412 -20.78 29.10 -42.76
C LEU P 412 -20.98 30.58 -43.05
N ALA P 413 -19.93 31.39 -42.87
CA ALA P 413 -20.04 32.81 -43.17
C ALA P 413 -20.28 33.06 -44.65
N GLU P 414 -19.58 32.32 -45.51
CA GLU P 414 -19.78 32.47 -46.95
C GLU P 414 -21.20 32.06 -47.35
N ALA P 415 -21.71 30.98 -46.76
CA ALA P 415 -23.07 30.56 -47.05
C ALA P 415 -24.08 31.57 -46.53
N LEU P 416 -23.81 32.19 -45.39
CA LEU P 416 -24.69 33.24 -44.89
C LEU P 416 -24.70 34.43 -45.84
N GLU P 417 -23.53 34.81 -46.36
CA GLU P 417 -23.46 35.90 -47.32
C GLU P 417 -24.24 35.58 -48.59
N GLU P 418 -24.10 34.34 -49.08
CA GLU P 418 -24.84 33.93 -50.28
C GLU P 418 -26.33 33.90 -50.03
N PHE P 419 -26.75 33.44 -48.84
CA PHE P 419 -28.17 33.31 -48.54
C PHE P 419 -28.84 34.67 -48.41
N LYS P 420 -28.14 35.66 -47.84
CA LYS P 420 -28.72 36.98 -47.67
C LYS P 420 -29.00 37.64 -49.02
N SER P 421 -28.14 37.39 -50.02
CA SER P 421 -28.29 38.07 -51.29
C SER P 421 -29.43 37.50 -52.12
N ASN P 422 -29.79 36.25 -51.92
CA ASN P 422 -30.81 35.61 -52.73
C ASN P 422 -32.19 36.09 -52.32
N GLU P 423 -32.91 36.71 -53.26
CA GLU P 423 -34.22 37.26 -52.95
C GLU P 423 -35.27 36.17 -52.78
N VAL P 424 -35.25 35.16 -53.66
CA VAL P 424 -36.25 34.10 -53.60
C VAL P 424 -36.15 33.33 -52.30
N MET P 425 -34.93 33.00 -51.88
CA MET P 425 -34.74 32.23 -50.65
C MET P 425 -35.19 32.99 -49.41
N VAL P 426 -35.27 34.32 -49.47
CA VAL P 426 -35.70 35.10 -48.31
C VAL P 426 -37.17 34.84 -48.01
N LYS P 427 -38.03 34.90 -49.04
CA LYS P 427 -39.44 34.60 -48.84
C LYS P 427 -39.70 33.13 -48.61
N ALA P 428 -38.70 32.26 -48.86
CA ALA P 428 -38.89 30.84 -48.60
C ALA P 428 -39.17 30.55 -47.13
N LEU P 429 -38.74 31.42 -46.22
CA LEU P 429 -39.01 31.25 -44.81
C LEU P 429 -39.54 32.50 -44.11
N GLY P 430 -39.78 33.59 -44.83
CA GLY P 430 -40.38 34.77 -44.24
C GLY P 430 -39.38 35.64 -43.50
N GLU P 431 -39.80 36.88 -43.24
CA GLU P 431 -38.90 37.87 -42.67
C GLU P 431 -38.54 37.55 -41.22
N HIS P 432 -39.50 37.07 -40.43
CA HIS P 432 -39.22 36.77 -39.03
C HIS P 432 -38.17 35.68 -38.90
N LEU P 433 -38.40 34.55 -39.57
CA LEU P 433 -37.45 33.45 -39.56
C LEU P 433 -36.12 33.89 -40.16
N PHE P 434 -36.17 34.69 -41.23
CA PHE P 434 -34.93 35.13 -41.87
C PHE P 434 -34.06 35.93 -40.90
N GLU P 435 -34.63 36.96 -40.27
CA GLU P 435 -33.84 37.79 -39.37
C GLU P 435 -33.33 36.99 -38.19
N HIS P 436 -34.18 36.16 -37.57
CA HIS P 436 -33.73 35.45 -36.39
C HIS P 436 -32.67 34.39 -36.74
N PHE P 437 -32.85 33.68 -37.85
CA PHE P 437 -31.86 32.71 -38.29
C PHE P 437 -30.53 33.39 -38.62
N ILE P 438 -30.57 34.53 -39.31
CA ILE P 438 -29.35 35.22 -39.66
C ILE P 438 -28.63 35.71 -38.41
N GLU P 439 -29.37 36.26 -37.45
CA GLU P 439 -28.74 36.72 -36.21
C GLU P 439 -28.09 35.56 -35.47
N ALA P 440 -28.81 34.45 -35.31
CA ALA P 440 -28.27 33.32 -34.58
C ALA P 440 -27.04 32.75 -35.27
N LYS P 441 -27.08 32.61 -36.59
CA LYS P 441 -25.95 32.04 -37.31
C LYS P 441 -24.76 32.99 -37.33
N GLU P 442 -24.99 34.30 -37.40
CA GLU P 442 -23.90 35.25 -37.33
C GLU P 442 -23.22 35.20 -35.97
N ILE P 443 -24.01 35.10 -34.90
CA ILE P 443 -23.43 34.95 -33.57
C ILE P 443 -22.62 33.65 -33.48
N GLU P 444 -23.17 32.57 -34.04
CA GLU P 444 -22.48 31.28 -34.03
C GLU P 444 -21.14 31.38 -34.74
N TRP P 445 -21.11 31.99 -35.93
CA TRP P 445 -19.86 32.13 -36.66
C TRP P 445 -18.87 33.03 -35.93
N ASP P 446 -19.35 34.13 -35.35
CA ASP P 446 -18.46 35.04 -34.64
C ASP P 446 -17.82 34.36 -33.44
N MET P 447 -18.57 33.52 -32.73
CA MET P 447 -17.99 32.80 -31.61
C MET P 447 -16.91 31.82 -32.08
N PHE P 448 -17.10 31.21 -33.24
CA PHE P 448 -16.15 30.22 -33.73
C PHE P 448 -14.88 30.88 -34.24
N ARG P 449 -15.00 31.99 -34.98
CA ARG P 449 -13.85 32.56 -35.66
C ARG P 449 -12.86 33.22 -34.71
N THR P 450 -13.29 33.61 -33.51
CA THR P 450 -12.41 34.24 -32.55
C THR P 450 -11.75 33.24 -31.60
N GLN P 451 -12.12 31.97 -31.66
CA GLN P 451 -11.54 30.98 -30.78
C GLN P 451 -10.12 30.63 -31.22
N VAL P 452 -9.30 30.21 -30.25
CA VAL P 452 -7.96 29.73 -30.51
C VAL P 452 -7.98 28.22 -30.29
N HIS P 453 -7.97 27.46 -31.37
CA HIS P 453 -8.10 26.02 -31.28
C HIS P 453 -6.78 25.36 -30.92
N PRO P 454 -6.81 24.16 -30.32
CA PRO P 454 -5.56 23.47 -29.98
C PRO P 454 -4.68 23.19 -31.19
N TRP P 455 -5.27 23.06 -32.38
CA TRP P 455 -4.47 22.87 -33.59
C TRP P 455 -3.51 24.04 -33.81
N GLU P 456 -3.98 25.26 -33.55
CA GLU P 456 -3.13 26.43 -33.71
C GLU P 456 -1.95 26.39 -32.75
N ARG P 457 -2.18 25.98 -31.50
CA ARG P 457 -1.07 25.87 -30.56
C ARG P 457 -0.11 24.76 -30.97
N GLU P 458 -0.63 23.62 -31.44
CA GLU P 458 0.24 22.56 -31.91
C GLU P 458 1.05 22.98 -33.14
N GLN P 459 0.55 23.94 -33.90
CA GLN P 459 1.24 24.37 -35.12
C GLN P 459 2.17 25.55 -34.91
N TYR P 460 1.93 26.40 -33.92
CA TYR P 460 2.65 27.67 -33.80
C TYR P 460 3.27 27.94 -32.44
N MET P 461 2.86 27.24 -31.38
CA MET P 461 3.38 27.57 -30.05
C MET P 461 4.88 27.34 -29.97
N SER P 462 5.37 26.24 -30.54
CA SER P 462 6.79 25.95 -30.51
C SER P 462 7.52 26.44 -31.76
N GLN P 463 6.85 26.46 -32.91
CA GLN P 463 7.49 26.95 -34.12
C GLN P 463 7.82 28.43 -34.04
N TYR P 464 6.93 29.22 -33.46
CA TYR P 464 7.15 30.65 -33.29
C TYR P 464 7.29 31.02 -31.81
N ALA Q 22 -21.96 -67.16 16.70
CA ALA Q 22 -21.61 -66.21 15.64
C ALA Q 22 -22.59 -65.04 15.62
N LYS Q 23 -22.23 -64.01 14.87
CA LYS Q 23 -23.07 -62.82 14.75
C LYS Q 23 -23.57 -62.60 13.32
N TYR Q 24 -22.77 -62.93 12.32
CA TYR Q 24 -23.16 -62.81 10.92
C TYR Q 24 -22.88 -64.10 10.18
N THR Q 25 -23.71 -64.37 9.18
CA THR Q 25 -23.48 -65.46 8.23
C THR Q 25 -23.34 -64.87 6.84
N ARG Q 26 -23.03 -65.74 5.87
CA ARG Q 26 -22.86 -65.29 4.49
C ARG Q 26 -24.13 -64.67 3.94
N GLU Q 27 -25.27 -65.32 4.20
CA GLU Q 27 -26.55 -64.79 3.72
C GLU Q 27 -26.84 -63.43 4.34
N ASP Q 28 -26.54 -63.28 5.64
CA ASP Q 28 -26.75 -61.99 6.29
C ASP Q 28 -25.88 -60.91 5.66
N ILE Q 29 -24.63 -61.21 5.36
CA ILE Q 29 -23.74 -60.23 4.73
C ILE Q 29 -24.27 -59.85 3.35
N GLU Q 30 -24.65 -60.85 2.55
CA GLU Q 30 -25.15 -60.56 1.21
C GLU Q 30 -26.41 -59.71 1.27
N LYS Q 31 -27.36 -60.07 2.14
CA LYS Q 31 -28.58 -59.29 2.27
C LYS Q 31 -28.28 -57.87 2.74
N LEU Q 32 -27.39 -57.72 3.72
CA LEU Q 32 -27.08 -56.41 4.28
C LEU Q 32 -26.46 -55.50 3.23
N VAL Q 33 -25.47 -56.00 2.48
CA VAL Q 33 -24.91 -55.18 1.42
C VAL Q 33 -25.97 -54.91 0.35
N LYS Q 34 -26.93 -55.83 0.18
CA LYS Q 34 -27.98 -55.62 -0.80
C LYS Q 34 -28.83 -54.40 -0.47
N GLU Q 35 -29.36 -54.32 0.76
CA GLU Q 35 -30.20 -53.15 1.03
C GLU Q 35 -29.35 -51.90 1.21
N GLU Q 36 -28.23 -51.99 1.93
CA GLU Q 36 -27.45 -50.79 2.20
C GLU Q 36 -26.72 -50.28 0.96
N ASN Q 37 -26.70 -51.04 -0.14
CA ASN Q 37 -26.13 -50.60 -1.40
C ASN Q 37 -24.66 -50.20 -1.23
N VAL Q 38 -23.85 -51.19 -0.86
CA VAL Q 38 -22.42 -50.98 -0.73
C VAL Q 38 -21.77 -51.29 -2.07
N LYS Q 39 -20.77 -50.49 -2.43
CA LYS Q 39 -20.06 -50.68 -3.69
C LYS Q 39 -18.58 -50.95 -3.49
N TYR Q 40 -18.03 -50.59 -2.33
CA TYR Q 40 -16.61 -50.72 -2.05
C TYR Q 40 -16.43 -51.50 -0.77
N ILE Q 41 -15.55 -52.51 -0.80
CA ILE Q 41 -15.29 -53.35 0.37
C ILE Q 41 -13.80 -53.35 0.64
N ARG Q 42 -13.43 -53.00 1.86
CA ARG Q 42 -12.03 -52.98 2.29
C ARG Q 42 -11.74 -54.27 3.07
N LEU Q 43 -10.79 -55.06 2.57
CA LEU Q 43 -10.34 -56.26 3.25
C LEU Q 43 -9.08 -55.91 4.04
N GLN Q 44 -9.28 -55.38 5.24
CA GLN Q 44 -8.20 -54.78 6.01
C GLN Q 44 -7.49 -55.81 6.88
N PHE Q 45 -6.23 -55.52 7.16
CA PHE Q 45 -5.38 -56.37 8.00
C PHE Q 45 -4.31 -55.49 8.64
N THR Q 46 -3.51 -56.11 9.50
CA THR Q 46 -2.52 -55.40 10.30
C THR Q 46 -1.13 -55.97 10.01
N ASP Q 47 -0.17 -55.08 9.79
CA ASP Q 47 1.21 -55.47 9.49
C ASP Q 47 2.03 -55.53 10.77
N ILE Q 48 3.36 -55.62 10.62
CA ILE Q 48 4.25 -55.72 11.78
C ILE Q 48 4.16 -54.45 12.64
N LEU Q 49 4.19 -53.29 12.00
CA LEU Q 49 4.27 -52.02 12.73
C LEU Q 49 2.93 -51.60 13.32
N GLY Q 50 1.85 -52.31 13.03
CA GLY Q 50 0.55 -52.00 13.58
C GLY Q 50 -0.31 -51.07 12.77
N THR Q 51 0.23 -50.48 11.69
CA THR Q 51 -0.59 -49.65 10.82
C THR Q 51 -1.57 -50.52 10.05
N ILE Q 52 -2.76 -49.98 9.82
CA ILE Q 52 -3.84 -50.73 9.18
C ILE Q 52 -3.60 -50.73 7.68
N LYS Q 53 -3.49 -51.93 7.11
CA LYS Q 53 -3.34 -52.11 5.67
C LYS Q 53 -4.60 -52.78 5.12
N ASN Q 54 -4.82 -52.61 3.82
CA ASN Q 54 -5.99 -53.20 3.20
C ASN Q 54 -5.78 -53.35 1.70
N VAL Q 55 -6.57 -54.24 1.11
CA VAL Q 55 -6.73 -54.33 -0.34
C VAL Q 55 -8.22 -54.17 -0.62
N GLU Q 56 -8.55 -53.38 -1.64
CA GLU Q 56 -9.92 -52.97 -1.90
C GLU Q 56 -10.46 -53.67 -3.13
N ILE Q 57 -11.70 -54.12 -3.05
CA ILE Q 57 -12.36 -54.81 -4.16
C ILE Q 57 -13.72 -54.17 -4.41
N PRO Q 58 -14.25 -54.23 -5.62
CA PRO Q 58 -15.64 -53.82 -5.84
C PRO Q 58 -16.60 -54.84 -5.24
N VAL Q 59 -17.85 -54.39 -5.04
CA VAL Q 59 -18.86 -55.25 -4.45
C VAL Q 59 -19.13 -56.47 -5.32
N SER Q 60 -18.85 -56.38 -6.63
CA SER Q 60 -19.01 -57.52 -7.51
C SER Q 60 -18.05 -58.66 -7.19
N GLN Q 61 -17.00 -58.39 -6.41
CA GLN Q 61 -16.03 -59.40 -6.01
C GLN Q 61 -16.30 -59.93 -4.61
N LEU Q 62 -17.46 -59.61 -4.02
CA LEU Q 62 -17.78 -60.09 -2.68
C LEU Q 62 -17.86 -61.61 -2.64
N GLY Q 63 -18.43 -62.22 -3.68
CA GLY Q 63 -18.50 -63.67 -3.71
C GLY Q 63 -17.13 -64.33 -3.72
N LYS Q 64 -16.20 -63.76 -4.49
CA LYS Q 64 -14.84 -64.27 -4.50
C LYS Q 64 -14.16 -64.04 -3.15
N ALA Q 65 -14.43 -62.90 -2.52
CA ALA Q 65 -13.83 -62.61 -1.22
C ALA Q 65 -14.29 -63.59 -0.16
N LEU Q 66 -15.60 -63.85 -0.11
CA LEU Q 66 -16.15 -64.78 0.87
C LEU Q 66 -15.76 -66.23 0.59
N ASP Q 67 -15.23 -66.52 -0.58
CA ASP Q 67 -14.75 -67.85 -0.92
C ASP Q 67 -13.29 -68.06 -0.55
N ASN Q 68 -12.67 -67.07 0.12
CA ASN Q 68 -11.26 -67.13 0.49
C ASN Q 68 -10.37 -67.34 -0.74
N LYS Q 69 -10.60 -66.52 -1.76
CA LYS Q 69 -9.91 -66.65 -3.03
C LYS Q 69 -9.16 -65.40 -3.47
N VAL Q 70 -9.32 -64.28 -2.77
CA VAL Q 70 -8.63 -63.05 -3.15
C VAL Q 70 -7.17 -63.16 -2.75
N MET Q 71 -6.29 -62.92 -3.72
CA MET Q 71 -4.85 -62.96 -3.48
C MET Q 71 -4.28 -61.55 -3.42
N PHE Q 72 -3.13 -61.44 -2.76
CA PHE Q 72 -2.45 -60.17 -2.61
C PHE Q 72 -0.99 -60.44 -2.25
N ASP Q 73 -0.20 -59.37 -2.20
CA ASP Q 73 1.21 -59.47 -1.86
C ASP Q 73 1.34 -59.53 -0.35
N GLY Q 74 1.66 -60.71 0.17
CA GLY Q 74 1.78 -60.89 1.61
C GLY Q 74 3.03 -60.27 2.22
N SER Q 75 3.98 -59.84 1.39
CA SER Q 75 5.17 -59.17 1.91
C SER Q 75 4.85 -57.80 2.48
N SER Q 76 3.69 -57.24 2.17
CA SER Q 76 3.31 -55.93 2.71
C SER Q 76 3.17 -55.97 4.23
N ILE Q 77 3.01 -57.16 4.82
CA ILE Q 77 2.95 -57.27 6.27
C ILE Q 77 4.30 -56.92 6.88
N GLU Q 78 5.40 -57.25 6.20
CA GLU Q 78 6.72 -56.97 6.73
C GLU Q 78 7.02 -55.48 6.83
N GLY Q 79 6.27 -54.64 6.13
CA GLY Q 79 6.50 -53.21 6.18
C GLY Q 79 7.60 -52.75 5.24
N PHE Q 80 8.43 -51.82 5.70
CA PHE Q 80 9.49 -51.27 4.86
C PHE Q 80 10.69 -52.20 4.71
N VAL Q 81 10.71 -53.32 5.45
CA VAL Q 81 11.81 -54.28 5.33
C VAL Q 81 11.46 -55.43 4.39
N ARG Q 82 10.36 -55.32 3.65
CA ARG Q 82 10.00 -56.35 2.69
C ARG Q 82 11.01 -56.42 1.56
N ILE Q 83 11.22 -57.63 1.05
CA ILE Q 83 12.21 -57.89 0.01
C ILE Q 83 11.58 -58.50 -1.24
N GLU Q 84 10.91 -59.65 -1.08
CA GLU Q 84 10.40 -60.42 -2.21
C GLU Q 84 8.89 -60.49 -2.15
N GLU Q 85 8.26 -60.38 -3.32
CA GLU Q 85 6.81 -60.53 -3.41
C GLU Q 85 6.40 -61.96 -3.07
N SER Q 86 5.28 -62.09 -2.35
CA SER Q 86 4.76 -63.40 -1.95
C SER Q 86 3.24 -63.36 -2.01
N ASP Q 87 2.67 -64.37 -2.65
CA ASP Q 87 1.21 -64.45 -2.81
C ASP Q 87 0.60 -65.15 -1.60
N MET Q 88 -0.41 -64.53 -1.01
CA MET Q 88 -1.15 -65.11 0.11
C MET Q 88 -2.62 -64.82 -0.06
N TYR Q 89 -3.44 -65.62 0.61
CA TYR Q 89 -4.89 -65.47 0.57
C TYR Q 89 -5.37 -64.55 1.70
N LEU Q 90 -6.64 -64.15 1.60
CA LEU Q 90 -7.19 -63.05 2.40
C LEU Q 90 -8.50 -63.47 3.06
N TYR Q 91 -8.47 -64.63 3.75
CA TYR Q 91 -9.62 -65.18 4.46
C TYR Q 91 -10.27 -64.14 5.36
N PRO Q 92 -11.48 -63.68 5.04
CA PRO Q 92 -12.12 -62.65 5.87
C PRO Q 92 -12.88 -63.27 7.04
N ASP Q 93 -13.13 -62.43 8.05
CA ASP Q 93 -13.90 -62.81 9.23
C ASP Q 93 -15.27 -62.16 9.12
N LEU Q 94 -16.32 -62.99 9.14
CA LEU Q 94 -17.67 -62.48 8.94
C LEU Q 94 -18.14 -61.63 10.11
N ASN Q 95 -17.73 -61.98 11.33
CA ASN Q 95 -18.18 -61.25 12.52
C ASN Q 95 -17.63 -59.82 12.57
N THR Q 96 -16.60 -59.53 11.80
CA THR Q 96 -15.99 -58.20 11.80
C THR Q 96 -16.62 -57.26 10.79
N PHE Q 97 -17.68 -57.69 10.10
CA PHE Q 97 -18.33 -56.83 9.11
C PHE Q 97 -18.87 -55.57 9.78
N VAL Q 98 -18.44 -54.43 9.25
CA VAL Q 98 -18.85 -53.12 9.77
C VAL Q 98 -19.10 -52.20 8.58
N ILE Q 99 -20.20 -51.45 8.64
CA ILE Q 99 -20.56 -50.48 7.62
C ILE Q 99 -20.09 -49.11 8.08
N PHE Q 100 -19.24 -48.47 7.30
CA PHE Q 100 -18.72 -47.16 7.67
C PHE Q 100 -19.81 -46.10 7.54
N PRO Q 101 -19.99 -45.25 8.54
CA PRO Q 101 -21.06 -44.24 8.48
C PRO Q 101 -20.82 -43.14 7.46
N TRP Q 102 -19.59 -42.98 6.98
CA TRP Q 102 -19.26 -41.94 6.02
C TRP Q 102 -19.51 -42.49 4.61
N THR Q 103 -20.63 -42.10 4.02
CA THR Q 103 -20.98 -42.59 2.69
C THR Q 103 -20.00 -42.06 1.66
N ALA Q 104 -19.56 -42.95 0.76
CA ALA Q 104 -18.59 -42.60 -0.27
C ALA Q 104 -19.30 -42.36 -1.60
N GLU Q 105 -19.98 -41.20 -1.67
CA GLU Q 105 -20.65 -40.76 -2.89
C GLU Q 105 -21.58 -41.83 -3.45
N LYS Q 106 -21.18 -42.46 -4.55
CA LYS Q 106 -21.97 -43.48 -5.22
C LYS Q 106 -21.73 -44.82 -4.52
N GLY Q 107 -22.45 -45.04 -3.43
CA GLY Q 107 -22.36 -46.29 -2.70
C GLY Q 107 -21.67 -46.13 -1.37
N LYS Q 108 -21.90 -47.10 -0.49
CA LYS Q 108 -21.31 -47.13 0.84
C LYS Q 108 -20.07 -48.01 0.86
N VAL Q 109 -19.33 -47.94 1.96
CA VAL Q 109 -18.10 -48.70 2.14
C VAL Q 109 -18.26 -49.59 3.37
N ALA Q 110 -17.93 -50.87 3.21
CA ALA Q 110 -17.92 -51.83 4.30
C ALA Q 110 -16.53 -52.45 4.41
N ARG Q 111 -16.22 -52.99 5.58
CA ARG Q 111 -14.90 -53.53 5.83
C ARG Q 111 -14.99 -54.93 6.41
N PHE Q 112 -13.98 -55.74 6.10
CA PHE Q 112 -13.76 -57.02 6.74
C PHE Q 112 -12.34 -57.05 7.30
N ILE Q 113 -12.19 -57.59 8.50
CA ILE Q 113 -10.87 -57.86 9.07
C ILE Q 113 -10.53 -59.30 8.73
N CYS Q 114 -9.42 -59.50 8.01
CA CYS Q 114 -9.13 -60.77 7.38
C CYS Q 114 -7.86 -61.39 7.95
N ASP Q 115 -7.81 -62.71 7.94
CA ASP Q 115 -6.61 -63.46 8.27
C ASP Q 115 -5.81 -63.71 7.00
N ILE Q 116 -4.51 -63.93 7.17
CA ILE Q 116 -3.60 -64.17 6.06
C ILE Q 116 -3.26 -65.65 6.01
N TYR Q 117 -3.42 -66.25 4.84
CA TYR Q 117 -3.21 -67.68 4.66
C TYR Q 117 -2.25 -67.94 3.51
N ASN Q 118 -1.42 -68.97 3.67
CA ASN Q 118 -0.52 -69.40 2.62
C ASN Q 118 -1.32 -69.99 1.46
N PRO Q 119 -0.74 -70.05 0.26
CA PRO Q 119 -1.46 -70.61 -0.88
C PRO Q 119 -1.88 -72.06 -0.71
N ASP Q 120 -1.25 -72.81 0.20
CA ASP Q 120 -1.59 -74.21 0.44
C ASP Q 120 -2.67 -74.38 1.51
N GLY Q 121 -3.24 -73.28 2.00
CA GLY Q 121 -4.27 -73.32 3.02
C GLY Q 121 -3.77 -73.24 4.44
N THR Q 122 -2.46 -73.31 4.65
CA THR Q 122 -1.90 -73.16 5.99
C THR Q 122 -1.90 -71.69 6.38
N PRO Q 123 -2.32 -71.36 7.61
CA PRO Q 123 -2.29 -69.95 8.04
C PRO Q 123 -0.87 -69.40 8.02
N PHE Q 124 -0.75 -68.14 7.61
CA PHE Q 124 0.56 -67.53 7.46
C PHE Q 124 1.17 -67.23 8.82
N GLU Q 125 2.40 -67.69 9.03
CA GLU Q 125 3.08 -67.50 10.30
C GLU Q 125 3.53 -66.06 10.51
N GLY Q 126 3.55 -65.24 9.46
CA GLY Q 126 3.92 -63.85 9.57
C GLY Q 126 2.78 -62.88 9.83
N ASP Q 127 1.58 -63.39 10.11
CA ASP Q 127 0.44 -62.54 10.38
C ASP Q 127 0.28 -62.35 11.88
N PRO Q 128 0.33 -61.12 12.39
CA PRO Q 128 0.19 -60.93 13.85
C PRO Q 128 -1.11 -61.46 14.40
N ARG Q 129 -2.22 -61.32 13.67
CA ARG Q 129 -3.50 -61.84 14.14
C ARG Q 129 -3.47 -63.37 14.22
N ASN Q 130 -2.89 -64.02 13.21
CA ASN Q 130 -2.73 -65.46 13.26
C ASN Q 130 -1.81 -65.89 14.38
N ASN Q 131 -0.78 -65.10 14.67
CA ASN Q 131 0.09 -65.41 15.79
C ASN Q 131 -0.66 -65.31 17.12
N LEU Q 132 -1.50 -64.29 17.26
CA LEU Q 132 -2.32 -64.18 18.46
C LEU Q 132 -3.27 -65.36 18.59
N LYS Q 133 -3.87 -65.79 17.48
CA LYS Q 133 -4.73 -66.97 17.51
C LYS Q 133 -3.95 -68.21 17.90
N ARG Q 134 -2.70 -68.33 17.44
CA ARG Q 134 -1.86 -69.45 17.83
C ARG Q 134 -1.57 -69.44 19.33
N ILE Q 135 -1.27 -68.25 19.88
CA ILE Q 135 -1.03 -68.15 21.31
C ILE Q 135 -2.30 -68.47 22.09
N LEU Q 136 -3.46 -68.07 21.58
CA LEU Q 136 -4.72 -68.41 22.24
C LEU Q 136 -4.99 -69.90 22.19
N LYS Q 137 -4.61 -70.56 21.08
CA LYS Q 137 -4.71 -72.01 21.02
C LYS Q 137 -3.80 -72.67 22.05
N GLU Q 138 -2.59 -72.14 22.21
CA GLU Q 138 -1.70 -72.64 23.26
C GLU Q 138 -2.31 -72.46 24.65
N MET Q 139 -2.98 -71.32 24.86
CA MET Q 139 -3.67 -71.09 26.13
C MET Q 139 -4.78 -72.11 26.34
N GLU Q 140 -5.56 -72.38 25.30
CA GLU Q 140 -6.61 -73.39 25.40
C GLU Q 140 -6.03 -74.78 25.68
N ASP Q 141 -4.82 -75.04 25.20
CA ASP Q 141 -4.16 -76.30 25.51
C ASP Q 141 -3.81 -76.43 26.99
N LEU Q 142 -3.80 -75.32 27.72
CA LEU Q 142 -3.54 -75.33 29.16
C LEU Q 142 -4.80 -75.50 29.98
N GLY Q 143 -5.96 -75.61 29.34
CA GLY Q 143 -7.22 -75.79 30.03
C GLY Q 143 -8.09 -74.55 30.15
N PHE Q 144 -7.54 -73.37 29.89
CA PHE Q 144 -8.32 -72.15 29.97
C PHE Q 144 -9.17 -71.97 28.72
N SER Q 145 -10.23 -71.18 28.85
CA SER Q 145 -11.21 -71.01 27.79
C SER Q 145 -11.14 -69.65 27.12
N ASP Q 146 -11.07 -68.56 27.89
CA ASP Q 146 -11.09 -67.22 27.33
C ASP Q 146 -9.99 -66.37 27.95
N PHE Q 147 -9.53 -65.39 27.17
CA PHE Q 147 -8.57 -64.39 27.63
C PHE Q 147 -9.16 -63.02 27.30
N ASN Q 148 -9.66 -62.34 28.32
CA ASN Q 148 -10.35 -61.06 28.13
C ASN Q 148 -9.39 -59.91 28.31
N LEU Q 149 -9.58 -58.86 27.50
CA LEU Q 149 -8.76 -57.67 27.56
C LEU Q 149 -9.65 -56.44 27.66
N GLY Q 150 -9.33 -55.54 28.58
CA GLY Q 150 -9.96 -54.25 28.64
C GLY Q 150 -8.94 -53.15 28.48
N PRO Q 151 -8.98 -52.44 27.35
CA PRO Q 151 -7.98 -51.41 27.07
C PRO Q 151 -8.42 -50.04 27.56
N GLU Q 152 -7.42 -49.22 27.85
CA GLU Q 152 -7.61 -47.83 28.24
C GLU Q 152 -6.73 -46.93 27.38
N PRO Q 153 -7.06 -46.79 26.10
CA PRO Q 153 -6.20 -46.01 25.20
C PRO Q 153 -6.36 -44.51 25.45
N GLU Q 154 -5.23 -43.84 25.61
CA GLU Q 154 -5.18 -42.39 25.77
C GLU Q 154 -4.64 -41.75 24.50
N PHE Q 155 -5.14 -40.57 24.18
CA PHE Q 155 -4.72 -39.87 22.98
C PHE Q 155 -4.77 -38.37 23.21
N PHE Q 156 -4.04 -37.64 22.37
CA PHE Q 156 -3.99 -36.19 22.41
C PHE Q 156 -4.72 -35.61 21.21
N LEU Q 157 -5.29 -34.42 21.40
CA LEU Q 157 -5.97 -33.70 20.33
C LEU Q 157 -5.21 -32.41 20.06
N PHE Q 158 -4.73 -32.25 18.83
CA PHE Q 158 -3.97 -31.08 18.42
C PHE Q 158 -4.73 -30.32 17.36
N LYS Q 159 -4.74 -28.99 17.46
CA LYS Q 159 -5.41 -28.16 16.48
C LYS Q 159 -4.66 -28.19 15.15
N LEU Q 160 -5.41 -28.14 14.06
CA LEU Q 160 -4.85 -28.04 12.72
C LEU Q 160 -4.72 -26.58 12.32
N ASP Q 161 -3.78 -26.32 11.41
CA ASP Q 161 -3.56 -24.97 10.90
C ASP Q 161 -4.36 -24.78 9.61
N GLU Q 162 -4.10 -23.68 8.91
CA GLU Q 162 -4.82 -23.38 7.67
C GLU Q 162 -4.54 -24.45 6.61
N LYS Q 163 -3.29 -24.88 6.50
CA LYS Q 163 -2.90 -25.88 5.51
C LYS Q 163 -3.32 -27.30 5.91
N GLY Q 164 -4.04 -27.46 7.01
CA GLY Q 164 -4.52 -28.76 7.42
C GLY Q 164 -3.45 -29.73 7.86
N GLU Q 165 -2.46 -29.27 8.62
CA GLU Q 165 -1.45 -30.14 9.19
C GLU Q 165 -1.35 -29.88 10.69
N PRO Q 166 -0.96 -30.89 11.46
CA PRO Q 166 -0.98 -30.74 12.93
C PRO Q 166 -0.02 -29.67 13.42
N THR Q 167 -0.41 -28.99 14.49
CA THR Q 167 0.41 -28.04 15.21
C THR Q 167 0.67 -28.57 16.62
N LEU Q 168 1.33 -27.75 17.43
CA LEU Q 168 1.64 -28.13 18.81
C LEU Q 168 0.70 -27.50 19.82
N GLU Q 169 -0.41 -26.93 19.38
CA GLU Q 169 -1.39 -26.34 20.27
C GLU Q 169 -2.47 -27.35 20.63
N LEU Q 170 -2.71 -27.51 21.92
CA LEU Q 170 -3.71 -28.45 22.40
C LEU Q 170 -5.12 -27.85 22.29
N ASN Q 171 -6.11 -28.73 22.22
CA ASN Q 171 -7.48 -28.26 22.00
C ASN Q 171 -8.10 -27.62 23.23
N ASP Q 172 -7.65 -28.00 24.43
CA ASP Q 172 -8.19 -27.41 25.65
C ASP Q 172 -7.15 -27.48 26.76
N LYS Q 173 -7.30 -26.59 27.73
CA LYS Q 173 -6.46 -26.60 28.94
C LYS Q 173 -7.19 -27.34 30.07
N GLY Q 174 -7.54 -28.60 29.79
CA GLY Q 174 -8.30 -29.39 30.73
C GLY Q 174 -7.42 -30.06 31.77
N GLY Q 175 -8.09 -30.74 32.70
CA GLY Q 175 -7.40 -31.45 33.78
C GLY Q 175 -7.94 -32.85 34.01
N TYR Q 176 -7.45 -33.51 35.04
CA TYR Q 176 -7.86 -34.87 35.35
C TYR Q 176 -9.34 -34.92 35.74
N PHE Q 177 -10.12 -35.67 34.96
CA PHE Q 177 -11.56 -35.86 35.18
C PHE Q 177 -12.33 -34.55 35.19
N ASP Q 178 -11.76 -33.50 34.61
CA ASP Q 178 -12.40 -32.19 34.62
C ASP Q 178 -13.58 -32.16 33.64
N LEU Q 179 -14.54 -31.31 33.95
CA LEU Q 179 -15.63 -30.98 33.02
C LEU Q 179 -15.21 -29.78 32.17
N ALA Q 180 -14.08 -29.94 31.50
CA ALA Q 180 -13.43 -28.85 30.77
C ALA Q 180 -14.11 -28.54 29.44
N PRO Q 181 -14.33 -29.51 28.54
CA PRO Q 181 -14.97 -29.18 27.26
C PRO Q 181 -16.36 -28.59 27.41
N THR Q 182 -17.11 -29.00 28.44
CA THR Q 182 -18.45 -28.50 28.72
C THR Q 182 -19.41 -28.69 27.55
N ASP Q 183 -20.51 -27.97 27.59
CA ASP Q 183 -21.52 -27.96 26.54
C ASP Q 183 -21.14 -26.89 25.51
N LEU Q 184 -22.09 -26.49 24.66
CA LEU Q 184 -21.90 -25.44 23.68
C LEU Q 184 -20.89 -25.84 22.61
N GLY Q 185 -21.16 -26.95 21.93
CA GLY Q 185 -20.31 -27.36 20.84
C GLY Q 185 -18.98 -27.94 21.31
N GLU Q 186 -18.08 -28.10 20.35
CA GLU Q 186 -16.77 -28.72 20.55
C GLU Q 186 -17.01 -30.09 21.20
N ASN Q 187 -16.31 -30.44 22.29
CA ASN Q 187 -16.46 -31.73 22.96
C ASN Q 187 -16.32 -32.87 21.95
N CYS Q 188 -15.13 -32.94 21.35
CA CYS Q 188 -14.86 -34.00 20.38
C CYS Q 188 -14.91 -35.38 21.03
N ARG Q 189 -14.57 -35.46 22.32
CA ARG Q 189 -14.65 -36.74 23.02
C ARG Q 189 -16.08 -37.25 23.07
N ARG Q 190 -17.04 -36.37 23.35
CA ARG Q 190 -18.44 -36.76 23.38
C ARG Q 190 -18.90 -37.27 22.01
N ASP Q 191 -18.55 -36.54 20.95
CA ASP Q 191 -18.94 -36.96 19.61
C ASP Q 191 -18.32 -38.29 19.24
N ILE Q 192 -17.04 -38.49 19.59
CA ILE Q 192 -16.38 -39.76 19.32
C ILE Q 192 -17.09 -40.89 20.05
N VAL Q 193 -17.44 -40.68 21.32
CA VAL Q 193 -18.07 -41.74 22.10
C VAL Q 193 -19.43 -42.08 21.51
N LEU Q 194 -20.23 -41.07 21.17
CA LEU Q 194 -21.55 -41.34 20.60
C LEU Q 194 -21.44 -42.04 19.25
N GLU Q 195 -20.51 -41.59 18.41
CA GLU Q 195 -20.34 -42.18 17.08
C GLU Q 195 -19.90 -43.64 17.21
N LEU Q 196 -18.97 -43.91 18.13
CA LEU Q 196 -18.54 -45.29 18.38
C LEU Q 196 -19.69 -46.14 18.87
N GLU Q 197 -20.54 -45.58 19.74
CA GLU Q 197 -21.73 -46.29 20.18
C GLU Q 197 -22.63 -46.64 19.00
N GLU Q 198 -22.73 -45.73 18.03
CA GLU Q 198 -23.57 -45.98 16.87
C GLU Q 198 -23.01 -47.09 15.97
N MET Q 199 -21.72 -47.40 16.05
CA MET Q 199 -21.12 -48.44 15.22
C MET Q 199 -21.06 -49.80 15.90
N GLY Q 200 -21.63 -49.93 17.10
CA GLY Q 200 -21.63 -51.20 17.81
C GLY Q 200 -20.56 -51.37 18.85
N PHE Q 201 -19.76 -50.33 19.11
CA PHE Q 201 -18.79 -50.42 20.20
C PHE Q 201 -19.48 -50.38 21.54
N GLU Q 202 -18.84 -50.96 22.55
CA GLU Q 202 -19.33 -50.97 23.92
C GLU Q 202 -18.40 -50.10 24.76
N ILE Q 203 -18.78 -48.83 24.94
CA ILE Q 203 -17.97 -47.87 25.67
C ILE Q 203 -18.38 -47.90 27.14
N GLU Q 204 -17.40 -48.05 28.03
CA GLU Q 204 -17.68 -48.05 29.45
C GLU Q 204 -17.81 -46.63 30.00
N ALA Q 205 -16.73 -45.85 29.91
CA ALA Q 205 -16.72 -44.50 30.43
C ALA Q 205 -15.65 -43.69 29.72
N SER Q 206 -15.75 -42.36 29.86
CA SER Q 206 -14.79 -41.45 29.26
C SER Q 206 -14.55 -40.28 30.20
N HIS Q 207 -13.37 -39.67 30.08
CA HIS Q 207 -13.01 -38.55 30.93
C HIS Q 207 -11.84 -37.80 30.31
N HIS Q 208 -11.62 -36.59 30.80
CA HIS Q 208 -10.43 -35.85 30.43
C HIS Q 208 -9.23 -36.35 31.23
N GLU Q 209 -8.09 -36.48 30.56
CA GLU Q 209 -6.91 -37.04 31.17
C GLU Q 209 -6.13 -35.95 31.90
N VAL Q 210 -5.01 -36.34 32.52
CA VAL Q 210 -4.24 -35.42 33.35
C VAL Q 210 -3.70 -34.26 32.53
N ALA Q 211 -3.07 -34.58 31.39
CA ALA Q 211 -2.45 -33.55 30.59
C ALA Q 211 -3.50 -32.73 29.84
N PRO Q 212 -3.22 -31.46 29.57
CA PRO Q 212 -4.15 -30.68 28.74
C PRO Q 212 -4.27 -31.28 27.35
N GLY Q 213 -5.48 -31.23 26.80
CA GLY Q 213 -5.72 -31.79 25.48
C GLY Q 213 -5.57 -33.29 25.39
N GLN Q 214 -5.60 -34.00 26.51
CA GLN Q 214 -5.47 -35.44 26.54
C GLN Q 214 -6.78 -36.06 27.00
N HIS Q 215 -7.20 -37.14 26.32
CA HIS Q 215 -8.49 -37.74 26.56
C HIS Q 215 -8.34 -39.26 26.62
N GLU Q 216 -9.28 -39.91 27.31
CA GLU Q 216 -9.29 -41.35 27.43
C GLU Q 216 -10.72 -41.87 27.24
N ILE Q 217 -10.84 -42.96 26.49
CA ILE Q 217 -12.11 -43.64 26.30
C ILE Q 217 -11.89 -45.13 26.59
N ASP Q 218 -12.70 -45.68 27.48
CA ASP Q 218 -12.55 -47.07 27.92
C ASP Q 218 -13.67 -47.93 27.34
N PHE Q 219 -13.29 -49.07 26.78
CA PHE Q 219 -14.25 -50.03 26.26
C PHE Q 219 -14.55 -51.10 27.30
N LYS Q 220 -15.68 -51.77 27.12
CA LYS Q 220 -15.97 -52.96 27.89
C LYS Q 220 -15.02 -54.09 27.49
N TYR Q 221 -14.66 -54.91 28.47
CA TYR Q 221 -13.76 -56.03 28.20
C TYR Q 221 -14.42 -57.03 27.25
N ALA Q 222 -13.59 -57.66 26.41
CA ALA Q 222 -14.06 -58.64 25.45
C ALA Q 222 -12.91 -59.59 25.14
N GLY Q 223 -13.14 -60.50 24.19
CA GLY Q 223 -12.09 -61.42 23.80
C GLY Q 223 -10.89 -60.71 23.21
N ALA Q 224 -9.75 -61.39 23.28
CA ALA Q 224 -8.48 -60.77 22.89
C ALA Q 224 -8.49 -60.35 21.43
N VAL Q 225 -8.92 -61.24 20.53
CA VAL Q 225 -8.96 -60.91 19.11
C VAL Q 225 -9.95 -59.77 18.87
N ARG Q 226 -11.14 -59.86 19.47
CA ARG Q 226 -12.13 -58.81 19.32
C ARG Q 226 -11.62 -57.50 19.92
N SER Q 227 -10.93 -57.57 21.06
CA SER Q 227 -10.40 -56.37 21.67
C SER Q 227 -9.37 -55.69 20.78
N CYS Q 228 -8.47 -56.47 20.17
CA CYS Q 228 -7.46 -55.89 19.29
C CYS Q 228 -8.09 -55.30 18.02
N ASP Q 229 -9.08 -56.00 17.46
CA ASP Q 229 -9.79 -55.46 16.31
C ASP Q 229 -10.49 -54.16 16.67
N ASP Q 230 -11.10 -54.10 17.85
CA ASP Q 230 -11.75 -52.88 18.31
C ASP Q 230 -10.73 -51.78 18.54
N ILE Q 231 -9.52 -52.11 19.00
CA ILE Q 231 -8.49 -51.10 19.19
C ILE Q 231 -8.10 -50.48 17.85
N GLN Q 232 -7.89 -51.32 16.84
CA GLN Q 232 -7.53 -50.81 15.52
C GLN Q 232 -8.65 -49.94 14.94
N THR Q 233 -9.89 -50.43 15.02
CA THR Q 233 -11.02 -49.67 14.52
C THR Q 233 -11.19 -48.36 15.31
N PHE Q 234 -10.92 -48.40 16.61
CA PHE Q 234 -11.01 -47.22 17.45
C PHE Q 234 -9.99 -46.18 17.02
N LYS Q 235 -8.75 -46.59 16.74
CA LYS Q 235 -7.76 -45.64 16.25
C LYS Q 235 -8.21 -45.01 14.94
N LEU Q 236 -8.68 -45.84 14.01
CA LEU Q 236 -9.13 -45.31 12.72
C LEU Q 236 -10.26 -44.31 12.90
N VAL Q 237 -11.28 -44.68 13.69
CA VAL Q 237 -12.46 -43.84 13.86
C VAL Q 237 -12.10 -42.55 14.59
N VAL Q 238 -11.25 -42.63 15.61
CA VAL Q 238 -10.84 -41.43 16.34
C VAL Q 238 -10.10 -40.47 15.43
N LYS Q 239 -9.18 -40.99 14.62
CA LYS Q 239 -8.47 -40.11 13.69
C LYS Q 239 -9.44 -39.46 12.71
N THR Q 240 -10.37 -40.23 12.16
CA THR Q 240 -11.31 -39.68 11.19
C THR Q 240 -12.19 -38.60 11.82
N ILE Q 241 -12.74 -38.87 13.01
CA ILE Q 241 -13.65 -37.92 13.63
C ILE Q 241 -12.90 -36.67 14.07
N ALA Q 242 -11.66 -36.82 14.55
CA ALA Q 242 -10.85 -35.64 14.86
C ALA Q 242 -10.59 -34.82 13.61
N ARG Q 243 -10.35 -35.48 12.49
CA ARG Q 243 -10.20 -34.76 11.23
C ARG Q 243 -11.48 -34.02 10.85
N LYS Q 244 -12.65 -34.58 11.20
CA LYS Q 244 -13.90 -33.87 11.00
C LYS Q 244 -13.92 -32.54 11.75
N HIS Q 245 -13.50 -32.55 13.01
CA HIS Q 245 -13.60 -31.37 13.87
C HIS Q 245 -12.44 -30.40 13.69
N GLY Q 246 -11.66 -30.55 12.63
CA GLY Q 246 -10.48 -29.71 12.46
C GLY Q 246 -9.45 -29.93 13.54
N LEU Q 247 -9.23 -31.18 13.93
CA LEU Q 247 -8.30 -31.52 14.98
C LEU Q 247 -7.43 -32.69 14.52
N HIS Q 248 -6.27 -32.82 15.16
CA HIS Q 248 -5.38 -33.93 14.90
C HIS Q 248 -5.33 -34.82 16.14
N ALA Q 249 -5.67 -36.09 15.97
CA ALA Q 249 -5.61 -37.07 17.05
C ALA Q 249 -4.41 -37.96 16.85
N THR Q 250 -3.57 -38.06 17.88
CA THR Q 250 -2.36 -38.87 17.82
C THR Q 250 -2.32 -39.80 19.02
N PHE Q 251 -1.86 -41.03 18.77
CA PHE Q 251 -1.60 -42.00 19.82
C PHE Q 251 -0.11 -42.11 20.11
N MET Q 252 0.66 -41.08 19.76
CA MET Q 252 2.08 -41.06 20.06
C MET Q 252 2.30 -41.07 21.57
N PRO Q 253 3.23 -41.88 22.08
CA PRO Q 253 3.38 -42.01 23.53
C PRO Q 253 3.66 -40.70 24.25
N LYS Q 254 4.65 -39.94 23.81
CA LYS Q 254 5.02 -38.68 24.45
C LYS Q 254 5.18 -37.59 23.38
N PRO Q 255 4.07 -36.99 22.95
CA PRO Q 255 4.19 -35.88 21.97
C PRO Q 255 4.95 -34.68 22.51
N LEU Q 256 4.87 -34.40 23.81
CA LEU Q 256 5.46 -33.21 24.39
C LEU Q 256 6.29 -33.56 25.62
N PHE Q 257 7.36 -32.79 25.83
CA PHE Q 257 8.20 -32.95 26.99
C PHE Q 257 7.62 -32.19 28.18
N GLY Q 258 7.83 -32.74 29.38
CA GLY Q 258 7.33 -32.11 30.59
C GLY Q 258 5.84 -32.26 30.80
N VAL Q 259 5.18 -33.12 30.02
CA VAL Q 259 3.75 -33.32 30.07
C VAL Q 259 3.48 -34.81 30.12
N ASN Q 260 2.40 -35.20 30.78
CA ASN Q 260 2.04 -36.61 30.92
C ASN Q 260 1.94 -37.28 29.55
N GLY Q 261 2.49 -38.48 29.45
CA GLY Q 261 2.41 -39.25 28.23
C GLY Q 261 1.10 -39.98 28.09
N SER Q 262 0.98 -40.72 26.99
CA SER Q 262 -0.22 -41.48 26.67
C SER Q 262 0.05 -42.96 26.85
N GLY Q 263 -0.77 -43.62 27.67
CA GLY Q 263 -0.67 -45.03 27.91
C GLY Q 263 -1.88 -45.78 27.35
N MET Q 264 -1.74 -47.10 27.31
CA MET Q 264 -2.79 -48.01 26.85
C MET Q 264 -2.91 -49.18 27.82
N HIS Q 265 -3.04 -48.86 29.10
CA HIS Q 265 -3.17 -49.85 30.17
C HIS Q 265 -4.08 -51.00 29.75
N CYS Q 266 -3.59 -52.22 29.94
CA CYS Q 266 -4.27 -53.43 29.49
C CYS Q 266 -4.75 -54.21 30.70
N ASN Q 267 -6.07 -54.32 30.85
CA ASN Q 267 -6.68 -55.09 31.92
C ASN Q 267 -6.89 -56.51 31.42
N LEU Q 268 -6.16 -57.47 31.99
CA LEU Q 268 -6.16 -58.85 31.54
C LEU Q 268 -6.88 -59.72 32.56
N SER Q 269 -7.79 -60.56 32.09
CA SER Q 269 -8.49 -61.52 32.93
C SER Q 269 -8.55 -62.86 32.22
N LEU Q 270 -8.19 -63.92 32.93
CA LEU Q 270 -8.16 -65.27 32.37
C LEU Q 270 -9.35 -66.05 32.90
N PHE Q 271 -10.05 -66.73 32.00
CA PHE Q 271 -11.26 -67.48 32.33
C PHE Q 271 -11.03 -68.96 32.12
N LYS Q 272 -11.60 -69.75 33.03
CA LYS Q 272 -11.56 -71.21 32.94
C LYS Q 272 -12.95 -71.75 33.15
N ASN Q 273 -13.47 -72.48 32.16
CA ASN Q 273 -14.83 -73.04 32.21
C ASN Q 273 -15.88 -71.95 32.39
N GLY Q 274 -15.63 -70.78 31.83
CA GLY Q 274 -16.58 -69.68 31.90
C GLY Q 274 -16.56 -68.86 33.16
N VAL Q 275 -15.67 -69.18 34.11
CA VAL Q 275 -15.56 -68.42 35.35
C VAL Q 275 -14.15 -67.83 35.45
N ASN Q 276 -14.05 -66.74 36.20
CA ASN Q 276 -12.79 -66.05 36.36
C ASN Q 276 -11.82 -66.91 37.14
N ALA Q 277 -10.64 -67.15 36.57
CA ALA Q 277 -9.63 -67.99 37.21
C ALA Q 277 -8.70 -67.21 38.12
N PHE Q 278 -8.80 -65.88 38.15
CA PHE Q 278 -7.95 -65.06 39.01
C PHE Q 278 -8.53 -64.83 40.39
N PHE Q 279 -9.77 -65.26 40.64
CA PHE Q 279 -10.49 -64.92 41.86
C PHE Q 279 -10.54 -66.13 42.79
N ASP Q 280 -10.23 -65.90 44.07
CA ASP Q 280 -10.34 -66.92 45.11
C ASP Q 280 -10.77 -66.22 46.39
N GLU Q 281 -11.99 -66.52 46.85
CA GLU Q 281 -12.58 -65.78 47.96
C GLU Q 281 -11.97 -66.13 49.32
N ASN Q 282 -11.30 -67.27 49.45
CA ASN Q 282 -10.66 -67.63 50.71
C ASN Q 282 -9.16 -67.39 50.74
N ALA Q 283 -8.61 -66.76 49.70
CA ALA Q 283 -7.19 -66.48 49.64
C ALA Q 283 -6.92 -65.01 49.94
N ASP Q 284 -5.68 -64.73 50.35
CA ASP Q 284 -5.31 -63.35 50.64
C ASP Q 284 -5.38 -62.49 49.39
N LEU Q 285 -5.73 -61.22 49.57
CA LEU Q 285 -6.01 -60.27 48.49
C LEU Q 285 -7.09 -60.77 47.54
N GLN Q 286 -7.82 -61.82 47.92
CA GLN Q 286 -8.87 -62.41 47.09
C GLN Q 286 -8.32 -62.84 45.72
N LEU Q 287 -7.09 -63.33 45.71
CA LEU Q 287 -6.40 -63.69 44.49
C LEU Q 287 -6.08 -65.18 44.49
N SER Q 288 -6.39 -65.85 43.39
CA SER Q 288 -6.12 -67.28 43.25
C SER Q 288 -4.64 -67.52 42.98
N GLU Q 289 -4.24 -68.79 43.12
CA GLU Q 289 -2.87 -69.17 42.81
C GLU Q 289 -2.54 -68.97 41.34
N THR Q 290 -3.53 -69.17 40.46
CA THR Q 290 -3.33 -68.93 39.04
C THR Q 290 -2.99 -67.46 38.79
N ALA Q 291 -3.66 -66.55 39.49
CA ALA Q 291 -3.37 -65.13 39.34
C ALA Q 291 -1.95 -64.81 39.79
N LYS Q 292 -1.50 -65.42 40.89
CA LYS Q 292 -0.13 -65.18 41.36
C LYS Q 292 0.88 -65.72 40.36
N HIS Q 293 0.61 -66.90 39.77
CA HIS Q 293 1.51 -67.43 38.76
C HIS Q 293 1.55 -66.53 37.53
N PHE Q 294 0.39 -66.00 37.13
CA PHE Q 294 0.33 -65.07 36.01
C PHE Q 294 1.14 -63.82 36.29
N ILE Q 295 1.01 -63.26 37.49
CA ILE Q 295 1.78 -62.07 37.87
C ILE Q 295 3.27 -62.38 37.87
N ALA Q 296 3.65 -63.53 38.39
CA ALA Q 296 5.06 -63.92 38.38
C ALA Q 296 5.60 -64.04 36.96
N GLY Q 297 4.81 -64.64 36.07
CA GLY Q 297 5.24 -64.76 34.69
C GLY Q 297 5.40 -63.41 34.01
N ILE Q 298 4.48 -62.49 34.27
CA ILE Q 298 4.60 -61.15 33.69
C ILE Q 298 5.81 -60.42 34.25
N VAL Q 299 6.06 -60.58 35.56
CA VAL Q 299 7.20 -59.91 36.19
C VAL Q 299 8.51 -60.45 35.63
N LYS Q 300 8.60 -61.76 35.43
CA LYS Q 300 9.84 -62.37 34.98
C LYS Q 300 10.26 -61.85 33.61
N HIS Q 301 9.31 -61.72 32.69
CA HIS Q 301 9.59 -61.35 31.31
C HIS Q 301 9.34 -59.89 31.01
N ALA Q 302 9.11 -59.06 32.05
CA ALA Q 302 8.70 -57.67 31.82
C ALA Q 302 9.75 -56.91 31.03
N THR Q 303 11.02 -57.04 31.39
CA THR Q 303 12.08 -56.36 30.66
C THR Q 303 12.28 -56.91 29.25
N SER Q 304 11.72 -58.08 28.94
CA SER Q 304 11.94 -58.71 27.64
C SER Q 304 10.88 -58.33 26.61
N PHE Q 305 9.61 -58.22 27.00
CA PHE Q 305 8.58 -57.86 26.06
C PHE Q 305 8.35 -56.36 25.98
N THR Q 306 9.15 -55.56 26.69
CA THR Q 306 9.03 -54.11 26.60
C THR Q 306 9.29 -53.63 25.17
N ALA Q 307 10.17 -54.31 24.44
CA ALA Q 307 10.42 -53.94 23.05
C ALA Q 307 9.16 -54.07 22.19
N VAL Q 308 8.31 -55.04 22.50
CA VAL Q 308 7.07 -55.23 21.74
C VAL Q 308 5.97 -54.30 22.26
N THR Q 309 5.81 -54.19 23.58
CA THR Q 309 4.78 -53.32 24.13
C THR Q 309 5.13 -51.85 23.99
N ASN Q 310 6.41 -51.52 23.84
CA ASN Q 310 6.86 -50.15 23.62
C ASN Q 310 7.80 -50.16 22.42
N PRO Q 311 7.25 -50.24 21.21
CA PRO Q 311 8.08 -50.51 20.02
C PRO Q 311 8.70 -49.29 19.35
N THR Q 312 8.45 -48.08 19.84
CA THR Q 312 8.98 -46.88 19.20
C THR Q 312 10.09 -46.26 20.04
N VAL Q 313 10.86 -45.40 19.38
CA VAL Q 313 11.89 -44.63 20.09
C VAL Q 313 11.23 -43.69 21.10
N ASN Q 314 10.16 -43.03 20.70
CA ASN Q 314 9.45 -42.10 21.58
C ASN Q 314 8.80 -42.79 22.77
N SER Q 315 8.58 -44.10 22.68
CA SER Q 315 7.92 -44.81 23.78
C SER Q 315 8.71 -44.72 25.07
N TYR Q 316 10.04 -44.62 24.98
CA TYR Q 316 10.88 -44.62 26.17
C TYR Q 316 11.12 -43.23 26.73
N LYS Q 317 10.68 -42.18 26.05
CA LYS Q 317 10.57 -40.87 26.67
C LYS Q 317 9.37 -40.77 27.60
N ARG Q 318 8.37 -41.64 27.42
CA ARG Q 318 7.27 -41.72 28.37
C ARG Q 318 7.69 -42.47 29.64
N LEU Q 319 8.53 -43.50 29.49
CA LEU Q 319 8.98 -44.31 30.62
C LEU Q 319 10.05 -43.56 31.42
N VAL Q 320 9.65 -42.41 31.94
CA VAL Q 320 10.51 -41.59 32.78
C VAL Q 320 9.75 -41.28 34.07
N PRO Q 321 10.44 -41.12 35.21
CA PRO Q 321 9.73 -40.92 36.47
C PRO Q 321 9.01 -39.59 36.53
N GLY Q 322 7.91 -39.56 37.29
CA GLY Q 322 7.20 -38.34 37.58
C GLY Q 322 5.96 -38.07 36.75
N TYR Q 323 5.54 -39.02 35.91
CA TYR Q 323 4.38 -38.80 35.06
C TYR Q 323 3.43 -40.00 35.09
N GLU Q 324 3.43 -40.75 36.18
CA GLU Q 324 2.56 -41.90 36.44
C GLU Q 324 2.86 -43.09 35.52
N ALA Q 325 3.79 -42.95 34.58
CA ALA Q 325 4.17 -44.08 33.76
C ALA Q 325 5.09 -45.02 34.52
N PRO Q 326 4.98 -46.32 34.31
CA PRO Q 326 5.85 -47.26 35.02
C PRO Q 326 7.30 -47.11 34.60
N CYS Q 327 8.20 -47.37 35.55
CA CYS Q 327 9.63 -47.35 35.29
C CYS Q 327 10.36 -48.53 35.91
N TYR Q 328 9.72 -49.32 36.75
CA TYR Q 328 10.35 -50.45 37.41
C TYR Q 328 9.41 -51.64 37.38
N VAL Q 329 9.99 -52.84 37.48
CA VAL Q 329 9.24 -54.08 37.41
C VAL Q 329 8.77 -54.42 38.82
N ALA Q 330 7.51 -54.12 39.10
CA ALA Q 330 6.90 -54.45 40.38
C ALA Q 330 5.38 -54.46 40.21
N TRP Q 331 4.70 -55.12 41.15
CA TRP Q 331 3.26 -55.19 41.14
C TRP Q 331 2.71 -54.75 42.49
N SER Q 332 1.54 -54.14 42.48
CA SER Q 332 0.95 -53.58 43.68
C SER Q 332 -0.54 -53.40 43.50
N ALA Q 333 -1.23 -53.21 44.62
CA ALA Q 333 -2.65 -52.86 44.61
C ALA Q 333 -2.88 -51.36 44.76
N GLN Q 334 -1.94 -50.63 45.35
CA GLN Q 334 -2.08 -49.19 45.52
C GLN Q 334 -0.66 -48.62 45.61
N ASN Q 335 -0.22 -47.99 44.52
CA ASN Q 335 1.12 -47.41 44.48
C ASN Q 335 1.17 -46.36 43.39
N ARG Q 336 2.24 -45.56 43.41
CA ARG Q 336 2.46 -44.53 42.41
C ARG Q 336 3.18 -45.15 41.22
N SER Q 337 2.46 -45.27 40.09
CA SER Q 337 2.98 -45.79 38.84
C SER Q 337 3.60 -47.17 38.99
N PRO Q 338 2.82 -48.21 39.34
CA PRO Q 338 3.37 -49.56 39.32
C PRO Q 338 3.27 -50.17 37.92
N LEU Q 339 4.17 -51.13 37.67
CA LEU Q 339 4.11 -51.84 36.39
C LEU Q 339 2.84 -52.65 36.27
N ILE Q 340 2.47 -53.37 37.32
CA ILE Q 340 1.26 -54.17 37.36
C ILE Q 340 0.40 -53.68 38.50
N ARG Q 341 -0.86 -53.34 38.20
CA ARG Q 341 -1.82 -52.89 39.20
C ARG Q 341 -3.01 -53.83 39.20
N ILE Q 342 -3.50 -54.13 40.40
CA ILE Q 342 -4.65 -55.01 40.57
C ILE Q 342 -5.81 -54.16 41.09
N PRO Q 343 -6.86 -53.95 40.30
CA PRO Q 343 -7.98 -53.11 40.75
C PRO Q 343 -8.69 -53.72 41.95
N ALA Q 344 -9.38 -52.85 42.69
CA ALA Q 344 -10.05 -53.27 43.91
C ALA Q 344 -11.20 -54.22 43.64
N SER Q 345 -11.85 -54.08 42.48
CA SER Q 345 -12.99 -54.94 42.15
C SER Q 345 -12.55 -56.40 42.06
N ARG Q 346 -13.41 -57.30 42.52
CA ARG Q 346 -13.13 -58.72 42.55
C ARG Q 346 -14.30 -59.50 41.97
N GLY Q 347 -14.23 -60.82 42.10
CA GLY Q 347 -15.27 -61.68 41.59
C GLY Q 347 -15.09 -61.93 40.10
N ILE Q 348 -16.15 -61.67 39.32
CA ILE Q 348 -16.07 -61.84 37.88
C ILE Q 348 -15.12 -60.79 37.28
N SER Q 349 -14.97 -59.64 37.93
CA SER Q 349 -14.18 -58.54 37.41
C SER Q 349 -12.74 -58.56 37.90
N THR Q 350 -12.28 -59.66 38.49
CA THR Q 350 -10.89 -59.75 38.92
C THR Q 350 -9.97 -59.75 37.70
N ARG Q 351 -8.99 -58.85 37.71
CA ARG Q 351 -8.11 -58.68 36.56
C ARG Q 351 -6.76 -58.13 37.02
N VAL Q 352 -5.77 -58.26 36.13
CA VAL Q 352 -4.44 -57.70 36.34
C VAL Q 352 -4.20 -56.66 35.25
N GLU Q 353 -3.78 -55.47 35.65
CA GLU Q 353 -3.59 -54.36 34.72
C GLU Q 353 -2.09 -54.17 34.47
N VAL Q 354 -1.69 -54.19 33.20
CA VAL Q 354 -0.33 -53.89 32.80
C VAL Q 354 -0.30 -52.49 32.23
N ARG Q 355 0.44 -51.60 32.90
CA ARG Q 355 0.40 -50.18 32.58
C ARG Q 355 1.57 -49.71 31.72
N SER Q 356 2.47 -50.62 31.33
CA SER Q 356 3.61 -50.23 30.51
C SER Q 356 3.22 -50.04 29.04
N VAL Q 357 2.16 -50.72 28.59
CA VAL Q 357 1.78 -50.68 27.18
C VAL Q 357 1.37 -49.27 26.78
N ASP Q 358 1.79 -48.86 25.59
CA ASP Q 358 1.42 -47.58 25.01
C ASP Q 358 0.58 -47.79 23.77
N PRO Q 359 -0.22 -46.81 23.37
CA PRO Q 359 -1.11 -47.00 22.21
C PRO Q 359 -0.38 -47.23 20.89
N ALA Q 360 0.92 -46.92 20.81
CA ALA Q 360 1.66 -47.14 19.58
C ALA Q 360 1.98 -48.62 19.34
N ALA Q 361 1.84 -49.47 20.36
CA ALA Q 361 2.16 -50.87 20.20
C ALA Q 361 1.17 -51.58 19.28
N ASN Q 362 1.64 -52.63 18.64
CA ASN Q 362 0.76 -53.49 17.87
C ASN Q 362 -0.11 -54.29 18.84
N PRO Q 363 -1.43 -54.16 18.79
CA PRO Q 363 -2.27 -54.86 19.80
C PRO Q 363 -2.10 -56.36 19.77
N TYR Q 364 -2.03 -56.96 18.59
CA TYR Q 364 -1.92 -58.41 18.50
C TYR Q 364 -0.60 -58.90 19.06
N LEU Q 365 0.51 -58.25 18.70
CA LEU Q 365 1.81 -58.67 19.20
C LEU Q 365 1.94 -58.45 20.69
N ALA Q 366 1.47 -57.30 21.20
CA ALA Q 366 1.52 -57.03 22.63
C ALA Q 366 0.69 -58.04 23.41
N LEU Q 367 -0.52 -58.34 22.93
CA LEU Q 367 -1.34 -59.34 23.59
C LEU Q 367 -0.68 -60.70 23.54
N SER Q 368 -0.04 -61.04 22.41
CA SER Q 368 0.64 -62.32 22.30
C SER Q 368 1.76 -62.46 23.32
N VAL Q 369 2.60 -61.43 23.45
CA VAL Q 369 3.73 -61.53 24.37
C VAL Q 369 3.25 -61.53 25.81
N LEU Q 370 2.22 -60.71 26.13
CA LEU Q 370 1.70 -60.70 27.48
C LEU Q 370 1.10 -62.05 27.86
N LEU Q 371 0.31 -62.64 26.95
CA LEU Q 371 -0.29 -63.94 27.22
C LEU Q 371 0.79 -65.02 27.32
N ALA Q 372 1.82 -64.95 26.48
CA ALA Q 372 2.89 -65.93 26.55
C ALA Q 372 3.63 -65.85 27.89
N ALA Q 373 3.92 -64.63 28.36
CA ALA Q 373 4.57 -64.49 29.66
C ALA Q 373 3.67 -65.01 30.78
N GLY Q 374 2.38 -64.69 30.73
CA GLY Q 374 1.47 -65.16 31.76
C GLY Q 374 1.36 -66.67 31.79
N LEU Q 375 1.28 -67.30 30.62
CA LEU Q 375 1.23 -68.75 30.55
C LEU Q 375 2.54 -69.39 30.98
N ASP Q 376 3.67 -68.74 30.69
CA ASP Q 376 4.95 -69.22 31.18
C ASP Q 376 4.98 -69.22 32.71
N GLY Q 377 4.43 -68.17 33.32
CA GLY Q 377 4.32 -68.16 34.77
C GLY Q 377 3.42 -69.26 35.29
N ILE Q 378 2.30 -69.51 34.60
CA ILE Q 378 1.35 -70.53 35.04
C ILE Q 378 1.94 -71.92 34.83
N LYS Q 379 2.57 -72.16 33.68
CA LYS Q 379 3.05 -73.50 33.36
C LYS Q 379 4.15 -73.95 34.32
N ASN Q 380 5.06 -73.05 34.67
CA ASN Q 380 6.19 -73.39 35.55
C ASN Q 380 5.89 -73.12 37.01
N LYS Q 381 4.69 -72.64 37.34
CA LYS Q 381 4.29 -72.36 38.73
C LYS Q 381 5.30 -71.45 39.43
N LEU Q 382 5.68 -70.38 38.74
CA LEU Q 382 6.60 -69.42 39.31
C LEU Q 382 5.98 -68.71 40.50
N GLU Q 383 6.83 -68.29 41.44
CA GLU Q 383 6.38 -67.63 42.66
C GLU Q 383 6.44 -66.12 42.46
N ALA Q 384 5.31 -65.45 42.69
CA ALA Q 384 5.26 -64.01 42.54
C ALA Q 384 6.03 -63.33 43.67
N PRO Q 385 6.70 -62.21 43.39
CA PRO Q 385 7.39 -61.48 44.46
C PRO Q 385 6.39 -60.74 45.34
N ALA Q 386 6.92 -60.22 46.44
CA ALA Q 386 6.07 -59.48 47.38
C ALA Q 386 5.61 -58.16 46.74
N PRO Q 387 4.36 -57.77 46.95
CA PRO Q 387 3.88 -56.50 46.42
C PRO Q 387 4.60 -55.32 47.06
N ILE Q 388 4.72 -54.24 46.29
CA ILE Q 388 5.42 -53.04 46.72
C ILE Q 388 4.40 -51.99 47.09
N ASP Q 389 4.43 -51.55 48.36
CA ASP Q 389 3.48 -50.55 48.84
C ASP Q 389 4.17 -49.48 49.69
N ARG Q 390 5.38 -49.07 49.31
CA ARG Q 390 6.11 -48.10 50.12
C ARG Q 390 6.87 -47.07 49.29
N ASN Q 391 6.46 -46.85 48.03
CA ASN Q 391 6.96 -45.75 47.19
C ASN Q 391 8.47 -45.88 46.94
N ILE Q 392 8.81 -46.89 46.15
CA ILE Q 392 10.19 -47.19 45.78
C ILE Q 392 10.91 -46.01 45.15
N TYR Q 393 10.16 -44.99 44.72
CA TYR Q 393 10.77 -43.86 44.03
C TYR Q 393 11.77 -43.12 44.90
N VAL Q 394 11.51 -43.01 46.21
CA VAL Q 394 12.44 -42.32 47.09
C VAL Q 394 13.75 -43.09 47.20
N MET Q 395 13.68 -44.42 47.20
CA MET Q 395 14.88 -45.24 47.28
C MET Q 395 15.74 -45.06 46.04
N SER Q 396 17.06 -45.09 46.23
CA SER Q 396 17.98 -44.99 45.11
C SER Q 396 17.95 -46.27 44.29
N LYS Q 397 18.53 -46.19 43.09
CA LYS Q 397 18.58 -47.36 42.21
C LYS Q 397 19.37 -48.49 42.87
N GLU Q 398 20.53 -48.17 43.45
CA GLU Q 398 21.27 -49.17 44.22
C GLU Q 398 20.53 -49.53 45.50
N GLU Q 399 19.79 -48.59 46.08
CA GLU Q 399 19.04 -48.85 47.31
C GLU Q 399 17.85 -49.77 47.09
N ARG Q 400 17.47 -50.04 45.83
CA ARG Q 400 16.39 -50.96 45.52
C ARG Q 400 16.80 -52.11 44.62
N MET Q 401 18.04 -52.11 44.11
CA MET Q 401 18.50 -53.22 43.27
C MET Q 401 18.63 -54.50 44.08
N GLU Q 402 19.00 -54.41 45.36
CA GLU Q 402 19.11 -55.60 46.20
C GLU Q 402 17.76 -56.29 46.39
N ASN Q 403 16.66 -55.57 46.24
CA ASN Q 403 15.34 -56.18 46.26
C ASN Q 403 15.05 -56.77 44.88
N GLY Q 404 13.80 -57.16 44.65
CA GLY Q 404 13.40 -57.68 43.36
C GLY Q 404 13.12 -56.63 42.31
N ILE Q 405 13.31 -55.35 42.64
CA ILE Q 405 12.96 -54.27 41.73
C ILE Q 405 14.07 -54.09 40.72
N VAL Q 406 13.73 -54.21 39.43
CA VAL Q 406 14.66 -53.95 38.34
C VAL Q 406 14.07 -52.88 37.44
N ASP Q 407 14.95 -52.18 36.75
CA ASP Q 407 14.55 -51.07 35.89
C ASP Q 407 14.14 -51.59 34.51
N LEU Q 408 13.13 -50.94 33.93
CA LEU Q 408 12.78 -51.20 32.55
C LEU Q 408 13.88 -50.65 31.64
N PRO Q 409 13.98 -51.18 30.42
CA PRO Q 409 15.00 -50.64 29.49
C PRO Q 409 14.78 -49.16 29.24
N ALA Q 410 15.90 -48.43 29.17
CA ALA Q 410 15.85 -46.98 29.04
C ALA Q 410 15.74 -46.50 27.61
N THR Q 411 16.16 -47.31 26.65
CA THR Q 411 16.11 -46.95 25.24
C THR Q 411 15.53 -48.12 24.44
N LEU Q 412 15.18 -47.84 23.19
CA LEU Q 412 14.69 -48.90 22.31
C LEU Q 412 15.76 -49.92 22.03
N ALA Q 413 17.02 -49.49 21.89
CA ALA Q 413 18.12 -50.42 21.64
C ALA Q 413 18.30 -51.38 22.81
N GLU Q 414 18.25 -50.87 24.04
CA GLU Q 414 18.39 -51.74 25.21
C GLU Q 414 17.26 -52.75 25.28
N ALA Q 415 16.03 -52.31 24.99
CA ALA Q 415 14.90 -53.23 25.00
C ALA Q 415 15.04 -54.28 23.90
N LEU Q 416 15.55 -53.88 22.73
CA LEU Q 416 15.80 -54.86 21.67
C LEU Q 416 16.85 -55.88 22.10
N GLU Q 417 17.89 -55.42 22.78
CA GLU Q 417 18.92 -56.34 23.28
C GLU Q 417 18.33 -57.32 24.28
N GLU Q 418 17.48 -56.82 25.19
CA GLU Q 418 16.85 -57.70 26.18
C GLU Q 418 15.88 -58.68 25.52
N PHE Q 419 15.15 -58.22 24.51
CA PHE Q 419 14.16 -59.07 23.85
C PHE Q 419 14.81 -60.20 23.07
N LYS Q 420 15.96 -59.92 22.45
CA LYS Q 420 16.65 -60.95 21.67
C LYS Q 420 17.11 -62.10 22.57
N SER Q 421 17.55 -61.78 23.79
CA SER Q 421 18.12 -62.80 24.66
C SER Q 421 17.06 -63.72 25.26
N ASN Q 422 15.82 -63.26 25.39
CA ASN Q 422 14.79 -64.06 26.04
C ASN Q 422 14.27 -65.13 25.08
N GLU Q 423 14.41 -66.39 25.49
CA GLU Q 423 14.02 -67.50 24.62
C GLU Q 423 12.51 -67.63 24.53
N VAL Q 424 11.80 -67.48 25.65
CA VAL Q 424 10.36 -67.67 25.67
C VAL Q 424 9.67 -66.59 24.82
N MET Q 425 10.11 -65.34 24.96
CA MET Q 425 9.53 -64.26 24.18
C MET Q 425 9.76 -64.41 22.69
N VAL Q 426 10.80 -65.15 22.28
CA VAL Q 426 11.05 -65.36 20.86
C VAL Q 426 9.97 -66.25 20.25
N LYS Q 427 9.64 -67.36 20.91
CA LYS Q 427 8.57 -68.22 20.44
C LYS Q 427 7.20 -67.58 20.58
N ALA Q 428 7.08 -66.49 21.34
CA ALA Q 428 5.80 -65.84 21.51
C ALA Q 428 5.25 -65.28 20.19
N LEU Q 429 6.12 -65.02 19.21
CA LEU Q 429 5.69 -64.53 17.92
C LEU Q 429 6.29 -65.25 16.73
N GLY Q 430 7.12 -66.28 16.95
CA GLY Q 430 7.65 -67.06 15.86
C GLY Q 430 8.84 -66.41 15.18
N GLU Q 431 9.56 -67.23 14.41
CA GLU Q 431 10.81 -66.79 13.82
C GLU Q 431 10.60 -65.69 12.78
N HIS Q 432 9.57 -65.82 11.94
CA HIS Q 432 9.33 -64.83 10.89
C HIS Q 432 9.09 -63.45 11.48
N LEU Q 433 8.12 -63.37 12.41
CA LEU Q 433 7.83 -62.11 13.06
C LEU Q 433 9.04 -61.60 13.83
N PHE Q 434 9.75 -62.51 14.51
CA PHE Q 434 10.90 -62.10 15.30
C PHE Q 434 11.96 -61.42 14.45
N GLU Q 435 12.38 -62.10 13.37
CA GLU Q 435 13.43 -61.52 12.52
C GLU Q 435 12.97 -60.22 11.88
N HIS Q 436 11.75 -60.18 11.36
CA HIS Q 436 11.34 -58.95 10.67
C HIS Q 436 11.16 -57.79 11.64
N PHE Q 437 10.60 -58.06 12.82
CA PHE Q 437 10.46 -57.01 13.83
C PHE Q 437 11.82 -56.51 14.29
N ILE Q 438 12.77 -57.42 14.52
CA ILE Q 438 14.09 -57.01 14.97
C ILE Q 438 14.79 -56.19 13.91
N GLU Q 439 14.69 -56.60 12.64
CA GLU Q 439 15.32 -55.84 11.57
C GLU Q 439 14.72 -54.44 11.46
N ALA Q 440 13.39 -54.34 11.48
CA ALA Q 440 12.74 -53.04 11.36
C ALA Q 440 13.11 -52.13 12.53
N LYS Q 441 13.10 -52.66 13.75
CA LYS Q 441 13.40 -51.85 14.92
C LYS Q 441 14.87 -51.45 14.98
N GLU Q 442 15.77 -52.33 14.53
CA GLU Q 442 17.19 -51.97 14.46
C GLU Q 442 17.42 -50.86 13.46
N ILE Q 443 16.76 -50.93 12.30
CA ILE Q 443 16.86 -49.84 11.33
C ILE Q 443 16.32 -48.55 11.92
N GLU Q 444 15.18 -48.64 12.62
CA GLU Q 444 14.58 -47.46 13.25
C GLU Q 444 15.52 -46.82 14.26
N TRP Q 445 16.16 -47.64 15.10
CA TRP Q 445 17.09 -47.10 16.09
C TRP Q 445 18.33 -46.52 15.43
N ASP Q 446 18.85 -47.18 14.40
CA ASP Q 446 20.04 -46.68 13.73
C ASP Q 446 19.77 -45.33 13.07
N MET Q 447 18.57 -45.15 12.51
CA MET Q 447 18.23 -43.86 11.93
C MET Q 447 18.16 -42.77 13.00
N PHE Q 448 17.67 -43.11 14.19
CA PHE Q 448 17.52 -42.12 15.24
C PHE Q 448 18.86 -41.74 15.87
N ARG Q 449 19.74 -42.72 16.10
CA ARG Q 449 20.95 -42.47 16.86
C ARG Q 449 21.97 -41.65 16.09
N THR Q 450 21.90 -41.63 14.76
CA THR Q 450 22.85 -40.86 13.96
C THR Q 450 22.36 -39.45 13.64
N GLN Q 451 21.13 -39.11 14.00
CA GLN Q 451 20.60 -37.78 13.72
C GLN Q 451 21.22 -36.76 14.67
N VAL Q 452 21.30 -35.52 14.20
CA VAL Q 452 21.74 -34.39 15.00
C VAL Q 452 20.51 -33.54 15.29
N HIS Q 453 20.01 -33.62 16.51
CA HIS Q 453 18.77 -32.94 16.86
C HIS Q 453 19.03 -31.47 17.16
N PRO Q 454 18.01 -30.63 17.01
CA PRO Q 454 18.19 -29.20 17.30
C PRO Q 454 18.59 -28.93 18.75
N TRP Q 455 18.26 -29.82 19.68
CA TRP Q 455 18.70 -29.65 21.06
C TRP Q 455 20.22 -29.63 21.16
N GLU Q 456 20.89 -30.49 20.39
CA GLU Q 456 22.35 -30.52 20.41
C GLU Q 456 22.94 -29.21 19.93
N ARG Q 457 22.35 -28.63 18.87
CA ARG Q 457 22.84 -27.34 18.38
C ARG Q 457 22.57 -26.24 19.40
N GLU Q 458 21.42 -26.29 20.07
CA GLU Q 458 21.15 -25.29 21.10
C GLU Q 458 22.11 -25.42 22.27
N GLN Q 459 22.60 -26.63 22.56
CA GLN Q 459 23.47 -26.84 23.70
C GLN Q 459 24.95 -26.66 23.37
N TYR Q 460 25.38 -26.84 22.12
CA TYR Q 460 26.80 -26.91 21.80
C TYR Q 460 27.26 -25.98 20.69
N MET Q 461 26.37 -25.46 19.84
CA MET Q 461 26.83 -24.68 18.70
C MET Q 461 27.51 -23.38 19.16
N SER Q 462 26.96 -22.73 20.18
CA SER Q 462 27.56 -21.50 20.69
C SER Q 462 28.50 -21.75 21.85
N GLN Q 463 28.24 -22.77 22.68
CA GLN Q 463 29.13 -23.06 23.80
C GLN Q 463 30.49 -23.53 23.31
N TYR Q 464 30.52 -24.35 22.27
CA TYR Q 464 31.77 -24.83 21.71
C TYR Q 464 32.00 -24.26 20.31
N ALA R 22 62.94 -19.40 30.30
CA ALA R 22 61.80 -18.50 30.45
C ALA R 22 61.77 -17.47 29.32
N LYS R 23 60.57 -16.99 29.01
CA LYS R 23 60.37 -15.99 27.96
C LYS R 23 60.13 -14.59 28.51
N TYR R 24 59.44 -14.46 29.63
CA TYR R 24 59.18 -13.18 30.25
C TYR R 24 59.55 -13.23 31.73
N THR R 25 60.00 -12.10 32.25
CA THR R 25 60.21 -11.89 33.68
C THR R 25 59.26 -10.80 34.17
N ARG R 26 59.27 -10.58 35.49
CA ARG R 26 58.38 -9.57 36.06
C ARG R 26 58.71 -8.19 35.53
N GLU R 27 60.01 -7.85 35.46
CA GLU R 27 60.40 -6.55 34.95
C GLU R 27 59.99 -6.37 33.49
N ASP R 28 60.16 -7.42 32.68
CA ASP R 28 59.73 -7.35 31.29
C ASP R 28 58.23 -7.12 31.18
N ILE R 29 57.44 -7.80 32.01
CA ILE R 29 55.99 -7.62 31.97
C ILE R 29 55.62 -6.20 32.35
N GLU R 30 56.21 -5.69 33.43
CA GLU R 30 55.89 -4.33 33.88
C GLU R 30 56.28 -3.31 32.83
N LYS R 31 57.45 -3.46 32.23
CA LYS R 31 57.88 -2.53 31.18
C LYS R 31 56.96 -2.61 29.97
N LEU R 32 56.59 -3.82 29.56
CA LEU R 32 55.74 -3.98 28.39
C LEU R 32 54.40 -3.31 28.62
N VAL R 33 53.79 -3.53 29.79
CA VAL R 33 52.51 -2.88 30.06
C VAL R 33 52.70 -1.37 30.18
N LYS R 34 53.87 -0.92 30.65
CA LYS R 34 54.12 0.51 30.79
C LYS R 34 54.08 1.22 29.44
N GLU R 35 54.85 0.74 28.46
CA GLU R 35 54.74 1.41 27.16
C GLU R 35 53.46 1.08 26.42
N GLU R 36 52.99 -0.17 26.44
CA GLU R 36 51.79 -0.50 25.68
C GLU R 36 50.53 0.11 26.28
N ASN R 37 50.59 0.65 27.49
CA ASN R 37 49.46 1.34 28.12
C ASN R 37 48.24 0.41 28.21
N VAL R 38 48.42 -0.67 28.95
CA VAL R 38 47.33 -1.60 29.21
C VAL R 38 46.63 -1.17 30.49
N LYS R 39 45.31 -1.28 30.49
CA LYS R 39 44.50 -0.91 31.65
C LYS R 39 43.70 -2.06 32.21
N TYR R 40 43.46 -3.12 31.44
CA TYR R 40 42.66 -4.25 31.85
C TYR R 40 43.48 -5.53 31.69
N ILE R 41 43.48 -6.37 32.72
CA ILE R 41 44.22 -7.62 32.71
C ILE R 41 43.27 -8.75 33.04
N ARG R 42 43.20 -9.74 32.16
CA ARG R 42 42.36 -10.92 32.37
C ARG R 42 43.22 -12.06 32.91
N LEU R 43 42.86 -12.55 34.09
CA LEU R 43 43.55 -13.69 34.70
C LEU R 43 42.72 -14.93 34.39
N GLN R 44 42.91 -15.45 33.18
CA GLN R 44 42.04 -16.49 32.65
C GLN R 44 42.46 -17.87 33.11
N PHE R 45 41.50 -18.79 33.13
CA PHE R 45 41.71 -20.16 33.53
C PHE R 45 40.63 -21.02 32.89
N THR R 46 40.75 -22.33 33.06
CA THR R 46 39.87 -23.30 32.40
C THR R 46 39.16 -24.13 33.46
N ASP R 47 37.85 -24.30 33.28
CA ASP R 47 37.03 -25.06 34.22
C ASP R 47 36.92 -26.51 33.75
N ILE R 48 36.00 -27.26 34.37
CA ILE R 48 35.82 -28.68 34.03
C ILE R 48 35.36 -28.83 32.58
N LEU R 49 34.39 -28.02 32.17
CA LEU R 49 33.79 -28.18 30.86
C LEU R 49 34.66 -27.64 29.72
N GLY R 50 35.77 -26.98 30.05
CA GLY R 50 36.67 -26.48 29.04
C GLY R 50 36.42 -25.05 28.60
N THR R 51 35.33 -24.43 29.02
CA THR R 51 35.09 -23.04 28.67
C THR R 51 36.05 -22.14 29.43
N ILE R 52 36.47 -21.06 28.78
CA ILE R 52 37.47 -20.17 29.34
C ILE R 52 36.80 -19.24 30.34
N LYS R 53 37.30 -19.22 31.57
CA LYS R 53 36.84 -18.34 32.62
C LYS R 53 37.96 -17.39 33.02
N ASN R 54 37.59 -16.26 33.61
CA ASN R 54 38.59 -15.32 34.10
C ASN R 54 38.00 -14.45 35.19
N VAL R 55 38.89 -13.85 35.96
CA VAL R 55 38.57 -12.71 36.82
C VAL R 55 39.42 -11.54 36.36
N GLU R 56 38.80 -10.38 36.25
CA GLU R 56 39.43 -9.21 35.63
C GLU R 56 39.83 -8.20 36.70
N ILE R 57 41.01 -7.62 36.54
CA ILE R 57 41.54 -6.64 37.47
C ILE R 57 42.00 -5.41 36.69
N PRO R 58 42.01 -4.23 37.30
CA PRO R 58 42.65 -3.07 36.67
C PRO R 58 44.17 -3.22 36.70
N VAL R 59 44.83 -2.45 35.85
CA VAL R 59 46.29 -2.49 35.78
C VAL R 59 46.94 -2.08 37.09
N SER R 60 46.22 -1.33 37.94
CA SER R 60 46.74 -0.95 39.24
C SER R 60 46.89 -2.15 40.17
N GLN R 61 46.24 -3.26 39.87
CA GLN R 61 46.34 -4.48 40.67
C GLN R 61 47.33 -5.47 40.10
N LEU R 62 48.14 -5.06 39.12
CA LEU R 62 49.12 -5.97 38.53
C LEU R 62 50.15 -6.43 39.55
N GLY R 63 50.59 -5.53 40.42
CA GLY R 63 51.54 -5.91 41.45
C GLY R 63 50.97 -6.96 42.40
N LYS R 64 49.70 -6.81 42.79
CA LYS R 64 49.06 -7.81 43.63
C LYS R 64 48.88 -9.13 42.88
N ALA R 65 48.58 -9.06 41.58
CA ALA R 65 48.41 -10.27 40.80
C ALA R 65 49.72 -11.06 40.70
N LEU R 66 50.81 -10.36 40.39
CA LEU R 66 52.10 -11.02 40.25
C LEU R 66 52.65 -11.53 41.57
N ASP R 67 52.07 -11.12 42.70
CA ASP R 67 52.46 -11.62 44.02
C ASP R 67 51.68 -12.85 44.42
N ASN R 68 50.84 -13.39 43.55
CA ASN R 68 50.01 -14.56 43.84
C ASN R 68 49.11 -14.30 45.04
N LYS R 69 48.40 -13.17 45.01
CA LYS R 69 47.58 -12.74 46.12
C LYS R 69 46.12 -12.50 45.75
N VAL R 70 45.75 -12.57 44.48
CA VAL R 70 44.37 -12.34 44.06
C VAL R 70 43.54 -13.57 44.39
N MET R 71 42.43 -13.36 45.10
CA MET R 71 41.49 -14.41 45.44
C MET R 71 40.26 -14.37 44.54
N PHE R 72 39.59 -15.51 44.45
CA PHE R 72 38.37 -15.64 43.68
C PHE R 72 37.64 -16.89 44.15
N ASP R 73 36.43 -17.08 43.63
CA ASP R 73 35.62 -18.24 43.99
C ASP R 73 36.10 -19.44 43.17
N GLY R 74 36.79 -20.37 43.83
CA GLY R 74 37.33 -21.53 43.14
C GLY R 74 36.29 -22.55 42.71
N SER R 75 35.06 -22.42 43.20
CA SER R 75 34.00 -23.34 42.80
C SER R 75 33.55 -23.10 41.36
N SER R 76 33.90 -21.95 40.78
CA SER R 76 33.54 -21.69 39.38
C SER R 76 34.19 -22.68 38.43
N ILE R 77 35.25 -23.36 38.86
CA ILE R 77 35.85 -24.42 38.05
C ILE R 77 34.89 -25.59 37.89
N GLU R 78 34.09 -25.88 38.91
CA GLU R 78 33.16 -26.99 38.85
C GLU R 78 32.04 -26.79 37.84
N GLY R 79 31.85 -25.58 37.34
CA GLY R 79 30.80 -25.33 36.37
C GLY R 79 29.44 -25.15 37.02
N PHE R 80 28.41 -25.78 36.43
CA PHE R 80 27.05 -25.64 36.93
C PHE R 80 26.73 -26.58 38.08
N VAL R 81 27.66 -27.43 38.49
CA VAL R 81 27.44 -28.33 39.62
C VAL R 81 28.09 -27.82 40.90
N ARG R 82 28.57 -26.57 40.91
CA ARG R 82 29.14 -26.00 42.12
C ARG R 82 28.07 -25.84 43.19
N ILE R 83 28.43 -26.09 44.45
CA ILE R 83 27.47 -26.06 45.54
C ILE R 83 27.86 -25.04 46.59
N GLU R 84 29.16 -24.80 46.76
CA GLU R 84 29.64 -23.98 47.85
C GLU R 84 30.78 -23.08 47.39
N GLU R 85 30.76 -21.83 47.86
CA GLU R 85 31.87 -20.91 47.57
C GLU R 85 33.13 -21.37 48.28
N SER R 86 34.26 -21.26 47.56
CA SER R 86 35.55 -21.65 48.11
C SER R 86 36.62 -20.68 47.62
N ASP R 87 37.38 -20.12 48.55
CA ASP R 87 38.42 -19.15 48.20
C ASP R 87 39.63 -19.87 47.64
N MET R 88 40.18 -19.34 46.54
CA MET R 88 41.34 -19.91 45.88
C MET R 88 42.24 -18.79 45.39
N TYR R 89 43.53 -19.10 45.26
CA TYR R 89 44.49 -18.15 44.73
C TYR R 89 44.63 -18.33 43.22
N LEU R 90 45.28 -17.36 42.58
CA LEU R 90 45.27 -17.20 41.13
C LEU R 90 46.67 -16.98 40.59
N TYR R 91 47.62 -17.84 40.98
CA TYR R 91 49.01 -17.79 40.56
C TYR R 91 49.12 -17.70 39.04
N PRO R 92 49.54 -16.57 38.49
CA PRO R 92 49.65 -16.44 37.03
C PRO R 92 50.96 -17.00 36.51
N ASP R 93 50.93 -17.33 35.22
CA ASP R 93 52.11 -17.82 34.50
C ASP R 93 52.65 -16.69 33.63
N LEU R 94 53.91 -16.32 33.85
CA LEU R 94 54.48 -15.17 33.16
C LEU R 94 54.68 -15.43 31.68
N ASN R 95 55.02 -16.67 31.30
CA ASN R 95 55.30 -16.98 29.91
C ASN R 95 54.06 -16.92 29.02
N THR R 96 52.86 -16.91 29.60
CA THR R 96 51.62 -16.87 28.85
C THR R 96 51.12 -15.46 28.59
N PHE R 97 51.90 -14.44 28.96
CA PHE R 97 51.48 -13.06 28.77
C PHE R 97 51.28 -12.76 27.29
N VAL R 98 50.10 -12.27 26.94
CA VAL R 98 49.74 -11.94 25.57
C VAL R 98 48.95 -10.64 25.57
N ILE R 99 49.28 -9.75 24.64
CA ILE R 99 48.56 -8.49 24.46
C ILE R 99 47.55 -8.68 23.35
N PHE R 100 46.28 -8.50 23.66
CA PHE R 100 45.23 -8.68 22.67
C PHE R 100 45.28 -7.55 21.64
N PRO R 101 45.15 -7.86 20.34
CA PRO R 101 45.24 -6.82 19.31
C PRO R 101 44.03 -5.91 19.27
N TRP R 102 42.92 -6.28 19.90
CA TRP R 102 41.71 -5.46 19.88
C TRP R 102 41.74 -4.52 21.06
N THR R 103 42.01 -3.24 20.79
CA THR R 103 42.13 -2.25 21.84
C THR R 103 40.77 -1.98 22.48
N ALA R 104 40.77 -1.82 23.81
CA ALA R 104 39.54 -1.54 24.55
C ALA R 104 39.43 -0.04 24.82
N GLU R 105 39.33 0.72 23.72
CA GLU R 105 39.19 2.17 23.77
C GLU R 105 40.28 2.80 24.64
N LYS R 106 39.92 3.15 25.88
CA LYS R 106 40.86 3.77 26.81
C LYS R 106 41.74 2.70 27.43
N GLY R 107 42.77 2.30 26.70
CA GLY R 107 43.71 1.31 27.19
C GLY R 107 43.56 -0.03 26.49
N LYS R 108 44.64 -0.81 26.54
CA LYS R 108 44.68 -2.14 25.93
C LYS R 108 44.36 -3.21 26.98
N VAL R 109 44.20 -4.44 26.50
CA VAL R 109 43.87 -5.58 27.34
C VAL R 109 44.97 -6.63 27.19
N ALA R 110 45.45 -7.13 28.31
CA ALA R 110 46.42 -8.22 28.35
C ALA R 110 45.86 -9.37 29.17
N ARG R 111 46.40 -10.55 28.94
CA ARG R 111 45.90 -11.75 29.60
C ARG R 111 47.04 -12.55 30.21
N PHE R 112 46.71 -13.25 31.29
CA PHE R 112 47.58 -14.27 31.88
C PHE R 112 46.77 -15.55 32.03
N ILE R 113 47.44 -16.69 31.80
CA ILE R 113 46.86 -17.99 32.09
C ILE R 113 47.41 -18.41 33.45
N CYS R 114 46.51 -18.66 34.40
CA CYS R 114 46.90 -18.80 35.80
C CYS R 114 46.57 -20.19 36.32
N ASP R 115 47.36 -20.64 37.28
CA ASP R 115 47.09 -21.85 38.02
C ASP R 115 46.27 -21.53 39.26
N ILE R 116 45.55 -22.54 39.75
CA ILE R 116 44.67 -22.39 40.91
C ILE R 116 45.35 -23.04 42.11
N TYR R 117 45.45 -22.30 43.20
CA TYR R 117 46.14 -22.77 44.40
C TYR R 117 45.22 -22.63 45.60
N ASN R 118 45.34 -23.58 46.53
CA ASN R 118 44.62 -23.53 47.79
C ASN R 118 45.15 -22.38 48.64
N PRO R 119 44.37 -21.89 49.61
CA PRO R 119 44.85 -20.79 50.46
C PRO R 119 46.10 -21.12 51.26
N ASP R 120 46.43 -22.40 51.45
CA ASP R 120 47.62 -22.80 52.19
C ASP R 120 48.84 -22.95 51.30
N GLY R 121 48.73 -22.58 50.02
CA GLY R 121 49.85 -22.68 49.09
C GLY R 121 49.91 -23.97 48.31
N THR R 122 49.11 -24.96 48.65
CA THR R 122 49.05 -26.20 47.89
C THR R 122 48.28 -25.99 46.60
N PRO R 123 48.77 -26.51 45.47
CA PRO R 123 48.01 -26.41 44.23
C PRO R 123 46.65 -27.10 44.34
N PHE R 124 45.64 -26.48 43.73
CA PHE R 124 44.29 -27.00 43.85
C PHE R 124 44.14 -28.27 43.02
N GLU R 125 43.63 -29.33 43.65
CA GLU R 125 43.46 -30.61 42.98
C GLU R 125 42.32 -30.59 41.96
N GLY R 126 41.46 -29.58 42.00
CA GLY R 126 40.36 -29.45 41.06
C GLY R 126 40.65 -28.61 39.84
N ASP R 127 41.92 -28.27 39.59
CA ASP R 127 42.28 -27.48 38.43
C ASP R 127 42.77 -28.39 37.33
N PRO R 128 42.14 -28.40 36.16
CA PRO R 128 42.63 -29.28 35.07
C PRO R 128 44.07 -29.03 34.67
N ARG R 129 44.50 -27.77 34.66
CA ARG R 129 45.89 -27.47 34.33
C ARG R 129 46.85 -28.02 35.38
N ASN R 130 46.50 -27.88 36.66
CA ASN R 130 47.31 -28.48 37.71
C ASN R 130 47.31 -29.99 37.63
N ASN R 131 46.18 -30.59 37.24
CA ASN R 131 46.14 -32.03 37.05
C ASN R 131 47.06 -32.47 35.92
N LEU R 132 47.08 -31.72 34.82
CA LEU R 132 48.00 -32.04 33.73
C LEU R 132 49.44 -31.90 34.18
N LYS R 133 49.74 -30.87 34.97
CA LYS R 133 51.09 -30.73 35.51
C LYS R 133 51.46 -31.90 36.42
N ARG R 134 50.49 -32.38 37.21
CA ARG R 134 50.74 -33.55 38.06
C ARG R 134 51.04 -34.79 37.22
N ILE R 135 50.27 -34.99 36.15
CA ILE R 135 50.52 -36.14 35.27
C ILE R 135 51.88 -36.00 34.59
N LEU R 136 52.27 -34.78 34.24
CA LEU R 136 53.59 -34.57 33.65
C LEU R 136 54.70 -34.84 34.67
N LYS R 137 54.47 -34.50 35.93
CA LYS R 137 55.43 -34.85 36.97
C LYS R 137 55.55 -36.36 37.12
N GLU R 138 54.41 -37.06 37.05
CA GLU R 138 54.46 -38.52 37.06
C GLU R 138 55.25 -39.06 35.87
N MET R 139 55.08 -38.45 34.71
CA MET R 139 55.85 -38.85 33.53
C MET R 139 57.34 -38.63 33.75
N GLU R 140 57.72 -37.48 34.31
CA GLU R 140 59.12 -37.23 34.61
C GLU R 140 59.67 -38.22 35.63
N ASP R 141 58.82 -38.71 36.53
CA ASP R 141 59.25 -39.74 37.46
C ASP R 141 59.56 -41.06 36.77
N LEU R 142 59.11 -41.24 35.53
CA LEU R 142 59.41 -42.43 34.75
C LEU R 142 60.67 -42.29 33.92
N GLY R 143 61.36 -41.14 33.99
CA GLY R 143 62.59 -40.94 33.28
C GLY R 143 62.49 -40.09 32.03
N PHE R 144 61.28 -39.78 31.58
CA PHE R 144 61.10 -38.97 30.38
C PHE R 144 61.15 -37.49 30.72
N SER R 145 61.43 -36.68 29.70
CA SER R 145 61.65 -35.25 29.88
C SER R 145 60.50 -34.40 29.36
N ASP R 146 60.07 -34.61 28.12
CA ASP R 146 59.04 -33.79 27.50
C ASP R 146 57.95 -34.67 26.91
N PHE R 147 56.76 -34.10 26.81
CA PHE R 147 55.61 -34.74 26.16
C PHE R 147 55.03 -33.72 25.20
N ASN R 148 55.33 -33.88 23.92
CA ASN R 148 54.94 -32.92 22.90
C ASN R 148 53.60 -33.27 22.29
N LEU R 149 52.78 -32.26 22.04
CA LEU R 149 51.48 -32.42 21.41
C LEU R 149 51.39 -31.56 20.17
N GLY R 150 51.00 -32.16 19.05
CA GLY R 150 50.68 -31.41 17.86
C GLY R 150 49.22 -31.57 17.51
N PRO R 151 48.43 -30.52 17.71
CA PRO R 151 46.99 -30.61 17.47
C PRO R 151 46.60 -30.24 16.05
N GLU R 152 45.47 -30.79 15.62
CA GLU R 152 44.89 -30.50 14.31
C GLU R 152 43.43 -30.11 14.51
N PRO R 153 43.17 -28.95 15.12
CA PRO R 153 41.77 -28.54 15.32
C PRO R 153 41.13 -28.10 14.01
N GLU R 154 39.89 -28.51 13.81
CA GLU R 154 39.12 -28.10 12.65
C GLU R 154 37.74 -27.63 13.10
N PHE R 155 37.18 -26.72 12.31
CA PHE R 155 35.97 -26.01 12.72
C PHE R 155 35.12 -25.70 11.50
N PHE R 156 33.88 -25.34 11.76
CA PHE R 156 32.94 -24.93 10.72
C PHE R 156 32.71 -23.44 10.80
N LEU R 157 32.43 -22.82 9.65
CA LEU R 157 32.11 -21.41 9.57
C LEU R 157 30.69 -21.26 9.05
N PHE R 158 29.83 -20.67 9.88
CA PHE R 158 28.42 -20.47 9.55
C PHE R 158 28.13 -19.00 9.41
N LYS R 159 27.34 -18.64 8.41
CA LYS R 159 26.97 -17.25 8.20
C LYS R 159 26.01 -16.78 9.27
N LEU R 160 26.15 -15.51 9.66
CA LEU R 160 25.23 -14.88 10.60
C LEU R 160 24.08 -14.21 9.84
N ASP R 161 22.95 -14.09 10.52
CA ASP R 161 21.79 -13.43 9.94
C ASP R 161 21.79 -11.96 10.33
N GLU R 162 20.67 -11.27 10.08
CA GLU R 162 20.57 -9.85 10.39
C GLU R 162 20.68 -9.61 11.90
N LYS R 163 20.07 -10.47 12.70
CA LYS R 163 20.09 -10.33 14.15
C LYS R 163 21.40 -10.78 14.77
N GLY R 164 22.38 -11.16 13.97
CA GLY R 164 23.68 -11.56 14.48
C GLY R 164 23.68 -12.86 15.27
N GLU R 165 22.94 -13.86 14.80
CA GLU R 165 22.96 -15.18 15.42
C GLU R 165 23.22 -16.23 14.34
N PRO R 166 23.85 -17.35 14.72
CA PRO R 166 24.26 -18.33 13.70
C PRO R 166 23.08 -18.93 12.97
N THR R 167 23.29 -19.22 11.68
CA THR R 167 22.36 -19.95 10.84
C THR R 167 22.98 -21.29 10.46
N LEU R 168 22.28 -22.03 9.60
CA LEU R 168 22.75 -23.33 9.14
C LEU R 168 23.39 -23.27 7.76
N GLU R 169 23.63 -22.07 7.23
CA GLU R 169 24.26 -21.92 5.93
C GLU R 169 25.77 -21.83 6.08
N LEU R 170 26.49 -22.63 5.30
CA LEU R 170 27.94 -22.64 5.35
C LEU R 170 28.52 -21.50 4.53
N ASN R 171 29.75 -21.12 4.86
CA ASN R 171 30.37 -19.96 4.22
C ASN R 171 30.81 -20.26 2.80
N ASP R 172 31.14 -21.51 2.49
CA ASP R 172 31.55 -21.87 1.15
C ASP R 172 31.25 -23.34 0.89
N LYS R 173 31.08 -23.67 -0.39
CA LYS R 173 30.90 -25.06 -0.81
C LYS R 173 32.24 -25.64 -1.28
N GLY R 174 33.23 -25.61 -0.39
CA GLY R 174 34.56 -26.07 -0.70
C GLY R 174 34.74 -27.56 -0.51
N GLY R 175 35.94 -28.02 -0.82
CA GLY R 175 36.27 -29.43 -0.70
C GLY R 175 37.61 -29.69 -0.04
N TYR R 176 38.06 -30.94 -0.07
CA TYR R 176 39.30 -31.33 0.58
C TYR R 176 40.49 -30.68 -0.12
N PHE R 177 41.25 -29.86 0.61
CA PHE R 177 42.45 -29.20 0.12
C PHE R 177 42.17 -28.29 -1.07
N ASP R 178 40.91 -27.89 -1.27
CA ASP R 178 40.54 -27.10 -2.42
C ASP R 178 41.02 -25.66 -2.28
N LEU R 179 41.22 -25.01 -3.43
CA LEU R 179 41.41 -23.56 -3.49
C LEU R 179 40.06 -22.87 -3.63
N ALA R 180 39.20 -23.13 -2.64
CA ALA R 180 37.81 -22.67 -2.70
C ALA R 180 37.67 -21.18 -2.35
N PRO R 181 38.17 -20.71 -1.20
CA PRO R 181 37.98 -19.28 -0.88
C PRO R 181 38.62 -18.34 -1.89
N THR R 182 39.75 -18.74 -2.48
CA THR R 182 40.47 -17.96 -3.48
C THR R 182 40.86 -16.58 -2.96
N ASP R 183 41.19 -15.69 -3.88
CA ASP R 183 41.54 -14.30 -3.58
C ASP R 183 40.26 -13.46 -3.58
N LEU R 184 40.40 -12.14 -3.67
CA LEU R 184 39.27 -11.21 -3.75
C LEU R 184 38.45 -11.23 -2.47
N GLY R 185 39.10 -10.94 -1.34
CA GLY R 185 38.38 -10.84 -0.09
C GLY R 185 37.99 -12.20 0.46
N GLU R 186 37.13 -12.16 1.47
CA GLU R 186 36.68 -13.34 2.22
C GLU R 186 37.93 -14.06 2.72
N ASN R 187 38.05 -15.37 2.54
CA ASN R 187 39.20 -16.15 3.01
C ASN R 187 39.46 -15.89 4.49
N CYS R 188 38.46 -16.22 5.31
CA CYS R 188 38.59 -16.02 6.75
C CYS R 188 39.70 -16.89 7.32
N ARG R 189 39.95 -18.06 6.73
CA ARG R 189 41.04 -18.92 7.18
C ARG R 189 42.39 -18.23 7.03
N ARG R 190 42.61 -17.56 5.90
CA ARG R 190 43.86 -16.84 5.68
C ARG R 190 44.04 -15.73 6.73
N ASP R 191 42.98 -14.97 6.97
CA ASP R 191 43.07 -13.88 7.95
C ASP R 191 43.34 -14.43 9.34
N ILE R 192 42.68 -15.53 9.71
CA ILE R 192 42.92 -16.14 11.01
C ILE R 192 44.37 -16.59 11.13
N VAL R 193 44.90 -17.22 10.09
CA VAL R 193 46.28 -17.72 10.13
C VAL R 193 47.25 -16.56 10.28
N LEU R 194 47.07 -15.51 9.49
CA LEU R 194 47.98 -14.36 9.57
C LEU R 194 47.89 -13.70 10.94
N GLU R 195 46.67 -13.49 11.44
CA GLU R 195 46.51 -12.83 12.73
C GLU R 195 47.15 -13.66 13.84
N LEU R 196 46.94 -14.97 13.81
CA LEU R 196 47.59 -15.85 14.78
C LEU R 196 49.10 -15.77 14.69
N GLU R 197 49.63 -15.66 13.46
CA GLU R 197 51.06 -15.47 13.29
C GLU R 197 51.53 -14.19 13.97
N GLU R 198 50.75 -13.11 13.84
CA GLU R 198 51.14 -11.86 14.49
C GLU R 198 51.02 -11.92 16.01
N MET R 199 50.33 -12.91 16.56
CA MET R 199 50.20 -13.03 18.01
C MET R 199 51.26 -13.96 18.62
N GLY R 200 52.17 -14.50 17.82
CA GLY R 200 53.20 -15.39 18.32
C GLY R 200 52.90 -16.86 18.18
N PHE R 201 51.80 -17.23 17.54
CA PHE R 201 51.53 -18.63 17.28
C PHE R 201 52.47 -19.16 16.19
N GLU R 202 52.69 -20.46 16.22
CA GLU R 202 53.53 -21.15 15.23
C GLU R 202 52.61 -22.05 14.40
N ILE R 203 52.10 -21.49 13.31
CA ILE R 203 51.18 -22.20 12.42
C ILE R 203 51.99 -23.01 11.42
N GLU R 204 51.69 -24.30 11.33
CA GLU R 204 52.39 -25.16 10.37
C GLU R 204 51.80 -25.04 8.97
N ALA R 205 50.53 -25.39 8.81
CA ALA R 205 49.87 -25.34 7.52
C ALA R 205 48.37 -25.26 7.73
N SER R 206 47.66 -24.89 6.66
CA SER R 206 46.21 -24.78 6.68
C SER R 206 45.64 -25.24 5.35
N HIS R 207 44.40 -25.68 5.38
CA HIS R 207 43.73 -26.16 4.17
C HIS R 207 42.24 -26.20 4.42
N HIS R 208 41.48 -26.27 3.32
CA HIS R 208 40.05 -26.51 3.40
C HIS R 208 39.79 -27.98 3.69
N GLU R 209 38.82 -28.23 4.56
CA GLU R 209 38.54 -29.60 4.99
C GLU R 209 37.55 -30.25 4.02
N VAL R 210 37.23 -31.53 4.29
CA VAL R 210 36.39 -32.30 3.37
C VAL R 210 35.01 -31.69 3.26
N ALA R 211 34.37 -31.40 4.38
CA ALA R 211 33.02 -30.89 4.37
C ALA R 211 33.00 -29.44 3.89
N PRO R 212 31.92 -29.02 3.24
CA PRO R 212 31.78 -27.60 2.88
C PRO R 212 31.76 -26.74 4.14
N GLY R 213 32.39 -25.57 4.05
CA GLY R 213 32.45 -24.67 5.19
C GLY R 213 33.28 -25.17 6.35
N GLN R 214 34.16 -26.15 6.12
CA GLN R 214 35.00 -26.71 7.16
C GLN R 214 36.47 -26.42 6.85
N HIS R 215 37.20 -26.00 7.88
CA HIS R 215 38.58 -25.56 7.72
C HIS R 215 39.43 -26.16 8.83
N GLU R 216 40.73 -26.30 8.56
CA GLU R 216 41.67 -26.83 9.53
C GLU R 216 42.94 -25.98 9.55
N ILE R 217 43.44 -25.71 10.74
CA ILE R 217 44.70 -25.01 10.95
C ILE R 217 45.55 -25.84 11.90
N ASP R 218 46.78 -26.12 11.49
CA ASP R 218 47.69 -26.98 12.25
C ASP R 218 48.80 -26.15 12.87
N PHE R 219 49.04 -26.35 14.16
CA PHE R 219 50.12 -25.68 14.86
C PHE R 219 51.37 -26.56 14.83
N LYS R 220 52.52 -25.91 15.03
CA LYS R 220 53.75 -26.67 15.28
C LYS R 220 53.68 -27.31 16.66
N TYR R 221 54.26 -28.50 16.77
CA TYR R 221 54.22 -29.22 18.04
C TYR R 221 55.00 -28.46 19.11
N ALA R 222 54.50 -28.55 20.35
CA ALA R 222 55.12 -27.89 21.49
C ALA R 222 54.83 -28.71 22.74
N GLY R 223 55.21 -28.18 23.89
CA GLY R 223 54.94 -28.86 25.14
C GLY R 223 53.46 -28.98 25.42
N ALA R 224 53.12 -29.95 26.28
CA ALA R 224 51.71 -30.27 26.52
C ALA R 224 50.95 -29.09 27.09
N VAL R 225 51.49 -28.46 28.15
CA VAL R 225 50.81 -27.31 28.76
C VAL R 225 50.72 -26.17 27.75
N ARG R 226 51.82 -25.89 27.05
CA ARG R 226 51.82 -24.83 26.05
C ARG R 226 50.85 -25.15 24.93
N SER R 227 50.79 -26.42 24.51
CA SER R 227 49.86 -26.79 23.45
C SER R 227 48.42 -26.60 23.88
N CYS R 228 48.07 -26.99 25.10
CA CYS R 228 46.70 -26.81 25.56
C CYS R 228 46.35 -25.32 25.69
N ASP R 229 47.28 -24.51 26.21
CA ASP R 229 47.05 -23.08 26.28
C ASP R 229 46.84 -22.49 24.90
N ASP R 230 47.66 -22.94 23.93
CA ASP R 230 47.49 -22.48 22.56
C ASP R 230 46.17 -22.93 21.97
N ILE R 231 45.68 -24.11 22.35
CA ILE R 231 44.38 -24.57 21.86
C ILE R 231 43.27 -23.66 22.36
N GLN R 232 43.29 -23.33 23.65
CA GLN R 232 42.27 -22.44 24.20
C GLN R 232 42.35 -21.05 23.56
N THR R 233 43.56 -20.50 23.44
CA THR R 233 43.71 -19.20 22.81
C THR R 233 43.28 -19.24 21.35
N PHE R 234 43.57 -20.34 20.66
CA PHE R 234 43.16 -20.50 19.28
C PHE R 234 41.65 -20.50 19.14
N LYS R 235 40.94 -21.20 20.03
CA LYS R 235 39.49 -21.19 20.00
C LYS R 235 38.96 -19.77 20.20
N LEU R 236 39.49 -19.07 21.20
CA LEU R 236 39.05 -17.70 21.46
C LEU R 236 39.28 -16.81 20.24
N VAL R 237 40.49 -16.85 19.68
CA VAL R 237 40.84 -15.97 18.58
C VAL R 237 40.04 -16.30 17.34
N VAL R 238 39.83 -17.59 17.05
CA VAL R 238 39.04 -17.99 15.89
C VAL R 238 37.62 -17.49 16.03
N LYS R 239 37.02 -17.66 17.21
CA LYS R 239 35.65 -17.17 17.40
C LYS R 239 35.58 -15.66 17.21
N THR R 240 36.54 -14.93 17.78
CA THR R 240 36.52 -13.47 17.67
C THR R 240 36.67 -13.02 16.21
N ILE R 241 37.63 -13.60 15.49
CA ILE R 241 37.89 -13.17 14.12
C ILE R 241 36.73 -13.55 13.22
N ALA R 242 36.14 -14.73 13.41
CA ALA R 242 34.96 -15.09 12.64
C ALA R 242 33.81 -14.14 12.92
N ARG R 243 33.65 -13.73 14.18
CA ARG R 243 32.64 -12.72 14.49
C ARG R 243 32.93 -11.40 13.77
N LYS R 244 34.20 -11.06 13.60
CA LYS R 244 34.57 -9.81 12.87
C LYS R 244 34.10 -9.92 11.41
N HIS R 245 34.29 -11.08 10.79
CA HIS R 245 33.93 -11.27 9.39
C HIS R 245 32.45 -11.55 9.17
N GLY R 246 31.61 -11.36 10.19
CA GLY R 246 30.21 -11.70 10.07
C GLY R 246 29.96 -13.18 9.90
N LEU R 247 30.70 -14.01 10.63
CA LEU R 247 30.58 -15.45 10.54
C LEU R 247 30.55 -16.04 11.94
N HIS R 248 30.03 -17.26 12.06
CA HIS R 248 30.01 -17.99 13.31
C HIS R 248 30.97 -19.18 13.19
N ALA R 249 31.93 -19.25 14.09
CA ALA R 249 32.87 -20.36 14.15
C ALA R 249 32.50 -21.27 15.31
N THR R 250 32.32 -22.55 15.03
CA THR R 250 31.95 -23.52 16.04
C THR R 250 32.89 -24.71 15.98
N PHE R 251 33.27 -25.20 17.17
CA PHE R 251 34.04 -26.42 17.31
C PHE R 251 33.16 -27.59 17.71
N MET R 252 31.88 -27.53 17.38
CA MET R 252 30.96 -28.61 17.66
C MET R 252 31.40 -29.87 16.90
N PRO R 253 31.44 -31.04 17.54
CA PRO R 253 31.94 -32.24 16.84
C PRO R 253 31.16 -32.59 15.59
N LYS R 254 29.84 -32.39 15.57
CA LYS R 254 29.01 -32.75 14.42
C LYS R 254 27.82 -31.81 14.36
N PRO R 255 27.99 -30.64 13.76
CA PRO R 255 26.86 -29.70 13.65
C PRO R 255 25.77 -30.15 12.70
N LEU R 256 26.11 -30.95 11.68
CA LEU R 256 25.14 -31.33 10.65
C LEU R 256 25.20 -32.84 10.43
N PHE R 257 24.04 -33.41 10.11
CA PHE R 257 23.92 -34.82 9.79
C PHE R 257 24.27 -35.08 8.33
N GLY R 258 24.90 -36.23 8.09
CA GLY R 258 25.27 -36.60 6.74
C GLY R 258 26.44 -35.85 6.17
N VAL R 259 27.16 -35.11 7.00
CA VAL R 259 28.28 -34.27 6.59
C VAL R 259 29.46 -34.58 7.52
N ASN R 260 30.68 -34.39 7.01
CA ASN R 260 31.87 -34.68 7.78
C ASN R 260 31.85 -33.96 9.12
N GLY R 261 32.30 -34.65 10.16
CA GLY R 261 32.42 -34.07 11.47
C GLY R 261 33.72 -33.32 11.65
N SER R 262 33.97 -32.88 12.88
CA SER R 262 35.16 -32.13 13.24
C SER R 262 35.92 -32.87 14.33
N GLY R 263 37.21 -33.13 14.08
CA GLY R 263 38.07 -33.78 15.04
C GLY R 263 39.18 -32.85 15.52
N MET R 264 39.92 -33.33 16.52
CA MET R 264 41.08 -32.62 17.06
C MET R 264 42.22 -33.63 17.20
N HIS R 265 42.52 -34.33 16.09
CA HIS R 265 43.60 -35.31 16.03
C HIS R 265 44.82 -34.82 16.79
N CYS R 266 45.30 -35.65 17.71
CA CYS R 266 46.37 -35.29 18.62
C CYS R 266 47.61 -36.10 18.28
N ASN R 267 48.66 -35.43 17.81
CA ASN R 267 49.94 -36.06 17.52
C ASN R 267 50.80 -36.02 18.78
N LEU R 268 51.05 -37.18 19.37
CA LEU R 268 51.78 -37.27 20.63
C LEU R 268 53.17 -37.83 20.38
N SER R 269 54.17 -37.19 20.97
CA SER R 269 55.55 -37.65 20.89
C SER R 269 56.19 -37.54 22.27
N LEU R 270 56.84 -38.61 22.70
CA LEU R 270 57.48 -38.67 24.00
C LEU R 270 58.99 -38.54 23.84
N PHE R 271 59.60 -37.69 24.65
CA PHE R 271 61.03 -37.41 24.56
C PHE R 271 61.73 -37.85 25.83
N LYS R 272 62.93 -38.43 25.65
CA LYS R 272 63.76 -38.84 26.76
C LYS R 272 65.17 -38.28 26.53
N ASN R 273 65.64 -37.48 27.49
CA ASN R 273 66.94 -36.83 27.40
C ASN R 273 67.08 -35.97 26.16
N GLY R 274 65.98 -35.35 25.73
CA GLY R 274 66.00 -34.45 24.58
C GLY R 274 65.91 -35.13 23.23
N VAL R 275 65.78 -36.46 23.18
CA VAL R 275 65.64 -37.17 21.92
C VAL R 275 64.31 -37.91 21.91
N ASN R 276 63.82 -38.18 20.70
CA ASN R 276 62.54 -38.85 20.54
C ASN R 276 62.65 -40.30 21.01
N ALA R 277 61.83 -40.67 21.99
CA ALA R 277 61.86 -42.02 22.53
C ALA R 277 61.04 -43.01 21.73
N PHE R 278 60.27 -42.55 20.74
CA PHE R 278 59.46 -43.43 19.91
C PHE R 278 60.20 -43.97 18.70
N PHE R 279 61.41 -43.48 18.42
CA PHE R 279 62.12 -43.80 17.20
C PHE R 279 63.22 -44.82 17.47
N ASP R 280 63.31 -45.81 16.58
CA ASP R 280 64.37 -46.83 16.65
C ASP R 280 64.64 -47.29 15.23
N GLU R 281 65.79 -46.88 14.68
CA GLU R 281 66.07 -47.14 13.27
C GLU R 281 66.21 -48.62 12.96
N ASN R 282 66.62 -49.43 13.94
CA ASN R 282 66.92 -50.84 13.70
C ASN R 282 65.73 -51.76 13.95
N ALA R 283 64.59 -51.23 14.38
CA ALA R 283 63.40 -52.03 14.64
C ALA R 283 62.42 -51.94 13.48
N ASP R 284 61.49 -52.89 13.44
CA ASP R 284 60.48 -52.88 12.39
C ASP R 284 59.58 -51.65 12.52
N LEU R 285 59.14 -51.14 11.37
CA LEU R 285 58.40 -49.90 11.26
C LEU R 285 59.16 -48.71 11.83
N GLN R 286 60.44 -48.88 12.15
CA GLN R 286 61.27 -47.84 12.77
C GLN R 286 60.63 -47.34 14.06
N LEU R 287 60.05 -48.25 14.84
CA LEU R 287 59.36 -47.92 16.07
C LEU R 287 60.06 -48.56 17.25
N SER R 288 60.31 -47.78 18.30
CA SER R 288 60.96 -48.29 19.49
C SER R 288 60.00 -49.12 20.33
N GLU R 289 60.56 -49.86 21.28
CA GLU R 289 59.74 -50.62 22.22
C GLU R 289 58.88 -49.71 23.08
N THR R 290 59.41 -48.53 23.43
CA THR R 290 58.61 -47.56 24.18
C THR R 290 57.39 -47.14 23.39
N ALA R 291 57.54 -46.94 22.07
CA ALA R 291 56.40 -46.58 21.24
C ALA R 291 55.35 -47.69 21.23
N LYS R 292 55.78 -48.95 21.15
CA LYS R 292 54.84 -50.05 21.17
C LYS R 292 54.12 -50.14 22.52
N HIS R 293 54.84 -49.92 23.61
CA HIS R 293 54.20 -49.91 24.93
C HIS R 293 53.19 -48.77 25.03
N PHE R 294 53.54 -47.60 24.51
CA PHE R 294 52.60 -46.47 24.49
C PHE R 294 51.35 -46.80 23.70
N ILE R 295 51.52 -47.43 22.53
CA ILE R 295 50.38 -47.80 21.70
C ILE R 295 49.51 -48.81 22.43
N ALA R 296 50.13 -49.79 23.09
CA ALA R 296 49.38 -50.77 23.86
C ALA R 296 48.59 -50.11 24.98
N GLY R 297 49.21 -49.16 25.68
CA GLY R 297 48.50 -48.45 26.74
C GLY R 297 47.32 -47.66 26.23
N ILE R 298 47.50 -46.99 25.09
CA ILE R 298 46.39 -46.23 24.50
C ILE R 298 45.28 -47.18 24.07
N VAL R 299 45.63 -48.33 23.51
CA VAL R 299 44.63 -49.29 23.05
C VAL R 299 43.85 -49.86 24.23
N LYS R 300 44.54 -50.18 25.33
CA LYS R 300 43.89 -50.83 26.45
C LYS R 300 42.80 -49.95 27.07
N HIS R 301 43.09 -48.66 27.23
CA HIS R 301 42.18 -47.73 27.90
C HIS R 301 41.36 -46.91 26.93
N ALA R 302 41.35 -47.26 25.64
CA ALA R 302 40.71 -46.42 24.64
C ALA R 302 39.21 -46.26 24.91
N THR R 303 38.53 -47.36 25.26
CA THR R 303 37.11 -47.27 25.56
C THR R 303 36.83 -46.57 26.87
N SER R 304 37.84 -46.35 27.71
CA SER R 304 37.63 -45.76 29.03
C SER R 304 37.79 -44.23 29.03
N PHE R 305 38.75 -43.69 28.29
CA PHE R 305 38.93 -42.25 28.25
C PHE R 305 38.12 -41.59 27.15
N THR R 306 37.31 -42.34 26.42
CA THR R 306 36.46 -41.75 25.38
C THR R 306 35.49 -40.73 26.00
N ALA R 307 35.04 -40.97 27.22
CA ALA R 307 34.16 -40.01 27.88
C ALA R 307 34.86 -38.67 28.11
N VAL R 308 36.18 -38.68 28.29
CA VAL R 308 36.91 -37.43 28.49
C VAL R 308 37.26 -36.79 27.16
N THR R 309 37.76 -37.58 26.20
CA THR R 309 38.11 -37.04 24.89
C THR R 309 36.89 -36.69 24.06
N ASN R 310 35.74 -37.30 24.34
CA ASN R 310 34.48 -37.01 23.67
C ASN R 310 33.43 -36.75 24.75
N PRO R 311 33.44 -35.56 25.35
CA PRO R 311 32.63 -35.32 26.55
C PRO R 311 31.21 -34.85 26.32
N THR R 312 30.78 -34.66 25.08
CA THR R 312 29.45 -34.14 24.80
C THR R 312 28.56 -35.23 24.21
N VAL R 313 27.25 -34.98 24.23
CA VAL R 313 26.30 -35.89 23.58
C VAL R 313 26.52 -35.89 22.08
N ASN R 314 26.73 -34.70 21.50
CA ASN R 314 26.95 -34.59 20.06
C ASN R 314 28.25 -35.24 19.62
N SER R 315 29.18 -35.49 20.55
CA SER R 315 30.46 -36.08 20.19
C SER R 315 30.29 -37.47 19.57
N TYR R 316 29.25 -38.20 19.96
CA TYR R 316 29.07 -39.57 19.53
C TYR R 316 28.22 -39.68 18.27
N LYS R 317 27.67 -38.56 17.78
CA LYS R 317 27.12 -38.54 16.44
C LYS R 317 28.20 -38.42 15.37
N ARG R 318 29.39 -37.93 15.75
CA ARG R 318 30.52 -37.95 14.83
C ARG R 318 31.12 -39.34 14.73
N LEU R 319 31.14 -40.08 15.84
CA LEU R 319 31.73 -41.41 15.87
C LEU R 319 30.79 -42.44 15.23
N VAL R 320 30.53 -42.23 13.95
CA VAL R 320 29.67 -43.12 13.16
C VAL R 320 30.43 -43.52 11.91
N PRO R 321 30.21 -44.72 11.36
CA PRO R 321 30.98 -45.15 10.20
C PRO R 321 30.67 -44.33 8.96
N GLY R 322 31.67 -44.22 8.09
CA GLY R 322 31.51 -43.58 6.80
C GLY R 322 31.95 -42.15 6.69
N TYR R 323 32.60 -41.60 7.72
CA TYR R 323 33.04 -40.20 7.68
C TYR R 323 34.46 -40.04 8.16
N GLU R 324 35.24 -41.10 8.10
CA GLU R 324 36.66 -41.17 8.46
C GLU R 324 36.91 -40.95 9.95
N ALA R 325 35.89 -40.74 10.76
CA ALA R 325 36.07 -40.69 12.19
C ALA R 325 36.25 -42.10 12.75
N PRO R 326 37.06 -42.26 13.79
CA PRO R 326 37.27 -43.60 14.35
C PRO R 326 36.00 -44.15 15.00
N CYS R 327 35.83 -45.47 14.89
CA CYS R 327 34.72 -46.15 15.53
C CYS R 327 35.14 -47.43 16.23
N TYR R 328 36.37 -47.89 16.04
CA TYR R 328 36.85 -49.14 16.62
C TYR R 328 38.27 -48.93 17.14
N VAL R 329 38.64 -49.74 18.12
CA VAL R 329 39.93 -49.60 18.80
C VAL R 329 40.95 -50.42 18.03
N ALA R 330 41.76 -49.75 17.20
CA ALA R 330 42.82 -50.39 16.45
C ALA R 330 43.83 -49.32 16.05
N TRP R 331 45.04 -49.78 15.72
CA TRP R 331 46.11 -48.89 15.28
C TRP R 331 46.67 -49.39 13.96
N SER R 332 47.12 -48.46 13.14
CA SER R 332 47.58 -48.78 11.79
C SER R 332 48.48 -47.67 11.30
N ALA R 333 49.23 -47.97 10.23
CA ALA R 333 50.01 -46.97 9.52
C ALA R 333 49.28 -46.39 8.31
N GLN R 334 48.35 -47.15 7.73
CA GLN R 334 47.56 -46.67 6.60
C GLN R 334 46.25 -47.46 6.60
N ASN R 335 45.17 -46.80 7.01
CA ASN R 335 43.86 -47.44 7.06
C ASN R 335 42.78 -46.38 7.01
N ARG R 336 41.56 -46.83 6.72
CA ARG R 336 40.40 -45.93 6.68
C ARG R 336 39.89 -45.74 8.10
N SER R 337 40.09 -44.54 8.64
CA SER R 337 39.64 -44.18 9.98
C SER R 337 40.17 -45.13 11.06
N PRO R 338 41.48 -45.15 11.30
CA PRO R 338 42.00 -45.89 12.46
C PRO R 338 41.95 -45.02 13.71
N LEU R 339 41.81 -45.69 14.85
CA LEU R 339 41.84 -44.97 16.12
C LEU R 339 43.21 -44.34 16.35
N ILE R 340 44.27 -45.10 16.09
CA ILE R 340 45.65 -44.62 16.22
C ILE R 340 46.31 -44.73 14.87
N ARG R 341 46.88 -43.62 14.40
CA ARG R 341 47.60 -43.58 13.14
C ARG R 341 49.02 -43.12 13.38
N ILE R 342 49.97 -43.77 12.72
CA ILE R 342 51.39 -43.45 12.84
C ILE R 342 51.83 -42.80 11.53
N PRO R 343 52.16 -41.51 11.52
CA PRO R 343 52.57 -40.85 10.27
C PRO R 343 53.86 -41.44 9.72
N ALA R 344 54.03 -41.30 8.41
CA ALA R 344 55.19 -41.89 7.73
C ALA R 344 56.50 -41.25 8.16
N SER R 345 56.47 -39.98 8.55
CA SER R 345 57.70 -39.30 8.97
C SER R 345 58.27 -39.95 10.21
N ARG R 346 59.59 -40.06 10.27
CA ARG R 346 60.28 -40.75 11.35
C ARG R 346 61.44 -39.89 11.84
N GLY R 347 62.15 -40.42 12.83
CA GLY R 347 63.28 -39.72 13.42
C GLY R 347 62.85 -38.83 14.57
N ILE R 348 63.19 -37.54 14.48
CA ILE R 348 62.76 -36.59 15.51
C ILE R 348 61.25 -36.41 15.48
N SER R 349 60.63 -36.57 14.30
CA SER R 349 59.20 -36.34 14.12
C SER R 349 58.38 -37.61 14.28
N THR R 350 58.93 -38.66 14.88
CA THR R 350 58.17 -39.87 15.13
C THR R 350 57.09 -39.60 16.17
N ARG R 351 55.84 -39.91 15.85
CA ARG R 351 54.74 -39.60 16.74
C ARG R 351 53.60 -40.59 16.52
N VAL R 352 52.70 -40.65 17.48
CA VAL R 352 51.48 -41.44 17.40
C VAL R 352 50.30 -40.50 17.45
N GLU R 353 49.38 -40.65 16.49
CA GLU R 353 48.24 -39.76 16.35
C GLU R 353 46.98 -40.45 16.86
N VAL R 354 46.30 -39.81 17.81
CA VAL R 354 45.02 -40.28 18.32
C VAL R 354 43.94 -39.44 17.67
N ARG R 355 43.08 -40.08 16.89
CA ARG R 355 42.11 -39.37 16.05
C ARG R 355 40.70 -39.35 16.65
N SER R 356 40.50 -39.92 17.83
CA SER R 356 39.17 -39.91 18.44
C SER R 356 38.85 -38.56 19.07
N VAL R 357 39.87 -37.80 19.48
CA VAL R 357 39.63 -36.54 20.17
C VAL R 357 38.91 -35.55 19.27
N ASP R 358 37.98 -34.81 19.83
CA ASP R 358 37.24 -33.76 19.14
C ASP R 358 37.52 -32.41 19.79
N PRO R 359 37.32 -31.31 19.07
CA PRO R 359 37.67 -29.99 19.63
C PRO R 359 36.84 -29.60 20.85
N ALA R 360 35.69 -30.24 21.08
CA ALA R 360 34.90 -29.92 22.26
C ALA R 360 35.53 -30.42 23.55
N ALA R 361 36.50 -31.33 23.48
CA ALA R 361 37.12 -31.88 24.67
C ALA R 361 37.95 -30.82 25.39
N ASN R 362 38.04 -30.98 26.70
CA ASN R 362 38.95 -30.14 27.49
C ASN R 362 40.38 -30.55 27.18
N PRO R 363 41.21 -29.65 26.66
CA PRO R 363 42.57 -30.07 26.27
C PRO R 363 43.38 -30.63 27.42
N TYR R 364 43.30 -30.01 28.60
CA TYR R 364 44.09 -30.48 29.73
C TYR R 364 43.66 -31.86 30.18
N LEU R 365 42.35 -32.09 30.30
CA LEU R 365 41.86 -33.39 30.74
C LEU R 365 42.15 -34.48 29.71
N ALA R 366 41.94 -34.17 28.42
CA ALA R 366 42.22 -35.14 27.37
C ALA R 366 43.70 -35.50 27.33
N LEU R 367 44.56 -34.50 27.43
CA LEU R 367 45.99 -34.77 27.46
C LEU R 367 46.37 -35.58 28.69
N SER R 368 45.75 -35.28 29.84
CA SER R 368 46.03 -36.02 31.06
C SER R 368 45.68 -37.49 30.90
N VAL R 369 44.48 -37.78 30.38
CA VAL R 369 44.07 -39.17 30.27
C VAL R 369 44.90 -39.90 29.21
N LEU R 370 45.21 -39.25 28.10
CA LEU R 370 46.04 -39.88 27.08
C LEU R 370 47.43 -40.20 27.62
N LEU R 371 48.04 -39.24 28.33
CA LEU R 371 49.36 -39.46 28.91
C LEU R 371 49.33 -40.54 29.98
N ALA R 372 48.26 -40.57 30.79
CA ALA R 372 48.15 -41.61 31.82
C ALA R 372 48.03 -42.98 31.19
N ALA R 373 47.22 -43.12 30.14
CA ALA R 373 47.12 -44.41 29.45
C ALA R 373 48.45 -44.82 28.84
N GLY R 374 49.15 -43.87 28.20
CA GLY R 374 50.44 -44.19 27.61
C GLY R 374 51.46 -44.62 28.64
N LEU R 375 51.50 -43.93 29.78
CA LEU R 375 52.42 -44.30 30.85
C LEU R 375 52.05 -45.65 31.47
N ASP R 376 50.75 -45.93 31.58
CA ASP R 376 50.32 -47.25 32.04
C ASP R 376 50.81 -48.34 31.11
N GLY R 377 50.75 -48.10 29.80
CA GLY R 377 51.30 -49.06 28.86
C GLY R 377 52.80 -49.22 29.02
N ILE R 378 53.52 -48.11 29.23
CA ILE R 378 54.97 -48.17 29.37
C ILE R 378 55.35 -48.83 30.69
N LYS R 379 54.67 -48.47 31.78
CA LYS R 379 55.06 -48.96 33.10
C LYS R 379 54.90 -50.47 33.21
N ASN R 380 53.81 -51.02 32.68
CA ASN R 380 53.55 -52.45 32.75
C ASN R 380 54.08 -53.22 31.55
N LYS R 381 54.70 -52.52 30.59
CA LYS R 381 55.27 -53.15 29.39
C LYS R 381 54.24 -54.01 28.67
N LEU R 382 53.05 -53.44 28.45
CA LEU R 382 51.99 -54.14 27.74
C LEU R 382 52.40 -54.38 26.29
N GLU R 383 51.89 -55.46 25.72
CA GLU R 383 52.20 -55.85 24.35
C GLU R 383 51.15 -55.26 23.41
N ALA R 384 51.62 -54.48 22.44
CA ALA R 384 50.70 -53.88 21.48
C ALA R 384 50.13 -54.96 20.56
N PRO R 385 48.87 -54.85 20.17
CA PRO R 385 48.29 -55.80 19.23
C PRO R 385 48.82 -55.58 17.82
N ALA R 386 48.54 -56.54 16.96
CA ALA R 386 49.00 -56.45 15.58
C ALA R 386 48.28 -55.30 14.86
N PRO R 387 49.00 -54.51 14.06
CA PRO R 387 48.33 -53.45 13.30
C PRO R 387 47.38 -54.03 12.27
N ILE R 388 46.33 -53.29 11.98
CA ILE R 388 45.29 -53.73 11.06
C ILE R 388 45.42 -52.95 9.75
N ASP R 389 45.47 -53.68 8.63
CA ASP R 389 45.58 -53.05 7.32
C ASP R 389 44.68 -53.70 6.29
N ARG R 390 43.47 -54.11 6.69
CA ARG R 390 42.62 -54.89 5.78
C ARG R 390 41.17 -54.40 5.85
N ASN R 391 40.95 -53.17 6.30
CA ASN R 391 39.64 -52.50 6.26
C ASN R 391 38.59 -53.24 7.10
N ILE R 392 38.75 -53.11 8.41
CA ILE R 392 37.82 -53.64 9.42
C ILE R 392 36.35 -53.38 9.07
N TYR R 393 36.08 -52.31 8.32
CA TYR R 393 34.70 -52.02 7.93
C TYR R 393 34.12 -53.10 7.02
N VAL R 394 34.97 -53.94 6.43
CA VAL R 394 34.48 -54.97 5.52
C VAL R 394 33.64 -56.00 6.28
N MET R 395 34.15 -56.51 7.39
CA MET R 395 33.42 -57.57 8.06
C MET R 395 32.41 -56.99 9.05
N SER R 396 31.56 -57.87 9.58
CA SER R 396 30.54 -57.50 10.53
C SER R 396 31.15 -57.33 11.93
N LYS R 397 30.33 -56.80 12.85
CA LYS R 397 30.79 -56.61 14.21
C LYS R 397 31.16 -57.92 14.87
N GLU R 398 30.33 -58.95 14.70
CA GLU R 398 30.67 -60.27 15.22
C GLU R 398 31.85 -60.87 14.46
N GLU R 399 31.96 -60.56 13.17
CA GLU R 399 33.07 -61.08 12.36
C GLU R 399 34.40 -60.42 12.71
N ARG R 400 34.41 -59.38 13.54
CA ARG R 400 35.64 -58.76 14.01
C ARG R 400 35.80 -58.78 15.52
N MET R 401 34.77 -59.18 16.27
CA MET R 401 34.88 -59.22 17.72
C MET R 401 35.84 -60.33 18.17
N GLU R 402 35.96 -61.40 17.39
CA GLU R 402 36.89 -62.47 17.75
C GLU R 402 38.34 -62.01 17.73
N ASN R 403 38.66 -60.96 16.97
CA ASN R 403 39.98 -60.35 17.00
C ASN R 403 40.05 -59.38 18.17
N GLY R 404 41.10 -58.57 18.22
CA GLY R 404 41.24 -57.57 19.25
C GLY R 404 40.48 -56.29 19.00
N ILE R 405 39.72 -56.21 17.91
CA ILE R 405 39.02 -55.00 17.53
C ILE R 405 37.73 -54.92 18.34
N VAL R 406 37.65 -53.93 19.21
CA VAL R 406 36.44 -53.67 19.99
C VAL R 406 35.84 -52.34 19.57
N ASP R 407 34.58 -52.14 19.93
CA ASP R 407 33.84 -50.95 19.52
C ASP R 407 33.98 -49.84 20.56
N LEU R 408 34.08 -48.61 20.08
CA LEU R 408 34.02 -47.47 20.96
C LEU R 408 32.60 -47.29 21.49
N PRO R 409 32.44 -46.66 22.65
CA PRO R 409 31.09 -46.44 23.19
C PRO R 409 30.23 -45.65 22.20
N ALA R 410 28.96 -46.04 22.10
CA ALA R 410 28.06 -45.45 21.12
C ALA R 410 27.33 -44.22 21.64
N THR R 411 27.23 -44.05 22.95
CA THR R 411 26.55 -42.91 23.54
C THR R 411 27.40 -42.36 24.68
N LEU R 412 27.06 -41.15 25.13
CA LEU R 412 27.77 -40.55 26.24
C LEU R 412 27.56 -41.34 27.52
N ALA R 413 26.36 -41.90 27.71
CA ALA R 413 26.09 -42.71 28.90
C ALA R 413 26.94 -43.97 28.93
N GLU R 414 27.08 -44.64 27.78
CA GLU R 414 27.91 -45.83 27.70
C GLU R 414 29.37 -45.51 28.00
N ALA R 415 29.86 -44.39 27.48
CA ALA R 415 31.22 -43.97 27.75
C ALA R 415 31.42 -43.62 29.22
N LEU R 416 30.40 -43.00 29.83
CA LEU R 416 30.47 -42.70 31.26
C LEU R 416 30.54 -43.99 32.08
N GLU R 417 29.74 -44.99 31.69
CA GLU R 417 29.79 -46.27 32.38
C GLU R 417 31.16 -46.93 32.23
N GLU R 418 31.73 -46.88 31.03
CA GLU R 418 33.06 -47.45 30.82
C GLU R 418 34.13 -46.71 31.62
N PHE R 419 34.02 -45.39 31.68
CA PHE R 419 35.02 -44.57 32.37
C PHE R 419 35.01 -44.79 33.87
N LYS R 420 33.82 -44.97 34.45
CA LYS R 420 33.72 -45.16 35.90
C LYS R 420 34.41 -46.45 36.33
N SER R 421 34.30 -47.51 35.51
CA SER R 421 34.81 -48.81 35.90
C SER R 421 36.32 -48.91 35.77
N ASN R 422 36.97 -48.00 35.05
CA ASN R 422 38.41 -48.07 34.84
C ASN R 422 39.13 -47.45 36.03
N GLU R 423 39.86 -48.27 36.77
CA GLU R 423 40.54 -47.80 37.96
C GLU R 423 41.67 -46.84 37.60
N VAL R 424 42.46 -47.19 36.59
CA VAL R 424 43.62 -46.37 36.22
C VAL R 424 43.18 -44.99 35.74
N MET R 425 42.13 -44.94 34.91
CA MET R 425 41.68 -43.66 34.37
C MET R 425 41.10 -42.76 35.45
N VAL R 426 40.67 -43.32 36.59
CA VAL R 426 40.11 -42.50 37.66
C VAL R 426 41.19 -41.61 38.26
N LYS R 427 42.37 -42.17 38.56
CA LYS R 427 43.46 -41.37 39.09
C LYS R 427 44.09 -40.46 38.05
N ALA R 428 43.75 -40.63 36.77
CA ALA R 428 44.31 -39.76 35.74
C ALA R 428 43.90 -38.30 35.96
N LEU R 429 42.77 -38.07 36.62
CA LEU R 429 42.33 -36.71 36.91
C LEU R 429 41.96 -36.47 38.37
N GLY R 430 42.10 -37.47 39.25
CA GLY R 430 41.87 -37.27 40.66
C GLY R 430 40.41 -37.35 41.05
N GLU R 431 40.19 -37.45 42.37
CA GLU R 431 38.84 -37.68 42.88
C GLU R 431 37.94 -36.48 42.68
N HIS R 432 38.44 -35.27 42.95
CA HIS R 432 37.60 -34.08 42.80
C HIS R 432 37.12 -33.91 41.37
N LEU R 433 38.05 -33.94 40.41
CA LEU R 433 37.69 -33.80 39.01
C LEU R 433 36.81 -34.95 38.56
N PHE R 434 37.09 -36.17 39.04
CA PHE R 434 36.31 -37.33 38.64
C PHE R 434 34.85 -37.18 39.07
N GLU R 435 34.62 -36.88 40.35
CA GLU R 435 33.25 -36.75 40.84
C GLU R 435 32.51 -35.61 40.14
N HIS R 436 33.16 -34.45 39.99
CA HIS R 436 32.44 -33.33 39.41
C HIS R 436 32.17 -33.54 37.92
N PHE R 437 33.13 -34.12 37.20
CA PHE R 437 32.91 -34.43 35.79
C PHE R 437 31.80 -35.45 35.61
N ILE R 438 31.79 -36.49 36.45
CA ILE R 438 30.75 -37.51 36.34
C ILE R 438 29.38 -36.93 36.64
N GLU R 439 29.29 -36.09 37.68
CA GLU R 439 28.01 -35.47 38.01
C GLU R 439 27.51 -34.59 36.87
N ALA R 440 28.39 -33.73 36.33
CA ALA R 440 27.98 -32.84 35.26
C ALA R 440 27.57 -33.62 34.01
N LYS R 441 28.32 -34.66 33.66
CA LYS R 441 27.99 -35.41 32.45
C LYS R 441 26.73 -36.25 32.64
N GLU R 442 26.50 -36.77 33.84
CA GLU R 442 25.25 -37.49 34.09
C GLU R 442 24.06 -36.57 34.00
N ILE R 443 24.17 -35.35 34.53
CA ILE R 443 23.09 -34.37 34.38
C ILE R 443 22.87 -34.05 32.92
N GLU R 444 23.95 -33.85 32.17
CA GLU R 444 23.84 -33.54 30.75
C GLU R 444 23.14 -34.66 29.98
N TRP R 445 23.49 -35.91 30.26
CA TRP R 445 22.85 -37.03 29.59
C TRP R 445 21.39 -37.16 29.99
N ASP R 446 21.08 -36.96 31.27
CA ASP R 446 19.70 -37.05 31.72
C ASP R 446 18.82 -35.99 31.05
N MET R 447 19.36 -34.79 30.87
CA MET R 447 18.60 -33.76 30.17
C MET R 447 18.33 -34.15 28.73
N PHE R 448 19.29 -34.81 28.08
CA PHE R 448 19.15 -35.14 26.67
C PHE R 448 18.17 -36.31 26.47
N ARG R 449 18.25 -37.34 27.32
CA ARG R 449 17.49 -38.56 27.08
C ARG R 449 16.00 -38.37 27.32
N THR R 450 15.60 -37.37 28.10
CA THR R 450 14.18 -37.15 28.37
C THR R 450 13.54 -36.16 27.40
N GLN R 451 14.31 -35.55 26.52
CA GLN R 451 13.74 -34.60 25.56
C GLN R 451 12.98 -35.34 24.47
N VAL R 452 12.02 -34.64 23.88
CA VAL R 452 11.27 -35.13 22.73
C VAL R 452 11.70 -34.30 21.54
N HIS R 453 12.50 -34.89 20.66
CA HIS R 453 13.08 -34.17 19.55
C HIS R 453 12.09 -34.07 18.38
N PRO R 454 12.23 -33.07 17.52
CA PRO R 454 11.32 -32.94 16.37
C PRO R 454 11.36 -34.14 15.45
N TRP R 455 12.46 -34.89 15.42
CA TRP R 455 12.52 -36.10 14.61
C TRP R 455 11.45 -37.10 15.06
N GLU R 456 11.27 -37.23 16.37
CA GLU R 456 10.25 -38.15 16.89
C GLU R 456 8.85 -37.74 16.44
N ARG R 457 8.55 -36.44 16.48
CA ARG R 457 7.24 -35.98 16.02
C ARG R 457 7.08 -36.20 14.52
N GLU R 458 8.13 -35.94 13.74
CA GLU R 458 8.06 -36.18 12.30
C GLU R 458 7.87 -37.66 11.99
N GLN R 459 8.35 -38.54 12.87
CA GLN R 459 8.26 -39.97 12.62
C GLN R 459 7.01 -40.62 13.16
N TYR R 460 6.42 -40.09 14.22
CA TYR R 460 5.34 -40.79 14.93
C TYR R 460 4.05 -39.99 15.13
N MET R 461 4.06 -38.67 14.95
CA MET R 461 2.87 -37.89 15.26
C MET R 461 1.72 -38.25 14.31
N SER R 462 2.02 -38.45 13.04
CA SER R 462 1.00 -38.83 12.06
C SER R 462 0.91 -40.32 11.83
N GLN R 463 2.03 -41.04 11.96
CA GLN R 463 1.99 -42.50 11.78
C GLN R 463 1.16 -43.17 12.87
N TYR R 464 1.28 -42.69 14.11
CA TYR R 464 0.51 -43.25 15.21
C TYR R 464 -0.48 -42.21 15.74
N ALA S 22 19.42 69.69 -1.74
CA ALA S 22 19.50 68.49 -2.56
C ALA S 22 20.42 67.46 -1.94
N LYS S 23 20.07 66.19 -2.10
CA LYS S 23 20.86 65.08 -1.55
C LYS S 23 21.79 64.45 -2.57
N TYR S 24 21.36 64.33 -3.83
CA TYR S 24 22.18 63.79 -4.89
C TYR S 24 22.20 64.75 -6.06
N THR S 25 23.36 64.84 -6.71
CA THR S 25 23.50 65.52 -7.98
C THR S 25 23.76 64.48 -9.07
N ARG S 26 23.80 64.94 -10.33
CA ARG S 26 23.98 64.03 -11.44
C ARG S 26 25.32 63.29 -11.33
N GLU S 27 26.40 64.03 -11.10
CA GLU S 27 27.73 63.41 -11.03
C GLU S 27 27.80 62.39 -9.91
N ASP S 28 27.14 62.67 -8.78
CA ASP S 28 27.05 61.67 -7.72
C ASP S 28 26.34 60.42 -8.20
N ILE S 29 25.30 60.58 -9.01
CA ILE S 29 24.56 59.43 -9.51
C ILE S 29 25.46 58.57 -10.41
N GLU S 30 26.14 59.20 -11.37
CA GLU S 30 27.05 58.43 -12.23
C GLU S 30 28.15 57.77 -11.43
N LYS S 31 28.74 58.48 -10.47
CA LYS S 31 29.79 57.89 -9.67
C LYS S 31 29.28 56.69 -8.88
N LEU S 32 28.12 56.84 -8.23
CA LEU S 32 27.58 55.76 -7.42
C LEU S 32 27.26 54.53 -8.27
N VAL S 33 26.64 54.73 -9.44
CA VAL S 33 26.37 53.57 -10.29
C VAL S 33 27.69 52.97 -10.78
N LYS S 34 28.72 53.80 -10.97
CA LYS S 34 30.00 53.29 -11.43
C LYS S 34 30.63 52.34 -10.41
N GLU S 35 30.75 52.76 -9.15
CA GLU S 35 31.33 51.83 -8.17
C GLU S 35 30.39 50.67 -7.88
N GLU S 36 29.11 50.94 -7.62
CA GLU S 36 28.20 49.86 -7.22
C GLU S 36 27.90 48.89 -8.36
N ASN S 37 28.26 49.23 -9.60
CA ASN S 37 28.09 48.34 -10.75
C ASN S 37 26.62 47.93 -10.90
N VAL S 38 25.78 48.94 -11.11
CA VAL S 38 24.36 48.70 -11.36
C VAL S 38 24.17 48.52 -12.86
N LYS S 39 23.33 47.56 -13.23
CA LYS S 39 23.05 47.28 -14.62
C LYS S 39 21.60 47.51 -15.01
N TYR S 40 20.68 47.54 -14.04
CA TYR S 40 19.27 47.71 -14.29
C TYR S 40 18.76 48.91 -13.49
N ILE S 41 17.96 49.75 -14.14
CA ILE S 41 17.41 50.94 -13.50
C ILE S 41 15.91 50.94 -13.71
N ARG S 42 15.16 51.00 -12.61
CA ARG S 42 13.70 51.06 -12.65
C ARG S 42 13.27 52.50 -12.49
N LEU S 43 12.56 53.02 -13.49
CA LEU S 43 12.00 54.37 -13.44
C LEU S 43 10.54 54.23 -13.01
N GLN S 44 10.33 54.22 -11.71
CA GLN S 44 9.03 53.87 -11.16
C GLN S 44 8.14 55.09 -10.96
N PHE S 45 6.83 54.84 -10.96
CA PHE S 45 5.83 55.87 -10.80
C PHE S 45 4.56 55.23 -10.25
N THR S 46 3.58 56.06 -9.92
CA THR S 46 2.35 55.61 -9.28
C THR S 46 1.16 55.96 -10.17
N ASP S 47 0.26 55.00 -10.34
CA ASP S 47 -0.92 55.17 -11.17
C ASP S 47 -2.11 55.64 -10.32
N ILE S 48 -3.30 55.59 -10.89
CA ILE S 48 -4.50 56.04 -10.19
C ILE S 48 -4.76 55.18 -8.96
N LEU S 49 -4.67 53.85 -9.12
CA LEU S 49 -5.04 52.94 -8.05
C LEU S 49 -3.97 52.82 -6.96
N GLY S 50 -2.80 53.44 -7.15
CA GLY S 50 -1.77 53.42 -6.15
C GLY S 50 -0.74 52.31 -6.29
N THR S 51 -0.96 51.37 -7.20
CA THR S 51 0.03 50.32 -7.43
C THR S 51 1.26 50.90 -8.12
N ILE S 52 2.43 50.36 -7.78
CA ILE S 52 3.70 50.89 -8.27
C ILE S 52 3.93 50.35 -9.69
N LYS S 53 4.13 51.27 -10.62
CA LYS S 53 4.44 50.94 -12.01
C LYS S 53 5.81 51.48 -12.37
N ASN S 54 6.47 50.82 -13.32
CA ASN S 54 7.77 51.29 -13.79
C ASN S 54 8.01 50.89 -15.22
N VAL S 55 8.92 51.59 -15.87
CA VAL S 55 9.53 51.17 -17.12
C VAL S 55 11.01 51.03 -16.86
N GLU S 56 11.59 49.93 -17.33
CA GLU S 56 12.96 49.56 -16.98
C GLU S 56 13.89 49.80 -18.17
N ILE S 57 15.08 50.30 -17.86
CA ILE S 57 16.09 50.59 -18.88
C ILE S 57 17.41 49.98 -18.45
N PRO S 58 18.30 49.64 -19.39
CA PRO S 58 19.65 49.25 -19.02
C PRO S 58 20.44 50.46 -18.54
N VAL S 59 21.55 50.18 -17.84
CA VAL S 59 22.39 51.25 -17.32
C VAL S 59 22.97 52.11 -18.44
N SER S 60 23.08 51.56 -19.65
CA SER S 60 23.57 52.34 -20.78
C SER S 60 22.63 53.47 -21.17
N GLN S 61 21.37 53.41 -20.73
CA GLN S 61 20.39 54.45 -21.01
C GLN S 61 20.25 55.44 -19.86
N LEU S 62 21.15 55.41 -18.89
CA LEU S 62 21.08 56.33 -17.76
C LEU S 62 21.22 57.77 -18.21
N GLY S 63 22.13 58.03 -19.16
CA GLY S 63 22.28 59.38 -19.67
C GLY S 63 21.02 59.91 -20.33
N LYS S 64 20.35 59.06 -21.11
CA LYS S 64 19.08 59.45 -21.72
C LYS S 64 18.01 59.67 -20.66
N ALA S 65 18.00 58.84 -19.62
CA ALA S 65 17.01 58.99 -18.56
C ALA S 65 17.18 60.30 -17.81
N LEU S 66 18.43 60.63 -17.46
CA LEU S 66 18.69 61.87 -16.73
C LEU S 66 18.49 63.11 -17.58
N ASP S 67 18.37 62.96 -18.89
CA ASP S 67 18.08 64.08 -19.78
C ASP S 67 16.60 64.31 -19.98
N ASN S 68 15.74 63.56 -19.27
CA ASN S 68 14.29 63.66 -19.40
C ASN S 68 13.85 63.40 -20.84
N LYS S 69 14.31 62.28 -21.39
CA LYS S 69 14.05 61.93 -22.78
C LYS S 69 13.40 60.57 -22.98
N VAL S 70 13.25 59.78 -21.93
CA VAL S 70 12.64 58.46 -22.05
C VAL S 70 11.14 58.60 -22.19
N MET S 71 10.58 58.00 -23.23
CA MET S 71 9.15 57.97 -23.47
C MET S 71 8.54 56.64 -23.03
N PHE S 72 7.25 56.69 -22.74
CA PHE S 72 6.49 55.50 -22.37
C PHE S 72 5.01 55.80 -22.59
N ASP S 73 4.20 54.76 -22.46
CA ASP S 73 2.75 54.90 -22.62
C ASP S 73 2.18 55.49 -21.34
N GLY S 74 1.80 56.77 -21.39
CA GLY S 74 1.27 57.44 -20.21
C GLY S 74 -0.14 57.03 -19.84
N SER S 75 -0.83 56.29 -20.71
CA SER S 75 -2.16 55.80 -20.38
C SER S 75 -2.13 54.73 -19.30
N SER S 76 -0.97 54.14 -19.03
CA SER S 76 -0.88 53.13 -17.98
C SER S 76 -1.18 53.71 -16.61
N ILE S 77 -1.12 55.03 -16.45
CA ILE S 77 -1.50 55.65 -15.18
C ILE S 77 -2.99 55.45 -14.92
N GLU S 78 -3.81 55.45 -15.96
CA GLU S 78 -5.25 55.30 -15.80
C GLU S 78 -5.64 53.91 -15.30
N GLY S 79 -4.74 52.93 -15.35
CA GLY S 79 -5.07 51.59 -14.90
C GLY S 79 -5.85 50.80 -15.92
N PHE S 80 -6.86 50.06 -15.47
CA PHE S 80 -7.63 49.19 -16.36
C PHE S 80 -8.68 49.95 -17.16
N VAL S 81 -8.87 51.24 -16.91
CA VAL S 81 -9.84 52.04 -17.67
C VAL S 81 -9.16 52.83 -18.79
N ARG S 82 -7.90 52.52 -19.10
CA ARG S 82 -7.21 53.21 -20.18
C ARG S 82 -7.83 52.88 -21.52
N ILE S 83 -7.83 53.88 -22.42
CA ILE S 83 -8.44 53.74 -23.74
C ILE S 83 -7.39 53.81 -24.85
N GLU S 84 -6.67 54.92 -24.94
CA GLU S 84 -5.78 55.18 -26.06
C GLU S 84 -4.35 55.38 -25.57
N GLU S 85 -3.40 54.93 -26.38
CA GLU S 85 -1.98 55.13 -26.08
C GLU S 85 -1.65 56.62 -26.15
N SER S 86 -0.80 57.06 -25.22
CA SER S 86 -0.40 58.47 -25.16
C SER S 86 1.05 58.53 -24.70
N ASP S 87 1.90 59.18 -25.49
CA ASP S 87 3.32 59.28 -25.18
C ASP S 87 3.56 60.39 -24.15
N MET S 88 4.32 60.07 -23.11
CA MET S 88 4.71 61.03 -22.10
C MET S 88 6.16 60.79 -21.71
N TYR S 89 6.79 61.83 -21.16
CA TYR S 89 8.16 61.75 -20.69
C TYR S 89 8.21 61.29 -19.23
N LEU S 90 9.42 60.98 -18.78
CA LEU S 90 9.65 60.26 -17.52
C LEU S 90 10.70 60.97 -16.68
N TYR S 91 10.54 62.28 -16.48
CA TYR S 91 11.46 63.11 -15.70
C TYR S 91 11.74 62.49 -14.34
N PRO S 92 12.95 61.99 -14.10
CA PRO S 92 13.26 61.38 -12.81
C PRO S 92 13.65 62.40 -11.76
N ASP S 93 13.51 61.99 -10.50
CA ASP S 93 13.89 62.80 -9.35
C ASP S 93 15.18 62.23 -8.78
N LEU S 94 16.22 63.06 -8.71
CA LEU S 94 17.55 62.58 -8.30
C LEU S 94 17.58 62.21 -6.82
N ASN S 95 16.83 62.93 -5.98
CA ASN S 95 16.88 62.69 -4.54
C ASN S 95 16.26 61.35 -4.15
N THR S 96 15.50 60.71 -5.04
CA THR S 96 14.86 59.44 -4.76
C THR S 96 15.73 58.25 -5.14
N PHE S 97 16.97 58.48 -5.58
CA PHE S 97 17.84 57.39 -5.99
C PHE S 97 18.11 56.44 -4.83
N VAL S 98 17.87 55.15 -5.06
CA VAL S 98 18.06 54.12 -4.05
C VAL S 98 18.60 52.87 -4.73
N ILE S 99 19.60 52.24 -4.11
CA ILE S 99 20.12 50.97 -4.55
C ILE S 99 19.42 49.86 -3.78
N PHE S 100 18.76 48.96 -4.50
CA PHE S 100 18.09 47.86 -3.85
C PHE S 100 19.11 46.87 -3.29
N PRO S 101 18.90 46.38 -2.06
CA PRO S 101 19.89 45.47 -1.46
C PRO S 101 19.90 44.08 -2.08
N TRP S 102 18.90 43.72 -2.86
CA TRP S 102 18.81 42.39 -3.47
C TRP S 102 19.47 42.47 -4.84
N THR S 103 20.70 41.98 -4.93
CA THR S 103 21.45 42.01 -6.18
C THR S 103 20.82 41.09 -7.21
N ALA S 104 20.77 41.56 -8.46
CA ALA S 104 20.19 40.78 -9.55
C ALA S 104 21.30 40.11 -10.37
N GLU S 105 21.88 39.07 -9.77
CA GLU S 105 22.91 38.26 -10.41
C GLU S 105 24.03 39.12 -11.00
N LYS S 106 24.00 39.31 -12.32
CA LYS S 106 25.02 40.10 -13.02
C LYS S 106 24.62 41.57 -12.96
N GLY S 107 24.96 42.22 -11.85
CA GLY S 107 24.69 43.62 -11.69
C GLY S 107 23.62 43.89 -10.63
N LYS S 108 23.61 45.13 -10.15
CA LYS S 108 22.65 45.58 -9.14
C LYS S 108 21.52 46.35 -9.80
N VAL S 109 20.48 46.63 -9.01
CA VAL S 109 19.30 47.34 -9.47
C VAL S 109 19.14 48.61 -8.65
N ALA S 110 18.93 49.73 -9.34
CA ALA S 110 18.65 51.00 -8.73
C ALA S 110 17.33 51.53 -9.25
N ARG S 111 16.72 52.45 -8.49
CA ARG S 111 15.40 52.96 -8.82
C ARG S 111 15.39 54.48 -8.78
N PHE S 112 14.54 55.06 -9.61
CA PHE S 112 14.20 56.48 -9.56
C PHE S 112 12.69 56.61 -9.49
N ILE S 113 12.22 57.57 -8.72
CA ILE S 113 10.81 57.94 -8.71
C ILE S 113 10.67 59.15 -9.61
N CYS S 114 9.85 59.02 -10.65
CA CYS S 114 9.83 59.99 -11.74
C CYS S 114 8.47 60.68 -11.83
N ASP S 115 8.50 61.92 -12.29
CA ASP S 115 7.29 62.66 -12.64
C ASP S 115 6.93 62.40 -14.09
N ILE S 116 5.66 62.63 -14.42
CA ILE S 116 5.14 62.41 -15.76
C ILE S 116 4.92 63.76 -16.42
N TYR S 117 5.49 63.94 -17.61
CA TYR S 117 5.42 65.20 -18.32
C TYR S 117 4.87 64.99 -19.71
N ASN S 118 4.07 65.94 -20.18
CA ASN S 118 3.57 65.93 -21.54
C ASN S 118 4.72 66.14 -22.52
N PRO S 119 4.55 65.74 -23.78
CA PRO S 119 5.64 65.91 -24.76
C PRO S 119 6.03 67.36 -25.00
N ASP S 120 5.19 68.33 -24.64
CA ASP S 120 5.52 69.74 -24.81
C ASP S 120 6.22 70.33 -23.60
N GLY S 121 6.58 69.51 -22.61
CA GLY S 121 7.24 69.98 -21.41
C GLY S 121 6.34 70.33 -20.26
N THR S 122 5.03 70.39 -20.47
CA THR S 122 4.09 70.64 -19.40
C THR S 122 3.91 69.38 -18.54
N PRO S 123 3.90 69.52 -17.22
CA PRO S 123 3.65 68.35 -16.36
C PRO S 123 2.28 67.75 -16.65
N PHE S 124 2.21 66.43 -16.62
CA PHE S 124 0.97 65.73 -16.94
C PHE S 124 -0.05 65.93 -15.84
N GLU S 125 -1.25 66.37 -16.21
CA GLU S 125 -2.30 66.60 -15.24
C GLU S 125 -2.86 65.32 -14.67
N GLY S 126 -2.60 64.18 -15.30
CA GLY S 126 -3.06 62.89 -14.83
C GLY S 126 -2.11 62.15 -13.92
N ASP S 127 -1.04 62.80 -13.46
CA ASP S 127 -0.08 62.16 -12.58
C ASP S 127 -0.41 62.51 -11.14
N PRO S 128 -0.68 61.53 -10.28
CA PRO S 128 -1.00 61.86 -8.87
C PRO S 128 0.10 62.61 -8.16
N ARG S 129 1.37 62.29 -8.44
CA ARG S 129 2.47 63.01 -7.82
C ARG S 129 2.50 64.47 -8.27
N ASN S 130 2.29 64.70 -9.58
CA ASN S 130 2.21 66.07 -10.07
C ASN S 130 1.01 66.80 -9.49
N ASN S 131 -0.10 66.09 -9.28
CA ASN S 131 -1.26 66.71 -8.64
C ASN S 131 -0.94 67.13 -7.21
N LEU S 132 -0.23 66.27 -6.47
CA LEU S 132 0.18 66.63 -5.12
C LEU S 132 1.11 67.84 -5.14
N LYS S 133 2.03 67.89 -6.11
CA LYS S 133 2.90 69.05 -6.23
C LYS S 133 2.11 70.32 -6.54
N ARG S 134 1.07 70.19 -7.37
CA ARG S 134 0.21 71.34 -7.67
C ARG S 134 -0.52 71.81 -6.41
N ILE S 135 -1.03 70.88 -5.61
CA ILE S 135 -1.70 71.27 -4.36
C ILE S 135 -0.71 71.92 -3.41
N LEU S 136 0.54 71.43 -3.38
CA LEU S 136 1.55 72.05 -2.54
C LEU S 136 1.90 73.46 -3.04
N LYS S 137 1.89 73.66 -4.35
CA LYS S 137 2.07 75.01 -4.89
C LYS S 137 0.93 75.92 -4.45
N GLU S 138 -0.30 75.41 -4.48
CA GLU S 138 -1.43 76.18 -3.99
C GLU S 138 -1.27 76.52 -2.52
N MET S 139 -0.75 75.57 -1.74
CA MET S 139 -0.47 75.84 -0.32
C MET S 139 0.58 76.94 -0.15
N GLU S 140 1.64 76.89 -0.95
CA GLU S 140 2.66 77.92 -0.90
C GLU S 140 2.10 79.29 -1.29
N ASP S 141 1.11 79.31 -2.18
CA ASP S 141 0.47 80.56 -2.54
C ASP S 141 -0.33 81.15 -1.38
N LEU S 142 -0.61 80.36 -0.34
CA LEU S 142 -1.31 80.85 0.83
C LEU S 142 -0.37 81.35 1.92
N GLY S 143 0.94 81.31 1.68
CA GLY S 143 1.92 81.80 2.63
C GLY S 143 2.62 80.73 3.43
N PHE S 144 2.17 79.49 3.38
CA PHE S 144 2.80 78.42 4.13
C PHE S 144 3.99 77.85 3.36
N SER S 145 4.91 77.24 4.10
CA SER S 145 6.17 76.76 3.54
C SER S 145 6.22 75.25 3.36
N ASP S 146 5.87 74.49 4.39
CA ASP S 146 5.97 73.03 4.33
C ASP S 146 4.70 72.39 4.85
N PHE S 147 4.44 71.17 4.37
CA PHE S 147 3.32 70.35 4.84
C PHE S 147 3.91 68.98 5.20
N ASN S 148 4.04 68.72 6.49
CA ASN S 148 4.68 67.49 6.96
C ASN S 148 3.62 66.41 7.21
N LEU S 149 4.02 65.16 6.94
CA LEU S 149 3.15 64.02 7.15
C LEU S 149 3.91 62.96 7.93
N GLY S 150 3.27 62.42 8.97
CA GLY S 150 3.78 61.27 9.66
C GLY S 150 2.79 60.12 9.60
N PRO S 151 3.13 59.08 8.85
CA PRO S 151 2.21 57.96 8.67
C PRO S 151 2.38 56.87 9.71
N GLU S 152 1.29 56.15 9.95
CA GLU S 152 1.27 54.99 10.85
C GLU S 152 0.65 53.82 10.12
N PRO S 153 1.36 53.25 9.14
CA PRO S 153 0.78 52.15 8.35
C PRO S 153 0.77 50.85 9.12
N GLU S 154 -0.39 50.21 9.18
CA GLU S 154 -0.54 48.91 9.80
C GLU S 154 -0.71 47.85 8.72
N PHE S 155 -0.23 46.64 9.01
CA PHE S 155 -0.31 45.55 8.04
C PHE S 155 -0.41 44.23 8.78
N PHE S 156 -0.88 43.22 8.06
CA PHE S 156 -1.02 41.86 8.58
C PHE S 156 0.01 40.96 7.93
N LEU S 157 0.44 39.94 8.67
CA LEU S 157 1.37 38.94 8.18
C LEU S 157 0.67 37.59 8.15
N PHE S 158 0.57 36.99 6.97
CA PHE S 158 -0.09 35.71 6.79
C PHE S 158 0.93 34.68 6.33
N LYS S 159 0.80 33.46 6.85
CA LYS S 159 1.70 32.39 6.47
C LYS S 159 1.40 31.90 5.05
N LEU S 160 2.45 31.51 4.35
CA LEU S 160 2.32 30.92 3.03
C LEU S 160 2.25 29.40 3.14
N ASP S 161 1.59 28.78 2.18
CA ASP S 161 1.48 27.33 2.12
C ASP S 161 2.61 26.75 1.27
N GLU S 162 2.50 25.46 0.94
CA GLU S 162 3.55 24.81 0.16
C GLU S 162 3.69 25.44 -1.22
N LYS S 163 2.57 25.74 -1.87
CA LYS S 163 2.58 26.32 -3.21
C LYS S 163 2.90 27.82 -3.21
N GLY S 164 3.25 28.39 -2.06
CA GLY S 164 3.62 29.78 -1.99
C GLY S 164 2.52 30.77 -2.29
N GLU S 165 1.33 30.54 -1.75
CA GLU S 165 0.24 31.50 -1.85
C GLU S 165 -0.33 31.76 -0.46
N PRO S 166 -0.86 32.96 -0.22
CA PRO S 166 -1.29 33.31 1.15
C PRO S 166 -2.41 32.42 1.65
N THR S 167 -2.37 32.14 2.95
CA THR S 167 -3.43 31.44 3.66
C THR S 167 -4.08 32.42 4.65
N LEU S 168 -5.00 31.90 5.46
CA LEU S 168 -5.70 32.71 6.44
C LEU S 168 -5.15 32.53 7.85
N GLU S 169 -3.98 31.91 8.00
CA GLU S 169 -3.37 31.73 9.31
C GLU S 169 -2.39 32.86 9.59
N LEU S 170 -2.56 33.49 10.74
CA LEU S 170 -1.70 34.59 11.14
C LEU S 170 -0.37 34.07 11.68
N ASN S 171 0.65 34.94 11.64
CA ASN S 171 1.99 34.52 12.01
C ASN S 171 2.16 34.37 13.52
N ASP S 172 1.40 35.11 14.33
CA ASP S 172 1.51 35.00 15.77
C ASP S 172 0.19 35.38 16.42
N LYS S 173 -0.01 34.88 17.63
CA LYS S 173 -1.17 35.25 18.45
C LYS S 173 -0.79 36.37 19.42
N GLY S 174 -0.34 37.49 18.84
CA GLY S 174 0.14 38.62 19.62
C GLY S 174 -0.97 39.56 20.04
N GLY S 175 -0.57 40.58 20.80
CA GLY S 175 -1.51 41.57 21.28
C GLY S 175 -0.98 42.99 21.19
N TYR S 176 -1.72 43.94 21.75
CA TYR S 176 -1.32 45.34 21.68
C TYR S 176 -0.04 45.59 22.45
N PHE S 177 0.99 46.06 21.74
CA PHE S 177 2.29 46.39 22.31
C PHE S 177 2.96 45.20 23.00
N ASP S 178 2.53 43.98 22.65
CA ASP S 178 3.06 42.80 23.31
C ASP S 178 4.47 42.48 22.85
N LEU S 179 5.22 41.81 23.73
CA LEU S 179 6.50 41.20 23.37
C LEU S 179 6.25 39.78 22.83
N ALA S 180 5.42 39.72 21.79
CA ALA S 180 4.94 38.44 21.27
C ALA S 180 5.99 37.74 20.39
N PRO S 181 6.57 38.38 19.36
CA PRO S 181 7.55 37.67 18.54
C PRO S 181 8.77 37.21 19.32
N THR S 182 9.18 37.96 20.34
CA THR S 182 10.32 37.64 21.19
C THR S 182 11.61 37.47 20.39
N ASP S 183 12.61 36.87 21.02
CA ASP S 183 13.90 36.56 20.41
C ASP S 183 13.80 35.19 19.73
N LEU S 184 14.95 34.59 19.42
CA LEU S 184 15.02 33.25 18.83
C LEU S 184 14.42 33.21 17.43
N GLY S 185 14.94 34.04 16.53
CA GLY S 185 14.51 33.97 15.15
C GLY S 185 13.14 34.60 14.93
N GLU S 186 12.63 34.39 13.71
CA GLU S 186 11.37 34.97 13.25
C GLU S 186 11.46 36.48 13.46
N ASN S 187 10.47 37.12 14.10
CA ASN S 187 10.45 38.56 14.34
C ASN S 187 10.65 39.31 13.02
N CYS S 188 9.70 39.11 12.10
CA CYS S 188 9.77 39.77 10.80
C CYS S 188 9.71 41.28 10.94
N ARG S 189 9.02 41.79 11.97
CA ARG S 189 8.95 43.23 12.18
C ARG S 189 10.34 43.80 12.48
N ARG S 190 11.11 43.12 13.33
CA ARG S 190 12.46 43.57 13.64
C ARG S 190 13.34 43.59 12.40
N ASP S 191 13.27 42.53 11.58
CA ASP S 191 14.08 42.48 10.38
C ASP S 191 13.68 43.57 9.40
N ILE S 192 12.37 43.81 9.26
CA ILE S 192 11.90 44.87 8.37
C ILE S 192 12.42 46.22 8.85
N VAL S 193 12.33 46.48 10.15
CA VAL S 193 12.77 47.77 10.68
C VAL S 193 14.26 47.96 10.44
N LEU S 194 15.07 46.95 10.75
CA LEU S 194 16.52 47.06 10.55
C LEU S 194 16.86 47.24 9.08
N GLU S 195 16.21 46.49 8.20
CA GLU S 195 16.49 46.57 6.78
C GLU S 195 16.12 47.95 6.24
N LEU S 196 14.97 48.48 6.67
CA LEU S 196 14.57 49.82 6.27
C LEU S 196 15.55 50.86 6.77
N GLU S 197 16.06 50.68 8.00
CA GLU S 197 17.09 51.58 8.50
C GLU S 197 18.34 51.53 7.62
N GLU S 198 18.69 50.34 7.12
CA GLU S 198 19.86 50.23 6.26
C GLU S 198 19.67 50.91 4.91
N MET S 199 18.44 51.15 4.48
CA MET S 199 18.17 51.80 3.20
C MET S 199 17.99 53.31 3.31
N GLY S 200 18.16 53.88 4.50
CA GLY S 200 18.01 55.30 4.68
C GLY S 200 16.67 55.77 5.19
N PHE S 201 15.77 54.86 5.55
CA PHE S 201 14.52 55.26 6.16
C PHE S 201 14.75 55.76 7.59
N GLU S 202 13.85 56.62 8.04
CA GLU S 202 13.89 57.17 9.39
C GLU S 202 12.72 56.57 10.17
N ILE S 203 12.96 55.43 10.81
CA ILE S 203 11.93 54.72 11.56
C ILE S 203 11.87 55.29 12.97
N GLU S 204 10.67 55.69 13.38
CA GLU S 204 10.48 56.23 14.73
C GLU S 204 10.36 55.11 15.76
N ALA S 205 9.34 54.27 15.62
CA ALA S 205 9.13 53.17 16.55
C ALA S 205 8.26 52.13 15.87
N SER S 206 8.26 50.92 16.45
CA SER S 206 7.45 49.83 15.95
C SER S 206 6.91 49.03 17.12
N HIS S 207 5.76 48.38 16.91
CA HIS S 207 5.13 47.60 17.97
C HIS S 207 4.14 46.63 17.34
N HIS S 208 3.74 45.63 18.13
CA HIS S 208 2.68 44.73 17.71
C HIS S 208 1.33 45.41 17.90
N GLU S 209 0.45 45.21 16.92
CA GLU S 209 -0.84 45.90 16.91
C GLU S 209 -1.86 45.09 17.72
N VAL S 210 -3.09 45.61 17.78
CA VAL S 210 -4.13 45.00 18.61
C VAL S 210 -4.46 43.60 18.12
N ALA S 211 -4.67 43.45 16.82
CA ALA S 211 -5.09 42.17 16.28
C ALA S 211 -3.91 41.20 16.21
N PRO S 212 -4.17 39.90 16.32
CA PRO S 212 -3.10 38.92 16.12
C PRO S 212 -2.53 39.02 14.72
N GLY S 213 -1.21 38.85 14.62
CA GLY S 213 -0.56 38.94 13.34
C GLY S 213 -0.57 40.30 12.69
N GLN S 214 -0.85 41.35 13.45
CA GLN S 214 -0.91 42.71 12.95
C GLN S 214 0.23 43.53 13.54
N HIS S 215 0.91 44.30 12.69
CA HIS S 215 2.10 45.04 13.10
C HIS S 215 2.02 46.47 12.57
N GLU S 216 2.74 47.37 13.25
CA GLU S 216 2.80 48.76 12.86
C GLU S 216 4.24 49.26 12.93
N ILE S 217 4.65 50.01 11.92
CA ILE S 217 5.95 50.67 11.88
C ILE S 217 5.72 52.14 11.57
N ASP S 218 6.26 53.02 12.41
CA ASP S 218 6.05 54.46 12.28
C ASP S 218 7.32 55.13 11.78
N PHE S 219 7.18 55.99 10.78
CA PHE S 219 8.29 56.77 10.24
C PHE S 219 8.36 58.13 10.92
N LYS S 220 9.53 58.73 10.84
CA LYS S 220 9.67 60.14 11.22
C LYS S 220 8.95 61.02 10.21
N TYR S 221 8.35 62.10 10.70
CA TYR S 221 7.62 63.02 9.83
C TYR S 221 8.57 63.68 8.85
N ALA S 222 8.11 63.87 7.61
CA ALA S 222 8.89 64.49 6.56
C ALA S 222 7.95 65.23 5.62
N GLY S 223 8.49 65.74 4.52
CA GLY S 223 7.68 66.43 3.54
C GLY S 223 6.66 65.51 2.89
N ALA S 224 5.61 66.13 2.35
CA ALA S 224 4.49 65.37 1.82
C ALA S 224 4.92 64.44 0.69
N VAL S 225 5.63 64.98 -0.30
CA VAL S 225 6.09 64.15 -1.41
C VAL S 225 7.05 63.08 -0.92
N ARG S 226 7.99 63.46 -0.07
CA ARG S 226 8.93 62.49 0.49
C ARG S 226 8.21 61.42 1.31
N SER S 227 7.21 61.84 2.09
CA SER S 227 6.45 60.88 2.89
C SER S 227 5.69 59.89 2.01
N CYS S 228 5.08 60.37 0.93
CA CYS S 228 4.34 59.47 0.04
C CYS S 228 5.28 58.51 -0.68
N ASP S 229 6.43 59.01 -1.13
CA ASP S 229 7.43 58.13 -1.74
C ASP S 229 7.91 57.08 -0.74
N ASP S 230 8.12 57.49 0.51
CA ASP S 230 8.52 56.55 1.54
C ASP S 230 7.43 55.52 1.81
N ILE S 231 6.16 55.94 1.74
CA ILE S 231 5.06 54.99 1.95
C ILE S 231 5.07 53.93 0.85
N GLN S 232 5.21 54.36 -0.40
CA GLN S 232 5.24 53.40 -1.51
C GLN S 232 6.43 52.44 -1.39
N THR S 233 7.61 53.00 -1.12
CA THR S 233 8.81 52.16 -0.95
C THR S 233 8.65 51.23 0.24
N PHE S 234 8.01 51.70 1.31
CA PHE S 234 7.79 50.88 2.49
C PHE S 234 6.89 49.71 2.17
N LYS S 235 5.81 49.94 1.42
CA LYS S 235 4.95 48.83 1.02
C LYS S 235 5.73 47.81 0.20
N LEU S 236 6.50 48.28 -0.77
CA LEU S 236 7.29 47.36 -1.61
C LEU S 236 8.27 46.55 -0.77
N VAL S 237 9.01 47.22 0.10
CA VAL S 237 10.05 46.55 0.89
C VAL S 237 9.43 45.59 1.88
N VAL S 238 8.32 45.97 2.52
CA VAL S 238 7.66 45.07 3.47
C VAL S 238 7.17 43.82 2.76
N LYS S 239 6.55 43.98 1.59
CA LYS S 239 6.10 42.80 0.84
C LYS S 239 7.27 41.90 0.48
N THR S 240 8.37 42.49 0.00
CA THR S 240 9.53 41.68 -0.39
C THR S 240 10.12 40.93 0.79
N ILE S 241 10.31 41.62 1.92
CA ILE S 241 10.94 41.00 3.08
C ILE S 241 10.04 39.92 3.66
N ALA S 242 8.73 40.18 3.73
CA ALA S 242 7.81 39.15 4.20
C ALA S 242 7.84 37.94 3.28
N ARG S 243 7.95 38.16 1.97
CA ARG S 243 8.09 37.04 1.05
C ARG S 243 9.37 36.26 1.33
N LYS S 244 10.44 36.95 1.73
CA LYS S 244 11.71 36.27 2.06
C LYS S 244 11.50 35.33 3.26
N HIS S 245 10.75 35.78 4.27
CA HIS S 245 10.54 35.00 5.47
C HIS S 245 9.45 33.94 5.31
N GLY S 246 8.99 33.68 4.10
CA GLY S 246 7.89 32.75 3.91
C GLY S 246 6.59 33.24 4.50
N LEU S 247 6.31 34.54 4.35
CA LEU S 247 5.10 35.15 4.88
C LEU S 247 4.48 36.03 3.81
N HIS S 248 3.20 36.33 3.99
CA HIS S 248 2.48 37.24 3.11
C HIS S 248 2.12 38.50 3.89
N ALA S 249 2.57 39.65 3.39
CA ALA S 249 2.24 40.93 3.99
C ALA S 249 1.17 41.61 3.14
N THR S 250 0.08 42.00 3.78
CA THR S 250 -1.01 42.66 3.08
C THR S 250 -1.39 43.94 3.80
N PHE S 251 -1.66 44.99 3.01
CA PHE S 251 -2.18 46.24 3.52
C PHE S 251 -3.68 46.37 3.30
N MET S 252 -4.37 45.24 3.21
CA MET S 252 -5.81 45.24 3.03
C MET S 252 -6.48 45.87 4.25
N PRO S 253 -7.44 46.78 4.07
CA PRO S 253 -8.02 47.47 5.23
C PRO S 253 -8.65 46.54 6.25
N LYS S 254 -9.30 45.45 5.81
CA LYS S 254 -9.96 44.52 6.72
C LYS S 254 -9.93 43.12 6.13
N PRO S 255 -8.81 42.41 6.30
CA PRO S 255 -8.73 41.05 5.77
C PRO S 255 -9.68 40.06 6.44
N LEU S 256 -10.01 40.25 7.72
CA LEU S 256 -10.80 39.29 8.46
C LEU S 256 -11.93 40.00 9.20
N PHE S 257 -13.05 39.28 9.33
CA PHE S 257 -14.22 39.77 10.07
C PHE S 257 -14.06 39.50 11.55
N GLY S 258 -14.57 40.42 12.36
CA GLY S 258 -14.49 40.28 13.80
C GLY S 258 -13.13 40.57 14.39
N VAL S 259 -12.22 41.12 13.61
CA VAL S 259 -10.86 41.39 14.01
C VAL S 259 -10.51 42.81 13.61
N ASN S 260 -9.66 43.46 14.40
CA ASN S 260 -9.30 44.85 14.12
C ASN S 260 -8.75 45.02 12.71
N GLY S 261 -9.15 46.10 12.06
CA GLY S 261 -8.67 46.40 10.73
C GLY S 261 -7.32 47.10 10.74
N SER S 262 -6.87 47.45 9.54
CA SER S 262 -5.58 48.11 9.35
C SER S 262 -5.81 49.53 8.88
N GLY S 263 -5.25 50.50 9.61
CA GLY S 263 -5.34 51.89 9.25
C GLY S 263 -3.97 52.48 8.92
N MET S 264 -3.99 53.69 8.37
CA MET S 264 -2.78 54.42 8.01
C MET S 264 -2.94 55.86 8.51
N HIS S 265 -3.23 55.98 9.80
CA HIS S 265 -3.38 57.26 10.48
C HIS S 265 -2.32 58.26 10.00
N CYS S 266 -2.78 59.44 9.60
CA CYS S 266 -1.93 60.46 8.99
C CYS S 266 -1.81 61.64 9.95
N ASN S 267 -0.59 61.87 10.45
CA ASN S 267 -0.31 63.01 11.30
C ASN S 267 0.13 64.18 10.42
N LEU S 268 -0.68 65.23 10.37
CA LEU S 268 -0.45 66.37 9.49
C LEU S 268 -0.04 67.57 10.31
N SER S 269 1.01 68.26 9.87
CA SER S 269 1.48 69.49 10.51
C SER S 269 1.81 70.50 9.44
N LEU S 270 1.32 71.73 9.60
CA LEU S 270 1.54 72.80 8.64
C LEU S 270 2.57 73.78 9.19
N PHE S 271 3.54 74.14 8.36
CA PHE S 271 4.63 75.01 8.76
C PHE S 271 4.59 76.31 7.99
N LYS S 272 4.86 77.41 8.68
CA LYS S 272 4.95 78.73 8.08
C LYS S 272 6.25 79.39 8.51
N ASN S 273 7.08 79.77 7.55
CA ASN S 273 8.37 80.39 7.81
C ASN S 273 9.27 79.49 8.65
N GLY S 274 9.13 78.17 8.48
CA GLY S 274 9.96 77.22 9.21
C GLY S 274 9.50 76.90 10.62
N VAL S 275 8.38 77.46 11.07
CA VAL S 275 7.86 77.18 12.40
C VAL S 275 6.47 76.57 12.25
N ASN S 276 6.07 75.81 13.28
CA ASN S 276 4.78 75.15 13.26
C ASN S 276 3.66 76.18 13.37
N ALA S 277 2.73 76.14 12.42
CA ALA S 277 1.61 77.09 12.39
C ALA S 277 0.42 76.62 13.19
N PHE S 278 0.42 75.40 13.70
CA PHE S 278 -0.69 74.87 14.48
C PHE S 278 -0.55 75.16 15.97
N PHE S 279 0.59 75.68 16.42
CA PHE S 279 0.89 75.83 17.83
C PHE S 279 0.73 77.29 18.24
N ASP S 280 0.04 77.51 19.36
CA ASP S 280 -0.12 78.84 19.96
C ASP S 280 -0.10 78.68 21.47
N GLU S 281 0.91 79.25 22.12
CA GLU S 281 1.11 79.00 23.54
C GLU S 281 0.00 79.59 24.40
N ASN S 282 -0.55 80.72 23.99
CA ASN S 282 -1.51 81.45 24.82
C ASN S 282 -2.97 81.11 24.51
N ALA S 283 -3.22 80.16 23.62
CA ALA S 283 -4.58 79.81 23.23
C ALA S 283 -5.04 78.55 23.96
N ASP S 284 -6.36 78.37 23.99
CA ASP S 284 -6.92 77.17 24.61
C ASP S 284 -6.51 75.93 23.83
N LEU S 285 -6.20 74.86 24.57
CA LEU S 285 -5.63 73.62 24.04
C LEU S 285 -4.30 73.84 23.35
N GLN S 286 -3.71 75.03 23.50
CA GLN S 286 -2.44 75.38 22.86
C GLN S 286 -2.52 75.21 21.35
N LEU S 287 -3.66 75.59 20.77
CA LEU S 287 -3.93 75.43 19.35
C LEU S 287 -4.12 76.79 18.70
N SER S 288 -3.43 77.03 17.60
CA SER S 288 -3.55 78.29 16.88
C SER S 288 -4.87 78.36 16.13
N GLU S 289 -5.22 79.57 15.69
CA GLU S 289 -6.42 79.75 14.87
C GLU S 289 -6.29 79.04 13.54
N THR S 290 -5.07 78.97 12.99
CA THR S 290 -4.85 78.22 11.76
C THR S 290 -5.18 76.75 11.95
N ALA S 291 -4.81 76.19 13.11
CA ALA S 291 -5.14 74.79 13.40
C ALA S 291 -6.65 74.58 13.46
N LYS S 292 -7.38 75.51 14.09
CA LYS S 292 -8.83 75.39 14.15
C LYS S 292 -9.46 75.49 12.77
N HIS S 293 -8.95 76.39 11.93
CA HIS S 293 -9.47 76.49 10.56
C HIS S 293 -9.17 75.21 9.78
N PHE S 294 -7.98 74.64 9.96
CA PHE S 294 -7.65 73.37 9.32
C PHE S 294 -8.60 72.26 9.75
N ILE S 295 -8.87 72.19 11.06
CA ILE S 295 -9.77 71.16 11.58
C ILE S 295 -11.18 71.36 11.02
N ALA S 296 -11.64 72.61 10.95
CA ALA S 296 -12.95 72.88 10.37
C ALA S 296 -13.01 72.47 8.92
N GLY S 297 -11.96 72.76 8.15
CA GLY S 297 -11.94 72.35 6.75
C GLY S 297 -11.95 70.85 6.58
N ILE S 298 -11.21 70.13 7.42
CA ILE S 298 -11.20 68.68 7.34
C ILE S 298 -12.57 68.12 7.72
N VAL S 299 -13.20 68.70 8.74
CA VAL S 299 -14.52 68.24 9.18
C VAL S 299 -15.55 68.46 8.08
N LYS S 300 -15.51 69.62 7.43
CA LYS S 300 -16.53 69.97 6.44
C LYS S 300 -16.53 68.99 5.27
N HIS S 301 -15.35 68.61 4.78
CA HIS S 301 -15.22 67.78 3.59
C HIS S 301 -14.98 66.31 3.93
N ALA S 302 -15.12 65.92 5.20
CA ALA S 302 -14.74 64.57 5.61
C ALA S 302 -15.54 63.51 4.87
N THR S 303 -16.84 63.70 4.74
CA THR S 303 -17.67 62.74 4.01
C THR S 303 -17.40 62.75 2.51
N SER S 304 -16.73 63.78 2.00
CA SER S 304 -16.51 63.89 0.56
C SER S 304 -15.23 63.22 0.09
N PHE S 305 -14.13 63.36 0.85
CA PHE S 305 -12.88 62.74 0.44
C PHE S 305 -12.71 61.32 0.96
N THR S 306 -13.74 60.78 1.64
CA THR S 306 -13.66 59.39 2.10
C THR S 306 -13.49 58.42 0.95
N ALA S 307 -14.08 58.74 -0.21
CA ALA S 307 -13.91 57.89 -1.38
C ALA S 307 -12.44 57.81 -1.81
N VAL S 308 -11.69 58.88 -1.61
CA VAL S 308 -10.27 58.89 -1.97
C VAL S 308 -9.42 58.26 -0.87
N THR S 309 -9.67 58.59 0.39
CA THR S 309 -8.90 58.01 1.48
C THR S 309 -9.27 56.57 1.77
N ASN S 310 -10.46 56.14 1.35
CA ASN S 310 -10.91 54.76 1.50
C ASN S 310 -11.45 54.31 0.15
N PRO S 311 -10.55 53.98 -0.79
CA PRO S 311 -10.96 53.78 -2.19
C PRO S 311 -11.43 52.38 -2.55
N THR S 312 -11.40 51.42 -1.62
CA THR S 312 -11.77 50.05 -1.94
C THR S 312 -13.12 49.70 -1.32
N VAL S 313 -13.72 48.63 -1.84
CA VAL S 313 -14.95 48.10 -1.26
C VAL S 313 -14.69 47.60 0.15
N ASN S 314 -13.57 46.89 0.35
CA ASN S 314 -13.22 46.37 1.66
C ASN S 314 -12.90 47.47 2.67
N SER S 315 -12.63 48.69 2.20
CA SER S 315 -12.29 49.78 3.10
C SER S 315 -13.44 50.09 4.06
N TYR S 316 -14.67 49.83 3.65
CA TYR S 316 -15.83 50.19 4.46
C TYR S 316 -16.31 49.06 5.36
N LYS S 317 -15.71 47.88 5.26
CA LYS S 317 -15.86 46.87 6.31
C LYS S 317 -15.00 47.18 7.52
N ARG S 318 -13.95 47.99 7.35
CA ARG S 318 -13.19 48.47 8.50
C ARG S 318 -13.94 49.57 9.24
N LEU S 319 -14.64 50.44 8.50
CA LEU S 319 -15.36 51.56 9.08
C LEU S 319 -16.67 51.08 9.72
N VAL S 320 -16.52 50.21 10.71
CA VAL S 320 -17.65 49.68 11.47
C VAL S 320 -17.35 49.90 12.95
N PRO S 321 -18.37 50.09 13.78
CA PRO S 321 -18.12 50.39 15.20
C PRO S 321 -17.50 49.22 15.94
N GLY S 322 -16.70 49.54 16.95
CA GLY S 322 -16.16 48.55 17.86
C GLY S 322 -14.76 48.08 17.60
N TYR S 323 -14.03 48.70 16.65
CA TYR S 323 -12.69 48.25 16.32
C TYR S 323 -11.72 49.43 16.23
N GLU S 324 -12.01 50.52 16.93
CA GLU S 324 -11.20 51.72 17.03
C GLU S 324 -11.14 52.50 15.72
N ALA S 325 -11.74 52.00 14.64
CA ALA S 325 -11.79 52.75 13.39
C ALA S 325 -12.86 53.84 13.48
N PRO S 326 -12.63 54.99 12.87
CA PRO S 326 -13.62 56.06 12.92
C PRO S 326 -14.88 55.71 12.14
N CYS S 327 -16.01 56.21 12.63
CA CYS S 327 -17.28 56.04 11.95
C CYS S 327 -18.10 57.31 11.87
N TYR S 328 -17.69 58.38 12.55
CA TYR S 328 -18.43 59.64 12.55
C TYR S 328 -17.46 60.79 12.39
N VAL S 329 -17.98 61.91 11.91
CA VAL S 329 -17.15 63.09 11.64
C VAL S 329 -17.11 63.92 12.92
N ALA S 330 -16.00 63.82 13.65
CA ALA S 330 -15.80 64.59 14.87
C ALA S 330 -14.31 64.63 15.18
N TRP S 331 -13.92 65.59 16.02
CA TRP S 331 -12.54 65.74 16.44
C TRP S 331 -12.48 65.82 17.96
N SER S 332 -11.37 65.33 18.51
CA SER S 332 -11.22 65.26 19.96
C SER S 332 -9.74 65.12 20.29
N ALA S 333 -9.44 65.36 21.57
CA ALA S 333 -8.11 65.09 22.10
C ALA S 333 -8.00 63.73 22.78
N GLN S 334 -9.12 63.19 23.27
CA GLN S 334 -9.13 61.87 23.90
C GLN S 334 -10.53 61.31 23.77
N ASN S 335 -10.70 60.32 22.89
CA ASN S 335 -11.99 59.72 22.65
C ASN S 335 -11.79 58.34 22.03
N ARG S 336 -12.84 57.55 22.05
CA ARG S 336 -12.82 56.22 21.45
C ARG S 336 -13.09 56.36 19.95
N SER S 337 -12.07 56.10 19.15
CA SER S 337 -12.16 56.15 17.70
C SER S 337 -12.71 57.46 17.15
N PRO S 338 -12.00 58.58 17.37
CA PRO S 338 -12.40 59.83 16.73
C PRO S 338 -11.87 59.92 15.31
N LEU S 339 -12.56 60.69 14.48
CA LEU S 339 -12.10 60.91 13.12
C LEU S 339 -10.80 61.70 13.11
N ILE S 340 -10.75 62.78 13.88
CA ILE S 340 -9.56 63.62 14.00
C ILE S 340 -9.11 63.60 15.45
N ARG S 341 -7.85 63.25 15.67
CA ARG S 341 -7.27 63.22 17.00
C ARG S 341 -6.07 64.15 17.04
N ILE S 342 -5.94 64.88 18.16
CA ILE S 342 -4.84 65.82 18.36
C ILE S 342 -3.94 65.24 19.46
N PRO S 343 -2.72 64.83 19.14
CA PRO S 343 -1.84 64.27 20.17
C PRO S 343 -1.49 65.29 21.24
N ALA S 344 -1.15 64.78 22.42
CA ALA S 344 -0.86 65.65 23.56
C ALA S 344 0.38 66.50 23.34
N SER S 345 1.33 66.00 22.55
CA SER S 345 2.57 66.74 22.31
C SER S 345 2.27 68.06 21.60
N ARG S 346 3.00 69.10 21.97
CA ARG S 346 2.78 70.44 21.43
C ARG S 346 4.13 71.04 21.01
N GLY S 347 4.09 72.30 20.62
CA GLY S 347 5.29 72.99 20.18
C GLY S 347 5.58 72.71 18.72
N ILE S 348 6.81 72.27 18.44
CA ILE S 348 7.17 71.92 17.06
C ILE S 348 6.41 70.68 16.61
N SER S 349 5.96 69.84 17.55
CA SER S 349 5.31 68.58 17.23
C SER S 349 3.79 68.69 17.24
N THR S 350 3.24 69.89 17.25
CA THR S 350 1.80 70.07 17.17
C THR S 350 1.30 69.58 15.82
N ARG S 351 0.36 68.64 15.83
CA ARG S 351 -0.13 68.04 14.60
C ARG S 351 -1.57 67.60 14.77
N VAL S 352 -2.25 67.41 13.64
CA VAL S 352 -3.61 66.90 13.60
C VAL S 352 -3.57 65.54 12.90
N GLU S 353 -4.18 64.54 13.53
CA GLU S 353 -4.16 63.18 13.03
C GLU S 353 -5.52 62.83 12.42
N VAL S 354 -5.50 62.39 11.17
CA VAL S 354 -6.70 61.91 10.48
C VAL S 354 -6.62 60.38 10.46
N ARG S 355 -7.56 59.73 11.15
CA ARG S 355 -7.50 58.30 11.39
C ARG S 355 -8.37 57.49 10.44
N SER S 356 -9.05 58.13 9.49
CA SER S 356 -9.89 57.39 8.55
C SER S 356 -9.11 56.77 7.42
N VAL S 357 -7.92 57.29 7.10
CA VAL S 357 -7.14 56.79 5.99
C VAL S 357 -6.69 55.36 6.25
N ASP S 358 -6.69 54.54 5.21
CA ASP S 358 -6.23 53.16 5.26
C ASP S 358 -5.06 52.96 4.32
N PRO S 359 -4.24 51.93 4.54
CA PRO S 359 -3.04 51.74 3.70
C PRO S 359 -3.35 51.47 2.23
N ALA S 360 -4.58 51.07 1.89
CA ALA S 360 -4.93 50.84 0.50
C ALA S 360 -5.08 52.12 -0.30
N ALA S 361 -5.19 53.27 0.37
CA ALA S 361 -5.38 54.53 -0.34
C ALA S 361 -4.12 54.92 -1.10
N ASN S 362 -4.31 55.67 -2.18
CA ASN S 362 -3.18 56.26 -2.89
C ASN S 362 -2.61 57.39 -2.04
N PRO S 363 -1.34 57.31 -1.64
CA PRO S 363 -0.80 58.36 -0.74
C PRO S 363 -0.87 59.75 -1.34
N TYR S 364 -0.56 59.89 -2.63
CA TYR S 364 -0.56 61.21 -3.25
C TYR S 364 -1.97 61.80 -3.31
N LEU S 365 -2.94 61.01 -3.75
CA LEU S 365 -4.31 61.50 -3.85
C LEU S 365 -4.89 61.81 -2.47
N ALA S 366 -4.64 60.92 -1.49
CA ALA S 366 -5.14 61.16 -0.14
C ALA S 366 -4.54 62.41 0.46
N LEU S 367 -3.23 62.60 0.30
CA LEU S 367 -2.60 63.81 0.80
C LEU S 367 -3.14 65.04 0.09
N SER S 368 -3.37 64.93 -1.22
CA SER S 368 -3.91 66.06 -1.98
C SER S 368 -5.28 66.47 -1.46
N VAL S 369 -6.17 65.50 -1.25
CA VAL S 369 -7.53 65.85 -0.81
C VAL S 369 -7.51 66.37 0.63
N LEU S 370 -6.68 65.78 1.49
CA LEU S 370 -6.59 66.27 2.86
C LEU S 370 -6.07 67.69 2.90
N LEU S 371 -5.01 67.97 2.13
CA LEU S 371 -4.45 69.32 2.09
C LEU S 371 -5.44 70.30 1.49
N ALA S 372 -6.17 69.89 0.45
CA ALA S 372 -7.17 70.78 -0.15
C ALA S 372 -8.27 71.12 0.83
N ALA S 373 -8.76 70.13 1.58
CA ALA S 373 -9.78 70.39 2.59
C ALA S 373 -9.25 71.33 3.67
N GLY S 374 -8.02 71.09 4.14
CA GLY S 374 -7.45 71.95 5.17
C GLY S 374 -7.26 73.38 4.69
N LEU S 375 -6.81 73.54 3.45
CA LEU S 375 -6.65 74.88 2.88
C LEU S 375 -7.99 75.57 2.68
N ASP S 376 -9.01 74.80 2.29
CA ASP S 376 -10.35 75.37 2.18
C ASP S 376 -10.84 75.88 3.53
N GLY S 377 -10.57 75.12 4.60
CA GLY S 377 -10.90 75.61 5.93
C GLY S 377 -10.12 76.86 6.29
N ILE S 378 -8.84 76.92 5.93
CA ILE S 378 -8.01 78.08 6.26
C ILE S 378 -8.43 79.28 5.42
N LYS S 379 -8.65 79.08 4.12
CA LYS S 379 -8.94 80.20 3.23
C LYS S 379 -10.24 80.91 3.59
N ASN S 380 -11.28 80.15 3.93
CA ASN S 380 -12.58 80.73 4.26
C ASN S 380 -12.75 80.98 5.75
N LYS S 381 -11.75 80.67 6.57
CA LYS S 381 -11.80 80.87 8.02
C LYS S 381 -13.05 80.23 8.63
N LEU S 382 -13.27 78.97 8.26
CA LEU S 382 -14.40 78.23 8.82
C LEU S 382 -14.20 78.00 10.31
N GLU S 383 -15.33 77.93 11.02
CA GLU S 383 -15.32 77.77 12.47
C GLU S 383 -15.39 76.28 12.81
N ALA S 384 -14.42 75.81 13.57
CA ALA S 384 -14.40 74.40 13.95
C ALA S 384 -15.51 74.11 14.96
N PRO S 385 -16.12 72.94 14.90
CA PRO S 385 -17.14 72.58 15.89
C PRO S 385 -16.50 72.23 17.23
N ALA S 386 -17.36 72.10 18.24
CA ALA S 386 -16.88 71.77 19.57
C ALA S 386 -16.36 70.34 19.59
N PRO S 387 -15.24 70.09 20.28
CA PRO S 387 -14.72 68.72 20.38
C PRO S 387 -15.66 67.82 21.17
N ILE S 388 -15.62 66.54 20.83
CA ILE S 388 -16.50 65.54 21.44
C ILE S 388 -15.67 64.73 22.43
N ASP S 389 -16.08 64.75 23.71
CA ASP S 389 -15.37 64.04 24.77
C ASP S 389 -16.30 63.21 25.62
N ARG S 390 -17.42 62.74 25.06
CA ARG S 390 -18.47 62.07 25.90
C ARG S 390 -18.88 60.70 25.32
N ASN S 391 -18.16 60.19 24.32
CA ASN S 391 -18.42 58.86 23.76
C ASN S 391 -19.71 58.83 22.94
N ILE S 392 -19.64 59.47 21.77
CA ILE S 392 -20.74 59.53 20.81
C ILE S 392 -21.39 58.17 20.60
N TYR S 393 -20.63 57.08 20.77
CA TYR S 393 -21.20 55.75 20.61
C TYR S 393 -22.32 55.46 21.59
N VAL S 394 -22.42 56.23 22.69
CA VAL S 394 -23.43 55.96 23.70
C VAL S 394 -24.83 56.18 23.14
N MET S 395 -25.07 57.33 22.52
CA MET S 395 -26.42 57.62 22.04
C MET S 395 -26.63 57.04 20.64
N SER S 396 -27.90 57.06 20.22
CA SER S 396 -28.30 56.54 18.93
C SER S 396 -27.92 57.52 17.81
N LYS S 397 -28.07 57.05 16.57
CA LYS S 397 -27.77 57.90 15.42
C LYS S 397 -28.69 59.11 15.37
N GLU S 398 -29.98 58.91 15.63
CA GLU S 398 -30.90 60.05 15.70
C GLU S 398 -30.60 60.92 16.91
N GLU S 399 -30.10 60.31 17.99
CA GLU S 399 -29.77 61.06 19.20
C GLU S 399 -28.49 61.87 19.07
N ARG S 400 -27.75 61.71 17.97
CA ARG S 400 -26.57 62.52 17.71
C ARG S 400 -26.64 63.29 16.41
N MET S 401 -27.64 63.02 15.56
CA MET S 401 -27.76 63.76 14.30
C MET S 401 -28.10 65.23 14.53
N GLU S 402 -28.85 65.54 15.61
CA GLU S 402 -29.17 66.92 15.92
C GLU S 402 -27.92 67.74 16.24
N ASN S 403 -26.85 67.10 16.68
CA ASN S 403 -25.57 67.77 16.87
C ASN S 403 -24.86 67.88 15.54
N GLY S 404 -23.58 68.25 15.56
CA GLY S 404 -22.80 68.33 14.36
C GLY S 404 -22.24 67.01 13.89
N ILE S 405 -22.57 65.91 14.57
CA ILE S 405 -21.99 64.61 14.26
C ILE S 405 -22.75 63.98 13.10
N VAL S 406 -22.05 63.70 12.01
CA VAL S 406 -22.62 63.02 10.86
C VAL S 406 -21.84 61.74 10.62
N ASP S 407 -22.49 60.79 9.94
CA ASP S 407 -21.91 59.48 9.69
C ASP S 407 -21.06 59.50 8.42
N LEU S 408 -19.98 58.74 8.45
CA LEU S 408 -19.21 58.51 7.24
C LEU S 408 -19.99 57.62 6.29
N PRO S 409 -19.70 57.67 4.99
CA PRO S 409 -20.40 56.79 4.04
C PRO S 409 -20.21 55.33 4.40
N ALA S 410 -21.30 54.57 4.25
CA ALA S 410 -21.31 53.17 4.66
C ALA S 410 -20.77 52.23 3.60
N THR S 411 -20.85 52.61 2.32
CA THR S 411 -20.37 51.79 1.23
C THR S 411 -19.54 52.65 0.28
N LEU S 412 -18.84 51.98 -0.63
CA LEU S 412 -18.03 52.70 -1.62
C LEU S 412 -18.92 53.51 -2.56
N ALA S 413 -20.09 52.98 -2.91
CA ALA S 413 -21.00 53.71 -3.79
C ALA S 413 -21.49 55.00 -3.15
N GLU S 414 -21.83 54.94 -1.86
CA GLU S 414 -22.27 56.15 -1.16
C GLU S 414 -21.16 57.19 -1.11
N ALA S 415 -19.93 56.75 -0.84
CA ALA S 415 -18.81 57.68 -0.82
C ALA S 415 -18.55 58.27 -2.19
N LEU S 416 -18.71 57.48 -3.25
CA LEU S 416 -18.57 58.01 -4.61
C LEU S 416 -19.63 59.06 -4.88
N GLU S 417 -20.87 58.80 -4.45
CA GLU S 417 -21.94 59.78 -4.64
C GLU S 417 -21.64 61.07 -3.89
N GLU S 418 -21.13 60.96 -2.66
CA GLU S 418 -20.79 62.16 -1.88
C GLU S 418 -19.62 62.90 -2.50
N PHE S 419 -18.66 62.17 -3.06
CA PHE S 419 -17.45 62.79 -3.61
C PHE S 419 -17.77 63.55 -4.89
N LYS S 420 -18.67 63.03 -5.73
CA LYS S 420 -19.00 63.69 -6.98
C LYS S 420 -19.68 65.04 -6.73
N SER S 421 -20.49 65.13 -5.68
CA SER S 421 -21.25 66.35 -5.43
C SER S 421 -20.38 67.47 -4.88
N ASN S 422 -19.25 67.15 -4.26
CA ASN S 422 -18.41 68.19 -3.64
C ASN S 422 -17.56 68.87 -4.70
N GLU S 423 -17.76 70.17 -4.86
CA GLU S 423 -17.06 70.92 -5.91
C GLU S 423 -15.59 71.10 -5.53
N VAL S 424 -15.31 71.42 -4.26
CA VAL S 424 -13.94 71.69 -3.84
C VAL S 424 -13.05 70.46 -4.04
N MET S 425 -13.55 69.29 -3.66
CA MET S 425 -12.76 68.07 -3.79
C MET S 425 -12.57 67.66 -5.23
N VAL S 426 -13.40 68.14 -6.16
CA VAL S 426 -13.22 67.82 -7.57
C VAL S 426 -11.96 68.49 -8.10
N LYS S 427 -11.76 69.77 -7.79
CA LYS S 427 -10.54 70.45 -8.19
C LYS S 427 -9.32 69.99 -7.40
N ALA S 428 -9.52 69.25 -6.31
CA ALA S 428 -8.37 68.76 -5.54
C ALA S 428 -7.50 67.81 -6.34
N LEU S 429 -8.06 67.13 -7.35
CA LEU S 429 -7.27 66.24 -8.18
C LEU S 429 -7.42 66.50 -9.68
N GLY S 430 -8.19 67.51 -10.09
CA GLY S 430 -8.31 67.85 -11.49
C GLY S 430 -9.29 66.95 -12.22
N GLU S 431 -9.70 67.43 -13.40
CA GLU S 431 -10.75 66.74 -14.16
C GLU S 431 -10.30 65.38 -14.65
N HIS S 432 -9.06 65.26 -15.13
CA HIS S 432 -8.57 63.98 -15.66
C HIS S 432 -8.60 62.91 -14.58
N LEU S 433 -7.96 63.19 -13.44
CA LEU S 433 -7.95 62.23 -12.35
C LEU S 433 -9.35 61.97 -11.83
N PHE S 434 -10.18 63.02 -11.76
CA PHE S 434 -11.54 62.84 -11.25
C PHE S 434 -12.33 61.86 -12.11
N GLU S 435 -12.38 62.10 -13.42
CA GLU S 435 -13.15 61.21 -14.29
C GLU S 435 -12.60 59.79 -14.28
N HIS S 436 -11.28 59.64 -14.36
CA HIS S 436 -10.75 58.28 -14.43
C HIS S 436 -10.94 57.53 -13.12
N PHE S 437 -10.74 58.22 -11.98
CA PHE S 437 -10.97 57.59 -10.69
C PHE S 437 -12.44 57.21 -10.52
N ILE S 438 -13.35 58.10 -10.91
CA ILE S 438 -14.77 57.80 -10.78
C ILE S 438 -15.16 56.62 -11.64
N GLU S 439 -14.66 56.57 -12.88
CA GLU S 439 -14.97 55.45 -13.76
C GLU S 439 -14.45 54.13 -13.17
N ALA S 440 -13.20 54.13 -12.72
CA ALA S 440 -12.63 52.90 -12.17
C ALA S 440 -13.38 52.44 -10.93
N LYS S 441 -13.71 53.37 -10.04
CA LYS S 441 -14.40 52.98 -8.81
C LYS S 441 -15.83 52.55 -9.07
N GLU S 442 -16.51 53.17 -10.04
CA GLU S 442 -17.85 52.74 -10.39
C GLU S 442 -17.84 51.34 -10.97
N ILE S 443 -16.85 51.03 -11.82
CA ILE S 443 -16.73 49.67 -12.34
C ILE S 443 -16.45 48.69 -11.20
N GLU S 444 -15.58 49.08 -10.28
CA GLU S 444 -15.26 48.22 -9.14
C GLU S 444 -16.50 47.92 -8.31
N TRP S 445 -17.30 48.95 -8.03
CA TRP S 445 -18.53 48.74 -7.26
C TRP S 445 -19.52 47.88 -8.02
N ASP S 446 -19.66 48.10 -9.33
CA ASP S 446 -20.61 47.33 -10.13
C ASP S 446 -20.24 45.85 -10.14
N MET S 447 -18.94 45.55 -10.22
CA MET S 447 -18.51 44.16 -10.17
C MET S 447 -18.84 43.52 -8.83
N PHE S 448 -18.71 44.28 -7.74
CA PHE S 448 -18.93 43.73 -6.40
C PHE S 448 -20.41 43.51 -6.13
N ARG S 449 -21.27 44.46 -6.51
CA ARG S 449 -22.66 44.41 -6.11
C ARG S 449 -23.46 43.33 -6.82
N THR S 450 -23.00 42.88 -7.99
CA THR S 450 -23.70 41.83 -8.73
C THR S 450 -23.21 40.44 -8.38
N GLN S 451 -22.19 40.31 -7.56
CA GLN S 451 -21.67 39.00 -7.18
C GLN S 451 -22.60 38.32 -6.18
N VAL S 452 -22.58 36.99 -6.18
CA VAL S 452 -23.31 36.18 -5.23
C VAL S 452 -22.27 35.56 -4.30
N HIS S 453 -22.17 36.08 -3.10
CA HIS S 453 -21.14 35.65 -2.16
C HIS S 453 -21.55 34.36 -1.46
N PRO S 454 -20.57 33.58 -0.99
CA PRO S 454 -20.92 32.33 -0.29
C PRO S 454 -21.76 32.54 0.96
N TRP S 455 -21.68 33.72 1.58
CA TRP S 455 -22.53 34.01 2.74
C TRP S 455 -24.00 33.93 2.36
N GLU S 456 -24.35 34.45 1.18
CA GLU S 456 -25.74 34.41 0.73
C GLU S 456 -26.22 32.97 0.57
N ARG S 457 -25.39 32.09 0.02
CA ARG S 457 -25.79 30.69 -0.11
C ARG S 457 -25.91 30.03 1.25
N GLU S 458 -25.00 30.35 2.19
CA GLU S 458 -25.11 29.79 3.53
C GLU S 458 -26.38 30.26 4.23
N GLN S 459 -26.86 31.46 3.91
CA GLN S 459 -28.02 32.00 4.58
C GLN S 459 -29.34 31.63 3.92
N TYR S 460 -29.35 31.39 2.60
CA TYR S 460 -30.61 31.27 1.87
C TYR S 460 -30.77 29.99 1.06
N MET S 461 -29.70 29.26 0.75
CA MET S 461 -29.84 28.09 -0.12
C MET S 461 -30.70 27.01 0.53
N SER S 462 -30.52 26.78 1.82
CA SER S 462 -31.32 25.79 2.53
C SER S 462 -32.57 26.38 3.17
N GLN S 463 -32.50 27.64 3.61
CA GLN S 463 -33.67 28.27 4.21
C GLN S 463 -34.80 28.44 3.19
N TYR S 464 -34.46 28.81 1.96
CA TYR S 464 -35.46 29.00 0.92
C TYR S 464 -35.28 27.98 -0.20
N ALA T 22 24.58 54.07 41.60
CA ALA T 22 24.18 53.72 40.24
C ALA T 22 25.15 52.72 39.63
N LYS T 23 24.68 52.01 38.60
CA LYS T 23 25.49 51.00 37.90
C LYS T 23 25.88 51.42 36.50
N TYR T 24 24.99 52.11 35.78
CA TYR T 24 25.28 52.59 34.44
C TYR T 24 24.96 54.08 34.34
N THR T 25 25.75 54.78 33.56
CA THR T 25 25.47 56.17 33.19
C THR T 25 25.20 56.23 31.68
N ARG T 26 24.82 57.42 31.21
CA ARG T 26 24.51 57.59 29.80
C ARG T 26 25.72 57.29 28.92
N GLU T 27 26.90 57.77 29.33
CA GLU T 27 28.11 57.52 28.56
C GLU T 27 28.44 56.03 28.53
N ASP T 28 28.27 55.34 29.65
CA ASP T 28 28.49 53.90 29.67
C ASP T 28 27.54 53.17 28.73
N ILE T 29 26.27 53.57 28.71
CA ILE T 29 25.30 52.93 27.83
C ILE T 29 25.68 53.17 26.37
N GLU T 30 26.05 54.41 26.03
CA GLU T 30 26.41 54.72 24.65
C GLU T 30 27.65 53.94 24.23
N LYS T 31 28.66 53.87 25.09
CA LYS T 31 29.85 53.09 24.78
C LYS T 31 29.51 51.62 24.60
N LEU T 32 28.71 51.06 25.52
CA LEU T 32 28.39 49.64 25.45
C LEU T 32 27.66 49.31 24.16
N VAL T 33 26.67 50.12 23.78
CA VAL T 33 25.99 49.85 22.51
C VAL T 33 26.95 50.06 21.34
N LYS T 34 27.89 51.00 21.47
CA LYS T 34 28.81 51.26 20.36
C LYS T 34 29.69 50.06 20.06
N GLU T 35 30.37 49.51 21.07
CA GLU T 35 31.22 48.35 20.78
C GLU T 35 30.39 47.08 20.58
N GLU T 36 29.35 46.87 21.38
CA GLU T 36 28.56 45.65 21.22
C GLU T 36 27.76 45.62 19.93
N ASN T 37 27.62 46.75 19.24
CA ASN T 37 26.93 46.83 17.95
C ASN T 37 25.48 46.34 18.08
N VAL T 38 24.72 47.05 18.89
CA VAL T 38 23.30 46.77 19.04
C VAL T 38 22.53 47.65 18.05
N LYS T 39 21.51 47.06 17.44
CA LYS T 39 20.68 47.77 16.47
C LYS T 39 19.24 47.90 16.90
N TYR T 40 18.77 47.08 17.84
CA TYR T 40 17.39 47.08 18.29
C TYR T 40 17.35 47.27 19.80
N ILE T 41 16.48 48.15 20.26
CA ILE T 41 16.33 48.44 21.68
C ILE T 41 14.86 48.28 22.05
N ARG T 42 14.59 47.42 23.04
CA ARG T 42 13.24 47.20 23.54
C ARG T 42 13.05 48.03 24.80
N LEU T 43 12.07 48.92 24.78
CA LEU T 43 11.73 49.74 25.95
C LEU T 43 10.54 49.06 26.62
N GLN T 44 10.82 48.10 27.48
CA GLN T 44 9.81 47.21 28.01
C GLN T 44 9.19 47.75 29.29
N PHE T 45 7.93 47.35 29.52
CA PHE T 45 7.18 47.73 30.70
C PHE T 45 6.17 46.64 31.00
N THR T 46 5.45 46.79 32.11
CA THR T 46 4.53 45.78 32.60
C THR T 46 3.13 46.36 32.66
N ASP T 47 2.16 45.60 32.16
CA ASP T 47 0.76 46.03 32.14
C ASP T 47 0.05 45.55 33.40
N ILE T 48 -1.29 45.66 33.41
CA ILE T 48 -2.07 45.29 34.59
C ILE T 48 -1.94 43.80 34.88
N LEU T 49 -2.04 42.98 33.84
CA LEU T 49 -2.07 41.53 34.02
C LEU T 49 -0.70 40.93 34.26
N GLY T 50 0.36 41.72 34.21
CA GLY T 50 1.71 41.25 34.42
C GLY T 50 2.45 40.82 33.18
N THR T 51 1.79 40.81 32.02
CA THR T 51 2.48 40.47 30.78
C THR T 51 3.44 41.58 30.39
N ILE T 52 4.56 41.17 29.80
CA ILE T 52 5.62 42.11 29.43
C ILE T 52 5.27 42.75 28.09
N LYS T 53 5.23 44.07 28.07
CA LYS T 53 4.96 44.84 26.87
C LYS T 53 6.15 45.74 26.58
N ASN T 54 6.29 46.15 25.31
CA ASN T 54 7.33 47.09 24.94
C ASN T 54 6.95 47.84 23.68
N VAL T 55 7.65 48.95 23.46
CA VAL T 55 7.70 49.60 22.16
C VAL T 55 9.17 49.58 21.72
N GLU T 56 9.40 49.22 20.47
CA GLU T 56 10.73 48.96 19.96
C GLU T 56 11.20 50.11 19.08
N ILE T 57 12.46 50.50 19.23
CA ILE T 57 13.05 51.58 18.46
C ILE T 57 14.36 51.12 17.86
N PRO T 58 14.80 51.70 16.73
CA PRO T 58 16.15 51.45 16.25
C PRO T 58 17.18 52.14 17.12
N VAL T 59 18.42 51.68 17.01
CA VAL T 59 19.51 52.25 17.81
C VAL T 59 19.72 53.73 17.50
N SER T 60 19.29 54.20 16.33
CA SER T 60 19.40 55.61 16.00
C SER T 60 18.50 56.48 16.86
N GLN T 61 17.50 55.90 17.52
CA GLN T 61 16.61 56.63 18.40
C GLN T 61 17.01 56.52 19.87
N LEU T 62 18.21 55.99 20.15
CA LEU T 62 18.65 55.85 21.53
C LEU T 62 18.78 57.21 22.21
N GLY T 63 19.28 58.22 21.50
CA GLY T 63 19.38 59.54 22.07
C GLY T 63 18.03 60.12 22.46
N LYS T 64 17.02 59.94 21.60
CA LYS T 64 15.68 60.38 21.92
C LYS T 64 15.10 59.60 23.09
N ALA T 65 15.39 58.30 23.16
CA ALA T 65 14.88 57.47 24.25
C ALA T 65 15.46 57.92 25.59
N LEU T 66 16.78 58.15 25.63
CA LEU T 66 17.43 58.57 26.87
C LEU T 66 17.05 59.98 27.29
N ASP T 67 16.42 60.75 26.41
CA ASP T 67 15.95 62.09 26.72
C ASP T 67 14.53 62.09 27.28
N ASN T 68 13.94 60.91 27.49
CA ASN T 68 12.57 60.77 27.98
C ASN T 68 11.59 61.47 27.04
N LYS T 69 11.70 61.16 25.75
CA LYS T 69 10.90 61.82 24.73
C LYS T 69 10.08 60.87 23.88
N VAL T 70 10.26 59.56 24.00
CA VAL T 70 9.52 58.62 23.19
C VAL T 70 8.09 58.50 23.71
N MET T 71 7.13 58.72 22.83
CA MET T 71 5.72 58.60 23.16
C MET T 71 5.16 57.26 22.69
N PHE T 72 4.06 56.85 23.31
CA PHE T 72 3.38 55.62 22.97
C PHE T 72 1.98 55.67 23.54
N ASP T 73 1.17 54.68 23.19
CA ASP T 73 -0.21 54.59 23.66
C ASP T 73 -0.20 54.02 25.08
N GLY T 74 -0.43 54.89 26.07
CA GLY T 74 -0.41 54.46 27.46
C GLY T 74 -1.59 53.60 27.87
N SER T 75 -2.64 53.54 27.05
CA SER T 75 -3.79 52.69 27.36
C SER T 75 -3.45 51.21 27.25
N SER T 76 -2.34 50.86 26.61
CA SER T 76 -1.96 49.46 26.49
C SER T 76 -1.67 48.83 27.84
N ILE T 77 -1.41 49.64 28.87
CA ILE T 77 -1.23 49.11 30.21
C ILE T 77 -2.52 48.48 30.73
N GLU T 78 -3.67 49.05 30.36
CA GLU T 78 -4.94 48.54 30.86
C GLU T 78 -5.26 47.15 30.33
N GLY T 79 -4.56 46.67 29.31
CA GLY T 79 -4.83 45.36 28.77
C GLY T 79 -6.01 45.32 27.83
N PHE T 80 -6.87 44.32 27.99
CA PHE T 80 -8.02 44.15 27.11
C PHE T 80 -9.21 45.01 27.49
N VAL T 81 -9.12 45.77 28.58
CA VAL T 81 -10.20 46.66 28.99
C VAL T 81 -9.94 48.11 28.58
N ARG T 82 -8.90 48.36 27.79
CA ARG T 82 -8.61 49.70 27.32
C ARG T 82 -9.72 50.21 26.41
N ILE T 83 -9.98 51.52 26.49
CA ILE T 83 -11.05 52.16 25.74
C ILE T 83 -10.51 53.25 24.81
N GLU T 84 -9.81 54.24 25.37
CA GLU T 84 -9.39 55.41 24.63
C GLU T 84 -7.87 55.49 24.59
N GLU T 85 -7.34 55.87 23.43
CA GLU T 85 -5.91 56.08 23.28
C GLU T 85 -5.45 57.25 24.14
N SER T 86 -4.30 57.09 24.80
CA SER T 86 -3.74 58.13 25.64
C SER T 86 -2.23 58.16 25.45
N ASP T 87 -1.68 59.35 25.23
CA ASP T 87 -0.25 59.51 25.01
C ASP T 87 0.48 59.52 26.34
N MET T 88 1.57 58.77 26.43
CA MET T 88 2.39 58.68 27.63
C MET T 88 3.86 58.68 27.25
N TYR T 89 4.70 59.12 28.17
CA TYR T 89 6.14 59.09 27.97
C TYR T 89 6.72 57.79 28.52
N LEU T 90 7.97 57.53 28.16
CA LEU T 90 8.59 56.22 28.34
C LEU T 90 9.97 56.35 28.99
N TYR T 91 10.03 57.09 30.11
CA TYR T 91 11.27 57.31 30.87
C TYR T 91 11.97 55.99 31.18
N PRO T 92 13.11 55.72 30.58
CA PRO T 92 13.81 54.45 30.84
C PRO T 92 14.69 54.53 32.07
N ASP T 93 14.97 53.35 32.62
CA ASP T 93 15.85 53.20 33.78
C ASP T 93 17.20 52.68 33.29
N LEU T 94 18.26 53.44 33.58
CA LEU T 94 19.58 53.10 33.06
C LEU T 94 20.15 51.84 33.72
N ASN T 95 19.84 51.61 34.99
CA ASN T 95 20.41 50.47 35.71
C ASN T 95 19.85 49.13 35.20
N THR T 96 18.75 49.14 34.47
CA THR T 96 18.14 47.93 33.97
C THR T 96 18.65 47.52 32.60
N PHE T 97 19.66 48.22 32.08
CA PHE T 97 20.18 47.91 30.76
C PHE T 97 20.77 46.50 30.73
N VAL T 98 20.30 45.70 29.78
CA VAL T 98 20.75 44.32 29.62
C VAL T 98 20.87 44.02 28.13
N ILE T 99 21.95 43.35 27.76
CA ILE T 99 22.16 42.89 26.39
C ILE T 99 21.69 41.44 26.31
N PHE T 100 20.74 41.17 25.43
CA PHE T 100 20.23 39.82 25.28
C PHE T 100 21.27 38.95 24.58
N PRO T 101 21.53 37.74 25.09
CA PRO T 101 22.56 36.88 24.50
C PRO T 101 22.18 36.33 23.13
N TRP T 102 20.91 36.40 22.74
CA TRP T 102 20.46 35.86 21.45
C TRP T 102 20.57 36.98 20.41
N THR T 103 21.61 36.90 19.58
CA THR T 103 21.83 37.93 18.58
C THR T 103 20.76 37.89 17.51
N ALA T 104 20.31 39.07 17.08
CA ALA T 104 19.28 39.19 16.06
C ALA T 104 19.92 39.49 14.70
N GLU T 105 20.54 38.45 14.13
CA GLU T 105 21.16 38.54 12.81
C GLU T 105 22.07 39.75 12.68
N LYS T 106 21.60 40.78 11.99
CA LYS T 106 22.37 42.01 11.78
C LYS T 106 22.17 42.92 12.99
N GLY T 107 22.98 42.70 14.02
CA GLY T 107 22.94 43.53 15.21
C GLY T 107 22.37 42.78 16.41
N LYS T 108 22.70 43.30 17.59
CA LYS T 108 22.24 42.73 18.86
C LYS T 108 21.01 43.48 19.36
N VAL T 109 20.40 42.92 20.40
CA VAL T 109 19.20 43.50 21.00
C VAL T 109 19.48 43.80 22.46
N ALA T 110 19.16 45.02 22.87
CA ALA T 110 19.27 45.44 24.25
C ALA T 110 17.90 45.91 24.74
N ARG T 111 17.73 45.94 26.06
CA ARG T 111 16.45 46.27 26.66
C ARG T 111 16.62 47.28 27.77
N PHE T 112 15.59 48.10 27.96
CA PHE T 112 15.44 48.96 29.12
C PHE T 112 14.09 48.70 29.75
N ILE T 113 14.03 48.75 31.07
CA ILE T 113 12.77 48.73 31.80
C ILE T 113 12.43 50.17 32.14
N CYS T 114 11.26 50.63 31.68
CA CYS T 114 10.94 52.04 31.70
C CYS T 114 9.74 52.32 32.58
N ASP T 115 9.73 53.52 33.16
CA ASP T 115 8.57 54.04 33.87
C ASP T 115 7.67 54.80 32.91
N ILE T 116 6.39 54.87 33.26
CA ILE T 116 5.39 55.54 32.43
C ILE T 116 5.08 56.90 33.05
N TYR T 117 5.17 57.95 32.25
CA TYR T 117 4.98 59.30 32.72
C TYR T 117 3.92 60.01 31.88
N ASN T 118 3.14 60.87 32.54
CA ASN T 118 2.16 61.67 31.85
C ASN T 118 2.87 62.72 30.98
N PRO T 119 2.17 63.25 29.98
CA PRO T 119 2.80 64.27 29.12
C PRO T 119 3.21 65.54 29.86
N ASP T 120 2.67 65.80 31.04
CA ASP T 120 3.03 66.98 31.82
C ASP T 120 4.20 66.74 32.76
N GLY T 121 4.81 65.55 32.71
CA GLY T 121 5.95 65.23 33.53
C GLY T 121 5.65 64.48 34.80
N THR T 122 4.39 64.38 35.20
CA THR T 122 4.05 63.61 36.39
C THR T 122 4.06 62.11 36.08
N PRO T 123 4.46 61.28 37.04
CA PRO T 123 4.41 59.84 36.82
C PRO T 123 2.98 59.36 36.63
N PHE T 124 2.81 58.38 35.74
CA PHE T 124 1.49 57.87 35.44
C PHE T 124 0.95 57.05 36.61
N GLU T 125 -0.24 57.38 37.06
CA GLU T 125 -0.84 56.67 38.19
C GLU T 125 -1.28 55.26 37.82
N GLY T 126 -1.39 54.96 36.53
CA GLY T 126 -1.78 53.65 36.06
C GLY T 126 -0.64 52.69 35.79
N ASP T 127 0.60 53.04 36.17
CA ASP T 127 1.74 52.17 35.94
C ASP T 127 2.03 51.37 37.21
N PRO T 128 1.98 50.03 37.15
CA PRO T 128 2.24 49.25 38.38
C PRO T 128 3.60 49.52 39.00
N ARG T 129 4.63 49.71 38.17
CA ARG T 129 5.96 50.01 38.72
C ARG T 129 5.97 51.35 39.44
N ASN T 130 5.32 52.37 38.86
CA ASN T 130 5.21 53.65 39.53
C ASN T 130 4.39 53.55 40.81
N ASN T 131 3.37 52.69 40.82
CA ASN T 131 2.61 52.47 42.04
C ASN T 131 3.47 51.83 43.12
N LEU T 132 4.32 50.86 42.74
CA LEU T 132 5.23 50.26 43.70
C LEU T 132 6.22 51.30 44.23
N LYS T 133 6.71 52.18 43.35
CA LYS T 133 7.59 53.25 43.81
C LYS T 133 6.88 54.19 44.77
N ARG T 134 5.60 54.47 44.51
CA ARG T 134 4.80 55.30 45.42
C ARG T 134 4.66 54.64 46.79
N ILE T 135 4.39 53.33 46.81
CA ILE T 135 4.27 52.62 48.08
C ILE T 135 5.62 52.61 48.81
N LEU T 136 6.72 52.50 48.06
CA LEU T 136 8.04 52.56 48.68
C LEU T 136 8.32 53.95 49.25
N LYS T 137 7.87 54.99 48.57
CA LYS T 137 7.97 56.34 49.12
C LYS T 137 7.18 56.47 50.42
N GLU T 138 5.98 55.88 50.44
CA GLU T 138 5.18 55.87 51.67
C GLU T 138 5.92 55.13 52.78
N MET T 139 6.60 54.04 52.44
CA MET T 139 7.40 53.30 53.42
C MET T 139 8.54 54.17 53.95
N GLU T 140 9.22 54.89 53.05
CA GLU T 140 10.29 55.78 53.47
C GLU T 140 9.76 56.89 54.37
N ASP T 141 8.51 57.32 54.15
CA ASP T 141 7.92 58.31 55.03
C ASP T 141 7.69 57.78 56.45
N LEU T 142 7.72 56.46 56.63
CA LEU T 142 7.58 55.85 57.95
C LEU T 142 8.91 55.69 58.67
N GLY T 143 10.01 56.08 58.04
CA GLY T 143 11.33 55.98 58.64
C GLY T 143 12.17 54.83 58.16
N PHE T 144 11.60 53.88 57.44
CA PHE T 144 12.36 52.74 56.94
C PHE T 144 13.11 53.12 55.66
N SER T 145 14.16 52.36 55.37
CA SER T 145 15.06 52.66 54.26
C SER T 145 14.90 51.73 53.08
N ASP T 146 14.87 50.42 53.30
CA ASP T 146 14.80 49.45 52.22
C ASP T 146 13.72 48.40 52.52
N PHE T 147 13.19 47.82 51.45
CA PHE T 147 12.25 46.71 51.53
C PHE T 147 12.76 45.63 50.59
N ASN T 148 13.34 44.57 51.16
CA ASN T 148 13.99 43.53 50.37
C ASN T 148 13.02 42.37 50.12
N LEU T 149 13.11 41.80 48.93
CA LEU T 149 12.28 40.66 48.54
C LEU T 149 13.17 39.54 48.02
N GLY T 150 12.92 38.33 48.51
CA GLY T 150 13.54 37.15 47.98
C GLY T 150 12.50 36.17 47.47
N PRO T 151 12.42 36.01 46.16
CA PRO T 151 11.38 35.16 45.57
C PRO T 151 11.83 33.72 45.39
N GLU T 152 10.85 32.83 45.38
CA GLU T 152 11.07 31.40 45.14
C GLU T 152 10.09 30.94 44.06
N PRO T 153 10.29 31.38 42.82
CA PRO T 153 9.34 31.02 41.75
C PRO T 153 9.48 29.56 41.35
N GLU T 154 8.35 28.89 41.22
CA GLU T 154 8.29 27.51 40.76
C GLU T 154 7.61 27.46 39.40
N PHE T 155 8.06 26.53 38.56
CA PHE T 155 7.51 26.40 37.22
C PHE T 155 7.55 24.94 36.80
N PHE T 156 6.73 24.62 35.80
CA PHE T 156 6.66 23.29 35.23
C PHE T 156 7.27 23.30 33.84
N LEU T 157 7.82 22.16 33.44
CA LEU T 157 8.40 21.97 32.11
C LEU T 157 7.62 20.89 31.38
N PHE T 158 7.00 21.25 30.26
CA PHE T 158 6.21 20.34 29.46
C PHE T 158 6.86 20.14 28.10
N LYS T 159 6.83 18.91 27.62
CA LYS T 159 7.41 18.60 26.31
C LYS T 159 6.55 19.17 25.20
N LEU T 160 7.21 19.61 24.13
CA LEU T 160 6.52 20.07 22.93
C LEU T 160 6.34 18.92 21.96
N ASP T 161 5.30 19.01 21.13
CA ASP T 161 5.03 18.01 20.12
C ASP T 161 5.69 18.42 18.80
N GLU T 162 5.34 17.73 17.71
CA GLU T 162 5.95 18.01 16.41
C GLU T 162 5.61 19.42 15.95
N LYS T 163 4.36 19.85 16.14
CA LYS T 163 3.92 21.17 15.70
C LYS T 163 4.37 22.29 16.64
N GLY T 164 5.19 21.99 17.64
CA GLY T 164 5.71 23.00 18.53
C GLY T 164 4.69 23.67 19.43
N GLU T 165 3.77 22.90 19.99
CA GLU T 165 2.83 23.42 20.98
C GLU T 165 2.86 22.54 22.21
N PRO T 166 2.59 23.12 23.39
CA PRO T 166 2.74 22.35 24.63
C PRO T 166 1.79 21.15 24.69
N THR T 167 2.30 20.07 25.28
CA THR T 167 1.52 18.88 25.60
C THR T 167 1.38 18.77 27.12
N LEU T 168 0.79 17.66 27.57
CA LEU T 168 0.58 17.43 28.99
C LEU T 168 1.59 16.45 29.58
N GLU T 169 2.67 16.14 28.85
CA GLU T 169 3.69 15.22 29.33
C GLU T 169 4.82 16.01 29.99
N LEU T 170 5.18 15.63 31.21
CA LEU T 170 6.24 16.30 31.94
C LEU T 170 7.60 15.83 31.46
N ASN T 171 8.61 16.67 31.69
CA ASN T 171 9.95 16.38 31.17
C ASN T 171 10.66 15.28 31.96
N ASP T 172 10.33 15.10 33.23
CA ASP T 172 10.97 14.06 34.03
C ASP T 172 10.03 13.62 35.14
N LYS T 173 10.26 12.40 35.62
CA LYS T 173 9.55 11.87 36.78
C LYS T 173 10.38 12.08 38.05
N GLY T 174 10.71 13.33 38.31
CA GLY T 174 11.56 13.68 39.44
C GLY T 174 10.78 13.85 40.73
N GLY T 175 11.53 14.16 41.79
CA GLY T 175 10.96 14.35 43.10
C GLY T 175 11.57 15.49 43.88
N TYR T 176 11.19 15.63 45.14
CA TYR T 176 11.67 16.73 45.97
C TYR T 176 13.18 16.61 46.20
N PHE T 177 13.91 17.62 45.73
CA PHE T 177 15.36 17.70 45.90
C PHE T 177 16.10 16.53 45.26
N ASP T 178 15.45 15.82 44.35
CA ASP T 178 16.06 14.64 43.74
C ASP T 178 17.14 15.04 42.75
N LEU T 179 18.14 14.17 42.60
CA LEU T 179 19.11 14.28 41.53
C LEU T 179 18.58 13.53 40.29
N ALA T 180 17.40 13.95 39.86
CA ALA T 180 16.67 13.25 38.80
C ALA T 180 17.21 13.57 37.40
N PRO T 181 17.34 14.83 37.01
CA PRO T 181 17.86 15.11 35.65
C PRO T 181 19.25 14.57 35.42
N THR T 182 20.09 14.52 36.45
CA THR T 182 21.45 14.01 36.38
C THR T 182 22.30 14.72 35.33
N ASP T 183 23.42 14.12 34.99
CA ASP T 183 24.32 14.62 33.95
C ASP T 183 23.85 14.07 32.60
N LEU T 184 24.72 14.13 31.59
CA LEU T 184 24.45 13.55 30.28
C LEU T 184 23.31 14.26 29.55
N GLY T 185 23.45 15.56 29.36
CA GLY T 185 22.47 16.31 28.60
C GLY T 185 21.22 16.59 29.40
N GLU T 186 20.23 17.14 28.70
CA GLU T 186 18.97 17.59 29.29
C GLU T 186 19.32 18.56 30.42
N ASN T 187 18.76 18.40 31.62
CA ASN T 187 19.02 19.30 32.74
C ASN T 187 18.82 20.76 32.33
N CYS T 188 17.58 21.05 31.90
CA CYS T 188 17.25 22.41 31.51
C CYS T 188 17.39 23.38 32.69
N ARG T 189 17.18 22.89 33.91
CA ARG T 189 17.34 23.73 35.09
C ARG T 189 18.79 24.21 35.22
N ARG T 190 19.76 23.31 35.03
CA ARG T 190 21.17 23.69 35.12
C ARG T 190 21.52 24.73 34.06
N ASP T 191 21.07 24.50 32.82
CA ASP T 191 21.36 25.44 31.75
C ASP T 191 20.73 26.80 32.02
N ILE T 192 19.50 26.81 32.52
CA ILE T 192 18.84 28.08 32.86
C ILE T 192 19.63 28.80 33.94
N VAL T 193 20.08 28.07 34.97
CA VAL T 193 20.80 28.71 36.06
C VAL T 193 22.11 29.31 35.56
N LEU T 194 22.86 28.54 34.77
CA LEU T 194 24.13 29.06 34.25
C LEU T 194 23.90 30.26 33.33
N GLU T 195 22.91 30.18 32.45
CA GLU T 195 22.65 31.26 31.52
C GLU T 195 22.24 32.53 32.28
N LEU T 196 21.38 32.38 33.29
CA LEU T 196 20.99 33.52 34.12
C LEU T 196 22.20 34.10 34.84
N GLU T 197 23.10 33.25 35.33
CA GLU T 197 24.33 33.74 35.94
C GLU T 197 25.14 34.56 34.94
N GLU T 198 25.11 34.17 33.65
CA GLU T 198 25.87 34.90 32.64
C GLU T 198 25.29 36.28 32.36
N MET T 199 24.02 36.52 32.67
CA MET T 199 23.40 37.83 32.43
C MET T 199 23.44 38.75 33.65
N GLY T 200 24.08 38.34 34.74
CA GLY T 200 24.17 39.16 35.92
C GLY T 200 23.16 38.86 37.01
N PHE T 201 22.39 37.79 36.88
CA PHE T 201 21.50 37.38 37.96
C PHE T 201 22.33 36.79 39.11
N GLU T 202 21.77 36.89 40.31
CA GLU T 202 22.39 36.34 41.51
C GLU T 202 21.53 35.16 41.98
N ILE T 203 21.83 33.98 41.43
CA ILE T 203 21.08 32.78 41.77
C ILE T 203 21.59 32.21 43.08
N GLU T 204 20.69 31.96 44.02
CA GLU T 204 21.08 31.42 45.31
C GLU T 204 21.24 29.90 45.24
N ALA T 205 20.16 29.20 44.92
CA ALA T 205 20.20 27.74 44.84
C ALA T 205 19.05 27.27 43.95
N SER T 206 19.15 26.01 43.53
CA SER T 206 18.13 25.40 42.68
C SER T 206 17.96 23.94 43.07
N HIS T 207 16.77 23.41 42.82
CA HIS T 207 16.47 22.03 43.14
C HIS T 207 15.23 21.59 42.37
N HIS T 208 15.05 20.28 42.30
CA HIS T 208 13.82 19.72 41.75
C HIS T 208 12.70 19.81 42.78
N GLU T 209 11.51 20.19 42.32
CA GLU T 209 10.39 20.41 43.20
C GLU T 209 9.65 19.10 43.46
N VAL T 210 8.61 19.17 44.30
CA VAL T 210 7.91 17.95 44.73
C VAL T 210 7.27 17.26 43.54
N ALA T 211 6.55 18.01 42.71
CA ALA T 211 5.82 17.42 41.61
C ALA T 211 6.79 17.02 40.49
N PRO T 212 6.46 15.98 39.73
CA PRO T 212 7.27 15.64 38.55
C PRO T 212 7.28 16.78 37.55
N GLY T 213 8.44 16.99 36.93
CA GLY T 213 8.57 18.06 35.96
C GLY T 213 8.47 19.45 36.52
N GLN T 214 8.60 19.61 37.83
CA GLN T 214 8.51 20.91 38.49
C GLN T 214 9.87 21.29 39.06
N HIS T 215 10.26 22.54 38.85
CA HIS T 215 11.59 23.01 39.22
C HIS T 215 11.48 24.37 39.92
N GLU T 216 12.48 24.65 40.75
CA GLU T 216 12.53 25.92 41.48
C GLU T 216 13.93 26.50 41.39
N ILE T 217 14.01 27.81 41.16
CA ILE T 217 15.26 28.55 41.18
C ILE T 217 15.08 29.76 42.08
N ASP T 218 15.98 29.91 43.05
CA ASP T 218 15.90 30.97 44.05
C ASP T 218 16.96 32.02 43.78
N PHE T 219 16.56 33.29 43.82
CA PHE T 219 17.48 34.40 43.65
C PHE T 219 17.93 34.93 45.00
N LYS T 220 19.04 35.66 44.99
CA LYS T 220 19.43 36.41 46.17
C LYS T 220 18.48 37.57 46.39
N TYR T 221 18.24 37.88 47.67
CA TYR T 221 17.34 38.98 48.00
C TYR T 221 17.93 40.31 47.53
N ALA T 222 17.05 41.21 47.10
CA ALA T 222 17.44 42.51 46.59
C ALA T 222 16.29 43.49 46.85
N GLY T 223 16.44 44.71 46.33
CA GLY T 223 15.39 45.70 46.48
C GLY T 223 14.12 45.29 45.77
N ALA T 224 13.01 45.88 46.21
CA ALA T 224 11.69 45.47 45.73
C ALA T 224 11.55 45.69 44.22
N VAL T 225 11.90 46.89 43.74
CA VAL T 225 11.80 47.17 42.31
C VAL T 225 12.76 46.27 41.53
N ARG T 226 13.99 46.14 42.02
CA ARG T 226 14.96 45.28 41.35
C ARG T 226 14.50 43.83 41.37
N SER T 227 13.91 43.38 42.48
CA SER T 227 13.42 42.01 42.56
C SER T 227 12.29 41.76 41.57
N CYS T 228 11.36 42.70 41.45
CA CYS T 228 10.26 42.53 40.50
C CYS T 228 10.76 42.54 39.06
N ASP T 229 11.69 43.43 38.75
CA ASP T 229 12.29 43.43 37.41
C ASP T 229 12.99 42.12 37.14
N ASP T 230 13.71 41.58 38.14
CA ASP T 230 14.36 40.30 37.98
C ASP T 230 13.36 39.18 37.79
N ILE T 231 12.20 39.27 38.45
CA ILE T 231 11.17 38.24 38.29
C ILE T 231 10.65 38.25 36.85
N GLN T 232 10.37 39.44 36.32
CA GLN T 232 9.88 39.52 34.94
C GLN T 232 10.92 39.00 33.95
N THR T 233 12.17 39.44 34.11
CA THR T 233 13.23 38.98 33.23
C THR T 233 13.45 37.48 33.37
N PHE T 234 13.31 36.96 34.59
CA PHE T 234 13.44 35.52 34.83
C PHE T 234 12.37 34.74 34.09
N LYS T 235 11.13 35.20 34.14
CA LYS T 235 10.07 34.54 33.40
C LYS T 235 10.38 34.53 31.90
N LEU T 236 10.78 35.68 31.36
CA LEU T 236 11.09 35.77 29.94
C LEU T 236 12.22 34.81 29.56
N VAL T 237 13.31 34.84 30.33
CA VAL T 237 14.49 34.03 30.01
C VAL T 237 14.19 32.55 30.16
N VAL T 238 13.43 32.16 31.19
CA VAL T 238 13.09 30.76 31.37
C VAL T 238 12.24 30.26 30.21
N LYS T 239 11.25 31.06 29.79
CA LYS T 239 10.44 30.66 28.65
C LYS T 239 11.29 30.50 27.40
N THR T 240 12.18 31.46 27.15
CA THR T 240 13.02 31.38 25.95
C THR T 240 13.93 30.16 25.97
N ILE T 241 14.60 29.92 27.09
CA ILE T 241 15.55 28.81 27.17
C ILE T 241 14.81 27.48 27.07
N ALA T 242 13.66 27.35 27.73
CA ALA T 242 12.88 26.13 27.61
C ALA T 242 12.44 25.91 26.17
N ARG T 243 12.09 26.99 25.47
CA ARG T 243 11.75 26.87 24.05
C ARG T 243 12.96 26.38 23.25
N LYS T 244 14.17 26.80 23.64
CA LYS T 244 15.40 26.34 22.93
C LYS T 244 15.55 24.82 23.10
N HIS T 245 15.30 24.30 24.31
CA HIS T 245 15.46 22.89 24.59
C HIS T 245 14.28 22.04 24.12
N GLY T 246 13.38 22.60 23.32
CA GLY T 246 12.20 21.86 22.91
C GLY T 246 11.27 21.54 24.06
N LEU T 247 11.07 22.49 24.97
CA LEU T 247 10.21 22.32 26.13
C LEU T 247 9.34 23.54 26.29
N HIS T 248 8.24 23.38 27.03
CA HIS T 248 7.34 24.47 27.36
C HIS T 248 7.46 24.76 28.84
N ALA T 249 7.77 26.00 29.19
CA ALA T 249 7.83 26.43 30.58
C ALA T 249 6.60 27.27 30.90
N THR T 250 5.89 26.89 31.94
CA THR T 250 4.68 27.61 32.35
C THR T 250 4.75 27.93 33.83
N PHE T 251 4.30 29.14 34.16
CA PHE T 251 4.17 29.57 35.55
C PHE T 251 2.72 29.51 36.01
N MET T 252 1.93 28.62 35.41
CA MET T 252 0.55 28.43 35.82
C MET T 252 0.51 27.97 37.28
N PRO T 253 -0.39 28.52 38.09
CA PRO T 253 -0.46 28.09 39.50
C PRO T 253 -0.75 26.61 39.68
N LYS T 254 -1.56 26.02 38.81
CA LYS T 254 -1.93 24.61 38.92
C LYS T 254 -2.29 24.07 37.54
N PRO T 255 -1.29 23.64 36.77
CA PRO T 255 -1.58 23.10 35.43
C PRO T 255 -2.27 21.74 35.46
N LEU T 256 -2.09 20.96 36.52
CA LEU T 256 -2.63 19.60 36.58
C LEU T 256 -3.33 19.37 37.92
N PHE T 257 -4.38 18.56 37.88
CA PHE T 257 -5.12 18.18 39.08
C PHE T 257 -4.46 17.00 39.77
N GLY T 258 -4.53 16.98 41.10
CA GLY T 258 -3.94 15.92 41.88
C GLY T 258 -2.44 15.98 41.99
N VAL T 259 -1.83 17.07 41.55
CA VAL T 259 -0.38 17.23 41.55
C VAL T 259 -0.07 18.58 42.20
N ASN T 260 1.08 18.65 42.87
CA ASN T 260 1.46 19.87 43.58
C ASN T 260 1.47 21.06 42.62
N GLY T 261 0.96 22.19 43.11
CA GLY T 261 0.94 23.41 42.34
C GLY T 261 2.25 24.16 42.38
N SER T 262 2.24 25.34 41.77
CA SER T 262 3.43 26.18 41.68
C SER T 262 3.21 27.46 42.48
N GLY T 263 4.12 27.73 43.42
CA GLY T 263 4.06 28.92 44.24
C GLY T 263 5.21 29.87 43.93
N MET T 264 5.09 31.08 44.47
CA MET T 264 6.10 32.13 44.33
C MET T 264 6.32 32.76 45.71
N HIS T 265 6.56 31.90 46.70
CA HIS T 265 6.82 32.33 48.08
C HIS T 265 7.71 33.56 48.12
N CYS T 266 7.25 34.59 48.84
CA CYS T 266 7.93 35.87 48.90
C CYS T 266 8.53 36.06 50.28
N ASN T 267 9.85 36.17 50.34
CA ASN T 267 10.56 36.43 51.58
C ASN T 267 10.76 37.94 51.71
N LEU T 268 10.09 38.53 52.71
CA LEU T 268 10.09 39.98 52.88
C LEU T 268 10.91 40.35 54.11
N SER T 269 11.80 41.33 53.95
CA SER T 269 12.60 41.85 55.05
C SER T 269 12.60 43.37 54.98
N LEU T 270 12.37 44.01 56.13
CA LEU T 270 12.30 45.46 56.22
C LEU T 270 13.55 45.98 56.92
N PHE T 271 14.17 47.01 56.35
CA PHE T 271 15.41 47.56 56.86
C PHE T 271 15.20 48.99 57.33
N LYS T 272 15.92 49.36 58.39
CA LYS T 272 15.88 50.70 58.94
C LYS T 272 17.31 51.13 59.25
N ASN T 273 17.75 52.22 58.60
CA ASN T 273 19.12 52.72 58.72
C ASN T 273 20.14 51.64 58.36
N GLY T 274 19.80 50.82 57.37
CA GLY T 274 20.71 49.81 56.87
C GLY T 274 20.79 48.54 57.68
N VAL T 275 19.99 48.40 58.74
CA VAL T 275 19.98 47.20 59.55
C VAL T 275 18.59 46.58 59.50
N ASN T 276 18.54 45.26 59.73
CA ASN T 276 17.28 44.54 59.69
C ASN T 276 16.39 44.98 60.84
N ALA T 277 15.18 45.42 60.54
CA ALA T 277 14.25 45.89 61.55
C ALA T 277 13.39 44.78 62.14
N PHE T 278 13.45 43.58 61.59
CA PHE T 278 12.67 42.46 62.10
C PHE T 278 13.39 41.68 63.20
N PHE T 279 14.67 41.97 63.44
CA PHE T 279 15.49 41.17 64.34
C PHE T 279 15.63 41.86 65.69
N ASP T 280 15.48 41.07 66.75
CA ASP T 280 15.67 41.56 68.12
C ASP T 280 16.14 40.38 68.97
N GLU T 281 17.44 40.35 69.28
CA GLU T 281 18.02 39.19 69.95
C GLU T 281 17.45 38.95 71.34
N ASN T 282 16.92 39.98 71.99
CA ASN T 282 16.45 39.86 73.37
C ASN T 282 14.96 39.55 73.48
N ALA T 283 14.26 39.40 72.37
CA ALA T 283 12.83 39.13 72.39
C ALA T 283 12.57 37.66 72.04
N ASP T 284 11.35 37.22 72.36
CA ASP T 284 10.96 35.85 72.04
C ASP T 284 10.98 35.61 70.53
N LEU T 285 11.38 34.40 70.13
CA LEU T 285 11.61 34.03 68.75
C LEU T 285 12.63 34.93 68.05
N GLN T 286 13.33 35.78 68.81
CA GLN T 286 14.27 36.76 68.25
C GLN T 286 13.58 37.64 67.21
N LEU T 287 12.35 38.05 67.50
CA LEU T 287 11.56 38.87 66.60
C LEU T 287 11.27 40.22 67.25
N SER T 288 11.51 41.29 66.50
CA SER T 288 11.26 42.63 67.00
C SER T 288 9.76 42.94 67.00
N GLU T 289 9.41 44.02 67.71
CA GLU T 289 8.02 44.46 67.72
C GLU T 289 7.57 44.90 66.34
N THR T 290 8.48 45.48 65.55
CA THR T 290 8.14 45.84 64.18
C THR T 290 7.76 44.61 63.35
N ALA T 291 8.47 43.51 63.56
CA ALA T 291 8.14 42.27 62.85
C ALA T 291 6.75 41.77 63.24
N LYS T 292 6.42 41.85 64.53
CA LYS T 292 5.09 41.42 64.97
C LYS T 292 4.00 42.31 64.39
N HIS T 293 4.24 43.62 64.34
CA HIS T 293 3.27 44.52 63.72
C HIS T 293 3.11 44.22 62.23
N PHE T 294 4.21 43.93 61.55
CA PHE T 294 4.16 43.57 60.14
C PHE T 294 3.34 42.29 59.93
N ILE T 295 3.57 41.29 60.79
CA ILE T 295 2.82 40.04 60.69
C ILE T 295 1.33 40.29 60.94
N ALA T 296 1.01 41.12 61.94
CA ALA T 296 -0.38 41.44 62.21
C ALA T 296 -1.03 42.13 61.03
N GLY T 297 -0.32 43.08 60.40
CA GLY T 297 -0.86 43.76 59.24
C GLY T 297 -1.11 42.81 58.08
N ILE T 298 -0.18 41.88 57.84
CA ILE T 298 -0.38 40.91 56.76
C ILE T 298 -1.55 39.99 57.07
N VAL T 299 -1.69 39.59 58.34
CA VAL T 299 -2.78 38.70 58.73
C VAL T 299 -4.13 39.40 58.56
N LYS T 300 -4.20 40.68 58.93
CA LYS T 300 -5.47 41.39 58.89
C LYS T 300 -6.02 41.49 57.48
N HIS T 301 -5.15 41.78 56.51
CA HIS T 301 -5.57 42.02 55.13
C HIS T 301 -5.35 40.80 54.23
N ALA T 302 -5.05 39.63 54.80
CA ALA T 302 -4.68 38.49 53.98
C ALA T 302 -5.80 38.08 53.04
N THR T 303 -7.04 38.04 53.53
CA THR T 303 -8.17 37.68 52.69
C THR T 303 -8.48 38.76 51.66
N SER T 304 -7.94 39.96 51.80
CA SER T 304 -8.28 41.06 50.90
C SER T 304 -7.33 41.17 49.71
N PHE T 305 -6.03 40.99 49.92
CA PHE T 305 -5.08 41.09 48.82
C PHE T 305 -4.88 39.79 48.07
N THR T 306 -5.62 38.73 48.45
CA THR T 306 -5.54 37.47 47.73
C THR T 306 -5.94 37.64 46.26
N ALA T 307 -6.88 38.54 45.98
CA ALA T 307 -7.26 38.80 44.61
C ALA T 307 -6.09 39.33 43.78
N VAL T 308 -5.18 40.05 44.41
CA VAL T 308 -4.01 40.57 43.70
C VAL T 308 -2.88 39.55 43.67
N THR T 309 -2.60 38.89 44.79
CA THR T 309 -1.55 37.88 44.82
C THR T 309 -1.95 36.60 44.09
N ASN T 310 -3.25 36.34 43.94
CA ASN T 310 -3.76 35.19 43.19
C ASN T 310 -4.80 35.71 42.20
N PRO T 311 -4.35 36.30 41.10
CA PRO T 311 -5.27 37.03 40.22
C PRO T 311 -6.00 36.21 39.16
N THR T 312 -5.71 34.92 39.04
CA THR T 312 -6.32 34.10 38.00
C THR T 312 -7.35 33.15 38.59
N VAL T 313 -8.20 32.61 37.72
CA VAL T 313 -9.16 31.60 38.13
C VAL T 313 -8.43 30.33 38.56
N ASN T 314 -7.41 29.93 37.80
CA ASN T 314 -6.64 28.73 38.12
C ASN T 314 -5.86 28.87 39.42
N SER T 315 -5.67 30.10 39.91
CA SER T 315 -4.92 30.32 41.15
C SER T 315 -5.58 29.63 42.34
N TYR T 316 -6.90 29.54 42.33
CA TYR T 316 -7.63 29.02 43.47
C TYR T 316 -7.84 27.51 43.41
N LYS T 317 -7.49 26.87 42.29
CA LYS T 317 -7.36 25.43 42.28
C LYS T 317 -6.08 24.96 42.96
N ARG T 318 -5.08 25.82 43.06
CA ARG T 318 -3.89 25.51 43.85
C ARG T 318 -4.17 25.64 45.34
N LEU T 319 -4.99 26.63 45.72
CA LEU T 319 -5.30 26.88 47.13
C LEU T 319 -6.32 25.86 47.65
N VAL T 320 -5.91 24.60 47.60
CA VAL T 320 -6.72 23.48 48.10
C VAL T 320 -5.87 22.69 49.08
N PRO T 321 -6.46 22.06 50.09
CA PRO T 321 -5.66 21.35 51.09
C PRO T 321 -4.96 20.14 50.51
N GLY T 322 -3.81 19.81 51.10
CA GLY T 322 -3.10 18.59 50.78
C GLY T 322 -1.94 18.72 49.81
N TYR T 323 -1.58 19.94 49.40
CA TYR T 323 -0.50 20.12 48.44
C TYR T 323 0.47 21.21 48.88
N GLU T 324 0.59 21.43 50.18
CA GLU T 324 1.50 22.38 50.83
C GLU T 324 1.15 23.83 50.52
N ALA T 325 0.14 24.09 49.71
CA ALA T 325 -0.30 25.46 49.49
C ALA T 325 -1.14 25.95 50.66
N PRO T 326 -1.01 27.22 51.03
CA PRO T 326 -1.80 27.74 52.14
C PRO T 326 -3.29 27.78 51.83
N CYS T 327 -4.10 27.57 52.87
CA CYS T 327 -5.54 27.64 52.75
C CYS T 327 -6.20 28.45 53.86
N TYR T 328 -5.46 28.81 54.91
CA TYR T 328 -6.02 29.54 56.04
C TYR T 328 -5.05 30.65 56.43
N VAL T 329 -5.58 31.66 57.12
CA VAL T 329 -4.80 32.82 57.53
C VAL T 329 -4.20 32.53 58.89
N ALA T 330 -2.91 32.19 58.91
CA ALA T 330 -2.20 31.94 60.16
C ALA T 330 -0.71 32.05 59.87
N TRP T 331 0.06 32.28 60.94
CA TRP T 331 1.51 32.39 60.83
C TRP T 331 2.16 31.42 61.81
N SER T 332 3.32 30.91 61.43
CA SER T 332 4.00 29.89 62.23
C SER T 332 5.47 29.86 61.85
N ALA T 333 6.26 29.21 62.70
CA ALA T 333 7.66 28.92 62.40
C ALA T 333 7.87 27.51 61.85
N GLN T 334 6.96 26.57 62.17
CA GLN T 334 7.07 25.21 61.66
C GLN T 334 5.66 24.63 61.64
N ASN T 335 5.09 24.50 60.45
CA ASN T 335 3.73 23.98 60.29
C ASN T 335 3.57 23.48 58.87
N ARG T 336 2.51 22.69 58.67
CA ARG T 336 2.16 22.18 57.34
C ARG T 336 1.38 23.26 56.60
N SER T 337 2.01 23.85 55.59
CA SER T 337 1.40 24.85 54.74
C SER T 337 0.81 26.03 55.52
N PRO T 338 1.63 26.82 56.21
CA PRO T 338 1.13 28.05 56.82
C PRO T 338 1.12 29.20 55.81
N LEU T 339 0.23 30.15 56.07
CA LEU T 339 0.18 31.34 55.22
C LEU T 339 1.45 32.15 55.34
N ILE T 340 1.92 32.38 56.57
CA ILE T 340 3.14 33.11 56.84
C ILE T 340 4.10 32.19 57.57
N ARG T 341 5.30 32.04 57.03
CA ARG T 341 6.33 31.21 57.64
C ARG T 341 7.55 32.07 57.93
N ILE T 342 8.12 31.90 59.12
CA ILE T 342 9.31 32.65 59.54
C ILE T 342 10.48 31.67 59.53
N PRO T 343 11.46 31.84 58.64
CA PRO T 343 12.59 30.91 58.59
C PRO T 343 13.43 30.95 59.86
N ALA T 344 14.17 29.87 60.09
CA ALA T 344 14.96 29.74 61.30
C ALA T 344 16.10 30.75 61.35
N SER T 345 16.65 31.14 60.21
CA SER T 345 17.76 32.07 60.19
C SER T 345 17.35 33.42 60.76
N ARG T 346 18.25 34.04 61.51
CA ARG T 346 17.99 35.30 62.19
C ARG T 346 19.13 36.28 61.90
N GLY T 347 19.08 37.42 62.57
CA GLY T 347 20.09 38.44 62.40
C GLY T 347 19.79 39.29 61.17
N ILE T 348 20.77 39.38 60.26
CA ILE T 348 20.57 40.14 59.04
C ILE T 348 19.54 39.46 58.15
N SER T 349 19.48 38.13 58.18
CA SER T 349 18.61 37.36 57.29
C SER T 349 17.23 37.12 57.88
N THR T 350 16.84 37.87 58.92
CA THR T 350 15.50 37.74 59.46
C THR T 350 14.47 38.23 58.45
N ARG T 351 13.46 37.41 58.18
CA ARG T 351 12.47 37.73 57.15
C ARG T 351 11.18 37.02 57.46
N VAL T 352 10.11 37.46 56.78
CA VAL T 352 8.80 36.83 56.86
C VAL T 352 8.43 36.36 55.45
N GLU T 353 8.02 35.11 55.34
CA GLU T 353 7.70 34.50 54.05
C GLU T 353 6.19 34.41 53.89
N VAL T 354 5.67 34.99 52.81
CA VAL T 354 4.27 34.87 52.44
C VAL T 354 4.18 33.84 51.32
N ARG T 355 3.50 32.73 51.61
CA ARG T 355 3.49 31.58 50.71
C ARG T 355 2.25 31.51 49.84
N SER T 356 1.32 32.46 49.96
CA SER T 356 0.11 32.43 49.15
C SER T 356 0.37 32.89 47.71
N VAL T 357 1.38 33.73 47.51
CA VAL T 357 1.63 34.29 46.18
C VAL T 357 1.99 33.19 45.20
N ASP T 358 1.51 33.32 43.97
CA ASP T 358 1.82 32.41 42.89
C ASP T 358 2.52 33.16 41.75
N PRO T 359 3.26 32.45 40.89
CA PRO T 359 4.02 33.15 39.84
C PRO T 359 3.16 33.88 38.83
N ALA T 360 1.86 33.61 38.76
CA ALA T 360 1.00 34.32 37.83
C ALA T 360 0.69 35.74 38.28
N ALA T 361 0.94 36.08 39.54
CA ALA T 361 0.64 37.41 40.05
C ALA T 361 1.56 38.45 39.43
N ASN T 362 1.05 39.67 39.32
CA ASN T 362 1.88 40.79 38.92
C ASN T 362 2.85 41.12 40.05
N PRO T 363 4.17 41.05 39.82
CA PRO T 363 5.10 41.27 40.94
C PRO T 363 4.97 42.63 41.58
N TYR T 364 4.81 43.69 40.78
CA TYR T 364 4.71 45.04 41.33
C TYR T 364 3.46 45.20 42.17
N LEU T 365 2.32 44.73 41.66
CA LEU T 365 1.07 44.87 42.40
C LEU T 365 1.07 44.03 43.67
N ALA T 366 1.58 42.80 43.59
CA ALA T 366 1.63 41.94 44.77
C ALA T 366 2.55 42.54 45.83
N LEU T 367 3.71 43.04 45.42
CA LEU T 367 4.62 43.68 46.38
C LEU T 367 3.98 44.93 46.96
N SER T 368 3.24 45.69 46.15
CA SER T 368 2.59 46.89 46.64
C SER T 368 1.56 46.55 47.73
N VAL T 369 0.72 45.55 47.48
CA VAL T 369 -0.32 45.23 48.46
C VAL T 369 0.29 44.61 49.71
N LEU T 370 1.32 43.77 49.56
CA LEU T 370 1.97 43.19 50.72
C LEU T 370 2.63 44.28 51.58
N LEU T 371 3.33 45.21 50.94
CA LEU T 371 3.96 46.30 51.68
C LEU T 371 2.94 47.20 52.33
N ALA T 372 1.83 47.47 51.63
CA ALA T 372 0.77 48.31 52.21
C ALA T 372 0.17 47.65 53.44
N ALA T 373 -0.10 46.34 53.38
CA ALA T 373 -0.63 45.65 54.55
C ALA T 373 0.37 45.67 55.70
N GLY T 374 1.65 45.41 55.40
CA GLY T 374 2.65 45.43 56.45
C GLY T 374 2.79 46.79 57.10
N LEU T 375 2.76 47.85 56.29
CA LEU T 375 2.85 49.21 56.84
C LEU T 375 1.60 49.56 57.64
N ASP T 376 0.43 49.07 57.20
CA ASP T 376 -0.79 49.29 57.97
C ASP T 376 -0.68 48.63 59.34
N GLY T 377 -0.11 47.43 59.39
CA GLY T 377 0.14 46.80 60.68
C GLY T 377 1.11 47.61 61.54
N ILE T 378 2.17 48.13 60.92
CA ILE T 378 3.17 48.89 61.68
C ILE T 378 2.59 50.22 62.13
N LYS T 379 1.88 50.92 61.25
CA LYS T 379 1.39 52.26 61.56
C LYS T 379 0.39 52.25 62.70
N ASN T 380 -0.51 51.27 62.74
CA ASN T 380 -1.53 51.19 63.78
C ASN T 380 -1.10 50.32 64.95
N LYS T 381 0.10 49.74 64.91
CA LYS T 381 0.61 48.89 65.99
C LYS T 381 -0.37 47.77 66.34
N LEU T 382 -0.84 47.08 65.30
CA LEU T 382 -1.75 45.96 65.51
C LEU T 382 -1.03 44.82 66.23
N GLU T 383 -1.81 44.05 66.99
CA GLU T 383 -1.28 42.95 67.77
C GLU T 383 -1.37 41.66 66.96
N ALA T 384 -0.23 41.00 66.77
CA ALA T 384 -0.21 39.76 66.00
C ALA T 384 -0.89 38.64 66.80
N PRO T 385 -1.59 37.73 66.12
CA PRO T 385 -2.19 36.60 66.82
C PRO T 385 -1.14 35.57 67.21
N ALA T 386 -1.55 34.63 68.06
CA ALA T 386 -0.66 33.59 68.50
C ALA T 386 -0.29 32.67 67.34
N PRO T 387 0.97 32.25 67.24
CA PRO T 387 1.36 31.32 66.18
C PRO T 387 0.68 29.98 66.33
N ILE T 388 0.46 29.31 65.21
CA ILE T 388 -0.23 28.03 65.17
C ILE T 388 0.79 26.93 64.91
N ASP T 389 0.87 25.97 65.83
CA ASP T 389 1.82 24.87 65.70
C ASP T 389 1.18 23.54 66.06
N ARG T 390 -0.07 23.31 65.63
CA ARG T 390 -0.81 22.13 66.07
C ARG T 390 -1.57 21.48 64.92
N ASN T 391 -1.24 21.85 63.68
CA ASN T 391 -1.82 21.26 62.46
C ASN T 391 -3.33 21.54 62.39
N ILE T 392 -3.64 22.81 62.16
CA ILE T 392 -5.01 23.32 61.97
C ILE T 392 -5.86 22.41 61.10
N TYR T 393 -5.22 21.71 60.15
CA TYR T 393 -5.95 20.79 59.29
C TYR T 393 -6.64 19.67 60.06
N VAL T 394 -6.22 19.41 61.29
CA VAL T 394 -6.79 18.30 62.06
C VAL T 394 -8.26 18.56 62.37
N MET T 395 -8.58 19.75 62.86
CA MET T 395 -9.95 20.04 63.27
C MET T 395 -10.74 20.68 62.13
N SER T 396 -12.06 20.68 62.29
CA SER T 396 -12.96 21.12 61.23
C SER T 396 -12.96 22.65 61.12
N LYS T 397 -13.61 23.14 60.06
CA LYS T 397 -13.73 24.58 59.85
C LYS T 397 -14.48 25.25 60.98
N GLU T 398 -15.58 24.64 61.43
CA GLU T 398 -16.29 25.15 62.60
C GLU T 398 -15.45 25.00 63.86
N GLU T 399 -14.58 23.98 63.89
CA GLU T 399 -13.71 23.76 65.04
C GLU T 399 -12.49 24.67 65.06
N ARG T 400 -12.30 25.49 64.01
CA ARG T 400 -11.22 26.46 63.98
C ARG T 400 -11.70 27.88 63.75
N MET T 401 -12.98 28.09 63.45
CA MET T 401 -13.48 29.46 63.25
C MET T 401 -13.55 30.22 64.55
N GLU T 402 -13.78 29.54 65.68
CA GLU T 402 -13.80 30.22 66.97
C GLU T 402 -12.44 30.81 67.32
N ASN T 403 -11.37 30.26 66.76
CA ASN T 403 -10.04 30.85 66.92
C ASN T 403 -9.88 31.98 65.90
N GLY T 404 -8.66 32.47 65.74
CA GLY T 404 -8.39 33.49 64.76
C GLY T 404 -8.19 33.00 63.35
N ILE T 405 -8.37 31.71 63.11
CA ILE T 405 -8.09 31.12 61.81
C ILE T 405 -9.30 31.31 60.90
N VAL T 406 -9.11 32.08 59.83
CA VAL T 406 -10.14 32.28 58.82
C VAL T 406 -9.65 31.68 57.51
N ASP T 407 -10.60 31.37 56.64
CA ASP T 407 -10.30 30.73 55.37
C ASP T 407 -10.00 31.77 54.30
N LEU T 408 -9.08 31.43 53.41
CA LEU T 408 -8.84 32.25 52.24
C LEU T 408 -10.01 32.12 51.28
N PRO T 409 -10.21 33.10 50.40
CA PRO T 409 -11.31 33.00 49.43
C PRO T 409 -11.16 31.77 48.56
N ALA T 410 -12.30 31.13 48.26
CA ALA T 410 -12.29 29.87 47.54
C ALA T 410 -12.29 30.05 46.02
N THR T 411 -12.80 31.18 45.52
CA THR T 411 -12.85 31.45 44.09
C THR T 411 -12.35 32.86 43.84
N LEU T 412 -12.13 33.16 42.55
CA LEU T 412 -11.68 34.50 42.17
C LEU T 412 -12.77 35.53 42.43
N ALA T 413 -14.04 35.17 42.24
CA ALA T 413 -15.13 36.09 42.51
C ALA T 413 -15.21 36.45 43.99
N GLU T 414 -15.05 35.46 44.86
CA GLU T 414 -15.06 35.72 46.30
C GLU T 414 -13.91 36.62 46.70
N ALA T 415 -12.72 36.38 46.13
CA ALA T 415 -11.58 37.23 46.41
C ALA T 415 -11.80 38.65 45.90
N LEU T 416 -12.43 38.81 44.74
CA LEU T 416 -12.77 40.13 44.24
C LEU T 416 -13.73 40.84 45.18
N GLU T 417 -14.73 40.11 45.69
CA GLU T 417 -15.68 40.71 46.63
C GLU T 417 -14.97 41.14 47.90
N GLU T 418 -14.06 40.32 48.42
CA GLU T 418 -13.32 40.68 49.63
C GLU T 418 -12.41 41.87 49.37
N PHE T 419 -11.79 41.92 48.19
CA PHE T 419 -10.83 42.98 47.88
C PHE T 419 -11.53 44.33 47.71
N LYS T 420 -12.72 44.33 47.12
CA LYS T 420 -13.45 45.58 46.91
C LYS T 420 -13.80 46.23 48.23
N SER T 421 -14.15 45.43 49.24
CA SER T 421 -14.63 45.96 50.51
C SER T 421 -13.51 46.44 51.41
N ASN T 422 -12.26 46.08 51.14
CA ASN T 422 -11.15 46.50 51.99
C ASN T 422 -10.73 47.91 51.58
N GLU T 423 -10.87 48.84 52.51
CA GLU T 423 -10.66 50.25 52.21
C GLU T 423 -9.17 50.54 52.06
N VAL T 424 -8.35 49.96 52.94
CA VAL T 424 -6.91 50.20 52.91
C VAL T 424 -6.29 49.66 51.62
N MET T 425 -6.68 48.44 51.22
CA MET T 425 -6.10 47.85 50.02
C MET T 425 -6.47 48.62 48.76
N VAL T 426 -7.51 49.45 48.81
CA VAL T 426 -7.91 50.22 47.64
C VAL T 426 -6.82 51.23 47.27
N LYS T 427 -6.30 51.97 48.26
CA LYS T 427 -5.23 52.91 47.97
C LYS T 427 -3.89 52.23 47.71
N ALA T 428 -3.77 50.93 48.00
CA ALA T 428 -2.50 50.24 47.77
C ALA T 428 -2.11 50.26 46.29
N LEU T 429 -3.09 50.38 45.40
CA LEU T 429 -2.81 50.50 43.98
C LEU T 429 -3.46 51.71 43.33
N GLY T 430 -4.22 52.51 44.07
CA GLY T 430 -4.82 53.70 43.52
C GLY T 430 -6.11 53.40 42.75
N GLU T 431 -6.86 54.47 42.49
CA GLU T 431 -8.18 54.32 41.88
C GLU T 431 -8.11 53.79 40.46
N HIS T 432 -7.16 54.29 39.66
CA HIS T 432 -7.06 53.87 38.26
C HIS T 432 -6.78 52.37 38.17
N LEU T 433 -5.72 51.92 38.86
CA LEU T 433 -5.38 50.50 38.86
C LEU T 433 -6.51 49.68 39.44
N PHE T 434 -7.14 50.17 40.53
CA PHE T 434 -8.20 49.41 41.17
C PHE T 434 -9.36 49.17 40.22
N GLU T 435 -9.88 50.23 39.59
CA GLU T 435 -11.02 50.07 38.69
C GLU T 435 -10.67 49.20 37.50
N HIS T 436 -9.51 49.41 36.88
CA HIS T 436 -9.20 48.61 35.70
C HIS T 436 -8.96 47.14 36.06
N PHE T 437 -8.27 46.88 37.18
CA PHE T 437 -8.07 45.51 37.62
C PHE T 437 -9.39 44.84 37.95
N ILE T 438 -10.30 45.55 38.62
CA ILE T 438 -11.59 44.97 38.98
C ILE T 438 -12.40 44.65 37.73
N GLU T 439 -12.41 45.57 36.75
CA GLU T 439 -13.13 45.32 35.52
C GLU T 439 -12.57 44.10 34.78
N ALA T 440 -11.24 44.03 34.64
CA ALA T 440 -10.63 42.91 33.93
C ALA T 440 -10.92 41.59 34.63
N LYS T 441 -10.79 41.56 35.96
CA LYS T 441 -10.99 40.32 36.69
C LYS T 441 -12.46 39.90 36.71
N GLU T 442 -13.38 40.87 36.77
CA GLU T 442 -14.80 40.53 36.68
C GLU T 442 -15.14 39.94 35.32
N ILE T 443 -14.59 40.51 34.25
CA ILE T 443 -14.80 39.94 32.93
C ILE T 443 -14.21 38.53 32.87
N GLU T 444 -13.02 38.34 33.43
CA GLU T 444 -12.39 37.02 33.44
C GLU T 444 -13.26 36.01 34.16
N TRP T 445 -13.81 36.37 35.33
CA TRP T 445 -14.65 35.44 36.07
C TRP T 445 -15.95 35.17 35.32
N ASP T 446 -16.55 36.18 34.72
CA ASP T 446 -17.80 35.99 34.00
C ASP T 446 -17.61 35.05 32.81
N MET T 447 -16.48 35.16 32.11
CA MET T 447 -16.22 34.25 31.00
C MET T 447 -16.08 32.81 31.50
N PHE T 448 -15.48 32.62 32.68
CA PHE T 448 -15.25 31.27 33.18
C PHE T 448 -16.54 30.63 33.69
N ARG T 449 -17.37 31.40 34.39
CA ARG T 449 -18.52 30.82 35.07
C ARG T 449 -19.62 30.38 34.11
N THR T 450 -19.67 30.95 32.91
CA THR T 450 -20.69 30.59 31.93
C THR T 450 -20.27 29.45 31.00
N GLN T 451 -19.03 29.00 31.10
CA GLN T 451 -18.55 27.92 30.24
C GLN T 451 -19.09 26.58 30.71
N VAL T 452 -19.22 25.66 29.76
CA VAL T 452 -19.62 24.29 30.04
C VAL T 452 -18.38 23.42 29.84
N HIS T 453 -17.78 22.98 30.92
CA HIS T 453 -16.53 22.24 30.86
C HIS T 453 -16.78 20.77 30.53
N PRO T 454 -15.79 20.09 29.95
CA PRO T 454 -15.96 18.66 29.63
C PRO T 454 -16.24 17.81 30.86
N TRP T 455 -15.82 18.23 32.05
CA TRP T 455 -16.15 17.49 33.26
C TRP T 455 -17.64 17.41 33.46
N GLU T 456 -18.36 18.50 33.19
CA GLU T 456 -19.82 18.50 33.34
C GLU T 456 -20.46 17.49 32.39
N ARG T 457 -19.99 17.44 31.13
CA ARG T 457 -20.55 16.48 30.20
C ARG T 457 -20.23 15.05 30.60
N GLU T 458 -19.00 14.81 31.10
CA GLU T 458 -18.67 13.47 31.58
C GLU T 458 -19.50 13.08 32.78
N GLN T 459 -19.95 14.06 33.57
CA GLN T 459 -20.69 13.77 34.79
C GLN T 459 -22.20 13.69 34.58
N TYR T 460 -22.75 14.36 33.57
CA TYR T 460 -24.19 14.52 33.45
C TYR T 460 -24.77 14.14 32.10
N MET T 461 -23.99 14.07 31.03
CA MET T 461 -24.56 13.83 29.71
C MET T 461 -25.23 12.47 29.63
N SER T 462 -24.60 11.44 30.21
CA SER T 462 -25.19 10.11 30.21
C SER T 462 -26.02 9.83 31.45
N GLN T 463 -25.67 10.44 32.58
CA GLN T 463 -26.45 10.24 33.81
C GLN T 463 -27.86 10.80 33.65
N TYR T 464 -27.98 11.98 33.05
CA TYR T 464 -29.29 12.61 32.87
C TYR T 464 -29.65 12.69 31.39
N THR U 1 -10.59 7.93 53.88
CA THR U 1 -11.10 6.68 53.31
C THR U 1 -12.47 6.33 53.89
N PHE U 2 -12.63 5.07 54.28
CA PHE U 2 -13.84 4.55 54.93
C PHE U 2 -15.00 4.46 53.94
N ARG U 3 -14.82 5.01 52.74
CA ARG U 3 -15.85 4.93 51.70
C ARG U 3 -15.15 5.12 50.35
N GLN U 4 -14.92 4.02 49.65
CA GLN U 4 -14.24 4.05 48.36
C GLN U 4 -15.06 3.44 47.24
N GLY U 5 -15.77 2.35 47.50
CA GLY U 5 -16.60 1.76 46.45
C GLY U 5 -17.78 2.64 46.08
N ASP U 6 -18.36 3.33 47.05
CA ASP U 6 -19.53 4.15 46.78
C ASP U 6 -19.16 5.38 45.96
N MET U 7 -18.10 6.10 46.35
CA MET U 7 -17.64 7.26 45.61
C MET U 7 -16.67 6.92 44.50
N SER U 8 -16.63 5.65 44.06
CA SER U 8 -15.78 5.29 42.93
C SER U 8 -16.26 5.93 41.63
N ARG U 9 -17.52 6.36 41.58
CA ARG U 9 -18.04 6.99 40.37
C ARG U 9 -17.40 8.35 40.11
N PHE U 10 -16.97 9.04 41.16
CA PHE U 10 -16.38 10.36 41.01
C PHE U 10 -14.89 10.26 40.66
N THR V 1 -21.91 45.60 23.25
CA THR V 1 -20.74 45.73 22.38
C THR V 1 -19.86 46.89 22.83
N PHE V 2 -19.51 47.77 21.88
CA PHE V 2 -18.75 48.99 22.12
C PHE V 2 -17.29 48.67 22.41
N ARG V 3 -16.96 47.38 22.59
CA ARG V 3 -15.59 46.95 22.83
C ARG V 3 -15.49 45.50 22.36
N GLN V 4 -14.97 45.31 21.15
CA GLN V 4 -14.86 43.98 20.55
C GLN V 4 -13.44 43.59 20.20
N GLY V 5 -12.65 44.53 19.65
CA GLY V 5 -11.28 44.21 19.30
C GLY V 5 -10.42 43.93 20.52
N ASP V 6 -10.64 44.69 21.61
CA ASP V 6 -9.82 44.50 22.80
C ASP V 6 -10.17 43.20 23.52
N MET V 7 -11.45 42.90 23.66
CA MET V 7 -11.90 41.71 24.37
C MET V 7 -11.95 40.47 23.46
N SER V 8 -11.40 40.56 22.26
CA SER V 8 -11.42 39.42 21.34
C SER V 8 -10.56 38.26 21.84
N ARG V 9 -9.67 38.49 22.79
CA ARG V 9 -8.83 37.42 23.31
C ARG V 9 -9.65 36.37 24.03
N PHE V 10 -10.69 36.78 24.75
CA PHE V 10 -11.55 35.85 25.48
C PHE V 10 -12.45 35.08 24.53
N THR W 1 -6.67 11.76 53.72
CA THR W 1 -6.02 12.76 52.87
C THR W 1 -4.92 13.49 53.64
N PHE W 2 -4.88 14.82 53.47
CA PHE W 2 -3.97 15.71 54.18
C PHE W 2 -2.54 15.56 53.67
N ARG W 3 -2.30 14.56 52.82
CA ARG W 3 -0.99 14.35 52.21
C ARG W 3 -1.21 13.63 50.89
N GLN W 4 -1.22 14.37 49.79
CA GLN W 4 -1.46 13.82 48.47
C GLN W 4 -0.32 14.07 47.50
N GLY W 5 0.27 15.27 47.52
CA GLY W 5 1.38 15.56 46.63
C GLY W 5 2.63 14.75 46.96
N ASP W 6 2.90 14.56 48.25
CA ASP W 6 4.08 13.79 48.65
C ASP W 6 3.90 12.30 48.37
N MET W 7 2.70 11.78 48.61
CA MET W 7 2.43 10.36 48.46
C MET W 7 1.97 9.98 47.06
N SER W 8 1.98 10.94 46.12
CA SER W 8 1.51 10.65 44.76
C SER W 8 2.39 9.65 44.03
N ARG W 9 3.61 9.40 44.53
CA ARG W 9 4.50 8.45 43.86
C ARG W 9 3.98 7.02 43.94
N PHE W 10 3.12 6.73 44.92
CA PHE W 10 2.56 5.39 45.08
C PHE W 10 1.27 5.23 44.29
N THR X 1 -26.14 42.27 24.42
CA THR X 1 -26.64 40.92 24.69
C THR X 1 -28.15 40.93 24.86
N PHE X 2 -28.63 40.22 25.89
CA PHE X 2 -30.03 40.16 26.29
C PHE X 2 -30.84 39.33 25.29
N ARG X 3 -30.22 38.94 24.18
CA ARG X 3 -30.88 38.09 23.18
C ARG X 3 -29.77 37.34 22.44
N GLN X 4 -29.53 36.10 22.84
CA GLN X 4 -28.49 35.27 22.25
C GLN X 4 -29.01 33.96 21.69
N GLY X 5 -29.97 33.32 22.36
CA GLY X 5 -30.53 32.08 21.85
C GLY X 5 -31.32 32.27 20.57
N ASP X 6 -32.06 33.38 20.48
CA ASP X 6 -32.89 33.61 19.30
C ASP X 6 -32.04 34.02 18.10
N MET X 7 -31.03 34.86 18.32
CA MET X 7 -30.19 35.37 17.25
C MET X 7 -28.98 34.50 16.97
N SER X 8 -28.89 33.32 17.59
CA SER X 8 -27.76 32.45 17.39
C SER X 8 -27.67 31.91 15.95
N ARG X 9 -28.78 32.00 15.20
CA ARG X 9 -28.81 31.48 13.81
C ARG X 9 -27.86 32.30 12.92
N PHE X 10 -27.77 33.61 13.15
CA PHE X 10 -26.89 34.47 12.37
C PHE X 10 -25.43 34.27 12.78
N THR Y 1 -23.86 43.92 -23.65
CA THR Y 1 -24.68 43.14 -22.73
C THR Y 1 -26.13 43.10 -23.20
N PHE Y 2 -27.05 43.30 -22.25
CA PHE Y 2 -28.49 43.38 -22.49
C PHE Y 2 -29.07 42.01 -22.83
N ARG Y 3 -28.20 41.02 -23.03
CA ARG Y 3 -28.64 39.65 -23.28
C ARG Y 3 -27.52 38.73 -22.81
N GLN Y 4 -27.65 38.18 -21.61
CA GLN Y 4 -26.65 37.29 -21.04
C GLN Y 4 -27.20 35.92 -20.68
N GLY Y 5 -28.42 35.85 -20.15
CA GLY Y 5 -29.00 34.55 -19.84
C GLY Y 5 -29.28 33.72 -21.08
N ASP Y 6 -29.72 34.37 -22.15
CA ASP Y 6 -30.04 33.65 -23.37
C ASP Y 6 -28.79 33.18 -24.10
N MET Y 7 -27.78 34.04 -24.19
CA MET Y 7 -26.55 33.72 -24.90
C MET Y 7 -25.51 33.04 -24.02
N SER Y 8 -25.89 32.60 -22.82
CA SER Y 8 -24.95 31.91 -21.94
C SER Y 8 -24.55 30.55 -22.50
N ARG Y 9 -25.28 30.02 -23.48
CA ARG Y 9 -24.95 28.72 -24.05
C ARG Y 9 -23.64 28.75 -24.83
N PHE Y 10 -23.19 29.93 -25.24
CA PHE Y 10 -21.96 30.06 -26.01
C PHE Y 10 -20.77 30.33 -25.10
N THR Z 1 -5.37 11.84 -54.09
CA THR Z 1 -6.53 11.74 -53.22
C THR Z 1 -7.76 11.26 -53.99
N PHE Z 2 -8.89 11.94 -53.77
CA PHE Z 2 -10.15 11.69 -54.47
C PHE Z 2 -10.79 10.39 -53.99
N ARG Z 3 -10.05 9.61 -53.20
CA ARG Z 3 -10.57 8.36 -52.61
C ARG Z 3 -9.90 8.22 -51.25
N GLN Z 4 -10.57 8.69 -50.21
CA GLN Z 4 -10.04 8.67 -48.86
C GLN Z 4 -10.89 7.86 -47.90
N GLY Z 5 -12.21 8.10 -47.89
CA GLY Z 5 -13.07 7.36 -46.99
C GLY Z 5 -13.16 5.89 -47.32
N ASP Z 6 -13.21 5.56 -48.62
CA ASP Z 6 -13.28 4.16 -49.02
C ASP Z 6 -11.98 3.42 -48.69
N MET Z 7 -10.84 4.07 -48.90
CA MET Z 7 -9.53 3.46 -48.66
C MET Z 7 -9.02 3.67 -47.24
N SER Z 8 -9.84 4.23 -46.35
CA SER Z 8 -9.41 4.46 -44.98
C SER Z 8 -9.17 3.16 -44.23
N ARG Z 9 -9.68 2.04 -44.74
CA ARG Z 9 -9.49 0.76 -44.06
C ARG Z 9 -8.02 0.35 -44.05
N PHE Z 10 -7.26 0.77 -45.06
CA PHE Z 10 -5.84 0.47 -45.12
C PHE Z 10 -5.04 1.43 -44.25
N THR AA 1 11.32 -33.40 42.55
CA THR AA 1 10.54 -33.98 41.46
C THR AA 1 9.48 -34.95 41.99
N PHE AA 2 9.35 -36.09 41.30
CA PHE AA 2 8.48 -37.20 41.68
C PHE AA 2 7.01 -36.83 41.45
N ARG AA 3 6.75 -35.57 41.11
CA ARG AA 3 5.39 -35.13 40.78
C ARG AA 3 5.52 -33.94 39.84
N GLN AA 4 5.41 -34.19 38.54
CA GLN AA 4 5.52 -33.16 37.53
C GLN AA 4 4.29 -33.03 36.66
N GLY AA 5 3.67 -34.15 36.27
CA GLY AA 5 2.46 -34.07 35.47
C GLY AA 5 1.30 -33.47 36.22
N ASP AA 6 1.14 -33.84 37.50
CA ASP AA 6 0.02 -33.33 38.29
C ASP AA 6 0.21 -31.86 38.62
N MET AA 7 1.43 -31.46 38.95
CA MET AA 7 1.72 -30.10 39.38
C MET AA 7 2.08 -29.17 38.23
N SER AA 8 1.95 -29.64 36.99
CA SER AA 8 2.31 -28.81 35.83
C SER AA 8 1.42 -27.59 35.68
N ARG AA 9 0.24 -27.59 36.31
CA ARG AA 9 -0.67 -26.46 36.18
C ARG AA 9 -0.11 -25.17 36.78
N PHE AA 10 0.82 -25.28 37.72
CA PHE AA 10 1.41 -24.11 38.37
C PHE AA 10 2.59 -23.58 37.58
N THR BA 1 27.47 -48.21 1.92
CA THR BA 1 28.04 -47.12 2.69
C THR BA 1 29.56 -47.14 2.62
N PHE BA 2 30.20 -46.94 3.79
CA PHE BA 2 31.65 -47.00 3.95
C PHE BA 2 32.32 -45.78 3.32
N ARG BA 3 31.54 -44.98 2.58
CA ARG BA 3 32.07 -43.75 1.99
C ARG BA 3 30.88 -42.83 1.75
N GLN BA 4 30.72 -41.85 2.63
CA GLN BA 4 29.62 -40.89 2.53
C GLN BA 4 30.09 -39.44 2.47
N GLY BA 5 31.11 -39.09 3.26
CA GLY BA 5 31.60 -37.72 3.23
C GLY BA 5 32.29 -37.38 1.92
N ASP BA 6 33.04 -38.33 1.36
CA ASP BA 6 33.77 -38.07 0.12
C ASP BA 6 32.82 -37.91 -1.06
N MET BA 7 31.83 -38.80 -1.17
CA MET BA 7 30.85 -38.73 -2.23
C MET BA 7 29.65 -37.85 -1.89
N SER BA 8 29.75 -37.05 -0.82
CA SER BA 8 28.67 -36.13 -0.48
C SER BA 8 28.46 -35.05 -1.54
N ARG BA 9 29.47 -34.80 -2.39
CA ARG BA 9 29.33 -33.79 -3.44
C ARG BA 9 28.31 -34.20 -4.49
N PHE BA 10 28.10 -35.50 -4.69
CA PHE BA 10 27.15 -35.98 -5.67
C PHE BA 10 25.74 -36.05 -5.08
#